data_8W2J
#
_entry.id   8W2J
#
_cell.length_a   1.00
_cell.length_b   1.00
_cell.length_c   1.00
_cell.angle_alpha   90.00
_cell.angle_beta   90.00
_cell.angle_gamma   90.00
#
_symmetry.space_group_name_H-M   'P 1'
#
loop_
_entity.id
_entity.type
_entity.pdbx_description
1 polymer 'ATP-dependent 6-phosphofructokinase, liver type'
2 non-polymer 1,6-di-O-phosphono-beta-D-fructofuranose
3 non-polymer "ADENOSINE-5'-TRIPHOSPHATE"
4 non-polymer 'MAGNESIUM ION'
#
_entity_poly.entity_id   1
_entity_poly.type   'polypeptide(L)'
_entity_poly.pdbx_seq_one_letter_code
;MAAVDLEKLRASGAGKAIGVLTSGGDAQGMNAAVRAVTRMGIYVGAKVFLIYEGYEGLVEGGENIKQANWLSVSNIIQLG
GTIIGSARCKAFTTREGRRAAAYNLVQHGITNLCVIGGDGSLTGANIFRSEWGSLLEELVAEGKISETTARTYSHLNIAG
LVGSIDNDFCGTDMTIGTDSALHRIMEVIDAITTTAQSHQRTFVLEVMGRHCGYLALVSALASGADWLFIPEAPPEDGWE
NFMCERLGETRSRGSRLNIIIIAEGAIDRNGKPISSSYVKDLVVQRLGFDTRVTVLGHVQRGGTPSAFDRILSSKMGMEA
VMALLEATPDTPACVVTLSGNQSVRLPLMECVQMTKEVQKAMDDKRFDEATQLRGGSFENNWNIYKLLAHQKPPKEKSNF
SLAILNVGAPAAGMNAAVRSAVRTGISHGHTVYVVHDGFEGLAKGQVQEVGWHDVAGWLGRGGSMLGTKRTLPKGQLESI
VENIRIYGIHALLVVGGFEAYEGVLQLVEARGRYEELCIVMCVIPATISNNVPGTDFSLGSDTAVNAAMESCDRIKQSAS
GTKRRVFIVETMGGYCGYLATVTGIAVGADAAYVFEDPFNIHDLKVNVEHMTEKMKTDIQRGLVLRNEKCHDYYTTEFLY
NLYSSEGKGVFDCRTNVLGHLQQGGAPTPFDRNYGTKLGVKAMLWLSEKLREVYRKGRVFANAPDSACVIGLKKKAVAFS
PVTELKKDTDFEHRMPREQWWLSLRLMLKMLAQYRISMAAYVSGELEHVTRRTLSMDKGF
;
_entity_poly.pdbx_strand_id   E,F,G,H,A,B,C,D
#
loop_
_chem_comp.id
_chem_comp.type
_chem_comp.name
_chem_comp.formula
ATP non-polymer ADENOSINE-5'-TRIPHOSPHATE 'C10 H16 N5 O13 P3'
FBP D-saccharide, beta linking 1,6-di-O-phosphono-beta-D-fructofuranose 'C6 H14 O12 P2'
MG non-polymer 'MAGNESIUM ION' 'Mg 2'
#
# COMPACT_ATOMS: atom_id res chain seq x y z
N ALA A 11 71.50 -33.04 -2.03
CA ALA A 11 70.84 -31.77 -2.43
C ALA A 11 71.53 -30.58 -1.77
N SER A 12 71.77 -30.67 -0.47
CA SER A 12 72.41 -29.60 0.27
C SER A 12 73.85 -29.43 -0.18
N GLY A 13 74.33 -28.17 -0.13
CA GLY A 13 75.69 -27.86 -0.49
C GLY A 13 76.64 -27.91 0.69
N ALA A 14 76.72 -29.07 1.34
CA ALA A 14 77.64 -29.27 2.44
C ALA A 14 79.03 -29.62 1.92
N GLY A 15 80.04 -29.22 2.68
CA GLY A 15 81.43 -29.47 2.31
C GLY A 15 82.02 -28.50 1.30
N LYS A 16 81.25 -27.51 0.85
CA LYS A 16 81.70 -26.51 -0.12
C LYS A 16 81.50 -25.12 0.49
N ALA A 17 82.35 -24.19 0.07
CA ALA A 17 82.40 -22.85 0.64
C ALA A 17 81.97 -21.82 -0.40
N ILE A 18 81.25 -20.81 0.06
CA ILE A 18 80.72 -19.73 -0.77
C ILE A 18 81.39 -18.44 -0.33
N GLY A 19 82.01 -17.73 -1.27
CA GLY A 19 82.56 -16.41 -1.02
C GLY A 19 81.59 -15.35 -1.54
N VAL A 20 81.43 -14.29 -0.75
CA VAL A 20 80.59 -13.16 -1.11
C VAL A 20 81.43 -11.90 -0.95
N LEU A 21 81.43 -11.06 -1.99
CA LEU A 21 82.17 -9.81 -2.00
C LEU A 21 81.31 -8.73 -2.64
N THR A 22 81.58 -7.49 -2.26
CA THR A 22 80.96 -6.31 -2.86
C THR A 22 82.03 -5.40 -3.43
N SER A 23 81.80 -4.89 -4.64
CA SER A 23 82.75 -4.03 -5.32
C SER A 23 82.00 -2.96 -6.10
N GLY A 24 82.69 -1.84 -6.34
CA GLY A 24 82.09 -0.68 -6.98
C GLY A 24 81.43 0.26 -6.01
N GLY A 25 80.62 1.16 -6.56
CA GLY A 25 79.87 2.08 -5.73
C GLY A 25 78.87 1.34 -4.86
N ASP A 26 78.77 1.77 -3.60
CA ASP A 26 77.98 1.06 -2.60
C ASP A 26 76.49 1.35 -2.84
N ALA A 27 75.91 0.63 -3.80
CA ALA A 27 74.47 0.70 -4.01
C ALA A 27 73.74 0.22 -2.78
N GLN A 28 72.85 1.06 -2.26
CA GLN A 28 72.03 0.69 -1.12
C GLN A 28 71.11 -0.46 -1.51
N GLY A 29 70.93 -1.40 -0.58
CA GLY A 29 70.35 -2.71 -0.86
C GLY A 29 71.39 -3.80 -1.03
N MET A 30 72.68 -3.44 -1.09
CA MET A 30 73.73 -4.45 -1.08
C MET A 30 73.69 -5.28 0.20
N ASN A 31 73.40 -4.65 1.33
CA ASN A 31 73.38 -5.36 2.60
C ASN A 31 72.29 -6.43 2.63
N ALA A 32 71.15 -6.16 2.01
CA ALA A 32 70.10 -7.17 1.91
C ALA A 32 70.57 -8.37 1.10
N ALA A 33 71.27 -8.12 -0.01
CA ALA A 33 71.80 -9.21 -0.82
C ALA A 33 72.85 -10.01 -0.05
N VAL A 34 73.75 -9.31 0.65
CA VAL A 34 74.78 -10.00 1.43
C VAL A 34 74.15 -10.84 2.54
N ARG A 35 73.17 -10.28 3.23
CA ARG A 35 72.48 -11.00 4.30
C ARG A 35 71.81 -12.27 3.77
N ALA A 36 71.09 -12.14 2.66
CA ALA A 36 70.41 -13.30 2.08
C ALA A 36 71.41 -14.34 1.60
N VAL A 37 72.51 -13.89 0.99
CA VAL A 37 73.55 -14.82 0.52
C VAL A 37 74.13 -15.59 1.70
N THR A 38 74.50 -14.87 2.75
CA THR A 38 75.11 -15.51 3.92
C THR A 38 74.17 -16.51 4.56
N ARG A 39 72.95 -16.08 4.87
CA ARG A 39 72.05 -16.95 5.62
C ARG A 39 71.57 -18.14 4.79
N MET A 40 71.43 -17.97 3.48
CA MET A 40 71.16 -19.11 2.63
C MET A 40 72.35 -20.07 2.59
N GLY A 41 73.56 -19.52 2.51
CA GLY A 41 74.74 -20.36 2.42
C GLY A 41 74.99 -21.21 3.65
N ILE A 42 74.79 -20.63 4.85
CA ILE A 42 74.92 -21.42 6.07
C ILE A 42 73.65 -22.17 6.43
N TYR A 43 72.52 -21.86 5.78
CA TYR A 43 71.33 -22.68 5.94
C TYR A 43 71.50 -24.03 5.24
N VAL A 44 72.03 -24.02 4.02
CA VAL A 44 72.26 -25.23 3.24
C VAL A 44 73.53 -25.96 3.66
N GLY A 45 74.22 -25.48 4.70
CA GLY A 45 75.41 -26.14 5.21
C GLY A 45 76.71 -25.67 4.59
N ALA A 46 76.67 -24.84 3.55
CA ALA A 46 77.90 -24.31 2.97
C ALA A 46 78.54 -23.31 3.93
N LYS A 47 79.88 -23.23 3.86
CA LYS A 47 80.62 -22.22 4.60
C LYS A 47 80.59 -20.92 3.83
N VAL A 48 80.23 -19.82 4.50
CA VAL A 48 80.16 -18.50 3.90
C VAL A 48 81.34 -17.69 4.42
N PHE A 49 82.13 -17.16 3.48
CA PHE A 49 83.26 -16.30 3.77
C PHE A 49 82.99 -14.91 3.24
N LEU A 50 82.99 -13.92 4.13
CA LEU A 50 82.81 -12.52 3.76
C LEU A 50 84.16 -11.94 3.36
N ILE A 51 84.25 -11.45 2.13
CA ILE A 51 85.47 -10.85 1.61
C ILE A 51 85.29 -9.34 1.73
N TYR A 52 86.06 -8.73 2.62
CA TYR A 52 85.91 -7.32 2.92
C TYR A 52 86.64 -6.47 1.88
N GLU A 53 86.10 -5.29 1.59
CA GLU A 53 86.63 -4.36 0.60
C GLU A 53 86.62 -4.93 -0.83
N GLY A 54 85.86 -6.00 -1.08
CA GLY A 54 85.73 -6.50 -2.44
C GLY A 54 87.01 -7.10 -2.98
N TYR A 55 87.32 -6.74 -4.23
CA TYR A 55 88.51 -7.27 -4.90
C TYR A 55 89.79 -6.86 -4.20
N GLU A 56 89.78 -5.74 -3.47
CA GLU A 56 90.91 -5.37 -2.63
C GLU A 56 91.21 -6.50 -1.66
N GLY A 57 90.29 -6.78 -0.73
CA GLY A 57 90.50 -7.87 0.20
C GLY A 57 90.59 -9.23 -0.45
N LEU A 58 90.01 -9.40 -1.64
CA LEU A 58 90.29 -10.61 -2.40
C LEU A 58 91.78 -10.72 -2.70
N VAL A 59 92.41 -9.62 -3.10
CA VAL A 59 93.82 -9.63 -3.46
C VAL A 59 94.67 -9.87 -2.22
N GLU A 60 94.62 -8.95 -1.25
CA GLU A 60 95.42 -9.12 -0.03
C GLU A 60 94.97 -10.35 0.76
N GLY A 61 93.67 -10.59 0.85
CA GLY A 61 93.18 -11.78 1.53
C GLY A 61 93.53 -11.79 3.01
N GLY A 62 93.75 -12.99 3.52
CA GLY A 62 94.17 -13.16 4.89
C GLY A 62 93.11 -12.70 5.88
N GLU A 63 93.41 -11.62 6.59
CA GLU A 63 92.45 -11.08 7.56
C GLU A 63 91.18 -10.59 6.88
N ASN A 64 91.26 -10.21 5.61
CA ASN A 64 90.09 -9.67 4.90
C ASN A 64 89.07 -10.72 4.50
N ILE A 65 89.34 -12.01 4.74
CA ILE A 65 88.41 -13.09 4.43
C ILE A 65 88.11 -13.78 5.76
N LYS A 66 86.85 -13.68 6.20
CA LYS A 66 86.40 -14.21 7.48
C LYS A 66 85.15 -15.05 7.26
N GLN A 67 85.09 -16.20 7.95
CA GLN A 67 83.91 -17.03 7.90
C GLN A 67 82.76 -16.36 8.65
N ALA A 68 81.58 -16.38 8.03
CA ALA A 68 80.39 -15.74 8.58
C ALA A 68 79.54 -16.73 9.35
N ASN A 69 78.91 -16.23 10.41
CA ASN A 69 77.86 -16.92 11.15
C ASN A 69 76.54 -16.20 10.89
N TRP A 70 75.47 -16.73 11.48
CA TRP A 70 74.14 -16.15 11.27
C TRP A 70 74.06 -14.73 11.79
N LEU A 71 74.72 -14.44 12.90
CA LEU A 71 74.65 -13.12 13.51
C LEU A 71 75.62 -12.11 12.90
N SER A 72 76.51 -12.53 12.01
CA SER A 72 77.42 -11.58 11.38
C SER A 72 76.69 -10.61 10.46
N VAL A 73 75.56 -11.02 9.89
CA VAL A 73 74.77 -10.21 8.97
C VAL A 73 73.42 -9.86 9.60
N SER A 74 73.36 -9.78 10.92
CA SER A 74 72.12 -9.47 11.60
C SER A 74 71.92 -7.97 11.70
N ASN A 75 70.68 -7.52 11.46
CA ASN A 75 70.30 -6.12 11.64
C ASN A 75 71.05 -5.22 10.67
N ILE A 76 71.24 -5.69 9.43
CA ILE A 76 71.87 -4.89 8.38
C ILE A 76 70.93 -4.62 7.21
N ILE A 77 69.78 -5.29 7.13
CA ILE A 77 68.90 -5.17 5.97
C ILE A 77 68.39 -3.75 5.80
N GLN A 78 68.19 -3.03 6.91
CA GLN A 78 67.80 -1.63 6.85
C GLN A 78 68.98 -0.69 6.64
N LEU A 79 70.22 -1.16 6.80
CA LEU A 79 71.38 -0.30 6.64
C LEU A 79 71.70 -0.13 5.16
N GLY A 80 71.92 1.12 4.74
CA GLY A 80 72.41 1.40 3.42
C GLY A 80 73.91 1.19 3.34
N GLY A 81 74.45 1.40 2.13
CA GLY A 81 75.84 1.10 1.90
C GLY A 81 76.08 -0.40 1.96
N THR A 82 77.21 -0.78 2.56
CA THR A 82 77.54 -2.19 2.70
C THR A 82 78.47 -2.36 3.90
N ILE A 83 78.08 -3.24 4.82
CA ILE A 83 78.93 -3.50 5.99
C ILE A 83 80.20 -4.24 5.59
N ILE A 84 80.15 -4.99 4.49
CA ILE A 84 81.34 -5.69 4.00
C ILE A 84 82.35 -4.69 3.47
N GLY A 85 81.88 -3.60 2.88
CA GLY A 85 82.76 -2.60 2.32
C GLY A 85 83.18 -2.94 0.90
N SER A 86 83.31 -1.90 0.08
CA SER A 86 83.73 -2.01 -1.31
C SER A 86 84.91 -1.07 -1.52
N ALA A 87 85.79 -1.45 -2.44
CA ALA A 87 86.95 -0.63 -2.77
C ALA A 87 87.29 -0.80 -4.24
N ARG A 88 87.78 0.30 -4.83
CA ARG A 88 88.40 0.24 -6.14
C ARG A 88 89.84 -0.22 -5.99
N CYS A 89 90.18 -1.33 -6.65
CA CYS A 89 91.56 -1.84 -6.67
C CYS A 89 91.97 -2.01 -8.13
N LYS A 90 93.14 -1.49 -8.47
CA LYS A 90 93.73 -1.72 -9.79
C LYS A 90 94.46 -3.05 -9.86
N ALA A 91 94.74 -3.69 -8.72
CA ALA A 91 95.46 -4.96 -8.73
C ALA A 91 94.68 -6.04 -9.48
N PHE A 92 93.36 -6.08 -9.30
CA PHE A 92 92.54 -7.06 -10.00
C PHE A 92 92.55 -6.84 -11.51
N THR A 93 92.88 -5.64 -11.98
CA THR A 93 93.02 -5.41 -13.41
C THR A 93 94.19 -6.22 -13.97
N THR A 94 95.29 -6.30 -13.23
CA THR A 94 96.49 -6.99 -13.68
C THR A 94 96.52 -8.42 -13.14
N ARG A 95 97.21 -9.29 -13.89
CA ARG A 95 97.32 -10.69 -13.48
C ARG A 95 98.15 -10.85 -12.21
N GLU A 96 99.01 -9.90 -11.88
CA GLU A 96 99.82 -10.00 -10.67
C GLU A 96 98.93 -10.05 -9.42
N GLY A 97 97.91 -9.20 -9.37
CA GLY A 97 97.00 -9.22 -8.24
C GLY A 97 95.91 -10.26 -8.36
N ARG A 98 95.50 -10.58 -9.59
CA ARG A 98 94.46 -11.57 -9.80
C ARG A 98 94.95 -12.96 -9.41
N ARG A 99 96.23 -13.26 -9.65
CA ARG A 99 96.79 -14.52 -9.19
C ARG A 99 96.80 -14.59 -7.67
N ALA A 100 97.13 -13.47 -7.01
CA ALA A 100 97.06 -13.44 -5.55
C ALA A 100 95.64 -13.63 -5.06
N ALA A 101 94.66 -13.09 -5.80
CA ALA A 101 93.27 -13.32 -5.46
C ALA A 101 92.89 -14.78 -5.58
N ALA A 102 93.34 -15.43 -6.66
CA ALA A 102 93.07 -16.86 -6.82
C ALA A 102 93.75 -17.67 -5.73
N TYR A 103 94.95 -17.26 -5.32
CA TYR A 103 95.62 -17.92 -4.21
C TYR A 103 94.78 -17.84 -2.93
N ASN A 104 94.36 -16.63 -2.57
CA ASN A 104 93.63 -16.43 -1.33
C ASN A 104 92.30 -17.17 -1.33
N LEU A 105 91.67 -17.31 -2.49
CA LEU A 105 90.46 -18.12 -2.58
C LEU A 105 90.76 -19.60 -2.38
N VAL A 106 91.89 -20.07 -2.90
CA VAL A 106 92.24 -21.48 -2.74
C VAL A 106 92.61 -21.77 -1.29
N GLN A 107 93.21 -20.80 -0.59
CA GLN A 107 93.61 -21.02 0.80
C GLN A 107 92.42 -21.28 1.70
N HIS A 108 91.25 -20.72 1.37
CA HIS A 108 90.02 -20.92 2.12
C HIS A 108 89.09 -21.95 1.50
N GLY A 109 89.49 -22.61 0.42
CA GLY A 109 88.63 -23.58 -0.22
C GLY A 109 87.36 -22.98 -0.80
N ILE A 110 87.44 -21.76 -1.31
CA ILE A 110 86.26 -21.05 -1.83
C ILE A 110 86.22 -21.33 -3.33
N THR A 111 85.50 -22.39 -3.70
CA THR A 111 85.24 -22.69 -5.10
C THR A 111 84.00 -21.99 -5.64
N ASN A 112 83.28 -21.24 -4.81
CA ASN A 112 82.03 -20.58 -5.18
C ASN A 112 82.13 -19.12 -4.74
N LEU A 113 81.95 -18.20 -5.69
CA LEU A 113 82.08 -16.77 -5.43
C LEU A 113 80.82 -16.06 -5.90
N CYS A 114 80.24 -15.23 -5.04
CA CYS A 114 79.15 -14.32 -5.39
C CYS A 114 79.69 -12.90 -5.38
N VAL A 115 79.58 -12.22 -6.52
CA VAL A 115 80.09 -10.87 -6.69
C VAL A 115 78.90 -9.93 -6.84
N ILE A 116 78.79 -8.97 -5.93
CA ILE A 116 77.72 -7.98 -5.91
C ILE A 116 78.34 -6.65 -6.30
N GLY A 117 78.09 -6.18 -7.52
CA GLY A 117 78.70 -4.94 -7.93
C GLY A 117 78.13 -4.45 -9.23
N GLY A 118 78.74 -3.39 -9.75
CA GLY A 118 78.29 -2.78 -10.98
C GLY A 118 78.81 -3.50 -12.21
N ASP A 119 78.75 -2.78 -13.34
CA ASP A 119 79.17 -3.37 -14.61
C ASP A 119 80.66 -3.68 -14.61
N GLY A 120 81.49 -2.79 -14.06
CA GLY A 120 82.91 -3.06 -14.00
C GLY A 120 83.23 -4.25 -13.12
N SER A 121 82.53 -4.38 -11.99
CA SER A 121 82.71 -5.51 -11.10
C SER A 121 82.45 -6.82 -11.82
N LEU A 122 81.36 -6.89 -12.57
CA LEU A 122 81.00 -8.12 -13.25
C LEU A 122 81.88 -8.39 -14.47
N THR A 123 82.38 -7.34 -15.12
CA THR A 123 83.38 -7.54 -16.16
C THR A 123 84.64 -8.14 -15.57
N GLY A 124 85.07 -7.65 -14.40
CA GLY A 124 86.23 -8.23 -13.75
C GLY A 124 85.99 -9.67 -13.31
N ALA A 125 84.78 -9.96 -12.86
CA ALA A 125 84.44 -11.34 -12.50
C ALA A 125 84.47 -12.24 -13.73
N ASN A 126 84.04 -11.72 -14.88
CA ASN A 126 84.07 -12.51 -16.11
C ASN A 126 85.50 -12.80 -16.54
N ILE A 127 86.36 -11.79 -16.47
CA ILE A 127 87.76 -11.99 -16.83
C ILE A 127 88.44 -12.90 -15.81
N PHE A 128 87.96 -12.92 -14.57
CA PHE A 128 88.56 -13.77 -13.55
C PHE A 128 88.18 -15.23 -13.76
N ARG A 129 86.94 -15.50 -14.16
CA ARG A 129 86.58 -16.87 -14.52
C ARG A 129 87.34 -17.33 -15.76
N SER A 130 87.42 -16.46 -16.77
CA SER A 130 88.06 -16.83 -18.04
C SER A 130 89.53 -17.22 -17.84
N GLU A 131 90.18 -16.67 -16.82
CA GLU A 131 91.58 -16.95 -16.52
C GLU A 131 91.76 -17.82 -15.29
N TRP A 132 90.68 -18.38 -14.72
CA TRP A 132 90.80 -19.14 -13.48
C TRP A 132 91.67 -20.39 -13.66
N GLY A 133 91.50 -21.09 -14.78
CA GLY A 133 92.33 -22.25 -15.05
C GLY A 133 93.78 -21.86 -15.29
N SER A 134 94.01 -20.81 -16.07
CA SER A 134 95.38 -20.36 -16.34
C SER A 134 96.05 -19.86 -15.07
N LEU A 135 95.30 -19.14 -14.23
CA LEU A 135 95.86 -18.63 -12.99
C LEU A 135 96.26 -19.78 -12.06
N LEU A 136 95.39 -20.80 -11.94
CA LEU A 136 95.72 -21.94 -11.10
C LEU A 136 96.92 -22.70 -11.65
N GLU A 137 97.02 -22.83 -12.98
CA GLU A 137 98.18 -23.48 -13.58
C GLU A 137 99.46 -22.72 -13.26
N GLU A 138 99.44 -21.40 -13.44
CA GLU A 138 100.62 -20.61 -13.14
C GLU A 138 100.94 -20.60 -11.65
N LEU A 139 99.92 -20.75 -10.80
CA LEU A 139 100.13 -20.76 -9.36
C LEU A 139 100.82 -22.05 -8.93
N VAL A 140 100.36 -23.20 -9.43
CA VAL A 140 101.02 -24.45 -9.10
C VAL A 140 102.41 -24.49 -9.74
N ALA A 141 102.56 -23.87 -10.92
CA ALA A 141 103.87 -23.82 -11.55
C ALA A 141 104.87 -23.03 -10.70
N GLU A 142 104.42 -21.93 -10.09
CA GLU A 142 105.30 -21.11 -9.28
C GLU A 142 105.56 -21.70 -7.90
N GLY A 143 104.74 -22.66 -7.45
CA GLY A 143 105.02 -23.43 -6.25
C GLY A 143 104.27 -23.00 -5.01
N LYS A 144 103.23 -22.18 -5.13
CA LYS A 144 102.43 -21.76 -3.99
C LYS A 144 101.26 -22.70 -3.69
N ILE A 145 100.98 -23.67 -4.56
CA ILE A 145 99.99 -24.70 -4.27
C ILE A 145 100.43 -25.97 -4.97
N SER A 146 100.24 -27.10 -4.30
CA SER A 146 100.60 -28.38 -4.90
C SER A 146 99.61 -28.74 -6.01
N GLU A 147 100.05 -29.64 -6.89
CA GLU A 147 99.18 -30.12 -7.96
C GLU A 147 97.92 -30.75 -7.39
N THR A 148 98.08 -31.66 -6.42
CA THR A 148 96.97 -32.01 -5.56
C THR A 148 96.60 -30.78 -4.74
N THR A 149 95.30 -30.60 -4.50
CA THR A 149 94.65 -29.39 -3.97
C THR A 149 94.47 -28.33 -5.06
N ALA A 150 94.94 -28.56 -6.29
CA ALA A 150 94.67 -27.70 -7.44
C ALA A 150 93.77 -28.35 -8.48
N ARG A 151 93.78 -29.68 -8.58
CA ARG A 151 92.79 -30.36 -9.40
C ARG A 151 91.39 -30.16 -8.84
N THR A 152 91.24 -30.26 -7.53
CA THR A 152 90.08 -29.66 -6.87
C THR A 152 90.20 -28.14 -6.94
N TYR A 153 89.06 -27.47 -6.96
CA TYR A 153 88.94 -26.03 -7.24
C TYR A 153 89.27 -25.68 -8.68
N SER A 154 89.31 -26.67 -9.59
CA SER A 154 89.66 -26.39 -10.98
C SER A 154 88.62 -25.51 -11.66
N HIS A 155 87.37 -25.53 -11.18
CA HIS A 155 86.28 -24.72 -11.71
C HIS A 155 85.83 -23.76 -10.62
N LEU A 156 85.73 -22.49 -10.96
CA LEU A 156 85.21 -21.45 -10.08
C LEU A 156 83.81 -21.08 -10.53
N ASN A 157 82.86 -21.18 -9.62
CA ASN A 157 81.48 -20.85 -9.89
C ASN A 157 81.22 -19.39 -9.51
N ILE A 158 80.66 -18.63 -10.44
CA ILE A 158 80.38 -17.20 -10.28
C ILE A 158 78.89 -16.98 -10.49
N ALA A 159 78.24 -16.39 -9.48
CA ALA A 159 76.90 -15.83 -9.62
C ALA A 159 76.98 -14.33 -9.35
N GLY A 160 76.67 -13.53 -10.37
CA GLY A 160 76.78 -12.09 -10.26
C GLY A 160 75.47 -11.46 -9.83
N LEU A 161 75.59 -10.40 -9.03
CA LEU A 161 74.47 -9.56 -8.63
C LEU A 161 74.79 -8.12 -8.99
N VAL A 162 73.90 -7.48 -9.74
CA VAL A 162 74.16 -6.16 -10.27
C VAL A 162 73.74 -5.16 -9.20
N GLY A 163 74.72 -4.66 -8.44
CA GLY A 163 74.52 -3.65 -7.42
C GLY A 163 75.10 -2.31 -7.82
N SER A 164 74.24 -1.40 -8.30
CA SER A 164 74.69 -0.11 -8.80
C SER A 164 73.48 0.78 -9.01
N ILE A 165 73.69 2.08 -8.87
CA ILE A 165 72.64 3.05 -9.17
C ILE A 165 72.58 3.41 -10.65
N ASP A 166 73.54 2.94 -11.45
CA ASP A 166 73.63 3.36 -12.85
C ASP A 166 72.69 2.57 -13.73
N ASN A 167 72.50 1.28 -13.46
CA ASN A 167 71.78 0.36 -14.35
C ASN A 167 72.43 0.32 -15.73
N ASP A 168 73.75 0.42 -15.76
CA ASP A 168 74.50 0.44 -17.01
C ASP A 168 74.72 -0.96 -17.60
N PHE A 169 74.47 -2.02 -16.82
CA PHE A 169 74.67 -3.38 -17.30
C PHE A 169 73.49 -3.74 -18.21
N CYS A 170 73.78 -3.93 -19.51
CA CYS A 170 72.74 -3.91 -20.52
C CYS A 170 71.82 -5.12 -20.42
N GLY A 171 72.37 -6.29 -20.09
CA GLY A 171 71.55 -7.50 -20.01
C GLY A 171 70.47 -7.47 -18.96
N THR A 172 70.55 -6.55 -18.00
CA THR A 172 69.69 -6.52 -16.83
C THR A 172 68.76 -5.33 -16.89
N ASP A 173 67.50 -5.56 -16.51
CA ASP A 173 66.50 -4.50 -16.56
C ASP A 173 66.53 -3.65 -15.30
N MET A 174 66.59 -4.29 -14.13
CA MET A 174 66.55 -3.62 -12.84
C MET A 174 67.72 -4.10 -11.99
N THR A 175 68.44 -3.15 -11.39
CA THR A 175 69.60 -3.42 -10.55
C THR A 175 69.30 -2.97 -9.12
N ILE A 176 70.06 -3.56 -8.20
CA ILE A 176 69.89 -3.24 -6.78
C ILE A 176 70.33 -1.79 -6.55
N GLY A 177 69.48 -1.03 -5.85
CA GLY A 177 69.75 0.35 -5.53
C GLY A 177 69.14 1.36 -6.48
N THR A 178 68.64 0.91 -7.65
CA THR A 178 67.99 1.83 -8.58
C THR A 178 66.72 2.41 -7.96
N ASP A 179 65.89 1.56 -7.36
CA ASP A 179 64.64 2.03 -6.76
C ASP A 179 64.90 2.99 -5.62
N SER A 180 65.94 2.71 -4.81
CA SER A 180 66.24 3.55 -3.66
C SER A 180 66.91 4.85 -4.07
N ALA A 181 67.79 4.80 -5.07
CA ALA A 181 68.30 6.04 -5.65
C ALA A 181 67.15 6.91 -6.16
N LEU A 182 66.14 6.27 -6.75
CA LEU A 182 64.95 7.00 -7.18
C LEU A 182 64.18 7.55 -5.99
N HIS A 183 64.13 6.80 -4.88
CA HIS A 183 63.49 7.31 -3.66
C HIS A 183 64.16 8.59 -3.18
N ARG A 184 65.50 8.60 -3.13
CA ARG A 184 66.24 9.79 -2.72
C ARG A 184 65.95 10.96 -3.65
N ILE A 185 65.99 10.72 -4.96
CA ILE A 185 65.77 11.76 -5.94
C ILE A 185 64.38 12.36 -5.78
N MET A 186 63.36 11.52 -5.68
CA MET A 186 62.00 12.02 -5.62
C MET A 186 61.67 12.66 -4.28
N GLU A 187 62.33 12.23 -3.20
CA GLU A 187 62.23 12.96 -1.95
C GLU A 187 62.69 14.40 -2.12
N VAL A 188 63.84 14.59 -2.78
CA VAL A 188 64.32 15.93 -3.09
C VAL A 188 63.32 16.67 -3.96
N ILE A 189 62.81 16.02 -5.00
CA ILE A 189 61.93 16.70 -5.94
C ILE A 189 60.60 17.03 -5.28
N ASP A 190 60.08 16.11 -4.46
CA ASP A 190 58.81 16.36 -3.78
C ASP A 190 58.91 17.51 -2.78
N ALA A 191 60.10 17.79 -2.27
CA ALA A 191 60.28 18.99 -1.48
C ALA A 191 59.93 20.24 -2.28
N ILE A 192 60.20 20.20 -3.59
CA ILE A 192 59.90 21.35 -4.46
C ILE A 192 58.43 21.32 -4.89
N THR A 193 57.96 20.17 -5.38
CA THR A 193 56.67 20.13 -6.05
C THR A 193 55.50 20.16 -5.06
N THR A 194 55.66 19.59 -3.87
CA THR A 194 54.59 19.59 -2.88
C THR A 194 54.43 20.94 -2.19
N THR A 195 55.43 21.83 -2.31
CA THR A 195 55.28 23.20 -1.83
C THR A 195 54.19 23.92 -2.61
N ALA A 196 53.50 24.82 -1.93
CA ALA A 196 52.61 25.77 -2.59
C ALA A 196 53.46 26.68 -3.47
N GLN A 197 53.46 26.43 -4.78
CA GLN A 197 54.33 27.13 -5.71
C GLN A 197 53.90 28.59 -5.79
N SER A 198 54.77 29.49 -5.31
CA SER A 198 54.42 30.89 -5.10
C SER A 198 54.91 31.81 -6.22
N HIS A 199 56.10 31.57 -6.76
CA HIS A 199 56.67 32.36 -7.84
C HIS A 199 57.22 31.45 -8.92
N GLN A 200 57.42 32.02 -10.10
CA GLN A 200 57.99 31.27 -11.21
C GLN A 200 59.44 30.92 -10.90
N ARG A 201 59.73 29.63 -10.79
CA ARG A 201 61.06 29.14 -10.45
C ARG A 201 61.37 27.90 -11.27
N THR A 202 62.66 27.70 -11.55
CA THR A 202 63.15 26.59 -12.35
C THR A 202 64.05 25.72 -11.49
N PHE A 203 63.72 24.43 -11.42
CA PHE A 203 64.45 23.44 -10.63
C PHE A 203 65.30 22.61 -11.56
N VAL A 204 66.62 22.81 -11.52
CA VAL A 204 67.57 22.11 -12.37
C VAL A 204 68.26 21.06 -11.51
N LEU A 205 67.90 19.79 -11.72
CA LEU A 205 68.42 18.68 -10.93
C LEU A 205 69.52 17.96 -11.70
N GLU A 206 70.71 17.90 -11.11
CA GLU A 206 71.84 17.19 -11.70
C GLU A 206 72.01 15.85 -10.99
N VAL A 207 71.76 14.75 -11.72
CA VAL A 207 71.93 13.40 -11.22
C VAL A 207 73.27 12.87 -11.70
N MET A 208 73.83 11.90 -10.96
CA MET A 208 75.15 11.36 -11.26
C MET A 208 75.14 10.31 -12.36
N GLY A 209 74.08 10.18 -13.15
CA GLY A 209 74.09 9.22 -14.25
C GLY A 209 75.06 9.60 -15.34
N ARG A 210 76.36 9.51 -15.04
CA ARG A 210 77.38 9.99 -15.97
C ARG A 210 77.43 9.14 -17.23
N HIS A 211 77.40 7.82 -17.08
CA HIS A 211 77.41 6.91 -18.21
C HIS A 211 76.01 6.53 -18.66
N CYS A 212 75.18 6.04 -17.73
CA CYS A 212 73.81 5.64 -18.02
C CYS A 212 72.85 6.74 -17.57
N GLY A 213 71.84 7.00 -18.39
CA GLY A 213 70.82 7.98 -18.09
C GLY A 213 69.50 7.35 -17.66
N TYR A 214 69.56 6.11 -17.15
CA TYR A 214 68.34 5.44 -16.69
C TYR A 214 67.72 6.19 -15.52
N LEU A 215 68.53 6.54 -14.52
CA LEU A 215 68.04 7.29 -13.37
C LEU A 215 67.46 8.62 -13.78
N ALA A 216 68.14 9.35 -14.67
CA ALA A 216 67.61 10.60 -15.17
C ALA A 216 66.28 10.41 -15.87
N LEU A 217 66.16 9.33 -16.66
CA LEU A 217 64.92 9.09 -17.39
C LEU A 217 63.77 8.77 -16.45
N VAL A 218 63.94 7.75 -15.60
CA VAL A 218 62.87 7.34 -14.69
C VAL A 218 62.52 8.45 -13.71
N SER A 219 63.50 9.25 -13.29
CA SER A 219 63.22 10.40 -12.45
C SER A 219 62.37 11.43 -13.18
N ALA A 220 62.73 11.74 -14.42
CA ALA A 220 61.95 12.67 -15.23
C ALA A 220 60.53 12.16 -15.44
N LEU A 221 60.39 10.87 -15.72
CA LEU A 221 59.07 10.28 -15.91
C LEU A 221 58.25 10.36 -14.62
N ALA A 222 58.89 10.12 -13.48
CA ALA A 222 58.17 10.12 -12.21
C ALA A 222 57.76 11.52 -11.79
N SER A 223 58.59 12.52 -12.08
CA SER A 223 58.34 13.90 -11.69
C SER A 223 57.63 14.71 -12.78
N GLY A 224 57.49 14.19 -13.99
CA GLY A 224 56.94 14.96 -15.08
C GLY A 224 57.83 16.13 -15.45
N ALA A 225 59.11 15.85 -15.66
CA ALA A 225 60.06 16.89 -16.00
C ALA A 225 59.70 17.55 -17.33
N ASP A 226 59.95 18.85 -17.40
CA ASP A 226 59.69 19.58 -18.65
C ASP A 226 60.69 19.19 -19.73
N TRP A 227 61.95 18.97 -19.34
CA TRP A 227 63.00 18.64 -20.30
C TRP A 227 63.98 17.68 -19.66
N LEU A 228 64.63 16.88 -20.51
CA LEU A 228 65.54 15.84 -20.07
C LEU A 228 66.77 15.83 -20.96
N PHE A 229 67.95 15.91 -20.34
CA PHE A 229 69.24 15.74 -21.01
C PHE A 229 69.82 14.42 -20.54
N ILE A 230 69.89 13.45 -21.45
CA ILE A 230 70.49 12.14 -21.17
C ILE A 230 71.54 11.87 -22.26
N PRO A 231 72.69 11.25 -21.95
CA PRO A 231 73.65 10.96 -23.04
C PRO A 231 73.12 10.00 -24.09
N GLU A 232 72.13 9.18 -23.77
CA GLU A 232 71.61 8.23 -24.75
C GLU A 232 70.94 8.95 -25.91
N ALA A 233 70.27 10.07 -25.63
CA ALA A 233 69.58 10.87 -26.64
C ALA A 233 69.97 12.34 -26.43
N PRO A 234 71.12 12.76 -26.94
CA PRO A 234 71.49 14.16 -26.83
C PRO A 234 70.50 15.02 -27.58
N PRO A 235 70.34 16.28 -27.17
CA PRO A 235 69.36 17.12 -27.84
C PRO A 235 69.83 17.53 -29.23
N GLU A 236 68.87 17.74 -30.12
CA GLU A 236 69.18 18.10 -31.50
C GLU A 236 69.80 19.49 -31.55
N ASP A 237 70.37 19.83 -32.71
CA ASP A 237 70.96 21.15 -32.90
C ASP A 237 69.88 22.22 -32.80
N GLY A 238 70.23 23.33 -32.16
CA GLY A 238 69.26 24.37 -31.89
C GLY A 238 68.29 24.05 -30.77
N TRP A 239 68.65 23.12 -29.89
CA TRP A 239 67.78 22.78 -28.76
C TRP A 239 67.61 23.93 -27.79
N GLU A 240 68.59 24.84 -27.74
CA GLU A 240 68.51 26.04 -26.91
C GLU A 240 67.19 26.76 -27.12
N ASN A 241 66.84 27.01 -28.39
CA ASN A 241 65.57 27.66 -28.69
C ASN A 241 64.39 26.75 -28.39
N PHE A 242 64.47 25.48 -28.77
CA PHE A 242 63.33 24.57 -28.60
C PHE A 242 62.98 24.39 -27.13
N MET A 243 63.99 24.21 -26.28
CA MET A 243 63.74 24.11 -24.85
C MET A 243 63.15 25.41 -24.31
N CYS A 244 63.76 26.55 -24.64
CA CYS A 244 63.32 27.82 -24.08
C CYS A 244 61.89 28.15 -24.48
N GLU A 245 61.48 27.75 -25.69
CA GLU A 245 60.10 27.95 -26.09
C GLU A 245 59.17 27.04 -25.29
N ARG A 246 59.58 25.79 -25.06
CA ARG A 246 58.77 24.87 -24.25
C ARG A 246 58.55 25.42 -22.86
N LEU A 247 59.62 25.92 -22.23
CA LEU A 247 59.49 26.58 -20.93
C LEU A 247 58.61 27.82 -21.04
N GLY A 248 58.67 28.52 -22.18
CA GLY A 248 57.85 29.71 -22.35
C GLY A 248 56.36 29.41 -22.33
N GLU A 249 55.92 28.42 -23.12
CA GLU A 249 54.51 28.05 -23.08
C GLU A 249 54.14 27.41 -21.74
N THR A 250 55.09 26.75 -21.09
CA THR A 250 54.86 26.26 -19.73
C THR A 250 54.50 27.40 -18.79
N ARG A 251 55.25 28.51 -18.87
CA ARG A 251 54.91 29.72 -18.12
C ARG A 251 53.53 30.23 -18.50
N SER A 252 53.26 30.34 -19.81
CA SER A 252 51.98 30.90 -20.28
C SER A 252 50.80 30.09 -19.76
N ARG A 253 50.98 28.78 -19.57
CA ARG A 253 49.93 27.97 -18.98
C ARG A 253 49.59 28.38 -17.55
N GLY A 254 50.52 29.05 -16.86
CA GLY A 254 50.40 29.32 -15.44
C GLY A 254 51.14 28.32 -14.56
N SER A 255 51.68 27.26 -15.14
CA SER A 255 52.57 26.36 -14.40
C SER A 255 53.74 27.14 -13.83
N ARG A 256 53.83 27.15 -12.50
CA ARG A 256 54.78 28.01 -11.79
C ARG A 256 56.12 27.35 -11.50
N LEU A 257 56.29 26.05 -11.80
CA LEU A 257 57.55 25.35 -11.58
C LEU A 257 57.94 24.62 -12.85
N ASN A 258 59.20 24.81 -13.25
CA ASN A 258 59.84 24.03 -14.31
C ASN A 258 60.89 23.13 -13.67
N ILE A 259 60.92 21.87 -14.09
CA ILE A 259 61.87 20.87 -13.60
C ILE A 259 62.75 20.47 -14.78
N ILE A 260 64.06 20.66 -14.62
CA ILE A 260 65.06 20.25 -15.61
C ILE A 260 65.89 19.14 -14.97
N ILE A 261 65.79 17.94 -15.51
CA ILE A 261 66.60 16.79 -15.08
C ILE A 261 67.75 16.69 -16.06
N ILE A 262 68.96 17.03 -15.60
CA ILE A 262 70.17 16.99 -16.42
C ILE A 262 71.04 15.87 -15.87
N ALA A 263 71.37 14.90 -16.72
CA ALA A 263 72.32 13.88 -16.32
C ALA A 263 73.74 14.47 -16.32
N GLU A 264 74.61 13.88 -15.49
CA GLU A 264 76.01 14.27 -15.49
C GLU A 264 76.62 14.11 -16.88
N GLY A 265 76.23 13.06 -17.60
CA GLY A 265 76.76 12.80 -18.91
C GLY A 265 76.02 13.52 -20.03
N ALA A 266 75.30 14.60 -19.72
CA ALA A 266 74.61 15.35 -20.76
C ALA A 266 75.60 15.90 -21.78
N ILE A 267 75.36 15.58 -23.06
CA ILE A 267 76.19 16.02 -24.17
C ILE A 267 75.25 16.57 -25.23
N ASP A 268 75.83 17.19 -26.26
CA ASP A 268 75.12 17.55 -27.48
C ASP A 268 75.37 16.47 -28.52
N ARG A 269 74.97 16.71 -29.77
CA ARG A 269 75.22 15.72 -30.81
C ARG A 269 76.71 15.52 -31.08
N ASN A 270 77.54 16.50 -30.75
CA ASN A 270 78.99 16.34 -30.74
C ASN A 270 79.42 15.83 -29.36
N GLY A 271 80.71 15.75 -29.12
CA GLY A 271 81.23 15.29 -27.85
C GLY A 271 81.24 16.32 -26.74
N LYS A 272 80.84 17.55 -27.00
CA LYS A 272 80.93 18.61 -26.01
C LYS A 272 79.93 18.37 -24.88
N PRO A 273 80.36 18.23 -23.61
CA PRO A 273 79.37 18.04 -22.55
C PRO A 273 78.56 19.29 -22.26
N ILE A 274 77.32 19.06 -21.81
CA ILE A 274 76.40 20.11 -21.40
C ILE A 274 76.43 20.15 -19.87
N SER A 275 76.87 21.27 -19.33
CA SER A 275 76.96 21.44 -17.88
C SER A 275 75.65 21.97 -17.32
N SER A 276 75.38 21.62 -16.06
CA SER A 276 74.21 22.15 -15.38
C SER A 276 74.31 23.66 -15.20
N SER A 277 75.54 24.18 -15.04
CA SER A 277 75.71 25.63 -14.95
C SER A 277 75.32 26.32 -16.26
N TYR A 278 75.60 25.68 -17.39
CA TYR A 278 75.22 26.26 -18.68
C TYR A 278 73.71 26.34 -18.82
N VAL A 279 73.01 25.27 -18.48
CA VAL A 279 71.54 25.27 -18.55
C VAL A 279 70.96 26.29 -17.60
N LYS A 280 71.54 26.41 -16.40
CA LYS A 280 71.13 27.45 -15.46
C LYS A 280 71.20 28.84 -16.09
N ASP A 281 72.40 29.23 -16.53
CA ASP A 281 72.59 30.57 -17.08
C ASP A 281 71.76 30.78 -18.34
N LEU A 282 71.59 29.73 -19.14
CA LEU A 282 70.74 29.81 -20.33
C LEU A 282 69.31 30.12 -19.96
N VAL A 283 68.75 29.38 -19.00
CA VAL A 283 67.38 29.62 -18.56
C VAL A 283 67.24 31.02 -17.98
N VAL A 284 68.20 31.42 -17.14
CA VAL A 284 68.16 32.75 -16.53
C VAL A 284 68.14 33.84 -17.59
N GLN A 285 68.94 33.67 -18.64
CA GLN A 285 69.10 34.74 -19.62
C GLN A 285 67.84 34.94 -20.45
N ARG A 286 67.27 33.86 -20.98
CA ARG A 286 66.15 33.97 -21.90
C ARG A 286 64.79 34.02 -21.21
N LEU A 287 64.68 33.46 -20.00
CA LEU A 287 63.41 33.35 -19.28
C LEU A 287 63.35 34.21 -18.03
N GLY A 288 64.48 34.40 -17.35
CA GLY A 288 64.51 35.16 -16.12
C GLY A 288 63.94 34.45 -14.92
N PHE A 289 63.66 33.15 -15.02
CA PHE A 289 63.18 32.40 -13.87
C PHE A 289 64.28 32.29 -12.82
N ASP A 290 63.88 32.24 -11.55
CA ASP A 290 64.82 31.97 -10.47
C ASP A 290 65.32 30.54 -10.63
N THR A 291 66.53 30.41 -11.18
CA THR A 291 67.12 29.13 -11.53
C THR A 291 68.25 28.81 -10.56
N ARG A 292 68.13 27.69 -9.86
CA ARG A 292 69.17 27.17 -8.98
C ARG A 292 69.37 25.69 -9.26
N VAL A 293 70.62 25.28 -9.36
CA VAL A 293 70.96 23.91 -9.70
C VAL A 293 71.09 23.10 -8.42
N THR A 294 70.30 22.04 -8.32
CA THR A 294 70.41 21.07 -7.24
C THR A 294 71.23 19.89 -7.74
N VAL A 295 72.36 19.64 -7.09
CA VAL A 295 73.23 18.50 -7.39
C VAL A 295 73.11 17.56 -6.20
N LEU A 296 72.63 16.34 -6.45
CA LEU A 296 72.48 15.39 -5.35
C LEU A 296 73.83 14.91 -4.85
N GLY A 297 74.74 14.57 -5.77
CA GLY A 297 76.01 14.01 -5.35
C GLY A 297 75.82 12.69 -4.65
N HIS A 298 76.50 12.51 -3.52
CA HIS A 298 76.45 11.25 -2.76
C HIS A 298 75.06 10.89 -2.25
N VAL A 299 74.10 11.83 -2.25
CA VAL A 299 72.78 11.57 -1.70
C VAL A 299 72.07 10.44 -2.44
N GLN A 300 72.37 10.24 -3.73
CA GLN A 300 71.71 9.20 -4.50
C GLN A 300 72.00 7.81 -3.92
N ARG A 301 73.25 7.56 -3.55
CA ARG A 301 73.62 6.29 -2.93
C ARG A 301 73.26 6.22 -1.45
N GLY A 302 72.70 7.29 -0.87
CA GLY A 302 72.46 7.35 0.55
C GLY A 302 71.11 6.82 0.97
N GLY A 303 70.83 6.97 2.26
CA GLY A 303 69.54 6.59 2.82
C GLY A 303 69.37 5.09 2.96
N THR A 304 68.20 4.72 3.49
CA THR A 304 67.86 3.32 3.62
C THR A 304 67.52 2.75 2.25
N PRO A 305 67.69 1.44 2.04
CA PRO A 305 67.13 0.83 0.83
C PRO A 305 65.61 0.84 0.87
N SER A 306 65.00 1.08 -0.29
CA SER A 306 63.56 1.02 -0.40
C SER A 306 63.07 -0.40 -0.15
N ALA A 307 61.75 -0.53 0.02
CA ALA A 307 61.15 -1.84 0.22
C ALA A 307 61.46 -2.78 -0.92
N PHE A 308 61.17 -2.33 -2.15
CA PHE A 308 61.50 -3.09 -3.37
C PHE A 308 62.95 -3.56 -3.37
N ASP A 309 63.87 -2.68 -3.01
CA ASP A 309 65.29 -3.06 -3.00
C ASP A 309 65.56 -4.16 -1.98
N ARG A 310 64.94 -4.08 -0.80
CA ARG A 310 65.18 -5.11 0.22
C ARG A 310 64.59 -6.46 -0.20
N ILE A 311 63.35 -6.47 -0.69
CA ILE A 311 62.73 -7.73 -1.12
C ILE A 311 63.54 -8.34 -2.26
N LEU A 312 63.81 -7.54 -3.28
CA LEU A 312 64.42 -8.07 -4.49
C LEU A 312 65.87 -8.46 -4.25
N SER A 313 66.60 -7.67 -3.44
CA SER A 313 67.96 -8.06 -3.09
C SER A 313 67.96 -9.37 -2.32
N SER A 314 67.01 -9.55 -1.40
CA SER A 314 66.91 -10.81 -0.66
C SER A 314 66.61 -11.97 -1.60
N LYS A 315 65.65 -11.78 -2.51
CA LYS A 315 65.30 -12.82 -3.46
C LYS A 315 66.47 -13.18 -4.37
N MET A 316 67.15 -12.17 -4.91
CA MET A 316 68.25 -12.44 -5.82
C MET A 316 69.46 -13.03 -5.08
N GLY A 317 69.70 -12.62 -3.84
CA GLY A 317 70.77 -13.23 -3.07
C GLY A 317 70.51 -14.69 -2.77
N MET A 318 69.28 -15.01 -2.41
CA MET A 318 68.89 -16.41 -2.23
C MET A 318 69.08 -17.19 -3.52
N GLU A 319 68.54 -16.68 -4.63
CA GLU A 319 68.68 -17.35 -5.91
C GLU A 319 70.12 -17.42 -6.37
N ALA A 320 70.93 -16.42 -5.99
CA ALA A 320 72.35 -16.47 -6.31
C ALA A 320 73.02 -17.66 -5.64
N VAL A 321 72.74 -17.87 -4.34
CA VAL A 321 73.30 -19.01 -3.63
C VAL A 321 72.85 -20.31 -4.28
N MET A 322 71.54 -20.46 -4.51
CA MET A 322 71.02 -21.70 -5.06
C MET A 322 71.59 -21.98 -6.44
N ALA A 323 71.68 -20.95 -7.28
CA ALA A 323 72.31 -21.11 -8.59
C ALA A 323 73.76 -21.51 -8.46
N LEU A 324 74.44 -21.04 -7.42
CA LEU A 324 75.86 -21.32 -7.25
C LEU A 324 76.12 -22.74 -6.77
N LEU A 325 75.12 -23.39 -6.15
CA LEU A 325 75.27 -24.76 -5.69
C LEU A 325 74.81 -25.79 -6.72
N GLU A 326 73.83 -25.44 -7.56
CA GLU A 326 73.36 -26.34 -8.61
C GLU A 326 74.14 -26.17 -9.92
N ALA A 327 75.31 -25.52 -9.87
CA ALA A 327 76.07 -25.18 -11.06
C ALA A 327 77.24 -26.15 -11.19
N THR A 328 77.28 -26.87 -12.30
CA THR A 328 78.34 -27.84 -12.56
C THR A 328 79.52 -27.14 -13.21
N PRO A 329 80.67 -27.84 -13.36
CA PRO A 329 81.82 -27.24 -14.07
C PRO A 329 81.54 -26.68 -15.46
N ASP A 330 80.50 -27.16 -16.15
CA ASP A 330 80.24 -26.75 -17.53
C ASP A 330 79.41 -25.48 -17.65
N THR A 331 78.50 -25.22 -16.71
CA THR A 331 77.60 -24.08 -16.86
C THR A 331 78.40 -22.78 -16.69
N PRO A 332 78.07 -21.72 -17.42
CA PRO A 332 78.90 -20.51 -17.36
C PRO A 332 78.53 -19.65 -16.16
N ALA A 333 79.36 -18.64 -15.90
CA ALA A 333 79.06 -17.62 -14.91
C ALA A 333 77.74 -16.94 -15.28
N CYS A 334 76.87 -16.77 -14.28
CA CYS A 334 75.54 -16.23 -14.46
C CYS A 334 75.37 -14.95 -13.64
N VAL A 335 74.42 -14.13 -14.07
CA VAL A 335 73.95 -12.97 -13.32
C VAL A 335 72.51 -13.23 -12.95
N VAL A 336 72.24 -13.34 -11.65
CA VAL A 336 70.87 -13.51 -11.16
C VAL A 336 70.20 -12.14 -11.16
N THR A 337 69.20 -11.97 -12.02
CA THR A 337 68.44 -10.73 -12.13
C THR A 337 66.98 -11.08 -12.36
N LEU A 338 66.14 -10.05 -12.37
CA LEU A 338 64.73 -10.16 -12.70
C LEU A 338 64.43 -9.36 -13.96
N SER A 339 63.85 -10.03 -14.95
CA SER A 339 63.23 -9.37 -16.10
C SER A 339 61.72 -9.40 -15.88
N GLY A 340 61.11 -8.23 -15.85
CA GLY A 340 59.74 -8.14 -15.36
C GLY A 340 59.72 -8.51 -13.89
N ASN A 341 58.78 -9.37 -13.50
CA ASN A 341 58.72 -9.94 -12.15
C ASN A 341 59.41 -11.28 -12.04
N GLN A 342 59.88 -11.87 -13.15
CA GLN A 342 60.40 -13.23 -13.16
C GLN A 342 61.90 -13.23 -12.92
N SER A 343 62.34 -13.99 -11.92
CA SER A 343 63.77 -14.20 -11.72
C SER A 343 64.34 -14.98 -12.89
N VAL A 344 65.55 -14.61 -13.30
CA VAL A 344 66.22 -15.21 -14.43
C VAL A 344 67.72 -15.18 -14.17
N ARG A 345 68.43 -16.10 -14.83
CA ARG A 345 69.88 -16.15 -14.82
C ARG A 345 70.36 -15.95 -16.25
N LEU A 346 71.18 -14.92 -16.46
CA LEU A 346 71.76 -14.58 -17.74
C LEU A 346 73.27 -14.88 -17.71
N PRO A 347 73.85 -15.52 -18.74
CA PRO A 347 75.30 -15.75 -18.70
C PRO A 347 76.08 -14.44 -18.65
N LEU A 348 77.12 -14.43 -17.81
CA LEU A 348 77.91 -13.23 -17.57
C LEU A 348 78.58 -12.74 -18.85
N MET A 349 79.05 -13.66 -19.69
CA MET A 349 79.81 -13.29 -20.88
C MET A 349 78.95 -12.50 -21.86
N GLU A 350 77.71 -12.95 -22.10
CA GLU A 350 76.85 -12.27 -23.05
C GLU A 350 76.48 -10.88 -22.56
N CYS A 351 76.17 -10.74 -21.28
CA CYS A 351 75.84 -9.43 -20.72
C CYS A 351 77.03 -8.48 -20.82
N VAL A 352 78.23 -8.97 -20.51
CA VAL A 352 79.42 -8.13 -20.63
C VAL A 352 79.65 -7.76 -22.09
N GLN A 353 79.41 -8.70 -22.99
CA GLN A 353 79.61 -8.42 -24.41
C GLN A 353 78.64 -7.35 -24.89
N MET A 354 77.36 -7.45 -24.47
CA MET A 354 76.39 -6.43 -24.81
C MET A 354 76.78 -5.07 -24.26
N THR A 355 77.30 -5.04 -23.03
CA THR A 355 77.76 -3.77 -22.44
C THR A 355 78.88 -3.17 -23.28
N LYS A 356 79.80 -4.00 -23.76
CA LYS A 356 80.87 -3.50 -24.62
C LYS A 356 80.32 -3.00 -25.95
N GLU A 357 79.33 -3.69 -26.51
CA GLU A 357 78.74 -3.26 -27.78
C GLU A 357 78.03 -1.92 -27.64
N VAL A 358 77.28 -1.74 -26.55
CA VAL A 358 76.58 -0.49 -26.34
C VAL A 358 77.57 0.64 -26.06
N GLN A 359 78.67 0.34 -25.37
CA GLN A 359 79.68 1.36 -25.12
C GLN A 359 80.34 1.79 -26.42
N LYS A 360 80.65 0.84 -27.29
CA LYS A 360 81.17 1.19 -28.61
C LYS A 360 80.16 1.98 -29.42
N ALA A 361 78.88 1.59 -29.32
CA ALA A 361 77.83 2.31 -30.04
C ALA A 361 77.72 3.76 -29.56
N MET A 362 77.77 3.97 -28.24
CA MET A 362 77.70 5.31 -27.68
C MET A 362 78.91 6.18 -28.05
N ASP A 363 80.01 5.57 -28.49
CA ASP A 363 81.18 6.32 -29.00
C ASP A 363 81.03 6.66 -30.48
N ASP A 364 79.85 7.15 -30.87
CA ASP A 364 79.56 7.61 -32.24
C ASP A 364 79.89 6.55 -33.29
N LYS A 365 79.41 5.33 -33.04
CA LYS A 365 79.50 4.23 -33.99
C LYS A 365 78.12 3.87 -34.54
N ARG A 366 77.19 3.47 -33.68
CA ARG A 366 75.78 3.25 -34.01
C ARG A 366 74.92 4.06 -33.05
N PHE A 367 75.23 5.35 -32.97
CA PHE A 367 74.77 6.16 -31.84
C PHE A 367 73.26 6.32 -31.83
N ASP A 368 72.65 6.57 -32.99
CA ASP A 368 71.19 6.65 -33.05
C ASP A 368 70.53 5.32 -32.71
N GLU A 369 71.23 4.20 -32.95
CA GLU A 369 70.74 2.86 -32.67
C GLU A 369 71.36 2.25 -31.42
N ALA A 370 71.96 3.07 -30.56
CA ALA A 370 72.44 2.57 -29.27
C ALA A 370 71.32 2.51 -28.24
N THR A 371 70.33 3.38 -28.35
CA THR A 371 69.25 3.43 -27.37
C THR A 371 68.43 2.15 -27.37
N GLN A 372 68.30 1.48 -28.53
CA GLN A 372 67.52 0.25 -28.56
C GLN A 372 68.28 -0.90 -27.90
N LEU A 373 69.61 -0.95 -28.09
CA LEU A 373 70.42 -1.98 -27.46
C LEU A 373 70.50 -1.80 -25.94
N ARG A 374 70.21 -0.61 -25.43
CA ARG A 374 70.11 -0.41 -24.00
C ARG A 374 68.99 -1.25 -23.38
N GLY A 375 67.99 -1.62 -24.16
CA GLY A 375 66.85 -2.39 -23.69
C GLY A 375 65.57 -1.73 -24.15
N GLY A 376 64.55 -2.55 -24.43
CA GLY A 376 63.26 -2.01 -24.80
C GLY A 376 62.63 -1.18 -23.70
N SER A 377 62.96 -1.48 -22.44
CA SER A 377 62.44 -0.69 -21.32
C SER A 377 62.89 0.77 -21.40
N PHE A 378 64.16 1.01 -21.74
CA PHE A 378 64.67 2.37 -21.82
C PHE A 378 63.97 3.15 -22.91
N GLU A 379 63.91 2.59 -24.12
CA GLU A 379 63.32 3.29 -25.25
C GLU A 379 61.82 3.53 -25.02
N ASN A 380 61.14 2.54 -24.48
CA ASN A 380 59.71 2.71 -24.17
C ASN A 380 59.51 3.79 -23.13
N ASN A 381 60.33 3.80 -22.07
CA ASN A 381 60.23 4.83 -21.04
C ASN A 381 60.46 6.22 -21.62
N TRP A 382 61.44 6.36 -22.52
CA TRP A 382 61.72 7.67 -23.10
C TRP A 382 60.59 8.14 -24.00
N ASN A 383 59.98 7.22 -24.75
CA ASN A 383 58.85 7.59 -25.59
C ASN A 383 57.65 8.01 -24.75
N ILE A 384 57.38 7.29 -23.66
CA ILE A 384 56.26 7.64 -22.78
C ILE A 384 56.50 9.01 -22.16
N TYR A 385 57.73 9.28 -21.73
CA TYR A 385 58.07 10.57 -21.14
C TYR A 385 57.80 11.71 -22.11
N LYS A 386 58.31 11.59 -23.34
CA LYS A 386 58.15 12.67 -24.31
C LYS A 386 56.70 12.88 -24.69
N LEU A 387 55.92 11.80 -24.78
CA LEU A 387 54.51 11.93 -25.12
C LEU A 387 53.76 12.70 -24.05
N LEU A 388 54.02 12.38 -22.78
CA LEU A 388 53.30 13.02 -21.68
C LEU A 388 53.84 14.40 -21.36
N ALA A 389 55.08 14.71 -21.75
CA ALA A 389 55.69 16.00 -21.42
C ALA A 389 54.95 17.15 -22.08
N HIS A 390 54.81 17.10 -23.41
CA HIS A 390 54.26 18.20 -24.20
C HIS A 390 53.13 17.71 -25.08
N GLN A 391 52.03 18.44 -25.07
CA GLN A 391 50.87 18.13 -25.90
C GLN A 391 51.19 18.42 -27.36
N LYS A 392 51.44 17.36 -28.13
CA LYS A 392 51.55 17.50 -29.57
C LYS A 392 50.17 17.54 -30.20
N PRO A 393 50.02 18.12 -31.40
CA PRO A 393 48.68 18.30 -31.95
C PRO A 393 48.13 17.00 -32.50
N PRO A 394 47.02 16.45 -31.95
CA PRO A 394 46.49 15.20 -32.50
C PRO A 394 45.59 15.46 -33.69
N LYS A 395 46.18 15.55 -34.89
CA LYS A 395 45.40 15.76 -36.09
C LYS A 395 44.46 14.59 -36.38
N GLU A 396 44.75 13.40 -35.83
CA GLU A 396 43.81 12.30 -35.92
C GLU A 396 42.66 12.53 -34.95
N LYS A 397 41.48 12.04 -35.34
CA LYS A 397 40.29 12.09 -34.50
C LYS A 397 39.54 10.79 -34.67
N SER A 398 38.79 10.43 -33.64
CA SER A 398 38.00 9.21 -33.65
C SER A 398 36.66 9.48 -32.98
N ASN A 399 35.64 8.74 -33.42
CA ASN A 399 34.33 8.78 -32.77
C ASN A 399 34.35 8.14 -31.38
N PHE A 400 35.42 7.42 -31.04
CA PHE A 400 35.48 6.73 -29.77
C PHE A 400 35.51 7.71 -28.60
N SER A 401 34.83 7.34 -27.52
CA SER A 401 34.76 8.13 -26.30
C SER A 401 34.84 7.15 -25.14
N LEU A 402 35.71 7.44 -24.18
CA LEU A 402 36.00 6.55 -23.07
C LEU A 402 35.89 7.31 -21.76
N ALA A 403 35.44 6.61 -20.73
CA ALA A 403 35.33 7.14 -19.37
C ALA A 403 36.31 6.40 -18.47
N ILE A 404 36.91 7.15 -17.53
CA ILE A 404 37.92 6.63 -16.62
C ILE A 404 37.33 6.67 -15.22
N LEU A 405 37.31 5.52 -14.55
CA LEU A 405 36.75 5.35 -13.22
C LEU A 405 37.86 5.10 -12.21
N ASN A 406 37.62 5.52 -10.97
CA ASN A 406 38.36 5.06 -9.81
C ASN A 406 37.38 4.37 -8.86
N VAL A 407 37.64 3.09 -8.57
CA VAL A 407 36.73 2.22 -7.84
C VAL A 407 37.47 1.60 -6.67
N GLY A 408 36.73 1.37 -5.59
CA GLY A 408 37.29 0.69 -4.43
C GLY A 408 37.89 1.67 -3.44
N ALA A 409 38.84 1.16 -2.66
CA ALA A 409 39.59 2.03 -1.78
C ALA A 409 40.54 2.90 -2.60
N PRO A 410 40.91 4.09 -2.10
CA PRO A 410 41.97 4.84 -2.78
C PRO A 410 43.29 4.10 -2.67
N ALA A 411 44.14 4.30 -3.68
CA ALA A 411 45.45 3.69 -3.70
C ALA A 411 46.44 4.64 -4.34
N ALA A 412 47.65 4.67 -3.78
CA ALA A 412 48.69 5.55 -4.30
C ALA A 412 49.09 5.12 -5.71
N GLY A 413 49.03 6.05 -6.65
CA GLY A 413 49.30 5.79 -8.04
C GLY A 413 48.07 5.72 -8.94
N MET A 414 46.87 5.79 -8.37
CA MET A 414 45.67 5.94 -9.19
C MET A 414 45.75 7.18 -10.06
N ASN A 415 46.25 8.29 -9.49
CA ASN A 415 46.31 9.54 -10.21
C ASN A 415 47.35 9.50 -11.33
N ALA A 416 48.46 8.78 -11.14
CA ALA A 416 49.44 8.62 -12.21
C ALA A 416 48.83 7.86 -13.38
N ALA A 417 48.12 6.77 -13.09
CA ALA A 417 47.46 6.00 -14.15
C ALA A 417 46.43 6.83 -14.89
N VAL A 418 45.58 7.54 -14.14
CA VAL A 418 44.53 8.34 -14.76
C VAL A 418 45.13 9.47 -15.59
N ARG A 419 46.23 10.06 -15.11
CA ARG A 419 46.89 11.13 -15.85
C ARG A 419 47.39 10.62 -17.20
N SER A 420 48.14 9.52 -17.19
CA SER A 420 48.67 8.97 -18.43
C SER A 420 47.56 8.50 -19.36
N ALA A 421 46.52 7.87 -18.80
CA ALA A 421 45.40 7.44 -19.61
C ALA A 421 44.72 8.62 -20.28
N VAL A 422 44.58 9.74 -19.58
CA VAL A 422 43.92 10.92 -20.16
C VAL A 422 44.75 11.47 -21.31
N ARG A 423 46.05 11.69 -21.08
CA ARG A 423 46.92 12.19 -22.14
C ARG A 423 46.96 11.24 -23.33
N THR A 424 47.15 9.96 -23.07
CA THR A 424 47.27 8.99 -24.16
C THR A 424 45.96 8.87 -24.95
N GLY A 425 44.82 8.98 -24.26
CA GLY A 425 43.54 8.91 -24.96
C GLY A 425 43.31 10.15 -25.81
N ILE A 426 43.71 11.31 -25.30
CA ILE A 426 43.64 12.54 -26.10
C ILE A 426 44.55 12.43 -27.31
N SER A 427 45.72 11.81 -27.14
CA SER A 427 46.66 11.64 -28.24
C SER A 427 46.05 10.83 -29.38
N HIS A 428 45.29 9.79 -29.04
CA HIS A 428 44.58 9.01 -30.04
C HIS A 428 43.30 9.68 -30.53
N GLY A 429 42.99 10.89 -30.07
CA GLY A 429 41.79 11.58 -30.49
C GLY A 429 40.51 11.15 -29.80
N HIS A 430 40.60 10.27 -28.80
CA HIS A 430 39.40 9.88 -28.08
C HIS A 430 38.84 11.05 -27.28
N THR A 431 37.52 11.06 -27.11
CA THR A 431 36.85 12.00 -26.21
C THR A 431 36.86 11.35 -24.83
N VAL A 432 37.73 11.85 -23.95
CA VAL A 432 37.95 11.24 -22.66
C VAL A 432 37.05 11.93 -21.63
N TYR A 433 36.32 11.11 -20.87
CA TYR A 433 35.59 11.55 -19.70
C TYR A 433 36.24 10.98 -18.45
N VAL A 434 36.07 11.70 -17.34
CA VAL A 434 36.28 11.16 -16.00
C VAL A 434 34.92 11.14 -15.32
N VAL A 435 34.73 10.17 -14.44
CA VAL A 435 33.58 10.14 -13.54
C VAL A 435 34.12 10.17 -12.12
N HIS A 436 33.51 11.02 -11.30
CA HIS A 436 33.86 11.08 -9.89
C HIS A 436 33.13 9.97 -9.15
N ASP A 437 33.66 9.61 -7.98
CA ASP A 437 33.04 8.65 -7.07
C ASP A 437 32.83 7.27 -7.70
N GLY A 438 33.59 6.93 -8.75
CA GLY A 438 33.54 5.59 -9.32
C GLY A 438 32.18 5.25 -9.90
N PHE A 439 31.73 4.02 -9.60
CA PHE A 439 30.43 3.56 -10.09
C PHE A 439 29.27 4.32 -9.48
N GLU A 440 29.43 4.92 -8.29
CA GLU A 440 28.37 5.77 -7.75
C GLU A 440 28.10 6.95 -8.67
N GLY A 441 29.15 7.60 -9.16
CA GLY A 441 28.97 8.71 -10.07
C GLY A 441 28.58 8.28 -11.47
N LEU A 442 29.05 7.11 -11.91
CA LEU A 442 28.61 6.61 -13.21
C LEU A 442 27.13 6.28 -13.21
N ALA A 443 26.61 5.80 -12.08
CA ALA A 443 25.17 5.65 -11.95
C ALA A 443 24.48 7.00 -11.83
N LYS A 444 25.05 7.89 -11.02
CA LYS A 444 24.49 9.23 -10.85
C LYS A 444 24.81 10.18 -12.00
N GLY A 445 25.48 9.71 -13.05
CA GLY A 445 25.79 10.58 -14.17
C GLY A 445 26.75 11.69 -13.84
N GLN A 446 27.64 11.48 -12.86
CA GLN A 446 28.66 12.46 -12.51
C GLN A 446 29.85 12.37 -13.47
N VAL A 447 29.58 12.46 -14.78
CA VAL A 447 30.57 12.30 -15.82
C VAL A 447 30.96 13.68 -16.30
N GLN A 448 32.27 13.90 -16.48
CA GLN A 448 32.81 15.19 -16.88
C GLN A 448 33.88 14.94 -17.93
N GLU A 449 33.77 15.63 -19.06
CA GLU A 449 34.82 15.58 -20.07
C GLU A 449 36.05 16.30 -19.55
N VAL A 450 37.22 15.69 -19.79
CA VAL A 450 38.49 16.13 -19.24
C VAL A 450 39.44 16.43 -20.40
N GLY A 451 40.29 17.43 -20.19
CA GLY A 451 41.30 17.81 -21.16
C GLY A 451 42.71 17.41 -20.72
N TRP A 452 43.67 17.78 -21.57
CA TRP A 452 45.08 17.51 -21.31
C TRP A 452 45.52 18.14 -19.99
N HIS A 453 45.27 19.44 -19.83
CA HIS A 453 45.79 20.18 -18.70
C HIS A 453 44.97 20.01 -17.43
N ASP A 454 43.82 19.33 -17.50
CA ASP A 454 43.02 19.09 -16.30
C ASP A 454 43.66 18.07 -15.36
N VAL A 455 44.60 17.27 -15.85
CA VAL A 455 45.33 16.31 -15.03
C VAL A 455 46.74 16.79 -14.69
N ALA A 456 47.00 18.09 -14.83
CA ALA A 456 48.33 18.64 -14.59
C ALA A 456 48.73 18.48 -13.13
N GLY A 457 49.91 17.90 -12.90
CA GLY A 457 50.42 17.73 -11.57
C GLY A 457 49.80 16.61 -10.76
N TRP A 458 49.19 15.63 -11.41
CA TRP A 458 48.55 14.51 -10.73
C TRP A 458 49.50 13.36 -10.41
N LEU A 459 50.75 13.42 -10.87
CA LEU A 459 51.70 12.32 -10.64
C LEU A 459 51.90 12.06 -9.15
N GLY A 460 52.39 13.06 -8.42
CA GLY A 460 52.75 12.87 -7.03
C GLY A 460 51.61 12.88 -6.04
N ARG A 461 50.38 13.14 -6.46
CA ARG A 461 49.26 13.22 -5.54
C ARG A 461 48.79 11.82 -5.16
N GLY A 462 48.85 11.50 -3.88
CA GLY A 462 48.33 10.23 -3.40
C GLY A 462 46.82 10.22 -3.30
N GLY A 463 46.30 9.04 -2.99
CA GLY A 463 44.86 8.88 -2.91
C GLY A 463 44.25 8.92 -4.30
N SER A 464 43.26 9.79 -4.48
CA SER A 464 42.50 9.86 -5.73
C SER A 464 42.00 11.28 -5.93
N MET A 465 42.40 11.90 -7.04
CA MET A 465 41.87 13.21 -7.38
C MET A 465 40.42 13.09 -7.84
N LEU A 466 40.14 12.12 -8.71
CA LEU A 466 38.77 11.65 -8.87
C LEU A 466 38.32 11.04 -7.56
N GLY A 467 37.01 11.05 -7.31
CA GLY A 467 36.49 10.34 -6.16
C GLY A 467 36.56 8.84 -6.35
N THR A 468 36.54 8.14 -5.22
CA THR A 468 36.49 6.68 -5.18
C THR A 468 35.32 6.24 -4.32
N LYS A 469 34.61 5.21 -4.77
CA LYS A 469 33.58 4.56 -3.97
C LYS A 469 33.66 3.06 -4.21
N ARG A 470 33.32 2.30 -3.16
CA ARG A 470 33.38 0.85 -3.22
C ARG A 470 32.13 0.23 -3.84
N THR A 471 31.09 1.01 -4.12
CA THR A 471 29.81 0.44 -4.53
C THR A 471 29.93 -0.28 -5.85
N LEU A 472 29.34 -1.47 -5.92
CA LEU A 472 29.39 -2.28 -7.11
C LEU A 472 28.27 -1.85 -8.07
N PRO A 473 28.43 -2.11 -9.38
CA PRO A 473 27.44 -1.59 -10.35
C PRO A 473 26.11 -2.34 -10.37
N LYS A 474 26.04 -3.54 -9.79
CA LYS A 474 24.84 -4.37 -9.95
C LYS A 474 23.60 -3.71 -9.35
N GLY A 475 23.78 -2.92 -8.30
CA GLY A 475 22.65 -2.23 -7.69
C GLY A 475 22.15 -1.02 -8.45
N GLN A 476 22.91 -0.53 -9.43
CA GLN A 476 22.54 0.62 -10.25
C GLN A 476 22.85 0.34 -11.70
N LEU A 477 22.60 -0.90 -12.13
CA LEU A 477 22.88 -1.29 -13.50
C LEU A 477 22.03 -0.50 -14.49
N GLU A 478 20.78 -0.23 -14.12
CA GLU A 478 19.90 0.57 -14.98
C GLU A 478 20.44 1.98 -15.18
N SER A 479 20.90 2.62 -14.10
CA SER A 479 21.44 3.96 -14.22
C SER A 479 22.75 3.96 -15.00
N ILE A 480 23.55 2.92 -14.85
CA ILE A 480 24.83 2.85 -15.55
C ILE A 480 24.61 2.74 -17.05
N VAL A 481 23.73 1.83 -17.48
CA VAL A 481 23.46 1.67 -18.90
C VAL A 481 22.84 2.93 -19.48
N GLU A 482 22.01 3.62 -18.68
CA GLU A 482 21.44 4.89 -19.13
C GLU A 482 22.53 5.91 -19.41
N ASN A 483 23.44 6.09 -18.45
CA ASN A 483 24.50 7.09 -18.62
C ASN A 483 25.49 6.69 -19.72
N ILE A 484 25.72 5.38 -19.90
CA ILE A 484 26.56 4.94 -21.01
C ILE A 484 25.92 5.34 -22.34
N ARG A 485 24.61 5.15 -22.45
CA ARG A 485 23.89 5.54 -23.66
C ARG A 485 23.94 7.05 -23.86
N ILE A 486 23.74 7.82 -22.78
CA ILE A 486 23.71 9.28 -22.88
C ILE A 486 25.04 9.79 -23.40
N TYR A 487 26.14 9.42 -22.74
CA TYR A 487 27.45 9.93 -23.09
C TYR A 487 28.12 9.16 -24.24
N GLY A 488 27.51 8.08 -24.73
CA GLY A 488 28.09 7.31 -25.81
C GLY A 488 29.44 6.71 -25.44
N ILE A 489 29.53 6.14 -24.25
CA ILE A 489 30.80 5.62 -23.75
C ILE A 489 31.09 4.31 -24.47
N HIS A 490 32.09 4.34 -25.35
CA HIS A 490 32.48 3.16 -26.11
C HIS A 490 33.52 2.31 -25.38
N ALA A 491 34.26 2.88 -24.43
CA ALA A 491 35.22 2.14 -23.64
C ALA A 491 35.17 2.62 -22.18
N LEU A 492 35.57 1.74 -21.26
CA LEU A 492 35.46 2.02 -19.83
C LEU A 492 36.75 1.57 -19.14
N LEU A 493 37.54 2.53 -18.66
CA LEU A 493 38.76 2.24 -17.91
C LEU A 493 38.47 2.39 -16.43
N VAL A 494 38.74 1.33 -15.65
CA VAL A 494 38.41 1.28 -14.23
C VAL A 494 39.72 1.03 -13.47
N VAL A 495 40.22 2.07 -12.80
CA VAL A 495 41.46 2.00 -12.03
C VAL A 495 41.08 1.77 -10.58
N GLY A 496 41.21 0.55 -10.09
CA GLY A 496 40.77 0.30 -8.73
C GLY A 496 41.11 -1.10 -8.29
N GLY A 497 40.66 -1.43 -7.08
CA GLY A 497 41.02 -2.68 -6.45
C GLY A 497 40.18 -3.86 -6.87
N PHE A 498 39.92 -4.76 -5.93
CA PHE A 498 39.11 -5.94 -6.22
C PHE A 498 37.70 -5.56 -6.62
N GLU A 499 37.18 -4.46 -6.10
CA GLU A 499 35.84 -4.02 -6.49
C GLU A 499 35.81 -3.51 -7.93
N ALA A 500 36.95 -3.02 -8.43
CA ALA A 500 37.04 -2.66 -9.84
C ALA A 500 36.90 -3.89 -10.73
N TYR A 501 37.65 -4.94 -10.42
CA TYR A 501 37.56 -6.18 -11.17
C TYR A 501 36.16 -6.78 -11.06
N GLU A 502 35.61 -6.82 -9.84
CA GLU A 502 34.30 -7.42 -9.65
C GLU A 502 33.21 -6.61 -10.35
N GLY A 503 33.35 -5.28 -10.37
CA GLY A 503 32.38 -4.47 -11.09
C GLY A 503 32.44 -4.70 -12.59
N VAL A 504 33.64 -4.72 -13.16
CA VAL A 504 33.79 -5.01 -14.59
C VAL A 504 33.29 -6.40 -14.90
N LEU A 505 33.49 -7.35 -13.99
CA LEU A 505 32.94 -8.69 -14.18
C LEU A 505 31.42 -8.65 -14.20
N GLN A 506 30.81 -7.91 -13.28
CA GLN A 506 29.35 -7.80 -13.25
C GLN A 506 28.80 -7.16 -14.53
N LEU A 507 29.56 -6.26 -15.15
CA LEU A 507 29.12 -5.69 -16.41
C LEU A 507 29.24 -6.69 -17.55
N VAL A 508 30.32 -7.48 -17.56
CA VAL A 508 30.48 -8.51 -18.59
C VAL A 508 29.38 -9.55 -18.48
N GLU A 509 29.08 -9.97 -17.25
CA GLU A 509 27.99 -10.91 -17.04
C GLU A 509 26.64 -10.30 -17.38
N ALA A 510 26.50 -8.98 -17.21
CA ALA A 510 25.26 -8.28 -17.51
C ALA A 510 25.12 -7.91 -18.98
N ARG A 511 26.13 -8.14 -19.81
CA ARG A 511 26.05 -7.88 -21.25
C ARG A 511 24.84 -8.56 -21.88
N GLY A 512 24.55 -9.79 -21.46
CA GLY A 512 23.42 -10.52 -22.03
C GLY A 512 22.09 -9.83 -21.83
N ARG A 513 21.93 -9.10 -20.72
CA ARG A 513 20.69 -8.38 -20.48
C ARG A 513 20.69 -7.03 -21.18
N TYR A 514 21.80 -6.31 -21.15
CA TYR A 514 21.92 -4.95 -21.66
C TYR A 514 22.97 -4.95 -22.78
N GLU A 515 22.53 -4.58 -23.99
CA GLU A 515 23.47 -4.49 -25.10
C GLU A 515 24.46 -3.35 -24.90
N GLU A 516 24.07 -2.29 -24.19
CA GLU A 516 24.93 -1.13 -24.04
C GLU A 516 26.19 -1.46 -23.23
N LEU A 517 26.13 -2.49 -22.39
CA LEU A 517 27.30 -2.90 -21.63
C LEU A 517 28.33 -3.64 -22.49
N CYS A 518 28.04 -3.93 -23.76
CA CYS A 518 29.02 -4.52 -24.67
C CYS A 518 30.02 -3.45 -25.14
N ILE A 519 30.77 -2.92 -24.18
CA ILE A 519 31.78 -1.89 -24.41
C ILE A 519 33.11 -2.44 -23.91
N VAL A 520 34.20 -2.00 -24.55
CA VAL A 520 35.52 -2.44 -24.13
C VAL A 520 35.77 -1.94 -22.72
N MET A 521 36.11 -2.86 -21.82
CA MET A 521 36.38 -2.54 -20.43
C MET A 521 37.83 -2.92 -20.13
N CYS A 522 38.49 -2.14 -19.28
CA CYS A 522 39.85 -2.44 -18.85
C CYS A 522 40.00 -2.08 -17.39
N VAL A 523 40.49 -3.04 -16.60
CA VAL A 523 40.79 -2.82 -15.19
C VAL A 523 42.28 -2.60 -15.07
N ILE A 524 42.67 -1.47 -14.47
CA ILE A 524 44.01 -1.28 -13.92
C ILE A 524 43.92 -1.62 -12.43
N PRO A 525 44.55 -2.70 -11.95
CA PRO A 525 44.43 -3.00 -10.51
C PRO A 525 45.23 -2.00 -9.69
N ALA A 526 44.54 -1.29 -8.81
CA ALA A 526 45.14 -0.26 -7.96
C ALA A 526 44.60 -0.44 -6.55
N THR A 527 45.38 -1.11 -5.70
CA THR A 527 44.95 -1.33 -4.33
C THR A 527 46.15 -1.62 -3.46
N ILE A 528 45.99 -1.32 -2.17
CA ILE A 528 47.02 -1.59 -1.17
C ILE A 528 47.23 -3.09 -1.01
N SER A 529 46.16 -3.86 -1.02
CA SER A 529 46.24 -5.27 -0.63
C SER A 529 46.96 -6.15 -1.63
N ASN A 530 47.06 -5.71 -2.90
CA ASN A 530 47.54 -6.56 -3.98
C ASN A 530 46.72 -7.84 -4.11
N ASN A 531 45.40 -7.71 -3.95
CA ASN A 531 44.47 -8.83 -3.90
C ASN A 531 43.68 -9.01 -5.19
N VAL A 532 44.07 -8.35 -6.29
CA VAL A 532 43.30 -8.40 -7.53
C VAL A 532 43.86 -9.52 -8.40
N PRO A 533 43.04 -10.44 -8.92
CA PRO A 533 43.59 -11.47 -9.82
C PRO A 533 44.04 -10.85 -11.14
N GLY A 534 44.97 -11.54 -11.79
CA GLY A 534 45.46 -11.15 -13.09
C GLY A 534 46.66 -10.23 -13.09
N THR A 535 47.24 -9.94 -11.93
CA THR A 535 48.48 -9.16 -11.86
C THR A 535 49.35 -9.71 -10.74
N ASP A 536 50.65 -9.41 -10.83
CA ASP A 536 51.57 -9.70 -9.75
C ASP A 536 51.70 -8.55 -8.76
N PHE A 537 51.57 -7.31 -9.24
CA PHE A 537 51.64 -6.11 -8.41
C PHE A 537 50.46 -5.22 -8.72
N SER A 538 49.67 -4.91 -7.70
CA SER A 538 48.65 -3.88 -7.83
C SER A 538 49.28 -2.51 -7.68
N LEU A 539 48.74 -1.55 -8.40
CA LEU A 539 49.25 -0.19 -8.37
C LEU A 539 49.03 0.42 -6.99
N GLY A 540 50.13 0.75 -6.30
CA GLY A 540 50.07 1.27 -4.95
C GLY A 540 50.38 0.26 -3.87
N SER A 541 50.62 -1.00 -4.20
CA SER A 541 51.08 -1.94 -3.20
C SER A 541 52.49 -1.59 -2.74
N ASP A 542 53.34 -1.15 -3.68
CA ASP A 542 54.70 -0.75 -3.34
C ASP A 542 54.72 0.40 -2.34
N THR A 543 53.83 1.40 -2.54
CA THR A 543 53.74 2.51 -1.59
C THR A 543 53.36 2.02 -0.20
N ALA A 544 52.40 1.11 -0.13
CA ALA A 544 51.97 0.57 1.16
C ALA A 544 53.10 -0.19 1.84
N VAL A 545 53.83 -0.99 1.06
CA VAL A 545 54.93 -1.77 1.62
C VAL A 545 56.01 -0.82 2.14
N ASN A 546 56.32 0.23 1.37
CA ASN A 546 57.35 1.18 1.80
C ASN A 546 56.94 1.90 3.07
N ALA A 547 55.68 2.35 3.15
CA ALA A 547 55.19 2.97 4.36
C ALA A 547 55.21 1.99 5.53
N ALA A 548 54.86 0.73 5.27
CA ALA A 548 54.82 -0.28 6.32
C ALA A 548 56.20 -0.55 6.90
N MET A 549 57.21 -0.71 6.04
CA MET A 549 58.55 -1.00 6.56
C MET A 549 59.10 0.20 7.33
N GLU A 550 58.81 1.41 6.85
CA GLU A 550 59.31 2.62 7.51
C GLU A 550 58.76 2.70 8.93
N SER A 551 57.48 2.42 9.09
CA SER A 551 56.89 2.35 10.42
C SER A 551 57.51 1.22 11.24
N CYS A 552 57.69 0.05 10.62
CA CYS A 552 58.27 -1.09 11.32
C CYS A 552 59.73 -0.83 11.71
N ASP A 553 60.50 -0.21 10.81
CA ASP A 553 61.88 0.15 11.15
C ASP A 553 61.92 1.15 12.29
N ARG A 554 61.04 2.15 12.24
CA ARG A 554 60.95 3.11 13.33
C ARG A 554 60.62 2.42 14.65
N ILE A 555 59.67 1.50 14.62
CA ILE A 555 59.27 0.78 15.83
C ILE A 555 60.42 -0.09 16.32
N LYS A 556 61.05 -0.83 15.41
CA LYS A 556 62.13 -1.73 15.80
C LYS A 556 63.35 -0.97 16.32
N GLN A 557 63.56 0.27 15.86
CA GLN A 557 64.66 1.09 16.34
C GLN A 557 64.38 1.76 17.69
N SER A 558 63.16 1.63 18.24
CA SER A 558 62.82 2.36 19.44
C SER A 558 63.34 1.69 20.71
N ALA A 559 63.44 0.37 20.72
CA ALA A 559 64.11 -0.32 21.81
C ALA A 559 65.61 -0.11 21.67
N SER A 560 66.20 0.61 22.62
CA SER A 560 67.64 0.82 22.59
C SER A 560 68.37 -0.49 22.87
N GLY A 561 69.66 -0.50 22.55
CA GLY A 561 70.44 -1.73 22.42
C GLY A 561 70.44 -2.70 23.58
N THR A 562 70.16 -2.22 24.79
CA THR A 562 70.12 -3.12 25.95
C THR A 562 68.79 -3.85 26.05
N LYS A 563 67.68 -3.16 25.82
CA LYS A 563 66.38 -3.71 26.13
C LYS A 563 65.95 -4.75 25.10
N ARG A 564 65.43 -5.88 25.60
CA ARG A 564 64.94 -6.96 24.76
C ARG A 564 63.42 -6.86 24.67
N ARG A 565 62.93 -6.54 23.47
CA ARG A 565 61.52 -6.28 23.25
C ARG A 565 61.09 -6.86 21.90
N VAL A 566 59.89 -7.43 21.88
CA VAL A 566 59.25 -7.92 20.66
C VAL A 566 58.07 -7.01 20.37
N PHE A 567 57.86 -6.71 19.08
CA PHE A 567 56.75 -5.86 18.63
C PHE A 567 55.82 -6.68 17.75
N ILE A 568 54.54 -6.72 18.13
CA ILE A 568 53.48 -7.28 17.30
C ILE A 568 52.94 -6.14 16.45
N VAL A 569 53.22 -6.15 15.15
CA VAL A 569 52.79 -5.07 14.25
C VAL A 569 51.73 -5.62 13.31
N GLU A 570 50.52 -5.07 13.38
CA GLU A 570 49.41 -5.54 12.56
C GLU A 570 49.34 -4.71 11.28
N THR A 571 49.41 -5.38 10.13
CA THR A 571 49.33 -4.76 8.82
C THR A 571 47.93 -4.95 8.23
N MET A 572 47.62 -4.12 7.24
CA MET A 572 46.37 -4.22 6.50
C MET A 572 46.57 -5.21 5.34
N GLY A 573 45.58 -5.27 4.44
CA GLY A 573 45.62 -6.12 3.27
C GLY A 573 44.46 -7.09 3.18
N GLY A 574 43.48 -6.97 4.09
CA GLY A 574 42.36 -7.89 4.11
C GLY A 574 42.81 -9.32 4.32
N TYR A 575 42.21 -10.23 3.57
CA TYR A 575 42.62 -11.62 3.57
C TYR A 575 43.89 -11.87 2.77
N CYS A 576 44.29 -10.93 1.91
CA CYS A 576 45.52 -11.08 1.15
C CYS A 576 46.70 -10.80 2.07
N GLY A 577 47.55 -11.81 2.24
CA GLY A 577 48.68 -11.67 3.11
C GLY A 577 49.91 -11.06 2.50
N TYR A 578 49.88 -10.70 1.21
CA TYR A 578 51.06 -10.21 0.49
C TYR A 578 51.78 -9.11 1.25
N LEU A 579 51.03 -8.09 1.68
CA LEU A 579 51.62 -6.93 2.33
C LEU A 579 52.36 -7.31 3.61
N ALA A 580 51.76 -8.18 4.42
CA ALA A 580 52.40 -8.59 5.67
C ALA A 580 53.71 -9.33 5.41
N THR A 581 53.72 -10.20 4.41
CA THR A 581 54.85 -11.10 4.20
C THR A 581 56.03 -10.37 3.59
N VAL A 582 55.77 -9.58 2.55
CA VAL A 582 56.84 -8.78 1.95
C VAL A 582 57.38 -7.79 2.96
N THR A 583 56.48 -7.16 3.74
CA THR A 583 56.94 -6.25 4.79
C THR A 583 57.84 -6.97 5.79
N GLY A 584 57.52 -8.23 6.09
CA GLY A 584 58.37 -9.00 6.99
C GLY A 584 59.73 -9.28 6.40
N ILE A 585 59.79 -9.58 5.11
CA ILE A 585 61.07 -9.77 4.43
C ILE A 585 61.87 -8.48 4.47
N ALA A 586 61.23 -7.34 4.18
CA ALA A 586 61.94 -6.07 4.11
C ALA A 586 62.53 -5.69 5.47
N VAL A 587 61.79 -5.98 6.55
CA VAL A 587 62.18 -5.58 7.90
C VAL A 587 62.81 -6.72 8.67
N GLY A 588 62.93 -7.90 8.09
CA GLY A 588 63.44 -9.04 8.83
C GLY A 588 62.51 -9.48 9.95
N ALA A 589 61.21 -9.46 9.71
CA ALA A 589 60.27 -9.92 10.72
C ALA A 589 60.45 -11.40 10.99
N ASP A 590 60.33 -11.79 12.25
CA ASP A 590 60.46 -13.19 12.62
C ASP A 590 59.33 -14.02 12.04
N ALA A 591 58.11 -13.49 12.03
CA ALA A 591 56.95 -14.22 11.54
C ALA A 591 55.96 -13.23 10.93
N ALA A 592 55.30 -13.66 9.84
CA ALA A 592 54.25 -12.89 9.19
C ALA A 592 53.02 -13.79 9.09
N TYR A 593 52.14 -13.68 10.08
CA TYR A 593 50.94 -14.51 10.10
C TYR A 593 49.94 -14.00 9.07
N VAL A 594 49.50 -14.91 8.19
CA VAL A 594 48.60 -14.58 7.10
C VAL A 594 47.55 -15.67 6.95
N PHE A 595 46.45 -15.30 6.29
CA PHE A 595 45.35 -16.24 6.09
C PHE A 595 45.77 -17.41 5.21
N GLU A 596 46.58 -17.16 4.18
CA GLU A 596 46.92 -18.18 3.21
C GLU A 596 47.79 -19.30 3.79
N ASP A 597 48.37 -19.11 4.98
CA ASP A 597 49.16 -20.11 5.68
C ASP A 597 48.50 -20.30 7.03
N PRO A 598 47.46 -21.14 7.12
CA PRO A 598 46.76 -21.28 8.40
C PRO A 598 47.66 -21.86 9.49
N PHE A 599 47.53 -21.30 10.68
CA PHE A 599 48.36 -21.63 11.83
C PHE A 599 47.46 -21.85 13.03
N ASN A 600 47.89 -22.75 13.90
CA ASN A 600 47.20 -23.10 15.14
C ASN A 600 48.13 -22.82 16.31
N ILE A 601 47.67 -23.16 17.51
CA ILE A 601 48.44 -22.83 18.71
C ILE A 601 49.75 -23.59 18.76
N HIS A 602 49.81 -24.77 18.15
CA HIS A 602 51.09 -25.50 18.08
C HIS A 602 52.13 -24.70 17.31
N ASP A 603 51.72 -24.13 16.16
CA ASP A 603 52.64 -23.30 15.39
C ASP A 603 53.04 -22.05 16.17
N LEU A 604 52.09 -21.47 16.92
CA LEU A 604 52.41 -20.28 17.69
C LEU A 604 53.42 -20.58 18.80
N LYS A 605 53.27 -21.72 19.48
CA LYS A 605 54.24 -22.07 20.52
C LYS A 605 55.62 -22.30 19.91
N VAL A 606 55.68 -22.92 18.73
CA VAL A 606 56.94 -23.12 18.03
C VAL A 606 57.59 -21.78 17.73
N ASN A 607 56.81 -20.84 17.19
CA ASN A 607 57.34 -19.53 16.83
C ASN A 607 57.75 -18.74 18.06
N VAL A 608 56.98 -18.85 19.15
CA VAL A 608 57.29 -18.08 20.35
C VAL A 608 58.55 -18.61 21.01
N GLU A 609 58.69 -19.94 21.09
CA GLU A 609 59.92 -20.52 21.61
C GLU A 609 61.10 -20.19 20.72
N HIS A 610 60.88 -20.19 19.40
CA HIS A 610 61.92 -19.77 18.47
C HIS A 610 62.32 -18.32 18.71
N MET A 611 61.33 -17.45 18.95
CA MET A 611 61.63 -16.06 19.30
C MET A 611 62.43 -15.99 20.59
N THR A 612 62.02 -16.74 21.61
CA THR A 612 62.70 -16.71 22.90
C THR A 612 64.16 -17.12 22.75
N GLU A 613 64.41 -18.24 22.08
CA GLU A 613 65.77 -18.74 21.88
C GLU A 613 66.62 -17.72 21.13
N LYS A 614 66.07 -17.16 20.05
CA LYS A 614 66.76 -16.09 19.34
C LYS A 614 67.03 -14.90 20.24
N MET A 615 66.08 -14.58 21.12
CA MET A 615 66.21 -13.42 21.99
C MET A 615 67.24 -13.61 23.08
N LYS A 616 67.65 -14.85 23.37
CA LYS A 616 68.74 -15.07 24.31
C LYS A 616 70.10 -14.76 23.70
N THR A 617 70.20 -14.67 22.38
CA THR A 617 71.46 -14.40 21.70
C THR A 617 71.68 -12.88 21.64
N ASP A 618 72.59 -12.44 20.77
CA ASP A 618 72.93 -11.02 20.68
C ASP A 618 71.83 -10.16 20.06
N ILE A 619 70.88 -10.76 19.34
CA ILE A 619 69.80 -10.00 18.72
C ILE A 619 68.71 -9.77 19.75
N GLN A 620 68.29 -8.51 19.91
CA GLN A 620 67.48 -8.07 21.03
C GLN A 620 66.10 -7.53 20.66
N ARG A 621 65.88 -7.15 19.40
CA ARG A 621 64.59 -6.66 18.95
C ARG A 621 63.96 -7.67 17.99
N GLY A 622 62.83 -8.22 18.38
CA GLY A 622 62.04 -9.08 17.54
C GLY A 622 60.88 -8.32 16.94
N LEU A 623 60.35 -8.85 15.84
CA LEU A 623 59.25 -8.21 15.14
C LEU A 623 58.45 -9.30 14.43
N VAL A 624 57.20 -9.50 14.86
CA VAL A 624 56.27 -10.39 14.20
C VAL A 624 55.16 -9.54 13.60
N LEU A 625 54.80 -9.84 12.36
CA LEU A 625 53.72 -9.17 11.67
C LEU A 625 52.48 -10.05 11.67
N ARG A 626 51.31 -9.42 11.75
CA ARG A 626 50.02 -10.11 11.68
C ARG A 626 49.16 -9.42 10.65
N ASN A 627 48.75 -10.17 9.63
CA ASN A 627 47.73 -9.67 8.72
C ASN A 627 46.42 -9.52 9.49
N GLU A 628 45.68 -8.45 9.18
CA GLU A 628 44.51 -8.07 9.97
C GLU A 628 43.44 -9.16 10.02
N LYS A 629 43.33 -9.99 8.98
CA LYS A 629 42.30 -11.01 8.86
C LYS A 629 42.92 -12.40 8.70
N CYS A 630 44.05 -12.65 9.36
CA CYS A 630 44.71 -13.94 9.22
C CYS A 630 44.01 -15.04 10.02
N HIS A 631 43.43 -14.70 11.17
CA HIS A 631 42.84 -15.70 12.05
C HIS A 631 41.60 -15.12 12.72
N ASP A 632 40.63 -16.00 12.98
CA ASP A 632 39.36 -15.55 13.56
C ASP A 632 39.51 -15.20 15.04
N TYR A 633 40.31 -15.98 15.77
CA TYR A 633 40.42 -15.89 17.23
C TYR A 633 41.76 -15.39 17.71
N TYR A 634 42.86 -15.81 17.08
CA TYR A 634 44.21 -15.42 17.52
C TYR A 634 44.50 -14.02 16.97
N THR A 635 43.83 -13.05 17.58
CA THR A 635 43.95 -11.66 17.17
C THR A 635 45.31 -11.11 17.59
N THR A 636 45.51 -9.82 17.32
CA THR A 636 46.73 -9.15 17.76
C THR A 636 46.84 -9.17 19.28
N GLU A 637 45.72 -8.95 19.98
CA GLU A 637 45.75 -9.00 21.44
C GLU A 637 46.11 -10.38 21.94
N PHE A 638 45.59 -11.43 21.28
CA PHE A 638 45.94 -12.79 21.65
C PHE A 638 47.45 -13.03 21.54
N LEU A 639 48.03 -12.65 20.41
CA LEU A 639 49.47 -12.83 20.23
C LEU A 639 50.27 -12.01 21.21
N TYR A 640 49.81 -10.80 21.53
CA TYR A 640 50.46 -9.99 22.55
C TYR A 640 50.52 -10.72 23.88
N ASN A 641 49.38 -11.26 24.32
CA ASN A 641 49.33 -12.01 25.58
C ASN A 641 50.24 -13.23 25.52
N LEU A 642 50.24 -13.94 24.40
CA LEU A 642 51.05 -15.14 24.27
C LEU A 642 52.53 -14.82 24.34
N TYR A 643 52.99 -13.88 23.52
CA TYR A 643 54.41 -13.54 23.47
C TYR A 643 54.89 -12.94 24.79
N SER A 644 54.07 -12.08 25.41
CA SER A 644 54.47 -11.46 26.66
C SER A 644 54.49 -12.47 27.81
N SER A 645 53.61 -13.46 27.78
CA SER A 645 53.58 -14.48 28.83
C SER A 645 54.77 -15.43 28.70
N GLU A 646 54.96 -16.01 27.52
CA GLU A 646 56.05 -16.96 27.34
C GLU A 646 57.41 -16.29 27.43
N GLY A 647 57.50 -15.02 27.02
CA GLY A 647 58.72 -14.27 27.14
C GLY A 647 58.97 -13.62 28.48
N LYS A 648 58.18 -13.96 29.50
CA LYS A 648 58.38 -13.39 30.84
C LYS A 648 59.78 -13.74 31.35
N GLY A 649 60.48 -12.71 31.82
CA GLY A 649 61.85 -12.86 32.26
C GLY A 649 62.88 -12.91 31.15
N VAL A 650 62.46 -12.83 29.88
CA VAL A 650 63.36 -12.83 28.73
C VAL A 650 63.19 -11.55 27.92
N PHE A 651 61.96 -11.23 27.53
CA PHE A 651 61.68 -10.03 26.76
C PHE A 651 60.29 -9.52 27.11
N ASP A 652 60.11 -8.23 26.84
CA ASP A 652 58.80 -7.60 26.87
C ASP A 652 58.19 -7.65 25.48
N CYS A 653 56.86 -7.49 25.43
CA CYS A 653 56.11 -7.48 24.18
C CYS A 653 55.34 -6.17 24.06
N ARG A 654 55.28 -5.64 22.85
CA ARG A 654 54.46 -4.46 22.56
C ARG A 654 53.71 -4.67 21.26
N THR A 655 52.70 -3.82 21.05
CA THR A 655 51.74 -3.95 19.98
C THR A 655 51.61 -2.62 19.23
N ASN A 656 51.39 -2.70 17.92
CA ASN A 656 51.19 -1.51 17.10
C ASN A 656 50.36 -1.87 15.88
N VAL A 657 49.12 -1.38 15.82
CA VAL A 657 48.25 -1.62 14.66
C VAL A 657 48.50 -0.47 13.68
N LEU A 658 49.29 -0.72 12.66
CA LEU A 658 49.43 0.23 11.55
C LEU A 658 48.09 0.29 10.83
N GLY A 659 47.30 1.30 11.15
CA GLY A 659 46.01 1.46 10.50
C GLY A 659 46.18 2.05 9.12
N HIS A 660 45.69 3.26 8.93
CA HIS A 660 45.81 3.98 7.66
C HIS A 660 47.17 4.66 7.48
N LEU A 661 48.16 4.35 8.32
CA LEU A 661 49.52 4.80 8.06
C LEU A 661 50.11 4.18 6.81
N GLN A 662 49.58 3.04 6.35
CA GLN A 662 50.05 2.38 5.14
C GLN A 662 49.32 2.83 3.88
N GLN A 663 48.36 3.76 3.99
CA GLN A 663 47.38 4.03 2.95
C GLN A 663 47.60 5.37 2.27
N GLY A 664 47.53 6.47 3.03
CA GLY A 664 47.42 7.80 2.46
C GLY A 664 48.67 8.43 1.91
N GLY A 665 49.81 7.76 1.98
CA GLY A 665 51.05 8.37 1.54
C GLY A 665 51.06 8.66 0.05
N ALA A 666 51.89 9.62 -0.33
CA ALA A 666 52.11 9.87 -1.75
C ALA A 666 52.73 8.63 -2.39
N PRO A 667 52.49 8.39 -3.69
CA PRO A 667 53.06 7.19 -4.31
C PRO A 667 54.57 7.24 -4.36
N THR A 668 55.18 6.10 -4.08
CA THR A 668 56.60 5.95 -4.25
C THR A 668 56.94 6.08 -5.73
N PRO A 669 58.22 6.33 -6.06
CA PRO A 669 58.57 6.50 -7.49
C PRO A 669 58.24 5.30 -8.35
N PHE A 670 58.36 4.10 -7.82
CA PHE A 670 57.95 2.90 -8.56
C PHE A 670 56.48 2.98 -8.92
N ASP A 671 55.63 3.36 -7.96
CA ASP A 671 54.19 3.42 -8.21
C ASP A 671 53.85 4.47 -9.26
N ARG A 672 54.51 5.63 -9.21
CA ARG A 672 54.27 6.65 -10.22
C ARG A 672 54.64 6.16 -11.61
N ASN A 673 55.86 5.65 -11.78
CA ASN A 673 56.28 5.14 -13.08
C ASN A 673 55.43 3.95 -13.52
N TYR A 674 55.10 3.07 -12.58
CA TYR A 674 54.32 1.88 -12.92
C TYR A 674 52.91 2.26 -13.36
N GLY A 675 52.25 3.15 -12.60
CA GLY A 675 50.94 3.62 -13.01
C GLY A 675 50.98 4.38 -14.32
N THR A 676 52.03 5.19 -14.51
CA THR A 676 52.26 5.86 -15.79
C THR A 676 52.29 4.86 -16.94
N LYS A 677 53.11 3.82 -16.81
CA LYS A 677 53.25 2.85 -17.88
C LYS A 677 51.95 2.09 -18.12
N LEU A 678 51.26 1.65 -17.06
CA LEU A 678 50.04 0.88 -17.25
C LEU A 678 48.91 1.74 -17.82
N GLY A 679 48.87 3.02 -17.45
CA GLY A 679 47.88 3.91 -18.06
C GLY A 679 48.13 4.08 -19.55
N VAL A 680 49.40 4.19 -19.94
CA VAL A 680 49.74 4.22 -21.36
C VAL A 680 49.35 2.90 -22.01
N LYS A 681 49.81 1.77 -21.45
CA LYS A 681 49.57 0.46 -22.06
C LYS A 681 48.08 0.12 -22.09
N ALA A 682 47.35 0.50 -21.04
CA ALA A 682 45.91 0.29 -21.06
C ALA A 682 45.26 1.07 -22.18
N MET A 683 45.71 2.31 -22.41
CA MET A 683 45.11 3.12 -23.45
C MET A 683 45.46 2.59 -24.84
N LEU A 684 46.70 2.11 -25.02
CA LEU A 684 47.08 1.48 -26.28
C LEU A 684 46.18 0.30 -26.60
N TRP A 685 46.00 -0.59 -25.61
CA TRP A 685 45.17 -1.77 -25.82
C TRP A 685 43.72 -1.38 -26.01
N LEU A 686 43.24 -0.37 -25.27
CA LEU A 686 41.89 0.12 -25.46
C LEU A 686 41.68 0.55 -26.91
N SER A 687 42.60 1.33 -27.44
CA SER A 687 42.50 1.80 -28.83
C SER A 687 42.55 0.63 -29.81
N GLU A 688 43.46 -0.32 -29.60
CA GLU A 688 43.58 -1.45 -30.50
C GLU A 688 42.31 -2.30 -30.49
N LYS A 689 41.80 -2.59 -29.30
CA LYS A 689 40.58 -3.40 -29.20
C LYS A 689 39.38 -2.66 -29.78
N LEU A 690 39.30 -1.34 -29.55
CA LEU A 690 38.16 -0.59 -30.06
C LEU A 690 38.16 -0.56 -31.59
N ARG A 691 39.33 -0.44 -32.20
CA ARG A 691 39.40 -0.51 -33.65
C ARG A 691 39.08 -1.91 -34.15
N GLU A 692 39.52 -2.94 -33.43
CA GLU A 692 39.22 -4.32 -33.84
C GLU A 692 37.74 -4.62 -33.72
N VAL A 693 37.03 -3.96 -32.79
CA VAL A 693 35.64 -4.28 -32.49
C VAL A 693 34.67 -3.36 -33.25
N TYR A 694 35.14 -2.23 -33.79
CA TYR A 694 34.26 -1.30 -34.47
C TYR A 694 33.87 -1.87 -35.84
N ARG A 695 32.59 -2.21 -35.99
CA ARG A 695 32.08 -2.77 -37.23
C ARG A 695 30.62 -2.38 -37.38
N LYS A 696 30.16 -2.29 -38.63
CA LYS A 696 28.78 -1.89 -38.93
C LYS A 696 28.48 -0.48 -38.43
N GLY A 697 29.50 0.37 -38.34
CA GLY A 697 29.32 1.74 -37.90
C GLY A 697 29.12 1.94 -36.42
N ARG A 698 29.27 0.88 -35.61
CA ARG A 698 29.14 1.02 -34.16
C ARG A 698 30.03 0.00 -33.48
N VAL A 699 30.31 0.26 -32.20
CA VAL A 699 31.11 -0.64 -31.38
C VAL A 699 30.17 -1.69 -30.78
N PHE A 700 30.56 -2.96 -30.90
CA PHE A 700 29.80 -4.08 -30.32
C PHE A 700 30.82 -5.07 -29.74
N ALA A 701 31.12 -4.91 -28.46
CA ALA A 701 32.14 -5.69 -27.76
C ALA A 701 31.45 -6.79 -26.98
N ASN A 702 31.33 -7.98 -27.60
CA ASN A 702 30.71 -9.15 -27.01
C ASN A 702 31.69 -10.22 -26.59
N ALA A 703 32.85 -10.28 -27.24
CA ALA A 703 33.81 -11.34 -26.93
C ALA A 703 34.40 -11.11 -25.54
N PRO A 704 34.87 -12.18 -24.88
CA PRO A 704 35.48 -11.99 -23.54
C PRO A 704 36.74 -11.16 -23.56
N ASP A 705 37.45 -11.11 -24.69
CA ASP A 705 38.71 -10.38 -24.75
C ASP A 705 38.54 -8.87 -24.57
N SER A 706 37.33 -8.34 -24.70
CA SER A 706 37.13 -6.91 -24.57
C SER A 706 37.08 -6.42 -23.12
N ALA A 707 37.15 -7.32 -22.13
CA ALA A 707 37.13 -6.97 -20.72
C ALA A 707 38.30 -7.67 -20.03
N CYS A 708 39.42 -6.95 -19.89
CA CYS A 708 40.66 -7.51 -19.38
C CYS A 708 41.20 -6.69 -18.24
N VAL A 709 41.83 -7.37 -17.29
CA VAL A 709 42.74 -6.72 -16.34
C VAL A 709 44.08 -6.55 -17.07
N ILE A 710 44.66 -5.35 -16.95
CA ILE A 710 45.93 -5.03 -17.65
C ILE A 710 47.00 -6.07 -17.30
N GLY A 711 47.23 -6.29 -16.02
CA GLY A 711 48.08 -7.38 -15.58
C GLY A 711 49.56 -7.23 -15.88
N LEU A 712 50.37 -7.17 -14.84
CA LEU A 712 51.79 -7.50 -14.93
C LEU A 712 51.95 -8.90 -14.34
N LYS A 713 52.22 -9.87 -15.22
CA LYS A 713 52.27 -11.28 -14.84
C LYS A 713 53.61 -11.87 -15.29
N LYS A 714 54.38 -12.37 -14.32
CA LYS A 714 55.68 -12.98 -14.55
C LYS A 714 56.62 -12.03 -15.30
N LYS A 715 56.85 -12.27 -16.60
CA LYS A 715 57.89 -11.55 -17.33
C LYS A 715 57.37 -10.31 -18.05
N ALA A 716 56.06 -10.22 -18.30
CA ALA A 716 55.53 -9.23 -19.22
C ALA A 716 54.12 -8.83 -18.81
N VAL A 717 53.67 -7.72 -19.39
CA VAL A 717 52.27 -7.31 -19.27
C VAL A 717 51.42 -8.30 -20.07
N ALA A 718 50.25 -8.65 -19.53
CA ALA A 718 49.41 -9.69 -20.12
C ALA A 718 47.96 -9.41 -19.79
N PHE A 719 47.16 -9.19 -20.84
CA PHE A 719 45.73 -8.92 -20.70
C PHE A 719 45.00 -10.24 -20.50
N SER A 720 44.43 -10.43 -19.31
CA SER A 720 43.68 -11.63 -18.97
C SER A 720 42.19 -11.31 -18.98
N PRO A 721 41.35 -11.98 -19.78
CA PRO A 721 39.91 -11.69 -19.71
C PRO A 721 39.33 -11.98 -18.34
N VAL A 722 38.47 -11.06 -17.87
CA VAL A 722 37.92 -11.16 -16.52
C VAL A 722 37.07 -12.41 -16.37
N THR A 723 36.40 -12.85 -17.43
CA THR A 723 35.62 -14.07 -17.37
C THR A 723 36.52 -15.27 -17.10
N GLU A 724 37.70 -15.30 -17.74
CA GLU A 724 38.63 -16.39 -17.48
C GLU A 724 39.18 -16.32 -16.06
N LEU A 725 39.46 -15.10 -15.58
CA LEU A 725 39.97 -14.92 -14.22
C LEU A 725 38.94 -15.27 -13.16
N LYS A 726 37.65 -15.32 -13.50
CA LYS A 726 36.62 -15.63 -12.52
C LYS A 726 36.82 -17.01 -11.89
N LYS A 727 37.40 -17.95 -12.64
CA LYS A 727 37.68 -19.27 -12.08
C LYS A 727 38.67 -19.18 -10.91
N ASP A 728 39.73 -18.39 -11.08
CA ASP A 728 40.83 -18.30 -10.11
C ASP A 728 40.65 -17.16 -9.11
N THR A 729 39.41 -16.80 -8.79
CA THR A 729 39.11 -15.71 -7.87
C THR A 729 38.31 -16.24 -6.70
N ASP A 730 38.81 -16.02 -5.49
CA ASP A 730 38.11 -16.34 -4.25
C ASP A 730 37.30 -15.11 -3.86
N PHE A 731 36.05 -15.06 -4.33
CA PHE A 731 35.22 -13.88 -4.13
C PHE A 731 34.86 -13.69 -2.67
N GLU A 732 34.71 -14.77 -1.90
CA GLU A 732 34.42 -14.66 -0.48
C GLU A 732 35.51 -13.88 0.24
N HIS A 733 36.77 -14.26 0.01
CA HIS A 733 37.92 -13.61 0.62
C HIS A 733 38.46 -12.44 -0.20
N ARG A 734 37.90 -12.17 -1.38
CA ARG A 734 38.32 -11.08 -2.26
C ARG A 734 39.81 -11.15 -2.56
N MET A 735 40.25 -12.33 -3.01
CA MET A 735 41.64 -12.56 -3.35
C MET A 735 41.70 -13.67 -4.40
N PRO A 736 42.81 -13.81 -5.12
CA PRO A 736 42.94 -14.95 -6.03
C PRO A 736 43.22 -16.23 -5.26
N ARG A 737 42.88 -17.35 -5.89
CA ARG A 737 43.01 -18.64 -5.23
C ARG A 737 44.45 -19.12 -5.21
N GLU A 738 45.20 -18.88 -6.29
CA GLU A 738 46.60 -19.28 -6.43
C GLU A 738 47.42 -18.01 -6.58
N GLN A 739 48.16 -17.64 -5.54
CA GLN A 739 48.93 -16.41 -5.50
C GLN A 739 50.40 -16.73 -5.67
N TRP A 740 51.07 -15.98 -6.54
CA TRP A 740 52.47 -16.25 -6.86
C TRP A 740 53.41 -16.05 -5.68
N TRP A 741 53.03 -15.24 -4.69
CA TRP A 741 53.96 -14.77 -3.66
C TRP A 741 54.08 -15.72 -2.47
N LEU A 742 53.37 -16.85 -2.46
CA LEU A 742 53.52 -17.81 -1.36
C LEU A 742 54.94 -18.38 -1.29
N SER A 743 55.67 -18.38 -2.40
CA SER A 743 57.05 -18.82 -2.36
C SER A 743 57.93 -17.88 -1.54
N LEU A 744 57.59 -16.59 -1.48
CA LEU A 744 58.34 -15.65 -0.66
C LEU A 744 58.24 -15.95 0.83
N ARG A 745 57.20 -16.68 1.25
CA ARG A 745 57.10 -17.11 2.64
C ARG A 745 58.29 -17.99 3.02
N LEU A 746 58.72 -18.83 2.08
CA LEU A 746 59.84 -19.73 2.33
C LEU A 746 61.12 -18.95 2.60
N MET A 747 61.37 -17.89 1.82
CA MET A 747 62.52 -17.05 2.07
C MET A 747 62.40 -16.32 3.40
N LEU A 748 61.20 -15.81 3.71
CA LEU A 748 60.95 -15.16 5.00
C LEU A 748 61.31 -16.09 6.15
N LYS A 749 60.80 -17.32 6.10
CA LYS A 749 61.03 -18.25 7.19
C LYS A 749 62.48 -18.68 7.26
N MET A 750 63.13 -18.84 6.11
CA MET A 750 64.55 -19.19 6.09
C MET A 750 65.40 -18.13 6.76
N LEU A 751 65.16 -16.87 6.43
CA LEU A 751 65.95 -15.77 6.99
C LEU A 751 65.74 -15.58 8.49
N ALA A 752 64.71 -16.20 9.08
CA ALA A 752 64.47 -16.18 10.51
C ALA A 752 64.82 -17.49 11.21
N GLN A 753 65.68 -18.32 10.60
CA GLN A 753 66.21 -19.58 11.14
C GLN A 753 65.18 -20.71 11.21
N TYR A 754 63.99 -20.54 10.64
CA TYR A 754 63.02 -21.63 10.65
C TYR A 754 63.44 -22.71 9.66
N ARG A 755 63.63 -23.93 10.17
CA ARG A 755 63.98 -25.06 9.32
C ARG A 755 62.76 -25.51 8.53
N ILE A 756 62.57 -24.90 7.35
CA ILE A 756 61.43 -25.16 6.47
C ILE A 756 61.98 -25.74 5.18
N SER A 757 61.53 -26.95 4.84
CA SER A 757 61.95 -27.61 3.61
C SER A 757 61.35 -26.86 2.43
N MET A 758 62.16 -26.00 1.80
CA MET A 758 61.70 -25.19 0.66
C MET A 758 61.87 -25.90 -0.67
N ALA A 759 61.54 -27.20 -0.74
CA ALA A 759 61.61 -27.90 -2.01
C ALA A 759 60.59 -27.38 -3.03
N ALA A 760 59.58 -26.64 -2.59
CA ALA A 760 58.58 -26.07 -3.49
C ALA A 760 59.03 -24.79 -4.17
N TYR A 761 60.18 -24.22 -3.79
CA TYR A 761 60.66 -23.00 -4.43
C TYR A 761 61.26 -23.34 -5.79
N VAL A 762 60.84 -22.58 -6.81
CA VAL A 762 61.34 -22.72 -8.18
C VAL A 762 62.20 -21.49 -8.49
N SER A 763 63.44 -21.74 -8.90
CA SER A 763 64.38 -20.69 -9.25
C SER A 763 64.44 -20.52 -10.77
N GLY A 764 64.65 -19.27 -11.19
CA GLY A 764 64.78 -18.96 -12.60
C GLY A 764 65.93 -19.68 -13.26
N GLU A 765 65.68 -20.27 -14.43
CA GLU A 765 66.68 -21.04 -15.14
C GLU A 765 67.52 -20.13 -16.04
N LEU A 766 68.59 -20.70 -16.60
CA LEU A 766 69.42 -19.98 -17.54
C LEU A 766 68.62 -19.58 -18.77
N GLU A 767 68.74 -18.32 -19.16
CA GLU A 767 68.12 -17.80 -20.38
C GLU A 767 69.12 -16.90 -21.09
N HIS A 768 69.24 -17.08 -22.39
CA HIS A 768 70.10 -16.20 -23.18
C HIS A 768 69.51 -14.80 -23.19
N VAL A 769 70.39 -13.81 -23.39
CA VAL A 769 69.95 -12.43 -23.50
C VAL A 769 69.04 -12.27 -24.70
N THR A 770 68.01 -11.44 -24.56
CA THR A 770 67.05 -11.19 -25.64
C THR A 770 67.60 -10.15 -26.61
N ARG A 771 68.70 -10.52 -27.28
CA ARG A 771 69.45 -9.70 -28.24
C ARG A 771 69.62 -8.23 -27.82
N ALA B 11 37.28 45.31 24.19
CA ALA B 11 38.48 44.44 24.08
C ALA B 11 38.67 43.94 22.66
N SER B 12 37.59 43.42 22.07
CA SER B 12 37.65 42.89 20.72
C SER B 12 37.92 43.99 19.71
N GLY B 13 38.62 43.62 18.64
CA GLY B 13 38.91 44.55 17.56
C GLY B 13 37.86 44.53 16.48
N ALA B 14 36.62 44.82 16.86
CA ALA B 14 35.52 44.86 15.90
C ALA B 14 35.48 46.21 15.19
N GLY B 15 34.98 46.20 13.96
CA GLY B 15 34.89 47.40 13.15
C GLY B 15 36.18 47.81 12.46
N LYS B 16 37.27 47.09 12.64
CA LYS B 16 38.56 47.38 12.03
C LYS B 16 39.03 46.17 11.24
N ALA B 17 39.82 46.42 10.20
CA ALA B 17 40.24 45.41 9.25
C ALA B 17 41.75 45.18 9.35
N ILE B 18 42.16 43.93 9.18
CA ILE B 18 43.55 43.51 9.28
C ILE B 18 43.97 42.97 7.92
N GLY B 19 45.03 43.55 7.35
CA GLY B 19 45.64 43.03 6.14
C GLY B 19 46.81 42.13 6.49
N VAL B 20 46.94 41.03 5.76
CA VAL B 20 48.05 40.10 5.92
C VAL B 20 48.63 39.84 4.53
N LEU B 21 49.95 39.95 4.42
CA LEU B 21 50.66 39.72 3.17
C LEU B 21 51.93 38.95 3.47
N THR B 22 52.41 38.24 2.45
CA THR B 22 53.70 37.54 2.49
C THR B 22 54.56 38.06 1.35
N SER B 23 55.85 38.29 1.66
CA SER B 23 56.79 38.80 0.67
C SER B 23 58.16 38.18 0.93
N GLY B 24 58.99 38.15 -0.11
CA GLY B 24 60.30 37.54 -0.04
C GLY B 24 60.26 36.05 -0.33
N GLY B 25 61.35 35.39 0.03
CA GLY B 25 61.43 33.95 -0.15
C GLY B 25 60.39 33.24 0.70
N ASP B 26 59.76 32.22 0.12
CA ASP B 26 58.61 31.56 0.74
C ASP B 26 59.12 30.59 1.81
N ALA B 27 59.39 31.15 2.99
CA ALA B 27 59.76 30.33 4.13
C ALA B 27 58.61 29.40 4.49
N GLN B 28 58.90 28.11 4.52
CA GLN B 28 57.90 27.13 4.90
C GLN B 28 57.52 27.33 6.37
N GLY B 29 56.25 27.19 6.68
CA GLY B 29 55.66 27.65 7.91
C GLY B 29 54.97 29.00 7.80
N MET B 30 55.13 29.68 6.66
CA MET B 30 54.36 30.91 6.41
C MET B 30 52.87 30.63 6.41
N ASN B 31 52.45 29.49 5.85
CA ASN B 31 51.03 29.16 5.81
C ASN B 31 50.45 29.00 7.22
N ALA B 32 51.25 28.47 8.15
CA ALA B 32 50.81 28.38 9.54
C ALA B 32 50.60 29.76 10.13
N ALA B 33 51.53 30.68 9.88
CA ALA B 33 51.41 32.04 10.40
C ALA B 33 50.21 32.76 9.78
N VAL B 34 50.02 32.59 8.47
CA VAL B 34 48.88 33.21 7.79
C VAL B 34 47.58 32.66 8.34
N ARG B 35 47.52 31.35 8.54
CA ARG B 35 46.33 30.70 9.10
C ARG B 35 45.99 31.27 10.47
N ALA B 36 47.00 31.41 11.33
CA ALA B 36 46.77 31.92 12.68
C ALA B 36 46.36 33.38 12.65
N VAL B 37 47.00 34.19 11.80
CA VAL B 37 46.63 35.59 11.67
C VAL B 37 45.18 35.72 11.19
N THR B 38 44.85 34.97 10.15
CA THR B 38 43.48 35.01 9.62
C THR B 38 42.48 34.57 10.68
N ARG B 39 42.69 33.38 11.24
CA ARG B 39 41.69 32.83 12.14
C ARG B 39 41.60 33.59 13.46
N MET B 40 42.66 34.29 13.88
CA MET B 40 42.54 35.18 15.03
C MET B 40 41.78 36.45 14.66
N GLY B 41 42.07 37.00 13.48
CA GLY B 41 41.43 38.25 13.08
C GLY B 41 39.93 38.13 12.92
N ILE B 42 39.46 37.03 12.33
CA ILE B 42 38.01 36.80 12.22
C ILE B 42 37.43 36.18 13.48
N TYR B 43 38.27 35.63 14.37
CA TYR B 43 37.77 35.20 15.68
C TYR B 43 37.43 36.40 16.54
N VAL B 44 38.31 37.41 16.57
CA VAL B 44 38.08 38.63 17.33
C VAL B 44 37.12 39.60 16.65
N GLY B 45 36.52 39.22 15.52
CA GLY B 45 35.55 40.04 14.83
C GLY B 45 36.12 40.98 13.80
N ALA B 46 37.45 41.11 13.70
CA ALA B 46 38.05 41.96 12.68
C ALA B 46 37.89 41.30 11.31
N LYS B 47 37.81 42.15 10.29
CA LYS B 47 37.82 41.68 8.91
C LYS B 47 39.26 41.44 8.46
N VAL B 48 39.52 40.26 7.93
CA VAL B 48 40.85 39.87 7.47
C VAL B 48 40.85 39.92 5.96
N PHE B 49 41.81 40.66 5.40
CA PHE B 49 42.00 40.78 3.95
C PHE B 49 43.33 40.18 3.57
N LEU B 50 43.30 39.19 2.69
CA LEU B 50 44.49 38.52 2.18
C LEU B 50 45.01 39.28 0.97
N ILE B 51 46.25 39.74 1.05
CA ILE B 51 46.90 40.48 -0.03
C ILE B 51 47.80 39.50 -0.76
N TYR B 52 47.41 39.12 -1.97
CA TYR B 52 48.12 38.10 -2.73
C TYR B 52 49.34 38.70 -3.41
N GLU B 53 50.38 37.87 -3.58
CA GLU B 53 51.66 38.27 -4.18
C GLU B 53 52.37 39.36 -3.37
N GLY B 54 52.00 39.56 -2.11
CA GLY B 54 52.72 40.51 -1.27
C GLY B 54 52.57 41.95 -1.72
N TYR B 55 53.69 42.67 -1.72
CA TYR B 55 53.69 44.08 -2.09
C TYR B 55 53.26 44.28 -3.54
N GLU B 56 53.44 43.28 -4.40
CA GLU B 56 52.91 43.31 -5.75
C GLU B 56 51.41 43.55 -5.69
N GLY B 57 50.65 42.59 -5.16
CA GLY B 57 49.22 42.77 -5.08
C GLY B 57 48.79 43.91 -4.17
N LEU B 58 49.64 44.31 -3.23
CA LEU B 58 49.40 45.57 -2.54
C LEU B 58 49.36 46.72 -3.54
N VAL B 59 50.30 46.74 -4.48
CA VAL B 59 50.38 47.83 -5.45
C VAL B 59 49.18 47.80 -6.40
N GLU B 60 49.04 46.71 -7.17
CA GLU B 60 47.90 46.61 -8.07
C GLU B 60 46.58 46.57 -7.32
N GLY B 61 46.52 45.84 -6.20
CA GLY B 61 45.32 45.81 -5.40
C GLY B 61 44.15 45.20 -6.15
N GLY B 62 42.96 45.72 -5.84
CA GLY B 62 41.76 45.31 -6.52
C GLY B 62 41.43 43.84 -6.29
N GLU B 63 41.57 43.04 -7.35
CA GLU B 63 41.33 41.61 -7.22
C GLU B 63 42.32 40.95 -6.28
N ASN B 64 43.52 41.53 -6.13
CA ASN B 64 44.56 40.92 -5.30
C ASN B 64 44.30 41.08 -3.81
N ILE B 65 43.28 41.84 -3.39
CA ILE B 65 42.93 42.03 -1.99
C ILE B 65 41.54 41.44 -1.82
N LYS B 66 41.44 40.37 -1.03
CA LYS B 66 40.20 39.62 -0.84
C LYS B 66 39.96 39.41 0.65
N GLN B 67 38.73 39.63 1.08
CA GLN B 67 38.36 39.33 2.45
C GLN B 67 38.39 37.83 2.69
N ALA B 68 38.96 37.44 3.83
CA ALA B 68 39.12 36.04 4.21
C ALA B 68 37.97 35.59 5.11
N ASN B 69 37.60 34.33 4.94
CA ASN B 69 36.69 33.61 5.82
C ASN B 69 37.47 32.52 6.55
N TRP B 70 36.78 31.77 7.40
CA TRP B 70 37.43 30.73 8.18
C TRP B 70 37.99 29.63 7.29
N LEU B 71 37.26 29.26 6.24
CA LEU B 71 37.72 28.21 5.35
C LEU B 71 38.74 28.68 4.32
N SER B 72 39.09 29.97 4.30
CA SER B 72 40.13 30.42 3.38
C SER B 72 41.48 29.84 3.73
N VAL B 73 41.73 29.56 5.02
CA VAL B 73 42.99 29.00 5.49
C VAL B 73 42.77 27.58 6.01
N SER B 74 41.81 26.86 5.43
CA SER B 74 41.55 25.49 5.84
C SER B 74 42.55 24.55 5.19
N ASN B 75 43.16 23.69 6.02
CA ASN B 75 44.02 22.61 5.53
C ASN B 75 45.24 23.15 4.79
N ILE B 76 45.85 24.20 5.34
CA ILE B 76 47.06 24.79 4.77
C ILE B 76 48.25 24.71 5.72
N ILE B 77 48.04 24.37 7.00
CA ILE B 77 49.12 24.45 7.98
C ILE B 77 50.26 23.50 7.65
N GLN B 78 49.94 22.34 7.06
CA GLN B 78 50.97 21.39 6.67
C GLN B 78 51.62 21.71 5.33
N LEU B 79 51.11 22.69 4.57
CA LEU B 79 51.67 23.02 3.27
C LEU B 79 52.80 24.01 3.44
N GLY B 80 53.92 23.73 2.78
CA GLY B 80 55.03 24.66 2.72
C GLY B 80 54.74 25.80 1.78
N GLY B 81 55.73 26.68 1.66
CA GLY B 81 55.54 27.86 0.81
C GLY B 81 54.53 28.80 1.42
N THR B 82 53.68 29.36 0.57
CA THR B 82 52.64 30.28 1.03
C THR B 82 51.49 30.29 0.02
N ILE B 83 50.28 30.01 0.50
CA ILE B 83 49.12 30.06 -0.38
C ILE B 83 48.82 31.49 -0.81
N ILE B 84 49.23 32.47 0.00
CA ILE B 84 49.04 33.88 -0.37
C ILE B 84 49.92 34.23 -1.56
N GLY B 85 51.10 33.62 -1.64
CA GLY B 85 52.03 33.92 -2.71
C GLY B 85 52.86 35.15 -2.42
N SER B 86 54.13 35.10 -2.82
CA SER B 86 55.07 36.19 -2.68
C SER B 86 55.63 36.57 -4.04
N ALA B 87 56.00 37.84 -4.19
CA ALA B 87 56.59 38.33 -5.42
C ALA B 87 57.59 39.42 -5.09
N ARG B 88 58.63 39.51 -5.92
CA ARG B 88 59.55 40.64 -5.89
C ARG B 88 58.99 41.74 -6.78
N CYS B 89 58.67 42.87 -6.17
CA CYS B 89 58.20 44.06 -6.88
C CYS B 89 59.14 45.22 -6.57
N LYS B 90 59.60 45.88 -7.62
CA LYS B 90 60.39 47.10 -7.47
C LYS B 90 59.51 48.33 -7.26
N ALA B 91 58.20 48.22 -7.52
CA ALA B 91 57.31 49.36 -7.34
C ALA B 91 57.27 49.83 -5.90
N PHE B 92 57.27 48.90 -4.95
CA PHE B 92 57.29 49.28 -3.53
C PHE B 92 58.56 50.00 -3.14
N THR B 93 59.65 49.84 -3.90
CA THR B 93 60.86 50.61 -3.64
C THR B 93 60.62 52.10 -3.91
N THR B 94 59.86 52.42 -4.95
CA THR B 94 59.60 53.79 -5.36
C THR B 94 58.28 54.28 -4.78
N ARG B 95 58.18 55.60 -4.60
CA ARG B 95 56.97 56.19 -4.07
C ARG B 95 55.79 56.09 -5.04
N GLU B 96 56.06 55.96 -6.34
CA GLU B 96 54.96 55.85 -7.31
C GLU B 96 54.09 54.62 -7.03
N GLY B 97 54.72 53.48 -6.75
CA GLY B 97 53.96 52.28 -6.44
C GLY B 97 53.52 52.21 -5.00
N ARG B 98 54.30 52.79 -4.09
CA ARG B 98 53.94 52.78 -2.68
C ARG B 98 52.70 53.61 -2.41
N ARG B 99 52.52 54.71 -3.15
CA ARG B 99 51.30 55.49 -3.04
C ARG B 99 50.10 54.68 -3.54
N ALA B 100 50.28 53.93 -4.64
CA ALA B 100 49.22 53.06 -5.12
C ALA B 100 48.90 51.98 -4.09
N ALA B 101 49.93 51.48 -3.39
CA ALA B 101 49.70 50.51 -2.32
C ALA B 101 48.91 51.12 -1.19
N ALA B 102 49.25 52.34 -0.79
CA ALA B 102 48.48 53.02 0.25
C ALA B 102 47.05 53.29 -0.20
N TYR B 103 46.87 53.62 -1.48
CA TYR B 103 45.52 53.81 -2.01
C TYR B 103 44.69 52.55 -1.88
N ASN B 104 45.23 51.42 -2.34
CA ASN B 104 44.47 50.17 -2.33
C ASN B 104 44.15 49.71 -0.92
N LEU B 105 45.03 50.01 0.05
CA LEU B 105 44.70 49.72 1.44
C LEU B 105 43.59 50.62 1.94
N VAL B 106 43.57 51.88 1.50
CA VAL B 106 42.53 52.80 1.97
C VAL B 106 41.18 52.44 1.35
N GLN B 107 41.18 51.90 0.12
CA GLN B 107 39.91 51.54 -0.51
C GLN B 107 39.18 50.45 0.26
N HIS B 108 39.90 49.59 0.96
CA HIS B 108 39.32 48.54 1.79
C HIS B 108 39.33 48.88 3.28
N GLY B 109 39.78 50.06 3.67
CA GLY B 109 39.79 50.43 5.08
C GLY B 109 40.72 49.58 5.92
N ILE B 110 41.87 49.20 5.36
CA ILE B 110 42.82 48.33 6.05
C ILE B 110 43.85 49.24 6.68
N THR B 111 43.59 49.63 7.93
CA THR B 111 44.53 50.41 8.74
C THR B 111 45.52 49.54 9.50
N ASN B 112 45.43 48.21 9.38
CA ASN B 112 46.26 47.28 10.12
C ASN B 112 46.86 46.29 9.14
N LEU B 113 48.19 46.16 9.14
CA LEU B 113 48.91 45.31 8.20
C LEU B 113 49.86 44.40 8.96
N CYS B 114 49.79 43.10 8.67
CA CYS B 114 50.76 42.12 9.17
C CYS B 114 51.60 41.65 7.98
N VAL B 115 52.91 41.85 8.06
CA VAL B 115 53.84 41.52 6.98
C VAL B 115 54.69 40.35 7.46
N ILE B 116 54.63 39.24 6.71
CA ILE B 116 55.38 38.03 6.98
C ILE B 116 56.44 37.92 5.89
N GLY B 117 57.69 38.20 6.22
CA GLY B 117 58.71 38.16 5.19
C GLY B 117 60.10 38.25 5.79
N GLY B 118 61.08 38.41 4.92
CA GLY B 118 62.47 38.50 5.31
C GLY B 118 62.90 39.90 5.67
N ASP B 119 64.22 40.10 5.67
CA ASP B 119 64.78 41.39 6.06
C ASP B 119 64.37 42.50 5.10
N GLY B 120 64.39 42.22 3.79
CA GLY B 120 63.98 43.23 2.82
C GLY B 120 62.51 43.55 2.93
N SER B 121 61.68 42.54 3.19
CA SER B 121 60.25 42.76 3.39
C SER B 121 60.00 43.70 4.56
N LEU B 122 60.69 43.46 5.68
CA LEU B 122 60.46 44.27 6.86
C LEU B 122 61.08 45.66 6.74
N THR B 123 62.17 45.79 5.98
CA THR B 123 62.69 47.11 5.68
C THR B 123 61.70 47.91 4.84
N GLY B 124 61.07 47.26 3.85
CA GLY B 124 60.05 47.93 3.07
C GLY B 124 58.84 48.30 3.90
N ALA B 125 58.45 47.43 4.84
CA ALA B 125 57.35 47.74 5.72
C ALA B 125 57.67 48.92 6.63
N ASN B 126 58.93 49.02 7.07
CA ASN B 126 59.34 50.14 7.91
C ASN B 126 59.28 51.44 7.13
N ILE B 127 59.77 51.45 5.90
CA ILE B 127 59.74 52.66 5.08
C ILE B 127 58.30 52.99 4.70
N PHE B 128 57.43 51.98 4.65
CA PHE B 128 56.03 52.24 4.30
C PHE B 128 55.28 52.88 5.45
N ARG B 129 55.55 52.44 6.68
CA ARG B 129 54.96 53.12 7.84
C ARG B 129 55.50 54.53 7.96
N SER B 130 56.82 54.70 7.78
CA SER B 130 57.44 56.01 7.98
C SER B 130 56.88 57.05 7.03
N GLU B 131 56.39 56.63 5.86
CA GLU B 131 55.83 57.53 4.86
C GLU B 131 54.31 57.44 4.75
N TRP B 132 53.64 56.70 5.65
CA TRP B 132 52.20 56.50 5.53
C TRP B 132 51.44 57.82 5.65
N GLY B 133 51.85 58.68 6.59
CA GLY B 133 51.23 59.99 6.68
C GLY B 133 51.51 60.85 5.47
N SER B 134 52.76 60.86 5.00
CA SER B 134 53.10 61.64 3.81
C SER B 134 52.40 61.10 2.57
N LEU B 135 52.30 59.77 2.45
CA LEU B 135 51.61 59.19 1.31
C LEU B 135 50.14 59.55 1.31
N LEU B 136 49.48 59.51 2.48
CA LEU B 136 48.08 59.88 2.55
C LEU B 136 47.88 61.35 2.23
N GLU B 137 48.80 62.21 2.69
CA GLU B 137 48.72 63.63 2.38
C GLU B 137 48.83 63.87 0.88
N GLU B 138 49.81 63.22 0.23
CA GLU B 138 49.96 63.39 -1.20
C GLU B 138 48.80 62.77 -1.96
N LEU B 139 48.18 61.74 -1.40
CA LEU B 139 47.05 61.09 -2.07
C LEU B 139 45.82 61.99 -2.04
N VAL B 140 45.51 62.57 -0.87
CA VAL B 140 44.39 63.51 -0.81
C VAL B 140 44.69 64.76 -1.61
N ALA B 141 45.96 65.17 -1.66
CA ALA B 141 46.33 66.33 -2.45
C ALA B 141 46.10 66.09 -3.94
N GLU B 142 46.38 64.88 -4.41
CA GLU B 142 46.20 64.56 -5.82
C GLU B 142 44.74 64.28 -6.18
N GLY B 143 43.88 64.04 -5.18
CA GLY B 143 42.45 63.96 -5.40
C GLY B 143 41.86 62.58 -5.48
N LYS B 144 42.60 61.53 -5.09
CA LYS B 144 42.09 60.17 -5.10
C LYS B 144 41.39 59.76 -3.81
N ILE B 145 41.46 60.58 -2.76
CA ILE B 145 40.69 60.34 -1.55
C ILE B 145 40.35 61.68 -0.93
N SER B 146 39.14 61.79 -0.39
CA SER B 146 38.73 63.02 0.25
C SER B 146 39.45 63.19 1.59
N GLU B 147 39.50 64.45 2.06
CA GLU B 147 40.10 64.73 3.36
C GLU B 147 39.40 63.96 4.46
N THR B 148 38.07 64.01 4.50
CA THR B 148 37.33 63.02 5.25
C THR B 148 37.54 61.66 4.59
N THR B 149 37.61 60.62 5.41
CA THR B 149 38.06 59.26 5.10
C THR B 149 39.58 59.17 5.03
N ALA B 150 40.32 60.27 5.20
CA ALA B 150 41.78 60.27 5.34
C ALA B 150 42.25 60.63 6.73
N ARG B 151 41.48 61.43 7.49
CA ARG B 151 41.79 61.62 8.90
C ARG B 151 41.64 60.33 9.67
N THR B 152 40.58 59.58 9.41
CA THR B 152 40.58 58.16 9.75
C THR B 152 41.55 57.44 8.83
N TYR B 153 42.14 56.35 9.35
CA TYR B 153 43.24 55.64 8.72
C TYR B 153 44.54 56.46 8.68
N SER B 154 44.62 57.54 9.48
CA SER B 154 45.82 58.37 9.47
C SER B 154 47.05 57.62 9.97
N HIS B 155 46.85 56.60 10.80
CA HIS B 155 47.93 55.77 11.34
C HIS B 155 47.79 54.36 10.80
N LEU B 156 48.90 53.82 10.29
CA LEU B 156 48.97 52.45 9.80
C LEU B 156 49.73 51.61 10.81
N ASN B 157 49.08 50.55 11.30
CA ASN B 157 49.68 49.66 12.29
C ASN B 157 50.37 48.50 11.57
N ILE B 158 51.65 48.30 11.88
CA ILE B 158 52.49 47.26 11.28
C ILE B 158 52.96 46.33 12.38
N ALA B 159 52.64 45.04 12.24
CA ALA B 159 53.21 43.97 13.07
C ALA B 159 53.95 43.02 12.14
N GLY B 160 55.27 42.96 12.30
CA GLY B 160 56.10 42.17 11.40
C GLY B 160 56.33 40.75 11.92
N LEU B 161 56.42 39.83 10.97
CA LEU B 161 56.81 38.45 11.24
C LEU B 161 57.98 38.09 10.33
N VAL B 162 59.05 37.56 10.91
CA VAL B 162 60.26 37.26 10.17
C VAL B 162 60.08 35.87 9.58
N GLY B 163 59.70 35.82 8.30
CA GLY B 163 59.57 34.58 7.55
C GLY B 163 60.66 34.44 6.51
N SER B 164 61.70 33.69 6.83
CA SER B 164 62.85 33.54 5.95
C SER B 164 63.72 32.41 6.45
N ILE B 165 64.41 31.75 5.52
CA ILE B 165 65.39 30.73 5.88
C ILE B 165 66.75 31.33 6.23
N ASP B 166 66.94 32.63 6.00
CA ASP B 166 68.25 33.24 6.18
C ASP B 166 68.55 33.52 7.64
N ASN B 167 67.53 33.93 8.41
CA ASN B 167 67.71 34.43 9.77
C ASN B 167 68.67 35.61 9.78
N ASP B 168 68.56 36.45 8.75
CA ASP B 168 69.41 37.63 8.60
C ASP B 168 68.92 38.82 9.40
N PHE B 169 67.70 38.78 9.92
CA PHE B 169 67.15 39.89 10.69
C PHE B 169 67.77 39.88 12.07
N CYS B 170 68.62 40.88 12.35
CA CYS B 170 69.54 40.80 13.48
C CYS B 170 68.82 40.83 14.81
N GLY B 171 67.77 41.64 14.93
CA GLY B 171 67.08 41.77 16.21
C GLY B 171 66.42 40.50 16.70
N THR B 172 66.21 39.52 15.81
CA THR B 172 65.42 38.33 16.10
C THR B 172 66.33 37.11 16.12
N ASP B 173 66.02 36.18 17.04
CA ASP B 173 66.85 35.00 17.24
C ASP B 173 66.43 33.83 16.35
N MET B 174 65.12 33.62 16.19
CA MET B 174 64.59 32.52 15.41
C MET B 174 63.50 33.03 14.48
N THR B 175 63.54 32.57 13.23
CA THR B 175 62.62 32.98 12.18
C THR B 175 61.85 31.76 11.69
N ILE B 176 60.68 32.02 11.11
CA ILE B 176 59.86 30.95 10.56
C ILE B 176 60.58 30.35 9.36
N GLY B 177 60.67 29.02 9.35
CA GLY B 177 61.29 28.27 8.27
C GLY B 177 62.74 27.89 8.49
N THR B 178 63.40 28.47 9.51
CA THR B 178 64.78 28.09 9.79
C THR B 178 64.86 26.63 10.21
N ASP B 179 63.96 26.20 11.11
CA ASP B 179 63.98 24.82 11.59
C ASP B 179 63.72 23.83 10.46
N SER B 180 62.80 24.18 9.56
CA SER B 180 62.45 23.26 8.47
C SER B 180 63.52 23.23 7.40
N ALA B 181 64.13 24.39 7.11
CA ALA B 181 65.31 24.40 6.24
C ALA B 181 66.39 23.50 6.80
N LEU B 182 66.55 23.51 8.13
CA LEU B 182 67.50 22.62 8.78
C LEU B 182 67.06 21.16 8.66
N HIS B 183 65.76 20.89 8.71
CA HIS B 183 65.26 19.54 8.48
C HIS B 183 65.66 19.04 7.09
N ARG B 184 65.51 19.89 6.07
CA ARG B 184 65.93 19.52 4.71
C ARG B 184 67.42 19.22 4.66
N ILE B 185 68.23 20.12 5.24
CA ILE B 185 69.69 19.97 5.22
C ILE B 185 70.10 18.66 5.88
N MET B 186 69.57 18.39 7.07
CA MET B 186 70.00 17.22 7.82
C MET B 186 69.43 15.92 7.25
N GLU B 187 68.27 15.97 6.61
CA GLU B 187 67.79 14.79 5.88
C GLU B 187 68.79 14.40 4.80
N VAL B 188 69.36 15.40 4.10
CA VAL B 188 70.37 15.13 3.11
C VAL B 188 71.64 14.59 3.76
N ILE B 189 72.06 15.18 4.89
CA ILE B 189 73.29 14.74 5.53
C ILE B 189 73.11 13.35 6.11
N ASP B 190 71.94 13.07 6.70
CA ASP B 190 71.68 11.75 7.25
C ASP B 190 71.63 10.68 6.18
N ALA B 191 71.27 11.05 4.95
CA ALA B 191 71.37 10.10 3.85
C ALA B 191 72.81 9.61 3.66
N ILE B 192 73.79 10.46 3.96
CA ILE B 192 75.20 10.10 3.82
C ILE B 192 75.70 9.39 5.07
N THR B 193 75.44 9.95 6.25
CA THR B 193 76.10 9.48 7.46
C THR B 193 75.51 8.16 7.97
N THR B 194 74.20 7.95 7.80
CA THR B 194 73.59 6.74 8.34
C THR B 194 73.94 5.50 7.50
N THR B 195 74.36 5.67 6.26
CA THR B 195 74.81 4.54 5.45
C THR B 195 76.08 3.95 6.04
N ALA B 196 76.26 2.65 5.82
CA ALA B 196 77.50 1.96 6.18
C ALA B 196 78.62 2.53 5.31
N GLN B 197 79.44 3.40 5.89
CA GLN B 197 80.48 4.10 5.15
C GLN B 197 81.54 3.11 4.71
N SER B 198 81.63 2.88 3.40
CA SER B 198 82.40 1.78 2.84
C SER B 198 83.79 2.16 2.37
N HIS B 199 83.93 3.33 1.74
CA HIS B 199 85.22 3.81 1.25
C HIS B 199 85.38 5.27 1.63
N GLN B 200 86.62 5.75 1.55
CA GLN B 200 86.92 7.13 1.92
C GLN B 200 86.29 8.08 0.90
N ARG B 201 85.34 8.89 1.36
CA ARG B 201 84.63 9.84 0.52
C ARG B 201 84.47 11.15 1.29
N THR B 202 84.37 12.25 0.54
CA THR B 202 84.20 13.59 1.09
C THR B 202 82.90 14.16 0.56
N PHE B 203 82.00 14.53 1.48
CA PHE B 203 80.68 15.07 1.16
C PHE B 203 80.70 16.57 1.43
N VAL B 204 80.65 17.37 0.37
CA VAL B 204 80.72 18.83 0.46
C VAL B 204 79.32 19.36 0.20
N LEU B 205 78.64 19.81 1.25
CA LEU B 205 77.28 20.32 1.15
C LEU B 205 77.28 21.84 1.04
N GLU B 206 76.65 22.35 -0.01
CA GLU B 206 76.54 23.78 -0.26
C GLU B 206 75.12 24.24 0.08
N VAL B 207 75.01 25.10 1.09
CA VAL B 207 73.75 25.68 1.51
C VAL B 207 73.66 27.10 0.95
N MET B 208 72.42 27.57 0.76
CA MET B 208 72.17 28.87 0.14
C MET B 208 72.35 30.05 1.09
N GLY B 209 73.00 29.91 2.24
CA GLY B 209 73.21 31.04 3.11
C GLY B 209 74.13 32.10 2.51
N ARG B 210 73.62 32.80 1.48
CA ARG B 210 74.46 33.70 0.70
C ARG B 210 74.85 34.93 1.51
N HIS B 211 73.90 35.48 2.27
CA HIS B 211 74.17 36.63 3.13
C HIS B 211 74.45 36.21 4.57
N CYS B 212 73.57 35.39 5.15
CA CYS B 212 73.73 34.87 6.50
C CYS B 212 74.21 33.43 6.45
N GLY B 213 75.18 33.11 7.30
CA GLY B 213 75.70 31.76 7.41
C GLY B 213 75.16 31.01 8.60
N TYR B 214 74.00 31.43 9.11
CA TYR B 214 73.42 30.76 10.28
C TYR B 214 73.02 29.33 9.95
N LEU B 215 72.37 29.12 8.80
CA LEU B 215 71.99 27.77 8.39
C LEU B 215 73.22 26.89 8.21
N ALA B 216 74.26 27.40 7.57
CA ALA B 216 75.51 26.66 7.46
C ALA B 216 76.08 26.33 8.83
N LEU B 217 76.03 27.28 9.76
CA LEU B 217 76.60 27.05 11.08
C LEU B 217 75.84 26.00 11.86
N VAL B 218 74.52 26.17 12.01
CA VAL B 218 73.72 25.22 12.76
C VAL B 218 73.73 23.84 12.10
N SER B 219 73.77 23.79 10.77
CA SER B 219 73.89 22.51 10.07
C SER B 219 75.20 21.83 10.41
N ALA B 220 76.30 22.59 10.38
CA ALA B 220 77.61 22.05 10.75
C ALA B 220 77.60 21.53 12.20
N LEU B 221 77.02 22.31 13.11
CA LEU B 221 76.94 21.89 14.50
C LEU B 221 76.15 20.60 14.66
N ALA B 222 75.01 20.50 13.96
CA ALA B 222 74.18 19.31 14.07
C ALA B 222 74.82 18.09 13.43
N SER B 223 75.56 18.28 12.34
CA SER B 223 76.20 17.18 11.62
C SER B 223 77.62 16.90 12.09
N GLY B 224 78.22 17.76 12.90
CA GLY B 224 79.62 17.60 13.27
C GLY B 224 80.52 17.73 12.07
N ALA B 225 80.36 18.81 11.31
CA ALA B 225 81.16 19.04 10.12
C ALA B 225 82.64 19.18 10.48
N ASP B 226 83.50 18.69 9.60
CA ASP B 226 84.94 18.80 9.82
C ASP B 226 85.42 20.24 9.65
N TRP B 227 84.85 20.95 8.68
CA TRP B 227 85.23 22.33 8.40
C TRP B 227 84.00 23.12 7.99
N LEU B 228 84.05 24.43 8.24
CA LEU B 228 82.94 25.33 7.99
C LEU B 228 83.44 26.62 7.36
N PHE B 229 82.86 26.98 6.23
CA PHE B 229 83.07 28.27 5.60
C PHE B 229 81.78 29.06 5.74
N ILE B 230 81.79 30.08 6.60
CA ILE B 230 80.65 30.96 6.81
C ILE B 230 81.10 32.40 6.56
N PRO B 231 80.29 33.26 5.95
CA PRO B 231 80.74 34.65 5.73
C PRO B 231 80.99 35.43 6.99
N GLU B 232 80.41 35.02 8.13
CA GLU B 232 80.61 35.75 9.38
C GLU B 232 82.06 35.66 9.84
N ALA B 233 82.68 34.49 9.65
CA ALA B 233 84.08 34.24 10.05
C ALA B 233 84.79 33.59 8.87
N PRO B 234 85.29 34.38 7.92
CA PRO B 234 86.03 33.77 6.82
C PRO B 234 87.29 33.12 7.32
N PRO B 235 87.81 32.13 6.59
CA PRO B 235 89.00 31.42 7.08
C PRO B 235 90.25 32.28 6.96
N GLU B 236 91.19 32.04 7.87
CA GLU B 236 92.44 32.78 7.89
C GLU B 236 93.28 32.44 6.67
N ASP B 237 94.31 33.24 6.43
CA ASP B 237 95.23 33.00 5.32
C ASP B 237 95.95 31.67 5.52
N GLY B 238 96.13 30.94 4.43
CA GLY B 238 96.71 29.62 4.50
C GLY B 238 95.77 28.56 5.03
N TRP B 239 94.46 28.78 4.96
CA TRP B 239 93.49 27.77 5.40
C TRP B 239 93.54 26.53 4.53
N GLU B 240 93.99 26.67 3.27
CA GLU B 240 94.13 25.55 2.35
C GLU B 240 94.89 24.40 2.99
N ASN B 241 96.08 24.69 3.51
CA ASN B 241 96.87 23.65 4.17
C ASN B 241 96.23 23.19 5.46
N PHE B 242 95.73 24.12 6.28
CA PHE B 242 95.17 23.75 7.57
C PHE B 242 93.96 22.85 7.42
N MET B 243 93.08 23.16 6.47
CA MET B 243 91.93 22.29 6.21
C MET B 243 92.38 20.92 5.72
N CYS B 244 93.28 20.88 4.72
CA CYS B 244 93.70 19.60 4.15
C CYS B 244 94.37 18.72 5.18
N GLU B 245 95.10 19.33 6.13
CA GLU B 245 95.70 18.55 7.21
C GLU B 245 94.63 18.01 8.15
N ARG B 246 93.61 18.83 8.46
CA ARG B 246 92.51 18.38 9.31
C ARG B 246 91.81 17.16 8.71
N LEU B 247 91.53 17.22 7.41
CA LEU B 247 91.00 16.04 6.72
C LEU B 247 92.00 14.89 6.75
N GLY B 248 93.30 15.19 6.71
CA GLY B 248 94.30 14.14 6.74
C GLY B 248 94.29 13.37 8.05
N GLU B 249 94.33 14.06 9.19
CA GLU B 249 94.27 13.35 10.46
C GLU B 249 92.90 12.71 10.67
N THR B 250 91.86 13.30 10.10
CA THR B 250 90.54 12.65 10.10
C THR B 250 90.62 11.28 9.42
N ARG B 251 91.27 11.22 8.27
CA ARG B 251 91.52 9.94 7.60
C ARG B 251 92.33 9.01 8.48
N SER B 252 93.43 9.50 9.04
CA SER B 252 94.32 8.67 9.86
C SER B 252 93.59 8.06 11.05
N ARG B 253 92.59 8.76 11.57
CA ARG B 253 91.75 8.19 12.62
C ARG B 253 90.97 6.98 12.15
N GLY B 254 90.75 6.83 10.84
CA GLY B 254 89.85 5.84 10.29
C GLY B 254 88.46 6.36 9.98
N SER B 255 88.16 7.59 10.39
CA SER B 255 86.93 8.25 9.96
C SER B 255 86.87 8.30 8.44
N ARG B 256 85.88 7.63 7.87
CA ARG B 256 85.82 7.41 6.44
C ARG B 256 85.01 8.46 5.68
N LEU B 257 84.39 9.41 6.38
CA LEU B 257 83.59 10.46 5.75
C LEU B 257 83.98 11.81 6.35
N ASN B 258 84.27 12.77 5.48
CA ASN B 258 84.47 14.17 5.84
C ASN B 258 83.31 14.99 5.30
N ILE B 259 82.78 15.89 6.13
CA ILE B 259 81.67 16.77 5.78
C ILE B 259 82.18 18.20 5.80
N ILE B 260 82.07 18.89 4.66
CA ILE B 260 82.40 20.30 4.51
C ILE B 260 81.11 21.03 4.20
N ILE B 261 80.66 21.89 5.11
CA ILE B 261 79.49 22.76 4.89
C ILE B 261 80.03 24.09 4.43
N ILE B 262 79.76 24.45 3.17
CA ILE B 262 80.24 25.69 2.56
C ILE B 262 79.01 26.52 2.19
N ALA B 263 78.84 27.66 2.84
CA ALA B 263 77.73 28.51 2.46
C ALA B 263 77.97 29.12 1.08
N GLU B 264 76.88 29.50 0.42
CA GLU B 264 76.99 30.22 -0.85
C GLU B 264 77.80 31.49 -0.70
N GLY B 265 77.66 32.17 0.44
CA GLY B 265 78.40 33.38 0.70
C GLY B 265 79.78 33.15 1.29
N ALA B 266 80.31 31.94 1.16
CA ALA B 266 81.66 31.68 1.65
C ALA B 266 82.66 32.56 0.94
N ILE B 267 83.45 33.28 1.73
CA ILE B 267 84.48 34.19 1.22
C ILE B 267 85.75 33.93 2.03
N ASP B 268 86.84 34.52 1.57
CA ASP B 268 88.10 34.55 2.31
C ASP B 268 88.19 35.90 3.03
N ARG B 269 89.35 36.20 3.62
CA ARG B 269 89.51 37.47 4.30
C ARG B 269 89.41 38.66 3.36
N ASN B 270 89.69 38.45 2.07
CA ASN B 270 89.41 39.45 1.04
C ASN B 270 88.00 39.23 0.51
N GLY B 271 87.62 39.96 -0.53
CA GLY B 271 86.30 39.83 -1.13
C GLY B 271 86.12 38.66 -2.07
N LYS B 272 87.17 37.90 -2.35
CA LYS B 272 87.10 36.83 -3.34
C LYS B 272 86.24 35.70 -2.80
N PRO B 273 85.13 35.31 -3.45
CA PRO B 273 84.35 34.18 -2.94
C PRO B 273 85.06 32.85 -3.13
N ILE B 274 84.76 31.93 -2.22
CA ILE B 274 85.26 30.56 -2.27
C ILE B 274 84.14 29.70 -2.83
N SER B 275 84.38 29.09 -3.98
CA SER B 275 83.39 28.25 -4.63
C SER B 275 83.47 26.83 -4.12
N SER B 276 82.32 26.16 -4.13
CA SER B 276 82.28 24.75 -3.76
C SER B 276 83.10 23.90 -4.73
N SER B 277 83.15 24.29 -6.00
CA SER B 277 83.97 23.57 -6.97
C SER B 277 85.45 23.68 -6.64
N TYR B 278 85.87 24.84 -6.14
CA TYR B 278 87.28 25.01 -5.74
C TYR B 278 87.63 24.08 -4.59
N VAL B 279 86.77 24.02 -3.56
CA VAL B 279 87.03 23.14 -2.43
C VAL B 279 87.03 21.68 -2.86
N LYS B 280 86.11 21.32 -3.77
CA LYS B 280 86.10 19.99 -4.35
C LYS B 280 87.44 19.65 -4.98
N ASP B 281 87.88 20.46 -5.94
CA ASP B 281 89.13 20.19 -6.66
C ASP B 281 90.32 20.22 -5.71
N LEU B 282 90.27 21.07 -4.69
CA LEU B 282 91.32 21.10 -3.68
C LEU B 282 91.42 19.76 -2.95
N VAL B 283 90.29 19.26 -2.46
CA VAL B 283 90.27 17.98 -1.76
C VAL B 283 90.74 16.87 -2.68
N VAL B 284 90.23 16.85 -3.92
CA VAL B 284 90.61 15.82 -4.88
C VAL B 284 92.12 15.82 -5.11
N GLN B 285 92.71 17.00 -5.23
CA GLN B 285 94.12 17.09 -5.62
C GLN B 285 95.04 16.62 -4.50
N ARG B 286 94.81 17.11 -3.27
CA ARG B 286 95.74 16.83 -2.17
C ARG B 286 95.43 15.54 -1.42
N LEU B 287 94.16 15.09 -1.43
CA LEU B 287 93.71 13.95 -0.65
C LEU B 287 93.29 12.76 -1.51
N GLY B 288 92.73 13.02 -2.68
CA GLY B 288 92.24 11.95 -3.54
C GLY B 288 90.95 11.32 -3.10
N PHE B 289 90.25 11.89 -2.12
CA PHE B 289 88.97 11.34 -1.71
C PHE B 289 87.93 11.56 -2.79
N ASP B 290 86.98 10.63 -2.87
CA ASP B 290 85.84 10.79 -3.77
C ASP B 290 85.01 11.98 -3.30
N THR B 291 85.23 13.14 -3.93
CA THR B 291 84.60 14.39 -3.53
C THR B 291 83.51 14.74 -4.53
N ARG B 292 82.28 14.88 -4.01
CA ARG B 292 81.14 15.36 -4.80
C ARG B 292 80.46 16.47 -4.01
N VAL B 293 80.11 17.55 -4.71
CA VAL B 293 79.47 18.70 -4.11
C VAL B 293 77.97 18.51 -4.20
N THR B 294 77.29 18.59 -3.05
CA THR B 294 75.84 18.61 -2.99
C THR B 294 75.39 20.05 -2.77
N VAL B 295 74.57 20.55 -3.69
CA VAL B 295 73.99 21.88 -3.62
C VAL B 295 72.50 21.68 -3.44
N LEU B 296 71.95 22.16 -2.32
CA LEU B 296 70.52 21.99 -2.07
C LEU B 296 69.69 22.86 -2.99
N GLY B 297 70.08 24.13 -3.14
CA GLY B 297 69.28 25.05 -3.94
C GLY B 297 67.88 25.18 -3.35
N HIS B 298 66.86 25.07 -4.21
CA HIS B 298 65.47 25.22 -3.79
C HIS B 298 65.03 24.20 -2.76
N VAL B 299 65.79 23.13 -2.52
CA VAL B 299 65.39 22.08 -1.58
C VAL B 299 65.22 22.64 -0.17
N GLN B 300 66.01 23.66 0.20
CA GLN B 300 65.95 24.18 1.56
C GLN B 300 64.59 24.76 1.89
N ARG B 301 63.99 25.49 0.97
CA ARG B 301 62.66 26.05 1.17
C ARG B 301 61.54 25.04 0.97
N GLY B 302 61.86 23.78 0.64
CA GLY B 302 60.86 22.79 0.30
C GLY B 302 60.41 21.96 1.47
N GLY B 303 59.58 20.97 1.17
CA GLY B 303 59.08 20.04 2.16
C GLY B 303 58.02 20.65 3.07
N THR B 304 57.53 19.81 3.98
CA THR B 304 56.55 20.29 4.94
C THR B 304 57.26 21.18 5.98
N PRO B 305 56.53 22.10 6.61
CA PRO B 305 57.11 22.78 7.78
C PRO B 305 57.27 21.81 8.94
N SER B 306 58.36 21.97 9.67
CA SER B 306 58.59 21.17 10.86
C SER B 306 57.55 21.52 11.93
N ALA B 307 57.49 20.67 12.96
CA ALA B 307 56.55 20.89 14.05
C ALA B 307 56.80 22.24 14.70
N PHE B 308 58.06 22.49 15.08
CA PHE B 308 58.48 23.78 15.65
C PHE B 308 57.98 24.94 14.79
N ASP B 309 58.16 24.86 13.47
CA ASP B 309 57.75 25.95 12.60
C ASP B 309 56.24 26.17 12.67
N ARG B 310 55.46 25.10 12.72
CA ARG B 310 54.00 25.26 12.79
C ARG B 310 53.57 25.87 14.12
N ILE B 311 54.11 25.38 15.23
CA ILE B 311 53.74 25.91 16.55
C ILE B 311 54.13 27.37 16.65
N LEU B 312 55.39 27.67 16.35
CA LEU B 312 55.88 29.03 16.54
C LEU B 312 55.20 30.00 15.57
N SER B 313 54.96 29.56 14.34
CA SER B 313 54.22 30.40 13.39
C SER B 313 52.81 30.68 13.89
N SER B 314 52.15 29.66 14.46
CA SER B 314 50.80 29.86 14.99
C SER B 314 50.83 30.83 16.17
N LYS B 315 51.77 30.64 17.09
CA LYS B 315 51.88 31.52 18.26
C LYS B 315 52.18 32.96 17.85
N MET B 316 53.15 33.14 16.95
CA MET B 316 53.52 34.49 16.56
C MET B 316 52.44 35.16 15.73
N GLY B 317 51.75 34.40 14.89
CA GLY B 317 50.65 34.97 14.12
C GLY B 317 49.50 35.42 15.00
N MET B 318 49.14 34.60 15.98
CA MET B 318 48.14 35.02 16.97
C MET B 318 48.61 36.26 17.71
N GLU B 319 49.85 36.25 18.20
CA GLU B 319 50.39 37.39 18.93
C GLU B 319 50.52 38.62 18.04
N ALA B 320 50.74 38.43 16.75
CA ALA B 320 50.78 39.55 15.82
C ALA B 320 49.42 40.23 15.77
N VAL B 321 48.35 39.46 15.65
CA VAL B 321 47.00 40.02 15.63
C VAL B 321 46.72 40.76 16.93
N MET B 322 47.01 40.13 18.07
CA MET B 322 46.73 40.73 19.36
C MET B 322 47.53 42.01 19.56
N ALA B 323 48.80 42.01 19.16
CA ALA B 323 49.61 43.22 19.22
C ALA B 323 49.06 44.30 18.30
N LEU B 324 48.42 43.89 17.20
CA LEU B 324 47.88 44.85 16.24
C LEU B 324 46.59 45.50 16.73
N LEU B 325 45.87 44.85 17.66
CA LEU B 325 44.65 45.42 18.21
C LEU B 325 44.89 46.30 19.43
N GLU B 326 45.91 45.99 20.23
CA GLU B 326 46.26 46.78 21.40
C GLU B 326 47.22 47.92 21.08
N ALA B 327 47.40 48.26 19.82
CA ALA B 327 48.39 49.24 19.37
C ALA B 327 47.69 50.56 19.11
N THR B 328 48.09 51.59 19.85
CA THR B 328 47.54 52.92 19.67
C THR B 328 48.29 53.65 18.56
N PRO B 329 47.80 54.84 18.12
CA PRO B 329 48.56 55.62 17.13
C PRO B 329 50.01 55.93 17.46
N ASP B 330 50.38 55.91 18.75
CA ASP B 330 51.73 56.31 19.16
C ASP B 330 52.73 55.17 19.13
N THR B 331 52.30 53.93 19.39
CA THR B 331 53.27 52.84 19.49
C THR B 331 53.88 52.55 18.12
N PRO B 332 55.16 52.18 18.04
CA PRO B 332 55.79 52.02 16.72
C PRO B 332 55.54 50.64 16.14
N ALA B 333 55.93 50.48 14.88
CA ALA B 333 55.92 49.17 14.25
C ALA B 333 56.78 48.21 15.03
N CYS B 334 56.25 47.00 15.25
CA CYS B 334 56.91 45.97 16.04
C CYS B 334 57.06 44.70 15.21
N VAL B 335 58.00 43.85 15.65
CA VAL B 335 58.19 42.50 15.13
C VAL B 335 57.91 41.54 16.27
N VAL B 336 56.91 40.68 16.08
CA VAL B 336 56.58 39.64 17.05
C VAL B 336 57.53 38.47 16.84
N THR B 337 58.33 38.17 17.86
CA THR B 337 59.29 37.07 17.80
C THR B 337 59.40 36.45 19.18
N LEU B 338 60.14 35.35 19.26
CA LEU B 338 60.47 34.68 20.51
C LEU B 338 61.98 34.72 20.70
N SER B 339 62.42 35.28 21.82
CA SER B 339 63.79 35.17 22.29
C SER B 339 63.81 34.12 23.40
N GLY B 340 64.50 33.01 23.15
CA GLY B 340 64.31 31.85 24.00
C GLY B 340 62.93 31.26 23.78
N ASN B 341 62.28 30.85 24.87
CA ASN B 341 60.90 30.41 24.84
C ASN B 341 59.91 31.55 25.08
N GLN B 342 60.38 32.75 25.38
CA GLN B 342 59.50 33.87 25.74
C GLN B 342 59.14 34.66 24.49
N SER B 343 57.85 34.91 24.31
CA SER B 343 57.40 35.80 23.25
C SER B 343 57.74 37.24 23.59
N VAL B 344 58.11 38.00 22.55
CA VAL B 344 58.57 39.37 22.72
C VAL B 344 58.23 40.13 21.45
N ARG B 345 58.05 41.44 21.61
CA ARG B 345 57.85 42.37 20.51
C ARG B 345 58.98 43.38 20.50
N LEU B 346 59.65 43.51 19.34
CA LEU B 346 60.77 44.42 19.14
C LEU B 346 60.40 45.50 18.13
N PRO B 347 60.71 46.78 18.37
CA PRO B 347 60.38 47.80 17.37
C PRO B 347 61.06 47.55 16.03
N LEU B 348 60.31 47.77 14.96
CA LEU B 348 60.81 47.49 13.61
C LEU B 348 61.99 48.37 13.24
N MET B 349 61.97 49.62 13.71
CA MET B 349 63.01 50.58 13.33
C MET B 349 64.38 50.16 13.86
N GLU B 350 64.42 49.72 15.12
CA GLU B 350 65.69 49.34 15.72
C GLU B 350 66.25 48.09 15.07
N CYS B 351 65.39 47.13 14.74
CA CYS B 351 65.85 45.92 14.06
C CYS B 351 66.38 46.24 12.66
N VAL B 352 65.70 47.14 11.94
CA VAL B 352 66.19 47.56 10.63
C VAL B 352 67.54 48.26 10.78
N GLN B 353 67.68 49.08 11.82
CA GLN B 353 68.94 49.78 12.03
C GLN B 353 70.06 48.81 12.31
N MET B 354 69.82 47.81 13.17
CA MET B 354 70.83 46.81 13.46
C MET B 354 71.20 46.02 12.20
N THR B 355 70.21 45.69 11.37
CA THR B 355 70.50 44.98 10.13
C THR B 355 71.39 45.82 9.22
N LYS B 356 71.14 47.13 9.15
CA LYS B 356 71.99 48.01 8.36
C LYS B 356 73.39 48.11 8.96
N GLU B 357 73.50 48.14 10.28
CA GLU B 357 74.81 48.21 10.92
C GLU B 357 75.62 46.95 10.64
N VAL B 358 75.00 45.78 10.74
CA VAL B 358 75.73 44.54 10.50
C VAL B 358 76.11 44.42 9.02
N GLN B 359 75.25 44.90 8.12
CA GLN B 359 75.59 44.85 6.71
C GLN B 359 76.77 45.78 6.40
N LYS B 360 76.77 46.98 6.97
CA LYS B 360 77.91 47.87 6.81
C LYS B 360 79.17 47.28 7.43
N ALA B 361 79.03 46.65 8.60
CA ALA B 361 80.17 46.00 9.23
C ALA B 361 80.75 44.90 8.36
N MET B 362 79.88 44.07 7.79
CA MET B 362 80.31 42.99 6.91
C MET B 362 80.96 43.51 5.62
N ASP B 363 80.72 44.77 5.26
CA ASP B 363 81.40 45.40 4.12
C ASP B 363 82.75 46.00 4.50
N ASP B 364 83.56 45.23 5.24
CA ASP B 364 84.92 45.59 5.62
C ASP B 364 84.99 46.95 6.31
N LYS B 365 84.12 47.14 7.30
CA LYS B 365 84.12 48.31 8.17
C LYS B 365 84.54 47.92 9.58
N ARG B 366 83.77 47.05 10.23
CA ARG B 366 84.11 46.43 11.51
C ARG B 366 83.99 44.92 11.38
N PHE B 367 84.68 44.38 10.38
CA PHE B 367 84.38 43.02 9.90
C PHE B 367 84.68 41.96 10.95
N ASP B 368 85.81 42.08 11.64
CA ASP B 368 86.11 41.13 12.69
C ASP B 368 85.12 41.22 13.84
N GLU B 369 84.51 42.39 14.05
CA GLU B 369 83.52 42.62 15.09
C GLU B 369 82.10 42.67 14.55
N ALA B 370 81.85 42.14 13.34
CA ALA B 370 80.49 42.01 12.84
C ALA B 370 79.81 40.76 13.37
N THR B 371 80.57 39.70 13.65
CA THR B 371 79.98 38.45 14.12
C THR B 371 79.29 38.61 15.46
N GLN B 372 79.79 39.49 16.32
CA GLN B 372 79.16 39.68 17.62
C GLN B 372 77.83 40.43 17.47
N LEU B 373 77.77 41.40 16.57
CA LEU B 373 76.53 42.14 16.34
C LEU B 373 75.46 41.28 15.68
N ARG B 374 75.85 40.17 15.05
CA ARG B 374 74.86 39.21 14.55
C ARG B 374 74.01 38.61 15.67
N GLY B 375 74.52 38.60 16.90
CA GLY B 375 73.84 38.02 18.04
C GLY B 375 74.76 37.12 18.82
N GLY B 376 74.61 37.08 20.14
CA GLY B 376 75.44 36.20 20.95
C GLY B 376 75.23 34.74 20.65
N SER B 377 74.04 34.37 20.17
CA SER B 377 73.76 32.97 19.86
C SER B 377 74.64 32.47 18.72
N PHE B 378 74.87 33.30 17.70
CA PHE B 378 75.71 32.89 16.58
C PHE B 378 77.14 32.64 17.03
N GLU B 379 77.72 33.59 17.76
CA GLU B 379 79.10 33.45 18.21
C GLU B 379 79.25 32.26 19.15
N ASN B 380 78.29 32.07 20.05
CA ASN B 380 78.34 30.93 20.95
C ASN B 380 78.23 29.62 20.19
N ASN B 381 77.35 29.56 19.19
CA ASN B 381 77.22 28.36 18.38
C ASN B 381 78.51 28.03 17.63
N TRP B 382 79.19 29.06 17.11
CA TRP B 382 80.43 28.82 16.40
C TRP B 382 81.53 28.35 17.33
N ASN B 383 81.59 28.90 18.55
CA ASN B 383 82.59 28.45 19.50
C ASN B 383 82.34 27.01 19.93
N ILE B 384 81.08 26.66 20.18
CA ILE B 384 80.74 25.28 20.54
C ILE B 384 81.10 24.34 19.40
N TYR B 385 80.80 24.75 18.17
CA TYR B 385 81.13 23.93 17.00
C TYR B 385 82.62 23.67 16.91
N LYS B 386 83.43 24.72 16.98
CA LYS B 386 84.87 24.56 16.83
C LYS B 386 85.47 23.73 17.96
N LEU B 387 84.96 23.91 19.18
CA LEU B 387 85.47 23.15 20.32
C LEU B 387 85.22 21.66 20.12
N LEU B 388 84.01 21.30 19.70
CA LEU B 388 83.65 19.91 19.51
C LEU B 388 84.23 19.32 18.23
N ALA B 389 84.54 20.17 17.24
CA ALA B 389 85.00 19.68 15.94
C ALA B 389 86.34 18.97 16.07
N HIS B 390 87.36 19.66 16.60
CA HIS B 390 88.73 19.16 16.62
C HIS B 390 89.28 19.21 18.02
N GLN B 391 89.91 18.11 18.44
CA GLN B 391 90.52 17.98 19.75
C GLN B 391 91.78 18.83 19.81
N LYS B 392 91.69 19.98 20.48
CA LYS B 392 92.88 20.76 20.78
C LYS B 392 93.55 20.20 22.03
N PRO B 393 94.84 20.45 22.22
CA PRO B 393 95.55 19.80 23.32
C PRO B 393 95.22 20.47 24.66
N PRO B 394 94.57 19.75 25.61
CA PRO B 394 94.27 20.40 26.90
C PRO B 394 95.45 20.35 27.85
N LYS B 395 96.35 21.32 27.73
CA LYS B 395 97.50 21.38 28.62
C LYS B 395 97.10 21.60 30.07
N GLU B 396 95.90 22.13 30.32
CA GLU B 396 95.36 22.21 31.67
C GLU B 396 94.88 20.83 32.11
N LYS B 397 94.96 20.58 33.41
CA LYS B 397 94.47 19.35 34.00
C LYS B 397 93.90 19.66 35.37
N SER B 398 92.98 18.80 35.80
CA SER B 398 92.33 18.94 37.10
C SER B 398 92.09 17.55 37.69
N ASN B 399 92.10 17.48 39.02
CA ASN B 399 91.81 16.24 39.72
C ASN B 399 90.35 15.83 39.65
N PHE B 400 89.47 16.70 39.15
CA PHE B 400 88.05 16.40 39.13
C PHE B 400 87.74 15.30 38.14
N SER B 401 86.73 14.49 38.50
CA SER B 401 86.24 13.41 37.66
C SER B 401 84.73 13.38 37.77
N LEU B 402 84.07 13.11 36.63
CA LEU B 402 82.61 13.15 36.54
C LEU B 402 82.11 11.95 35.77
N ALA B 403 80.89 11.53 36.09
CA ALA B 403 80.24 10.38 35.47
C ALA B 403 78.95 10.84 34.80
N ILE B 404 78.71 10.33 33.59
CA ILE B 404 77.56 10.73 32.77
C ILE B 404 76.59 9.56 32.72
N LEU B 405 75.34 9.80 33.11
CA LEU B 405 74.30 8.80 33.19
C LEU B 405 73.25 9.05 32.11
N ASN B 406 72.59 7.96 31.69
CA ASN B 406 71.37 8.02 30.90
C ASN B 406 70.29 7.25 31.66
N VAL B 407 69.27 7.98 32.13
CA VAL B 407 68.27 7.46 33.06
C VAL B 407 66.88 7.69 32.47
N GLY B 408 65.99 6.73 32.70
CA GLY B 408 64.61 6.84 32.25
C GLY B 408 64.36 6.11 30.95
N ALA B 409 63.45 6.63 30.13
CA ALA B 409 63.30 6.13 28.77
C ALA B 409 64.43 6.66 27.89
N PRO B 410 64.72 5.99 26.77
CA PRO B 410 65.60 6.62 25.79
C PRO B 410 64.91 7.80 25.14
N ALA B 411 65.68 8.86 24.87
CA ALA B 411 65.18 10.06 24.24
C ALA B 411 66.14 10.48 23.14
N ALA B 412 65.59 10.85 21.99
CA ALA B 412 66.41 11.32 20.88
C ALA B 412 67.14 12.59 21.28
N GLY B 413 68.48 12.54 21.21
CA GLY B 413 69.35 13.63 21.60
C GLY B 413 70.14 13.40 22.87
N MET B 414 69.88 12.31 23.61
CA MET B 414 70.74 11.95 24.72
C MET B 414 72.18 11.76 24.26
N ASN B 415 72.36 11.06 23.13
CA ASN B 415 73.70 10.79 22.60
C ASN B 415 74.42 12.08 22.25
N ALA B 416 73.72 13.04 21.63
CA ALA B 416 74.31 14.34 21.35
C ALA B 416 74.77 15.03 22.64
N ALA B 417 73.93 14.98 23.67
CA ALA B 417 74.29 15.58 24.96
C ALA B 417 75.52 14.90 25.55
N VAL B 418 75.58 13.57 25.49
CA VAL B 418 76.71 12.86 26.08
C VAL B 418 77.99 13.17 25.32
N ARG B 419 77.90 13.24 23.98
CA ARG B 419 79.06 13.57 23.17
C ARG B 419 79.63 14.93 23.58
N SER B 420 78.76 15.94 23.62
CA SER B 420 79.21 17.29 23.98
C SER B 420 79.76 17.34 25.40
N ALA B 421 79.10 16.65 26.33
CA ALA B 421 79.60 16.61 27.70
C ALA B 421 80.98 15.98 27.78
N VAL B 422 81.22 14.92 26.99
CA VAL B 422 82.50 14.24 27.01
C VAL B 422 83.61 15.15 26.48
N ARG B 423 83.37 15.75 25.32
CA ARG B 423 84.38 16.64 24.72
C ARG B 423 84.65 17.84 25.61
N THR B 424 83.60 18.46 26.14
CA THR B 424 83.78 19.65 26.97
C THR B 424 84.49 19.30 28.27
N GLY B 425 84.18 18.13 28.86
CA GLY B 425 84.88 17.71 30.06
C GLY B 425 86.34 17.41 29.81
N ILE B 426 86.65 16.75 28.70
CA ILE B 426 88.05 16.47 28.35
C ILE B 426 88.79 17.78 28.10
N SER B 427 88.12 18.75 27.46
CA SER B 427 88.75 20.03 27.18
C SER B 427 89.13 20.75 28.46
N HIS B 428 88.31 20.63 29.50
CA HIS B 428 88.57 21.22 30.80
C HIS B 428 89.42 20.34 31.71
N GLY B 429 90.01 19.26 31.17
CA GLY B 429 90.91 18.42 31.94
C GLY B 429 90.25 17.46 32.89
N HIS B 430 88.92 17.39 32.93
CA HIS B 430 88.24 16.47 33.82
C HIS B 430 88.43 15.03 33.34
N THR B 431 88.31 14.10 34.28
CA THR B 431 88.31 12.66 33.97
C THR B 431 86.86 12.23 33.82
N VAL B 432 86.43 12.05 32.58
CA VAL B 432 85.03 11.79 32.27
C VAL B 432 84.81 10.29 32.25
N TYR B 433 83.87 9.82 33.07
CA TYR B 433 83.36 8.47 33.02
C TYR B 433 81.96 8.47 32.42
N VAL B 434 81.58 7.35 31.81
CA VAL B 434 80.20 7.08 31.40
C VAL B 434 79.82 5.75 32.01
N VAL B 435 78.63 5.70 32.63
CA VAL B 435 78.09 4.49 33.23
C VAL B 435 76.95 4.00 32.35
N HIS B 436 77.01 2.73 31.97
CA HIS B 436 76.04 2.14 31.07
C HIS B 436 74.89 1.56 31.87
N ASP B 437 73.66 1.81 31.40
CA ASP B 437 72.41 1.42 32.05
C ASP B 437 72.09 2.28 33.28
N GLY B 438 72.60 3.52 33.31
CA GLY B 438 72.18 4.49 34.30
C GLY B 438 72.52 4.08 35.72
N PHE B 439 71.54 4.25 36.62
CA PHE B 439 71.77 3.93 38.03
C PHE B 439 72.01 2.46 38.27
N GLU B 440 71.42 1.58 37.43
CA GLU B 440 71.74 0.16 37.53
C GLU B 440 73.22 -0.08 37.33
N GLY B 441 73.81 0.52 36.28
CA GLY B 441 75.24 0.39 36.07
C GLY B 441 76.06 1.02 37.17
N LEU B 442 75.63 2.18 37.67
CA LEU B 442 76.34 2.84 38.76
C LEU B 442 76.37 1.96 39.99
N ALA B 443 75.25 1.31 40.31
CA ALA B 443 75.23 0.33 41.38
C ALA B 443 76.11 -0.87 41.05
N LYS B 444 75.98 -1.40 39.83
CA LYS B 444 76.73 -2.57 39.41
C LYS B 444 78.17 -2.25 39.01
N GLY B 445 78.56 -0.98 38.99
CA GLY B 445 79.93 -0.63 38.65
C GLY B 445 80.25 -0.79 37.18
N GLN B 446 79.28 -0.59 36.29
CA GLN B 446 79.52 -0.60 34.85
C GLN B 446 80.06 0.75 34.37
N VAL B 447 81.17 1.16 34.99
CA VAL B 447 81.78 2.46 34.76
C VAL B 447 82.97 2.23 33.84
N GLN B 448 82.98 2.95 32.72
CA GLN B 448 84.01 2.83 31.70
C GLN B 448 84.50 4.24 31.39
N GLU B 449 85.78 4.50 31.62
CA GLU B 449 86.34 5.79 31.24
C GLU B 449 86.27 5.95 29.72
N VAL B 450 85.96 7.17 29.30
CA VAL B 450 85.64 7.50 27.92
C VAL B 450 86.62 8.55 27.43
N GLY B 451 86.89 8.53 26.12
CA GLY B 451 87.78 9.47 25.48
C GLY B 451 87.04 10.33 24.46
N TRP B 452 87.83 11.19 23.80
CA TRP B 452 87.29 12.06 22.76
C TRP B 452 86.61 11.26 21.66
N HIS B 453 87.32 10.29 21.09
CA HIS B 453 86.84 9.58 19.91
C HIS B 453 85.86 8.46 20.24
N ASP B 454 85.69 8.12 21.52
CA ASP B 454 84.71 7.10 21.87
C ASP B 454 83.28 7.56 21.62
N VAL B 455 83.04 8.86 21.57
CA VAL B 455 81.71 9.41 21.28
C VAL B 455 81.59 9.89 19.82
N ALA B 456 82.51 9.47 18.96
CA ALA B 456 82.52 9.93 17.57
C ALA B 456 81.26 9.49 16.84
N GLY B 457 80.57 10.45 16.23
CA GLY B 457 79.36 10.18 15.48
C GLY B 457 78.15 9.83 16.33
N TRP B 458 78.12 10.24 17.59
CA TRP B 458 76.96 10.00 18.44
C TRP B 458 75.85 11.02 18.23
N LEU B 459 76.11 12.10 17.49
CA LEU B 459 75.11 13.15 17.28
C LEU B 459 73.83 12.60 16.66
N GLY B 460 73.92 12.05 15.46
CA GLY B 460 72.74 11.60 14.74
C GLY B 460 72.15 10.29 15.19
N ARG B 461 72.77 9.60 16.15
CA ARG B 461 72.30 8.30 16.59
C ARG B 461 71.11 8.48 17.54
N GLY B 462 69.95 7.93 17.16
CA GLY B 462 68.78 7.98 18.01
C GLY B 462 68.86 7.00 19.17
N GLY B 463 67.90 7.16 20.07
CA GLY B 463 67.87 6.32 21.25
C GLY B 463 68.98 6.71 22.21
N SER B 464 69.73 5.71 22.67
CA SER B 464 70.78 5.93 23.67
C SER B 464 71.89 4.91 23.44
N MET B 465 73.09 5.40 23.12
CA MET B 465 74.25 4.53 23.07
C MET B 465 74.53 3.92 24.44
N LEU B 466 74.65 4.76 25.46
CA LEU B 466 74.63 4.26 26.82
C LEU B 466 73.25 3.66 27.09
N GLY B 467 73.22 2.60 27.89
CA GLY B 467 71.95 2.02 28.26
C GLY B 467 71.16 2.97 29.13
N THR B 468 69.84 2.79 29.11
CA THR B 468 68.92 3.50 30.00
C THR B 468 68.18 2.48 30.86
N LYS B 469 67.98 2.84 32.12
CA LYS B 469 67.14 2.09 33.03
C LYS B 469 66.34 3.06 33.87
N ARG B 470 65.09 2.70 34.17
CA ARG B 470 64.21 3.54 34.97
C ARG B 470 64.41 3.37 36.46
N THR B 471 65.32 2.50 36.90
CA THR B 471 65.38 2.14 38.32
C THR B 471 65.91 3.32 39.13
N LEU B 472 65.16 3.71 40.14
CA LEU B 472 65.57 4.83 40.96
C LEU B 472 66.70 4.42 41.90
N PRO B 473 67.54 5.36 42.33
CA PRO B 473 68.75 4.98 43.09
C PRO B 473 68.52 4.63 44.54
N LYS B 474 67.30 4.81 45.09
CA LYS B 474 67.11 4.62 46.52
C LYS B 474 67.30 3.16 46.92
N GLY B 475 66.87 2.22 46.07
CA GLY B 475 66.97 0.82 46.43
C GLY B 475 68.40 0.34 46.57
N GLN B 476 69.26 0.73 45.63
CA GLN B 476 70.66 0.31 45.59
C GLN B 476 71.59 1.46 45.94
N LEU B 477 71.22 2.26 46.95
CA LEU B 477 71.99 3.44 47.27
C LEU B 477 73.35 3.09 47.85
N GLU B 478 73.45 1.97 48.57
CA GLU B 478 74.74 1.54 49.09
C GLU B 478 75.71 1.19 47.97
N SER B 479 75.21 0.55 46.91
CA SER B 479 76.06 0.23 45.78
C SER B 479 76.49 1.47 45.03
N ILE B 480 75.62 2.48 44.94
CA ILE B 480 75.94 3.70 44.22
C ILE B 480 77.05 4.46 44.94
N VAL B 481 76.92 4.63 46.26
CA VAL B 481 77.95 5.33 47.01
C VAL B 481 79.26 4.55 47.00
N GLU B 482 79.18 3.22 47.00
CA GLU B 482 80.40 2.41 46.95
C GLU B 482 81.13 2.63 45.64
N ASN B 483 80.40 2.62 44.52
CA ASN B 483 81.04 2.82 43.22
C ASN B 483 81.54 4.24 43.03
N ILE B 484 80.84 5.22 43.61
CA ILE B 484 81.35 6.60 43.58
C ILE B 484 82.68 6.68 44.34
N ARG B 485 82.76 5.98 45.47
CA ARG B 485 84.02 5.98 46.22
C ARG B 485 85.13 5.25 45.46
N ILE B 486 84.80 4.11 44.84
CA ILE B 486 85.82 3.33 44.14
C ILE B 486 86.40 4.14 42.98
N TYR B 487 85.53 4.70 42.15
CA TYR B 487 85.95 5.44 40.96
C TYR B 487 86.26 6.92 41.24
N GLY B 488 86.05 7.39 42.47
CA GLY B 488 86.37 8.77 42.80
C GLY B 488 85.56 9.78 42.02
N ILE B 489 84.26 9.54 41.90
CA ILE B 489 83.39 10.37 41.07
C ILE B 489 83.06 11.63 41.86
N HIS B 490 83.54 12.78 41.38
CA HIS B 490 83.34 14.07 42.05
C HIS B 490 82.12 14.82 41.56
N ALA B 491 81.60 14.48 40.38
CA ALA B 491 80.40 15.10 39.85
C ALA B 491 79.59 14.06 39.08
N LEU B 492 78.31 14.36 38.88
CA LEU B 492 77.37 13.43 38.26
C LEU B 492 76.50 14.19 37.29
N LEU B 493 76.58 13.84 36.01
CA LEU B 493 75.79 14.46 34.95
C LEU B 493 74.72 13.46 34.49
N VAL B 494 73.47 13.72 34.84
CA VAL B 494 72.38 12.77 34.64
C VAL B 494 71.51 13.31 33.51
N VAL B 495 71.55 12.63 32.37
CA VAL B 495 70.78 13.01 31.17
C VAL B 495 69.58 12.08 31.10
N GLY B 496 68.37 12.60 31.32
CA GLY B 496 67.23 11.71 31.30
C GLY B 496 65.95 12.40 31.69
N GLY B 497 64.91 11.59 31.83
CA GLY B 497 63.57 12.07 32.06
C GLY B 497 63.24 12.30 33.52
N PHE B 498 61.96 12.12 33.86
CA PHE B 498 61.52 12.31 35.23
C PHE B 498 62.26 11.39 36.20
N GLU B 499 62.64 10.20 35.75
CA GLU B 499 63.38 9.30 36.62
C GLU B 499 64.77 9.86 36.91
N ALA B 500 65.37 10.57 35.95
CA ALA B 500 66.66 11.22 36.19
C ALA B 500 66.54 12.29 37.27
N TYR B 501 65.56 13.19 37.13
CA TYR B 501 65.36 14.24 38.12
C TYR B 501 65.02 13.66 39.49
N GLU B 502 64.12 12.66 39.51
CA GLU B 502 63.74 12.06 40.79
C GLU B 502 64.92 11.35 41.44
N GLY B 503 65.75 10.68 40.65
CA GLY B 503 66.90 10.00 41.21
C GLY B 503 67.93 10.97 41.77
N VAL B 504 68.22 12.05 41.05
CA VAL B 504 69.11 13.07 41.57
C VAL B 504 68.53 13.69 42.83
N LEU B 505 67.21 13.85 42.88
CA LEU B 505 66.60 14.36 44.10
C LEU B 505 66.79 13.39 45.26
N GLN B 506 66.70 12.08 44.99
CA GLN B 506 66.91 11.10 46.04
C GLN B 506 68.35 11.11 46.54
N LEU B 507 69.32 11.28 45.65
CA LEU B 507 70.70 11.35 46.08
C LEU B 507 70.95 12.62 46.90
N VAL B 508 70.29 13.73 46.53
CA VAL B 508 70.45 14.97 47.26
C VAL B 508 69.85 14.84 48.66
N GLU B 509 68.68 14.21 48.74
CA GLU B 509 68.04 14.01 50.04
C GLU B 509 68.82 13.05 50.92
N ALA B 510 69.56 12.12 50.32
CA ALA B 510 70.38 11.17 51.06
C ALA B 510 71.78 11.69 51.38
N ARG B 511 72.11 12.92 50.98
CA ARG B 511 73.39 13.52 51.36
C ARG B 511 73.58 13.55 52.87
N GLY B 512 72.50 13.78 53.61
CA GLY B 512 72.59 13.80 55.07
C GLY B 512 73.06 12.49 55.66
N ARG B 513 72.74 11.37 55.00
CA ARG B 513 73.15 10.05 55.48
C ARG B 513 74.55 9.67 54.99
N TYR B 514 74.90 10.03 53.74
CA TYR B 514 76.14 9.63 53.11
C TYR B 514 76.93 10.87 52.74
N GLU B 515 78.17 10.96 53.23
CA GLU B 515 79.04 12.08 52.88
C GLU B 515 79.43 12.06 51.41
N GLU B 516 79.57 10.87 50.82
CA GLU B 516 80.07 10.78 49.45
C GLU B 516 79.09 11.37 48.45
N LEU B 517 77.80 11.38 48.77
CA LEU B 517 76.80 11.95 47.87
C LEU B 517 76.84 13.47 47.84
N CYS B 518 77.67 14.13 48.66
CA CYS B 518 77.81 15.58 48.61
C CYS B 518 78.71 15.97 47.44
N ILE B 519 78.21 15.71 46.24
CA ILE B 519 78.90 15.96 44.98
C ILE B 519 78.00 16.83 44.12
N VAL B 520 78.61 17.69 43.31
CA VAL B 520 77.83 18.53 42.41
C VAL B 520 77.12 17.64 41.41
N MET B 521 75.83 17.88 41.23
CA MET B 521 74.99 17.10 40.33
C MET B 521 74.30 18.05 39.37
N CYS B 522 74.07 17.56 38.15
CA CYS B 522 73.32 18.31 37.15
C CYS B 522 72.42 17.34 36.40
N VAL B 523 71.19 17.78 36.17
CA VAL B 523 70.18 17.00 35.45
C VAL B 523 69.95 17.69 34.11
N ILE B 524 70.15 16.95 33.03
CA ILE B 524 69.74 17.37 31.70
C ILE B 524 68.39 16.72 31.41
N PRO B 525 67.29 17.47 31.32
CA PRO B 525 66.00 16.81 31.04
C PRO B 525 65.94 16.32 29.60
N ALA B 526 65.85 15.00 29.46
CA ALA B 526 65.83 14.33 28.15
C ALA B 526 64.73 13.28 28.17
N THR B 527 63.57 13.62 27.62
CA THR B 527 62.45 12.67 27.58
C THR B 527 61.47 13.07 26.49
N ILE B 528 60.72 12.07 26.05
CA ILE B 528 59.67 12.27 25.07
C ILE B 528 58.54 13.10 25.64
N SER B 529 58.16 12.84 26.89
CA SER B 529 56.93 13.42 27.44
C SER B 529 57.05 14.92 27.71
N ASN B 530 58.27 15.45 27.81
CA ASN B 530 58.50 16.81 28.28
C ASN B 530 57.86 17.04 29.64
N ASN B 531 58.01 16.05 30.53
CA ASN B 531 57.36 16.03 31.83
C ASN B 531 58.33 16.31 32.98
N VAL B 532 59.51 16.85 32.69
CA VAL B 532 60.55 17.04 33.70
C VAL B 532 60.40 18.47 34.24
N PRO B 533 60.23 18.67 35.55
CA PRO B 533 60.14 20.05 36.04
C PRO B 533 61.48 20.77 35.91
N GLY B 534 61.38 22.09 35.75
CA GLY B 534 62.54 22.95 35.64
C GLY B 534 62.92 23.35 34.24
N THR B 535 62.22 22.88 33.21
CA THR B 535 62.50 23.21 31.82
C THR B 535 61.19 23.34 31.08
N ASP B 536 61.26 23.99 29.92
CA ASP B 536 60.12 24.05 29.00
C ASP B 536 60.19 22.97 27.93
N PHE B 537 61.39 22.59 27.49
CA PHE B 537 61.58 21.60 26.43
C PHE B 537 62.58 20.57 26.89
N SER B 538 62.11 19.36 27.18
CA SER B 538 63.01 18.25 27.41
C SER B 538 63.69 17.85 26.11
N LEU B 539 64.93 17.41 26.23
CA LEU B 539 65.70 16.98 25.08
C LEU B 539 65.05 15.75 24.44
N GLY B 540 64.62 15.89 23.19
CA GLY B 540 63.92 14.83 22.48
C GLY B 540 62.42 14.97 22.44
N SER B 541 61.85 16.00 23.08
CA SER B 541 60.42 16.23 22.93
C SER B 541 60.10 16.69 21.51
N ASP B 542 60.98 17.53 20.93
CA ASP B 542 60.77 18.01 19.57
C ASP B 542 60.73 16.86 18.56
N THR B 543 61.61 15.86 18.71
CA THR B 543 61.58 14.70 17.83
C THR B 543 60.26 13.97 17.92
N ALA B 544 59.75 13.77 19.14
CA ALA B 544 58.48 13.06 19.31
C ALA B 544 57.34 13.84 18.70
N VAL B 545 57.35 15.16 18.85
CA VAL B 545 56.30 15.99 18.26
C VAL B 545 56.35 15.87 16.75
N ASN B 546 57.55 15.94 16.18
CA ASN B 546 57.69 15.86 14.73
C ASN B 546 57.24 14.50 14.19
N ALA B 547 57.62 13.41 14.86
CA ALA B 547 57.16 12.09 14.46
C ALA B 547 55.65 11.96 14.60
N ALA B 548 55.09 12.55 15.66
CA ALA B 548 53.66 12.46 15.88
C ALA B 548 52.87 13.18 14.78
N MET B 549 53.28 14.39 14.42
CA MET B 549 52.55 15.12 13.39
C MET B 549 52.68 14.44 12.03
N GLU B 550 53.86 13.88 11.74
CA GLU B 550 54.08 13.19 10.48
C GLU B 550 53.11 12.02 10.33
N SER B 551 52.94 11.25 11.40
CA SER B 551 51.95 10.19 11.40
C SER B 551 50.53 10.75 11.29
N CYS B 552 50.25 11.85 12.00
CA CYS B 552 48.92 12.45 11.93
C CYS B 552 48.64 13.01 10.54
N ASP B 553 49.64 13.63 9.91
CA ASP B 553 49.47 14.12 8.54
C ASP B 553 49.21 12.97 7.58
N ARG B 554 49.95 11.88 7.73
CA ARG B 554 49.68 10.68 6.94
C ARG B 554 48.27 10.18 7.20
N ILE B 555 47.87 10.09 8.47
CA ILE B 555 46.56 9.57 8.82
C ILE B 555 45.47 10.48 8.28
N LYS B 556 45.68 11.79 8.36
CA LYS B 556 44.72 12.73 7.77
C LYS B 556 44.73 12.66 6.25
N GLN B 557 45.89 12.40 5.65
CA GLN B 557 45.98 12.27 4.20
C GLN B 557 45.26 11.04 3.65
N SER B 558 44.81 10.11 4.49
CA SER B 558 44.38 8.80 4.02
C SER B 558 42.92 8.77 3.59
N ALA B 559 42.03 9.48 4.27
CA ALA B 559 40.73 9.76 3.68
C ALA B 559 40.93 10.69 2.49
N SER B 560 40.21 10.43 1.40
CA SER B 560 40.47 11.10 0.13
C SER B 560 39.17 11.38 -0.59
N GLY B 561 39.15 12.51 -1.29
CA GLY B 561 38.00 12.88 -2.11
C GLY B 561 36.77 13.14 -1.28
N THR B 562 35.71 12.39 -1.57
CA THR B 562 34.40 12.66 -0.98
C THR B 562 34.34 12.23 0.49
N LYS B 563 35.16 11.27 0.91
CA LYS B 563 34.93 10.57 2.17
C LYS B 563 35.13 11.50 3.36
N ARG B 564 34.09 11.64 4.17
CA ARG B 564 34.13 12.41 5.40
C ARG B 564 34.49 11.47 6.55
N ARG B 565 35.68 11.65 7.12
CA ARG B 565 36.13 10.78 8.20
C ARG B 565 36.95 11.52 9.23
N VAL B 566 36.69 11.18 10.50
CA VAL B 566 37.41 11.67 11.68
C VAL B 566 38.34 10.57 12.14
N PHE B 567 39.55 10.95 12.55
CA PHE B 567 40.52 10.02 13.12
C PHE B 567 40.79 10.39 14.57
N ILE B 568 40.58 9.43 15.47
CA ILE B 568 41.01 9.54 16.86
C ILE B 568 42.44 9.00 16.91
N VAL B 569 43.40 9.88 17.19
CA VAL B 569 44.80 9.51 17.30
C VAL B 569 45.18 9.59 18.78
N GLU B 570 45.73 8.50 19.32
CA GLU B 570 46.21 8.45 20.69
C GLU B 570 47.72 8.69 20.70
N THR B 571 48.14 9.72 21.44
CA THR B 571 49.55 10.04 21.61
C THR B 571 50.04 9.57 22.98
N MET B 572 51.36 9.43 23.09
CA MET B 572 52.01 9.08 24.34
C MET B 572 52.27 10.35 25.13
N GLY B 573 53.02 10.22 26.24
CA GLY B 573 53.39 11.33 27.10
C GLY B 573 52.95 11.15 28.55
N GLY B 574 52.42 9.98 28.89
CA GLY B 574 51.92 9.74 30.23
C GLY B 574 50.80 10.70 30.59
N TYR B 575 50.85 11.20 31.82
CA TYR B 575 49.90 12.21 32.26
C TYR B 575 50.22 13.59 31.71
N CYS B 576 51.45 13.81 31.23
CA CYS B 576 51.80 15.10 30.66
C CYS B 576 51.17 15.23 29.28
N GLY B 577 50.29 16.20 29.13
CA GLY B 577 49.60 16.40 27.89
C GLY B 577 50.34 17.16 26.83
N TYR B 578 51.55 17.68 27.13
CA TYR B 578 52.30 18.57 26.24
C TYR B 578 52.33 18.05 24.81
N LEU B 579 52.74 16.79 24.64
CA LEU B 579 52.89 16.21 23.32
C LEU B 579 51.58 16.22 22.54
N ALA B 580 50.48 15.86 23.19
CA ALA B 580 49.19 15.87 22.53
C ALA B 580 48.81 17.27 22.08
N THR B 581 49.02 18.27 22.92
CA THR B 581 48.49 19.60 22.64
C THR B 581 49.28 20.27 21.53
N VAL B 582 50.62 20.24 21.63
CA VAL B 582 51.45 20.81 20.57
C VAL B 582 51.24 20.07 19.27
N THR B 583 51.13 18.73 19.32
CA THR B 583 50.83 17.97 18.11
C THR B 583 49.49 18.39 17.51
N GLY B 584 48.51 18.68 18.37
CA GLY B 584 47.23 19.12 17.87
C GLY B 584 47.31 20.49 17.19
N ILE B 585 48.14 21.37 17.75
CA ILE B 585 48.38 22.66 17.12
C ILE B 585 49.07 22.48 15.78
N ALA B 586 50.12 21.64 15.76
CA ALA B 586 50.90 21.45 14.54
C ALA B 586 50.06 20.84 13.43
N VAL B 587 49.13 19.95 13.77
CA VAL B 587 48.36 19.20 12.77
C VAL B 587 46.98 19.79 12.55
N GLY B 588 46.63 20.88 13.23
CA GLY B 588 45.27 21.39 13.14
C GLY B 588 44.24 20.43 13.70
N ALA B 589 44.58 19.74 14.78
CA ALA B 589 43.62 18.84 15.40
C ALA B 589 42.46 19.63 15.98
N ASP B 590 41.26 19.07 15.87
CA ASP B 590 40.08 19.72 16.43
C ASP B 590 40.16 19.78 17.95
N ALA B 591 40.51 18.66 18.59
CA ALA B 591 40.63 18.59 20.05
C ALA B 591 41.83 17.75 20.43
N ALA B 592 42.46 18.12 21.55
CA ALA B 592 43.56 17.36 22.15
C ALA B 592 43.18 17.11 23.61
N TYR B 593 42.52 15.99 23.87
CA TYR B 593 42.12 15.64 25.23
C TYR B 593 43.34 15.28 26.07
N VAL B 594 43.52 16.00 27.19
CA VAL B 594 44.68 15.84 28.06
C VAL B 594 44.22 15.78 29.51
N PHE B 595 45.09 15.22 30.34
CA PHE B 595 44.81 15.11 31.77
C PHE B 595 44.67 16.47 32.42
N GLU B 596 45.56 17.42 32.06
CA GLU B 596 45.58 18.70 32.74
C GLU B 596 44.33 19.55 32.47
N ASP B 597 43.54 19.19 31.46
CA ASP B 597 42.29 19.87 31.12
C ASP B 597 41.19 18.83 31.26
N PRO B 598 40.69 18.57 32.48
CA PRO B 598 39.70 17.51 32.65
C PRO B 598 38.42 17.81 31.90
N PHE B 599 37.90 16.77 31.24
CA PHE B 599 36.72 16.86 30.39
C PHE B 599 35.75 15.77 30.80
N ASN B 600 34.47 16.10 30.75
CA ASN B 600 33.36 15.19 31.07
C ASN B 600 32.55 14.97 29.81
N ILE B 601 31.47 14.19 29.93
CA ILE B 601 30.68 13.83 28.76
C ILE B 601 29.98 15.06 28.16
N HIS B 602 29.70 16.08 28.98
CA HIS B 602 29.11 17.30 28.42
C HIS B 602 30.07 17.96 27.43
N ASP B 603 31.36 18.03 27.78
CA ASP B 603 32.35 18.58 26.85
C ASP B 603 32.46 17.71 25.61
N LEU B 604 32.37 16.39 25.77
CA LEU B 604 32.47 15.50 24.62
C LEU B 604 31.30 15.69 23.67
N LYS B 605 30.07 15.84 24.18
CA LYS B 605 28.93 16.07 23.30
C LYS B 605 29.06 17.39 22.57
N VAL B 606 29.56 18.43 23.27
CA VAL B 606 29.81 19.71 22.63
C VAL B 606 30.80 19.55 21.48
N ASN B 607 31.91 18.87 21.74
CA ASN B 607 32.95 18.72 20.73
C ASN B 607 32.50 17.82 19.59
N VAL B 608 31.66 16.82 19.88
CA VAL B 608 31.20 15.92 18.83
C VAL B 608 30.22 16.63 17.91
N GLU B 609 29.29 17.39 18.49
CA GLU B 609 28.38 18.19 17.68
C GLU B 609 29.14 19.26 16.90
N HIS B 610 30.17 19.83 17.52
CA HIS B 610 31.05 20.77 16.82
C HIS B 610 31.71 20.11 15.62
N MET B 611 32.23 18.90 15.81
CA MET B 611 32.83 18.17 14.70
C MET B 611 31.79 17.85 13.62
N THR B 612 30.58 17.47 14.04
CA THR B 612 29.53 17.13 13.09
C THR B 612 29.17 18.34 12.22
N GLU B 613 29.01 19.51 12.86
CA GLU B 613 28.69 20.72 12.10
C GLU B 613 29.83 21.08 11.15
N LYS B 614 31.07 20.92 11.60
CA LYS B 614 32.21 21.16 10.74
C LYS B 614 32.24 20.19 9.57
N MET B 615 31.90 18.92 9.82
CA MET B 615 31.95 17.92 8.77
C MET B 615 30.81 18.08 7.77
N LYS B 616 29.76 18.82 8.12
CA LYS B 616 28.75 19.19 7.13
C LYS B 616 29.24 20.31 6.22
N THR B 617 30.23 21.09 6.65
CA THR B 617 30.85 22.10 5.81
C THR B 617 31.81 21.41 4.83
N ASP B 618 32.62 22.20 4.11
CA ASP B 618 33.47 21.65 3.07
C ASP B 618 34.75 21.00 3.60
N ILE B 619 35.08 21.15 4.88
CA ILE B 619 36.18 20.40 5.47
C ILE B 619 35.68 19.01 5.83
N GLN B 620 36.43 17.99 5.41
CA GLN B 620 35.96 16.60 5.42
C GLN B 620 36.79 15.69 6.30
N ARG B 621 37.94 16.14 6.81
CA ARG B 621 38.84 15.31 7.61
C ARG B 621 39.08 15.97 8.95
N GLY B 622 38.28 15.60 9.94
CA GLY B 622 38.55 15.99 11.31
C GLY B 622 39.65 15.14 11.92
N LEU B 623 40.33 15.71 12.92
CA LEU B 623 41.33 14.97 13.67
C LEU B 623 41.34 15.46 15.11
N VAL B 624 41.11 14.54 16.05
CA VAL B 624 41.21 14.81 17.48
C VAL B 624 42.34 13.95 18.02
N LEU B 625 43.12 14.51 18.96
CA LEU B 625 44.15 13.78 19.66
C LEU B 625 43.69 13.39 21.06
N ARG B 626 44.13 12.21 21.51
CA ARG B 626 43.90 11.73 22.87
C ARG B 626 45.23 11.42 23.52
N ASN B 627 45.55 12.11 24.61
CA ASN B 627 46.67 11.68 25.43
C ASN B 627 46.32 10.33 26.05
N GLU B 628 47.32 9.45 26.12
CA GLU B 628 47.10 8.06 26.53
C GLU B 628 46.45 7.93 27.90
N LYS B 629 46.74 8.86 28.81
CA LYS B 629 46.25 8.83 30.19
C LYS B 629 45.44 10.08 30.52
N CYS B 630 44.70 10.61 29.54
CA CYS B 630 43.91 11.81 29.80
C CYS B 630 42.72 11.51 30.69
N HIS B 631 42.08 10.35 30.50
CA HIS B 631 40.85 10.00 31.19
C HIS B 631 40.88 8.54 31.60
N ASP B 632 40.26 8.26 32.75
CA ASP B 632 40.25 6.90 33.27
C ASP B 632 39.30 6.00 32.50
N TYR B 633 38.17 6.54 32.08
CA TYR B 633 37.08 5.77 31.47
C TYR B 633 36.82 6.11 30.02
N TYR B 634 36.92 7.37 29.63
CA TYR B 634 36.67 7.77 28.24
C TYR B 634 37.92 7.47 27.42
N THR B 635 38.14 6.18 27.20
CA THR B 635 39.32 5.70 26.52
C THR B 635 39.22 6.00 25.02
N THR B 636 40.26 5.61 24.28
CA THR B 636 40.24 5.77 22.83
C THR B 636 39.11 4.95 22.21
N GLU B 637 38.84 3.77 22.76
CA GLU B 637 37.70 2.98 22.28
C GLU B 637 36.39 3.69 22.58
N PHE B 638 36.29 4.32 23.75
CA PHE B 638 35.10 5.09 24.08
C PHE B 638 34.90 6.23 23.10
N LEU B 639 35.94 7.02 22.85
CA LEU B 639 35.80 8.13 21.91
C LEU B 639 35.57 7.66 20.48
N TYR B 640 36.12 6.50 20.11
CA TYR B 640 35.77 5.90 18.82
C TYR B 640 34.27 5.63 18.74
N ASN B 641 33.73 4.99 19.79
CA ASN B 641 32.31 4.65 19.80
C ASN B 641 31.44 5.90 19.78
N LEU B 642 31.82 6.91 20.57
CA LEU B 642 31.04 8.14 20.65
C LEU B 642 31.00 8.86 19.31
N TYR B 643 32.18 9.14 18.74
CA TYR B 643 32.24 9.90 17.49
C TYR B 643 31.60 9.15 16.34
N SER B 644 31.79 7.82 16.29
CA SER B 644 31.21 7.05 15.19
C SER B 644 29.69 6.96 15.29
N SER B 645 29.16 6.92 16.52
CA SER B 645 27.71 6.86 16.68
C SER B 645 27.06 8.18 16.34
N GLU B 646 27.54 9.27 16.94
CA GLU B 646 26.91 10.58 16.73
C GLU B 646 27.12 11.08 15.31
N GLY B 647 28.24 10.71 14.68
CA GLY B 647 28.48 11.04 13.30
C GLY B 647 27.82 10.13 12.29
N LYS B 648 26.94 9.23 12.72
CA LYS B 648 26.27 8.31 11.81
C LYS B 648 25.49 9.09 10.76
N GLY B 649 25.70 8.73 9.49
CA GLY B 649 25.10 9.43 8.39
C GLY B 649 25.79 10.72 7.99
N VAL B 650 26.81 11.15 8.74
CA VAL B 650 27.59 12.35 8.44
C VAL B 650 29.04 12.00 8.14
N PHE B 651 29.68 11.24 9.03
CA PHE B 651 31.07 10.85 8.85
C PHE B 651 31.32 9.50 9.48
N ASP B 652 32.36 8.84 8.98
CA ASP B 652 32.91 7.63 9.54
C ASP B 652 34.01 7.99 10.55
N CYS B 653 34.31 7.05 11.44
CA CYS B 653 35.36 7.22 12.45
C CYS B 653 36.33 6.07 12.37
N ARG B 654 37.62 6.38 12.57
CA ARG B 654 38.66 5.36 12.66
C ARG B 654 39.64 5.74 13.76
N THR B 655 40.40 4.73 14.19
CA THR B 655 41.29 4.81 15.35
C THR B 655 42.71 4.44 14.93
N ASN B 656 43.68 5.18 15.46
CA ASN B 656 45.09 4.81 15.30
C ASN B 656 45.84 5.20 16.57
N VAL B 657 46.39 4.21 17.26
CA VAL B 657 47.20 4.44 18.45
C VAL B 657 48.65 4.52 17.98
N LEU B 658 49.17 5.73 17.88
CA LEU B 658 50.61 5.92 17.64
C LEU B 658 51.35 5.41 18.86
N GLY B 659 51.84 4.19 18.78
CA GLY B 659 52.60 3.63 19.89
C GLY B 659 54.00 4.17 19.92
N HIS B 660 54.98 3.31 19.70
CA HIS B 660 56.39 3.70 19.68
C HIS B 660 56.82 4.30 18.33
N LEU B 661 55.88 4.67 17.47
CA LEU B 661 56.22 5.50 16.31
C LEU B 661 56.72 6.87 16.72
N GLN B 662 56.40 7.32 17.93
CA GLN B 662 56.82 8.62 18.44
C GLN B 662 58.15 8.57 19.19
N GLN B 663 58.80 7.41 19.26
CA GLN B 663 59.87 7.15 20.21
C GLN B 663 61.23 6.95 19.53
N GLY B 664 61.33 6.01 18.59
CA GLY B 664 62.61 5.55 18.11
C GLY B 664 63.28 6.37 17.01
N GLY B 665 62.68 7.47 16.58
CA GLY B 665 63.25 8.21 15.47
C GLY B 665 64.59 8.83 15.82
N ALA B 666 65.39 9.07 14.79
CA ALA B 666 66.62 9.82 14.97
C ALA B 666 66.28 11.23 15.43
N PRO B 667 67.17 11.90 16.18
CA PRO B 667 66.84 13.24 16.66
C PRO B 667 66.72 14.24 15.51
N THR B 668 65.72 15.10 15.63
CA THR B 668 65.58 16.19 14.69
C THR B 668 66.76 17.15 14.87
N PRO B 669 67.02 18.03 13.89
CA PRO B 669 68.16 18.96 14.04
C PRO B 669 68.06 19.86 15.25
N PHE B 670 66.85 20.29 15.61
CA PHE B 670 66.65 21.05 16.83
C PHE B 670 67.16 20.27 18.04
N ASP B 671 66.74 19.01 18.17
CA ASP B 671 67.14 18.19 19.31
C ASP B 671 68.65 18.01 19.36
N ARG B 672 69.29 17.81 18.20
CA ARG B 672 70.74 17.66 18.16
C ARG B 672 71.44 18.93 18.64
N ASN B 673 71.06 20.08 18.07
CA ASN B 673 71.68 21.35 18.46
C ASN B 673 71.40 21.67 19.91
N TYR B 674 70.16 21.47 20.35
CA TYR B 674 69.78 21.78 21.73
C TYR B 674 70.59 20.94 22.72
N GLY B 675 70.61 19.62 22.51
CA GLY B 675 71.40 18.76 23.39
C GLY B 675 72.88 19.05 23.34
N THR B 676 73.39 19.40 22.16
CA THR B 676 74.77 19.85 22.04
C THR B 676 75.03 21.06 22.93
N LYS B 677 74.22 22.11 22.77
CA LYS B 677 74.46 23.37 23.47
C LYS B 677 74.34 23.21 24.98
N LEU B 678 73.23 22.63 25.44
CA LEU B 678 73.03 22.52 26.88
C LEU B 678 74.01 21.55 27.52
N GLY B 679 74.43 20.51 26.79
CA GLY B 679 75.49 19.64 27.29
C GLY B 679 76.78 20.40 27.52
N VAL B 680 77.14 21.28 26.59
CA VAL B 680 78.27 22.18 26.80
C VAL B 680 78.02 23.07 28.01
N LYS B 681 76.83 23.69 28.06
CA LYS B 681 76.53 24.63 29.14
C LYS B 681 76.48 23.92 30.49
N ALA B 682 75.94 22.70 30.52
CA ALA B 682 75.93 21.94 31.76
C ALA B 682 77.34 21.62 32.22
N MET B 683 78.24 21.34 31.28
CA MET B 683 79.62 21.05 31.66
C MET B 683 80.34 22.31 32.12
N LEU B 684 80.05 23.45 31.49
CA LEU B 684 80.61 24.72 31.96
C LEU B 684 80.14 25.02 33.38
N TRP B 685 78.84 24.87 33.62
CA TRP B 685 78.30 25.14 34.95
C TRP B 685 78.84 24.16 35.98
N LEU B 686 79.02 22.89 35.58
CA LEU B 686 79.61 21.92 36.49
C LEU B 686 81.03 22.31 36.86
N SER B 687 81.84 22.72 35.88
CA SER B 687 83.22 23.10 36.16
C SER B 687 83.28 24.32 37.07
N GLU B 688 82.41 25.31 36.84
CA GLU B 688 82.41 26.50 37.67
C GLU B 688 81.99 26.17 39.10
N LYS B 689 80.94 25.35 39.26
CA LYS B 689 80.49 24.99 40.60
C LYS B 689 81.55 24.15 41.31
N LEU B 690 82.22 23.26 40.59
CA LEU B 690 83.21 22.39 41.21
C LEU B 690 84.43 23.18 41.67
N ARG B 691 84.81 24.21 40.91
CA ARG B 691 85.89 25.09 41.36
C ARG B 691 85.45 25.95 42.54
N GLU B 692 84.19 26.36 42.58
CA GLU B 692 83.69 27.16 43.69
C GLU B 692 83.51 26.34 44.96
N VAL B 693 83.36 25.01 44.84
CA VAL B 693 83.08 24.15 45.98
C VAL B 693 84.33 23.40 46.46
N TYR B 694 85.42 23.41 45.69
CA TYR B 694 86.63 22.69 46.09
C TYR B 694 87.33 23.45 47.21
N ARG B 695 87.38 22.85 48.40
CA ARG B 695 88.03 23.46 49.55
C ARG B 695 88.54 22.35 50.46
N LYS B 696 89.60 22.67 51.21
CA LYS B 696 90.23 21.70 52.13
C LYS B 696 90.79 20.49 51.38
N GLY B 697 91.16 20.67 50.12
CA GLY B 697 91.73 19.59 49.34
C GLY B 697 90.75 18.55 48.84
N ARG B 698 89.45 18.75 49.03
CA ARG B 698 88.45 17.81 48.54
C ARG B 698 87.18 18.58 48.17
N VAL B 699 86.32 17.93 47.40
CA VAL B 699 85.05 18.50 47.00
C VAL B 699 83.99 18.09 48.02
N PHE B 700 83.20 19.08 48.47
CA PHE B 700 82.11 18.85 49.43
C PHE B 700 80.95 19.73 49.02
N ALA B 701 80.01 19.15 48.28
CA ALA B 701 78.85 19.86 47.75
C ALA B 701 77.62 19.47 48.57
N ASN B 702 77.28 20.30 49.55
CA ASN B 702 76.17 20.05 50.46
C ASN B 702 74.99 21.01 50.27
N ALA B 703 75.22 22.18 49.70
CA ALA B 703 74.15 23.15 49.55
C ALA B 703 73.14 22.67 48.51
N PRO B 704 71.89 23.16 48.56
CA PRO B 704 70.91 22.72 47.55
C PRO B 704 71.26 23.17 46.14
N ASP B 705 71.98 24.27 45.99
CA ASP B 705 72.30 24.80 44.67
C ASP B 705 73.24 23.90 43.87
N SER B 706 73.88 22.92 44.50
CA SER B 706 74.82 22.04 43.81
C SER B 706 74.15 20.91 43.04
N ALA B 707 72.82 20.84 43.03
CA ALA B 707 72.08 19.80 42.32
C ALA B 707 70.92 20.47 41.59
N CYS B 708 71.14 20.80 40.31
CA CYS B 708 70.23 21.62 39.54
C CYS B 708 69.83 20.94 38.24
N VAL B 709 68.65 21.28 37.76
CA VAL B 709 68.16 20.87 36.44
C VAL B 709 68.42 22.03 35.49
N ILE B 710 69.19 21.78 34.43
CA ILE B 710 69.43 22.82 33.43
C ILE B 710 68.12 23.10 32.69
N GLY B 711 67.83 24.38 32.52
CA GLY B 711 66.47 24.85 32.30
C GLY B 711 66.22 25.16 30.84
N LEU B 712 66.42 26.43 30.45
CA LEU B 712 65.76 27.09 29.32
C LEU B 712 64.28 27.20 29.67
N LYS B 713 63.98 28.03 30.67
CA LYS B 713 62.67 28.06 31.31
C LYS B 713 61.76 29.16 30.79
N LYS B 714 62.28 30.36 30.52
CA LYS B 714 61.51 31.42 29.89
C LYS B 714 62.32 32.12 28.81
N LYS B 715 63.46 32.71 29.19
CA LYS B 715 64.25 33.56 28.33
C LYS B 715 65.59 32.96 27.94
N ALA B 716 66.36 32.49 28.93
CA ALA B 716 67.67 31.90 28.70
C ALA B 716 67.80 30.66 29.57
N VAL B 717 68.97 30.03 29.52
CA VAL B 717 69.19 28.82 30.29
C VAL B 717 69.26 29.17 31.77
N ALA B 718 68.66 28.32 32.60
CA ALA B 718 68.61 28.49 34.05
C ALA B 718 69.06 27.20 34.71
N PHE B 719 69.28 27.28 36.02
CA PHE B 719 69.69 26.14 36.84
C PHE B 719 68.83 26.14 38.10
N SER B 720 67.80 25.32 38.09
CA SER B 720 66.84 25.25 39.18
C SER B 720 67.23 24.13 40.13
N PRO B 721 67.50 24.37 41.42
CA PRO B 721 67.83 23.26 42.31
C PRO B 721 66.68 22.27 42.42
N VAL B 722 67.03 20.98 42.49
CA VAL B 722 66.03 19.92 42.48
C VAL B 722 65.15 20.01 43.72
N THR B 723 65.72 20.41 44.85
CA THR B 723 64.92 20.54 46.07
C THR B 723 63.89 21.65 45.93
N GLU B 724 64.26 22.75 45.27
CA GLU B 724 63.31 23.83 45.06
C GLU B 724 62.21 23.42 44.08
N LEU B 725 62.57 22.65 43.05
CA LEU B 725 61.59 22.17 42.09
C LEU B 725 60.68 21.09 42.67
N LYS B 726 61.03 20.51 43.83
CA LYS B 726 60.19 19.48 44.44
C LYS B 726 58.81 20.03 44.80
N LYS B 727 58.72 21.33 45.11
CA LYS B 727 57.43 21.91 45.45
C LYS B 727 56.47 21.87 44.27
N ASP B 728 56.97 22.19 43.07
CA ASP B 728 56.15 22.29 41.85
C ASP B 728 56.22 21.02 41.02
N THR B 729 56.25 19.85 41.66
CA THR B 729 56.33 18.56 40.98
C THR B 729 55.21 17.66 41.50
N ASP B 730 54.40 17.15 40.58
CA ASP B 730 53.36 16.16 40.89
C ASP B 730 53.99 14.79 40.72
N PHE B 731 54.47 14.23 41.84
CA PHE B 731 55.22 12.98 41.77
C PHE B 731 54.32 11.78 41.45
N GLU B 732 53.05 11.84 41.85
CA GLU B 732 52.13 10.75 41.52
C GLU B 732 51.98 10.63 40.01
N HIS B 733 51.77 11.75 39.32
CA HIS B 733 51.61 11.78 37.87
C HIS B 733 52.91 11.98 37.12
N ARG B 734 54.02 12.23 37.81
CA ARG B 734 55.34 12.38 37.20
C ARG B 734 55.36 13.52 36.20
N MET B 735 54.96 14.70 36.66
CA MET B 735 54.93 15.90 35.83
C MET B 735 54.98 17.12 36.75
N PRO B 736 55.33 18.30 36.23
CA PRO B 736 55.25 19.51 37.05
C PRO B 736 53.82 19.95 37.27
N ARG B 737 53.62 20.72 38.34
CA ARG B 737 52.27 21.16 38.70
C ARG B 737 51.81 22.34 37.83
N GLU B 738 52.72 23.26 37.52
CA GLU B 738 52.44 24.43 36.68
C GLU B 738 53.31 24.34 35.45
N GLN B 739 52.68 24.12 34.30
CA GLN B 739 53.36 23.98 33.03
C GLN B 739 53.05 25.19 32.15
N TRP B 740 54.09 25.71 31.50
CA TRP B 740 53.96 26.92 30.70
C TRP B 740 52.98 26.76 29.54
N TRP B 741 52.85 25.54 29.01
CA TRP B 741 52.19 25.32 27.72
C TRP B 741 50.67 25.23 27.82
N LEU B 742 50.08 25.29 29.02
CA LEU B 742 48.63 25.22 29.13
C LEU B 742 47.94 26.40 28.45
N SER B 743 48.64 27.51 28.27
CA SER B 743 48.08 28.63 27.52
C SER B 743 47.95 28.31 26.03
N LEU B 744 48.75 27.37 25.51
CA LEU B 744 48.64 26.98 24.11
C LEU B 744 47.35 26.24 23.80
N ARG B 745 46.68 25.67 24.81
CA ARG B 745 45.37 25.07 24.60
C ARG B 745 44.38 26.10 24.07
N LEU B 746 44.49 27.33 24.58
CA LEU B 746 43.61 28.41 24.15
C LEU B 746 43.78 28.70 22.67
N MET B 747 45.03 28.70 22.19
CA MET B 747 45.29 28.89 20.77
C MET B 747 44.76 27.72 19.95
N LEU B 748 44.98 26.49 20.43
CA LEU B 748 44.45 25.30 19.75
C LEU B 748 42.93 25.40 19.60
N LYS B 749 42.25 25.67 20.70
CA LYS B 749 40.79 25.72 20.67
C LYS B 749 40.28 26.87 19.83
N MET B 750 40.96 28.03 19.91
CA MET B 750 40.58 29.16 19.06
C MET B 750 40.72 28.81 17.58
N LEU B 751 41.84 28.19 17.21
CA LEU B 751 42.06 27.80 15.82
C LEU B 751 41.14 26.67 15.36
N ALA B 752 40.35 26.06 16.26
CA ALA B 752 39.35 25.05 15.92
C ALA B 752 37.93 25.54 16.13
N GLN B 753 37.70 26.86 16.10
CA GLN B 753 36.40 27.53 16.22
C GLN B 753 35.74 27.40 17.59
N TYR B 754 36.45 26.91 18.59
CA TYR B 754 35.88 26.88 19.94
C TYR B 754 35.90 28.28 20.53
N ARG B 755 34.72 28.78 20.89
CA ARG B 755 34.61 30.09 21.50
C ARG B 755 35.09 30.03 22.93
N ILE B 756 36.39 30.22 23.13
CA ILE B 756 37.05 30.14 24.44
C ILE B 756 37.56 31.52 24.78
N SER B 757 37.11 32.06 25.91
CA SER B 757 37.56 33.37 26.37
C SER B 757 38.99 33.24 26.85
N MET B 758 39.94 33.66 26.00
CA MET B 758 41.37 33.57 26.31
C MET B 758 41.89 34.79 27.05
N ALA B 759 41.13 35.29 28.04
CA ALA B 759 41.64 36.39 28.85
C ALA B 759 42.84 35.97 29.70
N ALA B 760 43.05 34.68 29.91
CA ALA B 760 44.19 34.18 30.66
C ALA B 760 45.48 34.11 29.84
N TYR B 761 45.41 34.35 28.53
CA TYR B 761 46.61 34.31 27.70
C TYR B 761 47.36 35.64 27.83
N VAL B 762 48.67 35.54 28.01
CA VAL B 762 49.57 36.69 28.15
C VAL B 762 50.47 36.76 26.92
N SER B 763 50.51 37.93 26.29
CA SER B 763 51.32 38.16 25.10
C SER B 763 52.59 38.93 25.47
N GLY B 764 53.63 38.71 24.69
CA GLY B 764 54.89 39.42 24.93
C GLY B 764 54.73 40.91 24.71
N GLU B 765 55.29 41.68 25.63
CA GLU B 765 55.23 43.13 25.58
C GLU B 765 56.42 43.68 24.78
N LEU B 766 56.38 44.99 24.54
CA LEU B 766 57.45 45.63 23.80
C LEU B 766 58.77 45.56 24.57
N GLU B 767 59.85 45.25 23.86
CA GLU B 767 61.19 45.23 24.42
C GLU B 767 62.16 45.82 23.41
N HIS B 768 63.07 46.65 23.90
CA HIS B 768 64.11 47.18 23.03
C HIS B 768 65.15 46.11 22.73
N VAL B 769 65.86 46.30 21.61
CA VAL B 769 66.87 45.34 21.20
C VAL B 769 68.02 45.36 22.19
N THR B 770 68.65 44.19 22.37
CA THR B 770 69.77 44.05 23.29
C THR B 770 71.07 44.44 22.59
N ARG B 771 71.18 45.76 22.34
CA ARG B 771 72.32 46.41 21.68
C ARG B 771 72.85 45.66 20.46
N ALA C 11 -6.67 15.98 32.07
CA ALA C 11 -6.29 14.54 31.98
C ALA C 11 -5.75 14.04 33.31
N SER C 12 -4.82 14.78 33.88
CA SER C 12 -4.21 14.39 35.15
C SER C 12 -5.24 14.43 36.27
N GLY C 13 -5.07 13.55 37.24
CA GLY C 13 -5.95 13.49 38.40
C GLY C 13 -5.46 14.36 39.54
N ALA C 14 -5.29 15.65 39.28
CA ALA C 14 -4.85 16.59 40.30
C ALA C 14 -6.02 17.02 41.17
N GLY C 15 -5.72 17.34 42.43
CA GLY C 15 -6.72 17.79 43.36
C GLY C 15 -7.53 16.70 44.03
N LYS C 16 -7.28 15.44 43.71
CA LYS C 16 -7.99 14.30 44.29
C LYS C 16 -6.99 13.33 44.89
N ALA C 17 -7.45 12.57 45.89
CA ALA C 17 -6.61 11.68 46.67
C ALA C 17 -7.02 10.23 46.44
N ILE C 18 -6.04 9.33 46.43
CA ILE C 18 -6.25 7.90 46.21
C ILE C 18 -5.83 7.16 47.48
N GLY C 19 -6.68 6.25 47.92
CA GLY C 19 -6.37 5.35 49.02
C GLY C 19 -6.09 3.96 48.47
N VAL C 20 -5.03 3.33 48.98
CA VAL C 20 -4.64 1.98 48.61
C VAL C 20 -4.56 1.16 49.89
N LEU C 21 -5.19 -0.02 49.87
CA LEU C 21 -5.20 -0.91 51.01
C LEU C 21 -5.10 -2.34 50.50
N THR C 22 -4.59 -3.21 51.37
CA THR C 22 -4.50 -4.64 51.12
C THR C 22 -5.24 -5.39 52.22
N SER C 23 -6.00 -6.42 51.85
CA SER C 23 -6.78 -7.20 52.80
C SER C 23 -6.81 -8.66 52.36
N GLY C 24 -7.03 -9.53 53.33
CA GLY C 24 -7.02 -10.96 53.10
C GLY C 24 -5.64 -11.57 53.23
N GLY C 25 -5.52 -12.80 52.73
CA GLY C 25 -4.22 -13.44 52.70
C GLY C 25 -3.24 -12.67 51.83
N ASP C 26 -2.02 -12.50 52.34
CA ASP C 26 -1.03 -11.64 51.69
C ASP C 26 -0.44 -12.38 50.50
N ALA C 27 -1.16 -12.30 49.38
CA ALA C 27 -0.65 -12.83 48.12
C ALA C 27 0.62 -12.10 47.73
N GLN C 28 1.69 -12.86 47.51
CA GLN C 28 2.96 -12.27 47.09
C GLN C 28 2.80 -11.67 45.70
N GLY C 29 3.40 -10.49 45.51
CA GLY C 29 3.10 -9.61 44.41
C GLY C 29 2.17 -8.47 44.77
N MET C 30 1.59 -8.49 45.96
CA MET C 30 0.83 -7.34 46.44
C MET C 30 1.70 -6.09 46.51
N ASN C 31 2.95 -6.24 46.95
CA ASN C 31 3.84 -5.09 47.05
C ASN C 31 4.10 -4.46 45.69
N ALA C 32 4.18 -5.28 44.65
CA ALA C 32 4.31 -4.74 43.29
C ALA C 32 3.07 -3.93 42.91
N ALA C 33 1.89 -4.44 43.24
CA ALA C 33 0.66 -3.70 42.95
C ALA C 33 0.58 -2.40 43.74
N VAL C 34 0.95 -2.45 45.03
CA VAL C 34 0.93 -1.26 45.86
C VAL C 34 1.92 -0.22 45.34
N ARG C 35 3.11 -0.68 44.96
CA ARG C 35 4.13 0.22 44.42
C ARG C 35 3.64 0.91 43.16
N ALA C 36 3.07 0.14 42.23
CA ALA C 36 2.58 0.73 40.99
C ALA C 36 1.42 1.69 41.24
N VAL C 37 0.52 1.32 42.16
CA VAL C 37 -0.60 2.20 42.49
C VAL C 37 -0.09 3.51 43.06
N THR C 38 0.81 3.43 44.04
CA THR C 38 1.33 4.63 44.68
C THR C 38 2.05 5.51 43.67
N ARG C 39 2.97 4.93 42.90
CA ARG C 39 3.81 5.74 42.03
C ARG C 39 3.01 6.33 40.88
N MET C 40 2.04 5.59 40.34
CA MET C 40 1.18 6.18 39.33
C MET C 40 0.31 7.28 39.93
N GLY C 41 -0.13 7.10 41.18
CA GLY C 41 -0.99 8.10 41.79
C GLY C 41 -0.31 9.43 42.01
N ILE C 42 0.94 9.41 42.50
CA ILE C 42 1.69 10.66 42.68
C ILE C 42 2.41 11.10 41.41
N TYR C 43 2.49 10.23 40.39
CA TYR C 43 3.01 10.65 39.09
C TYR C 43 2.00 11.54 38.36
N VAL C 44 0.72 11.18 38.44
CA VAL C 44 -0.35 11.97 37.83
C VAL C 44 -0.81 13.11 38.75
N GLY C 45 -0.08 13.37 39.83
CA GLY C 45 -0.34 14.51 40.68
C GLY C 45 -1.29 14.26 41.84
N ALA C 46 -1.96 13.11 41.87
CA ALA C 46 -2.87 12.83 42.97
C ALA C 46 -2.10 12.51 44.25
N LYS C 47 -2.75 12.76 45.38
CA LYS C 47 -2.21 12.35 46.67
C LYS C 47 -2.56 10.88 46.91
N VAL C 48 -1.58 10.12 47.39
CA VAL C 48 -1.76 8.70 47.69
C VAL C 48 -1.66 8.53 49.19
N PHE C 49 -2.64 7.83 49.77
CA PHE C 49 -2.70 7.52 51.19
C PHE C 49 -2.63 6.02 51.39
N LEU C 50 -1.64 5.58 52.16
CA LEU C 50 -1.46 4.16 52.47
C LEU C 50 -2.27 3.82 53.71
N ILE C 51 -3.19 2.88 53.58
CA ILE C 51 -4.05 2.43 54.69
C ILE C 51 -3.46 1.12 55.19
N TYR C 52 -2.83 1.17 56.36
CA TYR C 52 -2.12 0.01 56.90
C TYR C 52 -3.09 -0.98 57.52
N GLU C 53 -2.76 -2.26 57.42
CA GLU C 53 -3.58 -3.37 57.91
C GLU C 53 -4.94 -3.45 57.23
N GLY C 54 -5.10 -2.84 56.06
CA GLY C 54 -6.33 -3.02 55.30
C GLY C 54 -7.53 -2.36 55.95
N TYR C 55 -8.65 -3.08 55.95
CA TYR C 55 -9.89 -2.58 56.54
C TYR C 55 -9.75 -2.30 58.02
N GLU C 56 -8.82 -2.98 58.71
CA GLU C 56 -8.51 -2.68 60.10
C GLU C 56 -8.14 -1.20 60.22
N GLY C 57 -7.02 -0.80 59.60
CA GLY C 57 -6.63 0.60 59.66
C GLY C 57 -7.62 1.54 59.03
N LEU C 58 -8.42 1.05 58.08
CA LEU C 58 -9.55 1.85 57.60
C LEU C 58 -10.51 2.17 58.74
N VAL C 59 -10.78 1.19 59.60
CA VAL C 59 -11.71 1.40 60.71
C VAL C 59 -11.11 2.33 61.74
N GLU C 60 -10.01 1.91 62.39
CA GLU C 60 -9.39 2.76 63.40
C GLU C 60 -8.87 4.06 62.80
N GLY C 61 -8.27 3.99 61.60
CA GLY C 61 -7.83 5.21 60.95
C GLY C 61 -6.74 5.92 61.72
N GLY C 62 -6.74 7.24 61.60
CA GLY C 62 -5.80 8.07 62.33
C GLY C 62 -4.38 7.81 61.93
N GLU C 63 -3.60 7.23 62.84
CA GLU C 63 -2.21 6.91 62.55
C GLU C 63 -2.08 5.88 61.44
N ASN C 64 -3.09 5.03 61.25
CA ASN C 64 -3.01 3.96 60.25
C ASN C 64 -3.16 4.46 58.82
N ILE C 65 -3.45 5.74 58.60
CA ILE C 65 -3.58 6.32 57.26
C ILE C 65 -2.50 7.38 57.14
N LYS C 66 -1.52 7.13 56.28
CA LYS C 66 -0.40 8.02 56.05
C LYS C 66 -0.28 8.31 54.56
N GLN C 67 0.05 9.56 54.25
CA GLN C 67 0.28 9.92 52.86
C GLN C 67 1.61 9.36 52.38
N ALA C 68 1.62 8.88 51.14
CA ALA C 68 2.79 8.27 50.53
C ALA C 68 3.56 9.28 49.69
N ASN C 69 4.88 9.12 49.70
CA ASN C 69 5.78 9.75 48.75
C ASN C 69 6.33 8.66 47.84
N TRP C 70 7.18 9.06 46.89
CA TRP C 70 7.75 8.11 45.94
C TRP C 70 8.61 7.07 46.64
N LEU C 71 9.36 7.49 47.67
CA LEU C 71 10.26 6.58 48.36
C LEU C 71 9.56 5.69 49.37
N SER C 72 8.26 5.91 49.64
CA SER C 72 7.56 5.05 50.59
C SER C 72 7.39 3.63 50.06
N VAL C 73 7.33 3.45 48.74
CA VAL C 73 7.17 2.15 48.11
C VAL C 73 8.45 1.76 47.37
N SER C 74 9.60 2.24 47.86
CA SER C 74 10.87 1.98 47.22
C SER C 74 11.43 0.65 47.69
N ASN C 75 11.89 -0.16 46.74
CA ASN C 75 12.59 -1.41 47.03
C ASN C 75 11.67 -2.41 47.73
N ILE C 76 10.44 -2.53 47.22
CA ILE C 76 9.47 -3.51 47.73
C ILE C 76 9.00 -4.49 46.66
N ILE C 77 9.30 -4.25 45.38
CA ILE C 77 8.72 -5.06 44.30
C ILE C 77 9.14 -6.51 44.42
N GLN C 78 10.36 -6.77 44.89
CA GLN C 78 10.82 -8.15 45.08
C GLN C 78 10.33 -8.77 46.38
N LEU C 79 9.71 -8.01 47.27
CA LEU C 79 9.23 -8.55 48.54
C LEU C 79 7.87 -9.20 48.35
N GLY C 80 7.72 -10.41 48.89
CA GLY C 80 6.43 -11.02 49.02
C GLY C 80 5.65 -10.43 50.18
N GLY C 81 4.46 -10.96 50.40
CA GLY C 81 3.60 -10.42 51.43
C GLY C 81 3.09 -9.05 51.04
N THR C 82 3.01 -8.15 52.03
CA THR C 82 2.57 -6.78 51.80
C THR C 82 3.14 -5.90 52.89
N ILE C 83 3.90 -4.87 52.49
CA ILE C 83 4.46 -3.94 53.47
C ILE C 83 3.35 -3.09 54.11
N ILE C 84 2.24 -2.90 53.40
CA ILE C 84 1.10 -2.21 53.98
C ILE C 84 0.51 -3.02 55.12
N GLY C 85 0.57 -4.35 55.01
CA GLY C 85 -0.01 -5.21 56.01
C GLY C 85 -1.49 -5.44 55.74
N SER C 86 -1.97 -6.61 56.14
CA SER C 86 -3.35 -7.03 55.96
C SER C 86 -3.86 -7.59 57.28
N ALA C 87 -5.16 -7.46 57.49
CA ALA C 87 -5.78 -7.96 58.71
C ALA C 87 -7.22 -8.35 58.43
N ARG C 88 -7.67 -9.40 59.12
CA ARG C 88 -9.08 -9.72 59.20
C ARG C 88 -9.72 -8.84 60.27
N CYS C 89 -10.71 -8.05 59.87
CA CYS C 89 -11.49 -7.25 60.80
C CYS C 89 -12.96 -7.56 60.60
N LYS C 90 -13.65 -7.85 61.69
CA LYS C 90 -15.09 -8.05 61.67
C LYS C 90 -15.86 -6.74 61.70
N ALA C 91 -15.21 -5.63 62.05
CA ALA C 91 -15.89 -4.34 62.13
C ALA C 91 -16.44 -3.92 60.77
N PHE C 92 -15.68 -4.16 59.70
CA PHE C 92 -16.14 -3.82 58.36
C PHE C 92 -17.34 -4.67 57.94
N THR C 93 -17.56 -5.83 58.57
CA THR C 93 -18.76 -6.61 58.30
C THR C 93 -20.01 -5.86 58.76
N THR C 94 -19.93 -5.17 59.90
CA THR C 94 -21.05 -4.46 60.48
C THR C 94 -21.01 -2.98 60.07
N ARG C 95 -22.19 -2.36 60.05
CA ARG C 95 -22.29 -0.95 59.68
C ARG C 95 -21.64 -0.04 60.72
N GLU C 96 -21.51 -0.48 61.96
CA GLU C 96 -20.89 0.34 63.00
C GLU C 96 -19.45 0.69 62.65
N GLY C 97 -18.68 -0.30 62.17
CA GLY C 97 -17.31 -0.04 61.78
C GLY C 97 -17.18 0.52 60.39
N ARG C 98 -18.12 0.19 59.50
CA ARG C 98 -18.06 0.69 58.14
C ARG C 98 -18.32 2.19 58.08
N ARG C 99 -19.19 2.69 58.95
CA ARG C 99 -19.39 4.13 59.05
C ARG C 99 -18.13 4.82 59.53
N ALA C 100 -17.43 4.22 60.48
CA ALA C 100 -16.16 4.78 60.94
C ALA C 100 -15.13 4.78 59.83
N ALA C 101 -15.16 3.74 58.98
CA ALA C 101 -14.27 3.70 57.82
C ALA C 101 -14.59 4.83 56.86
N ALA C 102 -15.88 5.07 56.60
CA ALA C 102 -16.27 6.16 55.72
C ALA C 102 -15.87 7.51 56.30
N TYR C 103 -15.98 7.66 57.63
CA TYR C 103 -15.56 8.90 58.27
C TYR C 103 -14.08 9.14 58.04
N ASN C 104 -13.24 8.13 58.33
CA ASN C 104 -11.80 8.32 58.23
C ASN C 104 -11.36 8.59 56.79
N LEU C 105 -12.06 8.02 55.80
CA LEU C 105 -11.76 8.36 54.42
C LEU C 105 -12.12 9.81 54.12
N VAL C 106 -13.23 10.30 54.67
CA VAL C 106 -13.65 11.66 54.39
C VAL C 106 -12.72 12.67 55.07
N GLN C 107 -12.15 12.32 56.22
CA GLN C 107 -11.26 13.24 56.92
C GLN C 107 -10.01 13.54 56.11
N HIS C 108 -9.58 12.62 55.25
CA HIS C 108 -8.43 12.81 54.38
C HIS C 108 -8.82 13.17 52.94
N GLY C 109 -10.11 13.35 52.65
CA GLY C 109 -10.52 13.65 51.29
C GLY C 109 -10.23 12.55 50.31
N ILE C 110 -10.34 11.29 50.75
CA ILE C 110 -10.03 10.13 49.92
C ILE C 110 -11.35 9.68 49.29
N THR C 111 -11.65 10.23 48.11
CA THR C 111 -12.80 9.79 47.33
C THR C 111 -12.49 8.60 46.42
N ASN C 112 -11.24 8.11 46.42
CA ASN C 112 -10.79 7.06 45.53
C ASN C 112 -10.10 5.99 46.36
N LEU C 113 -10.56 4.74 46.22
CA LEU C 113 -10.06 3.62 47.01
C LEU C 113 -9.69 2.47 46.08
N CYS C 114 -8.46 1.97 46.22
CA CYS C 114 -8.01 0.75 45.56
C CYS C 114 -7.88 -0.34 46.62
N VAL C 115 -8.63 -1.43 46.44
CA VAL C 115 -8.66 -2.55 47.37
C VAL C 115 -8.00 -3.74 46.68
N ILE C 116 -6.92 -4.25 47.27
CA ILE C 116 -6.17 -5.38 46.77
C ILE C 116 -6.44 -6.55 47.72
N GLY C 117 -7.23 -7.51 47.29
CA GLY C 117 -7.56 -8.61 48.18
C GLY C 117 -8.34 -9.68 47.45
N GLY C 118 -8.76 -10.69 48.22
CA GLY C 118 -9.46 -11.82 47.67
C GLY C 118 -10.94 -11.55 47.46
N ASP C 119 -11.70 -12.64 47.35
CA ASP C 119 -13.14 -12.52 47.09
C ASP C 119 -13.87 -11.84 48.25
N GLY C 120 -13.52 -12.18 49.49
CA GLY C 120 -14.16 -11.55 50.63
C GLY C 120 -13.83 -10.07 50.71
N SER C 121 -12.59 -9.71 50.39
CA SER C 121 -12.18 -8.31 50.37
C SER C 121 -13.01 -7.52 49.36
N LEU C 122 -13.19 -8.07 48.17
CA LEU C 122 -13.91 -7.35 47.13
C LEU C 122 -15.41 -7.35 47.39
N THR C 123 -15.93 -8.38 48.06
CA THR C 123 -17.33 -8.33 48.49
C THR C 123 -17.54 -7.23 49.51
N GLY C 124 -16.61 -7.08 50.46
CA GLY C 124 -16.72 -5.98 51.40
C GLY C 124 -16.61 -4.63 50.74
N ALA C 125 -15.76 -4.52 49.72
CA ALA C 125 -15.66 -3.27 48.98
C ALA C 125 -16.94 -2.98 48.21
N ASN C 126 -17.59 -4.01 47.68
CA ASN C 126 -18.85 -3.82 46.96
C ASN C 126 -19.95 -3.34 47.89
N ILE C 127 -20.04 -3.96 49.08
CA ILE C 127 -21.05 -3.54 50.03
C ILE C 127 -20.72 -2.16 50.57
N PHE C 128 -19.44 -1.76 50.55
CA PHE C 128 -19.05 -0.44 51.03
C PHE C 128 -19.42 0.65 50.03
N ARG C 129 -19.28 0.37 48.72
CA ARG C 129 -19.76 1.32 47.73
C ARG C 129 -21.27 1.42 47.76
N SER C 130 -21.95 0.26 47.80
CA SER C 130 -23.42 0.24 47.71
C SER C 130 -24.07 1.02 48.84
N GLU C 131 -23.40 1.12 49.99
CA GLU C 131 -23.89 1.84 51.15
C GLU C 131 -23.18 3.18 51.37
N TRP C 132 -22.31 3.61 50.44
CA TRP C 132 -21.53 4.81 50.66
C TRP C 132 -22.42 6.05 50.78
N GLY C 133 -23.45 6.15 49.94
CA GLY C 133 -24.38 7.25 50.07
C GLY C 133 -25.18 7.19 51.36
N SER C 134 -25.68 6.00 51.70
CA SER C 134 -26.44 5.84 52.95
C SER C 134 -25.56 6.08 54.15
N LEU C 135 -24.30 5.61 54.11
CA LEU C 135 -23.39 5.83 55.22
C LEU C 135 -23.10 7.30 55.41
N LEU C 136 -22.88 8.05 54.32
CA LEU C 136 -22.64 9.48 54.43
C LEU C 136 -23.86 10.20 54.97
N GLU C 137 -25.06 9.77 54.55
CA GLU C 137 -26.29 10.38 55.05
C GLU C 137 -26.42 10.16 56.56
N GLU C 138 -26.21 8.93 57.01
CA GLU C 138 -26.31 8.66 58.44
C GLU C 138 -25.19 9.34 59.21
N LEU C 139 -24.04 9.56 58.58
CA LEU C 139 -22.93 10.21 59.26
C LEU C 139 -23.21 11.70 59.45
N VAL C 140 -23.72 12.38 58.41
CA VAL C 140 -24.08 13.78 58.56
C VAL C 140 -25.28 13.91 59.50
N ALA C 141 -26.19 12.94 59.48
CA ALA C 141 -27.34 12.98 60.39
C ALA C 141 -26.89 12.90 61.84
N GLU C 142 -25.87 12.08 62.13
CA GLU C 142 -25.39 11.94 63.49
C GLU C 142 -24.49 13.10 63.93
N GLY C 143 -23.99 13.89 62.98
CA GLY C 143 -23.29 15.12 63.29
C GLY C 143 -21.78 15.06 63.24
N LYS C 144 -21.19 14.01 62.66
CA LYS C 144 -19.74 13.90 62.54
C LYS C 144 -19.20 14.53 61.28
N ILE C 145 -20.05 14.94 60.34
CA ILE C 145 -19.61 15.71 59.18
C ILE C 145 -20.73 16.65 58.78
N SER C 146 -20.36 17.86 58.40
CA SER C 146 -21.35 18.83 57.97
C SER C 146 -21.93 18.44 56.62
N GLU C 147 -23.12 18.98 56.33
CA GLU C 147 -23.75 18.75 55.03
C GLU C 147 -22.84 19.22 53.89
N THR C 148 -22.33 20.44 53.99
CA THR C 148 -21.18 20.82 53.20
C THR C 148 -19.99 19.99 53.66
N THR C 149 -19.12 19.62 52.71
CA THR C 149 -18.05 18.64 52.83
C THR C 149 -18.59 17.21 52.74
N ALA C 150 -19.91 17.01 52.64
CA ALA C 150 -20.52 15.71 52.39
C ALA C 150 -21.16 15.61 51.02
N ARG C 151 -21.64 16.73 50.46
CA ARG C 151 -22.07 16.72 49.06
C ARG C 151 -20.90 16.46 48.13
N THR C 152 -19.77 17.10 48.38
CA THR C 152 -18.51 16.60 47.86
C THR C 152 -18.16 15.31 48.58
N TYR C 153 -17.45 14.42 47.88
CA TYR C 153 -17.19 13.04 48.30
C TYR C 153 -18.46 12.19 48.31
N SER C 154 -19.52 12.63 47.64
CA SER C 154 -20.77 11.87 47.63
C SER C 154 -20.65 10.52 46.92
N HIS C 155 -19.68 10.37 46.02
CA HIS C 155 -19.43 9.13 45.29
C HIS C 155 -18.04 8.61 45.65
N LEU C 156 -17.97 7.33 45.98
CA LEU C 156 -16.72 6.65 46.29
C LEU C 156 -16.35 5.76 45.12
N ASN C 157 -15.15 5.96 44.58
CA ASN C 157 -14.66 5.17 43.46
C ASN C 157 -13.85 3.98 43.97
N ILE C 158 -14.25 2.78 43.54
CA ILE C 158 -13.61 1.53 43.94
C ILE C 158 -13.06 0.87 42.69
N ALA C 159 -11.74 0.61 42.69
CA ALA C 159 -11.09 -0.25 41.72
C ALA C 159 -10.48 -1.43 42.47
N GLY C 160 -10.97 -2.63 42.16
CA GLY C 160 -10.53 -3.83 42.86
C GLY C 160 -9.39 -4.52 42.14
N LEU C 161 -8.52 -5.15 42.94
CA LEU C 161 -7.45 -6.00 42.45
C LEU C 161 -7.51 -7.33 43.19
N VAL C 162 -7.56 -8.43 42.44
CA VAL C 162 -7.75 -9.74 43.04
C VAL C 162 -6.37 -10.23 43.47
N GLY C 163 -6.05 -10.06 44.76
CA GLY C 163 -4.82 -10.55 45.35
C GLY C 163 -5.06 -11.73 46.26
N SER C 164 -4.85 -12.93 45.74
CA SER C 164 -5.11 -14.15 46.49
C SER C 164 -4.51 -15.32 45.72
N ILE C 165 -4.16 -16.38 46.46
CA ILE C 165 -3.67 -17.60 45.84
C ILE C 165 -4.79 -18.54 45.42
N ASP C 166 -6.05 -18.23 45.78
CA ASP C 166 -7.14 -19.16 45.54
C ASP C 166 -7.66 -19.08 44.12
N ASN C 167 -7.69 -17.88 43.54
CA ASN C 167 -8.33 -17.65 42.24
C ASN C 167 -9.81 -18.00 42.31
N ASP C 168 -10.42 -17.73 43.47
CA ASP C 168 -11.83 -18.05 43.71
C ASP C 168 -12.78 -16.99 43.15
N PHE C 169 -12.28 -15.84 42.73
CA PHE C 169 -13.12 -14.76 42.22
C PHE C 169 -13.51 -15.12 40.79
N CYS C 170 -14.81 -15.37 40.58
CA CYS C 170 -15.26 -16.07 39.38
C CYS C 170 -15.09 -15.22 38.12
N GLY C 171 -15.35 -13.92 38.21
CA GLY C 171 -15.27 -13.06 37.04
C GLY C 171 -13.89 -12.97 36.42
N THR C 172 -12.84 -13.31 37.16
CA THR C 172 -11.46 -13.10 36.77
C THR C 172 -10.80 -14.43 36.48
N ASP C 173 -9.93 -14.44 35.47
CA ASP C 173 -9.25 -15.66 35.04
C ASP C 173 -7.94 -15.90 35.78
N MET C 174 -7.17 -14.83 36.01
CA MET C 174 -5.89 -14.92 36.70
C MET C 174 -5.81 -13.83 37.75
N THR C 175 -5.31 -14.21 38.93
CA THR C 175 -5.22 -13.33 40.09
C THR C 175 -3.76 -13.18 40.50
N ILE C 176 -3.49 -12.08 41.20
CA ILE C 176 -2.14 -11.81 41.68
C ILE C 176 -1.78 -12.83 42.73
N GLY C 177 -0.60 -13.45 42.59
CA GLY C 177 -0.09 -14.41 43.54
C GLY C 177 -0.35 -15.86 43.18
N THR C 178 -1.24 -16.13 42.23
CA THR C 178 -1.48 -17.51 41.80
C THR C 178 -0.22 -18.11 41.19
N ASP C 179 0.46 -17.34 40.32
CA ASP C 179 1.65 -17.84 39.65
C ASP C 179 2.76 -18.15 40.66
N SER C 180 2.94 -17.27 41.65
CA SER C 180 4.01 -17.46 42.63
C SER C 180 3.70 -18.59 43.59
N ALA C 181 2.44 -18.74 43.99
CA ALA C 181 2.04 -19.91 44.76
C ALA C 181 2.34 -21.18 43.97
N LEU C 182 2.14 -21.14 42.65
CA LEU C 182 2.49 -22.26 41.81
C LEU C 182 4.00 -22.46 41.74
N HIS C 183 4.79 -21.38 41.76
CA HIS C 183 6.24 -21.50 41.83
C HIS C 183 6.67 -22.26 43.08
N ARG C 184 6.09 -21.91 44.24
CA ARG C 184 6.40 -22.61 45.48
C ARG C 184 6.04 -24.08 45.39
N ILE C 185 4.84 -24.38 44.88
CA ILE C 185 4.36 -25.76 44.80
C ILE C 185 5.28 -26.58 43.91
N MET C 186 5.65 -26.05 42.74
CA MET C 186 6.45 -26.82 41.80
C MET C 186 7.90 -26.92 42.23
N GLU C 187 8.41 -25.93 42.99
CA GLU C 187 9.74 -26.10 43.59
C GLU C 187 9.77 -27.30 44.50
N VAL C 188 8.70 -27.50 45.29
CA VAL C 188 8.62 -28.66 46.16
C VAL C 188 8.49 -29.93 45.33
N ILE C 189 7.68 -29.92 44.27
CA ILE C 189 7.48 -31.13 43.48
C ILE C 189 8.76 -31.46 42.71
N ASP C 190 9.45 -30.44 42.20
CA ASP C 190 10.70 -30.68 41.49
C ASP C 190 11.79 -31.23 42.38
N ALA C 191 11.73 -30.92 43.69
CA ALA C 191 12.64 -31.57 44.62
C ALA C 191 12.47 -33.08 44.58
N ILE C 192 11.24 -33.55 44.40
CA ILE C 192 10.98 -34.98 44.35
C ILE C 192 11.34 -35.55 42.98
N THR C 193 10.81 -34.95 41.92
CA THR C 193 10.85 -35.59 40.60
C THR C 193 12.23 -35.52 39.96
N THR C 194 13.00 -34.45 40.20
CA THR C 194 14.30 -34.31 39.54
C THR C 194 15.35 -35.26 40.12
N THR C 195 15.13 -35.79 41.32
CA THR C 195 16.06 -36.78 41.86
C THR C 195 15.99 -38.08 41.08
N ALA C 196 17.10 -38.82 41.10
CA ALA C 196 17.15 -40.16 40.54
C ALA C 196 16.26 -41.07 41.38
N GLN C 197 15.06 -41.36 40.87
CA GLN C 197 14.04 -42.06 41.64
C GLN C 197 14.49 -43.50 41.87
N SER C 198 14.74 -43.84 43.13
CA SER C 198 15.46 -45.06 43.50
C SER C 198 14.56 -46.20 43.94
N HIS C 199 13.50 -45.92 44.69
CA HIS C 199 12.60 -46.94 45.19
C HIS C 199 11.15 -46.49 44.99
N GLN C 200 10.24 -47.46 45.08
CA GLN C 200 8.82 -47.20 44.89
C GLN C 200 8.30 -46.36 46.05
N ARG C 201 7.90 -45.12 45.77
CA ARG C 201 7.39 -44.21 46.78
C ARG C 201 6.23 -43.41 46.20
N THR C 202 5.33 -42.98 47.08
CA THR C 202 4.15 -42.20 46.72
C THR C 202 4.21 -40.86 47.42
N PHE C 203 4.15 -39.78 46.65
CA PHE C 203 4.24 -38.41 47.15
C PHE C 203 2.85 -37.78 47.12
N VAL C 204 2.28 -37.54 48.29
CA VAL C 204 0.92 -37.01 48.43
C VAL C 204 1.05 -35.55 48.84
N LEU C 205 0.73 -34.65 47.91
CA LEU C 205 0.88 -33.21 48.14
C LEU C 205 -0.47 -32.59 48.49
N GLU C 206 -0.52 -31.90 49.62
CA GLU C 206 -1.73 -31.24 50.12
C GLU C 206 -1.58 -29.72 49.95
N VAL C 207 -2.41 -29.14 49.08
CA VAL C 207 -2.42 -27.69 48.85
C VAL C 207 -3.59 -27.09 49.61
N MET C 208 -3.49 -25.79 49.91
CA MET C 208 -4.47 -25.09 50.73
C MET C 208 -5.71 -24.64 49.96
N GLY C 209 -5.97 -25.16 48.77
CA GLY C 209 -7.17 -24.76 48.05
C GLY C 209 -8.45 -25.21 48.73
N ARG C 210 -8.78 -24.62 49.88
CA ARG C 210 -9.92 -25.07 50.67
C ARG C 210 -11.23 -24.79 49.95
N HIS C 211 -11.40 -23.59 49.42
CA HIS C 211 -12.60 -23.22 48.68
C HIS C 211 -12.44 -23.49 47.19
N CYS C 212 -11.39 -22.94 46.58
CA CYS C 212 -11.09 -23.11 45.17
C CYS C 212 -10.01 -24.16 44.99
N GLY C 213 -10.19 -25.01 43.98
CA GLY C 213 -9.23 -26.05 43.66
C GLY C 213 -8.38 -25.73 42.44
N TYR C 214 -8.26 -24.44 42.10
CA TYR C 214 -7.50 -24.07 40.92
C TYR C 214 -6.03 -24.40 41.09
N LEU C 215 -5.45 -24.05 42.25
CA LEU C 215 -4.06 -24.35 42.52
C LEU C 215 -3.78 -25.85 42.49
N ALA C 216 -4.65 -26.63 43.11
CA ALA C 216 -4.54 -28.08 43.03
C ALA C 216 -4.58 -28.56 41.59
N LEU C 217 -5.48 -28.00 40.79
CA LEU C 217 -5.65 -28.45 39.42
C LEU C 217 -4.42 -28.11 38.57
N VAL C 218 -4.02 -26.83 38.55
CA VAL C 218 -2.87 -26.44 37.74
C VAL C 218 -1.59 -27.11 38.22
N SER C 219 -1.47 -27.36 39.53
CA SER C 219 -0.32 -28.10 40.05
C SER C 219 -0.30 -29.53 39.49
N ALA C 220 -1.45 -30.19 39.52
CA ALA C 220 -1.54 -31.54 38.96
C ALA C 220 -1.21 -31.55 37.48
N LEU C 221 -1.72 -30.58 36.73
CA LEU C 221 -1.42 -30.48 35.31
C LEU C 221 0.06 -30.24 35.07
N ALA C 222 0.67 -29.38 35.87
CA ALA C 222 2.07 -29.03 35.66
C ALA C 222 3.01 -30.17 36.06
N SER C 223 2.64 -30.97 37.07
CA SER C 223 3.46 -32.07 37.54
C SER C 223 3.12 -33.41 36.91
N GLY C 224 2.01 -33.50 36.17
CA GLY C 224 1.56 -34.78 35.66
C GLY C 224 1.16 -35.72 36.78
N ALA C 225 0.32 -35.22 37.69
CA ALA C 225 -0.12 -36.02 38.82
C ALA C 225 -0.90 -37.24 38.36
N ASP C 226 -0.74 -38.35 39.09
CA ASP C 226 -1.50 -39.55 38.78
C ASP C 226 -2.97 -39.38 39.14
N TRP C 227 -3.26 -38.64 40.21
CA TRP C 227 -4.63 -38.47 40.68
C TRP C 227 -4.78 -37.09 41.28
N LEU C 228 -6.02 -36.58 41.23
CA LEU C 228 -6.36 -35.25 41.70
C LEU C 228 -7.68 -35.29 42.46
N PHE C 229 -7.68 -34.75 43.67
CA PHE C 229 -8.90 -34.51 44.44
C PHE C 229 -9.10 -33.01 44.53
N ILE C 230 -10.11 -32.50 43.83
CA ILE C 230 -10.48 -31.09 43.87
C ILE C 230 -11.95 -30.99 44.29
N PRO C 231 -12.36 -29.97 45.06
CA PRO C 231 -13.77 -29.87 45.44
C PRO C 231 -14.72 -29.67 44.27
N GLU C 232 -14.25 -29.14 43.14
CA GLU C 232 -15.15 -28.88 42.02
C GLU C 232 -15.70 -30.16 41.43
N ALA C 233 -14.88 -31.21 41.36
CA ALA C 233 -15.26 -32.50 40.79
C ALA C 233 -14.87 -33.59 41.78
N PRO C 234 -15.71 -33.87 42.78
CA PRO C 234 -15.39 -34.94 43.71
C PRO C 234 -15.35 -36.27 43.01
N PRO C 235 -14.62 -37.24 43.55
CA PRO C 235 -14.51 -38.53 42.87
C PRO C 235 -15.79 -39.35 43.00
N GLU C 236 -16.04 -40.18 41.98
CA GLU C 236 -17.21 -41.03 41.98
C GLU C 236 -17.12 -42.07 43.10
N ASP C 237 -18.27 -42.69 43.39
CA ASP C 237 -18.31 -43.74 44.41
C ASP C 237 -17.44 -44.91 43.97
N GLY C 238 -16.72 -45.49 44.94
CA GLY C 238 -15.77 -46.53 44.63
C GLY C 238 -14.47 -46.05 44.03
N TRP C 239 -14.14 -44.77 44.20
CA TRP C 239 -12.87 -44.25 43.71
C TRP C 239 -11.68 -44.86 44.42
N GLU C 240 -11.89 -45.33 45.65
CA GLU C 240 -10.86 -46.04 46.42
C GLU C 240 -10.21 -47.13 45.58
N ASN C 241 -11.03 -48.00 44.99
CA ASN C 241 -10.50 -49.06 44.14
C ASN C 241 -9.91 -48.51 42.85
N PHE C 242 -10.59 -47.55 42.24
CA PHE C 242 -10.14 -47.02 40.94
C PHE C 242 -8.78 -46.37 41.06
N MET C 243 -8.56 -45.58 42.12
CA MET C 243 -7.25 -44.97 42.34
C MET C 243 -6.19 -46.01 42.58
N CYS C 244 -6.46 -46.97 43.48
CA CYS C 244 -5.45 -47.97 43.83
C CYS C 244 -5.05 -48.82 42.63
N GLU C 245 -6.01 -49.11 41.75
CA GLU C 245 -5.67 -49.85 40.53
C GLU C 245 -4.82 -49.01 39.59
N ARG C 246 -5.13 -47.71 39.46
CA ARG C 246 -4.33 -46.82 38.62
C ARG C 246 -2.88 -46.80 39.08
N LEU C 247 -2.67 -46.66 40.39
CA LEU C 247 -1.33 -46.72 40.94
C LEU C 247 -0.70 -48.10 40.71
N GLY C 248 -1.51 -49.16 40.73
CA GLY C 248 -0.99 -50.50 40.51
C GLY C 248 -0.41 -50.68 39.12
N GLU C 249 -1.17 -50.31 38.08
CA GLU C 249 -0.62 -50.43 36.73
C GLU C 249 0.51 -49.44 36.51
N THR C 250 0.48 -48.30 37.19
CA THR C 250 1.61 -47.38 37.16
C THR C 250 2.89 -48.06 37.64
N ARG C 251 2.79 -48.81 38.75
CA ARG C 251 3.91 -49.61 39.22
C ARG C 251 4.34 -50.64 38.17
N SER C 252 3.37 -51.37 37.60
CA SER C 252 3.67 -52.43 36.63
C SER C 252 4.41 -51.87 35.41
N ARG C 253 4.12 -50.63 35.04
CA ARG C 253 4.89 -49.97 33.99
C ARG C 253 6.36 -49.82 34.33
N GLY C 254 6.71 -49.82 35.62
CA GLY C 254 8.04 -49.49 36.08
C GLY C 254 8.18 -48.05 36.57
N SER C 255 7.16 -47.22 36.36
CA SER C 255 7.12 -45.89 36.95
C SER C 255 7.23 -46.00 38.46
N ARG C 256 8.28 -45.42 39.03
CA ARG C 256 8.63 -45.63 40.42
C ARG C 256 8.07 -44.59 41.38
N LEU C 257 7.42 -43.53 40.88
CA LEU C 257 6.88 -42.47 41.71
C LEU C 257 5.46 -42.13 41.28
N ASN C 258 4.55 -42.13 42.25
CA ASN C 258 3.17 -41.67 42.07
C ASN C 258 2.99 -40.36 42.83
N ILE C 259 2.29 -39.42 42.20
CA ILE C 259 2.00 -38.12 42.80
C ILE C 259 0.49 -37.99 42.94
N ILE C 260 0.03 -37.73 44.17
CA ILE C 260 -1.37 -37.50 44.49
C ILE C 260 -1.48 -36.06 44.99
N ILE C 261 -2.17 -35.21 44.23
CA ILE C 261 -2.43 -33.83 44.63
C ILE C 261 -3.83 -33.79 45.22
N ILE C 262 -3.92 -33.53 46.52
CA ILE C 262 -5.19 -33.49 47.25
C ILE C 262 -5.39 -32.06 47.74
N ALA C 263 -6.45 -31.41 47.30
CA ALA C 263 -6.74 -30.09 47.83
C ALA C 263 -7.23 -30.20 49.27
N GLU C 264 -7.02 -29.13 50.04
CA GLU C 264 -7.57 -29.07 51.41
C GLU C 264 -9.08 -29.26 51.39
N GLY C 265 -9.76 -28.69 50.40
CA GLY C 265 -11.19 -28.83 50.30
C GLY C 265 -11.64 -30.09 49.59
N ALA C 266 -10.77 -31.09 49.48
CA ALA C 266 -11.14 -32.35 48.85
C ALA C 266 -12.31 -33.00 49.59
N ILE C 267 -13.35 -33.36 48.85
CA ILE C 267 -14.54 -34.00 49.37
C ILE C 267 -14.92 -35.14 48.43
N ASP C 268 -15.85 -35.98 48.89
CA ASP C 268 -16.44 -37.03 48.07
C ASP C 268 -17.76 -36.50 47.49
N ARG C 269 -18.55 -37.38 46.88
CA ARG C 269 -19.83 -36.95 46.33
C ARG C 269 -20.79 -36.46 47.41
N ASN C 270 -20.62 -36.92 48.64
CA ASN C 270 -21.31 -36.35 49.79
C ASN C 270 -20.48 -35.19 50.34
N GLY C 271 -20.89 -34.64 51.47
CA GLY C 271 -20.15 -33.55 52.09
C GLY C 271 -18.93 -33.98 52.88
N LYS C 272 -18.67 -35.27 53.00
CA LYS C 272 -17.60 -35.77 53.86
C LYS C 272 -16.24 -35.42 53.27
N PRO C 273 -15.36 -34.67 53.98
CA PRO C 273 -14.06 -34.37 53.39
C PRO C 273 -13.13 -35.59 53.36
N ILE C 274 -12.24 -35.57 52.37
CA ILE C 274 -11.18 -36.57 52.20
C ILE C 274 -9.89 -35.94 52.69
N SER C 275 -9.30 -36.52 53.73
CA SER C 275 -8.07 -36.00 54.30
C SER C 275 -6.87 -36.58 53.58
N SER C 276 -5.78 -35.80 53.57
CA SER C 276 -4.52 -36.30 53.03
C SER C 276 -4.02 -37.51 53.80
N SER C 277 -4.25 -37.52 55.11
CA SER C 277 -3.84 -38.67 55.93
C SER C 277 -4.61 -39.93 55.54
N TYR C 278 -5.89 -39.78 55.18
CA TYR C 278 -6.67 -40.94 54.76
C TYR C 278 -6.12 -41.53 53.47
N VAL C 279 -5.83 -40.68 52.48
CA VAL C 279 -5.28 -41.15 51.21
C VAL C 279 -3.93 -41.82 51.44
N LYS C 280 -3.10 -41.24 52.31
CA LYS C 280 -1.84 -41.85 52.69
C LYS C 280 -2.03 -43.27 53.20
N ASP C 281 -2.84 -43.41 54.27
CA ASP C 281 -3.04 -44.73 54.88
C ASP C 281 -3.69 -45.70 53.91
N LEU C 282 -4.55 -45.19 53.03
CA LEU C 282 -5.16 -46.03 51.99
C LEU C 282 -4.10 -46.60 51.05
N VAL C 283 -3.23 -45.73 50.53
CA VAL C 283 -2.17 -46.17 49.62
C VAL C 283 -1.24 -47.15 50.33
N VAL C 284 -0.85 -46.83 51.57
CA VAL C 284 0.03 -47.69 52.34
C VAL C 284 -0.58 -49.08 52.50
N GLN C 285 -1.88 -49.14 52.77
CA GLN C 285 -2.51 -50.41 53.10
C GLN C 285 -2.59 -51.32 51.88
N ARG C 286 -3.01 -50.79 50.73
CA ARG C 286 -3.27 -51.62 49.56
C ARG C 286 -2.04 -51.82 48.67
N LEU C 287 -1.09 -50.88 48.68
CA LEU C 287 0.06 -50.90 47.78
C LEU C 287 1.38 -51.11 48.51
N GLY C 288 1.50 -50.62 49.74
CA GLY C 288 2.75 -50.73 50.47
C GLY C 288 3.83 -49.78 50.02
N PHE C 289 3.53 -48.82 49.16
CA PHE C 289 4.53 -47.84 48.76
C PHE C 289 4.86 -46.94 49.94
N ASP C 290 6.11 -46.47 49.98
CA ASP C 290 6.51 -45.48 50.98
C ASP C 290 5.74 -44.19 50.74
N THR C 291 4.67 -44.00 51.50
CA THR C 291 3.77 -42.85 51.33
C THR C 291 4.03 -41.84 52.44
N ARG C 292 4.33 -40.60 52.05
CA ARG C 292 4.47 -39.50 53.00
C ARG C 292 3.75 -38.28 52.45
N VAL C 293 2.99 -37.62 53.31
CA VAL C 293 2.19 -36.46 52.93
C VAL C 293 3.03 -35.22 53.13
N THR C 294 3.19 -34.43 52.07
CA THR C 294 3.81 -33.11 52.13
C THR C 294 2.69 -32.08 52.17
N VAL C 295 2.69 -31.27 53.22
CA VAL C 295 1.72 -30.18 53.41
C VAL C 295 2.52 -28.89 53.33
N LEU C 296 2.19 -28.04 52.35
CA LEU C 296 2.92 -26.80 52.20
C LEU C 296 2.56 -25.81 53.30
N GLY C 297 1.27 -25.67 53.61
CA GLY C 297 0.86 -24.69 54.59
C GLY C 297 1.19 -23.29 54.14
N HIS C 298 1.82 -22.51 55.03
CA HIS C 298 2.17 -21.13 54.74
C HIS C 298 3.15 -20.97 53.59
N VAL C 299 3.82 -22.04 53.15
CA VAL C 299 4.85 -21.95 52.12
C VAL C 299 4.28 -21.40 50.81
N GLN C 300 3.00 -21.67 50.54
CA GLN C 300 2.40 -21.22 49.27
C GLN C 300 2.39 -19.70 49.17
N ARG C 301 2.07 -19.02 50.26
CA ARG C 301 2.09 -17.56 50.28
C ARG C 301 3.50 -16.97 50.41
N GLY C 302 4.53 -17.80 50.53
CA GLY C 302 5.85 -17.32 50.83
C GLY C 302 6.71 -17.02 49.61
N GLY C 303 7.95 -16.64 49.88
CA GLY C 303 8.93 -16.43 48.84
C GLY C 303 8.73 -15.13 48.07
N THR C 304 9.63 -14.91 47.12
CA THR C 304 9.52 -13.76 46.24
C THR C 304 8.32 -13.93 45.30
N PRO C 305 7.72 -12.84 44.82
CA PRO C 305 6.78 -12.98 43.70
C PRO C 305 7.52 -13.38 42.43
N SER C 306 6.86 -14.21 41.63
CA SER C 306 7.41 -14.60 40.34
C SER C 306 7.45 -13.40 39.41
N ALA C 307 8.16 -13.56 38.29
CA ALA C 307 8.27 -12.50 37.31
C ALA C 307 6.90 -12.10 36.80
N PHE C 308 6.10 -13.09 36.37
CA PHE C 308 4.71 -12.86 35.96
C PHE C 308 3.95 -12.03 36.98
N ASP C 309 4.05 -12.40 38.26
CA ASP C 309 3.32 -11.66 39.29
C ASP C 309 3.78 -10.21 39.38
N ARG C 310 5.08 -9.95 39.26
CA ARG C 310 5.56 -8.58 39.35
C ARG C 310 5.09 -7.74 38.16
N ILE C 311 5.22 -8.27 36.93
CA ILE C 311 4.79 -7.54 35.75
C ILE C 311 3.29 -7.30 35.80
N LEU C 312 2.53 -8.37 36.05
CA LEU C 312 1.08 -8.26 35.99
C LEU C 312 0.54 -7.41 37.15
N SER C 313 1.14 -7.52 38.33
CA SER C 313 0.73 -6.66 39.44
C SER C 313 1.00 -5.19 39.14
N SER C 314 2.18 -4.90 38.56
CA SER C 314 2.49 -3.53 38.20
C SER C 314 1.54 -3.00 37.14
N LYS C 315 1.27 -3.80 36.11
CA LYS C 315 0.36 -3.40 35.05
C LYS C 315 -1.04 -3.15 35.59
N MET C 316 -1.54 -4.07 36.43
CA MET C 316 -2.90 -3.92 36.94
C MET C 316 -3.00 -2.81 37.96
N GLY C 317 -1.96 -2.58 38.76
CA GLY C 317 -1.97 -1.45 39.68
C GLY C 317 -2.01 -0.13 38.95
N MET C 318 -1.22 -0.01 37.88
CA MET C 318 -1.28 1.20 37.05
C MET C 318 -2.65 1.38 36.42
N GLU C 319 -3.18 0.31 35.81
CA GLU C 319 -4.49 0.41 35.17
C GLU C 319 -5.59 0.63 36.20
N ALA C 320 -5.40 0.15 37.43
CA ALA C 320 -6.36 0.46 38.48
C ALA C 320 -6.40 1.95 38.77
N VAL C 321 -5.23 2.58 38.90
CA VAL C 321 -5.17 4.02 39.16
C VAL C 321 -5.79 4.79 38.00
N MET C 322 -5.44 4.43 36.77
CA MET C 322 -5.97 5.13 35.60
C MET C 322 -7.49 4.98 35.52
N ALA C 323 -8.00 3.77 35.76
CA ALA C 323 -9.44 3.56 35.81
C ALA C 323 -10.07 4.35 36.95
N LEU C 324 -9.31 4.58 38.04
CA LEU C 324 -9.83 5.32 39.18
C LEU C 324 -9.92 6.82 38.92
N LEU C 325 -9.16 7.34 37.95
CA LEU C 325 -9.23 8.76 37.61
C LEU C 325 -10.23 9.07 36.52
N GLU C 326 -10.44 8.16 35.57
CA GLU C 326 -11.39 8.36 34.49
C GLU C 326 -12.80 7.88 34.85
N ALA C 327 -13.08 7.66 36.14
CA ALA C 327 -14.34 7.09 36.58
C ALA C 327 -15.24 8.21 37.10
N THR C 328 -16.39 8.36 36.45
CA THR C 328 -17.36 9.39 36.83
C THR C 328 -18.28 8.85 37.92
N PRO C 329 -19.13 9.71 38.52
CA PRO C 329 -20.12 9.22 39.48
C PRO C 329 -21.01 8.07 39.03
N ASP C 330 -21.21 7.91 37.71
CA ASP C 330 -22.15 6.90 37.21
C ASP C 330 -21.52 5.52 37.03
N THR C 331 -20.23 5.43 36.70
CA THR C 331 -19.65 4.13 36.41
C THR C 331 -19.55 3.31 37.70
N PRO C 332 -19.74 2.00 37.66
CA PRO C 332 -19.77 1.22 38.90
C PRO C 332 -18.35 0.85 39.34
N ALA C 333 -18.27 0.30 40.55
CA ALA C 333 -17.03 -0.30 41.03
C ALA C 333 -16.57 -1.36 40.05
N CYS C 334 -15.28 -1.34 39.73
CA CYS C 334 -14.69 -2.25 38.76
C CYS C 334 -13.54 -3.04 39.40
N VAL C 335 -13.20 -4.15 38.76
CA VAL C 335 -12.01 -4.93 39.08
C VAL C 335 -11.14 -4.93 37.83
N VAL C 336 -9.93 -4.40 37.97
CA VAL C 336 -8.96 -4.42 36.87
C VAL C 336 -8.28 -5.77 36.87
N THR C 337 -8.44 -6.52 35.78
CA THR C 337 -7.85 -7.84 35.63
C THR C 337 -7.47 -8.03 34.17
N LEU C 338 -6.78 -9.15 33.91
CA LEU C 338 -6.42 -9.59 32.56
C LEU C 338 -7.10 -10.92 32.29
N SER C 339 -7.90 -10.96 31.23
CA SER C 339 -8.40 -12.20 30.65
C SER C 339 -7.53 -12.50 29.43
N GLY C 340 -6.79 -13.60 29.49
CA GLY C 340 -5.72 -13.79 28.52
C GLY C 340 -4.62 -12.79 28.77
N ASN C 341 -4.08 -12.23 27.69
CA ASN C 341 -3.11 -11.15 27.77
C ASN C 341 -3.75 -9.75 27.75
N GLN C 342 -5.07 -9.66 27.58
CA GLN C 342 -5.75 -8.40 27.41
C GLN C 342 -6.23 -7.87 28.75
N SER C 343 -5.88 -6.63 29.07
CA SER C 343 -6.43 -5.98 30.25
C SER C 343 -7.91 -5.70 30.04
N VAL C 344 -8.67 -5.82 31.13
CA VAL C 344 -10.12 -5.65 31.09
C VAL C 344 -10.57 -5.19 32.46
N ARG C 345 -11.69 -4.45 32.49
CA ARG C 345 -12.36 -4.03 33.71
C ARG C 345 -13.73 -4.69 33.75
N LEU C 346 -14.02 -5.33 34.88
CA LEU C 346 -15.30 -6.00 35.12
C LEU C 346 -16.01 -5.32 36.29
N PRO C 347 -17.32 -5.06 36.20
CA PRO C 347 -18.02 -4.47 37.35
C PRO C 347 -17.95 -5.35 38.59
N LEU C 348 -17.69 -4.72 39.73
CA LEU C 348 -17.51 -5.45 40.98
C LEU C 348 -18.79 -6.20 41.37
N MET C 349 -19.95 -5.63 41.07
CA MET C 349 -21.22 -6.24 41.45
C MET C 349 -21.43 -7.58 40.76
N GLU C 350 -21.17 -7.63 39.45
CA GLU C 350 -21.40 -8.86 38.71
C GLU C 350 -20.44 -9.96 39.14
N CYS C 351 -19.18 -9.60 39.41
CA CYS C 351 -18.22 -10.59 39.87
C CYS C 351 -18.60 -11.12 41.25
N VAL C 352 -19.08 -10.25 42.13
CA VAL C 352 -19.54 -10.70 43.44
C VAL C 352 -20.75 -11.62 43.29
N GLN C 353 -21.64 -11.29 42.35
CA GLN C 353 -22.83 -12.11 42.15
C GLN C 353 -22.45 -13.49 41.64
N MET C 354 -21.53 -13.56 40.69
CA MET C 354 -21.08 -14.86 40.19
C MET C 354 -20.40 -15.67 41.29
N THR C 355 -19.62 -15.01 42.14
CA THR C 355 -19.00 -15.71 43.27
C THR C 355 -20.05 -16.30 44.19
N LYS C 356 -21.12 -15.55 44.44
CA LYS C 356 -22.21 -16.08 45.27
C LYS C 356 -22.93 -17.23 44.57
N GLU C 357 -23.11 -17.14 43.25
CA GLU C 357 -23.78 -18.20 42.52
C GLU C 357 -22.97 -19.49 42.56
N VAL C 358 -21.64 -19.39 42.37
CA VAL C 358 -20.82 -20.59 42.40
C VAL C 358 -20.77 -21.18 43.80
N GLN C 359 -20.77 -20.32 44.83
CA GLN C 359 -20.78 -20.85 46.20
C GLN C 359 -22.07 -21.58 46.50
N LYS C 360 -23.20 -21.02 46.08
CA LYS C 360 -24.48 -21.70 46.26
C LYS C 360 -24.53 -22.99 45.47
N ALA C 361 -24.01 -22.98 44.23
CA ALA C 361 -23.98 -24.18 43.42
C ALA C 361 -23.12 -25.25 44.08
N MET C 362 -21.96 -24.87 44.59
CA MET C 362 -21.10 -25.81 45.31
C MET C 362 -21.71 -26.29 46.62
N ASP C 363 -22.73 -25.61 47.14
CA ASP C 363 -23.49 -26.06 48.31
C ASP C 363 -24.61 -27.03 47.93
N ASP C 364 -24.31 -28.00 47.06
CA ASP C 364 -25.23 -29.07 46.67
C ASP C 364 -26.56 -28.52 46.14
N LYS C 365 -26.47 -27.57 45.21
CA LYS C 365 -27.63 -27.06 44.48
C LYS C 365 -27.57 -27.47 43.02
N ARG C 366 -26.55 -27.03 42.28
CA ARG C 366 -26.25 -27.45 40.92
C ARG C 366 -24.82 -27.94 40.86
N PHE C 367 -24.51 -28.89 41.75
CA PHE C 367 -23.12 -29.19 42.10
C PHE C 367 -22.34 -29.76 40.93
N ASP C 368 -22.93 -30.70 40.19
CA ASP C 368 -22.25 -31.23 39.01
C ASP C 368 -22.07 -30.18 37.93
N GLU C 369 -22.96 -29.17 37.90
CA GLU C 369 -22.89 -28.08 36.94
C GLU C 369 -22.34 -26.79 37.54
N ALA C 370 -21.65 -26.88 38.69
CA ALA C 370 -20.96 -25.72 39.24
C ALA C 370 -19.61 -25.50 38.59
N THR C 371 -18.96 -26.57 38.11
CA THR C 371 -17.63 -26.46 37.55
C THR C 371 -17.60 -25.60 36.28
N GLN C 372 -18.70 -25.57 35.53
CA GLN C 372 -18.72 -24.75 34.33
C GLN C 372 -18.82 -23.27 34.68
N LEU C 373 -19.59 -22.94 35.73
CA LEU C 373 -19.69 -21.55 36.17
C LEU C 373 -18.39 -21.05 36.78
N ARG C 374 -17.49 -21.95 37.20
CA ARG C 374 -16.18 -21.55 37.69
C ARG C 374 -15.35 -20.86 36.61
N GLY C 375 -15.64 -21.11 35.34
CA GLY C 375 -14.90 -20.53 34.23
C GLY C 375 -14.51 -21.64 33.26
N GLY C 376 -14.46 -21.29 31.97
CA GLY C 376 -14.07 -22.27 30.97
C GLY C 376 -12.64 -22.75 31.13
N SER C 377 -11.77 -21.92 31.71
CA SER C 377 -10.38 -22.31 31.89
C SER C 377 -10.25 -23.47 32.87
N PHE C 378 -11.06 -23.46 33.94
CA PHE C 378 -11.01 -24.55 34.92
C PHE C 378 -11.43 -25.87 34.28
N GLU C 379 -12.59 -25.88 33.62
CA GLU C 379 -13.10 -27.12 33.04
C GLU C 379 -12.16 -27.64 31.96
N ASN C 380 -11.63 -26.74 31.13
CA ASN C 380 -10.69 -27.16 30.10
C ASN C 380 -9.42 -27.73 30.71
N ASN C 381 -8.91 -27.09 31.77
CA ASN C 381 -7.72 -27.58 32.45
C ASN C 381 -7.94 -28.97 33.03
N TRP C 382 -9.10 -29.21 33.63
CA TRP C 382 -9.36 -30.52 34.22
C TRP C 382 -9.51 -31.60 33.14
N ASN C 383 -10.12 -31.26 32.01
CA ASN C 383 -10.24 -32.22 30.93
C ASN C 383 -8.87 -32.55 30.32
N ILE C 384 -8.03 -31.54 30.15
CA ILE C 384 -6.68 -31.77 29.62
C ILE C 384 -5.88 -32.64 30.59
N TYR C 385 -6.01 -32.37 31.89
CA TYR C 385 -5.30 -33.15 32.90
C TYR C 385 -5.69 -34.63 32.82
N LYS C 386 -6.99 -34.92 32.83
CA LYS C 386 -7.44 -36.30 32.81
C LYS C 386 -7.04 -37.01 31.52
N LEU C 387 -7.10 -36.30 30.39
CA LEU C 387 -6.74 -36.91 29.12
C LEU C 387 -5.28 -37.31 29.10
N LEU C 388 -4.40 -36.43 29.58
CA LEU C 388 -2.96 -36.70 29.56
C LEU C 388 -2.52 -37.63 30.68
N ALA C 389 -3.30 -37.75 31.76
CA ALA C 389 -2.89 -38.55 32.90
C ALA C 389 -2.80 -40.02 32.54
N HIS C 390 -3.90 -40.60 32.05
CA HIS C 390 -4.02 -42.04 31.85
C HIS C 390 -4.43 -42.32 30.41
N GLN C 391 -3.71 -43.25 29.77
CA GLN C 391 -3.97 -43.64 28.39
C GLN C 391 -5.27 -44.43 28.32
N LYS C 392 -6.34 -43.78 27.83
CA LYS C 392 -7.55 -44.49 27.49
C LYS C 392 -7.42 -45.12 26.11
N PRO C 393 -8.20 -46.16 25.81
CA PRO C 393 -7.98 -46.88 24.56
C PRO C 393 -8.56 -46.10 23.39
N PRO C 394 -7.73 -45.66 22.41
CA PRO C 394 -8.33 -44.94 21.26
C PRO C 394 -8.85 -45.92 20.22
N LYS C 395 -10.07 -46.42 20.45
CA LYS C 395 -10.70 -47.31 19.48
C LYS C 395 -10.94 -46.64 18.14
N GLU C 396 -11.00 -45.32 18.11
CA GLU C 396 -11.00 -44.58 16.85
C GLU C 396 -9.61 -44.69 16.24
N LYS C 397 -9.56 -44.76 14.91
CA LYS C 397 -8.31 -44.75 14.18
C LYS C 397 -8.48 -43.91 12.92
N SER C 398 -7.38 -43.32 12.48
CA SER C 398 -7.34 -42.55 11.26
C SER C 398 -6.02 -42.84 10.55
N ASN C 399 -6.06 -42.83 9.22
CA ASN C 399 -4.86 -43.07 8.44
C ASN C 399 -3.81 -41.96 8.56
N PHE C 400 -4.17 -40.82 9.17
CA PHE C 400 -3.26 -39.71 9.29
C PHE C 400 -2.06 -40.05 10.16
N SER C 401 -0.94 -39.40 9.85
CA SER C 401 0.28 -39.47 10.64
C SER C 401 0.93 -38.09 10.62
N LEU C 402 1.58 -37.74 11.73
CA LEU C 402 2.14 -36.41 11.90
C LEU C 402 3.51 -36.50 12.58
N ALA C 403 4.38 -35.57 12.20
CA ALA C 403 5.75 -35.49 12.70
C ALA C 403 5.92 -34.23 13.54
N ILE C 404 6.52 -34.37 14.71
CA ILE C 404 6.75 -33.26 15.63
C ILE C 404 8.22 -32.86 15.53
N LEU C 405 8.46 -31.61 15.17
CA LEU C 405 9.79 -31.03 15.02
C LEU C 405 10.09 -30.10 16.19
N ASN C 406 11.36 -30.05 16.59
CA ASN C 406 11.89 -29.02 17.47
C ASN C 406 13.01 -28.29 16.73
N VAL C 407 12.80 -27.00 16.45
CA VAL C 407 13.64 -26.20 15.57
C VAL C 407 14.08 -24.95 16.30
N GLY C 408 15.34 -24.55 16.10
CA GLY C 408 15.86 -23.31 16.64
C GLY C 408 16.73 -23.50 17.86
N ALA C 409 16.68 -22.56 18.80
CA ALA C 409 17.31 -22.76 20.10
C ALA C 409 16.41 -23.62 20.98
N PRO C 410 16.97 -24.26 22.01
CA PRO C 410 16.10 -24.88 23.01
C PRO C 410 15.39 -23.81 23.82
N ALA C 411 14.14 -24.09 24.18
CA ALA C 411 13.34 -23.20 25.00
C ALA C 411 12.66 -24.03 26.08
N ALA C 412 12.67 -23.51 27.30
CA ALA C 412 12.02 -24.18 28.42
C ALA C 412 10.53 -24.30 28.16
N GLY C 413 10.04 -25.54 28.07
CA GLY C 413 8.65 -25.83 27.78
C GLY C 413 8.40 -26.48 26.44
N MET C 414 9.42 -26.63 25.59
CA MET C 414 9.26 -27.42 24.37
C MET C 414 8.81 -28.84 24.70
N ASN C 415 9.44 -29.44 25.70
CA ASN C 415 9.13 -30.82 26.08
C ASN C 415 7.68 -30.98 26.53
N ALA C 416 7.18 -30.00 27.30
CA ALA C 416 5.78 -30.05 27.71
C ALA C 416 4.84 -30.01 26.50
N ALA C 417 5.15 -29.15 25.52
CA ALA C 417 4.35 -29.08 24.31
C ALA C 417 4.41 -30.40 23.53
N VAL C 418 5.61 -30.99 23.42
CA VAL C 418 5.76 -32.24 22.68
C VAL C 418 4.98 -33.35 23.37
N ARG C 419 5.06 -33.40 24.71
CA ARG C 419 4.33 -34.43 25.47
C ARG C 419 2.83 -34.35 25.20
N SER C 420 2.25 -33.16 25.36
CA SER C 420 0.82 -32.99 25.13
C SER C 420 0.44 -33.28 23.68
N ALA C 421 1.26 -32.84 22.73
CA ALA C 421 0.99 -33.14 21.33
C ALA C 421 0.98 -34.64 21.07
N VAL C 422 1.93 -35.36 21.67
CA VAL C 422 2.01 -36.81 21.46
C VAL C 422 0.77 -37.50 22.02
N ARG C 423 0.45 -37.25 23.30
CA ARG C 423 -0.71 -37.87 23.92
C ARG C 423 -2.01 -37.53 23.18
N THR C 424 -2.21 -36.26 22.86
CA THR C 424 -3.44 -35.85 22.20
C THR C 424 -3.56 -36.47 20.81
N GLY C 425 -2.43 -36.56 20.09
CA GLY C 425 -2.47 -37.15 18.77
C GLY C 425 -2.73 -38.65 18.81
N ILE C 426 -2.11 -39.33 19.78
CA ILE C 426 -2.39 -40.76 19.99
C ILE C 426 -3.85 -40.96 20.36
N SER C 427 -4.40 -40.04 21.18
CA SER C 427 -5.81 -40.13 21.57
C SER C 427 -6.73 -40.06 20.36
N HIS C 428 -6.39 -39.21 19.39
CA HIS C 428 -7.16 -39.11 18.15
C HIS C 428 -6.83 -40.20 17.14
N GLY C 429 -5.97 -41.16 17.50
CA GLY C 429 -5.64 -42.25 16.61
C GLY C 429 -4.60 -41.94 15.55
N HIS C 430 -4.01 -40.75 15.57
CA HIS C 430 -2.96 -40.44 14.60
C HIS C 430 -1.70 -41.22 14.93
N THR C 431 -0.91 -41.49 13.89
CA THR C 431 0.41 -42.12 14.05
C THR C 431 1.41 -40.99 14.23
N VAL C 432 1.79 -40.74 15.49
CA VAL C 432 2.64 -39.62 15.83
C VAL C 432 4.10 -40.04 15.67
N TYR C 433 4.86 -39.23 14.94
CA TYR C 433 6.30 -39.36 14.84
C TYR C 433 6.98 -38.17 15.50
N VAL C 434 8.19 -38.40 15.99
CA VAL C 434 9.07 -37.34 16.47
C VAL C 434 10.35 -37.40 15.67
N VAL C 435 10.78 -36.24 15.14
CA VAL C 435 12.01 -36.13 14.38
C VAL C 435 13.04 -35.42 15.25
N HIS C 436 14.20 -36.05 15.40
CA HIS C 436 15.28 -35.50 16.21
C HIS C 436 16.08 -34.53 15.37
N ASP C 437 16.45 -33.39 15.96
CA ASP C 437 17.23 -32.33 15.33
C ASP C 437 16.43 -31.53 14.30
N GLY C 438 15.10 -31.55 14.38
CA GLY C 438 14.27 -30.70 13.54
C GLY C 438 14.41 -30.99 12.06
N PHE C 439 14.60 -29.92 11.27
CA PHE C 439 14.70 -30.06 9.83
C PHE C 439 15.92 -30.86 9.39
N GLU C 440 17.00 -30.80 10.17
CA GLU C 440 18.17 -31.64 9.87
C GLU C 440 17.79 -33.12 9.87
N GLY C 441 17.12 -33.57 10.92
CA GLY C 441 16.71 -34.96 10.98
C GLY C 441 15.63 -35.32 9.98
N LEU C 442 14.73 -34.37 9.70
CA LEU C 442 13.70 -34.64 8.71
C LEU C 442 14.31 -34.84 7.33
N ALA C 443 15.33 -34.05 6.99
CA ALA C 443 16.10 -34.29 5.78
C ALA C 443 16.89 -35.59 5.88
N LYS C 444 17.46 -35.86 7.05
CA LYS C 444 18.25 -37.07 7.27
C LYS C 444 17.41 -38.28 7.64
N GLY C 445 16.08 -38.15 7.68
CA GLY C 445 15.25 -39.28 8.02
C GLY C 445 15.45 -39.79 9.43
N GLN C 446 15.65 -38.89 10.39
CA GLN C 446 15.71 -39.25 11.81
C GLN C 446 14.31 -39.27 12.43
N VAL C 447 13.36 -39.88 11.73
CA VAL C 447 11.97 -39.94 12.14
C VAL C 447 11.80 -41.19 12.98
N GLN C 448 11.14 -41.04 14.13
CA GLN C 448 10.97 -42.12 15.09
C GLN C 448 9.52 -42.13 15.54
N GLU C 449 8.82 -43.22 15.24
CA GLU C 449 7.46 -43.38 15.74
C GLU C 449 7.48 -43.42 17.26
N VAL C 450 6.55 -42.68 17.88
CA VAL C 450 6.52 -42.44 19.30
C VAL C 450 5.24 -43.02 19.88
N GLY C 451 5.33 -43.49 21.13
CA GLY C 451 4.20 -43.98 21.88
C GLY C 451 3.83 -43.06 23.03
N TRP C 452 2.81 -43.50 23.77
CA TRP C 452 2.33 -42.73 24.92
C TRP C 452 3.43 -42.56 25.96
N HIS C 453 4.07 -43.65 26.37
CA HIS C 453 5.03 -43.61 27.46
C HIS C 453 6.41 -43.11 27.05
N ASP C 454 6.67 -42.94 25.75
CA ASP C 454 7.97 -42.41 25.34
C ASP C 454 8.16 -40.95 25.75
N VAL C 455 7.07 -40.23 26.00
CA VAL C 455 7.14 -38.85 26.50
C VAL C 455 6.87 -38.78 28.01
N ALA C 456 6.94 -39.91 28.71
CA ALA C 456 6.68 -39.92 30.15
C ALA C 456 7.71 -39.09 30.90
N GLY C 457 7.23 -38.17 31.72
CA GLY C 457 8.10 -37.32 32.51
C GLY C 457 8.83 -36.25 31.75
N TRP C 458 8.32 -35.84 30.58
CA TRP C 458 8.93 -34.78 29.79
C TRP C 458 8.52 -33.38 30.25
N LEU C 459 7.52 -33.27 31.13
CA LEU C 459 7.01 -31.97 31.57
C LEU C 459 8.11 -31.10 32.15
N GLY C 460 8.74 -31.55 33.24
CA GLY C 460 9.68 -30.72 33.96
C GLY C 460 11.07 -30.61 33.37
N ARG C 461 11.37 -31.36 32.32
CA ARG C 461 12.71 -31.33 31.72
C ARG C 461 12.85 -30.06 30.89
N GLY C 462 13.87 -29.26 31.20
CA GLY C 462 14.15 -28.07 30.42
C GLY C 462 14.80 -28.40 29.10
N GLY C 463 14.96 -27.34 28.30
CA GLY C 463 15.56 -27.50 26.99
C GLY C 463 14.65 -28.28 26.06
N SER C 464 15.25 -29.21 25.31
CA SER C 464 14.55 -30.01 24.32
C SER C 464 15.04 -31.45 24.39
N MET C 465 14.11 -32.39 24.57
CA MET C 465 14.46 -33.79 24.55
C MET C 465 14.73 -34.25 23.13
N LEU C 466 13.86 -33.88 22.19
CA LEU C 466 14.24 -33.91 20.79
C LEU C 466 15.35 -32.88 20.56
N GLY C 467 16.26 -33.21 19.66
CA GLY C 467 17.29 -32.24 19.31
C GLY C 467 16.71 -31.04 18.60
N THR C 468 17.32 -29.88 18.83
CA THR C 468 17.01 -28.65 18.13
C THR C 468 18.16 -28.29 17.21
N LYS C 469 17.82 -27.86 15.99
CA LYS C 469 18.76 -27.26 15.07
C LYS C 469 18.13 -26.04 14.42
N ARG C 470 18.96 -25.05 14.14
CA ARG C 470 18.51 -23.81 13.52
C ARG C 470 18.44 -23.87 12.00
N THR C 471 18.91 -24.95 11.38
CA THR C 471 19.08 -24.97 9.93
C THR C 471 17.73 -24.92 9.24
N LEU C 472 17.56 -23.93 8.37
CA LEU C 472 16.29 -23.76 7.67
C LEU C 472 16.11 -24.87 6.62
N PRO C 473 14.87 -25.20 6.27
CA PRO C 473 14.64 -26.36 5.38
C PRO C 473 14.95 -26.12 3.91
N LYS C 474 15.23 -24.88 3.50
CA LYS C 474 15.36 -24.58 2.08
C LYS C 474 16.54 -25.32 1.44
N GLY C 475 17.65 -25.42 2.17
CA GLY C 475 18.83 -26.07 1.60
C GLY C 475 18.60 -27.54 1.31
N GLN C 476 17.99 -28.26 2.25
CA GLN C 476 17.73 -29.70 2.14
C GLN C 476 16.28 -29.98 1.78
N LEU C 477 15.69 -29.14 0.95
CA LEU C 477 14.26 -29.26 0.68
C LEU C 477 13.93 -30.53 -0.09
N GLU C 478 14.80 -30.92 -1.04
CA GLU C 478 14.60 -32.19 -1.74
C GLU C 478 14.63 -33.37 -0.79
N SER C 479 15.47 -33.29 0.26
CA SER C 479 15.54 -34.37 1.24
C SER C 479 14.32 -34.38 2.14
N ILE C 480 13.82 -33.20 2.51
CA ILE C 480 12.67 -33.11 3.39
C ILE C 480 11.43 -33.69 2.71
N VAL C 481 11.20 -33.31 1.45
CA VAL C 481 10.04 -33.82 0.72
C VAL C 481 10.18 -35.32 0.47
N GLU C 482 11.40 -35.80 0.26
CA GLU C 482 11.60 -37.24 0.09
C GLU C 482 11.23 -37.99 1.36
N ASN C 483 11.62 -37.47 2.52
CA ASN C 483 11.32 -38.14 3.78
C ASN C 483 9.85 -38.01 4.15
N ILE C 484 9.22 -36.87 3.83
CA ILE C 484 7.77 -36.75 4.02
C ILE C 484 7.06 -37.80 3.18
N ARG C 485 7.51 -38.02 1.95
CA ARG C 485 6.89 -39.02 1.09
C ARG C 485 7.11 -40.43 1.65
N ILE C 486 8.34 -40.73 2.08
CA ILE C 486 8.66 -42.07 2.56
C ILE C 486 7.81 -42.40 3.79
N TYR C 487 7.80 -41.50 4.77
CA TYR C 487 7.07 -41.72 6.01
C TYR C 487 5.59 -41.37 5.92
N GLY C 488 5.13 -40.81 4.80
CA GLY C 488 3.72 -40.50 4.65
C GLY C 488 3.22 -39.43 5.60
N ILE C 489 4.07 -38.46 5.92
CA ILE C 489 3.70 -37.43 6.89
C ILE C 489 2.60 -36.58 6.30
N HIS C 490 1.47 -36.47 7.02
CA HIS C 490 0.33 -35.68 6.61
C HIS C 490 0.21 -34.36 7.35
N ALA C 491 0.85 -34.23 8.52
CA ALA C 491 0.90 -32.97 9.25
C ALA C 491 2.27 -32.80 9.88
N LEU C 492 2.66 -31.55 10.13
CA LEU C 492 4.01 -31.21 10.58
C LEU C 492 3.90 -30.19 11.70
N LEU C 493 4.19 -30.63 12.94
CA LEU C 493 4.11 -29.78 14.12
C LEU C 493 5.51 -29.31 14.48
N VAL C 494 5.77 -28.02 14.29
CA VAL C 494 7.10 -27.43 14.44
C VAL C 494 7.08 -26.58 15.71
N VAL C 495 7.74 -27.07 16.76
CA VAL C 495 7.81 -26.40 18.06
C VAL C 495 9.15 -25.67 18.12
N GLY C 496 9.13 -24.34 18.03
CA GLY C 496 10.39 -23.65 18.05
C GLY C 496 10.24 -22.16 17.86
N GLY C 497 11.38 -21.51 17.71
CA GLY C 497 11.47 -20.05 17.67
C GLY C 497 11.23 -19.48 16.29
N PHE C 498 11.88 -18.34 16.04
CA PHE C 498 11.76 -17.68 14.73
C PHE C 498 12.20 -18.59 13.61
N GLU C 499 13.18 -19.47 13.86
CA GLU C 499 13.61 -20.41 12.83
C GLU C 499 12.49 -21.38 12.48
N ALA C 500 11.68 -21.77 13.48
CA ALA C 500 10.54 -22.63 13.22
C ALA C 500 9.53 -21.95 12.30
N TYR C 501 9.14 -20.72 12.65
CA TYR C 501 8.21 -19.97 11.81
C TYR C 501 8.77 -19.76 10.41
N GLU C 502 10.04 -19.32 10.32
CA GLU C 502 10.65 -19.06 9.02
C GLU C 502 10.73 -20.33 8.18
N GLY C 503 11.07 -21.46 8.80
CA GLY C 503 11.14 -22.71 8.06
C GLY C 503 9.78 -23.17 7.57
N VAL C 504 8.75 -23.05 8.41
CA VAL C 504 7.40 -23.36 7.97
C VAL C 504 6.98 -22.43 6.85
N LEU C 505 7.38 -21.16 6.93
CA LEU C 505 7.10 -20.21 5.86
C LEU C 505 7.76 -20.66 4.56
N GLN C 506 9.00 -21.14 4.64
CA GLN C 506 9.70 -21.63 3.45
C GLN C 506 9.02 -22.87 2.87
N LEU C 507 8.60 -23.80 3.73
CA LEU C 507 7.92 -24.99 3.23
C LEU C 507 6.57 -24.65 2.61
N VAL C 508 5.87 -23.64 3.15
CA VAL C 508 4.60 -23.23 2.56
C VAL C 508 4.84 -22.58 1.20
N GLU C 509 5.82 -21.68 1.12
CA GLU C 509 6.17 -21.05 -0.14
C GLU C 509 6.61 -22.08 -1.17
N ALA C 510 7.24 -23.17 -0.72
CA ALA C 510 7.68 -24.23 -1.61
C ALA C 510 6.58 -25.23 -1.96
N ARG C 511 5.35 -25.04 -1.46
CA ARG C 511 4.22 -25.83 -1.95
C ARG C 511 4.02 -25.64 -3.45
N GLY C 512 4.37 -24.46 -3.98
CA GLY C 512 4.29 -24.22 -5.40
C GLY C 512 5.11 -25.20 -6.22
N ARG C 513 6.20 -25.72 -5.65
CA ARG C 513 7.14 -26.60 -6.33
C ARG C 513 6.94 -28.07 -5.99
N TYR C 514 6.71 -28.40 -4.71
CA TYR C 514 6.70 -29.77 -4.23
C TYR C 514 5.30 -30.14 -3.75
N GLU C 515 4.73 -31.18 -4.38
CA GLU C 515 3.42 -31.66 -4.00
C GLU C 515 3.41 -32.19 -2.57
N GLU C 516 4.52 -32.80 -2.13
CA GLU C 516 4.57 -33.44 -0.82
C GLU C 516 4.49 -32.44 0.33
N LEU C 517 4.85 -31.18 0.09
CA LEU C 517 4.73 -30.14 1.11
C LEU C 517 3.32 -29.59 1.26
N CYS C 518 2.34 -30.10 0.51
CA CYS C 518 0.95 -29.69 0.71
C CYS C 518 0.33 -30.46 1.88
N ILE C 519 0.91 -30.23 3.06
CA ILE C 519 0.53 -30.88 4.31
C ILE C 519 0.26 -29.79 5.33
N VAL C 520 -0.59 -30.11 6.30
CA VAL C 520 -0.93 -29.16 7.34
C VAL C 520 0.30 -28.92 8.21
N MET C 521 0.59 -27.64 8.48
CA MET C 521 1.71 -27.25 9.30
C MET C 521 1.22 -26.40 10.46
N CYS C 522 1.90 -26.49 11.60
CA CYS C 522 1.58 -25.69 12.76
C CYS C 522 2.87 -25.30 13.46
N VAL C 523 2.98 -24.03 13.82
CA VAL C 523 4.14 -23.49 14.52
C VAL C 523 3.72 -23.19 15.95
N ILE C 524 4.38 -23.84 16.90
CA ILE C 524 4.25 -23.51 18.32
C ILE C 524 5.42 -22.59 18.68
N PRO C 525 5.20 -21.29 18.91
CA PRO C 525 6.34 -20.41 19.18
C PRO C 525 6.98 -20.73 20.53
N ALA C 526 8.24 -21.16 20.49
CA ALA C 526 8.98 -21.56 21.69
C ALA C 526 10.38 -20.99 21.60
N THR C 527 10.60 -19.86 22.26
CA THR C 527 11.93 -19.25 22.26
C THR C 527 12.07 -18.33 23.46
N ILE C 528 13.33 -18.13 23.86
CA ILE C 528 13.66 -17.23 24.96
C ILE C 528 13.35 -15.78 24.57
N SER C 529 13.64 -15.41 23.34
CA SER C 529 13.60 -14.00 22.94
C SER C 529 12.18 -13.45 22.86
N ASN C 530 11.18 -14.31 22.74
CA ASN C 530 9.80 -13.89 22.45
C ASN C 530 9.73 -13.04 21.18
N ASN C 531 10.46 -13.46 20.16
CA ASN C 531 10.57 -12.73 18.89
C ASN C 531 9.79 -13.38 17.76
N VAL C 532 8.88 -14.30 18.07
CA VAL C 532 8.14 -15.04 17.05
C VAL C 532 6.88 -14.26 16.73
N PRO C 533 6.65 -13.83 15.48
CA PRO C 533 5.39 -13.14 15.18
C PRO C 533 4.20 -14.07 15.30
N GLY C 534 3.06 -13.48 15.65
CA GLY C 534 1.82 -14.21 15.79
C GLY C 534 1.47 -14.66 17.20
N THR C 535 2.24 -14.25 18.21
CA THR C 535 1.96 -14.60 19.60
C THR C 535 2.40 -13.46 20.48
N ASP C 536 1.88 -13.46 21.71
CA ASP C 536 2.34 -12.55 22.75
C ASP C 536 3.43 -13.16 23.61
N PHE C 537 3.36 -14.48 23.86
CA PHE C 537 4.28 -15.19 24.72
C PHE C 537 4.80 -16.41 23.98
N SER C 538 6.06 -16.36 23.56
CA SER C 538 6.70 -17.57 23.09
C SER C 538 6.91 -18.51 24.26
N LEU C 539 6.75 -19.80 24.00
CA LEU C 539 6.90 -20.82 25.02
C LEU C 539 8.32 -20.85 25.58
N GLY C 540 8.46 -20.50 26.87
CA GLY C 540 9.75 -20.40 27.51
C GLY C 540 10.28 -19.00 27.70
N SER C 541 9.57 -17.98 27.22
CA SER C 541 9.98 -16.62 27.53
C SER C 541 9.78 -16.32 29.01
N ASP C 542 8.69 -16.85 29.59
CA ASP C 542 8.42 -16.67 31.01
C ASP C 542 9.56 -17.25 31.87
N THR C 543 10.05 -18.43 31.50
CA THR C 543 11.17 -19.02 32.24
C THR C 543 12.41 -18.14 32.16
N ALA C 544 12.71 -17.61 30.99
CA ALA C 544 13.88 -16.76 30.83
C ALA C 544 13.76 -15.49 31.65
N VAL C 545 12.56 -14.90 31.66
CA VAL C 545 12.34 -13.68 32.43
C VAL C 545 12.55 -13.96 33.91
N ASN C 546 12.03 -15.08 34.38
CA ASN C 546 12.15 -15.42 35.80
C ASN C 546 13.61 -15.64 36.18
N ALA C 547 14.36 -16.38 35.35
CA ALA C 547 15.79 -16.56 35.62
C ALA C 547 16.54 -15.24 35.52
N ALA C 548 16.12 -14.36 34.61
CA ALA C 548 16.80 -13.07 34.45
C ALA C 548 16.60 -12.19 35.68
N MET C 549 15.37 -12.08 36.17
CA MET C 549 15.15 -11.24 37.34
C MET C 549 15.85 -11.81 38.58
N GLU C 550 15.88 -13.14 38.70
CA GLU C 550 16.48 -13.76 39.87
C GLU C 550 17.97 -13.47 39.93
N SER C 551 18.62 -13.49 38.77
CA SER C 551 20.02 -13.07 38.71
C SER C 551 20.15 -11.58 39.00
N CYS C 552 19.25 -10.77 38.43
CA CYS C 552 19.29 -9.33 38.68
C CYS C 552 19.00 -9.00 40.15
N ASP C 553 18.05 -9.72 40.76
CA ASP C 553 17.77 -9.54 42.19
C ASP C 553 19.00 -9.89 43.03
N ARG C 554 19.66 -10.99 42.68
CA ARG C 554 20.91 -11.37 43.36
C ARG C 554 21.95 -10.27 43.21
N ILE C 555 22.10 -9.74 41.99
CA ILE C 555 23.10 -8.71 41.73
C ILE C 555 22.77 -7.45 42.51
N LYS C 556 21.50 -7.04 42.49
CA LYS C 556 21.09 -5.83 43.21
C LYS C 556 21.25 -5.99 44.71
N GLN C 557 21.06 -7.21 45.23
CA GLN C 557 21.24 -7.47 46.64
C GLN C 557 22.70 -7.52 47.06
N SER C 558 23.65 -7.57 46.12
CA SER C 558 25.05 -7.75 46.46
C SER C 558 25.71 -6.47 46.98
N ALA C 559 25.11 -5.30 46.74
CA ALA C 559 25.67 -4.06 47.26
C ALA C 559 25.48 -3.94 48.76
N SER C 560 24.50 -4.65 49.33
CA SER C 560 24.32 -4.76 50.78
C SER C 560 24.05 -3.41 51.45
N GLY C 561 23.05 -2.70 50.91
CA GLY C 561 22.40 -1.61 51.60
C GLY C 561 23.23 -0.43 52.07
N THR C 562 24.50 -0.33 51.67
CA THR C 562 25.40 0.70 52.18
C THR C 562 26.23 1.34 51.07
N LYS C 563 26.86 0.53 50.23
CA LYS C 563 27.59 1.07 49.10
C LYS C 563 26.62 1.50 48.01
N ARG C 564 26.84 2.69 47.46
CA ARG C 564 26.05 3.19 46.35
C ARG C 564 26.66 2.67 45.06
N ARG C 565 25.97 1.75 44.39
CA ARG C 565 26.48 1.05 43.22
C ARG C 565 25.39 0.89 42.19
N VAL C 566 25.76 1.07 40.93
CA VAL C 566 24.90 0.80 39.77
C VAL C 566 25.46 -0.43 39.06
N PHE C 567 24.56 -1.30 38.64
CA PHE C 567 24.92 -2.51 37.90
C PHE C 567 24.39 -2.42 36.47
N ILE C 568 25.29 -2.55 35.51
CA ILE C 568 24.92 -2.69 34.10
C ILE C 568 24.77 -4.19 33.84
N VAL C 569 23.54 -4.65 33.64
CA VAL C 569 23.25 -6.07 33.44
C VAL C 569 22.82 -6.27 32.00
N GLU C 570 23.60 -7.04 31.25
CA GLU C 570 23.31 -7.28 29.84
C GLU C 570 22.50 -8.57 29.70
N THR C 571 21.29 -8.46 29.13
CA THR C 571 20.39 -9.58 28.92
C THR C 571 20.45 -10.04 27.46
N MET C 572 19.99 -11.27 27.22
CA MET C 572 19.87 -11.82 25.89
C MET C 572 18.54 -11.38 25.28
N GLY C 573 18.19 -11.96 24.13
CA GLY C 573 16.95 -11.67 23.42
C GLY C 573 17.16 -11.17 22.01
N GLY C 574 18.40 -11.18 21.53
CA GLY C 574 18.69 -10.66 20.20
C GLY C 574 18.33 -9.19 20.08
N TYR C 575 17.78 -8.83 18.92
CA TYR C 575 17.23 -7.50 18.73
C TYR C 575 15.90 -7.30 19.44
N CYS C 576 15.21 -8.39 19.80
CA CYS C 576 13.93 -8.26 20.50
C CYS C 576 14.18 -7.84 21.94
N GLY C 577 13.65 -6.69 22.31
CA GLY C 577 13.86 -6.14 23.63
C GLY C 577 12.91 -6.61 24.69
N TYR C 578 11.97 -7.51 24.38
CA TYR C 578 10.94 -7.94 25.33
C TYR C 578 11.55 -8.39 26.66
N LEU C 579 12.52 -9.29 26.59
CA LEU C 579 13.13 -9.87 27.78
C LEU C 579 13.78 -8.79 28.65
N ALA C 580 14.48 -7.84 28.03
CA ALA C 580 15.14 -6.78 28.79
C ALA C 580 14.13 -5.89 29.50
N THR C 581 13.05 -5.51 28.80
CA THR C 581 12.13 -4.52 29.35
C THR C 581 11.31 -5.09 30.48
N VAL C 582 10.74 -6.27 30.27
CA VAL C 582 9.94 -6.91 31.33
C VAL C 582 10.82 -7.22 32.53
N THR C 583 12.06 -7.68 32.29
CA THR C 583 12.98 -7.91 33.41
C THR C 583 13.24 -6.61 34.17
N GLY C 584 13.33 -5.48 33.45
CA GLY C 584 13.53 -4.21 34.11
C GLY C 584 12.34 -3.80 34.95
N ILE C 585 11.13 -4.08 34.47
CA ILE C 585 9.94 -3.84 35.27
C ILE C 585 9.95 -4.70 36.51
N ALA C 586 10.28 -5.99 36.34
CA ALA C 586 10.22 -6.93 37.46
C ALA C 586 11.20 -6.56 38.56
N VAL C 587 12.37 -6.04 38.19
CA VAL C 587 13.45 -5.73 39.12
C VAL C 587 13.52 -4.25 39.48
N GLY C 588 12.64 -3.42 38.93
CA GLY C 588 12.73 -1.99 39.15
C GLY C 588 13.98 -1.39 38.56
N ALA C 589 14.38 -1.84 37.37
CA ALA C 589 15.56 -1.28 36.72
C ALA C 589 15.31 0.19 36.38
N ASP C 590 16.35 1.00 36.54
CA ASP C 590 16.25 2.41 36.19
C ASP C 590 16.00 2.59 34.70
N ALA C 591 16.67 1.79 33.86
CA ALA C 591 16.57 1.92 32.42
C ALA C 591 16.82 0.56 31.78
N ALA C 592 16.07 0.26 30.73
CA ALA C 592 16.22 -0.96 29.94
C ALA C 592 16.44 -0.56 28.49
N TYR C 593 17.70 -0.42 28.10
CA TYR C 593 18.02 -0.02 26.73
C TYR C 593 17.77 -1.18 25.78
N VAL C 594 16.96 -0.91 24.75
CA VAL C 594 16.58 -1.93 23.77
C VAL C 594 16.62 -1.32 22.37
N PHE C 595 16.66 -2.22 21.38
CA PHE C 595 16.77 -1.80 20.00
C PHE C 595 15.53 -1.02 19.54
N GLU C 596 14.35 -1.44 19.99
CA GLU C 596 13.11 -0.85 19.50
C GLU C 596 12.90 0.59 19.98
N ASP C 597 13.70 1.07 20.93
CA ASP C 597 13.67 2.45 21.41
C ASP C 597 15.08 3.01 21.21
N PRO C 598 15.41 3.48 20.00
CA PRO C 598 16.77 3.96 19.76
C PRO C 598 17.10 5.17 20.62
N PHE C 599 18.32 5.15 21.15
CA PHE C 599 18.80 6.16 22.09
C PHE C 599 20.17 6.63 21.63
N ASN C 600 20.42 7.92 21.85
CA ASN C 600 21.67 8.58 21.52
C ASN C 600 22.32 9.06 22.82
N ILE C 601 23.45 9.75 22.69
CA ILE C 601 24.19 10.18 23.86
C ILE C 601 23.41 11.21 24.68
N HIS C 602 22.53 11.98 24.03
CA HIS C 602 21.69 12.91 24.79
C HIS C 602 20.78 12.15 25.76
N ASP C 603 20.16 11.07 25.28
CA ASP C 603 19.32 10.25 26.16
C ASP C 603 20.15 9.61 27.27
N LEU C 604 21.38 9.22 26.95
CA LEU C 604 22.24 8.62 27.95
C LEU C 604 22.60 9.61 29.05
N LYS C 605 22.92 10.85 28.69
CA LYS C 605 23.22 11.84 29.71
C LYS C 605 21.99 12.14 30.57
N VAL C 606 20.80 12.17 29.95
CA VAL C 606 19.56 12.37 30.70
C VAL C 606 19.40 11.26 31.74
N ASN C 607 19.59 10.02 31.31
CA ASN C 607 19.42 8.89 32.22
C ASN C 607 20.51 8.86 33.28
N VAL C 608 21.74 9.23 32.92
CA VAL C 608 22.84 9.18 33.88
C VAL C 608 22.68 10.26 34.94
N GLU C 609 22.32 11.47 34.54
CA GLU C 609 22.03 12.53 35.51
C GLU C 609 20.84 12.14 36.38
N HIS C 610 19.83 11.52 35.78
CA HIS C 610 18.69 11.00 36.53
C HIS C 610 19.14 9.98 37.56
N MET C 611 20.04 9.08 37.18
CA MET C 611 20.56 8.08 38.11
C MET C 611 21.33 8.74 39.25
N THR C 612 22.19 9.71 38.92
CA THR C 612 22.99 10.39 39.93
C THR C 612 22.09 11.08 40.96
N GLU C 613 21.05 11.76 40.49
CA GLU C 613 20.12 12.42 41.41
C GLU C 613 19.40 11.40 42.27
N LYS C 614 18.93 10.31 41.67
CA LYS C 614 18.28 9.24 42.43
C LYS C 614 19.24 8.65 43.45
N MET C 615 20.52 8.49 43.08
CA MET C 615 21.47 7.83 43.95
C MET C 615 21.92 8.70 45.12
N LYS C 616 21.71 10.02 45.04
CA LYS C 616 21.95 10.87 46.19
C LYS C 616 20.85 10.75 47.24
N THR C 617 19.68 10.24 46.88
CA THR C 617 18.58 10.04 47.82
C THR C 617 18.76 8.72 48.58
N ASP C 618 17.69 8.22 49.20
CA ASP C 618 17.78 7.04 50.05
C ASP C 618 18.10 5.77 49.26
N ILE C 619 17.78 5.72 47.98
CA ILE C 619 17.94 4.49 47.21
C ILE C 619 19.38 4.39 46.72
N GLN C 620 20.03 3.25 47.04
CA GLN C 620 21.47 3.09 46.89
C GLN C 620 21.88 2.07 45.84
N ARG C 621 20.97 1.20 45.39
CA ARG C 621 21.27 0.15 44.42
C ARG C 621 20.53 0.46 43.11
N GLY C 622 21.28 0.96 42.13
CA GLY C 622 20.74 1.17 40.79
C GLY C 622 20.94 -0.05 39.92
N LEU C 623 20.10 -0.15 38.90
CA LEU C 623 20.13 -1.32 38.01
C LEU C 623 19.64 -0.87 36.64
N VAL C 624 20.52 -0.90 35.65
CA VAL C 624 20.18 -0.64 34.25
C VAL C 624 20.39 -1.93 33.48
N LEU C 625 19.42 -2.29 32.65
CA LEU C 625 19.54 -3.43 31.76
C LEU C 625 19.88 -2.96 30.35
N ARG C 626 20.65 -3.79 29.65
CA ARG C 626 21.00 -3.54 28.25
C ARG C 626 20.72 -4.81 27.45
N ASN C 627 19.88 -4.69 26.43
CA ASN C 627 19.74 -5.78 25.49
C ASN C 627 21.05 -5.93 24.70
N GLU C 628 21.44 -7.19 24.44
CA GLU C 628 22.75 -7.49 23.87
C GLU C 628 22.98 -6.80 22.52
N LYS C 629 21.92 -6.56 21.75
CA LYS C 629 22.01 -5.98 20.40
C LYS C 629 21.21 -4.68 20.30
N CYS C 630 21.15 -3.90 21.39
CA CYS C 630 20.38 -2.66 21.35
C CYS C 630 21.09 -1.56 20.58
N HIS C 631 22.42 -1.53 20.62
CA HIS C 631 23.20 -0.45 20.02
C HIS C 631 24.48 -1.02 19.42
N ASP C 632 24.92 -0.41 18.32
CA ASP C 632 26.12 -0.89 17.64
C ASP C 632 27.38 -0.52 18.40
N TYR C 633 27.42 0.68 18.98
CA TYR C 633 28.61 1.24 19.60
C TYR C 633 28.50 1.39 21.11
N TYR C 634 27.31 1.73 21.62
CA TYR C 634 27.11 1.92 23.06
C TYR C 634 26.90 0.56 23.69
N THR C 635 28.00 -0.20 23.75
CA THR C 635 27.99 -1.54 24.28
C THR C 635 27.85 -1.49 25.79
N THR C 636 27.86 -2.68 26.41
CA THR C 636 27.86 -2.75 27.86
C THR C 636 29.07 -2.05 28.46
N GLU C 637 30.24 -2.24 27.83
CA GLU C 637 31.44 -1.56 28.31
C GLU C 637 31.31 -0.05 28.19
N PHE C 638 30.70 0.42 27.09
CA PHE C 638 30.48 1.86 26.91
C PHE C 638 29.63 2.42 28.04
N LEU C 639 28.49 1.78 28.31
CA LEU C 639 27.62 2.25 29.39
C LEU C 639 28.33 2.18 30.73
N TYR C 640 29.12 1.13 30.96
CA TYR C 640 29.91 1.04 32.19
C TYR C 640 30.81 2.25 32.34
N ASN C 641 31.59 2.57 31.30
CA ASN C 641 32.49 3.71 31.36
C ASN C 641 31.73 5.01 31.59
N LEU C 642 30.59 5.17 30.92
CA LEU C 642 29.80 6.38 31.05
C LEU C 642 29.28 6.54 32.48
N TYR C 643 28.59 5.53 32.99
CA TYR C 643 27.99 5.63 34.33
C TYR C 643 29.05 5.78 35.41
N SER C 644 30.15 5.04 35.29
CA SER C 644 31.18 5.09 36.32
C SER C 644 31.89 6.43 36.33
N SER C 645 32.10 7.03 35.15
CA SER C 645 32.76 8.33 35.08
C SER C 645 31.85 9.42 35.60
N GLU C 646 30.64 9.51 35.07
CA GLU C 646 29.73 10.58 35.48
C GLU C 646 29.26 10.42 36.91
N GLY C 647 29.17 9.19 37.39
CA GLY C 647 28.84 8.93 38.78
C GLY C 647 30.01 8.99 39.72
N LYS C 648 31.17 9.48 39.28
CA LYS C 648 32.35 9.56 40.13
C LYS C 648 32.07 10.44 41.35
N GLY C 649 32.45 9.95 42.51
CA GLY C 649 32.17 10.63 43.76
C GLY C 649 30.76 10.44 44.29
N VAL C 650 29.90 9.72 43.57
CA VAL C 650 28.53 9.43 43.99
C VAL C 650 28.31 7.93 44.11
N PHE C 651 28.62 7.18 43.03
CA PHE C 651 28.46 5.74 43.04
C PHE C 651 29.53 5.10 42.18
N ASP C 652 29.78 3.83 42.45
CA ASP C 652 30.59 2.97 41.60
C ASP C 652 29.68 2.24 40.62
N CYS C 653 30.28 1.73 39.54
CA CYS C 653 29.57 0.99 38.52
C CYS C 653 30.17 -0.40 38.37
N ARG C 654 29.31 -1.39 38.14
CA ARG C 654 29.74 -2.75 37.85
C ARG C 654 28.92 -3.30 36.69
N THR C 655 29.45 -4.38 36.11
CA THR C 655 28.92 -5.00 34.91
C THR C 655 28.72 -6.48 35.14
N ASN C 656 27.66 -7.02 34.53
CA ASN C 656 27.39 -8.46 34.61
C ASN C 656 26.61 -8.89 33.38
N VAL C 657 27.24 -9.66 32.50
CA VAL C 657 26.58 -10.16 31.30
C VAL C 657 25.95 -11.49 31.66
N LEU C 658 24.64 -11.48 31.90
CA LEU C 658 23.89 -12.72 32.08
C LEU C 658 23.88 -13.44 30.75
N GLY C 659 24.75 -14.43 30.59
CA GLY C 659 24.83 -15.17 29.36
C GLY C 659 23.75 -16.23 29.29
N HIS C 660 24.16 -17.49 29.28
CA HIS C 660 23.24 -18.62 29.25
C HIS C 660 22.66 -18.97 30.62
N LEU C 661 22.82 -18.10 31.62
CA LEU C 661 22.06 -18.25 32.86
C LEU C 661 20.57 -18.12 32.63
N GLN C 662 20.16 -17.37 31.60
CA GLN C 662 18.76 -17.18 31.28
C GLN C 662 18.16 -18.32 30.46
N GLN C 663 18.93 -19.36 30.15
CA GLN C 663 18.59 -20.32 29.11
C GLN C 663 18.21 -21.69 29.66
N GLY C 664 19.15 -22.38 30.33
CA GLY C 664 19.00 -23.79 30.63
C GLY C 664 18.14 -24.18 31.80
N GLY C 665 17.34 -23.28 32.34
CA GLY C 665 16.54 -23.63 33.51
C GLY C 665 15.41 -24.58 33.17
N ALA C 666 14.91 -25.25 34.20
CA ALA C 666 13.67 -25.99 34.05
C ALA C 666 12.54 -25.01 33.75
N PRO C 667 11.48 -25.45 33.07
CA PRO C 667 10.37 -24.51 32.79
C PRO C 667 9.66 -24.10 34.07
N THR C 668 9.31 -22.82 34.13
CA THR C 668 8.46 -22.35 35.20
C THR C 668 7.10 -23.01 35.08
N PRO C 669 6.29 -23.01 36.16
CA PRO C 669 4.97 -23.65 36.07
C PRO C 669 4.06 -23.05 35.00
N PHE C 670 4.15 -21.73 34.80
CA PHE C 670 3.42 -21.10 33.70
C PHE C 670 3.80 -21.73 32.37
N ASP C 671 5.10 -21.86 32.10
CA ASP C 671 5.56 -22.41 30.83
C ASP C 671 5.10 -23.85 30.63
N ARG C 672 5.12 -24.66 31.70
CA ARG C 672 4.64 -26.03 31.60
C ARG C 672 3.17 -26.08 31.25
N ASN C 673 2.34 -25.37 32.03
CA ASN C 673 0.90 -25.34 31.76
C ASN C 673 0.60 -24.74 30.39
N TYR C 674 1.29 -23.65 30.05
CA TYR C 674 1.09 -23.00 28.77
C TYR C 674 1.41 -23.95 27.61
N GLY C 675 2.63 -24.51 27.62
CA GLY C 675 3.02 -25.45 26.58
C GLY C 675 2.14 -26.68 26.55
N THR C 676 1.73 -27.16 27.72
CA THR C 676 0.77 -28.25 27.81
C THR C 676 -0.51 -27.92 27.05
N LYS C 677 -1.10 -26.76 27.36
CA LYS C 677 -2.40 -26.41 26.80
C LYS C 677 -2.32 -26.15 25.29
N LEU C 678 -1.37 -25.32 24.85
CA LEU C 678 -1.30 -25.04 23.42
C LEU C 678 -0.83 -26.24 22.61
N GLY C 679 -0.09 -27.17 23.22
CA GLY C 679 0.19 -28.43 22.57
C GLY C 679 -1.07 -29.24 22.32
N VAL C 680 -1.95 -29.30 23.32
CA VAL C 680 -3.27 -29.92 23.13
C VAL C 680 -4.02 -29.19 22.03
N LYS C 681 -4.10 -27.87 22.11
CA LYS C 681 -4.87 -27.09 21.14
C LYS C 681 -4.31 -27.21 19.74
N ALA C 682 -2.97 -27.22 19.63
CA ALA C 682 -2.35 -27.42 18.33
C ALA C 682 -2.75 -28.76 17.73
N MET C 683 -2.84 -29.80 18.57
CA MET C 683 -3.22 -31.10 18.06
C MET C 683 -4.70 -31.16 17.71
N LEU C 684 -5.55 -30.50 18.50
CA LEU C 684 -6.96 -30.38 18.14
C LEU C 684 -7.12 -29.70 16.79
N TRP C 685 -6.43 -28.57 16.62
CA TRP C 685 -6.50 -27.83 15.36
C TRP C 685 -5.94 -28.65 14.20
N LEU C 686 -4.83 -29.37 14.43
CA LEU C 686 -4.27 -30.22 13.40
C LEU C 686 -5.28 -31.27 12.95
N SER C 687 -5.93 -31.94 13.91
CA SER C 687 -6.89 -32.98 13.58
C SER C 687 -8.09 -32.40 12.83
N GLU C 688 -8.58 -31.24 13.28
CA GLU C 688 -9.71 -30.62 12.61
C GLU C 688 -9.35 -30.18 11.19
N LYS C 689 -8.16 -29.58 11.03
CA LYS C 689 -7.74 -29.16 9.69
C LYS C 689 -7.48 -30.35 8.79
N LEU C 690 -7.00 -31.46 9.35
CA LEU C 690 -6.73 -32.63 8.54
C LEU C 690 -8.02 -33.27 8.03
N ARG C 691 -9.06 -33.29 8.88
CA ARG C 691 -10.36 -33.76 8.43
C ARG C 691 -10.97 -32.81 7.41
N GLU C 692 -10.81 -31.50 7.65
CA GLU C 692 -11.32 -30.49 6.71
C GLU C 692 -10.67 -30.56 5.35
N VAL C 693 -9.48 -31.15 5.24
CA VAL C 693 -8.66 -31.08 4.04
C VAL C 693 -8.47 -32.45 3.37
N TYR C 694 -8.79 -33.54 4.05
CA TYR C 694 -8.72 -34.86 3.43
C TYR C 694 -9.70 -34.96 2.28
N ARG C 695 -9.19 -35.30 1.10
CA ARG C 695 -10.01 -35.40 -0.11
C ARG C 695 -9.48 -36.47 -1.03
N LYS C 696 -10.40 -37.21 -1.65
CA LYS C 696 -10.12 -38.14 -2.74
C LYS C 696 -9.03 -39.16 -2.38
N GLY C 697 -8.99 -39.54 -1.10
CA GLY C 697 -8.04 -40.53 -0.63
C GLY C 697 -6.69 -39.99 -0.21
N ARG C 698 -6.58 -38.70 0.10
CA ARG C 698 -5.28 -38.13 0.45
C ARG C 698 -5.48 -36.76 1.05
N VAL C 699 -4.50 -36.33 1.85
CA VAL C 699 -4.45 -34.99 2.42
C VAL C 699 -3.78 -34.07 1.40
N PHE C 700 -4.46 -32.98 1.05
CA PHE C 700 -3.92 -31.96 0.13
C PHE C 700 -4.20 -30.59 0.74
N ALA C 701 -3.25 -30.09 1.52
CA ALA C 701 -3.36 -28.82 2.23
C ALA C 701 -2.49 -27.79 1.51
N ASN C 702 -3.13 -26.86 0.81
CA ASN C 702 -2.45 -25.86 0.00
C ASN C 702 -2.91 -24.43 0.28
N ALA C 703 -4.04 -24.23 0.94
CA ALA C 703 -4.44 -22.88 1.30
C ALA C 703 -3.50 -22.32 2.36
N PRO C 704 -3.32 -20.99 2.43
CA PRO C 704 -2.41 -20.45 3.45
C PRO C 704 -2.89 -20.65 4.88
N ASP C 705 -4.20 -20.73 5.09
CA ASP C 705 -4.74 -20.97 6.42
C ASP C 705 -4.49 -22.39 6.92
N SER C 706 -3.95 -23.29 6.09
CA SER C 706 -3.55 -24.61 6.55
C SER C 706 -2.15 -24.64 7.16
N ALA C 707 -1.47 -23.49 7.25
CA ALA C 707 -0.16 -23.37 7.90
C ALA C 707 -0.20 -22.14 8.80
N CYS C 708 -0.39 -22.36 10.10
CA CYS C 708 -0.65 -21.30 11.06
C CYS C 708 0.31 -21.39 12.24
N VAL C 709 0.49 -20.23 12.88
CA VAL C 709 1.19 -20.13 14.16
C VAL C 709 0.14 -20.08 15.25
N ILE C 710 0.19 -21.04 16.18
CA ILE C 710 -0.74 -21.01 17.30
C ILE C 710 -0.40 -19.81 18.17
N GLY C 711 -1.42 -19.06 18.58
CA GLY C 711 -1.23 -17.69 18.99
C GLY C 711 -1.19 -17.40 20.48
N LEU C 712 -2.36 -17.05 21.03
CA LEU C 712 -2.53 -16.25 22.25
C LEU C 712 -2.06 -14.84 21.92
N LYS C 713 -2.81 -14.16 21.07
CA LYS C 713 -2.42 -12.89 20.48
C LYS C 713 -2.93 -11.68 21.24
N LYS C 714 -4.19 -11.71 21.70
CA LYS C 714 -4.71 -10.69 22.58
C LYS C 714 -5.53 -11.30 23.71
N LYS C 715 -6.58 -12.05 23.36
CA LYS C 715 -7.56 -12.54 24.31
C LYS C 715 -7.50 -14.05 24.52
N ALA C 716 -7.54 -14.82 23.44
CA ALA C 716 -7.53 -16.28 23.51
C ALA C 716 -6.56 -16.80 22.46
N VAL C 717 -6.47 -18.13 22.37
CA VAL C 717 -5.57 -18.75 21.41
C VAL C 717 -6.07 -18.47 20.00
N ALA C 718 -5.13 -18.12 19.11
CA ALA C 718 -5.41 -17.76 17.73
C ALA C 718 -4.52 -18.60 16.82
N PHE C 719 -4.87 -18.61 15.53
CA PHE C 719 -4.12 -19.31 14.50
C PHE C 719 -3.89 -18.32 13.36
N SER C 720 -2.73 -17.66 13.41
CA SER C 720 -2.38 -16.64 12.42
C SER C 720 -1.65 -17.32 11.26
N PRO C 721 -2.14 -17.25 10.02
CA PRO C 721 -1.39 -17.86 8.90
C PRO C 721 -0.03 -17.20 8.71
N VAL C 722 0.98 -18.04 8.47
CA VAL C 722 2.36 -17.56 8.37
C VAL C 722 2.51 -16.58 7.21
N THR C 723 1.79 -16.82 6.11
CA THR C 723 1.86 -15.91 4.98
C THR C 723 1.29 -14.54 5.32
N GLU C 724 0.27 -14.50 6.20
CA GLU C 724 -0.25 -13.20 6.62
C GLU C 724 0.71 -12.52 7.59
N LEU C 725 1.36 -13.29 8.45
CA LEU C 725 2.33 -12.74 9.39
C LEU C 725 3.59 -12.21 8.71
N LYS C 726 3.87 -12.66 7.47
CA LYS C 726 5.10 -12.25 6.79
C LYS C 726 5.17 -10.74 6.58
N LYS C 727 4.01 -10.08 6.43
CA LYS C 727 4.00 -8.62 6.29
C LYS C 727 4.58 -7.95 7.53
N ASP C 728 4.18 -8.41 8.72
CA ASP C 728 4.56 -7.81 9.98
C ASP C 728 5.79 -8.46 10.61
N THR C 729 6.68 -9.05 9.80
CA THR C 729 7.86 -9.74 10.28
C THR C 729 9.10 -9.06 9.71
N ASP C 730 10.00 -8.64 10.61
CA ASP C 730 11.28 -8.05 10.24
C ASP C 730 12.30 -9.19 10.20
N PHE C 731 12.53 -9.74 9.00
CA PHE C 731 13.41 -10.90 8.87
C PHE C 731 14.86 -10.56 9.15
N GLU C 732 15.28 -9.33 8.83
CA GLU C 732 16.67 -8.93 9.09
C GLU C 732 16.99 -9.02 10.58
N HIS C 733 16.11 -8.45 11.41
CA HIS C 733 16.26 -8.51 12.86
C HIS C 733 15.58 -9.70 13.50
N ARG C 734 14.85 -10.52 12.73
CA ARG C 734 14.21 -11.73 13.22
C ARG C 734 13.24 -11.43 14.36
N MET C 735 12.34 -10.49 14.12
CA MET C 735 11.35 -10.08 15.11
C MET C 735 10.16 -9.48 14.37
N PRO C 736 8.99 -9.38 15.02
CA PRO C 736 7.87 -8.71 14.37
C PRO C 736 8.07 -7.21 14.30
N ARG C 737 7.36 -6.59 13.34
CA ARG C 737 7.48 -5.15 13.15
C ARG C 737 6.71 -4.38 14.20
N GLU C 738 5.54 -4.89 14.61
CA GLU C 738 4.70 -4.28 15.64
C GLU C 738 4.58 -5.27 16.79
N GLN C 739 5.15 -4.90 17.93
CA GLN C 739 5.21 -5.75 19.12
C GLN C 739 4.29 -5.15 20.19
N TRP C 740 3.50 -6.03 20.81
CA TRP C 740 2.47 -5.57 21.75
C TRP C 740 3.05 -4.91 22.99
N TRP C 741 4.29 -5.25 23.36
CA TRP C 741 4.84 -4.91 24.68
C TRP C 741 5.52 -3.55 24.73
N LEU C 742 5.54 -2.78 23.63
CA LEU C 742 6.20 -1.47 23.67
C LEU C 742 5.50 -0.48 24.61
N SER C 743 4.23 -0.71 24.92
CA SER C 743 3.56 0.14 25.88
C SER C 743 4.10 -0.05 27.29
N LEU C 744 4.71 -1.20 27.59
CA LEU C 744 5.27 -1.45 28.91
C LEU C 744 6.52 -0.62 29.18
N ARG C 745 7.17 -0.09 28.14
CA ARG C 745 8.28 0.84 28.35
C ARG C 745 7.83 2.05 29.13
N LEU C 746 6.63 2.54 28.83
CA LEU C 746 6.09 3.71 29.50
C LEU C 746 5.89 3.44 30.98
N MET C 747 5.42 2.24 31.32
CA MET C 747 5.26 1.86 32.71
C MET C 747 6.62 1.76 33.42
N LEU C 748 7.62 1.16 32.75
CA LEU C 748 8.97 1.10 33.29
C LEU C 748 9.48 2.51 33.59
N LYS C 749 9.38 3.40 32.60
CA LYS C 749 9.92 4.74 32.74
C LYS C 749 9.17 5.54 33.79
N MET C 750 7.85 5.37 33.86
CA MET C 750 7.07 6.04 34.90
C MET C 750 7.46 5.58 36.29
N LEU C 751 7.62 4.27 36.46
CA LEU C 751 8.04 3.73 37.76
C LEU C 751 9.47 4.15 38.12
N ALA C 752 10.26 4.61 37.15
CA ALA C 752 11.61 5.11 37.38
C ALA C 752 11.69 6.64 37.38
N GLN C 753 10.56 7.34 37.55
CA GLN C 753 10.48 8.80 37.66
C GLN C 753 10.88 9.53 36.37
N TYR C 754 10.70 8.89 35.21
CA TYR C 754 10.87 9.57 33.93
C TYR C 754 9.54 10.16 33.50
N ARG C 755 9.52 11.48 33.31
CA ARG C 755 8.31 12.19 32.91
C ARG C 755 8.09 11.96 31.43
N ILE C 756 7.26 10.95 31.13
CA ILE C 756 6.96 10.52 29.77
C ILE C 756 5.46 10.67 29.56
N SER C 757 5.08 11.39 28.52
CA SER C 757 3.67 11.56 28.17
C SER C 757 3.15 10.25 27.61
N MET C 758 2.48 9.48 28.46
CA MET C 758 1.99 8.14 28.08
C MET C 758 0.57 8.20 27.52
N ALA C 759 0.34 9.13 26.58
CA ALA C 759 -0.93 9.14 25.86
C ALA C 759 -1.09 7.93 24.95
N ALA C 760 0.00 7.23 24.63
CA ALA C 760 -0.05 6.05 23.78
C ALA C 760 -0.47 4.79 24.51
N TYR C 761 -0.56 4.80 25.84
CA TYR C 761 -0.97 3.63 26.59
C TYR C 761 -2.48 3.48 26.54
N VAL C 762 -2.95 2.28 26.23
CA VAL C 762 -4.37 1.96 26.13
C VAL C 762 -4.73 1.01 27.26
N SER C 763 -5.76 1.35 28.02
CA SER C 763 -6.24 0.54 29.13
C SER C 763 -7.48 -0.24 28.72
N GLY C 764 -7.68 -1.38 29.38
CA GLY C 764 -8.84 -2.19 29.09
C GLY C 764 -10.13 -1.46 29.46
N GLU C 765 -11.10 -1.56 28.57
CA GLU C 765 -12.41 -0.95 28.78
C GLU C 765 -13.33 -1.92 29.52
N LEU C 766 -14.49 -1.41 29.93
CA LEU C 766 -15.45 -2.23 30.65
C LEU C 766 -15.98 -3.36 29.78
N GLU C 767 -16.08 -4.55 30.38
CA GLU C 767 -16.67 -5.71 29.74
C GLU C 767 -17.53 -6.44 30.76
N HIS C 768 -18.73 -6.83 30.35
CA HIS C 768 -19.56 -7.65 31.20
C HIS C 768 -19.01 -9.07 31.27
N VAL C 769 -19.35 -9.76 32.35
CA VAL C 769 -18.88 -11.12 32.55
C VAL C 769 -19.49 -12.03 31.48
N THR C 770 -18.71 -13.03 31.06
CA THR C 770 -19.14 -13.95 30.01
C THR C 770 -19.97 -15.07 30.62
N ARG C 771 -21.18 -14.68 31.04
CA ARG C 771 -22.21 -15.57 31.65
C ARG C 771 -21.65 -16.56 32.69
N ALA D 11 51.83 -49.89 44.75
CA ALA D 11 50.93 -48.81 45.24
C ALA D 11 49.54 -48.93 44.61
N SER D 12 49.51 -49.09 43.29
CA SER D 12 48.23 -49.20 42.59
C SER D 12 47.51 -50.48 42.97
N GLY D 13 46.18 -50.41 42.96
CA GLY D 13 45.34 -51.55 43.29
C GLY D 13 44.94 -52.36 42.07
N ALA D 14 45.93 -52.88 41.35
CA ALA D 14 45.66 -53.71 40.17
C ALA D 14 45.39 -55.14 40.59
N GLY D 15 44.54 -55.82 39.81
CA GLY D 15 44.20 -57.20 40.05
C GLY D 15 43.11 -57.44 41.08
N LYS D 16 42.54 -56.38 41.66
CA LYS D 16 41.50 -56.48 42.67
C LYS D 16 40.28 -55.67 42.24
N ALA D 17 39.11 -56.10 42.71
CA ALA D 17 37.83 -55.54 42.31
C ALA D 17 37.14 -54.91 43.51
N ILE D 18 36.48 -53.77 43.26
CA ILE D 18 35.74 -53.02 44.27
C ILE D 18 34.27 -53.06 43.91
N GLY D 19 33.42 -53.39 44.88
CA GLY D 19 31.98 -53.28 44.74
C GLY D 19 31.50 -52.05 45.49
N VAL D 20 30.63 -51.29 44.85
CA VAL D 20 30.03 -50.09 45.43
C VAL D 20 28.51 -50.27 45.36
N LEU D 21 27.86 -50.02 46.49
CA LEU D 21 26.41 -50.14 46.58
C LEU D 21 25.90 -49.03 47.48
N THR D 22 24.63 -48.66 47.25
CA THR D 22 23.91 -47.70 48.08
C THR D 22 22.69 -48.40 48.67
N SER D 23 22.42 -48.14 49.94
CA SER D 23 21.28 -48.76 50.62
C SER D 23 20.71 -47.77 51.64
N GLY D 24 19.42 -47.96 51.95
CA GLY D 24 18.69 -47.05 52.81
C GLY D 24 18.05 -45.91 52.04
N GLY D 25 17.63 -44.89 52.78
CA GLY D 25 17.08 -43.71 52.15
C GLY D 25 18.12 -43.02 51.29
N ASP D 26 17.70 -42.61 50.09
CA ASP D 26 18.63 -42.10 49.08
C ASP D 26 19.02 -40.67 49.44
N ALA D 27 19.99 -40.57 50.35
CA ALA D 27 20.56 -39.27 50.69
C ALA D 27 21.20 -38.64 49.45
N GLN D 28 20.78 -37.42 49.14
CA GLN D 28 21.36 -36.69 48.03
C GLN D 28 22.83 -36.39 48.31
N GLY D 29 23.66 -36.50 47.27
CA GLY D 29 25.09 -36.59 47.41
C GLY D 29 25.62 -38.00 47.34
N MET D 30 24.73 -39.02 47.38
CA MET D 30 25.15 -40.39 47.12
C MET D 30 25.77 -40.52 45.73
N ASN D 31 25.17 -39.87 44.73
CA ASN D 31 25.70 -39.96 43.37
C ASN D 31 27.09 -39.37 43.28
N ALA D 32 27.35 -38.31 44.02
CA ALA D 32 28.71 -37.74 44.05
C ALA D 32 29.70 -38.73 44.65
N ALA D 33 29.31 -39.39 45.75
CA ALA D 33 30.19 -40.38 46.37
C ALA D 33 30.43 -41.56 45.45
N VAL D 34 29.37 -42.05 44.80
CA VAL D 34 29.50 -43.19 43.89
C VAL D 34 30.41 -42.85 42.71
N ARG D 35 30.23 -41.64 42.16
CA ARG D 35 31.09 -41.20 41.06
C ARG D 35 32.55 -41.17 41.47
N ALA D 36 32.84 -40.58 42.63
CA ALA D 36 34.21 -40.50 43.09
C ALA D 36 34.78 -41.87 43.40
N VAL D 37 33.98 -42.75 44.01
CA VAL D 37 34.43 -44.12 44.28
C VAL D 37 34.77 -44.83 42.98
N THR D 38 33.87 -44.75 42.01
CA THR D 38 34.09 -45.44 40.74
C THR D 38 35.33 -44.92 40.04
N ARG D 39 35.43 -43.60 39.89
CA ARG D 39 36.51 -43.03 39.09
C ARG D 39 37.86 -43.18 39.80
N MET D 40 37.88 -43.06 41.12
CA MET D 40 39.14 -43.35 41.82
C MET D 40 39.49 -44.82 41.70
N GLY D 41 38.50 -45.71 41.74
CA GLY D 41 38.78 -47.14 41.67
C GLY D 41 39.38 -47.57 40.35
N ILE D 42 38.87 -47.03 39.24
CA ILE D 42 39.43 -47.33 37.92
C ILE D 42 40.59 -46.41 37.56
N TYR D 43 40.78 -45.32 38.30
CA TYR D 43 42.00 -44.51 38.14
C TYR D 43 43.22 -45.24 38.68
N VAL D 44 43.06 -45.87 39.84
CA VAL D 44 44.13 -46.63 40.49
C VAL D 44 44.23 -48.05 39.94
N GLY D 45 43.49 -48.37 38.87
CA GLY D 45 43.62 -49.64 38.19
C GLY D 45 42.67 -50.73 38.64
N ALA D 46 41.96 -50.53 39.74
CA ALA D 46 41.03 -51.55 40.23
C ALA D 46 39.78 -51.58 39.36
N LYS D 47 39.14 -52.75 39.33
CA LYS D 47 37.83 -52.89 38.71
C LYS D 47 36.75 -52.46 39.68
N VAL D 48 35.80 -51.67 39.20
CA VAL D 48 34.67 -51.19 39.99
C VAL D 48 33.40 -51.84 39.46
N PHE D 49 32.61 -52.40 40.37
CA PHE D 49 31.34 -53.03 40.05
C PHE D 49 30.21 -52.28 40.75
N LEU D 50 29.25 -51.82 39.97
CA LEU D 50 28.06 -51.15 40.51
C LEU D 50 27.01 -52.20 40.84
N ILE D 51 26.63 -52.26 42.11
CA ILE D 51 25.63 -53.21 42.60
C ILE D 51 24.33 -52.44 42.74
N TYR D 52 23.36 -52.72 41.89
CA TYR D 52 22.12 -51.96 41.83
C TYR D 52 21.17 -52.42 42.93
N GLU D 53 20.35 -51.49 43.43
CA GLU D 53 19.38 -51.72 44.50
C GLU D 53 20.03 -52.14 45.83
N GLY D 54 21.33 -51.92 45.99
CA GLY D 54 21.96 -52.16 47.27
C GLY D 54 22.06 -53.63 47.62
N TYR D 55 21.78 -53.94 48.89
CA TYR D 55 21.85 -55.32 49.37
C TYR D 55 20.88 -56.24 48.65
N GLU D 56 19.78 -55.69 48.12
CA GLU D 56 18.87 -56.45 47.27
C GLU D 56 19.67 -57.06 46.12
N GLY D 57 20.21 -56.22 45.24
CA GLY D 57 21.00 -56.72 44.13
C GLY D 57 22.24 -57.47 44.55
N LEU D 58 22.78 -57.19 45.73
CA LEU D 58 23.83 -58.04 46.27
C LEU D 58 23.33 -59.47 46.44
N VAL D 59 22.10 -59.62 46.94
CA VAL D 59 21.54 -60.96 47.19
C VAL D 59 21.24 -61.66 45.86
N GLU D 60 20.32 -61.10 45.07
CA GLU D 60 19.98 -61.73 43.80
C GLU D 60 21.18 -61.72 42.84
N GLY D 61 21.96 -60.65 42.83
CA GLY D 61 23.14 -60.62 42.00
C GLY D 61 22.79 -60.67 40.53
N GLY D 62 23.69 -61.28 39.76
CA GLY D 62 23.47 -61.49 38.35
C GLY D 62 23.38 -60.19 37.58
N GLU D 63 22.19 -59.88 37.08
CA GLU D 63 22.00 -58.64 36.33
C GLU D 63 22.22 -57.41 37.18
N ASN D 64 22.02 -57.51 38.50
CA ASN D 64 22.14 -56.35 39.37
C ASN D 64 23.58 -55.95 39.66
N ILE D 65 24.58 -56.72 39.22
CA ILE D 65 25.99 -56.39 39.37
C ILE D 65 26.54 -56.20 37.97
N LYS D 66 26.95 -54.98 37.66
CA LYS D 66 27.49 -54.60 36.36
C LYS D 66 28.81 -53.90 36.57
N GLN D 67 29.78 -54.20 35.71
CA GLN D 67 31.07 -53.52 35.78
C GLN D 67 30.94 -52.10 35.26
N ALA D 68 31.61 -51.17 35.93
CA ALA D 68 31.57 -49.76 35.59
C ALA D 68 32.78 -49.35 34.76
N ASN D 69 32.53 -48.43 33.84
CA ASN D 69 33.57 -47.68 33.14
C ASN D 69 33.51 -46.24 33.62
N TRP D 70 34.42 -45.42 33.08
CA TRP D 70 34.48 -44.02 33.49
C TRP D 70 33.19 -43.27 33.17
N LEU D 71 32.60 -43.56 32.01
CA LEU D 71 31.39 -42.86 31.59
C LEU D 71 30.12 -43.40 32.23
N SER D 72 30.18 -44.52 32.95
CA SER D 72 28.98 -45.05 33.59
C SER D 72 28.47 -44.13 34.70
N VAL D 73 29.37 -43.38 35.34
CA VAL D 73 29.01 -42.45 36.41
C VAL D 73 29.21 -41.01 35.95
N SER D 74 29.03 -40.77 34.66
CA SER D 74 29.21 -39.44 34.10
C SER D 74 27.92 -38.64 34.21
N ASN D 75 28.07 -37.38 34.63
CA ASN D 75 26.95 -36.44 34.67
C ASN D 75 25.89 -36.86 35.70
N ILE D 76 26.34 -37.33 36.86
CA ILE D 76 25.47 -37.69 37.96
C ILE D 76 25.71 -36.88 39.23
N ILE D 77 26.81 -36.12 39.30
CA ILE D 77 27.21 -35.47 40.55
C ILE D 77 26.16 -34.48 41.01
N GLN D 78 25.50 -33.80 40.07
CA GLN D 78 24.44 -32.86 40.43
C GLN D 78 23.09 -33.53 40.71
N LEU D 79 22.95 -34.83 40.43
CA LEU D 79 21.69 -35.52 40.66
C LEU D 79 21.58 -35.96 42.10
N GLY D 80 20.44 -35.65 42.72
CA GLY D 80 20.10 -36.21 44.01
C GLY D 80 19.64 -37.65 43.89
N GLY D 81 19.32 -38.23 45.04
CA GLY D 81 18.96 -39.64 45.05
C GLY D 81 20.18 -40.49 44.75
N THR D 82 19.98 -41.54 43.97
CA THR D 82 21.08 -42.43 43.59
C THR D 82 20.75 -43.12 42.28
N ILE D 83 21.67 -43.02 41.31
CA ILE D 83 21.49 -43.74 40.05
C ILE D 83 21.63 -45.24 40.26
N ILE D 84 22.39 -45.64 41.28
CA ILE D 84 22.55 -47.06 41.58
C ILE D 84 21.24 -47.64 42.07
N GLY D 85 20.44 -46.85 42.77
CA GLY D 85 19.20 -47.34 43.33
C GLY D 85 19.45 -48.03 44.66
N SER D 86 18.54 -47.80 45.61
CA SER D 86 18.58 -48.40 46.93
C SER D 86 17.28 -49.16 47.15
N ALA D 87 17.36 -50.21 47.97
CA ALA D 87 16.19 -51.00 48.31
C ALA D 87 16.34 -51.51 49.73
N ARG D 88 15.20 -51.71 50.38
CA ARG D 88 15.13 -52.42 51.65
C ARG D 88 14.94 -53.91 51.35
N CYS D 89 15.91 -54.72 51.77
CA CYS D 89 15.84 -56.17 51.64
C CYS D 89 15.98 -56.79 53.01
N LYS D 90 15.06 -57.70 53.34
CA LYS D 90 15.15 -58.50 54.55
C LYS D 90 16.04 -59.73 54.37
N ALA D 91 16.36 -60.10 53.13
CA ALA D 91 17.20 -61.27 52.88
C ALA D 91 18.58 -61.11 53.51
N PHE D 92 19.17 -59.92 53.38
CA PHE D 92 20.47 -59.67 53.99
C PHE D 92 20.42 -59.72 55.51
N THR D 93 19.24 -59.55 56.12
CA THR D 93 19.12 -59.73 57.56
C THR D 93 19.35 -61.18 57.96
N THR D 94 18.88 -62.11 57.15
CA THR D 94 18.99 -63.54 57.44
C THR D 94 20.19 -64.14 56.73
N ARG D 95 20.71 -65.23 57.29
CA ARG D 95 21.87 -65.89 56.71
C ARG D 95 21.55 -66.56 55.38
N GLU D 96 20.28 -66.90 55.13
CA GLU D 96 19.90 -67.52 53.85
C GLU D 96 20.22 -66.59 52.68
N GLY D 97 19.91 -65.31 52.82
CA GLY D 97 20.23 -64.35 51.78
C GLY D 97 21.64 -63.82 51.87
N ARG D 98 22.20 -63.77 53.08
CA ARG D 98 23.57 -63.28 53.24
C ARG D 98 24.58 -64.22 52.61
N ARG D 99 24.32 -65.53 52.65
CA ARG D 99 25.17 -66.48 51.94
C ARG D 99 25.10 -66.25 50.44
N ALA D 100 23.90 -65.96 49.92
CA ALA D 100 23.77 -65.67 48.51
C ALA D 100 24.52 -64.38 48.14
N ALA D 101 24.51 -63.40 49.05
CA ALA D 101 25.26 -62.17 48.81
C ALA D 101 26.75 -62.44 48.79
N ALA D 102 27.24 -63.26 49.73
CA ALA D 102 28.66 -63.62 49.72
C ALA D 102 29.02 -64.41 48.46
N TYR D 103 28.11 -65.27 48.00
CA TYR D 103 28.35 -66.00 46.76
C TYR D 103 28.51 -65.04 45.59
N ASN D 104 27.57 -64.11 45.43
CA ASN D 104 27.59 -63.21 44.27
C ASN D 104 28.83 -62.32 44.28
N LEU D 105 29.31 -61.94 45.46
CA LEU D 105 30.56 -61.18 45.52
C LEU D 105 31.76 -62.04 45.13
N VAL D 106 31.74 -63.33 45.51
CA VAL D 106 32.87 -64.19 45.19
C VAL D 106 32.91 -64.49 43.69
N GLN D 107 31.74 -64.56 43.03
CA GLN D 107 31.71 -64.86 41.61
C GLN D 107 32.42 -63.80 40.78
N HIS D 108 32.46 -62.56 41.26
CA HIS D 108 33.14 -61.46 40.60
C HIS D 108 34.50 -61.13 41.23
N GLY D 109 34.93 -61.88 42.24
CA GLY D 109 36.20 -61.58 42.89
C GLY D 109 36.20 -60.24 43.58
N ILE D 110 35.09 -59.88 44.21
CA ILE D 110 34.93 -58.58 44.87
C ILE D 110 35.29 -58.79 46.33
N THR D 111 36.58 -58.65 46.64
CA THR D 111 37.05 -58.65 48.02
C THR D 111 36.94 -57.29 48.70
N ASN D 112 36.42 -56.27 47.99
CA ASN D 112 36.38 -54.90 48.47
C ASN D 112 34.98 -54.36 48.25
N LEU D 113 34.33 -53.92 49.34
CA LEU D 113 32.96 -53.43 49.29
C LEU D 113 32.89 -52.05 49.93
N CYS D 114 32.34 -51.09 49.19
CA CYS D 114 32.01 -49.77 49.70
C CYS D 114 30.50 -49.67 49.86
N VAL D 115 30.05 -49.44 51.08
CA VAL D 115 28.63 -49.35 51.42
C VAL D 115 28.33 -47.89 51.75
N ILE D 116 27.42 -47.30 51.00
CA ILE D 116 26.98 -45.91 51.19
C ILE D 116 25.55 -45.99 51.72
N GLY D 117 25.35 -45.71 53.00
CA GLY D 117 24.02 -45.84 53.53
C GLY D 117 23.93 -45.29 54.93
N GLY D 118 22.79 -45.56 55.56
CA GLY D 118 22.52 -45.12 56.91
C GLY D 118 23.08 -46.06 57.96
N ASP D 119 22.56 -45.92 59.17
CA ASP D 119 23.03 -46.74 60.29
C ASP D 119 22.75 -48.21 60.06
N GLY D 120 21.56 -48.54 59.53
CA GLY D 120 21.24 -49.93 59.29
C GLY D 120 22.11 -50.54 58.21
N SER D 121 22.40 -49.77 57.17
CA SER D 121 23.29 -50.24 56.11
C SER D 121 24.66 -50.63 56.66
N LEU D 122 25.22 -49.76 57.50
CA LEU D 122 26.55 -50.03 58.04
C LEU D 122 26.54 -51.10 59.12
N THR D 123 25.43 -51.25 59.84
CA THR D 123 25.30 -52.39 60.74
C THR D 123 25.27 -53.70 59.96
N GLY D 124 24.52 -53.74 58.85
CA GLY D 124 24.51 -54.93 58.02
C GLY D 124 25.87 -55.23 57.42
N ALA D 125 26.61 -54.19 57.05
CA ALA D 125 27.96 -54.39 56.52
C ALA D 125 28.88 -54.94 57.60
N ASN D 126 28.73 -54.49 58.84
CA ASN D 126 29.55 -55.00 59.94
C ASN D 126 29.28 -56.47 60.18
N ILE D 127 28.00 -56.84 60.23
CA ILE D 127 27.64 -58.23 60.47
C ILE D 127 28.02 -59.09 59.28
N PHE D 128 28.07 -58.50 58.08
CA PHE D 128 28.46 -59.26 56.89
C PHE D 128 29.96 -59.54 56.90
N ARG D 129 30.78 -58.59 57.34
CA ARG D 129 32.20 -58.84 57.50
C ARG D 129 32.45 -59.87 58.59
N SER D 130 31.78 -59.72 59.74
CA SER D 130 32.02 -60.59 60.87
C SER D 130 31.72 -62.05 60.56
N GLU D 131 30.81 -62.30 59.61
CA GLU D 131 30.44 -63.64 59.19
C GLU D 131 31.03 -64.02 57.83
N TRP D 132 31.91 -63.20 57.26
CA TRP D 132 32.42 -63.47 55.91
C TRP D 132 33.19 -64.78 55.85
N GLY D 133 34.01 -65.05 56.87
CA GLY D 133 34.72 -66.31 56.91
C GLY D 133 33.80 -67.50 57.09
N SER D 134 32.82 -67.38 58.00
CA SER D 134 31.88 -68.47 58.23
C SER D 134 31.01 -68.70 57.00
N LEU D 135 30.59 -67.62 56.33
CA LEU D 135 29.79 -67.77 55.12
C LEU D 135 30.57 -68.47 54.02
N LEU D 136 31.84 -68.10 53.84
CA LEU D 136 32.65 -68.76 52.82
C LEU D 136 32.87 -70.23 53.16
N GLU D 137 33.08 -70.55 54.43
CA GLU D 137 33.24 -71.94 54.84
C GLU D 137 31.97 -72.74 54.54
N GLU D 138 30.81 -72.20 54.89
CA GLU D 138 29.56 -72.92 54.63
C GLU D 138 29.28 -72.99 53.14
N LEU D 139 29.75 -72.01 52.37
CA LEU D 139 29.51 -72.01 50.93
C LEU D 139 30.35 -73.10 50.26
N VAL D 140 31.63 -73.20 50.61
CA VAL D 140 32.45 -74.27 50.05
C VAL D 140 31.97 -75.62 50.55
N ALA D 141 31.46 -75.69 51.78
CA ALA D 141 30.94 -76.93 52.31
C ALA D 141 29.73 -77.40 51.50
N GLU D 142 28.86 -76.45 51.10
CA GLU D 142 27.67 -76.80 50.33
C GLU D 142 27.96 -77.08 48.86
N GLY D 143 29.13 -76.66 48.36
CA GLY D 143 29.59 -77.04 47.05
C GLY D 143 29.40 -76.03 45.94
N LYS D 144 29.12 -74.77 46.26
CA LYS D 144 28.96 -73.73 45.26
C LYS D 144 30.26 -73.01 44.93
N ILE D 145 31.34 -73.25 45.67
CA ILE D 145 32.66 -72.73 45.32
C ILE D 145 33.69 -73.72 45.82
N SER D 146 34.74 -73.91 45.03
CA SER D 146 35.80 -74.83 45.42
C SER D 146 36.63 -74.22 46.54
N GLU D 147 37.33 -75.10 47.27
CA GLU D 147 38.21 -74.65 48.35
C GLU D 147 39.28 -73.71 47.81
N THR D 148 39.95 -74.09 46.75
CA THR D 148 40.67 -73.11 45.94
C THR D 148 39.65 -72.15 45.33
N THR D 149 40.02 -70.87 45.25
CA THR D 149 39.17 -69.72 44.95
C THR D 149 38.37 -69.27 46.17
N ALA D 150 38.46 -69.97 47.32
CA ALA D 150 37.89 -69.54 48.58
C ALA D 150 38.94 -69.14 49.61
N ARG D 151 40.14 -69.71 49.54
CA ARG D 151 41.23 -69.22 50.38
C ARG D 151 41.63 -67.81 49.98
N THR D 152 41.71 -67.54 48.67
CA THR D 152 41.64 -66.17 48.21
C THR D 152 40.22 -65.66 48.43
N TYR D 153 40.10 -64.35 48.65
CA TYR D 153 38.86 -63.68 49.08
C TYR D 153 38.47 -64.05 50.51
N SER D 154 39.39 -64.65 51.29
CA SER D 154 39.08 -65.05 52.66
C SER D 154 38.76 -63.86 53.56
N HIS D 155 39.25 -62.67 53.22
CA HIS D 155 38.99 -61.44 53.96
C HIS D 155 38.24 -60.47 53.07
N LEU D 156 37.15 -59.92 53.60
CA LEU D 156 36.35 -58.91 52.90
C LEU D 156 36.67 -57.55 53.50
N ASN D 157 37.07 -56.62 52.65
CA ASN D 157 37.41 -55.27 53.06
C ASN D 157 36.18 -54.37 52.92
N ILE D 158 35.83 -53.68 54.01
CA ILE D 158 34.66 -52.82 54.08
C ILE D 158 35.14 -51.41 54.42
N ALA D 159 34.82 -50.45 53.55
CA ALA D 159 34.93 -49.02 53.84
C ALA D 159 33.54 -48.42 53.76
N GLY D 160 33.05 -47.92 54.89
CA GLY D 160 31.70 -47.41 54.96
C GLY D 160 31.62 -45.92 54.71
N LEU D 161 30.51 -45.50 54.10
CA LEU D 161 30.17 -44.10 53.90
C LEU D 161 28.78 -43.86 54.46
N VAL D 162 28.64 -42.84 55.31
CA VAL D 162 27.38 -42.55 55.97
C VAL D 162 26.60 -41.63 55.04
N GLY D 163 25.68 -42.21 54.28
CA GLY D 163 24.76 -41.47 53.44
C GLY D 163 23.35 -41.51 53.97
N SER D 164 22.95 -40.44 54.66
CA SER D 164 21.64 -40.41 55.31
C SER D 164 21.37 -38.99 55.77
N ILE D 165 20.07 -38.65 55.81
CA ILE D 165 19.64 -37.36 56.35
C ILE D 165 19.45 -37.40 57.86
N ASP D 166 19.54 -38.58 58.49
CA ASP D 166 19.24 -38.70 59.91
C ASP D 166 20.41 -38.24 60.77
N ASN D 167 21.65 -38.54 60.35
CA ASN D 167 22.83 -38.34 61.17
C ASN D 167 22.72 -39.13 62.47
N ASP D 168 22.12 -40.32 62.37
CA ASP D 168 21.90 -41.20 63.52
C ASP D 168 23.13 -42.03 63.88
N PHE D 169 24.13 -42.09 63.00
CA PHE D 169 25.33 -42.88 63.25
C PHE D 169 26.22 -42.09 64.21
N CYS D 170 26.37 -42.60 65.44
CA CYS D 170 26.89 -41.80 66.53
C CYS D 170 28.37 -41.47 66.36
N GLY D 171 29.15 -42.40 65.81
CA GLY D 171 30.58 -42.17 65.68
C GLY D 171 30.96 -41.04 64.74
N THR D 172 30.03 -40.55 63.92
CA THR D 172 30.29 -39.59 62.87
C THR D 172 29.65 -38.25 63.20
N ASP D 173 30.35 -37.17 62.85
CA ASP D 173 29.87 -35.82 63.15
C ASP D 173 28.99 -35.25 62.05
N MET D 174 29.37 -35.46 60.79
CA MET D 174 28.66 -34.97 59.63
C MET D 174 28.50 -36.09 58.62
N THR D 175 27.29 -36.24 58.08
CA THR D 175 26.95 -37.29 57.13
C THR D 175 26.55 -36.67 55.81
N ILE D 176 26.69 -37.48 54.76
CA ILE D 176 26.32 -37.04 53.42
C ILE D 176 24.81 -36.87 53.36
N GLY D 177 24.37 -35.73 52.85
CA GLY D 177 22.95 -35.42 52.70
C GLY D 177 22.35 -34.62 53.85
N THR D 178 23.06 -34.49 54.97
CA THR D 178 22.56 -33.65 56.06
C THR D 178 22.46 -32.20 55.63
N ASP D 179 23.51 -31.69 54.98
CA ASP D 179 23.52 -30.28 54.57
C ASP D 179 22.44 -30.00 53.55
N SER D 180 22.20 -30.92 52.62
CA SER D 180 21.23 -30.71 51.57
C SER D 180 19.80 -30.85 52.08
N ALA D 181 19.57 -31.79 52.99
CA ALA D 181 18.28 -31.83 53.68
C ALA D 181 18.04 -30.53 54.42
N LEU D 182 19.09 -29.95 55.00
CA LEU D 182 18.97 -28.65 55.63
C LEU D 182 18.70 -27.55 54.62
N HIS D 183 19.28 -27.64 53.41
CA HIS D 183 18.97 -26.70 52.34
C HIS D 183 17.48 -26.69 52.01
N ARG D 184 16.89 -27.89 51.87
CA ARG D 184 15.46 -28.00 51.60
C ARG D 184 14.63 -27.40 52.71
N ILE D 185 14.98 -27.73 53.96
CA ILE D 185 14.24 -27.23 55.12
C ILE D 185 14.29 -25.71 55.17
N MET D 186 15.49 -25.14 54.98
CA MET D 186 15.64 -23.70 55.11
C MET D 186 15.08 -22.93 53.92
N GLU D 187 15.07 -23.54 52.73
CA GLU D 187 14.38 -22.92 51.60
C GLU D 187 12.89 -22.76 51.90
N VAL D 188 12.31 -23.76 52.57
CA VAL D 188 10.90 -23.66 52.97
C VAL D 188 10.74 -22.59 54.05
N ILE D 189 11.68 -22.52 55.00
CA ILE D 189 11.56 -21.54 56.07
C ILE D 189 11.80 -20.13 55.53
N ASP D 190 12.74 -19.98 54.61
CA ASP D 190 13.00 -18.67 54.01
C ASP D 190 11.82 -18.18 53.21
N ALA D 191 11.01 -19.09 52.66
CA ALA D 191 9.77 -18.65 52.04
C ALA D 191 8.87 -17.93 53.03
N ILE D 192 8.92 -18.33 54.31
CA ILE D 192 8.08 -17.71 55.33
C ILE D 192 8.73 -16.42 55.86
N THR D 193 10.02 -16.48 56.18
CA THR D 193 10.64 -15.38 56.91
C THR D 193 10.98 -14.19 56.04
N THR D 194 11.20 -14.39 54.74
CA THR D 194 11.64 -13.32 53.86
C THR D 194 10.51 -12.47 53.30
N THR D 195 9.25 -12.81 53.59
CA THR D 195 8.14 -11.97 53.19
C THR D 195 7.96 -10.81 54.16
N ALA D 196 7.22 -9.79 53.70
CA ALA D 196 6.76 -8.73 54.58
C ALA D 196 5.69 -9.32 55.50
N GLN D 197 6.05 -9.58 56.74
CA GLN D 197 5.18 -10.25 57.69
C GLN D 197 3.97 -9.37 57.99
N SER D 198 2.82 -9.75 57.46
CA SER D 198 1.65 -8.86 57.45
C SER D 198 0.78 -9.00 58.69
N HIS D 199 0.56 -10.22 59.17
CA HIS D 199 -0.27 -10.48 60.34
C HIS D 199 0.36 -11.56 61.19
N GLN D 200 -0.14 -11.69 62.42
CA GLN D 200 0.38 -12.66 63.37
C GLN D 200 0.05 -14.08 62.90
N ARG D 201 1.08 -14.88 62.67
CA ARG D 201 0.91 -16.25 62.21
C ARG D 201 2.01 -17.12 62.80
N THR D 202 1.70 -18.40 62.99
CA THR D 202 2.62 -19.38 63.58
C THR D 202 2.90 -20.47 62.55
N PHE D 203 4.17 -20.69 62.26
CA PHE D 203 4.63 -21.67 61.29
C PHE D 203 5.17 -22.87 62.03
N VAL D 204 4.49 -24.01 61.92
CA VAL D 204 4.86 -25.25 62.59
C VAL D 204 5.43 -26.18 61.53
N LEU D 205 6.74 -26.40 61.58
CA LEU D 205 7.45 -27.20 60.59
C LEU D 205 7.75 -28.58 61.14
N GLU D 206 7.32 -29.61 60.41
CA GLU D 206 7.52 -31.01 60.79
C GLU D 206 8.62 -31.61 59.92
N VAL D 207 9.73 -32.01 60.55
CA VAL D 207 10.83 -32.69 59.87
C VAL D 207 10.74 -34.18 60.16
N MET D 208 11.32 -34.99 59.26
CA MET D 208 11.22 -36.45 59.36
C MET D 208 12.22 -37.07 60.34
N GLY D 209 12.84 -36.30 61.23
CA GLY D 209 13.76 -36.90 62.18
C GLY D 209 13.10 -37.83 63.17
N ARG D 210 12.67 -39.00 62.69
CA ARG D 210 11.90 -39.92 63.53
C ARG D 210 12.75 -40.48 64.66
N HIS D 211 13.97 -40.91 64.35
CA HIS D 211 14.88 -41.42 65.37
C HIS D 211 15.81 -40.32 65.89
N CYS D 212 16.50 -39.63 64.99
CA CYS D 212 17.43 -38.56 65.34
C CYS D 212 16.77 -37.20 65.11
N GLY D 213 16.99 -36.29 66.05
CA GLY D 213 16.48 -34.93 65.97
C GLY D 213 17.53 -33.92 65.59
N TYR D 214 18.60 -34.37 64.94
CA TYR D 214 19.68 -33.45 64.56
C TYR D 214 19.20 -32.44 63.53
N LEU D 215 18.46 -32.90 62.51
CA LEU D 215 17.93 -31.99 61.50
C LEU D 215 17.00 -30.96 62.09
N ALA D 216 16.11 -31.39 63.00
CA ALA D 216 15.26 -30.44 63.70
C ALA D 216 16.08 -29.42 64.47
N LEU D 217 17.15 -29.87 65.14
CA LEU D 217 17.94 -28.95 65.95
C LEU D 217 18.67 -27.93 65.09
N VAL D 218 19.44 -28.40 64.11
CA VAL D 218 20.20 -27.47 63.27
C VAL D 218 19.27 -26.57 62.47
N SER D 219 18.09 -27.08 62.09
CA SER D 219 17.10 -26.23 61.44
C SER D 219 16.63 -25.11 62.37
N ALA D 220 16.35 -25.47 63.62
CA ALA D 220 15.94 -24.47 64.61
C ALA D 220 17.03 -23.43 64.83
N LEU D 221 18.29 -23.87 64.94
CA LEU D 221 19.39 -22.95 65.14
C LEU D 221 19.54 -22.01 63.94
N ALA D 222 19.43 -22.56 62.72
CA ALA D 222 19.62 -21.76 61.52
C ALA D 222 18.48 -20.77 61.31
N SER D 223 17.26 -21.15 61.67
CA SER D 223 16.08 -20.29 61.49
C SER D 223 15.77 -19.45 62.73
N GLY D 224 16.41 -19.71 63.87
CA GLY D 224 16.05 -19.04 65.09
C GLY D 224 14.64 -19.39 65.53
N ALA D 225 14.33 -20.68 65.55
CA ALA D 225 13.01 -21.13 65.94
C ALA D 225 12.69 -20.74 67.37
N ASP D 226 11.42 -20.44 67.62
CA ASP D 226 11.00 -20.08 68.96
C ASP D 226 10.95 -21.29 69.88
N TRP D 227 10.61 -22.47 69.34
CA TRP D 227 10.50 -23.67 70.14
C TRP D 227 10.92 -24.86 69.30
N LEU D 228 11.41 -25.90 69.99
CA LEU D 228 11.94 -27.10 69.38
C LEU D 228 11.51 -28.32 70.16
N PHE D 229 10.89 -29.27 69.48
CA PHE D 229 10.59 -30.59 70.02
C PHE D 229 11.52 -31.58 69.34
N ILE D 230 12.44 -32.15 70.11
CA ILE D 230 13.39 -33.16 69.62
C ILE D 230 13.33 -34.37 70.55
N PRO D 231 13.40 -35.62 70.05
CA PRO D 231 13.36 -36.77 70.97
C PRO D 231 14.53 -36.85 71.93
N GLU D 232 15.66 -36.24 71.60
CA GLU D 232 16.84 -36.36 72.46
C GLU D 232 16.59 -35.70 73.82
N ALA D 233 15.89 -34.58 73.84
CA ALA D 233 15.56 -33.84 75.05
C ALA D 233 14.08 -33.53 75.02
N PRO D 234 13.23 -34.45 75.48
CA PRO D 234 11.80 -34.18 75.49
C PRO D 234 11.49 -33.05 76.45
N PRO D 235 10.40 -32.33 76.22
CA PRO D 235 10.08 -31.20 77.09
C PRO D 235 9.63 -31.66 78.47
N GLU D 236 9.90 -30.80 79.47
CA GLU D 236 9.51 -31.10 80.83
C GLU D 236 7.98 -31.11 80.96
N ASP D 237 7.50 -31.67 82.06
CA ASP D 237 6.08 -31.69 82.33
C ASP D 237 5.55 -30.26 82.47
N GLY D 238 4.37 -30.02 81.91
CA GLY D 238 3.81 -28.69 81.88
C GLY D 238 4.44 -27.76 80.86
N TRP D 239 5.10 -28.31 79.83
CA TRP D 239 5.65 -27.50 78.76
C TRP D 239 4.58 -26.77 77.97
N GLU D 240 3.36 -27.33 77.95
CA GLU D 240 2.21 -26.72 77.31
C GLU D 240 2.08 -25.24 77.66
N ASN D 241 2.07 -24.93 78.96
CA ASN D 241 1.98 -23.54 79.40
C ASN D 241 3.25 -22.76 79.07
N PHE D 242 4.41 -23.38 79.28
CA PHE D 242 5.67 -22.68 79.08
C PHE D 242 5.84 -22.27 77.63
N MET D 243 5.49 -23.16 76.69
CA MET D 243 5.55 -22.80 75.27
C MET D 243 4.57 -21.68 74.95
N CYS D 244 3.32 -21.81 75.38
CA CYS D 244 2.30 -20.82 75.03
C CYS D 244 2.65 -19.44 75.56
N GLU D 245 3.30 -19.38 76.73
CA GLU D 245 3.76 -18.10 77.24
C GLU D 245 4.89 -17.55 76.38
N ARG D 246 5.82 -18.41 75.96
CA ARG D 246 6.92 -17.98 75.09
C ARG D 246 6.39 -17.37 73.81
N LEU D 247 5.44 -18.02 73.17
CA LEU D 247 4.78 -17.45 72.00
C LEU D 247 4.06 -16.16 72.34
N GLY D 248 3.51 -16.07 73.56
CA GLY D 248 2.82 -14.85 73.96
C GLY D 248 3.74 -13.65 74.05
N GLU D 249 4.87 -13.79 74.75
CA GLU D 249 5.81 -12.68 74.81
C GLU D 249 6.44 -12.40 73.46
N THR D 250 6.59 -13.44 72.63
CA THR D 250 7.03 -13.23 71.25
C THR D 250 6.08 -12.30 70.50
N ARG D 251 4.78 -12.56 70.62
CA ARG D 251 3.77 -11.66 70.07
C ARG D 251 3.90 -10.26 70.67
N SER D 252 3.99 -10.17 72.00
CA SER D 252 4.05 -8.87 72.67
C SER D 252 5.24 -8.04 72.21
N ARG D 253 6.33 -8.70 71.84
CA ARG D 253 7.48 -7.98 71.28
C ARG D 253 7.14 -7.30 69.96
N GLY D 254 6.10 -7.73 69.25
CA GLY D 254 5.82 -7.31 67.90
C GLY D 254 6.34 -8.26 66.85
N SER D 255 7.12 -9.26 67.24
CA SER D 255 7.49 -10.35 66.33
C SER D 255 6.24 -11.01 65.80
N ARG D 256 6.03 -10.90 64.49
CA ARG D 256 4.79 -11.33 63.86
C ARG D 256 4.80 -12.78 63.42
N LEU D 257 5.93 -13.48 63.51
CA LEU D 257 6.06 -14.87 63.09
C LEU D 257 6.72 -15.67 64.18
N ASN D 258 6.07 -16.76 64.60
CA ASN D 258 6.64 -17.77 65.47
C ASN D 258 6.91 -19.03 64.66
N ILE D 259 8.07 -19.64 64.89
CA ILE D 259 8.49 -20.86 64.20
C ILE D 259 8.62 -21.96 65.24
N ILE D 260 7.88 -23.06 65.03
CA ILE D 260 7.92 -24.25 65.87
C ILE D 260 8.45 -25.39 65.00
N ILE D 261 9.63 -25.90 65.33
CA ILE D 261 10.22 -27.05 64.63
C ILE D 261 9.92 -28.28 65.49
N ILE D 262 9.08 -29.18 64.97
CA ILE D 262 8.68 -30.41 65.66
C ILE D 262 9.23 -31.58 64.87
N ALA D 263 10.06 -32.40 65.51
CA ALA D 263 10.50 -33.62 64.84
C ALA D 263 9.38 -34.64 64.81
N GLU D 264 9.41 -35.52 63.79
CA GLU D 264 8.44 -36.61 63.71
C GLU D 264 8.48 -37.47 64.95
N GLY D 265 9.68 -37.71 65.49
CA GLY D 265 9.83 -38.51 66.68
C GLY D 265 9.68 -37.74 67.98
N ALA D 266 9.06 -36.56 67.93
CA ALA D 266 8.87 -35.76 69.13
C ALA D 266 8.04 -36.53 70.16
N ILE D 267 8.54 -36.57 71.40
CA ILE D 267 7.90 -37.25 72.51
C ILE D 267 7.96 -36.32 73.71
N ASP D 268 7.24 -36.71 74.77
CA ASP D 268 7.34 -36.04 76.07
C ASP D 268 8.32 -36.86 76.94
N ARG D 269 8.38 -36.55 78.25
CA ARG D 269 9.27 -37.31 79.12
C ARG D 269 8.85 -38.78 79.20
N ASN D 270 7.58 -39.07 78.96
CA ASN D 270 7.11 -40.44 78.79
C ASN D 270 7.22 -40.81 77.31
N GLY D 271 6.68 -41.96 76.93
CA GLY D 271 6.76 -42.41 75.55
C GLY D 271 5.70 -41.84 74.61
N LYS D 272 4.79 -41.02 75.12
CA LYS D 272 3.67 -40.56 74.30
C LYS D 272 4.17 -39.59 73.23
N PRO D 273 4.00 -39.85 71.93
CA PRO D 273 4.47 -38.89 70.94
C PRO D 273 3.64 -37.62 70.90
N ILE D 274 4.29 -36.53 70.52
CA ILE D 274 3.67 -35.22 70.32
C ILE D 274 3.52 -35.04 68.82
N SER D 275 2.28 -34.92 68.35
CA SER D 275 2.00 -34.75 66.93
C SER D 275 2.07 -33.27 66.56
N SER D 276 2.41 -33.02 65.29
CA SER D 276 2.36 -31.66 64.77
C SER D 276 0.94 -31.10 64.83
N SER D 277 -0.06 -31.96 64.61
CA SER D 277 -1.44 -31.52 64.71
C SER D 277 -1.80 -31.12 66.14
N TYR D 278 -1.25 -31.83 67.13
CA TYR D 278 -1.52 -31.49 68.53
C TYR D 278 -0.97 -30.11 68.86
N VAL D 279 0.28 -29.85 68.48
CA VAL D 279 0.88 -28.54 68.76
C VAL D 279 0.14 -27.43 68.02
N LYS D 280 -0.31 -27.70 66.80
CA LYS D 280 -1.13 -26.75 66.06
C LYS D 280 -2.37 -26.39 66.86
N ASP D 281 -3.19 -27.38 67.19
CA ASP D 281 -4.45 -27.13 67.89
C ASP D 281 -4.21 -26.46 69.24
N LEU D 282 -3.11 -26.80 69.90
CA LEU D 282 -2.74 -26.16 71.15
C LEU D 282 -2.46 -24.67 70.93
N VAL D 283 -1.64 -24.35 69.92
CA VAL D 283 -1.31 -22.97 69.63
C VAL D 283 -2.56 -22.19 69.24
N VAL D 284 -3.39 -22.78 68.37
CA VAL D 284 -4.63 -22.14 67.93
C VAL D 284 -5.51 -21.83 69.12
N GLN D 285 -5.61 -22.77 70.07
CA GLN D 285 -6.58 -22.63 71.16
C GLN D 285 -6.17 -21.51 72.12
N ARG D 286 -4.90 -21.46 72.52
CA ARG D 286 -4.46 -20.52 73.55
C ARG D 286 -4.03 -19.17 73.01
N LEU D 287 -3.60 -19.09 71.74
CA LEU D 287 -3.05 -17.88 71.16
C LEU D 287 -3.91 -17.31 70.04
N GLY D 288 -4.61 -18.16 69.29
CA GLY D 288 -5.40 -17.70 68.17
C GLY D 288 -4.62 -17.30 66.95
N PHE D 289 -3.32 -17.57 66.90
CA PHE D 289 -2.53 -17.25 65.72
C PHE D 289 -2.93 -18.17 64.57
N ASP D 290 -2.82 -17.63 63.35
CA ASP D 290 -3.03 -18.45 62.16
C ASP D 290 -1.97 -19.52 62.08
N THR D 291 -2.30 -20.71 62.59
CA THR D 291 -1.36 -21.83 62.68
C THR D 291 -1.64 -22.81 61.55
N ARG D 292 -0.59 -23.11 60.77
CA ARG D 292 -0.64 -24.16 59.75
C ARG D 292 0.61 -25.01 59.86
N VAL D 293 0.42 -26.33 59.76
CA VAL D 293 1.51 -27.28 59.88
C VAL D 293 2.08 -27.52 58.50
N THR D 294 3.39 -27.30 58.36
CA THR D 294 4.13 -27.65 57.16
C THR D 294 4.90 -28.94 57.43
N VAL D 295 4.60 -29.96 56.63
CA VAL D 295 5.28 -31.25 56.69
C VAL D 295 6.07 -31.38 55.39
N LEU D 296 7.39 -31.45 55.50
CA LEU D 296 8.20 -31.55 54.29
C LEU D 296 8.07 -32.93 53.64
N GLY D 297 8.12 -33.99 54.45
CA GLY D 297 8.03 -35.34 53.91
C GLY D 297 9.21 -35.63 53.00
N HIS D 298 8.93 -36.20 51.82
CA HIS D 298 9.98 -36.57 50.87
C HIS D 298 10.81 -35.40 50.37
N VAL D 299 10.38 -34.15 50.57
CA VAL D 299 11.10 -32.99 50.07
C VAL D 299 12.50 -32.91 50.66
N GLN D 300 12.70 -33.40 51.88
CA GLN D 300 14.00 -33.32 52.52
C GLN D 300 15.05 -34.11 51.75
N ARG D 301 14.68 -35.29 51.24
CA ARG D 301 15.59 -36.06 50.40
C ARG D 301 15.72 -35.51 48.99
N GLY D 302 14.92 -34.50 48.62
CA GLY D 302 14.84 -34.04 47.25
C GLY D 302 15.84 -32.95 46.92
N GLY D 303 15.71 -32.43 45.70
CA GLY D 303 16.55 -31.34 45.24
C GLY D 303 17.96 -31.81 44.91
N THR D 304 18.75 -30.84 44.43
CA THR D 304 20.15 -31.12 44.16
C THR D 304 20.92 -31.24 45.48
N PRO D 305 22.03 -31.98 45.51
CA PRO D 305 22.91 -31.89 46.67
C PRO D 305 23.57 -30.54 46.74
N SER D 306 23.73 -30.03 47.96
CA SER D 306 24.42 -28.76 48.15
C SER D 306 25.89 -28.89 47.75
N ALA D 307 26.54 -27.73 47.65
CA ALA D 307 27.96 -27.71 47.30
C ALA D 307 28.78 -28.50 48.30
N PHE D 308 28.61 -28.20 49.60
CA PHE D 308 29.26 -28.95 50.68
C PHE D 308 29.08 -30.45 50.50
N ASP D 309 27.86 -30.89 50.22
CA ASP D 309 27.61 -32.32 50.08
C ASP D 309 28.35 -32.89 48.89
N ARG D 310 28.44 -32.16 47.78
CA ARG D 310 29.15 -32.69 46.61
C ARG D 310 30.66 -32.80 46.86
N ILE D 311 31.26 -31.77 47.47
CA ILE D 311 32.70 -31.84 47.76
C ILE D 311 32.99 -32.96 48.73
N LEU D 312 32.26 -32.98 49.83
CA LEU D 312 32.54 -33.94 50.89
C LEU D 312 32.22 -35.37 50.44
N SER D 313 31.18 -35.55 49.65
CA SER D 313 30.89 -36.86 49.08
C SER D 313 32.02 -37.32 48.18
N SER D 314 32.53 -36.42 47.33
CA SER D 314 33.64 -36.77 46.46
C SER D 314 34.90 -37.09 47.27
N LYS D 315 35.19 -36.26 48.27
CA LYS D 315 36.36 -36.46 49.12
C LYS D 315 36.29 -37.79 49.86
N MET D 316 35.16 -38.07 50.49
CA MET D 316 35.04 -39.30 51.26
C MET D 316 34.98 -40.52 50.35
N GLY D 317 34.38 -40.39 49.17
CA GLY D 317 34.38 -41.49 48.24
C GLY D 317 35.77 -41.86 47.75
N MET D 318 36.58 -40.84 47.43
CA MET D 318 37.97 -41.09 47.08
C MET D 318 38.72 -41.74 48.24
N GLU D 319 38.57 -41.17 49.44
CA GLU D 319 39.26 -41.71 50.60
C GLU D 319 38.77 -43.10 50.97
N ALA D 320 37.50 -43.39 50.68
CA ALA D 320 36.99 -44.74 50.90
C ALA D 320 37.72 -45.75 50.02
N VAL D 321 37.90 -45.41 48.73
CA VAL D 321 38.61 -46.31 47.82
C VAL D 321 40.06 -46.49 48.28
N MET D 322 40.74 -45.39 48.61
CA MET D 322 42.14 -45.47 49.01
C MET D 322 42.30 -46.30 50.29
N ALA D 323 41.41 -46.08 51.25
CA ALA D 323 41.41 -46.91 52.46
C ALA D 323 41.12 -48.36 52.14
N LEU D 324 40.35 -48.62 51.09
CA LEU D 324 40.01 -49.98 50.72
C LEU D 324 41.17 -50.70 50.04
N LEU D 325 42.14 -49.96 49.50
CA LEU D 325 43.30 -50.56 48.85
C LEU D 325 44.49 -50.72 49.77
N GLU D 326 44.66 -49.82 50.75
CA GLU D 326 45.74 -49.92 51.72
C GLU D 326 45.36 -50.77 52.93
N ALA D 327 44.29 -51.56 52.83
CA ALA D 327 43.75 -52.31 53.95
C ALA D 327 44.18 -53.78 53.83
N THR D 328 44.89 -54.26 54.83
CA THR D 328 45.37 -55.64 54.85
C THR D 328 44.30 -56.54 55.45
N PRO D 329 44.49 -57.87 55.41
CA PRO D 329 43.54 -58.77 56.08
C PRO D 329 43.25 -58.47 57.54
N ASP D 330 44.16 -57.81 58.26
CA ASP D 330 44.01 -57.60 59.70
C ASP D 330 43.20 -56.35 60.05
N THR D 331 43.27 -55.30 59.23
CA THR D 331 42.62 -54.05 59.62
C THR D 331 41.10 -54.22 59.58
N PRO D 332 40.36 -53.57 60.47
CA PRO D 332 38.91 -53.81 60.54
C PRO D 332 38.14 -52.95 59.54
N ALA D 333 36.85 -53.25 59.43
CA ALA D 333 35.93 -52.39 58.68
C ALA D 333 35.98 -50.98 59.24
N CYS D 334 36.03 -50.00 58.33
CA CYS D 334 36.14 -48.59 58.68
C CYS D 334 34.99 -47.80 58.06
N VAL D 335 34.75 -46.64 58.66
CA VAL D 335 33.83 -45.63 58.12
C VAL D 335 34.66 -44.39 57.82
N VAL D 336 34.67 -43.97 56.55
CA VAL D 336 35.35 -42.76 56.15
C VAL D 336 34.42 -41.58 56.41
N THR D 337 34.82 -40.70 57.31
CA THR D 337 34.06 -39.50 57.66
C THR D 337 35.04 -38.37 57.93
N LEU D 338 34.48 -37.18 58.13
CA LEU D 338 35.23 -36.00 58.53
C LEU D 338 34.74 -35.54 59.90
N SER D 339 35.65 -35.49 60.86
CA SER D 339 35.44 -34.79 62.11
C SER D 339 36.14 -33.44 61.99
N GLY D 340 35.36 -32.37 62.03
CA GLY D 340 35.90 -31.07 61.63
C GLY D 340 36.18 -31.07 60.15
N ASN D 341 37.30 -30.47 59.76
CA ASN D 341 37.78 -30.48 58.38
C ASN D 341 38.70 -31.66 58.07
N GLN D 342 39.06 -32.47 59.07
CA GLN D 342 40.04 -33.53 58.89
C GLN D 342 39.33 -34.83 58.53
N SER D 343 39.79 -35.48 57.46
CA SER D 343 39.32 -36.81 57.14
C SER D 343 39.86 -37.81 58.17
N VAL D 344 39.02 -38.78 58.52
CA VAL D 344 39.36 -39.75 59.55
C VAL D 344 38.66 -41.06 59.23
N ARG D 345 39.26 -42.16 59.70
CA ARG D 345 38.69 -43.50 59.61
C ARG D 345 38.43 -44.02 61.01
N LEU D 346 37.20 -44.44 61.27
CA LEU D 346 36.77 -45.00 62.53
C LEU D 346 36.36 -46.45 62.33
N PRO D 347 36.73 -47.39 63.22
CA PRO D 347 36.31 -48.79 63.02
C PRO D 347 34.80 -48.94 63.02
N LEU D 348 34.31 -49.77 62.10
CA LEU D 348 32.87 -49.94 61.93
C LEU D 348 32.24 -50.56 63.17
N MET D 349 32.96 -51.47 63.83
CA MET D 349 32.41 -52.17 64.99
C MET D 349 32.12 -51.21 66.13
N GLU D 350 33.05 -50.29 66.42
CA GLU D 350 32.86 -49.37 67.53
C GLU D 350 31.73 -48.39 67.26
N CYS D 351 31.63 -47.90 66.02
CA CYS D 351 30.55 -46.98 65.68
C CYS D 351 29.19 -47.65 65.78
N VAL D 352 29.10 -48.90 65.32
CA VAL D 352 27.85 -49.64 65.47
C VAL D 352 27.54 -49.87 66.94
N GLN D 353 28.57 -50.17 67.73
CA GLN D 353 28.36 -50.41 69.15
C GLN D 353 27.86 -49.16 69.84
N MET D 354 28.45 -48.00 69.53
CA MET D 354 27.98 -46.74 70.10
C MET D 354 26.54 -46.46 69.70
N THR D 355 26.18 -46.72 68.44
CA THR D 355 24.81 -46.53 68.01
C THR D 355 23.85 -47.42 68.80
N LYS D 356 24.27 -48.65 69.10
CA LYS D 356 23.45 -49.53 69.92
C LYS D 356 23.36 -49.01 71.36
N GLU D 357 24.44 -48.45 71.89
CA GLU D 357 24.40 -47.91 73.24
C GLU D 357 23.46 -46.72 73.34
N VAL D 358 23.48 -45.82 72.35
CA VAL D 358 22.58 -44.68 72.37
C VAL D 358 21.15 -45.13 72.19
N GLN D 359 20.92 -46.17 71.37
CA GLN D 359 19.56 -46.67 71.19
C GLN D 359 19.02 -47.27 72.49
N LYS D 360 19.86 -48.03 73.20
CA LYS D 360 19.44 -48.56 74.50
C LYS D 360 19.20 -47.44 75.50
N ALA D 361 20.06 -46.42 75.50
CA ALA D 361 19.87 -45.29 76.40
C ALA D 361 18.56 -44.56 76.11
N MET D 362 18.27 -44.32 74.83
CA MET D 362 17.03 -43.66 74.46
C MET D 362 15.79 -44.49 74.77
N ASP D 363 15.94 -45.79 75.00
CA ASP D 363 14.82 -46.66 75.42
C ASP D 363 14.64 -46.65 76.94
N ASP D 364 14.67 -45.45 77.54
CA ASP D 364 14.43 -45.25 78.98
C ASP D 364 15.33 -46.12 79.85
N LYS D 365 16.63 -46.10 79.51
CA LYS D 365 17.67 -46.72 80.31
C LYS D 365 18.56 -45.67 80.97
N ARG D 366 19.22 -44.84 80.18
CA ARG D 366 19.97 -43.67 80.61
C ARG D 366 19.50 -42.46 79.85
N PHE D 367 18.18 -42.24 79.87
CA PHE D 367 17.54 -41.37 78.90
C PHE D 367 17.99 -39.92 79.02
N ASP D 368 18.09 -39.40 80.24
CA ASP D 368 18.60 -38.04 80.41
C ASP D 368 20.04 -37.92 79.96
N GLU D 369 20.81 -39.02 80.02
CA GLU D 369 22.20 -39.06 79.60
C GLU D 369 22.39 -39.74 78.24
N ALA D 370 21.31 -39.87 77.45
CA ALA D 370 21.47 -40.34 76.08
C ALA D 370 21.88 -39.22 75.13
N THR D 371 21.47 -37.98 75.43
CA THR D 371 21.78 -36.86 74.56
C THR D 371 23.28 -36.59 74.48
N GLN D 372 24.03 -36.88 75.54
CA GLN D 372 25.47 -36.65 75.49
C GLN D 372 26.16 -37.70 74.63
N LEU D 373 25.68 -38.94 74.69
CA LEU D 373 26.24 -40.00 73.86
C LEU D 373 25.93 -39.81 72.37
N ARG D 374 24.94 -38.98 72.04
CA ARG D 374 24.69 -38.62 70.65
C ARG D 374 25.89 -37.90 70.02
N GLY D 375 26.74 -37.26 70.83
CA GLY D 375 27.88 -36.51 70.34
C GLY D 375 27.90 -35.15 71.02
N GLY D 376 29.11 -34.65 71.26
CA GLY D 376 29.25 -33.33 71.88
C GLY D 376 28.68 -32.22 71.01
N SER D 377 28.67 -32.41 69.69
CA SER D 377 28.13 -31.39 68.80
C SER D 377 26.65 -31.18 69.02
N PHE D 378 25.90 -32.27 69.26
CA PHE D 378 24.46 -32.15 69.49
C PHE D 378 24.17 -31.37 70.75
N GLU D 379 24.82 -31.75 71.86
CA GLU D 379 24.57 -31.09 73.14
C GLU D 379 24.98 -29.62 73.08
N ASN D 380 26.11 -29.34 72.44
CA ASN D 380 26.55 -27.95 72.31
C ASN D 380 25.59 -27.15 71.45
N ASN D 381 25.13 -27.73 70.33
CA ASN D 381 24.18 -27.04 69.47
C ASN D 381 22.87 -26.74 70.20
N TRP D 382 22.40 -27.69 71.01
CA TRP D 382 21.15 -27.49 71.72
C TRP D 382 21.28 -26.39 72.77
N ASN D 383 22.43 -26.33 73.46
CA ASN D 383 22.63 -25.29 74.46
C ASN D 383 22.76 -23.91 73.80
N ILE D 384 23.48 -23.83 72.68
CA ILE D 384 23.61 -22.57 71.97
C ILE D 384 22.25 -22.09 71.47
N TYR D 385 21.46 -23.02 70.93
CA TYR D 385 20.12 -22.69 70.44
C TYR D 385 19.26 -22.10 71.56
N LYS D 386 19.19 -22.79 72.69
CA LYS D 386 18.35 -22.33 73.80
C LYS D 386 18.84 -21.00 74.35
N LEU D 387 20.16 -20.80 74.38
CA LEU D 387 20.70 -19.54 74.88
C LEU D 387 20.28 -18.38 73.98
N LEU D 388 20.38 -18.55 72.67
CA LEU D 388 20.05 -17.49 71.73
C LEU D 388 18.55 -17.34 71.52
N ALA D 389 17.76 -18.38 71.78
CA ALA D 389 16.34 -18.34 71.50
C ALA D 389 15.63 -17.30 72.35
N HIS D 390 15.75 -17.41 73.68
CA HIS D 390 14.99 -16.62 74.64
C HIS D 390 15.94 -15.90 75.59
N GLN D 391 15.72 -14.61 75.76
CA GLN D 391 16.53 -13.79 76.65
C GLN D 391 16.22 -14.16 78.11
N LYS D 392 17.12 -14.92 78.72
CA LYS D 392 17.05 -15.14 80.15
C LYS D 392 17.65 -13.94 80.89
N PRO D 393 17.29 -13.72 82.15
CA PRO D 393 17.73 -12.50 82.82
C PRO D 393 19.19 -12.62 83.24
N PRO D 394 20.10 -11.77 82.70
CA PRO D 394 21.51 -11.88 83.12
C PRO D 394 21.76 -11.12 84.41
N LYS D 395 21.52 -11.77 85.55
CA LYS D 395 21.77 -11.13 86.84
C LYS D 395 23.24 -10.80 87.05
N GLU D 396 24.15 -11.46 86.34
CA GLU D 396 25.55 -11.10 86.36
C GLU D 396 25.77 -9.84 85.53
N LYS D 397 26.75 -9.04 85.93
CA LYS D 397 27.16 -7.86 85.20
C LYS D 397 28.66 -7.72 85.32
N SER D 398 29.25 -7.03 84.34
CA SER D 398 30.68 -6.78 84.32
C SER D 398 30.92 -5.39 83.75
N ASN D 399 32.01 -4.77 84.21
CA ASN D 399 32.42 -3.48 83.68
C ASN D 399 32.94 -3.56 82.25
N PHE D 400 33.18 -4.75 81.73
CA PHE D 400 33.73 -4.90 80.40
C PHE D 400 32.73 -4.46 79.34
N SER D 401 33.25 -3.90 78.25
CA SER D 401 32.48 -3.44 77.13
C SER D 401 33.26 -3.72 75.86
N LEU D 402 32.56 -4.19 74.83
CA LEU D 402 33.18 -4.62 73.58
C LEU D 402 32.42 -4.07 72.40
N ALA D 403 33.14 -3.83 71.31
CA ALA D 403 32.60 -3.29 70.07
C ALA D 403 32.79 -4.30 68.95
N ILE D 404 31.74 -4.49 68.16
CA ILE D 404 31.71 -5.48 67.08
C ILE D 404 31.77 -4.72 65.75
N LEU D 405 32.77 -5.04 64.94
CA LEU D 405 33.03 -4.38 63.66
C LEU D 405 32.71 -5.34 62.52
N ASN D 406 32.34 -4.76 61.37
CA ASN D 406 32.28 -5.48 60.12
C ASN D 406 33.18 -4.77 59.12
N VAL D 407 34.24 -5.47 58.69
CA VAL D 407 35.33 -4.88 57.90
C VAL D 407 35.51 -5.70 56.63
N GLY D 408 35.83 -5.01 55.54
CA GLY D 408 36.13 -5.66 54.27
C GLY D 408 34.94 -5.64 53.33
N ALA D 409 34.81 -6.68 52.50
CA ALA D 409 33.60 -6.85 51.72
C ALA D 409 32.50 -7.46 52.58
N PRO D 410 31.23 -7.29 52.19
CA PRO D 410 30.18 -8.05 52.88
C PRO D 410 30.30 -9.53 52.55
N ALA D 411 29.98 -10.37 53.54
CA ALA D 411 30.01 -11.82 53.38
C ALA D 411 28.74 -12.40 53.99
N ALA D 412 28.14 -13.35 53.29
CA ALA D 412 26.96 -14.04 53.80
C ALA D 412 27.28 -14.76 55.10
N GLY D 413 26.58 -14.40 56.17
CA GLY D 413 26.80 -14.98 57.49
C GLY D 413 27.48 -14.06 58.47
N MET D 414 27.93 -12.87 58.05
CA MET D 414 28.38 -11.88 59.02
C MET D 414 27.28 -11.55 60.02
N ASN D 415 26.06 -11.38 59.53
CA ASN D 415 24.94 -11.03 60.40
C ASN D 415 24.65 -12.12 61.42
N ALA D 416 24.73 -13.39 61.01
CA ALA D 416 24.56 -14.49 61.95
C ALA D 416 25.61 -14.44 63.05
N ALA D 417 26.87 -14.18 62.69
CA ALA D 417 27.93 -14.04 63.68
C ALA D 417 27.67 -12.88 64.63
N VAL D 418 27.26 -11.74 64.09
CA VAL D 418 27.04 -10.56 64.93
C VAL D 418 25.86 -10.78 65.86
N ARG D 419 24.80 -11.45 65.37
CA ARG D 419 23.66 -11.76 66.21
C ARG D 419 24.07 -12.60 67.41
N SER D 420 24.79 -13.69 67.16
CA SER D 420 25.24 -14.56 68.24
C SER D 420 26.19 -13.84 69.19
N ALA D 421 27.11 -13.04 68.64
CA ALA D 421 28.04 -12.29 69.48
C ALA D 421 27.30 -11.32 70.39
N VAL D 422 26.25 -10.68 69.88
CA VAL D 422 25.50 -9.72 70.68
C VAL D 422 24.76 -10.43 71.81
N ARG D 423 24.03 -11.50 71.48
CA ARG D 423 23.32 -12.25 72.51
C ARG D 423 24.28 -12.84 73.54
N THR D 424 25.36 -13.46 73.08
CA THR D 424 26.29 -14.10 74.00
C THR D 424 26.99 -13.07 74.88
N GLY D 425 27.30 -11.89 74.33
CA GLY D 425 27.90 -10.85 75.14
C GLY D 425 26.95 -10.30 76.18
N ILE D 426 25.68 -10.13 75.80
CA ILE D 426 24.68 -9.69 76.77
C ILE D 426 24.47 -10.74 77.84
N SER D 427 24.54 -12.02 77.48
CA SER D 427 24.37 -13.09 78.47
C SER D 427 25.45 -13.03 79.54
N HIS D 428 26.69 -12.72 79.15
CA HIS D 428 27.78 -12.54 80.09
C HIS D 428 27.82 -11.16 80.72
N GLY D 429 26.81 -10.32 80.50
CA GLY D 429 26.76 -9.02 81.12
C GLY D 429 27.59 -7.94 80.47
N HIS D 430 28.26 -8.25 79.35
CA HIS D 430 29.05 -7.24 78.67
C HIS D 430 28.16 -6.19 78.04
N THR D 431 28.71 -4.99 77.85
CA THR D 431 28.06 -3.93 77.10
C THR D 431 28.54 -4.02 75.66
N VAL D 432 27.66 -4.51 74.78
CA VAL D 432 28.00 -4.74 73.39
C VAL D 432 27.70 -3.49 72.59
N TYR D 433 28.67 -3.04 71.82
CA TYR D 433 28.48 -1.99 70.82
C TYR D 433 28.64 -2.60 69.42
N VAL D 434 27.91 -2.02 68.48
CA VAL D 434 28.10 -2.29 67.05
C VAL D 434 28.43 -0.98 66.37
N VAL D 435 29.48 -0.99 65.55
CA VAL D 435 29.91 0.18 64.80
C VAL D 435 29.63 -0.08 63.32
N HIS D 436 28.97 0.89 62.68
CA HIS D 436 28.64 0.80 61.27
C HIS D 436 29.81 1.30 60.43
N ASP D 437 30.11 0.56 59.36
CA ASP D 437 31.20 0.84 58.40
C ASP D 437 32.58 0.46 58.93
N GLY D 438 32.65 -0.44 59.92
CA GLY D 438 33.93 -0.99 60.34
C GLY D 438 34.87 0.05 60.92
N PHE D 439 36.13 -0.01 60.48
CA PHE D 439 37.14 0.90 61.00
C PHE D 439 36.87 2.35 60.62
N GLU D 440 36.21 2.58 59.48
CA GLU D 440 35.78 3.94 59.16
C GLU D 440 34.85 4.48 60.23
N GLY D 441 33.84 3.70 60.61
CA GLY D 441 32.93 4.14 61.65
C GLY D 441 33.60 4.29 63.00
N LEU D 442 34.54 3.38 63.33
CA LEU D 442 35.26 3.50 64.58
C LEU D 442 36.04 4.80 64.65
N ALA D 443 36.68 5.17 63.53
CA ALA D 443 37.31 6.49 63.45
C ALA D 443 36.27 7.60 63.57
N LYS D 444 35.18 7.48 62.82
CA LYS D 444 34.14 8.49 62.79
C LYS D 444 33.23 8.44 64.02
N GLY D 445 33.40 7.46 64.90
CA GLY D 445 32.59 7.41 66.10
C GLY D 445 31.16 6.99 65.88
N GLN D 446 30.89 6.17 64.86
CA GLN D 446 29.55 5.64 64.62
C GLN D 446 29.27 4.46 65.52
N VAL D 447 29.43 4.63 66.84
CA VAL D 447 29.31 3.56 67.82
C VAL D 447 27.93 3.67 68.46
N GLN D 448 27.20 2.55 68.44
CA GLN D 448 25.83 2.47 68.93
C GLN D 448 25.74 1.26 69.84
N GLU D 449 25.41 1.50 71.11
CA GLU D 449 25.14 0.38 72.01
C GLU D 449 23.93 -0.39 71.51
N VAL D 450 24.01 -1.71 71.61
CA VAL D 450 23.06 -2.64 71.00
C VAL D 450 22.47 -3.51 72.09
N GLY D 451 21.23 -3.95 71.86
CA GLY D 451 20.52 -4.81 72.77
C GLY D 451 20.20 -6.16 72.16
N TRP D 452 19.50 -6.98 72.94
CA TRP D 452 19.13 -8.32 72.50
C TRP D 452 18.30 -8.28 71.22
N HIS D 453 17.22 -7.50 71.22
CA HIS D 453 16.28 -7.50 70.12
C HIS D 453 16.73 -6.64 68.95
N ASP D 454 17.80 -5.87 69.09
CA ASP D 454 18.32 -5.09 67.96
C ASP D 454 18.89 -5.98 66.86
N VAL D 455 19.28 -7.21 67.18
CA VAL D 455 19.78 -8.17 66.20
C VAL D 455 18.69 -9.18 65.80
N ALA D 456 17.43 -8.92 66.12
CA ALA D 456 16.37 -9.87 65.84
C ALA D 456 16.20 -10.10 64.34
N GLY D 457 16.24 -11.36 63.93
CA GLY D 457 16.09 -11.73 62.53
C GLY D 457 17.28 -11.42 61.65
N TRP D 458 18.47 -11.28 62.23
CA TRP D 458 19.68 -11.05 61.45
C TRP D 458 20.26 -12.32 60.83
N LEU D 459 19.80 -13.50 61.25
CA LEU D 459 20.36 -14.77 60.78
C LEU D 459 20.31 -14.88 59.26
N GLY D 460 19.12 -14.89 58.67
CA GLY D 460 18.98 -15.15 57.26
C GLY D 460 19.31 -14.01 56.32
N ARG D 461 19.64 -12.83 56.84
CA ARG D 461 19.94 -11.68 55.99
C ARG D 461 21.39 -11.76 55.52
N GLY D 462 21.57 -11.81 54.20
CA GLY D 462 22.90 -11.78 53.64
C GLY D 462 23.53 -10.40 53.70
N GLY D 463 24.81 -10.37 53.38
CA GLY D 463 25.54 -9.11 53.42
C GLY D 463 25.84 -8.69 54.83
N SER D 464 25.58 -7.42 55.13
CA SER D 464 25.93 -6.85 56.43
C SER D 464 24.92 -5.78 56.80
N MET D 465 24.17 -6.01 57.88
CA MET D 465 23.34 -4.95 58.46
C MET D 465 24.20 -3.77 58.87
N LEU D 466 25.21 -4.02 59.69
CA LEU D 466 26.26 -3.02 59.90
C LEU D 466 26.96 -2.76 58.59
N GLY D 467 27.43 -1.53 58.41
CA GLY D 467 28.20 -1.23 57.23
C GLY D 467 29.54 -1.95 57.22
N THR D 468 30.06 -2.13 56.02
CA THR D 468 31.40 -2.67 55.81
C THR D 468 32.22 -1.67 55.00
N LYS D 469 33.48 -1.50 55.40
CA LYS D 469 34.46 -0.76 54.63
C LYS D 469 35.79 -1.51 54.67
N ARG D 470 36.54 -1.37 53.58
CA ARG D 470 37.84 -2.03 53.47
C ARG D 470 38.97 -1.24 54.10
N THR D 471 38.72 -0.04 54.62
CA THR D 471 39.81 0.86 54.99
C THR D 471 40.51 0.33 56.23
N LEU D 472 41.82 0.19 56.13
CA LEU D 472 42.60 -0.29 57.26
C LEU D 472 42.78 0.81 58.30
N PRO D 473 42.98 0.45 59.58
CA PRO D 473 42.93 1.45 60.64
C PRO D 473 44.17 2.33 60.77
N LYS D 474 45.24 2.06 60.01
CA LYS D 474 46.50 2.77 60.23
C LYS D 474 46.37 4.25 59.89
N GLY D 475 45.61 4.58 58.84
CA GLY D 475 45.52 5.97 58.42
C GLY D 475 44.85 6.87 59.44
N GLN D 476 43.75 6.40 60.03
CA GLN D 476 42.95 7.16 60.99
C GLN D 476 43.12 6.60 62.41
N LEU D 477 44.34 6.23 62.77
CA LEU D 477 44.54 5.55 64.04
C LEU D 477 44.33 6.48 65.23
N GLU D 478 44.57 7.79 65.07
CA GLU D 478 44.32 8.72 66.15
C GLU D 478 42.83 8.81 66.48
N SER D 479 41.98 8.80 65.45
CA SER D 479 40.54 8.82 65.68
C SER D 479 40.06 7.51 66.32
N ILE D 480 40.68 6.39 65.95
CA ILE D 480 40.27 5.11 66.49
C ILE D 480 40.58 5.02 67.98
N VAL D 481 41.80 5.41 68.37
CA VAL D 481 42.17 5.36 69.79
C VAL D 481 41.34 6.35 70.59
N GLU D 482 40.99 7.50 70.00
CA GLU D 482 40.15 8.46 70.69
C GLU D 482 38.77 7.89 70.97
N ASN D 483 38.17 7.25 69.96
CA ASN D 483 36.84 6.67 70.15
C ASN D 483 36.88 5.47 71.10
N ILE D 484 37.95 4.68 71.08
CA ILE D 484 38.07 3.59 72.02
C ILE D 484 38.13 4.12 73.45
N ARG D 485 38.87 5.22 73.66
CA ARG D 485 38.95 5.82 74.98
C ARG D 485 37.60 6.39 75.41
N ILE D 486 36.91 7.08 74.50
CA ILE D 486 35.63 7.72 74.84
C ILE D 486 34.61 6.67 75.25
N TYR D 487 34.45 5.63 74.43
CA TYR D 487 33.44 4.61 74.66
C TYR D 487 33.89 3.50 75.61
N GLY D 488 35.15 3.53 76.06
CA GLY D 488 35.62 2.51 77.00
C GLY D 488 35.59 1.11 76.45
N ILE D 489 36.01 0.94 75.20
CA ILE D 489 35.95 -0.35 74.53
C ILE D 489 37.10 -1.20 75.06
N HIS D 490 36.77 -2.25 75.81
CA HIS D 490 37.76 -3.14 76.40
C HIS D 490 38.11 -4.33 75.53
N ALA D 491 37.23 -4.71 74.59
CA ALA D 491 37.51 -5.77 73.64
C ALA D 491 36.94 -5.39 72.27
N LEU D 492 37.42 -6.08 71.24
CA LEU D 492 37.07 -5.76 69.86
C LEU D 492 36.84 -7.05 69.09
N LEU D 493 35.64 -7.23 68.54
CA LEU D 493 35.28 -8.40 67.75
C LEU D 493 35.08 -7.98 66.30
N VAL D 494 36.05 -8.29 65.45
CA VAL D 494 36.08 -7.81 64.07
C VAL D 494 35.67 -8.97 63.16
N VAL D 495 34.50 -8.85 62.55
CA VAL D 495 33.94 -9.88 61.67
C VAL D 495 34.20 -9.43 60.24
N GLY D 496 35.12 -10.09 59.53
CA GLY D 496 35.42 -9.63 58.20
C GLY D 496 36.48 -10.48 57.53
N GLY D 497 36.88 -10.05 56.35
CA GLY D 497 37.81 -10.78 55.52
C GLY D 497 39.26 -10.53 55.84
N PHE D 498 40.10 -10.62 54.81
CA PHE D 498 41.53 -10.38 54.98
C PHE D 498 41.81 -8.97 55.51
N GLU D 499 40.98 -8.00 55.14
CA GLU D 499 41.17 -6.65 55.63
C GLU D 499 40.93 -6.56 57.13
N ALA D 500 40.00 -7.36 57.65
CA ALA D 500 39.80 -7.42 59.09
C ALA D 500 41.04 -7.94 59.81
N TYR D 501 41.58 -9.07 59.32
CA TYR D 501 42.78 -9.65 59.90
C TYR D 501 43.97 -8.70 59.79
N GLU D 502 44.15 -8.05 58.63
CA GLU D 502 45.27 -7.14 58.47
C GLU D 502 45.13 -5.91 59.36
N GLY D 503 43.91 -5.39 59.49
CA GLY D 503 43.70 -4.25 60.37
C GLY D 503 43.95 -4.57 61.82
N VAL D 504 43.48 -5.73 62.28
CA VAL D 504 43.75 -6.16 63.65
C VAL D 504 45.24 -6.35 63.85
N LEU D 505 45.94 -6.86 62.83
CA LEU D 505 47.39 -6.98 62.93
C LEU D 505 48.05 -5.61 63.06
N GLN D 506 47.52 -4.61 62.35
CA GLN D 506 48.06 -3.26 62.45
C GLN D 506 47.83 -2.67 63.84
N LEU D 507 46.66 -2.92 64.43
CA LEU D 507 46.40 -2.43 65.78
C LEU D 507 47.32 -3.10 66.79
N VAL D 508 47.60 -4.40 66.60
CA VAL D 508 48.47 -5.11 67.53
C VAL D 508 49.89 -4.57 67.44
N GLU D 509 50.36 -4.31 66.22
CA GLU D 509 51.71 -3.76 66.05
C GLU D 509 51.79 -2.33 66.55
N ALA D 510 50.69 -1.59 66.53
CA ALA D 510 50.64 -0.22 67.03
C ALA D 510 50.39 -0.13 68.53
N ARG D 511 50.25 -1.27 69.23
CA ARG D 511 50.13 -1.25 70.69
C ARG D 511 51.30 -0.54 71.34
N GLY D 512 52.51 -0.71 70.78
CA GLY D 512 53.69 -0.07 71.36
C GLY D 512 53.60 1.44 71.37
N ARG D 513 52.90 2.03 70.40
CA ARG D 513 52.74 3.48 70.34
C ARG D 513 51.59 3.98 71.19
N TYR D 514 50.47 3.25 71.21
CA TYR D 514 49.24 3.66 71.87
C TYR D 514 48.90 2.65 72.96
N GLU D 515 48.76 3.14 74.19
CA GLU D 515 48.37 2.28 75.29
C GLU D 515 46.93 1.79 75.16
N GLU D 516 46.06 2.61 74.57
CA GLU D 516 44.64 2.27 74.52
C GLU D 516 44.38 1.06 73.64
N LEU D 517 45.23 0.82 72.64
CA LEU D 517 45.07 -0.34 71.77
C LEU D 517 45.43 -1.66 72.42
N CYS D 518 45.89 -1.67 73.69
CA CYS D 518 46.15 -2.90 74.41
C CYS D 518 44.83 -3.46 74.94
N ILE D 519 43.98 -3.87 74.00
CA ILE D 519 42.66 -4.42 74.26
C ILE D 519 42.60 -5.78 73.58
N VAL D 520 41.82 -6.69 74.16
CA VAL D 520 41.66 -8.01 73.56
C VAL D 520 40.94 -7.85 72.22
N MET D 521 41.49 -8.46 71.18
CA MET D 521 40.94 -8.41 69.84
C MET D 521 40.66 -9.82 69.35
N CYS D 522 39.61 -9.97 68.56
CA CYS D 522 39.28 -11.24 67.94
C CYS D 522 38.79 -10.99 66.52
N VAL D 523 39.26 -11.83 65.60
CA VAL D 523 38.90 -11.76 64.19
C VAL D 523 38.07 -12.98 63.85
N ILE D 524 36.87 -12.75 63.35
CA ILE D 524 36.04 -13.79 62.75
C ILE D 524 36.24 -13.72 61.24
N PRO D 525 36.86 -14.72 60.60
CA PRO D 525 37.06 -14.62 59.15
C PRO D 525 35.74 -14.75 58.41
N ALA D 526 35.38 -13.69 57.68
CA ALA D 526 34.12 -13.61 56.94
C ALA D 526 34.40 -13.02 55.57
N THR D 527 34.54 -13.88 54.57
CA THR D 527 34.76 -13.41 53.21
C THR D 527 34.36 -14.50 52.22
N ILE D 528 34.09 -14.04 51.01
CA ILE D 528 33.75 -14.94 49.90
C ILE D 528 34.97 -15.76 49.49
N SER D 529 36.15 -15.15 49.48
CA SER D 529 37.31 -15.76 48.85
C SER D 529 37.89 -16.93 49.66
N ASN D 530 37.57 -17.02 50.95
CA ASN D 530 38.24 -17.95 51.86
C ASN D 530 39.75 -17.75 51.86
N ASN D 531 40.17 -16.48 51.87
CA ASN D 531 41.57 -16.10 51.77
C ASN D 531 42.14 -15.58 53.09
N VAL D 532 41.46 -15.83 54.20
CA VAL D 532 41.85 -15.28 55.51
C VAL D 532 42.75 -16.31 56.18
N PRO D 533 43.98 -15.98 56.56
CA PRO D 533 44.80 -16.97 57.27
C PRO D 533 44.25 -17.24 58.66
N GLY D 534 44.50 -18.45 59.14
CA GLY D 534 44.08 -18.89 60.46
C GLY D 534 42.86 -19.78 60.48
N THR D 535 42.20 -19.98 59.34
CA THR D 535 40.98 -20.79 59.27
C THR D 535 41.02 -21.63 58.00
N ASP D 536 40.18 -22.66 57.98
CA ASP D 536 39.94 -23.43 56.76
C ASP D 536 38.75 -22.92 55.97
N PHE D 537 37.71 -22.43 56.65
CA PHE D 537 36.48 -21.95 56.02
C PHE D 537 36.19 -20.56 56.55
N SER D 538 36.38 -19.55 55.70
CA SER D 538 35.89 -18.23 56.04
C SER D 538 34.38 -18.23 56.03
N LEU D 539 33.80 -17.43 56.91
CA LEU D 539 32.36 -17.36 57.04
C LEU D 539 31.75 -16.75 55.78
N GLY D 540 30.92 -17.54 55.09
CA GLY D 540 30.31 -17.13 53.85
C GLY D 540 30.97 -17.65 52.60
N SER D 541 32.06 -18.40 52.71
CA SER D 541 32.63 -19.04 51.53
C SER D 541 31.70 -20.12 51.01
N ASP D 542 31.05 -20.87 51.92
CA ASP D 542 30.13 -21.92 51.52
C ASP D 542 28.96 -21.36 50.70
N THR D 543 28.42 -20.20 51.12
CA THR D 543 27.36 -19.56 50.35
C THR D 543 27.82 -19.23 48.94
N ALA D 544 29.02 -18.67 48.82
CA ALA D 544 29.55 -18.31 47.51
C ALA D 544 29.75 -19.54 46.64
N VAL D 545 30.25 -20.63 47.24
CA VAL D 545 30.44 -21.87 46.49
C VAL D 545 29.10 -22.37 46.00
N ASN D 546 28.08 -22.33 46.86
CA ASN D 546 26.77 -22.81 46.48
C ASN D 546 26.17 -21.98 45.36
N ALA D 547 26.29 -20.65 45.45
CA ALA D 547 25.81 -19.79 44.38
C ALA D 547 26.58 -20.04 43.08
N ALA D 548 27.90 -20.24 43.18
CA ALA D 548 28.70 -20.44 41.99
C ALA D 548 28.36 -21.75 41.29
N MET D 549 28.13 -22.83 42.06
CA MET D 549 27.80 -24.09 41.41
C MET D 549 26.40 -24.03 40.79
N GLU D 550 25.47 -23.34 41.45
CA GLU D 550 24.12 -23.22 40.91
C GLU D 550 24.15 -22.49 39.57
N SER D 551 24.98 -21.46 39.46
CA SER D 551 25.18 -20.79 38.19
C SER D 551 25.84 -21.73 37.18
N CYS D 552 26.88 -22.44 37.62
CA CYS D 552 27.58 -23.36 36.72
C CYS D 552 26.69 -24.53 36.30
N ASP D 553 25.86 -25.03 37.23
CA ASP D 553 24.92 -26.10 36.86
C ASP D 553 23.92 -25.62 35.83
N ARG D 554 23.38 -24.41 36.02
CA ARG D 554 22.48 -23.83 35.03
C ARG D 554 23.16 -23.68 33.68
N ILE D 555 24.40 -23.18 33.68
CA ILE D 555 25.13 -22.98 32.44
C ILE D 555 25.40 -24.31 31.76
N LYS D 556 25.83 -25.32 32.51
CA LYS D 556 26.12 -26.62 31.92
C LYS D 556 24.85 -27.28 31.38
N GLN D 557 23.69 -26.97 31.96
CA GLN D 557 22.42 -27.46 31.44
C GLN D 557 21.94 -26.70 30.21
N SER D 558 22.56 -25.57 29.86
CA SER D 558 22.02 -24.71 28.80
C SER D 558 22.19 -25.30 27.41
N ALA D 559 23.09 -26.27 27.22
CA ALA D 559 23.20 -26.93 25.93
C ALA D 559 22.11 -27.97 25.72
N SER D 560 21.59 -28.55 26.81
CA SER D 560 20.46 -29.49 26.79
C SER D 560 20.73 -30.69 25.88
N GLY D 561 21.94 -31.25 25.96
CA GLY D 561 22.25 -32.52 25.34
C GLY D 561 22.35 -32.54 23.82
N THR D 562 22.02 -31.47 23.13
CA THR D 562 22.03 -31.47 21.66
C THR D 562 23.39 -30.99 21.16
N LYS D 563 23.64 -29.69 21.20
CA LYS D 563 24.95 -29.17 20.85
C LYS D 563 25.95 -29.57 21.92
N ARG D 564 27.20 -29.76 21.51
CA ARG D 564 28.30 -30.03 22.44
C ARG D 564 29.18 -28.79 22.51
N ARG D 565 29.32 -28.25 23.71
CA ARG D 565 29.79 -26.90 23.95
C ARG D 565 30.61 -26.89 25.23
N VAL D 566 31.64 -26.04 25.26
CA VAL D 566 32.48 -25.82 26.43
C VAL D 566 32.16 -24.43 26.96
N PHE D 567 32.07 -24.30 28.28
CA PHE D 567 31.80 -23.02 28.94
C PHE D 567 33.00 -22.62 29.79
N ILE D 568 33.55 -21.44 29.52
CA ILE D 568 34.54 -20.81 30.38
C ILE D 568 33.78 -19.96 31.38
N VAL D 569 33.76 -20.39 32.63
CA VAL D 569 33.10 -19.65 33.71
C VAL D 569 34.18 -19.03 34.58
N GLU D 570 34.10 -17.72 34.81
CA GLU D 570 35.08 -17.01 35.63
C GLU D 570 34.48 -16.75 37.02
N THR D 571 35.17 -17.23 38.04
CA THR D 571 34.77 -17.06 39.44
C THR D 571 35.58 -15.94 40.09
N MET D 572 35.06 -15.44 41.21
CA MET D 572 35.73 -14.44 42.02
C MET D 572 36.67 -15.14 43.00
N GLY D 573 37.26 -14.37 43.92
CA GLY D 573 38.14 -14.86 44.96
C GLY D 573 39.50 -14.21 44.97
N GLY D 574 39.71 -13.20 44.13
CA GLY D 574 41.01 -12.56 44.01
C GLY D 574 42.06 -13.56 43.57
N TYR D 575 43.22 -13.48 44.21
CA TYR D 575 44.29 -14.44 43.96
C TYR D 575 44.04 -15.78 44.64
N CYS D 576 43.14 -15.85 45.62
CA CYS D 576 42.84 -17.10 46.29
C CYS D 576 41.97 -17.96 45.37
N GLY D 577 42.47 -19.13 45.03
CA GLY D 577 41.80 -20.02 44.11
C GLY D 577 40.79 -20.95 44.71
N TYR D 578 40.63 -20.97 46.06
CA TYR D 578 39.76 -21.93 46.75
C TYR D 578 38.39 -22.06 46.09
N LEU D 579 37.73 -20.91 45.91
CA LEU D 579 36.36 -20.89 45.39
C LEU D 579 36.26 -21.54 44.02
N ALA D 580 37.22 -21.25 43.14
CA ALA D 580 37.22 -21.86 41.81
C ALA D 580 37.38 -23.37 41.92
N THR D 581 38.31 -23.84 42.74
CA THR D 581 38.68 -25.25 42.72
C THR D 581 37.56 -26.10 43.32
N VAL D 582 37.04 -25.69 44.46
CA VAL D 582 35.92 -26.42 45.07
C VAL D 582 34.70 -26.37 44.15
N THR D 583 34.43 -25.20 43.56
CA THR D 583 33.32 -25.11 42.61
C THR D 583 33.52 -26.05 41.43
N GLY D 584 34.76 -26.17 40.95
CA GLY D 584 35.04 -27.11 39.88
C GLY D 584 34.79 -28.54 40.28
N ILE D 585 35.14 -28.89 41.52
CA ILE D 585 34.86 -30.23 42.02
C ILE D 585 33.35 -30.47 42.07
N ALA D 586 32.61 -29.50 42.63
CA ALA D 586 31.17 -29.65 42.82
C ALA D 586 30.44 -29.83 41.49
N VAL D 587 30.92 -29.16 40.44
CA VAL D 587 30.27 -29.15 39.13
C VAL D 587 30.90 -30.14 38.16
N GLY D 588 31.95 -30.84 38.55
CA GLY D 588 32.66 -31.68 37.61
C GLY D 588 33.34 -30.89 36.51
N ALA D 589 33.89 -29.71 36.85
CA ALA D 589 34.60 -28.92 35.86
C ALA D 589 35.84 -29.66 35.38
N ASP D 590 36.11 -29.52 34.08
CA ASP D 590 37.29 -30.16 33.51
C ASP D 590 38.57 -29.54 34.08
N ALA D 591 38.57 -28.23 34.30
CA ALA D 591 39.77 -27.54 34.78
C ALA D 591 39.35 -26.32 35.59
N ALA D 592 40.14 -26.01 36.62
CA ALA D 592 39.95 -24.83 37.47
C ALA D 592 41.29 -24.11 37.53
N TYR D 593 41.48 -23.14 36.64
CA TYR D 593 42.73 -22.39 36.59
C TYR D 593 42.80 -21.43 37.77
N VAL D 594 43.89 -21.51 38.53
CA VAL D 594 44.07 -20.71 39.74
C VAL D 594 45.49 -20.18 39.80
N PHE D 595 45.64 -19.08 40.55
CA PHE D 595 46.95 -18.46 40.73
C PHE D 595 47.94 -19.41 41.41
N GLU D 596 47.47 -20.14 42.43
CA GLU D 596 48.38 -20.95 43.24
C GLU D 596 49.01 -22.10 42.46
N ASP D 597 48.44 -22.47 41.31
CA ASP D 597 48.94 -23.53 40.44
C ASP D 597 49.28 -22.86 39.12
N PRO D 598 50.44 -22.19 39.01
CA PRO D 598 50.75 -21.45 37.77
C PRO D 598 50.84 -22.38 36.57
N PHE D 599 50.24 -21.93 35.47
CA PHE D 599 50.07 -22.70 34.25
C PHE D 599 50.49 -21.84 33.07
N ASN D 600 51.12 -22.48 32.10
CA ASN D 600 51.61 -21.84 30.88
C ASN D 600 50.85 -22.42 29.69
N ILE D 601 51.23 -21.97 28.49
CA ILE D 601 50.50 -22.37 27.29
C ILE D 601 50.63 -23.86 27.01
N HIS D 602 51.73 -24.48 27.45
CA HIS D 602 51.85 -25.93 27.29
C HIS D 602 50.76 -26.65 28.06
N ASP D 603 50.51 -26.23 29.31
CA ASP D 603 49.43 -26.82 30.10
C ASP D 603 48.08 -26.58 29.44
N LEU D 604 47.91 -25.39 28.85
CA LEU D 604 46.65 -25.08 28.20
C LEU D 604 46.41 -25.98 26.99
N LYS D 605 47.45 -26.24 26.19
CA LYS D 605 47.28 -27.15 25.06
C LYS D 605 46.96 -28.56 25.53
N VAL D 606 47.59 -29.01 26.61
CA VAL D 606 47.29 -30.32 27.17
C VAL D 606 45.82 -30.41 27.57
N ASN D 607 45.34 -29.39 28.27
CA ASN D 607 43.95 -29.38 28.72
C ASN D 607 42.98 -29.30 27.54
N VAL D 608 43.33 -28.51 26.52
CA VAL D 608 42.43 -28.33 25.39
C VAL D 608 42.34 -29.61 24.56
N GLU D 609 43.47 -30.27 24.33
CA GLU D 609 43.45 -31.55 23.63
C GLU D 609 42.69 -32.60 24.44
N HIS D 610 42.87 -32.59 25.77
CA HIS D 610 42.11 -33.48 26.63
C HIS D 610 40.62 -33.22 26.53
N MET D 611 40.22 -31.94 26.51
CA MET D 611 38.81 -31.60 26.35
C MET D 611 38.30 -32.07 25.00
N THR D 612 39.08 -31.84 23.92
CA THR D 612 38.66 -32.27 22.59
C THR D 612 38.44 -33.77 22.53
N GLU D 613 39.36 -34.54 23.11
CA GLU D 613 39.22 -35.99 23.11
C GLU D 613 37.98 -36.42 23.90
N LYS D 614 37.78 -35.83 25.08
CA LYS D 614 36.57 -36.10 25.86
C LYS D 614 35.32 -35.73 25.08
N MET D 615 35.35 -34.59 24.39
CA MET D 615 34.17 -34.11 23.70
C MET D 615 33.78 -34.98 22.51
N LYS D 616 34.73 -35.75 21.97
CA LYS D 616 34.40 -36.72 20.94
C LYS D 616 33.70 -37.95 21.53
N THR D 617 33.83 -38.19 22.84
CA THR D 617 33.15 -39.30 23.48
C THR D 617 31.71 -38.93 23.80
N ASP D 618 31.07 -39.69 24.70
CA ASP D 618 29.65 -39.47 24.99
C ASP D 618 29.39 -38.14 25.70
N ILE D 619 30.36 -37.63 26.47
CA ILE D 619 30.12 -36.39 27.19
C ILE D 619 30.13 -35.23 26.20
N GLN D 620 29.18 -34.30 26.37
CA GLN D 620 28.95 -33.23 25.42
C GLN D 620 29.08 -31.83 26.02
N ARG D 621 29.00 -31.68 27.34
CA ARG D 621 29.07 -30.38 28.01
C ARG D 621 30.36 -30.30 28.82
N GLY D 622 31.31 -29.48 28.33
CA GLY D 622 32.53 -29.19 29.07
C GLY D 622 32.39 -27.93 29.91
N LEU D 623 33.20 -27.86 30.97
CA LEU D 623 33.18 -26.72 31.87
C LEU D 623 34.57 -26.57 32.48
N VAL D 624 35.23 -25.46 32.18
CA VAL D 624 36.51 -25.11 32.80
C VAL D 624 36.35 -23.78 33.51
N LEU D 625 36.71 -23.74 34.79
CA LEU D 625 36.64 -22.53 35.58
C LEU D 625 37.97 -21.78 35.52
N ARG D 626 37.89 -20.45 35.66
CA ARG D 626 39.08 -19.60 35.74
C ARG D 626 38.91 -18.62 36.88
N ASN D 627 39.83 -18.64 37.83
CA ASN D 627 39.86 -17.59 38.83
C ASN D 627 40.19 -16.26 38.15
N GLU D 628 39.58 -15.18 38.64
CA GLU D 628 39.68 -13.87 37.99
C GLU D 628 41.11 -13.38 37.86
N LYS D 629 41.99 -13.73 38.81
CA LYS D 629 43.38 -13.27 38.86
C LYS D 629 44.36 -14.43 38.81
N CYS D 630 44.03 -15.50 38.08
CA CYS D 630 44.95 -16.63 38.01
C CYS D 630 46.16 -16.30 37.16
N HIS D 631 45.98 -15.53 36.07
CA HIS D 631 47.03 -15.25 35.12
C HIS D 631 46.95 -13.80 34.67
N ASP D 632 48.11 -13.20 34.43
CA ASP D 632 48.16 -11.80 34.01
C ASP D 632 47.67 -11.63 32.57
N TYR D 633 48.00 -12.58 31.70
CA TYR D 633 47.76 -12.46 30.26
C TYR D 633 46.73 -13.44 29.74
N TYR D 634 46.69 -14.68 30.23
CA TYR D 634 45.74 -15.67 29.75
C TYR D 634 44.40 -15.43 30.43
N THR D 635 43.76 -14.35 30.01
CA THR D 635 42.50 -13.92 30.58
C THR D 635 41.37 -14.84 30.11
N THR D 636 40.14 -14.51 30.54
CA THR D 636 38.98 -15.26 30.08
C THR D 636 38.80 -15.12 28.57
N GLU D 637 39.08 -13.93 28.03
CA GLU D 637 39.01 -13.75 26.58
C GLU D 637 40.05 -14.61 25.87
N PHE D 638 41.25 -14.71 26.45
CA PHE D 638 42.29 -15.56 25.90
C PHE D 638 41.83 -17.02 25.85
N LEU D 639 41.31 -17.53 26.98
CA LEU D 639 40.89 -18.92 27.02
C LEU D 639 39.70 -19.18 26.09
N TYR D 640 38.80 -18.21 25.98
CA TYR D 640 37.70 -18.33 25.02
C TYR D 640 38.24 -18.49 23.60
N ASN D 641 39.19 -17.63 23.21
CA ASN D 641 39.78 -17.72 21.89
C ASN D 641 40.50 -19.05 21.68
N LEU D 642 41.24 -19.50 22.70
CA LEU D 642 41.98 -20.75 22.59
C LEU D 642 41.05 -21.93 22.41
N TYR D 643 40.09 -22.09 23.33
CA TYR D 643 39.20 -23.24 23.29
C TYR D 643 38.33 -23.24 22.03
N SER D 644 37.86 -22.06 21.62
CA SER D 644 37.01 -21.99 20.44
C SER D 644 37.78 -22.26 19.16
N SER D 645 39.04 -21.82 19.10
CA SER D 645 39.86 -22.08 17.92
C SER D 645 40.23 -23.55 17.81
N GLU D 646 40.83 -24.09 18.86
CA GLU D 646 41.30 -25.47 18.83
C GLU D 646 40.14 -26.45 18.76
N GLY D 647 38.99 -26.08 19.33
CA GLY D 647 37.80 -26.90 19.24
C GLY D 647 36.99 -26.74 17.98
N LYS D 648 37.53 -26.05 16.97
CA LYS D 648 36.81 -25.85 15.71
C LYS D 648 36.47 -27.19 15.08
N GLY D 649 35.20 -27.33 14.69
CA GLY D 649 34.71 -28.57 14.12
C GLY D 649 34.39 -29.66 15.13
N VAL D 650 34.67 -29.45 16.43
CA VAL D 650 34.35 -30.38 17.49
C VAL D 650 33.35 -29.78 18.47
N PHE D 651 33.64 -28.59 18.98
CA PHE D 651 32.75 -27.93 19.92
C PHE D 651 32.81 -26.42 19.74
N ASP D 652 31.75 -25.79 20.19
CA ASP D 652 31.69 -24.34 20.35
C ASP D 652 32.08 -23.99 21.78
N CYS D 653 32.53 -22.75 21.96
CA CYS D 653 32.93 -22.23 23.27
C CYS D 653 32.11 -21.01 23.62
N ARG D 654 31.73 -20.90 24.89
CA ARG D 654 31.03 -19.73 25.40
C ARG D 654 31.62 -19.35 26.75
N THR D 655 31.30 -18.12 27.17
CA THR D 655 31.93 -17.47 28.31
C THR D 655 30.85 -16.85 29.20
N ASN D 656 31.06 -16.95 30.51
CA ASN D 656 30.16 -16.29 31.47
C ASN D 656 30.97 -15.92 32.70
N VAL D 657 31.16 -14.62 32.92
CA VAL D 657 31.89 -14.10 34.08
C VAL D 657 30.86 -13.93 35.20
N LEU D 658 30.84 -14.88 36.14
CA LEU D 658 30.02 -14.72 37.33
C LEU D 658 30.63 -13.60 38.17
N GLY D 659 30.00 -12.43 38.14
CA GLY D 659 30.46 -11.32 38.94
C GLY D 659 29.95 -11.41 40.36
N HIS D 660 29.10 -10.48 40.75
CA HIS D 660 28.51 -10.46 42.07
C HIS D 660 27.32 -11.42 42.22
N LEU D 661 27.10 -12.33 41.27
CA LEU D 661 26.14 -13.41 41.46
C LEU D 661 26.57 -14.36 42.57
N GLN D 662 27.86 -14.40 42.92
CA GLN D 662 28.38 -15.27 43.97
C GLN D 662 28.40 -14.60 45.33
N GLN D 663 27.88 -13.37 45.44
CA GLN D 663 28.12 -12.49 46.59
C GLN D 663 26.86 -12.24 47.41
N GLY D 664 25.82 -11.66 46.81
CA GLY D 664 24.69 -11.14 47.54
C GLY D 664 23.66 -12.13 48.04
N GLY D 665 23.84 -13.42 47.80
CA GLY D 665 22.84 -14.39 48.20
C GLY D 665 22.71 -14.48 49.71
N ALA D 666 21.53 -14.92 50.14
CA ALA D 666 21.31 -15.19 51.55
C ALA D 666 22.24 -16.33 51.99
N PRO D 667 22.66 -16.36 53.26
CA PRO D 667 23.58 -17.43 53.68
C PRO D 667 22.92 -18.80 53.64
N THR D 668 23.71 -19.78 53.24
CA THR D 668 23.27 -21.15 53.28
C THR D 668 23.12 -21.58 54.73
N PRO D 669 22.39 -22.69 54.99
CA PRO D 669 22.24 -23.15 56.39
C PRO D 669 23.56 -23.45 57.08
N PHE D 670 24.52 -24.00 56.35
CA PHE D 670 25.86 -24.21 56.89
C PHE D 670 26.45 -22.90 57.40
N ASP D 671 26.40 -21.85 56.59
CA ASP D 671 26.98 -20.57 56.97
C ASP D 671 26.27 -19.98 58.19
N ARG D 672 24.95 -20.13 58.27
CA ARG D 672 24.22 -19.64 59.44
C ARG D 672 24.64 -20.35 60.70
N ASN D 673 24.61 -21.69 60.68
CA ASN D 673 25.03 -22.46 61.85
C ASN D 673 26.49 -22.21 62.19
N TYR D 674 27.34 -22.18 61.16
CA TYR D 674 28.76 -21.92 61.36
C TYR D 674 28.98 -20.55 62.01
N GLY D 675 28.46 -19.49 61.39
CA GLY D 675 28.61 -18.16 61.94
C GLY D 675 27.98 -18.01 63.31
N THR D 676 26.81 -18.63 63.51
CA THR D 676 26.19 -18.67 64.83
C THR D 676 27.13 -19.26 65.86
N LYS D 677 27.65 -20.45 65.59
CA LYS D 677 28.47 -21.17 66.56
C LYS D 677 29.79 -20.44 66.84
N LEU D 678 30.51 -20.05 65.78
CA LEU D 678 31.80 -19.40 66.02
C LEU D 678 31.64 -18.02 66.63
N GLY D 679 30.50 -17.36 66.41
CA GLY D 679 30.22 -16.12 67.09
C GLY D 679 30.07 -16.34 68.59
N VAL D 680 29.39 -17.42 68.98
CA VAL D 680 29.32 -17.79 70.38
C VAL D 680 30.72 -18.10 70.90
N LYS D 681 31.47 -18.93 70.17
CA LYS D 681 32.80 -19.34 70.64
C LYS D 681 33.74 -18.16 70.74
N ALA D 682 33.68 -17.23 69.79
CA ALA D 682 34.51 -16.04 69.86
C ALA D 682 34.15 -15.21 71.09
N MET D 683 32.87 -15.14 71.42
CA MET D 683 32.47 -14.37 72.60
C MET D 683 32.85 -15.08 73.89
N LEU D 684 32.76 -16.41 73.91
CA LEU D 684 33.24 -17.16 75.06
C LEU D 684 34.73 -16.94 75.26
N TRP D 685 35.50 -17.02 74.18
CA TRP D 685 36.94 -16.80 74.27
C TRP D 685 37.25 -15.37 74.67
N LEU D 686 36.45 -14.41 74.19
CA LEU D 686 36.64 -13.02 74.59
C LEU D 686 36.42 -12.86 76.10
N SER D 687 35.35 -13.45 76.62
CA SER D 687 35.06 -13.32 78.05
C SER D 687 36.14 -13.96 78.90
N GLU D 688 36.64 -15.13 78.48
CA GLU D 688 37.68 -15.81 79.23
C GLU D 688 38.98 -15.00 79.20
N LYS D 689 39.37 -14.51 78.02
CA LYS D 689 40.60 -13.75 77.92
C LYS D 689 40.51 -12.43 78.68
N LEU D 690 39.35 -11.78 78.63
CA LEU D 690 39.19 -10.51 79.31
C LEU D 690 39.22 -10.68 80.83
N ARG D 691 38.70 -11.80 81.33
CA ARG D 691 38.84 -12.09 82.75
C ARG D 691 40.27 -12.46 83.12
N GLU D 692 41.00 -13.09 82.20
CA GLU D 692 42.39 -13.44 82.46
C GLU D 692 43.31 -12.23 82.42
N VAL D 693 42.92 -11.16 81.72
CA VAL D 693 43.78 -9.99 81.50
C VAL D 693 43.41 -8.82 82.42
N TYR D 694 42.25 -8.88 83.09
CA TYR D 694 41.85 -7.78 83.97
C TYR D 694 42.67 -7.83 85.25
N ARG D 695 43.50 -6.80 85.47
CA ARG D 695 44.35 -6.72 86.65
C ARG D 695 44.61 -5.26 86.98
N LYS D 696 44.83 -4.99 88.26
CA LYS D 696 45.08 -3.62 88.75
C LYS D 696 43.90 -2.70 88.47
N GLY D 697 42.69 -3.25 88.41
CA GLY D 697 41.50 -2.44 88.20
C GLY D 697 41.28 -1.97 86.78
N ARG D 698 42.09 -2.41 85.82
CA ARG D 698 41.90 -2.05 84.42
C ARG D 698 42.36 -3.20 83.54
N VAL D 699 41.94 -3.17 82.28
CA VAL D 699 42.32 -4.16 81.30
C VAL D 699 43.59 -3.69 80.60
N PHE D 700 44.58 -4.59 80.49
CA PHE D 700 45.84 -4.30 79.81
C PHE D 700 46.26 -5.54 79.05
N ALA D 701 45.90 -5.57 77.76
CA ALA D 701 46.19 -6.70 76.88
C ALA D 701 47.38 -6.35 76.00
N ASN D 702 48.57 -6.82 76.39
CA ASN D 702 49.81 -6.56 75.67
C ASN D 702 50.44 -7.80 75.05
N ALA D 703 50.11 -9.00 75.55
CA ALA D 703 50.72 -10.20 75.02
C ALA D 703 50.18 -10.49 73.62
N PRO D 704 50.92 -11.25 72.79
CA PRO D 704 50.41 -11.55 71.45
C PRO D 704 49.16 -12.42 71.45
N ASP D 705 48.95 -13.22 72.50
CA ASP D 705 47.80 -14.13 72.53
C ASP D 705 46.47 -13.41 72.67
N SER D 706 46.47 -12.12 73.00
CA SER D 706 45.24 -11.37 73.18
C SER D 706 44.62 -10.89 71.87
N ALA D 707 45.21 -11.21 70.72
CA ALA D 707 44.69 -10.81 69.42
C ALA D 707 44.80 -12.02 68.49
N CYS D 708 43.68 -12.74 68.34
CA CYS D 708 43.65 -14.03 67.66
C CYS D 708 42.55 -14.07 66.62
N VAL D 709 42.77 -14.90 65.60
CA VAL D 709 41.77 -15.22 64.59
C VAL D 709 41.15 -16.55 64.99
N ILE D 710 39.82 -16.56 65.17
CA ILE D 710 39.14 -17.82 65.48
C ILE D 710 39.20 -18.72 64.25
N GLY D 711 39.51 -20.00 64.48
CA GLY D 711 40.09 -20.86 63.47
C GLY D 711 39.04 -21.79 62.88
N LEU D 712 38.98 -23.02 63.41
CA LEU D 712 38.53 -24.23 62.73
C LEU D 712 39.59 -24.56 61.68
N LYS D 713 40.76 -24.99 62.14
CA LYS D 713 41.94 -25.09 61.31
C LYS D 713 42.22 -26.51 60.80
N LYS D 714 41.98 -27.53 61.62
CA LYS D 714 42.07 -28.92 61.17
C LYS D 714 40.93 -29.75 61.73
N LYS D 715 40.86 -29.85 63.06
CA LYS D 715 39.96 -30.75 63.76
C LYS D 715 38.85 -30.03 64.51
N ALA D 716 39.21 -29.03 65.31
CA ALA D 716 38.26 -28.24 66.09
C ALA D 716 38.65 -26.78 65.98
N VAL D 717 37.92 -25.92 66.69
CA VAL D 717 38.19 -24.50 66.62
C VAL D 717 39.49 -24.19 67.34
N ALA D 718 40.28 -23.29 66.76
CA ALA D 718 41.56 -22.85 67.30
C ALA D 718 41.57 -21.33 67.34
N PHE D 719 42.60 -20.79 68.01
CA PHE D 719 42.79 -19.35 68.14
C PHE D 719 44.25 -19.06 67.85
N SER D 720 44.52 -18.64 66.61
CA SER D 720 45.89 -18.37 66.17
C SER D 720 46.18 -16.89 66.37
N PRO D 721 47.22 -16.51 67.13
CA PRO D 721 47.56 -15.08 67.22
C PRO D 721 47.94 -14.52 65.86
N VAL D 722 47.47 -13.29 65.60
CA VAL D 722 47.68 -12.67 64.30
C VAL D 722 49.15 -12.47 64.02
N THR D 723 49.95 -12.17 65.05
CA THR D 723 51.38 -11.99 64.85
C THR D 723 52.05 -13.28 64.42
N GLU D 724 51.61 -14.41 64.98
CA GLU D 724 52.17 -15.70 64.56
C GLU D 724 51.75 -16.05 63.14
N LEU D 725 50.52 -15.71 62.76
CA LEU D 725 50.06 -15.92 61.39
C LEU D 725 50.71 -14.99 60.39
N LYS D 726 51.37 -13.91 60.85
CA LYS D 726 52.02 -12.99 59.92
C LYS D 726 53.13 -13.65 59.12
N LYS D 727 53.76 -14.69 59.68
CA LYS D 727 54.79 -15.40 58.95
C LYS D 727 54.22 -16.10 57.72
N ASP D 728 53.05 -16.70 57.85
CA ASP D 728 52.41 -17.49 56.79
C ASP D 728 51.34 -16.70 56.05
N THR D 729 51.60 -15.41 55.81
CA THR D 729 50.67 -14.52 55.10
C THR D 729 51.39 -13.87 53.93
N ASP D 730 50.78 -13.99 52.74
CA ASP D 730 51.25 -13.30 51.53
C ASP D 730 50.46 -12.00 51.44
N PHE D 731 51.03 -10.93 51.97
CA PHE D 731 50.31 -9.66 52.06
C PHE D 731 50.12 -9.01 50.70
N GLU D 732 51.06 -9.22 49.76
CA GLU D 732 50.92 -8.65 48.43
C GLU D 732 49.67 -9.21 47.74
N HIS D 733 49.48 -10.52 47.81
CA HIS D 733 48.36 -11.20 47.17
C HIS D 733 47.15 -11.37 48.09
N ARG D 734 47.27 -11.00 49.36
CA ARG D 734 46.16 -11.06 50.31
C ARG D 734 45.62 -12.48 50.46
N MET D 735 46.52 -13.41 50.74
CA MET D 735 46.16 -14.81 50.92
C MET D 735 47.23 -15.47 51.77
N PRO D 736 46.93 -16.63 52.38
CA PRO D 736 47.99 -17.36 53.09
C PRO D 736 48.94 -18.04 52.13
N ARG D 737 50.15 -18.29 52.61
CA ARG D 737 51.19 -18.87 51.76
C ARG D 737 51.01 -20.37 51.57
N GLU D 738 50.57 -21.06 52.62
CA GLU D 738 50.29 -22.50 52.57
C GLU D 738 48.81 -22.69 52.88
N GLN D 739 48.06 -23.15 51.89
CA GLN D 739 46.62 -23.36 51.99
C GLN D 739 46.33 -24.85 52.01
N TRP D 740 45.45 -25.26 52.92
CA TRP D 740 45.15 -26.68 53.12
C TRP D 740 44.54 -27.33 51.88
N TRP D 741 43.82 -26.54 51.06
CA TRP D 741 42.95 -27.09 50.01
C TRP D 741 43.68 -27.42 48.72
N LEU D 742 45.00 -27.17 48.61
CA LEU D 742 45.69 -27.47 47.36
C LEU D 742 45.73 -28.96 47.05
N SER D 743 45.51 -29.83 48.04
CA SER D 743 45.42 -31.25 47.76
C SER D 743 44.12 -31.62 47.05
N LEU D 744 43.07 -30.79 47.18
CA LEU D 744 41.82 -31.06 46.48
C LEU D 744 41.93 -30.84 44.97
N ARG D 745 42.96 -30.12 44.51
CA ARG D 745 43.21 -29.99 43.08
C ARG D 745 43.43 -31.37 42.47
N LEU D 746 44.13 -32.23 43.19
CA LEU D 746 44.44 -33.56 42.69
C LEU D 746 43.18 -34.39 42.54
N MET D 747 42.24 -34.24 43.46
CA MET D 747 40.95 -34.91 43.32
C MET D 747 40.17 -34.37 42.12
N LEU D 748 40.18 -33.04 41.95
CA LEU D 748 39.53 -32.43 40.78
C LEU D 748 40.10 -33.01 39.49
N LYS D 749 41.43 -33.02 39.39
CA LYS D 749 42.09 -33.47 38.17
C LYS D 749 41.84 -34.96 37.93
N MET D 750 41.85 -35.75 39.00
CA MET D 750 41.60 -37.18 38.85
C MET D 750 40.17 -37.44 38.40
N LEU D 751 39.20 -36.72 38.95
CA LEU D 751 37.82 -36.85 38.51
C LEU D 751 37.61 -36.35 37.08
N ALA D 752 38.57 -35.58 36.53
CA ALA D 752 38.52 -35.07 35.17
C ALA D 752 39.44 -35.84 34.21
N GLN D 753 39.85 -37.06 34.56
CA GLN D 753 40.67 -37.96 33.72
C GLN D 753 42.09 -37.45 33.49
N TYR D 754 42.61 -36.56 34.33
CA TYR D 754 44.00 -36.16 34.25
C TYR D 754 44.86 -37.11 35.07
N ARG D 755 45.80 -37.77 34.40
CA ARG D 755 46.69 -38.74 35.05
C ARG D 755 47.74 -37.95 35.85
N ILE D 756 47.44 -37.74 37.12
CA ILE D 756 48.27 -36.96 38.03
C ILE D 756 48.67 -37.87 39.19
N SER D 757 49.98 -37.98 39.42
CA SER D 757 50.51 -38.78 40.54
C SER D 757 50.19 -38.05 41.84
N MET D 758 49.15 -38.49 42.53
CA MET D 758 48.71 -37.84 43.78
C MET D 758 49.37 -38.45 45.01
N ALA D 759 50.69 -38.60 44.96
CA ALA D 759 51.42 -39.01 46.16
C ALA D 759 51.40 -37.94 47.25
N ALA D 760 51.07 -36.69 46.91
CA ALA D 760 51.00 -35.61 47.89
C ALA D 760 49.70 -35.59 48.67
N TYR D 761 48.71 -36.40 48.31
CA TYR D 761 47.45 -36.43 49.04
C TYR D 761 47.60 -37.28 50.29
N VAL D 762 47.12 -36.77 51.42
CA VAL D 762 47.18 -37.45 52.72
C VAL D 762 45.76 -37.82 53.11
N SER D 763 45.57 -39.10 53.45
CA SER D 763 44.28 -39.64 53.85
C SER D 763 44.23 -39.81 55.36
N GLY D 764 43.02 -39.73 55.91
CA GLY D 764 42.84 -39.92 57.34
C GLY D 764 43.23 -41.33 57.76
N GLU D 765 43.97 -41.43 58.86
CA GLU D 765 44.37 -42.71 59.41
C GLU D 765 43.30 -43.21 60.38
N LEU D 766 43.48 -44.45 60.84
CA LEU D 766 42.54 -45.03 61.78
C LEU D 766 42.57 -44.28 63.11
N GLU D 767 41.39 -44.02 63.65
CA GLU D 767 41.23 -43.37 64.94
C GLU D 767 40.10 -44.05 65.70
N HIS D 768 40.34 -44.35 66.97
CA HIS D 768 39.29 -44.90 67.80
C HIS D 768 38.27 -43.81 68.13
N VAL D 769 37.05 -44.26 68.43
CA VAL D 769 35.97 -43.33 68.74
C VAL D 769 36.29 -42.60 70.04
N THR D 770 35.84 -41.34 70.13
CA THR D 770 36.08 -40.50 71.30
C THR D 770 35.01 -40.76 72.35
N ARG D 771 35.07 -41.96 72.92
CA ARG D 771 34.16 -42.46 73.98
C ARG D 771 32.69 -42.15 73.73
N ALA E 11 -54.43 -29.52 -57.81
CA ALA E 11 -53.46 -28.40 -57.93
C ALA E 11 -52.09 -28.80 -57.39
N SER E 12 -52.08 -29.38 -56.20
CA SER E 12 -50.82 -29.80 -55.58
C SER E 12 -50.18 -30.92 -56.38
N GLY E 13 -48.84 -30.95 -56.35
CA GLY E 13 -48.07 -31.96 -57.04
C GLY E 13 -47.73 -33.15 -56.17
N ALA E 14 -48.75 -33.82 -55.64
CA ALA E 14 -48.54 -35.00 -54.82
C ALA E 14 -48.36 -36.24 -55.68
N GLY E 15 -47.56 -37.18 -55.18
CA GLY E 15 -47.31 -38.42 -55.87
C GLY E 15 -46.22 -38.38 -56.93
N LYS E 16 -45.58 -37.23 -57.14
CA LYS E 16 -44.54 -37.06 -58.15
C LYS E 16 -43.29 -36.49 -57.48
N ALA E 17 -42.13 -36.82 -58.06
CA ALA E 17 -40.83 -36.50 -57.51
C ALA E 17 -40.08 -35.55 -58.43
N ILE E 18 -39.39 -34.59 -57.83
CA ILE E 18 -38.61 -33.58 -58.56
C ILE E 18 -37.14 -33.80 -58.23
N GLY E 19 -36.32 -33.93 -59.26
CA GLY E 19 -34.88 -33.98 -59.11
C GLY E 19 -34.30 -32.61 -59.44
N VAL E 20 -33.38 -32.14 -58.61
CA VAL E 20 -32.69 -30.88 -58.79
C VAL E 20 -31.20 -31.15 -58.78
N LEU E 21 -30.50 -30.62 -59.78
CA LEU E 21 -29.07 -30.79 -59.91
C LEU E 21 -28.47 -29.48 -60.40
N THR E 22 -27.19 -29.29 -60.08
CA THR E 22 -26.40 -28.16 -60.57
C THR E 22 -25.21 -28.71 -61.36
N SER E 23 -24.91 -28.08 -62.49
CA SER E 23 -23.81 -28.50 -63.34
C SER E 23 -23.16 -27.29 -63.98
N GLY E 24 -21.89 -27.45 -64.35
CA GLY E 24 -21.09 -26.36 -64.89
C GLY E 24 -20.39 -25.58 -63.80
N GLY E 25 -19.90 -24.40 -64.19
CA GLY E 25 -19.28 -23.52 -63.22
C GLY E 25 -20.28 -23.07 -62.16
N ASP E 26 -19.84 -23.11 -60.90
CA ASP E 26 -20.74 -22.89 -59.77
C ASP E 26 -21.04 -21.40 -59.64
N ALA E 27 -21.98 -20.95 -60.47
CA ALA E 27 -22.48 -19.58 -60.37
C ALA E 27 -23.09 -19.34 -58.99
N GLN E 28 -22.60 -18.31 -58.32
CA GLN E 28 -23.14 -17.94 -57.02
C GLN E 28 -24.59 -17.47 -57.19
N GLY E 29 -25.43 -17.85 -56.23
CA GLY E 29 -26.87 -17.80 -56.38
C GLY E 29 -27.49 -19.13 -56.76
N MET E 30 -26.67 -20.12 -57.12
CA MET E 30 -27.17 -21.48 -57.31
C MET E 30 -27.82 -22.00 -56.03
N ASN E 31 -27.19 -21.75 -54.89
CA ASN E 31 -27.74 -22.25 -53.62
C ASN E 31 -29.10 -21.63 -53.33
N ALA E 32 -29.29 -20.36 -53.69
CA ALA E 32 -30.60 -19.73 -53.52
C ALA E 32 -31.64 -20.42 -54.40
N ALA E 33 -31.29 -20.71 -55.65
CA ALA E 33 -32.22 -21.38 -56.56
C ALA E 33 -32.54 -22.79 -56.07
N VAL E 34 -31.53 -23.53 -55.60
CA VAL E 34 -31.75 -24.89 -55.12
C VAL E 34 -32.64 -24.87 -53.88
N ARG E 35 -32.39 -23.94 -52.96
CA ARG E 35 -33.22 -23.81 -51.77
C ARG E 35 -34.67 -23.56 -52.13
N ALA E 36 -34.92 -22.62 -53.05
CA ALA E 36 -36.29 -22.31 -53.44
C ALA E 36 -36.94 -23.48 -54.16
N VAL E 37 -36.19 -24.16 -55.02
CA VAL E 37 -36.73 -25.33 -55.72
C VAL E 37 -37.12 -26.40 -54.71
N THR E 38 -36.21 -26.70 -53.78
CA THR E 38 -36.48 -27.74 -52.80
C THR E 38 -37.68 -27.39 -51.93
N ARG E 39 -37.68 -26.19 -51.36
CA ARG E 39 -38.73 -25.84 -50.43
C ARG E 39 -40.07 -25.66 -51.10
N MET E 40 -40.10 -25.18 -52.36
CA MET E 40 -41.35 -25.16 -53.10
C MET E 40 -41.83 -26.58 -53.40
N GLY E 41 -40.91 -27.47 -53.78
CA GLY E 41 -41.30 -28.83 -54.13
C GLY E 41 -41.92 -29.59 -52.98
N ILE E 42 -41.34 -29.47 -51.78
CA ILE E 42 -41.93 -30.13 -50.61
C ILE E 42 -43.05 -29.29 -49.99
N TYR E 43 -43.14 -27.99 -50.32
CA TYR E 43 -44.31 -27.21 -49.93
C TYR E 43 -45.56 -27.69 -50.66
N VAL E 44 -45.44 -27.88 -51.98
CA VAL E 44 -46.54 -28.38 -52.80
C VAL E 44 -46.75 -29.89 -52.71
N GLY E 45 -45.99 -30.58 -51.85
CA GLY E 45 -46.18 -32.00 -51.63
C GLY E 45 -45.31 -32.90 -52.51
N ALA E 46 -44.61 -32.35 -53.49
CA ALA E 46 -43.72 -33.17 -54.31
C ALA E 46 -42.51 -33.59 -53.49
N LYS E 47 -41.96 -34.76 -53.83
CA LYS E 47 -40.70 -35.20 -53.27
C LYS E 47 -39.56 -34.55 -54.03
N VAL E 48 -38.59 -34.00 -53.30
CA VAL E 48 -37.42 -33.33 -53.88
C VAL E 48 -36.20 -34.21 -53.60
N PHE E 49 -35.47 -34.54 -54.66
CA PHE E 49 -34.24 -35.32 -54.58
C PHE E 49 -33.07 -34.46 -55.04
N LEU E 50 -32.07 -34.32 -54.17
CA LEU E 50 -30.85 -33.59 -54.48
C LEU E 50 -29.86 -34.55 -55.15
N ILE E 51 -29.47 -34.22 -56.38
CA ILE E 51 -28.52 -35.03 -57.14
C ILE E 51 -27.17 -34.32 -57.04
N TYR E 52 -26.23 -34.94 -56.33
CA TYR E 52 -24.95 -34.32 -56.05
C TYR E 52 -24.01 -34.46 -57.24
N GLU E 53 -23.14 -33.46 -57.42
CA GLU E 53 -22.17 -33.40 -58.52
C GLU E 53 -22.83 -33.33 -59.89
N GLY E 54 -24.11 -32.98 -59.96
CA GLY E 54 -24.74 -32.76 -61.26
C GLY E 54 -24.93 -34.03 -62.05
N TYR E 55 -24.66 -33.94 -63.36
CA TYR E 55 -24.82 -35.08 -64.26
C TYR E 55 -23.91 -36.24 -63.88
N GLU E 56 -22.78 -35.96 -63.21
CA GLU E 56 -21.94 -37.01 -62.66
C GLU E 56 -22.78 -37.90 -61.76
N GLY E 57 -23.27 -37.36 -60.66
CA GLY E 57 -24.10 -38.15 -59.76
C GLY E 57 -25.39 -38.63 -60.38
N LEU E 58 -25.89 -37.95 -61.40
CA LEU E 58 -26.99 -38.52 -62.17
C LEU E 58 -26.58 -39.85 -62.80
N VAL E 59 -25.36 -39.91 -63.33
CA VAL E 59 -24.89 -41.13 -63.99
C VAL E 59 -24.64 -42.23 -62.98
N GLU E 60 -23.70 -42.02 -62.06
CA GLU E 60 -23.41 -43.04 -61.05
C GLU E 60 -24.61 -43.26 -60.13
N GLY E 61 -25.32 -42.19 -59.77
CA GLY E 61 -26.52 -42.37 -58.95
C GLY E 61 -26.19 -42.91 -57.58
N GLY E 62 -27.13 -43.68 -57.05
CA GLY E 62 -26.93 -44.33 -55.78
C GLY E 62 -26.79 -43.35 -54.63
N GLU E 63 -25.58 -43.29 -54.06
CA GLU E 63 -25.33 -42.38 -52.96
C GLU E 63 -25.47 -40.92 -53.37
N ASN E 64 -25.27 -40.60 -54.65
CA ASN E 64 -25.30 -39.22 -55.10
C ASN E 64 -26.71 -38.65 -55.24
N ILE E 65 -27.75 -39.46 -55.04
CA ILE E 65 -29.14 -39.01 -55.08
C ILE E 65 -29.71 -39.26 -53.69
N LYS E 66 -30.06 -38.17 -53.01
CA LYS E 66 -30.60 -38.20 -51.65
C LYS E 66 -31.89 -37.40 -51.59
N GLN E 67 -32.87 -37.92 -50.88
CA GLN E 67 -34.11 -37.17 -50.68
C GLN E 67 -33.87 -36.01 -49.73
N ALA E 68 -34.45 -34.86 -50.08
CA ALA E 68 -34.30 -33.63 -49.32
C ALA E 68 -35.48 -33.41 -48.39
N ASN E 69 -35.19 -32.82 -47.24
CA ASN E 69 -36.18 -32.27 -46.32
C ASN E 69 -36.02 -30.74 -46.31
N TRP E 70 -36.88 -30.08 -45.52
CA TRP E 70 -36.86 -28.62 -45.47
C TRP E 70 -35.53 -28.11 -44.93
N LEU E 71 -34.95 -28.82 -43.96
CA LEU E 71 -33.70 -28.39 -43.35
C LEU E 71 -32.46 -28.79 -44.13
N SER E 72 -32.60 -29.61 -45.18
CA SER E 72 -31.43 -29.99 -45.97
C SER E 72 -30.85 -28.81 -46.73
N VAL E 73 -31.69 -27.83 -47.08
CA VAL E 73 -31.27 -26.63 -47.82
C VAL E 73 -31.38 -25.40 -46.94
N SER E 74 -31.20 -25.58 -45.63
CA SER E 74 -31.29 -24.46 -44.69
C SER E 74 -29.95 -23.76 -44.59
N ASN E 75 -29.99 -22.44 -44.51
CA ASN E 75 -28.80 -21.62 -44.24
C ASN E 75 -27.78 -21.74 -45.36
N ILE E 76 -28.26 -21.78 -46.61
CA ILE E 76 -27.40 -21.83 -47.80
C ILE E 76 -27.60 -20.64 -48.71
N ILE E 77 -28.65 -19.83 -48.52
CA ILE E 77 -29.00 -18.78 -49.48
C ILE E 77 -27.88 -17.75 -49.60
N GLN E 78 -27.16 -17.48 -48.52
CA GLN E 78 -26.04 -16.55 -48.56
C GLN E 78 -24.75 -17.18 -49.06
N LEU E 79 -24.69 -18.50 -49.20
CA LEU E 79 -23.47 -19.17 -49.65
C LEU E 79 -23.38 -19.11 -51.17
N GLY E 80 -22.22 -18.71 -51.67
CA GLY E 80 -21.91 -18.85 -53.08
C GLY E 80 -21.54 -20.27 -53.44
N GLY E 81 -21.25 -20.47 -54.71
CA GLY E 81 -20.98 -21.82 -55.18
C GLY E 81 -22.26 -22.64 -55.17
N THR E 82 -22.13 -23.91 -54.75
CA THR E 82 -23.29 -24.79 -54.68
C THR E 82 -23.02 -25.88 -53.65
N ILE E 83 -23.93 -26.04 -52.70
CA ILE E 83 -23.81 -27.13 -51.73
C ILE E 83 -24.06 -28.48 -52.40
N ILE E 84 -24.83 -28.49 -53.49
CA ILE E 84 -25.08 -29.72 -54.22
C ILE E 84 -23.80 -30.20 -54.88
N GLY E 85 -22.95 -29.27 -55.30
CA GLY E 85 -21.73 -29.63 -56.00
C GLY E 85 -22.00 -29.84 -57.47
N SER E 86 -21.07 -29.40 -58.30
CA SER E 86 -21.12 -29.54 -59.75
C SER E 86 -19.87 -30.26 -60.22
N ALA E 87 -20.01 -31.00 -61.31
CA ALA E 87 -18.88 -31.71 -61.90
C ALA E 87 -19.07 -31.78 -63.41
N ARG E 88 -17.95 -31.71 -64.11
CA ARG E 88 -17.92 -32.00 -65.54
C ARG E 88 -17.83 -33.51 -65.72
N CYS E 89 -18.83 -34.08 -66.40
CA CYS E 89 -18.84 -35.50 -66.74
C CYS E 89 -19.01 -35.65 -68.24
N LYS E 90 -18.15 -36.46 -68.84
CA LYS E 90 -18.28 -36.82 -70.25
C LYS E 90 -19.24 -37.99 -70.46
N ALA E 91 -19.59 -38.73 -69.39
CA ALA E 91 -20.50 -39.86 -69.54
C ALA E 91 -21.86 -39.42 -70.06
N PHE E 92 -22.38 -38.30 -69.56
CA PHE E 92 -23.66 -37.79 -70.04
C PHE E 92 -23.60 -37.35 -71.50
N THR E 93 -22.41 -37.07 -72.03
CA THR E 93 -22.28 -36.78 -73.46
C THR E 93 -22.60 -38.01 -74.30
N THR E 94 -22.20 -39.19 -73.84
CA THR E 94 -22.38 -40.44 -74.56
C THR E 94 -23.62 -41.16 -74.07
N ARG E 95 -24.21 -41.97 -74.95
CA ARG E 95 -25.42 -42.72 -74.59
C ARG E 95 -25.15 -43.79 -73.55
N GLU E 96 -23.90 -44.27 -73.43
CA GLU E 96 -23.58 -45.29 -72.43
C GLU E 96 -23.86 -44.77 -71.02
N GLY E 97 -23.46 -43.52 -70.74
CA GLY E 97 -23.73 -42.93 -69.45
C GLY E 97 -25.11 -42.32 -69.34
N ARG E 98 -25.65 -41.85 -70.47
CA ARG E 98 -26.98 -41.25 -70.45
C ARG E 98 -28.05 -42.28 -70.14
N ARG E 99 -27.88 -43.52 -70.61
CA ARG E 99 -28.80 -44.58 -70.23
C ARG E 99 -28.73 -44.85 -68.73
N ALA E 100 -27.52 -44.82 -68.16
CA ALA E 100 -27.39 -45.00 -66.72
C ALA E 100 -28.05 -43.86 -65.97
N ALA E 101 -27.97 -42.64 -66.51
CA ALA E 101 -28.64 -41.51 -65.89
C ALA E 101 -30.16 -41.68 -65.94
N ALA E 102 -30.69 -42.13 -67.08
CA ALA E 102 -32.12 -42.38 -67.18
C ALA E 102 -32.54 -43.50 -66.23
N TYR E 103 -31.69 -44.52 -66.07
CA TYR E 103 -32.00 -45.59 -65.13
C TYR E 103 -32.12 -45.05 -63.72
N ASN E 104 -31.12 -44.27 -63.27
CA ASN E 104 -31.09 -43.79 -61.89
C ASN E 104 -32.27 -42.88 -61.60
N LEU E 105 -32.72 -42.11 -62.60
CA LEU E 105 -33.91 -41.28 -62.39
C LEU E 105 -35.17 -42.15 -62.29
N VAL E 106 -35.23 -43.24 -63.06
CA VAL E 106 -36.41 -44.10 -63.03
C VAL E 106 -36.48 -44.86 -61.71
N GLN E 107 -35.33 -45.20 -61.11
CA GLN E 107 -35.34 -45.95 -59.86
C GLN E 107 -36.00 -45.17 -58.73
N HIS E 108 -35.94 -43.83 -58.79
CA HIS E 108 -36.57 -42.97 -57.80
C HIS E 108 -37.88 -42.36 -58.27
N GLY E 109 -38.37 -42.73 -59.47
CA GLY E 109 -39.59 -42.15 -59.98
C GLY E 109 -39.51 -40.66 -60.21
N ILE E 110 -38.36 -40.18 -60.69
CA ILE E 110 -38.11 -38.76 -60.90
C ILE E 110 -38.47 -38.47 -62.35
N THR E 111 -39.74 -38.14 -62.59
CA THR E 111 -40.20 -37.67 -63.88
C THR E 111 -40.00 -36.17 -64.09
N ASN E 112 -39.42 -35.47 -63.11
CA ASN E 112 -39.30 -34.02 -63.13
C ASN E 112 -37.86 -33.68 -62.76
N LEU E 113 -37.17 -32.96 -63.66
CA LEU E 113 -35.78 -32.60 -63.48
C LEU E 113 -35.61 -31.10 -63.63
N CYS E 114 -35.00 -30.46 -62.63
CA CYS E 114 -34.59 -29.07 -62.69
C CYS E 114 -33.07 -29.02 -62.82
N VAL E 115 -32.59 -28.44 -63.91
CA VAL E 115 -31.16 -28.34 -64.21
C VAL E 115 -30.77 -26.89 -64.06
N ILE E 116 -29.82 -26.62 -63.15
CA ILE E 116 -29.28 -25.29 -62.90
C ILE E 116 -27.86 -25.30 -63.45
N GLY E 117 -27.64 -24.62 -64.56
CA GLY E 117 -26.31 -24.64 -65.14
C GLY E 117 -26.17 -23.68 -66.29
N GLY E 118 -25.05 -23.81 -66.99
CA GLY E 118 -24.75 -22.97 -68.13
C GLY E 118 -25.35 -23.49 -69.41
N ASP E 119 -24.81 -23.00 -70.52
CA ASP E 119 -25.34 -23.38 -71.84
C ASP E 119 -25.14 -24.86 -72.11
N GLY E 120 -23.99 -25.42 -71.73
CA GLY E 120 -23.76 -26.83 -71.95
C GLY E 120 -24.67 -27.70 -71.12
N SER E 121 -24.92 -27.30 -69.87
CA SER E 121 -25.84 -28.04 -69.01
C SER E 121 -27.22 -28.13 -69.64
N LEU E 122 -27.73 -27.02 -70.15
CA LEU E 122 -29.07 -27.01 -70.71
C LEU E 122 -29.12 -27.68 -72.08
N THR E 123 -28.02 -27.65 -72.83
CA THR E 123 -27.95 -28.45 -74.06
C THR E 123 -28.01 -29.94 -73.74
N GLY E 124 -27.28 -30.36 -72.72
CA GLY E 124 -27.35 -31.76 -72.31
C GLY E 124 -28.73 -32.16 -71.82
N ALA E 125 -29.40 -31.25 -71.12
CA ALA E 125 -30.77 -31.52 -70.67
C ALA E 125 -31.72 -31.64 -71.85
N ASN E 126 -31.51 -30.81 -72.89
CA ASN E 126 -32.37 -30.88 -74.07
C ASN E 126 -32.18 -32.22 -74.79
N ILE E 127 -30.93 -32.64 -74.96
CA ILE E 127 -30.66 -33.90 -75.65
C ILE E 127 -31.11 -35.08 -74.79
N PHE E 128 -31.13 -34.90 -73.46
CA PHE E 128 -31.58 -35.96 -72.57
C PHE E 128 -33.10 -36.14 -72.66
N ARG E 129 -33.83 -35.04 -72.75
CA ARG E 129 -35.28 -35.13 -72.97
C ARG E 129 -35.58 -35.74 -74.33
N SER E 130 -34.90 -35.27 -75.38
CA SER E 130 -35.18 -35.72 -76.74
C SER E 130 -34.99 -37.22 -76.90
N GLU E 131 -34.10 -37.82 -76.10
CA GLU E 131 -33.82 -39.24 -76.13
C GLU E 131 -34.44 -40.01 -74.96
N TRP E 132 -35.27 -39.36 -74.14
CA TRP E 132 -35.80 -40.01 -72.95
C TRP E 132 -36.67 -41.21 -73.31
N GLY E 133 -37.49 -41.10 -74.35
CA GLY E 133 -38.29 -42.24 -74.78
C GLY E 133 -37.44 -43.36 -75.34
N SER E 134 -36.45 -43.01 -76.18
CA SER E 134 -35.57 -44.03 -76.75
C SER E 134 -34.73 -44.70 -75.67
N LEU E 135 -34.25 -43.92 -74.70
CA LEU E 135 -33.47 -44.49 -73.61
C LEU E 135 -34.30 -45.45 -72.78
N LEU E 136 -35.55 -45.09 -72.48
CA LEU E 136 -36.42 -45.97 -71.72
C LEU E 136 -36.72 -47.25 -72.49
N GLU E 137 -36.94 -47.12 -73.80
CA GLU E 137 -37.17 -48.31 -74.63
C GLU E 137 -35.98 -49.24 -74.62
N GLU E 138 -34.78 -48.68 -74.80
CA GLU E 138 -33.58 -49.53 -74.79
C GLU E 138 -33.31 -50.09 -73.40
N LEU E 139 -33.73 -49.38 -72.35
CA LEU E 139 -33.50 -49.87 -71.00
C LEU E 139 -34.42 -51.06 -70.69
N VAL E 140 -35.70 -50.96 -71.04
CA VAL E 140 -36.59 -52.08 -70.85
C VAL E 140 -36.19 -53.24 -71.77
N ALA E 141 -35.68 -52.93 -72.95
CA ALA E 141 -35.23 -53.99 -73.86
C ALA E 141 -34.06 -54.75 -73.26
N GLU E 142 -33.14 -54.04 -72.57
CA GLU E 142 -31.98 -54.70 -71.98
C GLU E 142 -32.30 -55.41 -70.67
N GLY E 143 -33.44 -55.10 -70.05
CA GLY E 143 -33.94 -55.85 -68.92
C GLY E 143 -33.70 -55.27 -67.55
N LYS E 144 -33.33 -53.99 -67.45
CA LYS E 144 -33.11 -53.32 -66.17
C LYS E 144 -34.38 -52.67 -65.62
N ILE E 145 -35.45 -52.59 -66.39
CA ILE E 145 -36.74 -52.13 -65.88
C ILE E 145 -37.84 -52.85 -66.65
N SER E 146 -38.90 -53.21 -65.95
CA SER E 146 -40.01 -53.89 -66.59
C SER E 146 -40.79 -52.90 -67.47
N GLU E 147 -41.53 -53.46 -68.43
CA GLU E 147 -42.37 -52.64 -69.30
C GLU E 147 -43.38 -51.84 -68.48
N THR E 148 -44.09 -52.51 -67.57
CA THR E 148 -44.76 -51.78 -66.50
C THR E 148 -43.69 -51.14 -65.62
N THR E 149 -43.98 -49.94 -65.13
CA THR E 149 -43.06 -49.00 -64.48
C THR E 149 -42.21 -48.24 -65.51
N ALA E 150 -42.35 -48.52 -66.81
CA ALA E 150 -41.73 -47.74 -67.88
C ALA E 150 -42.74 -46.98 -68.73
N ARG E 151 -43.98 -47.46 -68.83
CA ARG E 151 -45.03 -46.65 -69.45
C ARG E 151 -45.34 -45.42 -68.62
N THR E 152 -45.41 -45.59 -67.30
CA THR E 152 -45.25 -44.44 -66.43
C THR E 152 -43.81 -43.98 -66.49
N TYR E 153 -43.60 -42.67 -66.27
CA TYR E 153 -42.32 -41.98 -66.48
C TYR E 153 -41.94 -41.90 -67.96
N SER E 154 -42.89 -42.14 -68.87
CA SER E 154 -42.59 -42.10 -70.30
C SER E 154 -42.18 -40.72 -70.78
N HIS E 155 -42.60 -39.67 -70.06
CA HIS E 155 -42.27 -38.29 -70.39
C HIS E 155 -41.45 -37.71 -69.23
N LEU E 156 -40.32 -37.08 -69.57
CA LEU E 156 -39.47 -36.41 -68.61
C LEU E 156 -39.69 -34.91 -68.73
N ASN E 157 -40.04 -34.28 -67.61
CA ASN E 157 -40.28 -32.85 -67.56
C ASN E 157 -39.00 -32.13 -67.16
N ILE E 158 -38.60 -31.15 -67.97
CA ILE E 158 -37.36 -30.38 -67.78
C ILE E 158 -37.74 -28.91 -67.64
N ALA E 159 -37.35 -28.30 -66.52
CA ALA E 159 -37.36 -26.85 -66.34
C ALA E 159 -35.93 -26.40 -66.11
N GLY E 160 -35.41 -25.59 -67.02
CA GLY E 160 -34.03 -25.15 -66.97
C GLY E 160 -33.88 -23.83 -66.24
N LEU E 161 -32.79 -23.74 -65.48
CA LEU E 161 -32.37 -22.51 -64.82
C LEU E 161 -30.96 -22.18 -65.28
N VAL E 162 -30.76 -20.97 -65.77
CA VAL E 162 -29.48 -20.56 -66.35
C VAL E 162 -28.64 -20.01 -65.19
N GLY E 163 -27.76 -20.85 -64.65
CA GLY E 163 -26.81 -20.47 -63.63
C GLY E 163 -25.40 -20.42 -64.17
N SER E 164 -24.92 -19.23 -64.50
CA SER E 164 -23.61 -19.08 -65.11
C SER E 164 -23.22 -17.61 -65.10
N ILE E 165 -21.91 -17.36 -65.04
CA ILE E 165 -21.38 -16.00 -65.14
C ILE E 165 -21.19 -15.57 -66.59
N ASP E 166 -21.36 -16.47 -67.56
CA ASP E 166 -21.07 -16.16 -68.95
C ASP E 166 -22.19 -15.37 -69.61
N ASN E 167 -23.44 -15.70 -69.27
CA ASN E 167 -24.61 -15.17 -69.97
C ASN E 167 -24.54 -15.51 -71.45
N ASP E 168 -24.04 -16.70 -71.75
CA ASP E 168 -23.85 -17.17 -73.13
C ASP E 168 -25.13 -17.77 -73.72
N PHE E 169 -26.14 -18.06 -72.90
CA PHE E 169 -27.38 -18.65 -73.39
C PHE E 169 -28.21 -17.53 -74.02
N CYS E 170 -28.38 -17.59 -75.34
CA CYS E 170 -28.83 -16.44 -76.10
C CYS E 170 -30.28 -16.08 -75.80
N GLY E 171 -31.14 -17.07 -75.58
CA GLY E 171 -32.55 -16.80 -75.33
C GLY E 171 -32.83 -16.01 -74.06
N THR E 172 -31.86 -15.90 -73.16
CA THR E 172 -32.03 -15.32 -71.84
C THR E 172 -31.30 -13.98 -71.77
N ASP E 173 -31.95 -13.01 -71.13
CA ASP E 173 -31.38 -11.68 -70.98
C ASP E 173 -30.47 -11.59 -69.75
N MET E 174 -30.94 -12.12 -68.62
CA MET E 174 -30.21 -12.07 -67.35
C MET E 174 -30.16 -13.46 -66.76
N THR E 175 -28.96 -13.88 -66.36
CA THR E 175 -28.73 -15.21 -65.81
C THR E 175 -28.27 -15.09 -64.36
N ILE E 176 -28.47 -16.18 -63.61
CA ILE E 176 -28.08 -16.21 -62.21
C ILE E 176 -26.56 -16.17 -62.13
N GLY E 177 -26.04 -15.29 -61.28
CA GLY E 177 -24.62 -15.15 -61.07
C GLY E 177 -23.95 -14.05 -61.89
N THR E 178 -24.62 -13.52 -62.90
CA THR E 178 -24.06 -12.42 -63.67
C THR E 178 -23.86 -11.19 -62.78
N ASP E 179 -24.89 -10.84 -62.01
CA ASP E 179 -24.83 -9.65 -61.17
C ASP E 179 -23.75 -9.77 -60.10
N SER E 180 -23.58 -10.97 -59.53
CA SER E 180 -22.60 -11.15 -58.46
C SER E 180 -21.19 -11.21 -59.01
N ALA E 181 -20.99 -11.84 -60.18
CA ALA E 181 -19.71 -11.73 -60.86
C ALA E 181 -19.37 -10.27 -61.13
N LEU E 182 -20.37 -9.47 -61.49
CA LEU E 182 -20.17 -8.04 -61.66
C LEU E 182 -19.83 -7.35 -60.34
N HIS E 183 -20.43 -7.80 -59.24
CA HIS E 183 -20.08 -7.27 -57.93
C HIS E 183 -18.60 -7.48 -57.62
N ARG E 184 -18.09 -8.69 -57.89
CA ARG E 184 -16.68 -8.97 -57.67
C ARG E 184 -15.79 -8.09 -58.54
N ILE E 185 -16.15 -7.97 -59.82
CA ILE E 185 -15.36 -7.17 -60.76
C ILE E 185 -15.31 -5.72 -60.30
N MET E 186 -16.47 -5.16 -59.92
CA MET E 186 -16.53 -3.75 -59.56
C MET E 186 -15.96 -3.47 -58.18
N GLU E 187 -15.97 -4.44 -57.27
CA GLU E 187 -15.21 -4.31 -56.03
C GLU E 187 -13.74 -4.09 -56.33
N VAL E 188 -13.18 -4.89 -57.24
CA VAL E 188 -11.79 -4.72 -57.66
C VAL E 188 -11.59 -3.34 -58.28
N ILE E 189 -12.49 -2.92 -59.16
CA ILE E 189 -12.31 -1.66 -59.87
C ILE E 189 -12.45 -0.48 -58.90
N ASP E 190 -13.41 -0.58 -57.96
CA ASP E 190 -13.59 0.51 -57.00
C ASP E 190 -12.39 0.66 -56.07
N ALA E 191 -11.64 -0.41 -55.85
CA ALA E 191 -10.38 -0.28 -55.14
C ALA E 191 -9.43 0.68 -55.86
N ILE E 192 -9.51 0.72 -57.19
CA ILE E 192 -8.64 1.58 -57.98
C ILE E 192 -9.21 2.99 -58.05
N THR E 193 -10.50 3.11 -58.39
CA THR E 193 -11.06 4.42 -58.72
C THR E 193 -11.30 5.28 -57.49
N THR E 194 -11.62 4.67 -56.35
CA THR E 194 -11.87 5.43 -55.12
C THR E 194 -10.59 5.94 -54.47
N THR E 195 -9.43 5.41 -54.85
CA THR E 195 -8.16 5.93 -54.37
C THR E 195 -7.96 7.37 -54.84
N ALA E 196 -7.30 8.16 -54.00
CA ALA E 196 -6.79 9.47 -54.43
C ALA E 196 -5.74 9.24 -55.50
N GLN E 197 -6.11 9.47 -56.76
CA GLN E 197 -5.25 9.16 -57.90
C GLN E 197 -4.04 10.07 -57.87
N SER E 198 -2.86 9.48 -57.68
CA SER E 198 -1.64 10.22 -57.39
C SER E 198 -0.70 10.36 -58.58
N HIS E 199 -0.52 9.30 -59.38
CA HIS E 199 0.32 9.34 -60.56
C HIS E 199 -0.39 8.62 -61.71
N GLN E 200 0.10 8.87 -62.91
CA GLN E 200 -0.51 8.29 -64.11
C GLN E 200 -0.27 6.78 -64.13
N ARG E 201 -1.36 6.02 -64.13
CA ARG E 201 -1.28 4.56 -64.13
C ARG E 201 -2.44 4.00 -64.94
N THR E 202 -2.21 2.85 -65.57
CA THR E 202 -3.19 2.18 -66.43
C THR E 202 -3.58 0.85 -65.79
N PHE E 203 -4.88 0.66 -65.62
CA PHE E 203 -5.45 -0.52 -64.98
C PHE E 203 -6.04 -1.43 -66.05
N VAL E 204 -5.36 -2.53 -66.36
CA VAL E 204 -5.78 -3.48 -67.39
C VAL E 204 -6.41 -4.66 -66.67
N LEU E 205 -7.72 -4.79 -66.76
CA LEU E 205 -8.48 -5.81 -66.06
C LEU E 205 -8.88 -6.93 -67.02
N GLU E 206 -8.52 -8.17 -66.66
CA GLU E 206 -8.82 -9.34 -67.46
C GLU E 206 -9.97 -10.12 -66.81
N VAL E 207 -11.09 -10.23 -67.52
CA VAL E 207 -12.24 -11.01 -67.08
C VAL E 207 -12.25 -12.33 -67.83
N MET E 208 -12.89 -13.34 -67.24
CA MET E 208 -12.90 -14.69 -67.79
C MET E 208 -13.92 -14.91 -68.90
N GLY E 209 -14.49 -13.86 -69.50
CA GLY E 209 -15.44 -14.05 -70.58
C GLY E 209 -14.82 -14.66 -71.82
N ARG E 210 -14.48 -15.95 -71.75
CA ARG E 210 -13.77 -16.61 -72.84
C ARG E 210 -14.63 -16.72 -74.09
N HIS E 211 -15.89 -17.14 -73.92
CA HIS E 211 -16.82 -17.24 -75.03
C HIS E 211 -17.65 -15.98 -75.17
N CYS E 212 -18.31 -15.55 -74.09
CA CYS E 212 -19.17 -14.38 -74.07
C CYS E 212 -18.44 -13.22 -73.41
N GLY E 213 -18.57 -12.03 -74.01
CA GLY E 213 -17.98 -10.82 -73.49
C GLY E 213 -18.97 -9.92 -72.79
N TYR E 214 -20.09 -10.48 -72.32
CA TYR E 214 -21.10 -9.68 -71.64
C TYR E 214 -20.54 -9.07 -70.36
N LEU E 215 -19.86 -9.88 -69.55
CA LEU E 215 -19.28 -9.39 -68.30
C LEU E 215 -18.27 -8.28 -68.55
N ALA E 216 -17.41 -8.46 -69.56
CA ALA E 216 -16.49 -7.40 -69.95
C ALA E 216 -17.23 -6.13 -70.33
N LEU E 217 -18.32 -6.27 -71.09
CA LEU E 217 -19.05 -5.10 -71.56
C LEU E 217 -19.71 -4.35 -70.41
N VAL E 218 -20.53 -5.06 -69.62
CA VAL E 218 -21.23 -4.41 -68.51
C VAL E 218 -20.25 -3.87 -67.48
N SER E 219 -19.11 -4.55 -67.28
CA SER E 219 -18.08 -4.02 -66.41
C SER E 219 -17.53 -2.69 -66.93
N ALA E 220 -17.26 -2.65 -68.24
CA ALA E 220 -16.79 -1.42 -68.87
C ALA E 220 -17.81 -0.29 -68.72
N LEU E 221 -19.08 -0.60 -68.94
CA LEU E 221 -20.13 0.41 -68.81
C LEU E 221 -20.23 0.90 -67.37
N ALA E 222 -20.16 -0.01 -66.41
CA ALA E 222 -20.30 0.38 -65.01
C ALA E 222 -19.11 1.18 -64.51
N SER E 223 -17.90 0.86 -64.99
CA SER E 223 -16.68 1.53 -64.57
C SER E 223 -16.31 2.71 -65.47
N GLY E 224 -16.95 2.87 -66.62
CA GLY E 224 -16.54 3.88 -67.58
C GLY E 224 -15.15 3.60 -68.12
N ALA E 225 -14.93 2.37 -68.57
CA ALA E 225 -13.63 1.98 -69.10
C ALA E 225 -13.29 2.80 -70.33
N ASP E 226 -11.99 3.07 -70.48
CA ASP E 226 -11.53 3.82 -71.65
C ASP E 226 -11.55 2.96 -72.90
N TRP E 227 -11.29 1.65 -72.76
CA TRP E 227 -11.25 0.76 -73.91
C TRP E 227 -11.76 -0.61 -73.50
N LEU E 228 -12.29 -1.33 -74.48
CA LEU E 228 -12.92 -2.63 -74.28
C LEU E 228 -12.55 -3.56 -75.42
N PHE E 229 -11.99 -4.72 -75.08
CA PHE E 229 -11.77 -5.81 -76.02
C PHE E 229 -12.78 -6.91 -75.68
N ILE E 230 -13.72 -7.13 -76.58
CA ILE E 230 -14.73 -8.19 -76.44
C ILE E 230 -14.75 -9.04 -77.70
N PRO E 231 -14.90 -10.37 -77.63
CA PRO E 231 -14.92 -11.17 -78.86
C PRO E 231 -16.09 -10.88 -79.78
N GLU E 232 -17.19 -10.32 -79.27
CA GLU E 232 -18.36 -10.07 -80.11
C GLU E 232 -18.05 -9.04 -81.19
N ALA E 233 -17.28 -8.02 -80.85
CA ALA E 233 -16.89 -6.95 -81.77
C ALA E 233 -15.39 -6.76 -81.66
N PRO E 234 -14.60 -7.55 -82.39
CA PRO E 234 -13.16 -7.37 -82.32
C PRO E 234 -12.77 -6.02 -82.87
N PRO E 235 -11.62 -5.49 -82.44
CA PRO E 235 -11.23 -4.15 -82.90
C PRO E 235 -10.81 -4.16 -84.36
N GLU E 236 -11.01 -3.03 -85.02
CA GLU E 236 -10.62 -2.89 -86.42
C GLU E 236 -9.11 -2.95 -86.56
N ASP E 237 -8.65 -3.16 -87.79
CA ASP E 237 -7.22 -3.19 -88.07
C ASP E 237 -6.59 -1.83 -87.75
N GLY E 238 -5.41 -1.86 -87.15
CA GLY E 238 -4.77 -0.65 -86.70
C GLY E 238 -5.34 -0.06 -85.44
N TRP E 239 -6.04 -0.87 -84.64
CA TRP E 239 -6.56 -0.39 -83.35
C TRP E 239 -5.46 -0.03 -82.38
N GLU E 240 -4.27 -0.63 -82.56
CA GLU E 240 -3.09 -0.33 -81.75
C GLU E 240 -2.86 1.17 -81.63
N ASN E 241 -2.82 1.87 -82.76
CA ASN E 241 -2.64 3.32 -82.73
C ASN E 241 -3.86 4.03 -82.16
N PHE E 242 -5.05 3.58 -82.54
CA PHE E 242 -6.27 4.26 -82.11
C PHE E 242 -6.44 4.19 -80.60
N MET E 243 -6.15 3.04 -80.01
CA MET E 243 -6.20 2.92 -78.55
C MET E 243 -5.16 3.82 -77.89
N CYS E 244 -3.91 3.75 -78.36
CA CYS E 244 -2.83 4.51 -77.72
C CYS E 244 -3.10 6.01 -77.78
N GLU E 245 -3.72 6.48 -78.85
CA GLU E 245 -4.10 7.88 -78.92
C GLU E 245 -5.20 8.20 -77.93
N ARG E 246 -6.19 7.31 -77.78
CA ARG E 246 -7.27 7.50 -76.82
C ARG E 246 -6.72 7.64 -75.40
N LEU E 247 -5.80 6.75 -75.02
CA LEU E 247 -5.12 6.88 -73.74
C LEU E 247 -4.33 8.17 -73.66
N GLY E 248 -3.76 8.60 -74.79
CA GLY E 248 -2.98 9.84 -74.79
C GLY E 248 -3.83 11.07 -74.47
N GLU E 249 -4.96 11.23 -75.17
CA GLU E 249 -5.83 12.36 -74.86
C GLU E 249 -6.45 12.22 -73.47
N THR E 250 -6.67 10.98 -73.01
CA THR E 250 -7.12 10.77 -71.65
C THR E 250 -6.11 11.34 -70.65
N ARG E 251 -4.82 11.06 -70.86
CA ARG E 251 -3.77 11.67 -70.06
C ARG E 251 -3.80 13.19 -70.18
N SER E 252 -3.88 13.72 -71.41
CA SER E 252 -3.85 15.16 -71.62
C SER E 252 -4.98 15.87 -70.90
N ARG E 253 -6.13 15.20 -70.75
CA ARG E 253 -7.21 15.77 -69.97
C ARG E 253 -6.85 15.97 -68.50
N GLY E 254 -5.84 15.27 -68.00
CA GLY E 254 -5.56 15.21 -66.58
C GLY E 254 -6.13 14.01 -65.88
N SER E 255 -6.98 13.23 -66.56
CA SER E 255 -7.42 11.95 -66.05
C SER E 255 -6.22 11.07 -65.77
N ARG E 256 -6.03 10.73 -64.50
CA ARG E 256 -4.83 10.04 -64.06
C ARG E 256 -4.93 8.52 -64.11
N LEU E 257 -6.11 7.98 -64.42
CA LEU E 257 -6.32 6.53 -64.47
C LEU E 257 -7.02 6.18 -65.77
N ASN E 258 -6.44 5.23 -66.50
CA ASN E 258 -7.07 4.59 -67.65
C ASN E 258 -7.42 3.16 -67.29
N ILE E 259 -8.63 2.73 -67.68
CA ILE E 259 -9.12 1.39 -67.41
C ILE E 259 -9.31 0.68 -68.75
N ILE E 260 -8.65 -0.47 -68.91
CA ILE E 260 -8.75 -1.33 -70.09
C ILE E 260 -9.37 -2.64 -69.62
N ILE E 261 -10.57 -2.95 -70.08
CA ILE E 261 -11.24 -4.21 -69.79
C ILE E 261 -11.01 -5.12 -70.99
N ILE E 262 -10.24 -6.19 -70.80
CA ILE E 262 -9.91 -7.15 -71.85
C ILE E 262 -10.54 -8.49 -71.47
N ALA E 263 -11.41 -9.01 -72.33
CA ALA E 263 -11.95 -10.34 -72.09
C ALA E 263 -10.88 -11.38 -72.39
N GLU E 264 -10.98 -12.54 -71.71
CA GLU E 264 -10.09 -13.66 -71.99
C GLU E 264 -10.17 -14.07 -73.45
N GLY E 265 -11.37 -14.05 -74.02
CA GLY E 265 -11.55 -14.41 -75.41
C GLY E 265 -11.35 -13.28 -76.38
N ALA E 266 -10.65 -12.22 -75.98
CA ALA E 266 -10.40 -11.09 -76.86
C ALA E 266 -9.61 -11.54 -78.08
N ILE E 267 -10.10 -11.15 -79.26
CA ILE E 267 -9.50 -11.48 -80.55
C ILE E 267 -9.48 -10.21 -81.39
N ASP E 268 -8.79 -10.28 -82.52
CA ASP E 268 -8.83 -9.24 -83.54
C ASP E 268 -9.84 -9.66 -84.60
N ARG E 269 -9.86 -8.95 -85.74
CA ARG E 269 -10.79 -9.34 -86.81
C ARG E 269 -10.48 -10.72 -87.36
N ASN E 270 -9.23 -11.15 -87.25
CA ASN E 270 -8.84 -12.53 -87.52
C ASN E 270 -8.99 -13.34 -86.24
N GLY E 271 -8.54 -14.60 -86.26
CA GLY E 271 -8.65 -15.46 -85.10
C GLY E 271 -7.58 -15.29 -84.04
N LYS E 272 -6.61 -14.42 -84.26
CA LYS E 272 -5.47 -14.31 -83.34
C LYS E 272 -5.93 -13.70 -82.02
N PRO E 273 -5.79 -14.38 -80.87
CA PRO E 273 -6.20 -13.76 -79.61
C PRO E 273 -5.29 -12.63 -79.18
N ILE E 274 -5.89 -11.68 -78.46
CA ILE E 274 -5.18 -10.56 -77.86
C ILE E 274 -5.02 -10.88 -76.38
N SER E 275 -3.79 -10.99 -75.92
CA SER E 275 -3.50 -11.29 -74.53
C SER E 275 -3.46 -10.01 -73.71
N SER E 276 -3.81 -10.13 -72.43
CA SER E 276 -3.68 -8.99 -71.52
C SER E 276 -2.23 -8.57 -71.37
N SER E 277 -1.30 -9.52 -71.45
CA SER E 277 0.12 -9.17 -71.41
C SER E 277 0.52 -8.35 -72.63
N TYR E 278 -0.06 -8.66 -73.80
CA TYR E 278 0.25 -7.91 -75.01
C TYR E 278 -0.22 -6.46 -74.88
N VAL E 279 -1.45 -6.26 -74.42
CA VAL E 279 -1.98 -4.90 -74.26
C VAL E 279 -1.16 -4.13 -73.21
N LYS E 280 -0.76 -4.82 -72.14
CA LYS E 280 0.13 -4.21 -71.15
C LYS E 280 1.39 -3.68 -71.79
N ASP E 281 2.15 -4.57 -72.45
CA ASP E 281 3.42 -4.18 -73.04
C ASP E 281 3.25 -3.10 -74.10
N LEU E 282 2.13 -3.15 -74.82
CA LEU E 282 1.83 -2.11 -75.79
C LEU E 282 1.64 -0.76 -75.12
N VAL E 283 0.83 -0.73 -74.06
CA VAL E 283 0.57 0.51 -73.32
C VAL E 283 1.88 1.04 -72.72
N VAL E 284 2.66 0.15 -72.10
CA VAL E 284 3.93 0.54 -71.49
C VAL E 284 4.85 1.15 -72.53
N GLN E 285 4.89 0.57 -73.72
CA GLN E 285 5.87 0.98 -74.72
C GLN E 285 5.56 2.37 -75.27
N ARG E 286 4.29 2.63 -75.62
CA ARG E 286 3.94 3.88 -76.28
C ARG E 286 3.58 5.01 -75.33
N LEU E 287 3.14 4.70 -74.12
CA LEU E 287 2.66 5.69 -73.16
C LEU E 287 3.55 5.81 -71.93
N GLY E 288 4.17 4.73 -71.49
CA GLY E 288 4.99 4.74 -70.29
C GLY E 288 4.21 4.77 -69.00
N PHE E 289 2.90 4.58 -69.03
CA PHE E 289 2.11 4.55 -67.80
C PHE E 289 2.44 3.30 -67.01
N ASP E 290 2.36 3.41 -65.69
CA ASP E 290 2.49 2.25 -64.81
C ASP E 290 1.36 1.28 -65.09
N THR E 291 1.63 0.26 -65.88
CA THR E 291 0.62 -0.70 -66.33
C THR E 291 0.82 -2.02 -65.59
N ARG E 292 -0.24 -2.48 -64.94
CA ARG E 292 -0.27 -3.80 -64.31
C ARG E 292 -1.58 -4.49 -64.67
N VAL E 293 -1.48 -5.77 -64.99
CA VAL E 293 -2.63 -6.55 -65.43
C VAL E 293 -3.25 -7.21 -64.21
N THR E 294 -4.53 -6.92 -63.97
CA THR E 294 -5.32 -7.59 -62.95
C THR E 294 -6.15 -8.68 -63.63
N VAL E 295 -5.88 -9.93 -63.26
CA VAL E 295 -6.64 -11.09 -63.71
C VAL E 295 -7.45 -11.56 -62.51
N LEU E 296 -8.77 -11.54 -62.64
CA LEU E 296 -9.60 -11.96 -61.52
C LEU E 296 -9.54 -13.47 -61.33
N GLY E 297 -9.66 -14.22 -62.42
CA GLY E 297 -9.67 -15.68 -62.31
C GLY E 297 -10.88 -16.15 -61.53
N HIS E 298 -10.65 -17.07 -60.59
CA HIS E 298 -11.73 -17.65 -59.79
C HIS E 298 -12.50 -16.64 -58.94
N VAL E 299 -11.98 -15.42 -58.76
CA VAL E 299 -12.62 -14.43 -57.90
C VAL E 299 -14.01 -14.08 -58.40
N GLN E 300 -14.24 -14.14 -59.72
CA GLN E 300 -15.53 -13.77 -60.27
C GLN E 300 -16.64 -14.70 -59.78
N ARG E 301 -16.36 -15.99 -59.69
CA ARG E 301 -17.32 -16.93 -59.13
C ARG E 301 -17.43 -16.87 -57.61
N GLY E 302 -16.59 -16.07 -56.94
CA GLY E 302 -16.50 -16.09 -55.50
C GLY E 302 -17.42 -15.09 -54.83
N GLY E 303 -17.28 -15.01 -53.51
CA GLY E 303 -18.05 -14.07 -52.71
C GLY E 303 -19.49 -14.52 -52.52
N THR E 304 -20.22 -13.70 -51.77
CA THR E 304 -21.64 -13.95 -51.59
C THR E 304 -22.40 -13.59 -52.87
N PRO E 305 -23.56 -14.21 -53.11
CA PRO E 305 -24.42 -13.70 -54.19
C PRO E 305 -24.98 -12.35 -53.83
N SER E 306 -25.10 -11.49 -54.83
CA SER E 306 -25.70 -10.18 -54.63
C SER E 306 -27.18 -10.33 -54.25
N ALA E 307 -27.76 -9.22 -53.81
CA ALA E 307 -29.18 -9.23 -53.45
C ALA E 307 -30.04 -9.62 -54.64
N PHE E 308 -29.84 -8.95 -55.77
CA PHE E 308 -30.52 -9.29 -57.02
C PHE E 308 -30.43 -10.78 -57.33
N ASP E 309 -29.23 -11.36 -57.20
CA ASP E 309 -29.06 -12.77 -57.51
C ASP E 309 -29.86 -13.65 -56.56
N ARG E 310 -29.92 -13.29 -55.28
CA ARG E 310 -30.67 -14.11 -54.33
C ARG E 310 -32.17 -14.05 -54.59
N ILE E 311 -32.72 -12.85 -54.79
CA ILE E 311 -34.15 -12.71 -55.06
C ILE E 311 -34.50 -13.44 -56.34
N LEU E 312 -33.76 -13.17 -57.40
CA LEU E 312 -34.10 -13.71 -58.71
C LEU E 312 -33.88 -15.22 -58.76
N SER E 313 -32.85 -15.72 -58.08
CA SER E 313 -32.66 -17.16 -58.00
C SER E 313 -33.82 -17.83 -57.27
N SER E 314 -34.27 -17.22 -56.16
CA SER E 314 -35.41 -17.77 -55.44
C SER E 314 -36.68 -17.72 -56.30
N LYS E 315 -36.91 -16.59 -56.96
CA LYS E 315 -38.09 -16.43 -57.81
C LYS E 315 -38.09 -17.43 -58.95
N MET E 316 -36.97 -17.56 -59.65
CA MET E 316 -36.93 -18.48 -60.79
C MET E 316 -36.96 -19.93 -60.34
N GLY E 317 -36.35 -20.25 -59.20
CA GLY E 317 -36.41 -21.59 -58.68
C GLY E 317 -37.82 -22.02 -58.31
N MET E 318 -38.56 -21.12 -57.66
CA MET E 318 -39.97 -21.36 -57.38
C MET E 318 -40.75 -21.55 -58.68
N GLU E 319 -40.58 -20.62 -59.62
CA GLU E 319 -41.28 -20.72 -60.90
C GLU E 319 -40.87 -21.95 -61.69
N ALA E 320 -39.62 -22.39 -61.53
CA ALA E 320 -39.19 -23.64 -62.14
C ALA E 320 -40.01 -24.81 -61.64
N VAL E 321 -40.18 -24.90 -60.31
CA VAL E 321 -40.98 -25.98 -59.72
C VAL E 321 -42.41 -25.93 -60.24
N MET E 322 -43.03 -24.74 -60.18
CA MET E 322 -44.43 -24.61 -60.57
C MET E 322 -44.62 -24.95 -62.04
N ALA E 323 -43.71 -24.47 -62.90
CA ALA E 323 -43.74 -24.86 -64.31
C ALA E 323 -43.59 -26.37 -64.48
N LEU E 324 -42.83 -27.01 -63.59
CA LEU E 324 -42.59 -28.43 -63.68
C LEU E 324 -43.79 -29.26 -63.24
N LEU E 325 -44.71 -28.68 -62.46
CA LEU E 325 -45.92 -29.37 -62.03
C LEU E 325 -47.10 -29.14 -62.94
N GLU E 326 -47.20 -27.98 -63.57
CA GLU E 326 -48.27 -27.70 -64.52
C GLU E 326 -47.93 -28.13 -65.94
N ALA E 327 -46.92 -28.99 -66.10
CA ALA E 327 -46.40 -29.37 -67.41
C ALA E 327 -46.91 -30.77 -67.76
N THR E 328 -47.64 -30.86 -68.86
CA THR E 328 -48.20 -32.12 -69.33
C THR E 328 -47.18 -32.83 -70.20
N PRO E 329 -47.44 -34.11 -70.59
CA PRO E 329 -46.54 -34.79 -71.52
C PRO E 329 -46.20 -34.07 -72.82
N ASP E 330 -47.07 -33.15 -73.27
CA ASP E 330 -46.89 -32.50 -74.56
C ASP E 330 -46.02 -31.25 -74.50
N THR E 331 -46.03 -30.51 -73.39
CA THR E 331 -45.32 -29.24 -73.34
C THR E 331 -43.81 -29.49 -73.40
N PRO E 332 -43.04 -28.61 -74.02
CA PRO E 332 -41.61 -28.87 -74.19
C PRO E 332 -40.82 -28.46 -72.96
N ALA E 333 -39.54 -28.86 -72.95
CA ALA E 333 -38.60 -28.36 -71.95
C ALA E 333 -38.55 -26.84 -72.01
N CYS E 334 -38.58 -26.22 -70.83
CA CYS E 334 -38.60 -24.77 -70.70
C CYS E 334 -37.39 -24.28 -69.92
N VAL E 335 -37.04 -23.01 -70.14
CA VAL E 335 -36.06 -22.28 -69.35
C VAL E 335 -36.79 -21.16 -68.65
N VAL E 336 -36.84 -21.21 -67.33
CA VAL E 336 -37.46 -20.16 -66.52
C VAL E 336 -36.46 -19.02 -66.42
N THR E 337 -36.80 -17.88 -67.01
CA THR E 337 -35.96 -16.69 -66.99
C THR E 337 -36.86 -15.48 -66.86
N LEU E 338 -36.23 -14.31 -66.67
CA LEU E 338 -36.90 -13.02 -66.67
C LEU E 338 -36.37 -12.18 -67.82
N SER E 339 -37.29 -11.71 -68.66
CA SER E 339 -37.02 -10.68 -69.64
C SER E 339 -37.59 -9.37 -69.07
N GLY E 340 -36.73 -8.39 -68.88
CA GLY E 340 -37.13 -7.24 -68.08
C GLY E 340 -37.36 -7.68 -66.65
N ASN E 341 -38.49 -7.27 -66.08
CA ASN E 341 -38.94 -7.70 -64.76
C ASN E 341 -39.91 -8.89 -64.83
N GLN E 342 -40.35 -9.30 -66.02
CA GLN E 342 -41.41 -10.28 -66.16
C GLN E 342 -40.82 -11.69 -66.26
N SER E 343 -41.27 -12.58 -65.37
CA SER E 343 -40.93 -13.99 -65.51
C SER E 343 -41.54 -14.55 -66.79
N VAL E 344 -40.78 -15.41 -67.46
CA VAL E 344 -41.20 -16.00 -68.73
C VAL E 344 -40.59 -17.39 -68.82
N ARG E 345 -41.24 -18.24 -69.62
CA ARG E 345 -40.76 -19.58 -69.96
C ARG E 345 -40.51 -19.63 -71.45
N LEU E 346 -39.29 -19.97 -71.84
CA LEU E 346 -38.87 -20.11 -73.23
C LEU E 346 -38.57 -21.58 -73.51
N PRO E 347 -39.02 -22.16 -74.64
CA PRO E 347 -38.71 -23.57 -74.91
C PRO E 347 -37.21 -23.82 -75.01
N LEU E 348 -36.77 -24.92 -74.40
CA LEU E 348 -35.35 -25.24 -74.32
C LEU E 348 -34.74 -25.44 -75.71
N MET E 349 -35.49 -26.05 -76.62
CA MET E 349 -34.96 -26.38 -77.94
C MET E 349 -34.62 -25.13 -78.73
N GLU E 350 -35.50 -24.13 -78.70
CA GLU E 350 -35.26 -22.90 -79.45
C GLU E 350 -34.07 -22.15 -78.89
N CYS E 351 -33.96 -22.07 -77.56
CA CYS E 351 -32.82 -21.37 -76.95
C CYS E 351 -31.51 -22.07 -77.30
N VAL E 352 -31.48 -23.39 -77.25
CA VAL E 352 -30.27 -24.12 -77.62
C VAL E 352 -29.97 -23.91 -79.09
N GLN E 353 -31.00 -23.88 -79.93
CA GLN E 353 -30.79 -23.67 -81.36
C GLN E 353 -30.21 -22.30 -81.64
N MET E 354 -30.73 -21.27 -80.96
CA MET E 354 -30.18 -19.92 -81.11
C MET E 354 -28.73 -19.87 -80.66
N THR E 355 -28.40 -20.54 -79.55
CA THR E 355 -27.02 -20.59 -79.09
C THR E 355 -26.11 -21.23 -80.13
N LYS E 356 -26.60 -22.28 -80.80
CA LYS E 356 -25.83 -22.90 -81.85
C LYS E 356 -25.68 -21.96 -83.05
N GLU E 357 -26.73 -21.19 -83.37
CA GLU E 357 -26.64 -20.25 -84.48
C GLU E 357 -25.62 -19.17 -84.20
N VAL E 358 -25.60 -18.64 -82.98
CA VAL E 358 -24.63 -17.60 -82.63
C VAL E 358 -23.21 -18.19 -82.63
N GLN E 359 -23.07 -19.44 -82.19
CA GLN E 359 -21.75 -20.06 -82.20
C GLN E 359 -21.24 -20.25 -83.62
N LYS E 360 -22.11 -20.68 -84.53
CA LYS E 360 -21.72 -20.79 -85.93
C LYS E 360 -21.39 -19.43 -86.52
N ALA E 361 -22.18 -18.41 -86.18
CA ALA E 361 -21.91 -17.05 -86.68
C ALA E 361 -20.56 -16.55 -86.19
N MET E 362 -20.27 -16.74 -84.90
CA MET E 362 -19.00 -16.32 -84.34
C MET E 362 -17.81 -17.08 -84.92
N ASP E 363 -18.03 -18.24 -85.54
CA ASP E 363 -16.98 -18.99 -86.24
C ASP E 363 -16.78 -18.51 -87.68
N ASP E 364 -16.72 -17.18 -87.86
CA ASP E 364 -16.46 -16.54 -89.16
C ASP E 364 -17.40 -17.03 -90.25
N LYS E 365 -18.70 -17.04 -89.93
CA LYS E 365 -19.77 -17.31 -90.86
C LYS E 365 -20.58 -16.05 -91.14
N ARG E 366 -21.20 -15.48 -90.11
CA ARG E 366 -21.87 -14.18 -90.15
C ARG E 366 -21.33 -13.31 -89.03
N PHE E 367 -20.00 -13.16 -89.01
CA PHE E 367 -19.31 -12.71 -87.81
C PHE E 367 -19.67 -11.27 -87.44
N ASP E 368 -19.72 -10.39 -88.44
CA ASP E 368 -20.13 -9.01 -88.16
C ASP E 368 -21.58 -8.95 -87.68
N GLU E 369 -22.40 -9.92 -88.08
CA GLU E 369 -23.81 -10.01 -87.68
C GLU E 369 -24.05 -11.07 -86.61
N ALA E 370 -23.00 -11.52 -85.91
CA ALA E 370 -23.19 -12.40 -84.76
C ALA E 370 -23.54 -11.61 -83.51
N THR E 371 -23.05 -10.37 -83.41
CA THR E 371 -23.29 -9.56 -82.21
C THR E 371 -24.76 -9.24 -82.03
N GLN E 372 -25.52 -9.12 -83.13
CA GLN E 372 -26.94 -8.82 -82.99
C GLN E 372 -27.71 -10.04 -82.49
N LEU E 373 -27.32 -11.24 -82.94
CA LEU E 373 -27.97 -12.45 -82.49
C LEU E 373 -27.66 -12.76 -81.02
N ARG E 374 -26.62 -12.14 -80.46
CA ARG E 374 -26.38 -12.26 -79.02
C ARG E 374 -27.53 -11.68 -78.19
N GLY E 375 -28.31 -10.76 -78.77
CA GLY E 375 -29.42 -10.11 -78.07
C GLY E 375 -29.33 -8.62 -78.28
N GLY E 376 -30.51 -7.98 -78.36
CA GLY E 376 -30.55 -6.53 -78.47
C GLY E 376 -29.95 -5.83 -77.28
N SER E 377 -29.98 -6.46 -76.11
CA SER E 377 -29.37 -5.88 -74.91
C SER E 377 -27.87 -5.69 -75.10
N PHE E 378 -27.19 -6.68 -75.68
CA PHE E 378 -25.75 -6.57 -75.87
C PHE E 378 -25.39 -5.43 -76.81
N GLU E 379 -26.04 -5.39 -77.98
CA GLU E 379 -25.72 -4.37 -78.97
C GLU E 379 -26.05 -2.98 -78.44
N ASN E 380 -27.18 -2.85 -77.74
CA ASN E 380 -27.54 -1.58 -77.14
C ASN E 380 -26.52 -1.15 -76.09
N ASN E 381 -26.11 -2.09 -75.23
CA ASN E 381 -25.11 -1.79 -74.21
C ASN E 381 -23.79 -1.34 -74.83
N TRP E 382 -23.36 -2.01 -75.90
CA TRP E 382 -22.09 -1.66 -76.52
C TRP E 382 -22.14 -0.28 -77.16
N ASN E 383 -23.28 0.06 -77.79
CA ASN E 383 -23.40 1.38 -78.39
C ASN E 383 -23.45 2.49 -77.34
N ILE E 384 -24.16 2.25 -76.24
CA ILE E 384 -24.23 3.23 -75.16
C ILE E 384 -22.84 3.43 -74.55
N TYR E 385 -22.12 2.33 -74.34
CA TYR E 385 -20.77 2.40 -73.79
C TYR E 385 -19.86 3.26 -74.66
N LYS E 386 -19.82 2.97 -75.97
CA LYS E 386 -18.94 3.70 -76.86
C LYS E 386 -19.34 5.17 -76.95
N LEU E 387 -20.64 5.46 -76.90
CA LEU E 387 -21.10 6.84 -76.97
C LEU E 387 -20.62 7.63 -75.75
N LEU E 388 -20.74 7.04 -74.57
CA LEU E 388 -20.35 7.73 -73.33
C LEU E 388 -18.85 7.70 -73.11
N ALA E 389 -18.13 6.76 -73.71
CA ALA E 389 -16.70 6.60 -73.44
C ALA E 389 -15.92 7.83 -73.93
N HIS E 390 -16.05 8.14 -75.22
CA HIS E 390 -15.23 9.16 -75.89
C HIS E 390 -16.12 10.19 -76.54
N GLN E 391 -15.82 11.47 -76.29
CA GLN E 391 -16.56 12.59 -76.86
C GLN E 391 -16.27 12.68 -78.35
N LYS E 392 -17.21 12.22 -79.17
CA LYS E 392 -17.15 12.46 -80.60
C LYS E 392 -17.68 13.87 -80.90
N PRO E 393 -17.30 14.47 -82.03
CA PRO E 393 -17.66 15.87 -82.26
C PRO E 393 -19.12 15.98 -82.67
N PRO E 394 -19.98 16.67 -81.86
CA PRO E 394 -21.39 16.79 -82.27
C PRO E 394 -21.58 17.94 -83.24
N LYS E 395 -21.37 17.68 -84.53
CA LYS E 395 -21.57 18.70 -85.55
C LYS E 395 -23.01 19.20 -85.62
N GLU E 396 -23.97 18.41 -85.14
CA GLU E 396 -25.34 18.85 -85.03
C GLU E 396 -25.48 19.81 -83.85
N LYS E 397 -26.39 20.77 -83.99
CA LYS E 397 -26.73 21.71 -82.93
C LYS E 397 -28.22 21.93 -82.95
N SER E 398 -28.76 22.29 -81.79
CA SER E 398 -30.18 22.57 -81.64
C SER E 398 -30.36 23.74 -80.69
N ASN E 399 -31.42 24.52 -80.93
CA ASN E 399 -31.78 25.60 -80.02
C ASN E 399 -32.27 25.08 -78.67
N PHE E 400 -32.60 23.80 -78.57
CA PHE E 400 -33.14 23.25 -77.34
C PHE E 400 -32.11 23.29 -76.22
N SER E 401 -32.60 23.55 -75.01
CA SER E 401 -31.78 23.63 -73.81
C SER E 401 -32.58 22.99 -72.69
N LEU E 402 -31.94 22.09 -71.95
CA LEU E 402 -32.59 21.30 -70.92
C LEU E 402 -31.80 21.40 -69.62
N ALA E 403 -32.53 21.39 -68.51
CA ALA E 403 -31.95 21.43 -67.17
C ALA E 403 -32.21 20.11 -66.47
N ILE E 404 -31.21 19.66 -65.71
CA ILE E 404 -31.27 18.38 -65.00
C ILE E 404 -31.33 18.69 -63.50
N LEU E 405 -32.36 18.18 -62.84
CA LEU E 405 -32.60 18.37 -61.41
C LEU E 405 -32.36 17.07 -60.66
N ASN E 406 -31.93 17.20 -59.40
CA ASN E 406 -31.97 16.11 -58.43
C ASN E 406 -32.85 16.54 -57.28
N VAL E 407 -33.92 15.76 -57.03
CA VAL E 407 -34.98 16.12 -56.10
C VAL E 407 -35.17 14.97 -55.11
N GLY E 408 -35.52 15.32 -53.87
CA GLY E 408 -35.83 14.34 -52.85
C GLY E 408 -34.63 13.96 -52.02
N ALA E 409 -34.64 12.74 -51.49
CA ALA E 409 -33.46 12.24 -50.80
C ALA E 409 -32.39 11.85 -51.83
N PRO E 410 -31.12 11.87 -51.46
CA PRO E 410 -30.11 11.31 -52.36
C PRO E 410 -30.30 9.81 -52.51
N ALA E 411 -29.91 9.29 -53.66
CA ALA E 411 -30.02 7.87 -53.94
C ALA E 411 -28.85 7.42 -54.79
N ALA E 412 -28.34 6.23 -54.50
CA ALA E 412 -27.22 5.67 -55.26
C ALA E 412 -27.63 5.44 -56.71
N GLY E 413 -26.85 6.02 -57.62
CA GLY E 413 -27.15 5.95 -59.05
C GLY E 413 -27.76 7.22 -59.63
N MET E 414 -28.06 8.21 -58.80
CA MET E 414 -28.42 9.52 -59.34
C MET E 414 -27.30 10.08 -60.21
N ASN E 415 -26.06 9.91 -59.78
CA ASN E 415 -24.93 10.45 -60.51
C ASN E 415 -24.69 9.71 -61.82
N ALA E 416 -24.96 8.39 -61.85
CA ALA E 416 -24.86 7.67 -63.11
C ALA E 416 -25.88 8.17 -64.12
N ALA E 417 -27.12 8.40 -63.67
CA ALA E 417 -28.16 8.93 -64.55
C ALA E 417 -27.78 10.31 -65.06
N VAL E 418 -27.32 11.19 -64.16
CA VAL E 418 -26.98 12.56 -64.56
C VAL E 418 -25.80 12.55 -65.53
N ARG E 419 -24.85 11.65 -65.31
CA ARG E 419 -23.70 11.55 -66.22
C ARG E 419 -24.14 11.19 -67.62
N SER E 420 -24.93 10.13 -67.76
CA SER E 420 -25.40 9.71 -69.07
C SER E 420 -26.29 10.76 -69.72
N ALA E 421 -27.17 11.38 -68.94
CA ALA E 421 -28.04 12.42 -69.47
C ALA E 421 -27.23 13.59 -70.02
N VAL E 422 -26.15 13.95 -69.33
CA VAL E 422 -25.33 15.08 -69.78
C VAL E 422 -24.63 14.73 -71.09
N ARG E 423 -23.95 13.58 -71.13
CA ARG E 423 -23.27 13.15 -72.35
C ARG E 423 -24.24 12.98 -73.51
N THR E 424 -25.36 12.29 -73.26
CA THR E 424 -26.32 12.02 -74.33
C THR E 424 -26.93 13.31 -74.84
N GLY E 425 -27.20 14.27 -73.96
CA GLY E 425 -27.73 15.55 -74.40
C GLY E 425 -26.73 16.34 -75.21
N ILE E 426 -25.45 16.28 -74.82
CA ILE E 426 -24.40 16.93 -75.59
C ILE E 426 -24.27 16.28 -76.96
N SER E 427 -24.45 14.95 -77.02
CA SER E 427 -24.35 14.24 -78.29
C SER E 427 -25.41 14.74 -79.28
N HIS E 428 -26.63 14.97 -78.81
CA HIS E 428 -27.68 15.54 -79.65
C HIS E 428 -27.56 17.04 -79.82
N GLY E 429 -26.52 17.68 -79.27
CA GLY E 429 -26.34 19.11 -79.41
C GLY E 429 -27.15 19.96 -78.47
N HIS E 430 -27.90 19.36 -77.54
CA HIS E 430 -28.64 20.15 -76.57
C HIS E 430 -27.68 20.87 -75.63
N THR E 431 -28.09 22.05 -75.19
CA THR E 431 -27.39 22.78 -74.14
C THR E 431 -27.91 22.26 -72.79
N VAL E 432 -27.10 21.48 -72.11
CA VAL E 432 -27.51 20.82 -70.86
C VAL E 432 -27.11 21.71 -69.70
N TYR E 433 -28.04 21.92 -68.78
CA TYR E 433 -27.78 22.55 -67.49
C TYR E 433 -28.00 21.53 -66.39
N VAL E 434 -27.24 21.70 -65.31
CA VAL E 434 -27.56 21.09 -64.02
C VAL E 434 -27.94 22.22 -63.08
N VAL E 435 -28.84 21.92 -62.15
CA VAL E 435 -29.17 22.82 -61.05
C VAL E 435 -28.91 22.07 -59.75
N HIS E 436 -28.26 22.75 -58.82
CA HIS E 436 -28.02 22.19 -57.50
C HIS E 436 -29.27 22.33 -56.64
N ASP E 437 -29.33 21.55 -55.57
CA ASP E 437 -30.40 21.61 -54.57
C ASP E 437 -31.81 21.42 -55.14
N GLY E 438 -31.92 20.79 -56.32
CA GLY E 438 -33.23 20.47 -56.87
C GLY E 438 -34.08 21.69 -57.16
N PHE E 439 -35.36 21.60 -56.79
CA PHE E 439 -36.29 22.71 -57.04
C PHE E 439 -35.94 23.94 -56.23
N GLU E 440 -35.27 23.78 -55.08
CA GLU E 440 -34.81 24.95 -54.34
C GLU E 440 -33.83 25.77 -55.17
N GLY E 441 -32.88 25.11 -55.83
CA GLY E 441 -31.93 25.83 -56.64
C GLY E 441 -32.53 26.35 -57.93
N LEU E 442 -33.51 25.62 -58.50
CA LEU E 442 -34.19 26.14 -59.68
C LEU E 442 -34.99 27.39 -59.33
N ALA E 443 -35.52 27.46 -58.11
CA ALA E 443 -36.13 28.70 -57.64
C ALA E 443 -35.07 29.74 -57.33
N LYS E 444 -33.97 29.33 -56.71
CA LYS E 444 -32.87 30.24 -56.40
C LYS E 444 -31.95 30.51 -57.59
N GLY E 445 -32.27 30.00 -58.77
CA GLY E 445 -31.44 30.27 -59.94
C GLY E 445 -30.05 29.68 -59.85
N GLN E 446 -29.89 28.55 -59.15
CA GLN E 446 -28.60 27.88 -59.08
C GLN E 446 -28.35 27.01 -60.31
N VAL E 447 -28.49 27.60 -61.51
CA VAL E 447 -28.39 26.88 -62.77
C VAL E 447 -27.00 27.11 -63.33
N GLN E 448 -26.39 26.05 -63.84
CA GLN E 448 -25.03 26.08 -64.39
C GLN E 448 -25.01 25.26 -65.67
N GLU E 449 -24.50 25.85 -66.74
CA GLU E 449 -24.25 25.09 -67.95
C GLU E 449 -23.10 24.12 -67.71
N VAL E 450 -23.27 22.90 -68.17
CA VAL E 450 -22.38 21.78 -67.86
C VAL E 450 -21.85 21.21 -69.17
N GLY E 451 -20.59 20.77 -69.15
CA GLY E 451 -19.95 20.16 -70.29
C GLY E 451 -19.80 18.65 -70.14
N TRP E 452 -19.14 18.07 -71.15
CA TRP E 452 -18.89 16.63 -71.17
C TRP E 452 -18.08 16.20 -69.94
N HIS E 453 -16.94 16.85 -69.70
CA HIS E 453 -16.02 16.41 -68.67
C HIS E 453 -16.42 16.86 -67.27
N ASP E 454 -17.46 17.68 -67.14
CA ASP E 454 -17.91 18.10 -65.82
C ASP E 454 -18.60 16.99 -65.05
N VAL E 455 -19.03 15.92 -65.73
CA VAL E 455 -19.59 14.73 -65.09
C VAL E 455 -18.58 13.59 -65.04
N ALA E 456 -17.29 13.87 -65.26
CA ALA E 456 -16.28 12.83 -65.33
C ALA E 456 -16.14 12.11 -63.99
N GLY E 457 -16.23 10.78 -64.03
CA GLY E 457 -16.11 9.96 -62.84
C GLY E 457 -17.29 10.02 -61.91
N TRP E 458 -18.46 10.39 -62.40
CA TRP E 458 -19.66 10.44 -61.57
C TRP E 458 -20.36 9.09 -61.44
N LEU E 459 -19.92 8.06 -62.18
CA LEU E 459 -20.57 6.75 -62.13
C LEU E 459 -20.60 6.18 -60.72
N GLY E 460 -19.42 5.97 -60.14
CA GLY E 460 -19.33 5.27 -58.87
C GLY E 460 -19.60 6.09 -57.63
N ARG E 461 -19.86 7.40 -57.74
CA ARG E 461 -20.11 8.23 -56.58
C ARG E 461 -21.57 8.09 -56.15
N GLY E 462 -21.78 7.61 -54.94
CA GLY E 462 -23.13 7.53 -54.40
C GLY E 462 -23.65 8.89 -53.99
N GLY E 463 -24.92 8.89 -53.63
CA GLY E 463 -25.56 10.14 -53.22
C GLY E 463 -25.85 11.01 -54.43
N SER E 464 -25.42 12.27 -54.35
CA SER E 464 -25.72 13.25 -55.38
C SER E 464 -24.58 14.26 -55.45
N MET E 465 -23.97 14.40 -56.63
CA MET E 465 -22.98 15.45 -56.83
C MET E 465 -23.64 16.81 -56.90
N LEU E 466 -24.73 16.90 -57.67
CA LEU E 466 -25.65 18.01 -57.49
C LEU E 466 -26.29 17.91 -56.11
N GLY E 467 -26.67 19.04 -55.55
CA GLY E 467 -27.43 19.01 -54.32
C GLY E 467 -28.81 18.44 -54.53
N THR E 468 -29.42 17.99 -53.43
CA THR E 468 -30.78 17.49 -53.41
C THR E 468 -31.57 18.15 -52.31
N LYS E 469 -32.82 18.50 -52.61
CA LYS E 469 -33.77 19.02 -51.64
C LYS E 469 -35.13 18.42 -51.92
N ARG E 470 -35.91 18.22 -50.86
CA ARG E 470 -37.23 17.63 -50.98
C ARG E 470 -38.32 18.63 -51.34
N THR E 471 -38.02 19.94 -51.33
CA THR E 471 -39.07 20.95 -51.45
C THR E 471 -39.77 20.86 -52.79
N LEU E 472 -41.10 20.91 -52.75
CA LEU E 472 -41.90 20.85 -53.96
C LEU E 472 -42.00 22.24 -54.58
N PRO E 473 -42.24 22.34 -55.89
CA PRO E 473 -42.14 23.64 -56.57
C PRO E 473 -43.30 24.59 -56.29
N LYS E 474 -44.41 24.09 -55.72
CA LYS E 474 -45.61 24.91 -55.60
C LYS E 474 -45.40 26.14 -54.73
N GLY E 475 -44.50 26.06 -53.74
CA GLY E 475 -44.26 27.19 -52.86
C GLY E 475 -43.39 28.28 -53.44
N GLN E 476 -42.66 28.00 -54.53
CA GLN E 476 -41.77 28.96 -55.18
C GLN E 476 -41.95 28.90 -56.68
N LEU E 477 -43.20 28.71 -57.12
CA LEU E 477 -43.47 28.54 -58.54
C LEU E 477 -43.15 29.81 -59.32
N GLU E 478 -43.35 30.98 -58.72
CA GLU E 478 -43.01 32.24 -59.40
C GLU E 478 -41.52 32.33 -59.69
N SER E 479 -40.69 31.95 -58.72
CA SER E 479 -39.24 31.97 -58.95
C SER E 479 -38.84 30.92 -59.98
N ILE E 480 -39.51 29.76 -59.97
CA ILE E 480 -39.17 28.70 -60.92
C ILE E 480 -39.46 29.14 -62.35
N VAL E 481 -40.65 29.68 -62.59
CA VAL E 481 -41.01 30.13 -63.94
C VAL E 481 -40.10 31.27 -64.38
N GLU E 482 -39.69 32.13 -63.44
CA GLU E 482 -38.77 33.21 -63.78
C GLU E 482 -37.44 32.65 -64.27
N ASN E 483 -36.85 31.73 -63.52
CA ASN E 483 -35.56 31.18 -63.92
C ASN E 483 -35.66 30.34 -65.19
N ILE E 484 -36.79 29.66 -65.41
CA ILE E 484 -36.98 28.94 -66.66
C ILE E 484 -36.98 29.91 -67.84
N ARG E 485 -37.67 31.04 -67.68
CA ARG E 485 -37.68 32.06 -68.72
C ARG E 485 -36.29 32.64 -68.96
N ILE E 486 -35.57 32.95 -67.88
CA ILE E 486 -34.24 33.56 -68.00
C ILE E 486 -33.31 32.63 -68.77
N TYR E 487 -33.19 31.39 -68.31
CA TYR E 487 -32.28 30.44 -68.91
C TYR E 487 -32.84 29.75 -70.15
N GLY E 488 -34.11 29.97 -70.49
CA GLY E 488 -34.69 29.36 -71.67
C GLY E 488 -34.72 27.84 -71.62
N ILE E 489 -35.10 27.29 -70.47
CA ILE E 489 -35.11 25.84 -70.28
C ILE E 489 -36.31 25.27 -71.03
N HIS E 490 -36.04 24.54 -72.11
CA HIS E 490 -37.08 23.96 -72.93
C HIS E 490 -37.49 22.56 -72.49
N ALA E 491 -36.64 21.85 -71.74
CA ALA E 491 -36.96 20.54 -71.20
C ALA E 491 -36.39 20.41 -69.79
N LEU E 492 -36.96 19.49 -69.01
CA LEU E 492 -36.62 19.34 -67.60
C LEU E 492 -36.51 17.86 -67.27
N LEU E 493 -35.32 17.40 -66.90
CA LEU E 493 -35.08 16.02 -66.48
C LEU E 493 -34.86 16.01 -64.97
N VAL E 494 -35.78 15.37 -64.25
CA VAL E 494 -35.78 15.38 -62.78
C VAL E 494 -35.46 13.97 -62.30
N VAL E 495 -34.26 13.77 -61.77
CA VAL E 495 -33.81 12.49 -61.25
C VAL E 495 -34.04 12.51 -59.74
N GLY E 496 -35.07 11.82 -59.27
CA GLY E 496 -35.35 11.88 -57.85
C GLY E 496 -36.47 10.94 -57.47
N GLY E 497 -36.84 11.00 -56.19
CA GLY E 497 -37.80 10.07 -55.62
C GLY E 497 -39.24 10.47 -55.84
N PHE E 498 -40.08 10.16 -54.85
CA PHE E 498 -41.49 10.49 -54.96
C PHE E 498 -41.72 11.99 -55.02
N GLU E 499 -40.86 12.77 -54.37
CA GLU E 499 -41.01 14.23 -54.44
C GLU E 499 -40.70 14.75 -55.83
N ALA E 500 -39.83 14.06 -56.58
CA ALA E 500 -39.60 14.42 -57.98
C ALA E 500 -40.86 14.24 -58.80
N TYR E 501 -41.49 13.07 -58.70
CA TYR E 501 -42.72 12.79 -59.42
C TYR E 501 -43.83 13.74 -59.00
N GLU E 502 -43.97 13.98 -57.70
CA GLU E 502 -45.03 14.87 -57.22
C GLU E 502 -44.77 16.31 -57.65
N GLY E 503 -43.51 16.73 -57.66
CA GLY E 503 -43.20 18.07 -58.13
C GLY E 503 -43.50 18.25 -59.61
N VAL E 504 -43.08 17.27 -60.43
CA VAL E 504 -43.39 17.31 -61.86
C VAL E 504 -44.89 17.31 -62.08
N LEU E 505 -45.63 16.58 -61.25
CA LEU E 505 -47.09 16.60 -61.34
C LEU E 505 -47.64 18.00 -61.05
N GLN E 506 -47.11 18.65 -60.01
CA GLN E 506 -47.55 20.00 -59.68
C GLN E 506 -47.21 20.99 -60.79
N LEU E 507 -46.12 20.77 -61.52
CA LEU E 507 -45.80 21.65 -62.65
C LEU E 507 -46.75 21.41 -63.81
N VAL E 508 -47.10 20.14 -64.07
CA VAL E 508 -48.04 19.83 -65.15
C VAL E 508 -49.40 20.45 -64.86
N GLU E 509 -49.87 20.31 -63.62
CA GLU E 509 -51.16 20.89 -63.25
C GLU E 509 -51.11 22.41 -63.27
N ALA E 510 -49.95 23.00 -63.00
CA ALA E 510 -49.80 24.45 -63.01
C ALA E 510 -49.56 25.03 -64.39
N ARG E 511 -49.44 24.19 -65.43
CA ARG E 511 -49.31 24.69 -66.80
C ARG E 511 -50.43 25.64 -67.18
N GLY E 512 -51.66 25.35 -66.72
CA GLY E 512 -52.79 26.21 -67.03
C GLY E 512 -52.61 27.63 -66.55
N ARG E 513 -51.93 27.81 -65.42
CA ARG E 513 -51.68 29.16 -64.91
C ARG E 513 -50.47 29.81 -65.57
N TYR E 514 -49.39 29.06 -65.77
CA TYR E 514 -48.13 29.56 -66.28
C TYR E 514 -47.83 28.89 -67.62
N GLU E 515 -47.75 29.69 -68.68
CA GLU E 515 -47.42 29.15 -70.00
C GLU E 515 -45.99 28.63 -70.05
N GLU E 516 -45.08 29.25 -69.28
CA GLU E 516 -43.67 28.87 -69.35
C GLU E 516 -43.45 27.44 -68.90
N LEU E 517 -44.30 26.93 -68.00
CA LEU E 517 -44.18 25.56 -67.54
C LEU E 517 -44.58 24.52 -68.59
N CYS E 518 -45.09 24.94 -69.75
CA CYS E 518 -45.38 24.00 -70.82
C CYS E 518 -44.10 23.51 -71.49
N ILE E 519 -43.26 22.80 -70.73
CA ILE E 519 -41.98 22.27 -71.19
C ILE E 519 -42.02 20.77 -71.00
N VAL E 520 -41.31 20.05 -71.86
CA VAL E 520 -41.23 18.60 -71.73
C VAL E 520 -40.52 18.28 -70.43
N MET E 521 -41.16 17.48 -69.59
CA MET E 521 -40.61 17.06 -68.31
C MET E 521 -40.46 15.54 -68.32
N CYS E 522 -39.41 15.05 -67.65
CA CYS E 522 -39.21 13.62 -67.52
C CYS E 522 -38.64 13.31 -66.15
N VAL E 523 -39.28 12.38 -65.45
CA VAL E 523 -38.85 11.91 -64.14
C VAL E 523 -38.08 10.61 -64.33
N ILE E 524 -36.86 10.58 -63.81
CA ILE E 524 -36.14 9.32 -63.55
C ILE E 524 -36.35 8.99 -62.07
N PRO E 525 -37.05 7.90 -61.73
CA PRO E 525 -37.26 7.61 -60.31
C PRO E 525 -35.95 7.16 -59.66
N ALA E 526 -35.54 7.86 -58.61
CA ALA E 526 -34.29 7.61 -57.92
C ALA E 526 -34.55 7.73 -56.42
N THR E 527 -34.75 6.60 -55.76
CA THR E 527 -34.99 6.60 -54.33
C THR E 527 -34.67 5.24 -53.74
N ILE E 528 -34.38 5.25 -52.45
CA ILE E 528 -34.11 4.03 -51.70
C ILE E 528 -35.37 3.19 -51.57
N SER E 529 -36.51 3.84 -51.35
CA SER E 529 -37.73 3.12 -50.94
C SER E 529 -38.36 2.31 -52.07
N ASN E 530 -38.04 2.62 -53.33
CA ASN E 530 -38.75 2.08 -54.49
C ASN E 530 -40.25 2.36 -54.40
N ASN E 531 -40.58 3.60 -54.01
CA ASN E 531 -41.96 4.02 -53.76
C ASN E 531 -42.49 4.97 -54.83
N VAL E 532 -41.83 5.06 -55.98
CA VAL E 532 -42.22 6.01 -57.02
C VAL E 532 -43.18 5.31 -57.98
N PRO E 533 -44.36 5.86 -58.28
CA PRO E 533 -45.22 5.21 -59.27
C PRO E 533 -44.62 5.30 -60.67
N GLY E 534 -45.04 4.36 -61.52
CA GLY E 534 -44.60 4.33 -62.89
C GLY E 534 -43.36 3.53 -63.18
N THR E 535 -42.78 2.87 -62.18
CA THR E 535 -41.63 1.99 -62.38
C THR E 535 -41.77 0.77 -61.48
N ASP E 536 -41.06 -0.30 -61.84
CA ASP E 536 -40.92 -1.46 -60.98
C ASP E 536 -39.71 -1.35 -60.06
N PHE E 537 -38.63 -0.72 -60.53
CA PHE E 537 -37.42 -0.49 -59.74
C PHE E 537 -37.07 0.98 -59.80
N SER E 538 -36.99 1.63 -58.65
CA SER E 538 -36.42 2.96 -58.57
C SER E 538 -34.89 2.87 -58.57
N LEU E 539 -34.28 3.88 -59.17
CA LEU E 539 -32.82 3.90 -59.28
C LEU E 539 -32.19 4.03 -57.89
N GLY E 540 -31.41 3.03 -57.50
CA GLY E 540 -30.79 2.99 -56.19
C GLY E 540 -31.49 2.13 -55.17
N SER E 541 -32.63 1.53 -55.51
CA SER E 541 -33.24 0.58 -54.58
C SER E 541 -32.38 -0.66 -54.44
N ASP E 542 -31.77 -1.11 -55.56
CA ASP E 542 -30.91 -2.29 -55.52
C ASP E 542 -29.72 -2.10 -54.58
N THR E 543 -29.10 -0.92 -54.61
CA THR E 543 -28.01 -0.62 -53.69
C THR E 543 -28.47 -0.72 -52.24
N ALA E 544 -29.64 -0.16 -51.94
CA ALA E 544 -30.15 -0.21 -50.57
C ALA E 544 -30.45 -1.64 -50.14
N VAL E 545 -31.00 -2.44 -51.05
CA VAL E 545 -31.28 -3.84 -50.74
C VAL E 545 -29.98 -4.56 -50.45
N ASN E 546 -28.95 -4.31 -51.27
CA ASN E 546 -27.67 -4.97 -51.08
C ASN E 546 -27.02 -4.58 -49.75
N ALA E 547 -27.06 -3.29 -49.42
CA ALA E 547 -26.55 -2.85 -48.13
C ALA E 547 -27.35 -3.46 -46.99
N ALA E 548 -28.67 -3.56 -47.17
CA ALA E 548 -29.53 -4.10 -46.11
C ALA E 548 -29.22 -5.57 -45.84
N MET E 549 -29.08 -6.38 -46.90
CA MET E 549 -28.79 -7.79 -46.67
C MET E 549 -27.41 -7.99 -46.06
N GLU E 550 -26.44 -7.16 -46.48
CA GLU E 550 -25.08 -7.26 -45.94
C GLU E 550 -25.09 -7.03 -44.44
N SER E 551 -25.83 -6.01 -44.00
CA SER E 551 -25.99 -5.78 -42.57
C SER E 551 -26.74 -6.93 -41.91
N CYS E 552 -27.81 -7.41 -42.54
CA CYS E 552 -28.58 -8.51 -41.97
C CYS E 552 -27.77 -9.79 -41.93
N ASP E 553 -26.99 -10.07 -42.97
CA ASP E 553 -26.12 -11.25 -42.96
C ASP E 553 -25.08 -11.15 -41.86
N ARG E 554 -24.48 -9.98 -41.69
CA ARG E 554 -23.53 -9.76 -40.60
C ARG E 554 -24.19 -9.99 -39.25
N ILE E 555 -25.41 -9.47 -39.07
CA ILE E 555 -26.12 -9.61 -37.81
C ILE E 555 -26.43 -11.08 -37.56
N LYS E 556 -26.94 -11.78 -38.59
CA LYS E 556 -27.32 -13.17 -38.43
C LYS E 556 -26.12 -14.06 -38.14
N GLN E 557 -24.93 -13.67 -38.59
CA GLN E 557 -23.71 -14.44 -38.31
C GLN E 557 -23.15 -14.20 -36.91
N SER E 558 -23.70 -13.25 -36.14
CA SER E 558 -23.11 -12.91 -34.86
C SER E 558 -23.45 -13.94 -33.79
N ALA E 559 -24.62 -14.56 -33.86
CA ALA E 559 -24.94 -15.68 -32.97
C ALA E 559 -24.17 -16.91 -33.43
N SER E 560 -23.23 -17.37 -32.61
CA SER E 560 -22.49 -18.57 -32.95
C SER E 560 -23.41 -19.78 -32.87
N GLY E 561 -22.96 -20.88 -33.48
CA GLY E 561 -23.80 -22.02 -33.80
C GLY E 561 -24.61 -22.63 -32.68
N THR E 562 -24.17 -22.47 -31.43
CA THR E 562 -24.91 -23.00 -30.29
C THR E 562 -26.07 -22.08 -29.89
N LYS E 563 -25.84 -20.77 -29.90
CA LYS E 563 -26.78 -19.85 -29.28
C LYS E 563 -28.00 -19.65 -30.15
N ARG E 564 -29.18 -19.70 -29.52
CA ARG E 564 -30.46 -19.49 -30.19
C ARG E 564 -30.90 -18.04 -29.95
N ARG E 565 -30.88 -17.24 -31.01
CA ARG E 565 -31.17 -15.82 -30.94
C ARG E 565 -31.97 -15.38 -32.16
N VAL E 566 -32.94 -14.50 -31.92
CA VAL E 566 -33.74 -13.87 -32.96
C VAL E 566 -33.33 -12.40 -33.03
N PHE E 567 -33.24 -11.86 -34.24
CA PHE E 567 -32.89 -10.47 -34.47
C PHE E 567 -34.06 -9.74 -35.13
N ILE E 568 -34.51 -8.67 -34.49
CA ILE E 568 -35.47 -7.74 -35.09
C ILE E 568 -34.63 -6.66 -35.80
N VAL E 569 -34.68 -6.63 -37.13
CA VAL E 569 -33.90 -5.69 -37.93
C VAL E 569 -34.87 -4.73 -38.61
N GLU E 570 -34.78 -3.45 -38.26
CA GLU E 570 -35.70 -2.45 -38.81
C GLU E 570 -35.07 -1.79 -40.04
N THR E 571 -35.76 -1.88 -41.17
CA THR E 571 -35.33 -1.29 -42.43
C THR E 571 -36.09 0.02 -42.70
N MET E 572 -35.54 0.81 -43.61
CA MET E 572 -36.14 2.06 -44.06
C MET E 572 -37.12 1.77 -45.20
N GLY E 573 -37.64 2.83 -45.82
CA GLY E 573 -38.54 2.75 -46.95
C GLY E 573 -39.86 3.47 -46.73
N GLY E 574 -40.00 4.18 -45.61
CA GLY E 574 -41.27 4.82 -45.29
C GLY E 574 -42.38 3.81 -45.17
N TYR E 575 -43.54 4.16 -45.74
CA TYR E 575 -44.66 3.23 -45.80
C TYR E 575 -44.48 2.17 -46.88
N CYS E 576 -43.58 2.39 -47.84
CA CYS E 576 -43.36 1.40 -48.89
C CYS E 576 -42.55 0.24 -48.31
N GLY E 577 -43.14 -0.94 -48.33
CA GLY E 577 -42.51 -2.11 -47.76
C GLY E 577 -41.61 -2.91 -48.66
N TYR E 578 -41.38 -2.45 -49.91
CA TYR E 578 -40.58 -3.21 -50.88
C TYR E 578 -39.24 -3.64 -50.31
N LEU E 579 -38.51 -2.67 -49.75
CA LEU E 579 -37.14 -2.91 -49.28
C LEU E 579 -37.10 -3.97 -48.18
N ALA E 580 -38.04 -3.91 -47.23
CA ALA E 580 -38.07 -4.89 -46.15
C ALA E 580 -38.33 -6.29 -46.69
N THR E 581 -39.23 -6.42 -47.65
CA THR E 581 -39.70 -7.73 -48.08
C THR E 581 -38.66 -8.42 -48.95
N VAL E 582 -38.13 -7.70 -49.93
CA VAL E 582 -37.06 -8.27 -50.75
C VAL E 582 -35.85 -8.59 -49.90
N THR E 583 -35.50 -7.71 -48.96
CA THR E 583 -34.39 -8.00 -48.05
C THR E 583 -34.67 -9.27 -47.24
N GLY E 584 -35.93 -9.48 -46.85
CA GLY E 584 -36.28 -10.70 -46.13
C GLY E 584 -36.12 -11.93 -46.98
N ILE E 585 -36.47 -11.84 -48.25
CA ILE E 585 -36.27 -12.95 -49.18
C ILE E 585 -34.77 -13.23 -49.31
N ALA E 586 -33.97 -12.18 -49.49
CA ALA E 586 -32.53 -12.36 -49.73
C ALA E 586 -31.84 -13.00 -48.54
N VAL E 587 -32.28 -12.65 -47.32
CA VAL E 587 -31.64 -13.10 -46.09
C VAL E 587 -32.35 -14.28 -45.46
N GLY E 588 -33.45 -14.75 -46.04
CA GLY E 588 -34.23 -15.79 -45.40
C GLY E 588 -34.87 -15.34 -44.11
N ALA E 589 -35.35 -14.09 -44.05
CA ALA E 589 -36.02 -13.61 -42.86
C ALA E 589 -37.30 -14.39 -42.62
N ASP E 590 -37.59 -14.68 -41.35
CA ASP E 590 -38.79 -15.40 -41.01
C ASP E 590 -40.03 -14.57 -41.31
N ALA E 591 -39.98 -13.26 -41.06
CA ALA E 591 -41.11 -12.38 -41.26
C ALA E 591 -40.62 -11.00 -41.66
N ALA E 592 -41.37 -10.34 -42.55
CA ALA E 592 -41.09 -8.97 -42.97
C ALA E 592 -42.37 -8.16 -42.78
N TYR E 593 -42.49 -7.51 -41.63
CA TYR E 593 -43.67 -6.72 -41.33
C TYR E 593 -43.64 -5.42 -42.12
N VAL E 594 -44.71 -5.17 -42.88
CA VAL E 594 -44.79 -4.01 -43.76
C VAL E 594 -46.19 -3.40 -43.68
N PHE E 595 -46.28 -2.13 -44.09
CA PHE E 595 -47.53 -1.40 -44.01
C PHE E 595 -48.58 -2.00 -44.94
N GLU E 596 -48.17 -2.42 -46.14
CA GLU E 596 -49.13 -2.87 -47.16
C GLU E 596 -49.80 -4.18 -46.81
N ASP E 597 -49.31 -4.91 -45.80
CA ASP E 597 -49.91 -6.15 -45.31
C ASP E 597 -50.22 -5.91 -43.84
N PRO E 598 -51.36 -5.27 -43.51
CA PRO E 598 -51.63 -4.97 -42.11
C PRO E 598 -51.79 -6.22 -41.27
N PHE E 599 -51.21 -6.17 -40.07
CA PHE E 599 -51.13 -7.29 -39.16
C PHE E 599 -51.50 -6.82 -37.77
N ASN E 600 -52.13 -7.70 -37.02
CA ASN E 600 -52.58 -7.46 -35.65
C ASN E 600 -51.89 -8.45 -34.73
N ILE E 601 -52.25 -8.40 -33.44
CA ILE E 601 -51.56 -9.21 -32.44
C ILE E 601 -51.79 -10.69 -32.67
N HIS E 602 -52.90 -11.08 -33.29
CA HIS E 602 -53.10 -12.49 -33.61
C HIS E 602 -52.05 -12.99 -34.58
N ASP E 603 -51.77 -12.20 -35.63
CA ASP E 603 -50.72 -12.57 -36.58
C ASP E 603 -49.36 -12.62 -35.90
N LEU E 604 -49.12 -11.70 -34.96
CA LEU E 604 -47.84 -11.71 -34.25
C LEU E 604 -47.67 -12.96 -33.41
N LYS E 605 -48.73 -13.40 -32.72
CA LYS E 605 -48.63 -14.63 -31.93
C LYS E 605 -48.39 -15.84 -32.82
N VAL E 606 -49.04 -15.88 -33.99
CA VAL E 606 -48.80 -16.96 -34.94
C VAL E 606 -47.35 -17.00 -35.35
N ASN E 607 -46.80 -15.83 -35.71
CA ASN E 607 -45.41 -15.76 -36.15
C ASN E 607 -44.44 -16.10 -35.02
N VAL E 608 -44.76 -15.65 -33.80
CA VAL E 608 -43.86 -15.90 -32.68
C VAL E 608 -43.84 -17.38 -32.32
N GLU E 609 -45.01 -18.01 -32.29
CA GLU E 609 -45.07 -19.45 -32.03
C GLU E 609 -44.37 -20.24 -33.14
N HIS E 610 -44.56 -19.81 -34.39
CA HIS E 610 -43.85 -20.43 -35.50
C HIS E 610 -42.34 -20.27 -35.35
N MET E 611 -41.89 -19.08 -34.94
CA MET E 611 -40.47 -18.88 -34.66
C MET E 611 -39.99 -19.79 -33.55
N THR E 612 -40.78 -19.89 -32.47
CA THR E 612 -40.39 -20.73 -31.33
C THR E 612 -40.21 -22.17 -31.76
N GLU E 613 -41.21 -22.73 -32.47
CA GLU E 613 -41.14 -24.12 -32.93
C GLU E 613 -39.95 -24.33 -33.85
N LYS E 614 -39.74 -23.42 -34.79
CA LYS E 614 -38.57 -23.47 -35.65
C LYS E 614 -37.28 -23.44 -34.84
N MET E 615 -37.25 -22.62 -33.80
CA MET E 615 -36.04 -22.47 -32.99
C MET E 615 -35.75 -23.69 -32.14
N LYS E 616 -36.73 -24.57 -31.93
CA LYS E 616 -36.45 -25.84 -31.25
C LYS E 616 -35.76 -26.84 -32.16
N THR E 617 -35.78 -26.62 -33.48
CA THR E 617 -35.14 -27.52 -34.43
C THR E 617 -33.67 -27.12 -34.61
N ASP E 618 -33.03 -27.64 -35.66
CA ASP E 618 -31.60 -27.42 -35.87
C ASP E 618 -31.28 -25.98 -36.28
N ILE E 619 -32.24 -25.21 -36.76
CA ILE E 619 -31.99 -23.82 -37.16
C ILE E 619 -32.07 -22.94 -35.92
N GLN E 620 -31.03 -22.13 -35.72
CA GLN E 620 -30.79 -21.45 -34.45
C GLN E 620 -30.81 -19.93 -34.53
N ARG E 621 -30.70 -19.34 -35.71
CA ARG E 621 -30.74 -17.89 -35.89
C ARG E 621 -32.02 -17.51 -36.62
N GLY E 622 -32.88 -16.75 -35.95
CA GLY E 622 -34.07 -16.19 -36.56
C GLY E 622 -33.83 -14.74 -36.94
N LEU E 623 -34.62 -14.28 -37.90
CA LEU E 623 -34.47 -12.91 -38.40
C LEU E 623 -35.83 -12.45 -38.89
N VAL E 624 -36.40 -11.46 -38.20
CA VAL E 624 -37.63 -10.79 -38.62
C VAL E 624 -37.29 -9.36 -38.95
N LEU E 625 -37.79 -8.89 -40.10
CA LEU E 625 -37.63 -7.51 -40.52
C LEU E 625 -38.91 -6.72 -40.24
N ARG E 626 -38.73 -5.45 -39.91
CA ARG E 626 -39.85 -4.53 -39.69
C ARG E 626 -39.60 -3.25 -40.48
N ASN E 627 -40.51 -2.92 -41.38
CA ASN E 627 -40.47 -1.62 -42.00
C ASN E 627 -40.74 -0.56 -40.93
N GLU E 628 -40.05 0.59 -41.06
CA GLU E 628 -40.07 1.62 -40.02
C GLU E 628 -41.48 2.14 -39.73
N LYS E 629 -42.36 2.15 -40.73
CA LYS E 629 -43.71 2.70 -40.62
C LYS E 629 -44.77 1.65 -40.95
N CYS E 630 -44.52 0.39 -40.58
CA CYS E 630 -45.49 -0.66 -40.86
C CYS E 630 -46.70 -0.58 -39.95
N HIS E 631 -46.50 -0.18 -38.69
CA HIS E 631 -47.56 -0.16 -37.69
C HIS E 631 -47.39 1.05 -36.78
N ASP E 632 -48.52 1.59 -36.32
CA ASP E 632 -48.49 2.77 -35.48
C ASP E 632 -47.99 2.47 -34.08
N TYR E 633 -48.38 1.31 -33.53
CA TYR E 633 -48.13 0.95 -32.14
C TYR E 633 -47.17 -0.21 -31.97
N TYR E 634 -47.22 -1.22 -32.83
CA TYR E 634 -46.35 -2.39 -32.71
C TYR E 634 -44.99 -2.03 -33.31
N THR E 635 -44.28 -1.18 -32.59
CA THR E 635 -43.00 -0.66 -33.04
C THR E 635 -41.93 -1.75 -32.92
N THR E 636 -40.69 -1.37 -33.24
CA THR E 636 -39.56 -2.28 -33.07
C THR E 636 -39.41 -2.68 -31.60
N GLU E 637 -39.57 -1.71 -30.69
CA GLU E 637 -39.48 -2.02 -29.26
C GLU E 637 -40.59 -2.99 -28.85
N PHE E 638 -41.80 -2.81 -29.40
CA PHE E 638 -42.90 -3.72 -29.12
C PHE E 638 -42.54 -5.14 -29.53
N LEU E 639 -42.08 -5.32 -30.78
CA LEU E 639 -41.73 -6.65 -31.26
C LEU E 639 -40.58 -7.26 -30.46
N TYR E 640 -39.62 -6.42 -30.06
CA TYR E 640 -38.54 -6.90 -29.19
C TYR E 640 -39.10 -7.49 -27.90
N ASN E 641 -39.96 -6.74 -27.23
CA ASN E 641 -40.56 -7.21 -25.99
C ASN E 641 -41.38 -8.49 -26.21
N LEU E 642 -42.14 -8.53 -27.31
CA LEU E 642 -42.97 -9.70 -27.60
C LEU E 642 -42.13 -10.95 -27.82
N TYR E 643 -41.16 -10.88 -28.73
CA TYR E 643 -40.35 -12.05 -29.06
C TYR E 643 -39.50 -12.48 -27.87
N SER E 644 -38.94 -11.53 -27.13
CA SER E 644 -38.10 -11.90 -25.99
C SER E 644 -38.91 -12.49 -24.86
N SER E 645 -40.13 -12.01 -24.66
CA SER E 645 -40.98 -12.56 -23.60
C SER E 645 -41.46 -13.96 -23.97
N GLU E 646 -42.08 -14.11 -25.14
CA GLU E 646 -42.63 -15.40 -25.54
C GLU E 646 -41.53 -16.42 -25.80
N GLY E 647 -40.36 -15.97 -26.23
CA GLY E 647 -39.22 -16.85 -26.42
C GLY E 647 -38.41 -17.15 -25.19
N LYS E 648 -38.91 -16.79 -24.01
CA LYS E 648 -38.20 -17.05 -22.77
C LYS E 648 -37.96 -18.54 -22.59
N GLY E 649 -36.71 -18.90 -22.30
CA GLY E 649 -36.32 -20.28 -22.18
C GLY E 649 -36.06 -21.00 -23.48
N VAL E 650 -36.26 -20.33 -24.63
CA VAL E 650 -36.02 -20.91 -25.95
C VAL E 650 -34.98 -20.10 -26.72
N PHE E 651 -35.17 -18.78 -26.80
CA PHE E 651 -34.23 -17.92 -27.49
C PHE E 651 -34.20 -16.55 -26.83
N ASP E 652 -33.09 -15.86 -27.07
CA ASP E 652 -32.96 -14.44 -26.76
C ASP E 652 -33.34 -13.63 -27.99
N CYS E 653 -33.68 -12.36 -27.77
CA CYS E 653 -34.04 -11.43 -28.83
C CYS E 653 -33.13 -10.21 -28.77
N ARG E 654 -32.71 -9.75 -29.94
CA ARG E 654 -31.94 -8.52 -30.06
C ARG E 654 -32.49 -7.68 -31.20
N THR E 655 -32.12 -6.40 -31.19
CA THR E 655 -32.69 -5.39 -32.06
C THR E 655 -31.57 -4.62 -32.75
N ASN E 656 -31.83 -4.21 -33.99
CA ASN E 656 -30.87 -3.41 -34.74
C ASN E 656 -31.63 -2.59 -35.78
N VAL E 657 -31.67 -1.27 -35.58
CA VAL E 657 -32.34 -0.36 -36.52
C VAL E 657 -31.29 0.08 -37.53
N LEU E 658 -31.32 -0.52 -38.71
CA LEU E 658 -30.48 -0.06 -39.82
C LEU E 658 -30.99 1.30 -40.25
N GLY E 659 -30.33 2.36 -39.79
CA GLY E 659 -30.70 3.70 -40.16
C GLY E 659 -30.20 4.03 -41.54
N HIS E 660 -29.29 4.99 -41.63
CA HIS E 660 -28.69 5.40 -42.88
C HIS E 660 -27.57 4.46 -43.35
N LEU E 661 -27.41 3.29 -42.73
CA LEU E 661 -26.52 2.28 -43.29
C LEU E 661 -26.99 1.75 -44.64
N GLN E 662 -28.28 1.89 -44.95
CA GLN E 662 -28.84 1.43 -46.22
C GLN E 662 -28.82 2.51 -47.30
N GLN E 663 -28.24 3.69 -47.01
CA GLN E 663 -28.42 4.89 -47.83
C GLN E 663 -27.14 5.29 -48.56
N GLY E 664 -26.07 5.60 -47.81
CA GLY E 664 -24.92 6.28 -48.36
C GLY E 664 -23.93 5.47 -49.15
N GLY E 665 -24.15 4.16 -49.32
CA GLY E 665 -23.19 3.33 -50.01
C GLY E 665 -23.05 3.71 -51.47
N ALA E 666 -21.90 3.35 -52.03
CA ALA E 666 -21.69 3.54 -53.46
C ALA E 666 -22.68 2.66 -54.24
N PRO E 667 -23.08 3.06 -55.45
CA PRO E 667 -24.06 2.25 -56.18
C PRO E 667 -23.49 0.90 -56.59
N THR E 668 -24.34 -0.11 -56.51
CA THR E 668 -24.00 -1.43 -56.99
C THR E 668 -23.84 -1.38 -58.51
N PRO E 669 -23.20 -2.39 -59.12
CA PRO E 669 -23.06 -2.38 -60.59
C PRO E 669 -24.39 -2.36 -61.33
N PHE E 670 -25.40 -3.03 -60.79
CA PHE E 670 -26.73 -2.99 -61.40
C PHE E 670 -27.26 -1.57 -61.44
N ASP E 671 -27.12 -0.83 -60.33
CA ASP E 671 -27.61 0.54 -60.28
C ASP E 671 -26.86 1.44 -61.25
N ARG E 672 -25.56 1.24 -61.39
CA ARG E 672 -24.77 2.05 -62.34
C ARG E 672 -25.23 1.80 -63.77
N ASN E 673 -25.29 0.54 -64.19
CA ASN E 673 -25.76 0.22 -65.54
C ASN E 673 -27.20 0.69 -65.73
N TYR E 674 -28.06 0.46 -64.73
CA TYR E 674 -29.46 0.84 -64.83
C TYR E 674 -29.62 2.35 -64.97
N GLY E 675 -28.96 3.11 -64.08
CA GLY E 675 -29.03 4.56 -64.18
C GLY E 675 -28.39 5.08 -65.45
N THR E 676 -27.28 4.48 -65.86
CA THR E 676 -26.65 4.80 -67.14
C THR E 676 -27.65 4.64 -68.28
N LYS E 677 -28.28 3.47 -68.37
CA LYS E 677 -29.20 3.18 -69.46
C LYS E 677 -30.43 4.08 -69.42
N LEU E 678 -31.00 4.31 -68.23
CA LEU E 678 -32.19 5.14 -68.14
C LEU E 678 -31.89 6.60 -68.45
N GLY E 679 -30.69 7.08 -68.10
CA GLY E 679 -30.31 8.42 -68.49
C GLY E 679 -30.21 8.57 -70.00
N VAL E 680 -29.69 7.54 -70.67
CA VAL E 680 -29.70 7.52 -72.13
C VAL E 680 -31.13 7.51 -72.65
N LYS E 681 -31.94 6.55 -72.18
CA LYS E 681 -33.31 6.39 -72.67
C LYS E 681 -34.15 7.63 -72.41
N ALA E 682 -33.98 8.25 -71.24
CA ALA E 682 -34.70 9.48 -70.95
C ALA E 682 -34.28 10.59 -71.90
N MET E 683 -32.98 10.68 -72.20
CA MET E 683 -32.51 11.74 -73.09
C MET E 683 -32.96 11.51 -74.53
N LEU E 684 -32.96 10.25 -74.98
CA LEU E 684 -33.48 9.94 -76.30
C LEU E 684 -34.94 10.35 -76.42
N TRP E 685 -35.75 9.98 -75.43
CA TRP E 685 -37.17 10.32 -75.47
C TRP E 685 -37.38 11.82 -75.34
N LEU E 686 -36.54 12.49 -74.54
CA LEU E 686 -36.60 13.94 -74.46
C LEU E 686 -36.38 14.57 -75.83
N SER E 687 -35.34 14.12 -76.54
CA SER E 687 -35.05 14.66 -77.87
C SER E 687 -36.18 14.38 -78.84
N GLU E 688 -36.74 13.16 -78.81
CA GLU E 688 -37.83 12.82 -79.73
C GLU E 688 -39.07 13.67 -79.44
N LYS E 689 -39.43 13.78 -78.16
CA LYS E 689 -40.62 14.56 -77.80
C LYS E 689 -40.41 16.04 -78.12
N LEU E 690 -39.22 16.57 -77.87
CA LEU E 690 -38.98 17.98 -78.13
C LEU E 690 -39.04 18.29 -79.63
N ARG E 691 -38.57 17.38 -80.46
CA ARG E 691 -38.72 17.55 -81.90
C ARG E 691 -40.19 17.45 -82.30
N GLU E 692 -40.95 16.57 -81.65
CA GLU E 692 -42.37 16.43 -81.96
C GLU E 692 -43.17 17.67 -81.53
N VAL E 693 -42.70 18.37 -80.50
CA VAL E 693 -43.46 19.48 -79.90
C VAL E 693 -43.03 20.84 -80.44
N TYR E 694 -41.86 20.95 -81.08
CA TYR E 694 -41.39 22.23 -81.56
C TYR E 694 -42.18 22.63 -82.81
N ARG E 695 -42.99 23.68 -82.69
CA ARG E 695 -43.79 24.18 -83.79
C ARG E 695 -43.99 25.68 -83.62
N LYS E 696 -44.19 26.37 -84.75
CA LYS E 696 -44.37 27.82 -84.77
C LYS E 696 -43.15 28.55 -84.20
N GLY E 697 -41.97 27.95 -84.33
CA GLY E 697 -40.75 28.58 -83.87
C GLY E 697 -40.51 28.56 -82.38
N ARG E 698 -41.35 27.85 -81.60
CA ARG E 698 -41.15 27.76 -80.16
C ARG E 698 -41.67 26.42 -79.67
N VAL E 699 -41.20 26.02 -78.49
CA VAL E 699 -41.63 24.79 -77.83
C VAL E 699 -42.88 25.10 -77.02
N PHE E 700 -43.91 24.25 -77.18
CA PHE E 700 -45.17 24.40 -76.44
C PHE E 700 -45.68 23.00 -76.10
N ALA E 701 -45.30 22.53 -74.91
CA ALA E 701 -45.65 21.19 -74.43
C ALA E 701 -46.85 21.32 -73.50
N ASN E 702 -48.05 21.10 -74.05
CA ASN E 702 -49.30 21.19 -73.30
C ASN E 702 -49.98 19.85 -73.09
N ALA E 703 -49.76 18.88 -73.97
CA ALA E 703 -50.43 17.60 -73.85
C ALA E 703 -49.90 16.84 -72.61
N PRO E 704 -50.71 15.93 -72.04
CA PRO E 704 -50.22 15.18 -70.87
C PRO E 704 -49.05 14.26 -71.19
N ASP E 705 -48.89 13.83 -72.45
CA ASP E 705 -47.82 12.92 -72.81
C ASP E 705 -46.42 13.54 -72.70
N SER E 706 -46.32 14.86 -72.52
CA SER E 706 -45.02 15.52 -72.43
C SER E 706 -44.39 15.45 -71.04
N ALA E 707 -45.06 14.83 -70.05
CA ALA E 707 -44.56 14.73 -68.68
C ALA E 707 -44.71 13.29 -68.20
N CYS E 708 -43.64 12.49 -68.36
CA CYS E 708 -43.67 11.06 -68.10
C CYS E 708 -42.57 10.65 -67.12
N VAL E 709 -42.88 9.62 -66.33
CA VAL E 709 -41.86 8.87 -65.60
C VAL E 709 -41.28 7.84 -66.56
N ILE E 710 -39.95 7.73 -66.61
CA ILE E 710 -39.25 6.82 -67.54
C ILE E 710 -39.78 5.39 -67.40
N GLY E 711 -39.77 4.86 -66.18
CA GLY E 711 -40.42 3.59 -65.92
C GLY E 711 -39.79 2.36 -66.51
N LEU E 712 -39.39 1.41 -65.66
CA LEU E 712 -39.22 0.02 -66.05
C LEU E 712 -40.42 -0.74 -65.50
N LYS E 713 -41.28 -1.20 -66.39
CA LYS E 713 -42.55 -1.85 -66.02
C LYS E 713 -42.65 -3.18 -66.75
N LYS E 714 -42.74 -4.26 -65.97
CA LYS E 714 -42.86 -5.62 -66.47
C LYS E 714 -41.71 -5.96 -67.42
N LYS E 715 -41.97 -5.99 -68.74
CA LYS E 715 -41.01 -6.51 -69.70
C LYS E 715 -40.10 -5.44 -70.29
N ALA E 716 -40.51 -4.16 -70.26
CA ALA E 716 -39.87 -3.14 -71.05
C ALA E 716 -39.96 -1.79 -70.35
N VAL E 717 -39.12 -0.87 -70.82
CA VAL E 717 -39.20 0.52 -70.40
C VAL E 717 -40.47 1.13 -70.99
N ALA E 718 -41.15 1.97 -70.20
CA ALA E 718 -42.46 2.48 -70.58
C ALA E 718 -42.67 3.85 -69.95
N PHE E 719 -42.80 4.87 -70.79
CA PHE E 719 -43.04 6.24 -70.35
C PHE E 719 -44.50 6.38 -69.96
N SER E 720 -44.76 6.55 -68.67
CA SER E 720 -46.12 6.69 -68.14
C SER E 720 -46.38 8.15 -67.82
N PRO E 721 -47.38 8.82 -68.42
CA PRO E 721 -47.64 10.22 -68.04
C PRO E 721 -48.03 10.34 -66.57
N VAL E 722 -47.49 11.37 -65.92
CA VAL E 722 -47.69 11.57 -64.49
C VAL E 722 -49.16 11.78 -64.17
N THR E 723 -49.89 12.43 -65.08
CA THR E 723 -51.33 12.64 -64.85
C THR E 723 -52.07 11.31 -64.81
N GLU E 724 -51.71 10.38 -65.69
CA GLU E 724 -52.35 9.07 -65.67
C GLU E 724 -51.98 8.31 -64.40
N LEU E 725 -50.72 8.42 -63.96
CA LEU E 725 -50.29 7.77 -62.73
C LEU E 725 -50.92 8.37 -61.49
N LYS E 726 -51.48 9.58 -61.58
CA LYS E 726 -52.08 10.23 -60.41
C LYS E 726 -53.22 9.41 -59.83
N LYS E 727 -53.94 8.65 -60.66
CA LYS E 727 -55.00 7.79 -60.16
C LYS E 727 -54.46 6.74 -59.20
N ASP E 728 -53.32 6.12 -59.56
CA ASP E 728 -52.75 5.00 -58.80
C ASP E 728 -51.70 5.45 -57.79
N THR E 729 -51.83 6.66 -57.25
CA THR E 729 -50.86 7.22 -56.31
C THR E 729 -51.54 7.51 -54.99
N ASP E 730 -50.99 6.94 -53.92
CA ASP E 730 -51.42 7.23 -52.54
C ASP E 730 -50.55 8.37 -52.04
N PHE E 731 -51.00 9.60 -52.26
CA PHE E 731 -50.19 10.77 -51.94
C PHE E 731 -50.00 10.92 -50.43
N GLU E 732 -50.98 10.52 -49.63
CA GLU E 732 -50.84 10.58 -48.17
C GLU E 732 -49.65 9.75 -47.70
N HIS E 733 -49.56 8.51 -48.18
CA HIS E 733 -48.48 7.60 -47.81
C HIS E 733 -47.29 7.66 -48.76
N ARG E 734 -47.36 8.46 -49.82
CA ARG E 734 -46.26 8.64 -50.78
C ARG E 734 -45.80 7.31 -51.37
N MET E 735 -46.76 6.55 -51.88
CA MET E 735 -46.48 5.26 -52.50
C MET E 735 -47.56 4.96 -53.52
N PRO E 736 -47.33 4.07 -54.46
CA PRO E 736 -48.41 3.67 -55.37
C PRO E 736 -49.39 2.75 -54.67
N ARG E 737 -50.63 2.76 -55.17
CA ARG E 737 -51.70 1.98 -54.55
C ARG E 737 -51.56 0.50 -54.86
N GLU E 738 -51.20 0.16 -56.09
CA GLU E 738 -51.03 -1.22 -56.55
C GLU E 738 -49.57 -1.41 -56.91
N GLN E 739 -48.85 -2.15 -56.07
CA GLN E 739 -47.43 -2.41 -56.25
C GLN E 739 -47.25 -3.85 -56.73
N TRP E 740 -46.40 -4.01 -57.74
CA TRP E 740 -46.23 -5.31 -58.38
C TRP E 740 -45.66 -6.37 -57.43
N TRP E 741 -44.93 -5.95 -56.40
CA TRP E 741 -44.10 -6.86 -55.61
C TRP E 741 -44.84 -7.53 -54.46
N LEU E 742 -46.13 -7.23 -54.25
CA LEU E 742 -46.86 -7.90 -53.16
C LEU E 742 -46.97 -9.41 -53.37
N SER E 743 -46.85 -9.89 -54.60
CA SER E 743 -46.83 -11.32 -54.82
C SER E 743 -45.57 -11.97 -54.25
N LEU E 744 -44.46 -11.21 -54.17
CA LEU E 744 -43.23 -11.74 -53.59
C LEU E 744 -43.36 -12.06 -52.11
N ARG E 745 -44.33 -11.44 -51.42
CA ARG E 745 -44.60 -11.77 -50.02
C ARG E 745 -44.94 -13.25 -49.88
N LEU E 746 -45.67 -13.78 -50.86
CA LEU E 746 -46.08 -15.18 -50.83
C LEU E 746 -44.87 -16.10 -50.89
N MET E 747 -43.89 -15.76 -51.73
CA MET E 747 -42.65 -16.52 -51.78
C MET E 747 -41.87 -16.40 -50.48
N LEU E 748 -41.82 -15.19 -49.92
CA LEU E 748 -41.15 -14.96 -48.63
C LEU E 748 -41.75 -15.86 -47.55
N LYS E 749 -43.08 -15.85 -47.44
CA LYS E 749 -43.75 -16.63 -46.41
C LYS E 749 -43.60 -18.13 -46.66
N MET E 750 -43.64 -18.54 -47.93
CA MET E 750 -43.49 -19.96 -48.26
C MET E 750 -42.12 -20.46 -47.85
N LEU E 751 -41.06 -19.71 -48.16
CA LEU E 751 -39.71 -20.13 -47.83
C LEU E 751 -39.45 -20.16 -46.32
N ALA E 752 -40.31 -19.56 -45.51
CA ALA E 752 -40.23 -19.60 -44.05
C ALA E 752 -41.25 -20.57 -43.43
N GLN E 753 -41.75 -21.55 -44.19
CA GLN E 753 -42.67 -22.61 -43.76
C GLN E 753 -44.09 -22.12 -43.47
N TYR E 754 -44.43 -20.86 -43.73
CA TYR E 754 -45.79 -20.42 -43.51
C TYR E 754 -46.71 -20.99 -44.59
N ARG E 755 -47.71 -21.76 -44.17
CA ARG E 755 -48.66 -22.37 -45.10
C ARG E 755 -49.62 -21.31 -45.63
N ILE E 756 -49.23 -20.67 -46.73
CA ILE E 756 -49.99 -19.59 -47.35
C ILE E 756 -50.40 -20.05 -48.73
N SER E 757 -51.70 -20.08 -48.99
CA SER E 757 -52.22 -20.48 -50.31
C SER E 757 -51.88 -19.38 -51.30
N MET E 758 -50.85 -19.61 -52.11
CA MET E 758 -50.39 -18.62 -53.09
C MET E 758 -51.09 -18.76 -54.43
N ALA E 759 -52.41 -18.92 -54.41
CA ALA E 759 -53.18 -18.94 -55.65
C ALA E 759 -53.15 -17.59 -56.37
N ALA E 760 -52.81 -16.51 -55.67
CA ALA E 760 -52.70 -15.20 -56.30
C ALA E 760 -51.39 -14.99 -57.05
N TYR E 761 -50.43 -15.91 -56.95
CA TYR E 761 -49.19 -15.78 -57.68
C TYR E 761 -49.39 -16.16 -59.15
N VAL E 762 -48.92 -15.28 -60.04
CA VAL E 762 -49.02 -15.48 -61.48
C VAL E 762 -47.63 -15.81 -62.01
N SER E 763 -47.52 -16.95 -62.68
CA SER E 763 -46.26 -17.42 -63.26
C SER E 763 -46.21 -17.10 -64.74
N GLY E 764 -45.00 -16.85 -65.23
CA GLY E 764 -44.82 -16.55 -66.64
C GLY E 764 -45.21 -17.73 -67.51
N GLU E 765 -45.91 -17.44 -68.61
CA GLU E 765 -46.38 -18.46 -69.54
C GLU E 765 -45.31 -18.72 -70.61
N LEU E 766 -45.55 -19.77 -71.40
CA LEU E 766 -44.66 -20.09 -72.50
C LEU E 766 -44.66 -18.96 -73.52
N GLU E 767 -43.46 -18.55 -73.93
CA GLU E 767 -43.28 -17.55 -74.97
C GLU E 767 -42.17 -18.00 -75.90
N HIS E 768 -42.42 -17.91 -77.20
CA HIS E 768 -41.38 -18.21 -78.17
C HIS E 768 -40.27 -17.17 -78.06
N VAL E 769 -39.07 -17.58 -78.46
CA VAL E 769 -37.93 -16.68 -78.45
C VAL E 769 -38.19 -15.53 -79.43
N THR E 770 -37.74 -14.33 -79.06
CA THR E 770 -37.93 -13.15 -79.89
C THR E 770 -36.84 -13.08 -80.97
N ARG E 771 -36.87 -14.07 -81.86
CA ARG E 771 -35.91 -14.26 -82.97
C ARG E 771 -34.45 -14.01 -82.59
N ALA F 11 8.02 24.98 -25.35
CA ALA F 11 7.57 23.60 -25.72
C ALA F 11 7.01 23.58 -27.13
N SER F 12 6.13 24.53 -27.44
CA SER F 12 5.51 24.61 -28.76
C SER F 12 6.56 24.94 -29.81
N GLY F 13 6.34 24.43 -31.02
CA GLY F 13 7.21 24.67 -32.15
C GLY F 13 6.79 25.89 -32.95
N ALA F 14 6.73 27.04 -32.28
CA ALA F 14 6.36 28.28 -32.96
C ALA F 14 7.57 28.89 -33.65
N GLY F 15 7.31 29.62 -34.73
CA GLY F 15 8.35 30.28 -35.49
C GLY F 15 9.09 29.40 -36.47
N LYS F 16 8.76 28.11 -36.56
CA LYS F 16 9.39 27.16 -37.48
C LYS F 16 8.32 26.50 -38.33
N ALA F 17 8.74 26.08 -39.53
CA ALA F 17 7.84 25.55 -40.54
C ALA F 17 8.14 24.08 -40.79
N ILE F 18 7.09 23.29 -41.04
CA ILE F 18 7.19 21.85 -41.25
C ILE F 18 6.73 21.55 -42.67
N GLY F 19 7.57 20.86 -43.43
CA GLY F 19 7.21 20.37 -44.75
C GLY F 19 6.86 18.89 -44.68
N VAL F 20 5.77 18.53 -45.35
CA VAL F 20 5.30 17.15 -45.44
C VAL F 20 5.17 16.80 -46.91
N LEU F 21 5.74 15.66 -47.29
CA LEU F 21 5.68 15.16 -48.66
C LEU F 21 5.48 13.66 -48.63
N THR F 22 4.93 13.14 -49.73
CA THR F 22 4.75 11.71 -49.94
C THR F 22 5.45 11.32 -51.24
N SER F 23 6.14 10.18 -51.21
CA SER F 23 6.88 9.69 -52.37
C SER F 23 6.81 8.17 -52.42
N GLY F 24 6.98 7.63 -53.62
CA GLY F 24 6.87 6.21 -53.86
C GLY F 24 5.46 5.78 -54.17
N GLY F 25 5.24 4.46 -54.08
CA GLY F 25 3.91 3.93 -54.27
C GLY F 25 2.96 4.44 -53.21
N ASP F 26 1.76 4.81 -53.64
CA ASP F 26 0.80 5.50 -52.77
C ASP F 26 0.15 4.47 -51.83
N ALA F 27 0.87 4.14 -50.77
CA ALA F 27 0.33 3.27 -49.73
C ALA F 27 -0.89 3.91 -49.10
N GLN F 28 -2.01 3.19 -49.11
CA GLN F 28 -3.22 3.70 -48.50
C GLN F 28 -3.02 3.82 -46.99
N GLY F 29 -3.57 4.89 -46.41
CA GLY F 29 -3.22 5.34 -45.09
C GLY F 29 -2.21 6.47 -45.08
N MET F 30 -1.61 6.80 -46.24
CA MET F 30 -0.77 7.99 -46.34
C MET F 30 -1.57 9.24 -46.00
N ASN F 31 -2.83 9.32 -46.44
CA ASN F 31 -3.64 10.49 -46.16
C ASN F 31 -3.88 10.67 -44.67
N ALA F 32 -4.01 9.56 -43.94
CA ALA F 32 -4.12 9.65 -42.48
C ALA F 32 -2.84 10.22 -41.87
N ALA F 33 -1.69 9.77 -42.36
CA ALA F 33 -0.42 10.29 -41.86
C ALA F 33 -0.25 11.77 -42.20
N VAL F 34 -0.60 12.16 -43.43
CA VAL F 34 -0.50 13.56 -43.83
C VAL F 34 -1.43 14.42 -43.00
N ARG F 35 -2.66 13.95 -42.78
CA ARG F 35 -3.63 14.69 -41.96
C ARG F 35 -3.10 14.91 -40.56
N ALA F 36 -2.57 13.85 -39.94
CA ALA F 36 -2.05 13.97 -38.58
C ALA F 36 -0.84 14.87 -38.52
N VAL F 37 0.04 14.78 -39.51
CA VAL F 37 1.23 15.64 -39.56
C VAL F 37 0.81 17.09 -39.69
N THR F 38 -0.09 17.38 -40.63
CA THR F 38 -0.55 18.74 -40.83
C THR F 38 -1.23 19.27 -39.58
N ARG F 39 -2.19 18.51 -39.05
CA ARG F 39 -2.99 19.02 -37.96
C ARG F 39 -2.23 19.10 -36.65
N MET F 40 -1.16 18.32 -36.48
CA MET F 40 -0.28 18.55 -35.34
C MET F 40 0.59 19.78 -35.54
N GLY F 41 1.09 19.98 -36.77
CA GLY F 41 1.99 21.08 -37.02
C GLY F 41 1.36 22.45 -36.83
N ILE F 42 0.10 22.61 -37.28
CA ILE F 42 -0.61 23.86 -37.05
C ILE F 42 -1.30 23.89 -35.69
N TYR F 43 -1.43 22.75 -35.01
CA TYR F 43 -1.89 22.74 -33.63
C TYR F 43 -0.83 23.32 -32.70
N VAL F 44 0.43 22.90 -32.89
CA VAL F 44 1.54 23.42 -32.11
C VAL F 44 2.04 24.78 -32.58
N GLY F 45 1.37 25.40 -33.56
CA GLY F 45 1.73 26.72 -34.04
C GLY F 45 2.72 26.75 -35.18
N ALA F 46 3.31 25.62 -35.55
CA ALA F 46 4.21 25.59 -36.69
C ALA F 46 3.44 25.79 -37.98
N LYS F 47 4.12 26.36 -38.98
CA LYS F 47 3.56 26.46 -40.32
C LYS F 47 3.78 25.15 -41.06
N VAL F 48 2.71 24.62 -41.66
CA VAL F 48 2.77 23.37 -42.40
C VAL F 48 2.68 23.70 -43.88
N PHE F 49 3.65 23.19 -44.65
CA PHE F 49 3.71 23.36 -46.10
C PHE F 49 3.56 22.00 -46.77
N LEU F 50 2.56 21.88 -47.63
CA LEU F 50 2.30 20.65 -48.38
C LEU F 50 3.08 20.68 -49.68
N ILE F 51 3.95 19.69 -49.87
CA ILE F 51 4.78 19.57 -51.06
C ILE F 51 4.12 18.53 -51.96
N TYR F 52 3.49 18.99 -53.04
CA TYR F 52 2.71 18.11 -53.90
C TYR F 52 3.64 17.32 -54.81
N GLU F 53 3.22 16.10 -55.15
CA GLU F 53 3.98 15.17 -56.00
C GLU F 53 5.32 14.76 -55.38
N GLY F 54 5.51 14.96 -54.07
CA GLY F 54 6.71 14.46 -53.42
C GLY F 54 7.96 15.22 -53.84
N TYR F 55 9.03 14.46 -54.08
CA TYR F 55 10.30 15.04 -54.49
C TYR F 55 10.20 15.79 -55.81
N GLU F 56 9.25 15.42 -56.67
CA GLU F 56 8.97 16.18 -57.87
C GLU F 56 8.70 17.63 -57.51
N GLY F 57 7.60 17.89 -56.79
CA GLY F 57 7.29 19.26 -56.41
C GLY F 57 8.33 19.88 -55.51
N LEU F 58 9.09 19.06 -54.78
CA LEU F 58 10.26 19.59 -54.07
C LEU F 58 11.25 20.19 -55.06
N VAL F 59 11.46 19.53 -56.19
CA VAL F 59 12.42 20.02 -57.19
C VAL F 59 11.89 21.27 -57.87
N GLU F 60 10.77 21.15 -58.59
CA GLU F 60 10.21 22.32 -59.27
C GLU F 60 9.77 23.39 -58.27
N GLY F 61 9.17 22.98 -57.15
CA GLY F 61 8.79 23.95 -56.13
C GLY F 61 7.75 24.93 -56.62
N GLY F 62 7.83 26.14 -56.09
CA GLY F 62 6.96 27.21 -56.51
C GLY F 62 5.51 26.93 -56.18
N GLU F 63 4.70 26.71 -57.22
CA GLU F 63 3.29 26.42 -57.01
C GLU F 63 3.08 25.10 -56.28
N ASN F 64 4.04 24.18 -56.38
CA ASN F 64 3.88 22.85 -55.77
C ASN F 64 4.05 22.85 -54.26
N ILE F 65 4.43 23.98 -53.65
CA ILE F 65 4.59 24.08 -52.20
C ILE F 65 3.59 25.13 -51.74
N LYS F 66 2.60 24.69 -50.95
CA LYS F 66 1.53 25.53 -50.45
C LYS F 66 1.41 25.36 -48.94
N GLN F 67 1.19 26.48 -48.25
CA GLN F 67 0.95 26.40 -46.81
C GLN F 67 -0.42 25.80 -46.55
N ALA F 68 -0.48 24.91 -45.56
CA ALA F 68 -1.69 24.21 -45.19
C ALA F 68 -2.42 24.92 -44.05
N ASN F 69 -3.73 24.84 -44.10
CA ASN F 69 -4.62 25.20 -43.00
C ASN F 69 -5.26 23.91 -42.47
N TRP F 70 -6.11 24.07 -41.45
CA TRP F 70 -6.76 22.91 -40.84
C TRP F 70 -7.68 22.20 -41.83
N LEU F 71 -8.35 22.98 -42.70
CA LEU F 71 -9.26 22.39 -43.66
C LEU F 71 -8.57 21.83 -44.90
N SER F 72 -7.26 22.00 -45.04
CA SER F 72 -6.57 21.44 -46.20
C SER F 72 -6.56 19.91 -46.17
N VAL F 73 -6.57 19.32 -44.97
CA VAL F 73 -6.57 17.87 -44.79
C VAL F 73 -7.91 17.41 -44.22
N SER F 74 -8.98 18.15 -44.53
CA SER F 74 -10.30 17.80 -44.04
C SER F 74 -10.89 16.66 -44.87
N ASN F 75 -11.41 15.64 -44.19
CA ASN F 75 -12.17 14.57 -44.83
C ASN F 75 -11.31 13.79 -45.83
N ILE F 76 -10.10 13.45 -45.42
CA ILE F 76 -9.19 12.63 -46.21
C ILE F 76 -8.79 11.33 -45.53
N ILE F 77 -9.09 11.16 -44.24
CA ILE F 77 -8.58 10.02 -43.48
C ILE F 77 -9.08 8.70 -44.05
N GLN F 78 -10.30 8.67 -44.58
CA GLN F 78 -10.84 7.46 -45.19
C GLN F 78 -10.37 7.24 -46.62
N LEU F 79 -9.68 8.20 -47.23
CA LEU F 79 -9.23 8.06 -48.61
C LEU F 79 -7.90 7.32 -48.66
N GLY F 80 -7.82 6.34 -49.57
CA GLY F 80 -6.57 5.71 -49.87
C GLY F 80 -5.71 6.58 -50.76
N GLY F 81 -4.52 6.07 -51.08
CA GLY F 81 -3.59 6.85 -51.87
C GLY F 81 -3.08 8.04 -51.09
N THR F 82 -2.94 9.18 -51.77
CA THR F 82 -2.43 10.38 -51.15
C THR F 82 -2.97 11.60 -51.89
N ILE F 83 -3.61 12.51 -51.16
CA ILE F 83 -4.10 13.75 -51.77
C ILE F 83 -2.94 14.64 -52.17
N ILE F 84 -1.79 14.51 -51.48
CA ILE F 84 -0.61 15.29 -51.83
C ILE F 84 -0.08 14.85 -53.19
N GLY F 85 -0.21 13.57 -53.51
CA GLY F 85 0.32 13.05 -54.74
C GLY F 85 1.77 12.66 -54.58
N SER F 86 2.17 11.60 -55.27
CA SER F 86 3.53 11.08 -55.27
C SER F 86 3.99 10.94 -56.70
N ALA F 87 5.31 11.06 -56.89
CA ALA F 87 5.90 10.92 -58.23
C ALA F 87 7.30 10.36 -58.11
N ARG F 88 7.67 9.57 -59.12
CA ARG F 88 9.06 9.18 -59.31
C ARG F 88 9.78 10.30 -60.06
N CYS F 89 10.77 10.91 -59.41
CA CYS F 89 11.62 11.91 -60.03
C CYS F 89 13.06 11.44 -59.96
N LYS F 90 13.75 11.47 -61.09
CA LYS F 90 15.18 11.18 -61.14
C LYS F 90 16.03 12.38 -60.77
N ALA F 91 15.45 13.59 -60.75
CA ALA F 91 16.23 14.79 -60.41
C ALA F 91 16.79 14.71 -58.99
N PHE F 92 16.00 14.19 -58.05
CA PHE F 92 16.48 14.05 -56.68
C PHE F 92 17.62 13.04 -56.56
N THR F 93 17.76 12.13 -57.54
CA THR F 93 18.91 11.23 -57.54
C THR F 93 20.20 12.01 -57.75
N THR F 94 20.19 13.02 -58.61
CA THR F 94 21.35 13.82 -58.94
C THR F 94 21.41 15.08 -58.09
N ARG F 95 22.63 15.59 -57.87
CA ARG F 95 22.80 16.79 -57.08
C ARG F 95 22.23 18.03 -57.76
N GLU F 96 22.09 18.02 -59.09
CA GLU F 96 21.53 19.17 -59.79
C GLU F 96 20.12 19.47 -59.33
N GLY F 97 19.29 18.44 -59.19
CA GLY F 97 17.92 18.65 -58.72
C GLY F 97 17.82 18.75 -57.22
N ARG F 98 18.72 18.09 -56.50
CA ARG F 98 18.68 18.12 -55.04
C ARG F 98 19.04 19.50 -54.51
N ARG F 99 19.95 20.20 -55.19
CA ARG F 99 20.24 21.58 -54.82
C ARG F 99 19.03 22.48 -55.04
N ALA F 100 18.31 22.26 -56.14
CA ALA F 100 17.08 23.02 -56.37
C ALA F 100 16.04 22.72 -55.30
N ALA F 101 15.98 21.46 -54.84
CA ALA F 101 15.09 21.12 -53.74
C ALA F 101 15.47 21.86 -52.46
N ALA F 102 16.77 21.92 -52.16
CA ALA F 102 17.22 22.64 -50.98
C ALA F 102 16.91 24.13 -51.10
N TYR F 103 17.05 24.69 -52.31
CA TYR F 103 16.72 26.09 -52.52
C TYR F 103 15.24 26.34 -52.20
N ASN F 104 14.35 25.54 -52.79
CA ASN F 104 12.92 25.76 -52.61
C ASN F 104 12.48 25.59 -51.16
N LEU F 105 13.14 24.70 -50.42
CA LEU F 105 12.85 24.59 -48.99
C LEU F 105 13.29 25.84 -48.25
N VAL F 106 14.44 26.40 -48.63
CA VAL F 106 14.94 27.58 -47.93
C VAL F 106 14.08 28.80 -48.23
N GLN F 107 13.50 28.88 -49.44
CA GLN F 107 12.68 30.03 -49.80
C GLN F 107 11.45 30.14 -48.92
N HIS F 108 10.95 29.01 -48.39
CA HIS F 108 9.80 28.98 -47.49
C HIS F 108 10.20 28.84 -46.02
N GLY F 109 11.50 28.84 -45.71
CA GLY F 109 11.91 28.66 -44.32
C GLY F 109 11.54 27.32 -43.74
N ILE F 110 11.58 26.27 -44.56
CA ILE F 110 11.18 24.93 -44.13
C ILE F 110 12.47 24.22 -43.71
N THR F 111 12.79 24.33 -42.42
CA THR F 111 13.90 23.59 -41.82
C THR F 111 13.50 22.20 -41.35
N ASN F 112 12.23 21.82 -41.49
CA ASN F 112 11.70 20.56 -40.97
C ASN F 112 10.96 19.86 -42.09
N LEU F 113 11.34 18.61 -42.38
CA LEU F 113 10.77 17.83 -43.47
C LEU F 113 10.32 16.48 -42.96
N CYS F 114 9.06 16.13 -43.24
CA CYS F 114 8.53 14.79 -43.00
C CYS F 114 8.34 14.11 -44.35
N VAL F 115 9.01 12.98 -44.54
CA VAL F 115 8.98 12.21 -45.78
C VAL F 115 8.24 10.91 -45.50
N ILE F 116 7.14 10.70 -46.22
CA ILE F 116 6.31 9.50 -46.10
C ILE F 116 6.52 8.70 -47.38
N GLY F 117 7.24 7.58 -47.28
CA GLY F 117 7.51 6.81 -48.48
C GLY F 117 8.21 5.52 -48.15
N GLY F 118 8.57 4.79 -49.19
CA GLY F 118 9.21 3.49 -49.04
C GLY F 118 10.69 3.59 -48.78
N ASP F 119 11.38 2.49 -49.03
CA ASP F 119 12.81 2.41 -48.76
C ASP F 119 13.60 3.38 -49.65
N GLY F 120 13.24 3.48 -50.92
CA GLY F 120 13.94 4.40 -51.80
C GLY F 120 13.70 5.84 -51.41
N SER F 121 12.48 6.16 -50.98
CA SER F 121 12.16 7.50 -50.50
C SER F 121 13.03 7.87 -49.31
N LEU F 122 13.16 6.96 -48.35
CA LEU F 122 13.92 7.26 -47.14
C LEU F 122 15.41 7.25 -47.40
N THR F 123 15.87 6.46 -48.37
CA THR F 123 17.28 6.55 -48.79
C THR F 123 17.57 7.92 -49.40
N GLY F 124 16.66 8.41 -50.24
CA GLY F 124 16.84 9.75 -50.79
C GLY F 124 16.82 10.83 -49.72
N ALA F 125 15.97 10.66 -48.71
CA ALA F 125 15.93 11.60 -47.61
C ALA F 125 17.22 11.55 -46.80
N ASN F 126 17.80 10.36 -46.63
CA ASN F 126 19.06 10.24 -45.90
C ASN F 126 20.19 10.92 -46.65
N ILE F 127 20.27 10.71 -47.97
CA ILE F 127 21.32 11.34 -48.75
C ILE F 127 21.08 12.85 -48.81
N PHE F 128 19.83 13.29 -48.65
CA PHE F 128 19.52 14.71 -48.68
C PHE F 128 19.95 15.40 -47.39
N ARG F 129 19.77 14.73 -46.24
CA ARG F 129 20.31 15.29 -45.00
C ARG F 129 21.82 15.28 -45.01
N SER F 130 22.43 14.16 -45.43
CA SER F 130 23.88 14.03 -45.37
C SER F 130 24.60 15.08 -46.19
N GLU F 131 23.95 15.59 -47.24
CA GLU F 131 24.49 16.61 -48.11
C GLU F 131 23.88 17.99 -47.89
N TRP F 132 23.02 18.15 -46.86
CA TRP F 132 22.33 19.41 -46.67
C TRP F 132 23.29 20.56 -46.40
N GLY F 133 24.32 20.32 -45.59
CA GLY F 133 25.32 21.35 -45.36
C GLY F 133 26.13 21.65 -46.61
N SER F 134 26.55 20.61 -47.32
CA SER F 134 27.31 20.81 -48.56
C SER F 134 26.46 21.48 -49.62
N LEU F 135 25.17 21.10 -49.71
CA LEU F 135 24.29 21.72 -50.68
C LEU F 135 24.10 23.20 -50.39
N LEU F 136 23.91 23.55 -49.12
CA LEU F 136 23.76 24.96 -48.77
C LEU F 136 25.04 25.74 -49.05
N GLU F 137 26.21 25.12 -48.80
CA GLU F 137 27.47 25.78 -49.10
C GLU F 137 27.60 26.05 -50.59
N GLU F 138 27.31 25.04 -51.41
CA GLU F 138 27.41 25.24 -52.86
C GLU F 138 26.35 26.21 -53.36
N LEU F 139 25.21 26.29 -52.68
CA LEU F 139 24.15 27.19 -53.10
C LEU F 139 24.54 28.64 -52.79
N VAL F 140 25.07 28.92 -51.60
CA VAL F 140 25.53 30.27 -51.30
C VAL F 140 26.74 30.61 -52.16
N ALA F 141 27.58 29.63 -52.48
CA ALA F 141 28.73 29.88 -53.32
C ALA F 141 28.30 30.31 -54.72
N GLU F 142 27.25 29.69 -55.25
CA GLU F 142 26.76 30.03 -56.59
C GLU F 142 25.95 31.31 -56.61
N GLY F 143 25.49 31.80 -55.45
CA GLY F 143 24.87 33.11 -55.34
C GLY F 143 23.36 33.13 -55.30
N LYS F 144 22.70 31.99 -55.09
CA LYS F 144 21.25 31.94 -54.99
C LYS F 144 20.72 32.17 -53.58
N ILE F 145 21.60 32.20 -52.57
CA ILE F 145 21.18 32.57 -51.22
C ILE F 145 22.36 33.26 -50.55
N SER F 146 22.07 34.31 -49.80
CA SER F 146 23.12 35.03 -49.10
C SER F 146 23.65 34.19 -47.93
N GLU F 147 24.87 34.51 -47.50
CA GLU F 147 25.46 33.84 -46.35
C GLU F 147 24.58 33.98 -45.13
N THR F 148 24.15 35.20 -44.81
CA THR F 148 23.01 35.38 -43.94
C THR F 148 21.78 34.82 -44.63
N THR F 149 20.88 34.21 -43.84
CA THR F 149 19.75 33.39 -44.26
C THR F 149 20.19 31.98 -44.65
N ALA F 150 21.50 31.67 -44.63
CA ALA F 150 22.03 30.32 -44.80
C ALA F 150 22.65 29.76 -43.54
N ARG F 151 23.18 30.60 -42.66
CA ARG F 151 23.60 30.11 -41.35
C ARG F 151 22.40 29.65 -40.53
N THR F 152 21.31 30.41 -40.56
CA THR F 152 20.02 29.84 -40.21
C THR F 152 19.61 28.88 -41.31
N TYR F 153 18.83 27.86 -40.92
CA TYR F 153 18.49 26.71 -41.76
C TYR F 153 19.70 25.81 -42.04
N SER F 154 20.79 25.96 -41.28
CA SER F 154 21.99 25.16 -41.53
C SER F 154 21.77 23.66 -41.28
N HIS F 155 20.78 23.30 -40.48
CA HIS F 155 20.45 21.91 -40.17
C HIS F 155 19.04 21.62 -40.67
N LEU F 156 18.89 20.51 -41.39
CA LEU F 156 17.60 20.05 -41.89
C LEU F 156 17.16 18.85 -41.06
N ASN F 157 15.98 18.95 -40.48
CA ASN F 157 15.42 17.88 -39.66
C ASN F 157 14.54 16.97 -40.51
N ILE F 158 14.85 15.67 -40.49
CA ILE F 158 14.14 14.65 -41.27
C ILE F 158 13.53 13.66 -40.30
N ALA F 159 12.21 13.50 -40.37
CA ALA F 159 11.49 12.42 -39.72
C ALA F 159 10.82 11.58 -40.80
N GLY F 160 11.23 10.32 -40.91
CA GLY F 160 10.72 9.44 -41.95
C GLY F 160 9.53 8.63 -41.48
N LEU F 161 8.63 8.34 -42.43
CA LEU F 161 7.51 7.45 -42.21
C LEU F 161 7.50 6.43 -43.35
N VAL F 162 7.46 5.15 -42.98
CA VAL F 162 7.57 4.08 -43.98
C VAL F 162 6.17 3.85 -44.54
N GLY F 163 5.88 4.45 -45.69
CA GLY F 163 4.62 4.25 -46.40
C GLY F 163 4.80 3.41 -47.64
N SER F 164 4.50 2.12 -47.53
CA SER F 164 4.68 1.19 -48.63
C SER F 164 4.01 -0.13 -48.27
N ILE F 165 3.60 -0.87 -49.30
CA ILE F 165 3.01 -2.19 -49.10
C ILE F 165 4.08 -3.28 -49.02
N ASP F 166 5.35 -2.96 -49.27
CA ASP F 166 6.39 -3.98 -49.36
C ASP F 166 6.90 -4.38 -47.99
N ASN F 167 7.00 -3.44 -47.06
CA ASN F 167 7.65 -3.67 -45.76
C ASN F 167 9.10 -4.09 -45.96
N ASP F 168 9.75 -3.51 -46.98
CA ASP F 168 11.13 -3.82 -47.32
C ASP F 168 12.13 -3.07 -46.46
N PHE F 169 11.70 -2.07 -45.69
CA PHE F 169 12.60 -1.27 -44.86
C PHE F 169 12.95 -2.09 -43.63
N CYS F 170 14.23 -2.48 -43.52
CA CYS F 170 14.61 -3.55 -42.60
C CYS F 170 14.49 -3.13 -41.15
N GLY F 171 14.83 -1.89 -40.81
CA GLY F 171 14.79 -1.46 -39.43
C GLY F 171 13.41 -1.48 -38.80
N THR F 172 12.36 -1.49 -39.61
CA THR F 172 10.99 -1.33 -39.16
C THR F 172 10.23 -2.64 -39.30
N ASP F 173 9.36 -2.92 -38.33
CA ASP F 173 8.60 -4.17 -38.30
C ASP F 173 7.30 -4.07 -39.07
N MET F 174 6.58 -2.94 -38.95
CA MET F 174 5.30 -2.71 -39.60
C MET F 174 5.32 -1.35 -40.26
N THR F 175 4.80 -1.29 -41.49
CA THR F 175 4.77 -0.08 -42.30
C THR F 175 3.34 0.28 -42.65
N ILE F 176 3.14 1.56 -42.95
CA ILE F 176 1.82 2.06 -43.31
C ILE F 176 1.40 1.44 -44.63
N GLY F 177 0.19 0.90 -44.68
CA GLY F 177 -0.38 0.31 -45.88
C GLY F 177 -0.21 -1.18 -46.00
N THR F 178 0.66 -1.80 -45.19
CA THR F 178 0.81 -3.25 -45.23
C THR F 178 -0.50 -3.93 -44.82
N ASP F 179 -1.13 -3.45 -43.74
CA ASP F 179 -2.37 -4.06 -43.26
C ASP F 179 -3.48 -3.95 -44.30
N SER F 180 -3.59 -2.80 -44.96
CA SER F 180 -4.66 -2.60 -45.93
C SER F 180 -4.42 -3.38 -47.21
N ALA F 181 -3.16 -3.46 -47.65
CA ALA F 181 -2.82 -4.36 -48.74
C ALA F 181 -3.22 -5.79 -48.41
N LEU F 182 -3.03 -6.18 -47.15
CA LEU F 182 -3.47 -7.50 -46.71
C LEU F 182 -4.98 -7.61 -46.69
N HIS F 183 -5.70 -6.52 -46.36
CA HIS F 183 -7.15 -6.53 -46.45
C HIS F 183 -7.61 -6.82 -47.88
N ARG F 184 -7.00 -6.15 -48.86
CA ARG F 184 -7.33 -6.40 -50.27
C ARG F 184 -7.07 -7.85 -50.65
N ILE F 185 -5.90 -8.35 -50.27
CA ILE F 185 -5.50 -9.72 -50.62
C ILE F 185 -6.50 -10.72 -50.05
N MET F 186 -6.84 -10.58 -48.77
CA MET F 186 -7.70 -11.56 -48.12
C MET F 186 -9.15 -11.41 -48.55
N GLU F 187 -9.59 -10.21 -48.93
CA GLU F 187 -10.92 -10.08 -49.55
C GLU F 187 -11.02 -10.93 -50.80
N VAL F 188 -9.96 -10.93 -51.61
CA VAL F 188 -9.94 -11.76 -52.81
C VAL F 188 -9.90 -13.23 -52.44
N ILE F 189 -9.10 -13.60 -51.44
CA ILE F 189 -9.00 -15.01 -51.09
C ILE F 189 -10.30 -15.50 -50.45
N ASP F 190 -10.93 -14.65 -49.64
CA ASP F 190 -12.20 -15.03 -49.02
C ASP F 190 -13.31 -15.19 -50.04
N ALA F 191 -13.22 -14.50 -51.17
CA ALA F 191 -14.15 -14.75 -52.25
C ALA F 191 -14.08 -16.21 -52.70
N ILE F 192 -12.88 -16.79 -52.68
CA ILE F 192 -12.71 -18.18 -53.11
C ILE F 192 -13.10 -19.14 -51.99
N THR F 193 -12.58 -18.92 -50.79
CA THR F 193 -12.67 -19.93 -49.74
C THR F 193 -14.05 -19.99 -49.09
N THR F 194 -14.74 -18.86 -48.99
CA THR F 194 -16.04 -18.86 -48.31
C THR F 194 -17.13 -19.51 -49.16
N THR F 195 -16.94 -19.60 -50.47
CA THR F 195 -17.90 -20.29 -51.32
C THR F 195 -17.92 -21.78 -51.01
N ALA F 196 -19.08 -22.40 -51.24
CA ALA F 196 -19.22 -23.85 -51.13
C ALA F 196 -18.37 -24.49 -52.21
N GLN F 197 -17.22 -25.02 -51.82
CA GLN F 197 -16.23 -25.52 -52.77
C GLN F 197 -16.77 -26.77 -53.44
N SER F 198 -17.04 -26.68 -54.74
CA SER F 198 -17.83 -27.66 -55.46
C SER F 198 -17.00 -28.66 -56.25
N HIS F 199 -15.92 -28.23 -56.89
CA HIS F 199 -15.07 -29.10 -57.71
C HIS F 199 -13.61 -28.82 -57.38
N GLN F 200 -12.76 -29.77 -57.79
CA GLN F 200 -11.33 -29.67 -57.55
C GLN F 200 -10.75 -28.54 -58.39
N ARG F 201 -10.27 -27.50 -57.73
CA ARG F 201 -9.70 -26.33 -58.41
C ARG F 201 -8.51 -25.82 -57.61
N THR F 202 -7.57 -25.19 -58.31
CA THR F 202 -6.35 -24.65 -57.73
C THR F 202 -6.32 -23.14 -57.97
N PHE F 203 -6.17 -22.38 -56.89
CA PHE F 203 -6.17 -20.93 -56.92
C PHE F 203 -4.76 -20.43 -56.70
N VAL F 204 -4.15 -19.86 -57.76
CA VAL F 204 -2.76 -19.41 -57.73
C VAL F 204 -2.80 -17.89 -57.65
N LEU F 205 -2.44 -17.34 -56.48
CA LEU F 205 -2.49 -15.91 -56.24
C LEU F 205 -1.10 -15.30 -56.39
N GLU F 206 -1.01 -14.27 -57.23
CA GLU F 206 0.24 -13.57 -57.50
C GLU F 206 0.20 -12.19 -56.85
N VAL F 207 1.06 -11.96 -55.86
CA VAL F 207 1.17 -10.68 -55.17
C VAL F 207 2.39 -9.93 -55.72
N MET F 208 2.37 -8.60 -55.59
CA MET F 208 3.40 -7.74 -56.15
C MET F 208 4.67 -7.65 -55.29
N GLY F 209 4.88 -8.54 -54.33
CA GLY F 209 6.09 -8.46 -53.53
C GLY F 209 7.35 -8.77 -54.34
N ARG F 210 7.72 -7.85 -55.24
CA ARG F 210 8.84 -8.10 -56.14
C ARG F 210 10.16 -8.16 -55.39
N HIS F 211 10.40 -7.20 -54.50
CA HIS F 211 11.62 -7.17 -53.69
C HIS F 211 11.42 -7.89 -52.36
N CYS F 212 10.40 -7.49 -51.60
CA CYS F 212 10.08 -8.09 -50.32
C CYS F 212 8.93 -9.06 -50.47
N GLY F 213 9.03 -10.21 -49.79
CA GLY F 213 8.00 -11.23 -49.80
C GLY F 213 7.18 -11.26 -48.53
N TYR F 214 7.13 -10.14 -47.79
CA TYR F 214 6.39 -10.12 -46.55
C TYR F 214 4.89 -10.27 -46.79
N LEU F 215 4.36 -9.55 -47.79
CA LEU F 215 2.94 -9.66 -48.11
C LEU F 215 2.57 -11.06 -48.56
N ALA F 216 3.40 -11.66 -49.41
CA ALA F 216 3.19 -13.05 -49.80
C ALA F 216 3.19 -13.97 -48.59
N LEU F 217 4.12 -13.74 -47.66
CA LEU F 217 4.24 -14.62 -46.50
C LEU F 217 3.02 -14.49 -45.58
N VAL F 218 2.71 -13.27 -45.15
CA VAL F 218 1.58 -13.08 -44.25
C VAL F 218 0.27 -13.49 -44.91
N SER F 219 0.14 -13.30 -46.22
CA SER F 219 -1.04 -13.76 -46.94
C SER F 219 -1.16 -15.27 -46.87
N ALA F 220 -0.06 -15.97 -47.12
CA ALA F 220 -0.06 -17.44 -47.03
C ALA F 220 -0.41 -17.89 -45.62
N LEU F 221 0.16 -17.24 -44.61
CA LEU F 221 -0.15 -17.59 -43.22
C LEU F 221 -1.61 -17.35 -42.91
N ALA F 222 -2.16 -16.23 -43.37
CA ALA F 222 -3.55 -15.88 -43.07
C ALA F 222 -4.55 -16.79 -43.78
N SER F 223 -4.22 -17.22 -45.01
CA SER F 223 -5.10 -18.06 -45.80
C SER F 223 -4.85 -19.56 -45.64
N GLY F 224 -3.75 -19.94 -44.98
CA GLY F 224 -3.39 -21.35 -44.91
C GLY F 224 -3.03 -21.90 -46.27
N ALA F 225 -2.16 -21.20 -46.99
CA ALA F 225 -1.76 -21.61 -48.32
C ALA F 225 -1.06 -22.95 -48.29
N ASP F 226 -1.29 -23.76 -49.32
CA ASP F 226 -0.61 -25.04 -49.42
C ASP F 226 0.87 -24.86 -49.72
N TRP F 227 1.21 -23.85 -50.50
CA TRP F 227 2.60 -23.63 -50.91
C TRP F 227 2.85 -22.13 -51.04
N LEU F 228 4.12 -21.75 -50.85
CA LEU F 228 4.54 -20.36 -50.86
C LEU F 228 5.87 -20.24 -51.60
N PHE F 229 5.91 -19.34 -52.58
CA PHE F 229 7.14 -18.95 -53.26
C PHE F 229 7.44 -17.51 -52.85
N ILE F 230 8.48 -17.32 -52.05
CA ILE F 230 8.94 -16.00 -51.62
C ILE F 230 10.42 -15.85 -52.01
N PRO F 231 10.90 -14.67 -52.41
CA PRO F 231 12.32 -14.56 -52.76
C PRO F 231 13.27 -14.80 -51.59
N GLU F 232 12.82 -14.63 -50.35
CA GLU F 232 13.73 -14.80 -49.21
C GLU F 232 14.19 -16.24 -49.07
N ALA F 233 13.30 -17.20 -49.33
CA ALA F 233 13.59 -18.63 -49.21
C ALA F 233 13.14 -19.31 -50.50
N PRO F 234 13.98 -19.31 -51.54
CA PRO F 234 13.60 -20.00 -52.76
C PRO F 234 13.46 -21.49 -52.53
N PRO F 235 12.68 -22.18 -53.33
CA PRO F 235 12.48 -23.61 -53.11
C PRO F 235 13.71 -24.43 -53.50
N GLU F 236 13.89 -25.55 -52.81
CA GLU F 236 15.00 -26.43 -53.09
C GLU F 236 14.86 -27.05 -54.47
N ASP F 237 15.97 -27.62 -54.96
CA ASP F 237 15.95 -28.28 -56.26
C ASP F 237 15.00 -29.48 -56.23
N GLY F 238 14.26 -29.67 -57.31
CA GLY F 238 13.24 -30.69 -57.35
C GLY F 238 11.97 -30.35 -56.62
N TRP F 239 11.72 -29.06 -56.35
CA TRP F 239 10.49 -28.64 -55.71
C TRP F 239 9.27 -28.92 -56.56
N GLU F 240 9.46 -28.98 -57.89
CA GLU F 240 8.39 -29.34 -58.83
C GLU F 240 7.67 -30.59 -58.38
N ASN F 241 8.42 -31.66 -58.10
CA ASN F 241 7.82 -32.90 -57.65
C ASN F 241 7.25 -32.76 -56.24
N PHE F 242 7.98 -32.09 -55.35
CA PHE F 242 7.56 -31.98 -53.95
C PHE F 242 6.24 -31.23 -53.84
N MET F 243 6.08 -30.13 -54.59
CA MET F 243 4.82 -29.40 -54.58
C MET F 243 3.68 -30.25 -55.15
N CYS F 244 3.92 -30.89 -56.31
CA CYS F 244 2.84 -31.65 -56.95
C CYS F 244 2.38 -32.81 -56.07
N GLU F 245 3.32 -33.43 -55.34
CA GLU F 245 2.93 -34.50 -54.43
C GLU F 245 2.10 -33.95 -53.26
N ARG F 246 2.50 -32.80 -52.72
CA ARG F 246 1.75 -32.17 -51.63
C ARG F 246 0.31 -31.91 -52.05
N LEU F 247 0.12 -31.35 -53.23
CA LEU F 247 -1.22 -31.15 -53.76
C LEU F 247 -1.93 -32.47 -53.98
N GLY F 248 -1.19 -33.52 -54.35
CA GLY F 248 -1.80 -34.83 -54.56
C GLY F 248 -2.40 -35.41 -53.30
N GLU F 249 -1.64 -35.45 -52.20
CA GLU F 249 -2.20 -35.95 -50.95
C GLU F 249 -3.28 -35.01 -50.42
N THR F 250 -3.17 -33.71 -50.70
CA THR F 250 -4.23 -32.77 -50.37
C THR F 250 -5.55 -33.19 -51.02
N ARG F 251 -5.49 -33.54 -52.31
CA ARG F 251 -6.65 -34.09 -53.01
C ARG F 251 -7.15 -35.36 -52.32
N SER F 252 -6.24 -36.30 -52.04
CA SER F 252 -6.63 -37.58 -51.45
C SER F 252 -7.34 -37.40 -50.12
N ARG F 253 -6.98 -36.36 -49.37
CA ARG F 253 -7.70 -36.03 -48.15
C ARG F 253 -9.16 -35.68 -48.41
N GLY F 254 -9.50 -35.24 -49.63
CA GLY F 254 -10.80 -34.68 -49.93
C GLY F 254 -10.83 -33.17 -49.93
N SER F 255 -9.76 -32.52 -49.48
CA SER F 255 -9.62 -31.08 -49.62
C SER F 255 -9.72 -30.69 -51.09
N ARG F 256 -10.74 -29.88 -51.42
CA ARG F 256 -11.10 -29.62 -52.80
C ARG F 256 -10.45 -28.36 -53.38
N LEU F 257 -9.73 -27.57 -52.59
CA LEU F 257 -9.13 -26.33 -53.04
C LEU F 257 -7.70 -26.23 -52.54
N ASN F 258 -6.76 -25.98 -53.47
CA ASN F 258 -5.37 -25.70 -53.17
C ASN F 258 -5.09 -24.23 -53.47
N ILE F 259 -4.34 -23.58 -52.57
CA ILE F 259 -3.96 -22.18 -52.73
C ILE F 259 -2.44 -22.12 -52.85
N ILE F 260 -1.96 -21.50 -53.92
CA ILE F 260 -0.53 -21.27 -54.17
C ILE F 260 -0.33 -19.76 -54.19
N ILE F 261 0.42 -19.24 -53.22
CA ILE F 261 0.76 -17.82 -53.15
C ILE F 261 2.17 -17.69 -53.72
N ILE F 262 2.29 -17.03 -54.88
CA ILE F 262 3.56 -16.85 -55.58
C ILE F 262 3.86 -15.34 -55.64
N ALA F 263 4.92 -14.91 -54.99
CA ALA F 263 5.26 -13.51 -55.08
C ALA F 263 5.80 -13.19 -56.48
N GLU F 264 5.71 -11.91 -56.86
CA GLU F 264 6.30 -11.45 -58.11
C GLU F 264 7.78 -11.76 -58.16
N GLY F 265 8.47 -11.59 -57.04
CA GLY F 265 9.89 -11.86 -56.97
C GLY F 265 10.24 -13.32 -56.73
N ALA F 266 9.30 -14.24 -56.95
CA ALA F 266 9.58 -15.66 -56.77
C ALA F 266 10.71 -16.10 -57.69
N ILE F 267 11.71 -16.75 -57.10
CA ILE F 267 12.88 -17.26 -57.82
C ILE F 267 13.16 -18.66 -57.31
N ASP F 268 14.04 -19.36 -58.01
CA ASP F 268 14.56 -20.66 -57.58
C ASP F 268 15.90 -20.43 -56.87
N ARG F 269 16.64 -21.51 -56.58
CA ARG F 269 17.94 -21.35 -55.94
C ARG F 269 18.92 -20.60 -56.81
N ASN F 270 18.75 -20.63 -58.13
CA ASN F 270 19.48 -19.78 -59.05
C ASN F 270 18.73 -18.45 -59.17
N GLY F 271 19.19 -17.58 -60.07
CA GLY F 271 18.52 -16.31 -60.30
C GLY F 271 17.28 -16.38 -61.18
N LYS F 272 16.94 -17.55 -61.71
CA LYS F 272 15.87 -17.67 -62.66
C LYS F 272 14.51 -17.44 -61.98
N PRO F 273 13.70 -16.46 -62.40
CA PRO F 273 12.40 -16.28 -61.74
C PRO F 273 11.40 -17.37 -62.09
N ILE F 274 10.50 -17.62 -61.13
CA ILE F 274 9.40 -18.55 -61.29
C ILE F 274 8.14 -17.71 -61.53
N SER F 275 7.53 -17.89 -62.69
CA SER F 275 6.34 -17.14 -63.06
C SER F 275 5.09 -17.85 -62.54
N SER F 276 4.05 -17.05 -62.27
CA SER F 276 2.77 -17.61 -61.91
C SER F 276 2.19 -18.46 -63.03
N SER F 277 2.44 -18.08 -64.28
CA SER F 277 1.96 -18.87 -65.41
C SER F 277 2.65 -20.24 -65.45
N TYR F 278 3.92 -20.30 -65.08
CA TYR F 278 4.63 -21.58 -65.06
C TYR F 278 4.02 -22.52 -64.02
N VAL F 279 3.77 -22.01 -62.81
CA VAL F 279 3.19 -22.83 -61.76
C VAL F 279 1.80 -23.30 -62.16
N LYS F 280 1.03 -22.42 -62.80
CA LYS F 280 -0.28 -22.78 -63.35
C LYS F 280 -0.17 -23.98 -64.29
N ASP F 281 0.63 -23.83 -65.35
CA ASP F 281 0.76 -24.89 -66.34
C ASP F 281 1.33 -26.16 -65.74
N LEU F 282 2.22 -26.02 -64.76
CA LEU F 282 2.76 -27.17 -64.06
C LEU F 282 1.66 -27.95 -63.34
N VAL F 283 0.83 -27.24 -62.55
CA VAL F 283 -0.26 -27.88 -61.82
C VAL F 283 -1.23 -28.51 -62.79
N VAL F 284 -1.58 -27.79 -63.87
CA VAL F 284 -2.52 -28.31 -64.86
C VAL F 284 -2.00 -29.61 -65.46
N GLN F 285 -0.69 -29.66 -65.76
CA GLN F 285 -0.15 -30.80 -66.48
C GLN F 285 -0.14 -32.06 -65.62
N ARG F 286 0.30 -31.94 -64.35
CA ARG F 286 0.49 -33.12 -63.52
C ARG F 286 -0.75 -33.52 -62.72
N LEU F 287 -1.64 -32.56 -62.41
CA LEU F 287 -2.80 -32.79 -61.56
C LEU F 287 -4.12 -32.68 -62.31
N GLY F 288 -4.20 -31.82 -63.31
CA GLY F 288 -5.44 -31.60 -64.03
C GLY F 288 -6.46 -30.77 -63.29
N PHE F 289 -6.11 -30.17 -62.17
CA PHE F 289 -7.05 -29.30 -61.46
C PHE F 289 -7.31 -28.05 -62.30
N ASP F 290 -8.52 -27.51 -62.16
CA ASP F 290 -8.86 -26.23 -62.79
C ASP F 290 -8.01 -25.14 -62.16
N THR F 291 -6.91 -24.78 -62.82
CA THR F 291 -5.94 -23.82 -62.31
C THR F 291 -6.12 -22.49 -63.03
N ARG F 292 -6.35 -21.42 -62.27
CA ARG F 292 -6.41 -20.07 -62.80
C ARG F 292 -5.62 -19.14 -61.90
N VAL F 293 -4.81 -18.29 -62.52
CA VAL F 293 -3.94 -17.36 -61.80
C VAL F 293 -4.71 -16.06 -61.59
N THR F 294 -4.83 -15.66 -60.32
CA THR F 294 -5.37 -14.35 -59.96
C THR F 294 -4.20 -13.42 -59.66
N VAL F 295 -4.13 -12.31 -60.39
CA VAL F 295 -3.09 -11.29 -60.21
C VAL F 295 -3.80 -10.04 -59.71
N LEU F 296 -3.42 -9.57 -58.53
CA LEU F 296 -4.05 -8.37 -57.99
C LEU F 296 -3.57 -7.12 -58.71
N GLY F 297 -2.27 -7.00 -58.93
CA GLY F 297 -1.75 -5.79 -59.56
C GLY F 297 -2.03 -4.57 -58.70
N HIS F 298 -2.60 -3.53 -59.32
CA HIS F 298 -2.91 -2.28 -58.61
C HIS F 298 -3.91 -2.44 -57.47
N VAL F 299 -4.63 -3.56 -57.38
CA VAL F 299 -5.66 -3.73 -56.36
C VAL F 299 -5.07 -3.64 -54.96
N GLN F 300 -3.83 -4.08 -54.78
CA GLN F 300 -3.22 -4.11 -53.45
C GLN F 300 -3.10 -2.70 -52.86
N ARG F 301 -2.70 -1.73 -53.70
CA ARG F 301 -2.61 -0.35 -53.25
C ARG F 301 -3.96 0.35 -53.17
N GLY F 302 -5.06 -0.31 -53.55
CA GLY F 302 -6.35 0.34 -53.65
C GLY F 302 -7.20 0.21 -52.40
N GLY F 303 -8.42 0.71 -52.51
CA GLY F 303 -9.39 0.61 -51.43
C GLY F 303 -9.12 1.62 -50.32
N THR F 304 -10.01 1.58 -49.33
CA THR F 304 -9.84 2.42 -48.16
C THR F 304 -8.72 1.86 -47.28
N PRO F 305 -8.06 2.70 -46.48
CA PRO F 305 -7.15 2.15 -45.48
C PRO F 305 -7.91 1.42 -44.39
N SER F 306 -7.31 0.34 -43.90
CA SER F 306 -7.88 -0.41 -42.80
C SER F 306 -7.86 0.43 -41.53
N ALA F 307 -8.60 -0.05 -40.52
CA ALA F 307 -8.64 0.66 -39.24
C ALA F 307 -7.26 0.79 -38.64
N PHE F 308 -6.53 -0.33 -38.57
CA PHE F 308 -5.13 -0.35 -38.12
C PHE F 308 -4.32 0.71 -38.84
N ASP F 309 -4.43 0.79 -40.17
CA ASP F 309 -3.65 1.76 -40.91
C ASP F 309 -4.01 3.19 -40.53
N ARG F 310 -5.28 3.48 -40.32
CA ARG F 310 -5.68 4.84 -39.95
C ARG F 310 -5.17 5.23 -38.56
N ILE F 311 -5.35 4.34 -37.58
CA ILE F 311 -4.87 4.64 -36.22
C ILE F 311 -3.36 4.78 -36.22
N LEU F 312 -2.67 3.80 -36.79
CA LEU F 312 -1.22 3.78 -36.73
C LEU F 312 -0.61 4.92 -37.55
N SER F 313 -1.20 5.22 -38.71
CA SER F 313 -0.73 6.36 -39.49
C SER F 313 -0.91 7.67 -38.73
N SER F 314 -2.05 7.84 -38.08
CA SER F 314 -2.29 9.05 -37.30
C SER F 314 -1.31 9.15 -36.14
N LYS F 315 -1.10 8.06 -35.43
CA LYS F 315 -0.18 8.05 -34.29
C LYS F 315 1.24 8.36 -34.74
N MET F 316 1.69 7.72 -35.82
CA MET F 316 3.07 7.92 -36.27
C MET F 316 3.26 9.31 -36.87
N GLY F 317 2.25 9.83 -37.57
CA GLY F 317 2.35 11.19 -38.08
C GLY F 317 2.42 12.22 -36.97
N MET F 318 1.62 12.05 -35.93
CA MET F 318 1.72 12.90 -34.75
C MET F 318 3.11 12.80 -34.12
N GLU F 319 3.56 11.57 -33.87
CA GLU F 319 4.87 11.39 -33.24
C GLU F 319 6.00 11.86 -34.14
N ALA F 320 5.81 11.81 -35.46
CA ALA F 320 6.81 12.36 -36.38
C ALA F 320 6.93 13.87 -36.17
N VAL F 321 5.80 14.57 -36.09
CA VAL F 321 5.82 16.01 -35.86
C VAL F 321 6.50 16.33 -34.53
N MET F 322 6.11 15.62 -33.47
CA MET F 322 6.68 15.88 -32.14
C MET F 322 8.17 15.62 -32.13
N ALA F 323 8.60 14.51 -32.75
CA ALA F 323 10.02 14.24 -32.87
C ALA F 323 10.73 15.29 -33.70
N LEU F 324 10.03 15.91 -34.64
CA LEU F 324 10.62 16.93 -35.49
C LEU F 324 10.80 18.26 -34.78
N LEU F 325 10.05 18.51 -33.70
CA LEU F 325 10.18 19.74 -32.94
C LEU F 325 11.19 19.62 -31.80
N GLU F 326 11.32 18.44 -31.20
CA GLU F 326 12.28 18.22 -30.11
C GLU F 326 13.65 17.79 -30.62
N ALA F 327 13.93 17.98 -31.92
CA ALA F 327 15.16 17.50 -32.53
C ALA F 327 16.13 18.66 -32.66
N THR F 328 17.29 18.53 -32.01
CA THR F 328 18.32 19.56 -32.05
C THR F 328 19.21 19.34 -33.27
N PRO F 329 20.13 20.30 -33.57
CA PRO F 329 21.09 20.09 -34.66
C PRO F 329 21.90 18.80 -34.60
N ASP F 330 22.08 18.20 -33.42
CA ASP F 330 22.94 17.03 -33.27
C ASP F 330 22.23 15.71 -33.54
N THR F 331 20.94 15.60 -33.24
CA THR F 331 20.27 14.32 -33.38
C THR F 331 20.13 13.97 -34.86
N PRO F 332 20.23 12.69 -35.24
CA PRO F 332 20.22 12.36 -36.66
C PRO F 332 18.79 12.25 -37.19
N ALA F 333 18.68 12.10 -38.51
CA ALA F 333 17.41 11.78 -39.13
C ALA F 333 16.88 10.49 -38.55
N CYS F 334 15.58 10.48 -38.22
CA CYS F 334 14.92 9.35 -37.59
C CYS F 334 13.74 8.89 -38.43
N VAL F 335 13.31 7.65 -38.18
CA VAL F 335 12.08 7.09 -38.72
C VAL F 335 11.19 6.75 -37.53
N VAL F 336 10.02 7.37 -37.47
CA VAL F 336 9.04 7.07 -36.43
C VAL F 336 8.27 5.83 -36.86
N THR F 337 8.38 4.77 -36.07
CA THR F 337 7.69 3.51 -36.35
C THR F 337 7.29 2.88 -35.03
N LEU F 338 6.53 1.79 -35.13
CA LEU F 338 6.14 0.97 -33.99
C LEU F 338 6.73 -0.42 -34.16
N SER F 339 7.52 -0.85 -33.17
CA SER F 339 7.92 -2.25 -33.04
C SER F 339 7.03 -2.86 -31.96
N GLY F 340 6.22 -3.84 -32.36
CA GLY F 340 5.13 -4.26 -31.49
C GLY F 340 4.10 -3.17 -31.40
N ASN F 341 3.59 -2.94 -30.19
CA ASN F 341 2.69 -1.83 -29.91
C ASN F 341 3.41 -0.57 -29.45
N GLN F 342 4.74 -0.62 -29.28
CA GLN F 342 5.50 0.49 -28.72
C GLN F 342 6.03 1.37 -29.82
N SER F 343 5.75 2.67 -29.72
CA SER F 343 6.36 3.64 -30.64
C SER F 343 7.85 3.74 -30.37
N VAL F 344 8.61 3.92 -31.45
CA VAL F 344 10.06 3.97 -31.37
C VAL F 344 10.57 4.82 -32.53
N ARG F 345 11.73 5.44 -32.31
CA ARG F 345 12.43 6.19 -33.34
C ARG F 345 13.76 5.51 -33.62
N LEU F 346 14.03 5.23 -34.90
CA LEU F 346 15.25 4.61 -35.34
C LEU F 346 16.02 5.57 -36.24
N PRO F 347 17.36 5.71 -36.10
CA PRO F 347 18.10 6.59 -37.00
C PRO F 347 17.98 6.15 -38.45
N LEU F 348 17.77 7.14 -39.33
CA LEU F 348 17.58 6.86 -40.75
C LEU F 348 18.79 6.19 -41.37
N MET F 349 19.99 6.56 -40.90
CA MET F 349 21.22 6.03 -41.49
C MET F 349 21.34 4.53 -41.27
N GLU F 350 21.06 4.07 -40.04
CA GLU F 350 21.20 2.66 -39.73
C GLU F 350 20.18 1.82 -40.47
N CYS F 351 18.94 2.33 -40.60
CA CYS F 351 17.92 1.60 -41.35
C CYS F 351 18.29 1.51 -42.82
N VAL F 352 18.83 2.59 -43.39
CA VAL F 352 19.28 2.55 -44.79
C VAL F 352 20.42 1.56 -44.94
N GLN F 353 21.33 1.52 -43.96
CA GLN F 353 22.46 0.60 -44.05
C GLN F 353 21.99 -0.84 -44.01
N MET F 354 21.05 -1.16 -43.10
CA MET F 354 20.51 -2.51 -43.04
C MET F 354 19.80 -2.88 -44.34
N THR F 355 19.06 -1.94 -44.93
CA THR F 355 18.41 -2.21 -46.21
C THR F 355 19.43 -2.53 -47.28
N LYS F 356 20.56 -1.81 -47.29
CA LYS F 356 21.61 -2.12 -48.25
C LYS F 356 22.25 -3.47 -47.97
N GLU F 357 22.42 -3.81 -46.69
CA GLU F 357 23.02 -5.10 -46.35
C GLU F 357 22.14 -6.26 -46.79
N VAL F 358 20.81 -6.14 -46.57
CA VAL F 358 19.91 -7.22 -46.97
C VAL F 358 19.84 -7.32 -48.48
N GLN F 359 19.90 -6.18 -49.19
CA GLN F 359 19.88 -6.24 -50.64
C GLN F 359 21.14 -6.91 -51.18
N LYS F 360 22.30 -6.59 -50.62
CA LYS F 360 23.54 -7.25 -51.02
C LYS F 360 23.48 -8.73 -50.68
N ALA F 361 22.97 -9.07 -49.50
CA ALA F 361 22.85 -10.48 -49.13
C ALA F 361 21.93 -11.22 -50.09
N MET F 362 20.79 -10.62 -50.44
CA MET F 362 19.89 -11.22 -51.41
C MET F 362 20.48 -11.30 -52.80
N ASP F 363 21.55 -10.56 -53.09
CA ASP F 363 22.29 -10.64 -54.35
C ASP F 363 23.34 -11.75 -54.31
N ASP F 364 22.97 -12.93 -53.80
CA ASP F 364 23.82 -14.13 -53.77
C ASP F 364 25.17 -13.86 -53.13
N LYS F 365 25.14 -13.26 -51.93
CA LYS F 365 26.31 -13.08 -51.09
C LYS F 365 26.22 -13.93 -49.83
N ARG F 366 25.22 -13.68 -48.99
CA ARG F 366 24.87 -14.51 -47.83
C ARG F 366 23.41 -14.90 -47.92
N PHE F 367 23.06 -15.50 -49.06
CA PHE F 367 21.65 -15.56 -49.47
C PHE F 367 20.83 -16.44 -48.54
N ASP F 368 21.35 -17.61 -48.16
CA ASP F 368 20.62 -18.44 -47.21
C ASP F 368 20.50 -17.78 -45.84
N GLU F 369 21.44 -16.89 -45.49
CA GLU F 369 21.45 -16.17 -44.22
C GLU F 369 20.97 -14.73 -44.38
N ALA F 370 20.29 -14.39 -45.49
CA ALA F 370 19.69 -13.08 -45.64
C ALA F 370 18.34 -12.99 -44.93
N THR F 371 17.62 -14.12 -44.82
CA THR F 371 16.30 -14.11 -44.22
C THR F 371 16.32 -13.71 -42.76
N GLN F 372 17.41 -13.99 -42.04
CA GLN F 372 17.47 -13.60 -40.63
C GLN F 372 17.67 -12.10 -40.49
N LEU F 373 18.46 -11.50 -41.39
CA LEU F 373 18.65 -10.06 -41.37
C LEU F 373 17.40 -9.30 -41.78
N ARG F 374 16.46 -9.96 -42.46
CA ARG F 374 15.18 -9.34 -42.77
C ARG F 374 14.39 -8.98 -41.52
N GLY F 375 14.65 -9.64 -40.39
CA GLY F 375 13.92 -9.41 -39.15
C GLY F 375 13.45 -10.73 -38.59
N GLY F 376 13.41 -10.81 -37.26
CA GLY F 376 12.95 -12.02 -36.61
C GLY F 376 11.49 -12.34 -36.91
N SER F 377 10.68 -11.32 -37.17
CA SER F 377 9.27 -11.54 -37.47
C SER F 377 9.09 -12.31 -38.76
N PHE F 378 9.91 -12.02 -39.78
CA PHE F 378 9.80 -12.72 -41.06
C PHE F 378 10.12 -14.20 -40.88
N GLU F 379 11.26 -14.50 -40.28
CA GLU F 379 11.68 -15.89 -40.13
C GLU F 379 10.71 -16.67 -39.26
N ASN F 380 10.23 -16.06 -38.18
CA ASN F 380 9.26 -16.72 -37.32
C ASN F 380 7.96 -16.97 -38.08
N ASN F 381 7.51 -15.99 -38.87
CA ASN F 381 6.29 -16.17 -39.65
C ASN F 381 6.42 -17.31 -40.66
N TRP F 382 7.58 -17.42 -41.31
CA TRP F 382 7.77 -18.49 -42.28
C TRP F 382 7.82 -19.85 -41.61
N ASN F 383 8.44 -19.93 -40.43
CA ASN F 383 8.49 -21.20 -39.71
C ASN F 383 7.09 -21.61 -39.24
N ILE F 384 6.31 -20.65 -38.74
CA ILE F 384 4.95 -20.96 -38.31
C ILE F 384 4.11 -21.43 -39.49
N TYR F 385 4.27 -20.76 -40.64
CA TYR F 385 3.53 -21.15 -41.84
C TYR F 385 3.82 -22.58 -42.24
N LYS F 386 5.10 -22.94 -42.36
CA LYS F 386 5.46 -24.28 -42.79
C LYS F 386 5.01 -25.33 -41.79
N LEU F 387 5.09 -25.03 -40.50
CA LEU F 387 4.68 -25.99 -39.48
C LEU F 387 3.19 -26.28 -39.59
N LEU F 388 2.38 -25.24 -39.73
CA LEU F 388 0.93 -25.40 -39.78
C LEU F 388 0.45 -25.90 -41.14
N ALA F 389 1.22 -25.71 -42.21
CA ALA F 389 0.77 -26.08 -43.54
C ALA F 389 0.58 -27.59 -43.67
N HIS F 390 1.64 -28.36 -43.40
CA HIS F 390 1.67 -29.80 -43.67
C HIS F 390 2.04 -30.56 -42.40
N GLN F 391 1.25 -31.58 -42.08
CA GLN F 391 1.49 -32.41 -40.91
C GLN F 391 2.73 -33.26 -41.11
N LYS F 392 3.81 -32.87 -40.44
CA LYS F 392 4.99 -33.74 -40.36
C LYS F 392 4.79 -34.76 -39.25
N PRO F 393 5.49 -35.90 -39.31
CA PRO F 393 5.22 -36.97 -38.36
C PRO F 393 5.85 -36.66 -37.00
N PRO F 394 5.04 -36.50 -35.93
CA PRO F 394 5.68 -36.24 -34.62
C PRO F 394 6.14 -37.52 -33.97
N LYS F 395 7.34 -37.99 -34.36
CA LYS F 395 7.93 -39.17 -33.75
C LYS F 395 8.15 -39.00 -32.26
N GLU F 396 8.32 -37.75 -31.80
CA GLU F 396 8.33 -37.46 -30.38
C GLU F 396 6.92 -37.65 -29.83
N LYS F 397 6.84 -38.14 -28.59
CA LYS F 397 5.58 -38.26 -27.88
C LYS F 397 5.80 -37.88 -26.42
N SER F 398 4.73 -37.39 -25.80
CA SER F 398 4.75 -37.05 -24.40
C SER F 398 3.40 -37.45 -23.80
N ASN F 399 3.43 -37.85 -22.53
CA ASN F 399 2.22 -38.28 -21.85
C ASN F 399 1.26 -37.12 -21.59
N PHE F 400 1.68 -35.88 -21.77
CA PHE F 400 0.83 -34.73 -21.49
C PHE F 400 -0.37 -34.70 -22.42
N SER F 401 -1.45 -34.11 -21.92
CA SER F 401 -2.68 -33.94 -22.67
C SER F 401 -3.33 -32.65 -22.21
N LEU F 402 -3.80 -31.86 -23.17
CA LEU F 402 -4.28 -30.51 -22.91
C LEU F 402 -5.64 -30.29 -23.56
N ALA F 403 -6.47 -29.49 -22.91
CA ALA F 403 -7.82 -29.17 -23.36
C ALA F 403 -7.91 -27.70 -23.72
N ILE F 404 -8.52 -27.41 -24.87
CA ILE F 404 -8.67 -26.04 -25.37
C ILE F 404 -10.10 -25.61 -25.14
N LEU F 405 -10.27 -24.53 -24.38
CA LEU F 405 -11.56 -23.94 -24.06
C LEU F 405 -11.79 -22.68 -24.87
N ASN F 406 -13.06 -22.40 -25.18
CA ASN F 406 -13.49 -21.10 -25.68
C ASN F 406 -14.58 -20.58 -24.75
N VAL F 407 -14.31 -19.44 -24.10
CA VAL F 407 -15.13 -18.91 -23.02
C VAL F 407 -15.48 -17.46 -23.33
N GLY F 408 -16.69 -17.04 -22.97
CA GLY F 408 -17.11 -15.65 -23.07
C GLY F 408 -17.98 -15.39 -24.29
N ALA F 409 -17.87 -14.20 -24.88
CA ALA F 409 -18.50 -13.93 -26.15
C ALA F 409 -17.67 -14.53 -27.28
N PRO F 410 -18.27 -14.80 -28.44
CA PRO F 410 -17.44 -15.12 -29.61
C PRO F 410 -16.66 -13.90 -30.05
N ALA F 411 -15.42 -14.13 -30.47
CA ALA F 411 -14.54 -13.08 -30.98
C ALA F 411 -13.90 -13.57 -32.27
N ALA F 412 -13.87 -12.69 -33.26
CA ALA F 412 -13.24 -13.00 -34.53
C ALA F 412 -11.76 -13.29 -34.33
N GLY F 413 -11.35 -14.52 -34.66
CA GLY F 413 -9.99 -14.98 -34.49
C GLY F 413 -9.79 -16.04 -33.43
N MET F 414 -10.83 -16.40 -32.66
CA MET F 414 -10.74 -17.54 -31.77
C MET F 414 -10.38 -18.80 -32.54
N ASN F 415 -11.03 -19.01 -33.70
CA ASN F 415 -10.79 -20.20 -34.49
C ASN F 415 -9.35 -20.28 -34.98
N ALA F 416 -8.78 -19.15 -35.40
CA ALA F 416 -7.38 -19.13 -35.82
C ALA F 416 -6.47 -19.54 -34.67
N ALA F 417 -6.73 -19.02 -33.47
CA ALA F 417 -5.95 -19.41 -32.30
C ALA F 417 -6.08 -20.90 -32.00
N VAL F 418 -7.30 -21.43 -32.06
CA VAL F 418 -7.51 -22.83 -31.74
C VAL F 418 -6.85 -23.73 -32.78
N ARG F 419 -6.90 -23.32 -34.05
CA ARG F 419 -6.24 -24.08 -35.11
C ARG F 419 -4.74 -24.21 -34.84
N SER F 420 -4.09 -23.07 -34.61
CA SER F 420 -2.65 -23.08 -34.34
C SER F 420 -2.32 -23.86 -33.09
N ALA F 421 -3.12 -23.70 -32.03
CA ALA F 421 -2.90 -24.45 -30.80
C ALA F 421 -2.98 -25.95 -31.04
N VAL F 422 -3.97 -26.38 -31.83
CA VAL F 422 -4.14 -27.81 -32.10
C VAL F 422 -2.93 -28.36 -32.86
N ARG F 423 -2.59 -27.71 -33.98
CA ARG F 423 -1.45 -28.18 -34.79
C ARG F 423 -0.16 -28.19 -33.98
N THR F 424 0.14 -27.09 -33.29
CA THR F 424 1.39 -27.00 -32.54
C THR F 424 1.43 -28.04 -31.42
N GLY F 425 0.30 -28.29 -30.76
CA GLY F 425 0.28 -29.27 -29.70
C GLY F 425 0.45 -30.68 -30.22
N ILE F 426 -0.19 -30.98 -31.36
CA ILE F 426 0.00 -32.27 -32.01
C ILE F 426 1.45 -32.44 -32.45
N SER F 427 2.06 -31.35 -32.93
CA SER F 427 3.46 -31.39 -33.34
C SER F 427 4.38 -31.77 -32.18
N HIS F 428 4.08 -31.26 -30.98
CA HIS F 428 4.83 -31.61 -29.79
C HIS F 428 4.43 -32.95 -29.19
N GLY F 429 3.52 -33.69 -29.83
CA GLY F 429 3.11 -34.98 -29.34
C GLY F 429 2.07 -34.98 -28.23
N HIS F 430 1.54 -33.81 -27.86
CA HIS F 430 0.50 -33.77 -26.84
C HIS F 430 -0.80 -34.34 -27.41
N THR F 431 -1.61 -34.89 -26.51
CA THR F 431 -2.95 -35.35 -26.85
C THR F 431 -3.89 -34.18 -26.63
N VAL F 432 -4.26 -33.51 -27.71
CA VAL F 432 -5.04 -32.29 -27.66
C VAL F 432 -6.52 -32.66 -27.63
N TYR F 433 -7.23 -32.16 -26.62
CA TYR F 433 -8.68 -32.19 -26.57
C TYR F 433 -9.20 -30.78 -26.80
N VAL F 434 -10.42 -30.69 -27.32
CA VAL F 434 -11.18 -29.45 -27.41
C VAL F 434 -12.50 -29.67 -26.71
N VAL F 435 -12.88 -28.73 -25.85
CA VAL F 435 -14.13 -28.79 -25.09
C VAL F 435 -15.09 -27.76 -25.67
N HIS F 436 -16.30 -28.22 -25.99
CA HIS F 436 -17.32 -27.35 -26.56
C HIS F 436 -18.06 -26.64 -25.44
N ASP F 437 -18.37 -25.35 -25.65
CA ASP F 437 -19.08 -24.50 -24.70
C ASP F 437 -18.25 -24.15 -23.47
N GLY F 438 -16.92 -24.20 -23.57
CA GLY F 438 -16.05 -23.68 -22.52
C GLY F 438 -16.20 -24.43 -21.20
N PHE F 439 -16.32 -23.67 -20.11
CA PHE F 439 -16.40 -24.26 -18.78
C PHE F 439 -17.66 -25.10 -18.61
N GLU F 440 -18.75 -24.75 -19.30
CA GLU F 440 -19.96 -25.57 -19.23
C GLU F 440 -19.68 -26.97 -19.74
N GLY F 441 -19.07 -27.10 -20.92
CA GLY F 441 -18.75 -28.43 -21.42
C GLY F 441 -17.70 -29.14 -20.60
N LEU F 442 -16.74 -28.39 -20.05
CA LEU F 442 -15.78 -28.98 -19.14
C LEU F 442 -16.47 -29.60 -17.94
N ALA F 443 -17.45 -28.90 -17.38
CA ALA F 443 -18.29 -29.48 -16.32
C ALA F 443 -19.08 -30.66 -16.85
N LYS F 444 -19.73 -30.49 -17.99
CA LYS F 444 -20.57 -31.54 -18.57
C LYS F 444 -19.78 -32.61 -19.31
N GLY F 445 -18.46 -32.47 -19.42
CA GLY F 445 -17.66 -33.49 -20.07
C GLY F 445 -17.81 -33.53 -21.57
N GLN F 446 -18.07 -32.39 -22.21
CA GLN F 446 -18.11 -32.32 -23.67
C GLN F 446 -16.70 -32.20 -24.23
N VAL F 447 -15.83 -33.16 -23.88
CA VAL F 447 -14.42 -33.14 -24.22
C VAL F 447 -14.23 -34.09 -25.39
N GLN F 448 -13.60 -33.59 -26.46
CA GLN F 448 -13.46 -34.31 -27.71
C GLN F 448 -11.99 -34.25 -28.12
N GLU F 449 -11.35 -35.42 -28.20
CA GLU F 449 -10.00 -35.48 -28.74
C GLU F 449 -10.02 -35.02 -30.19
N VAL F 450 -9.04 -34.18 -30.54
CA VAL F 450 -8.99 -33.49 -31.82
C VAL F 450 -7.75 -33.93 -32.57
N GLY F 451 -7.86 -33.97 -33.90
CA GLY F 451 -6.76 -34.28 -34.79
C GLY F 451 -6.32 -33.07 -35.59
N TRP F 452 -5.32 -33.30 -36.43
CA TRP F 452 -4.78 -32.24 -37.29
C TRP F 452 -5.86 -31.68 -38.20
N HIS F 453 -6.56 -32.54 -38.93
CA HIS F 453 -7.51 -32.10 -39.94
C HIS F 453 -8.85 -31.67 -39.37
N ASP F 454 -9.12 -31.91 -38.08
CA ASP F 454 -10.37 -31.45 -37.50
C ASP F 454 -10.47 -29.94 -37.42
N VAL F 455 -9.34 -29.23 -37.44
CA VAL F 455 -9.31 -27.78 -37.48
C VAL F 455 -9.02 -27.24 -38.89
N ALA F 456 -9.16 -28.08 -39.92
CA ALA F 456 -8.88 -27.65 -41.29
C ALA F 456 -9.86 -26.56 -41.72
N GLY F 457 -9.31 -25.45 -42.21
CA GLY F 457 -10.13 -24.34 -42.67
C GLY F 457 -10.78 -23.53 -41.59
N TRP F 458 -10.26 -23.56 -40.36
CA TRP F 458 -10.80 -22.76 -39.26
C TRP F 458 -10.30 -21.33 -39.26
N LEU F 459 -9.27 -21.00 -40.06
CA LEU F 459 -8.68 -19.67 -40.07
C LEU F 459 -9.72 -18.57 -40.34
N GLY F 460 -10.35 -18.62 -41.51
CA GLY F 460 -11.23 -17.53 -41.91
C GLY F 460 -12.61 -17.53 -41.30
N ARG F 461 -12.97 -18.55 -40.53
CA ARG F 461 -14.31 -18.62 -39.95
C ARG F 461 -14.38 -17.70 -38.74
N GLY F 462 -15.32 -16.75 -38.78
CA GLY F 462 -15.56 -15.90 -37.63
C GLY F 462 -16.32 -16.59 -36.53
N GLY F 463 -16.41 -15.91 -35.39
CA GLY F 463 -17.09 -16.47 -34.25
C GLY F 463 -16.27 -17.55 -33.60
N SER F 464 -16.89 -18.69 -33.32
CA SER F 464 -16.23 -19.79 -32.61
C SER F 464 -16.83 -21.10 -33.06
N MET F 465 -16.00 -21.95 -33.68
CA MET F 465 -16.41 -23.32 -33.97
C MET F 465 -16.72 -24.06 -32.67
N LEU F 466 -15.79 -24.08 -31.74
CA LEU F 466 -16.11 -24.52 -30.39
C LEU F 466 -17.12 -23.55 -29.79
N GLY F 467 -18.05 -24.08 -29.01
CA GLY F 467 -19.02 -23.22 -28.36
C GLY F 467 -18.36 -22.31 -27.35
N THR F 468 -18.98 -21.14 -27.16
CA THR F 468 -18.59 -20.20 -26.12
C THR F 468 -19.73 -20.06 -25.13
N LYS F 469 -19.36 -20.00 -23.84
CA LYS F 469 -20.30 -19.70 -22.77
C LYS F 469 -19.63 -18.76 -21.80
N ARG F 470 -20.43 -17.85 -21.23
CA ARG F 470 -19.93 -16.90 -20.26
C ARG F 470 -19.86 -17.47 -18.84
N THR F 471 -20.25 -18.73 -18.64
CA THR F 471 -20.42 -19.23 -17.28
C THR F 471 -19.05 -19.44 -16.64
N LEU F 472 -18.88 -18.89 -15.45
CA LEU F 472 -17.63 -19.02 -14.74
C LEU F 472 -17.52 -20.39 -14.07
N PRO F 473 -16.30 -20.89 -13.83
CA PRO F 473 -16.16 -22.28 -13.37
C PRO F 473 -16.51 -22.50 -11.90
N LYS F 474 -16.73 -21.44 -11.13
CA LYS F 474 -16.89 -21.59 -9.68
C LYS F 474 -18.12 -22.43 -9.34
N GLY F 475 -19.22 -22.24 -10.06
CA GLY F 475 -20.44 -22.97 -9.75
C GLY F 475 -20.30 -24.46 -9.92
N GLN F 476 -19.69 -24.89 -11.03
CA GLN F 476 -19.52 -26.30 -11.37
C GLN F 476 -18.09 -26.76 -11.12
N LEU F 477 -17.46 -26.25 -10.07
CA LEU F 477 -16.04 -26.54 -9.83
C LEU F 477 -15.81 -28.01 -9.54
N GLU F 478 -16.73 -28.65 -8.81
CA GLU F 478 -16.62 -30.08 -8.57
C GLU F 478 -16.72 -30.87 -9.86
N SER F 479 -17.60 -30.45 -10.77
CA SER F 479 -17.73 -31.11 -12.06
C SER F 479 -16.46 -30.93 -12.90
N ILE F 480 -15.87 -29.75 -12.85
CA ILE F 480 -14.70 -29.45 -13.66
C ILE F 480 -13.51 -30.31 -13.22
N VAL F 481 -13.26 -30.37 -11.92
CA VAL F 481 -12.15 -31.17 -11.42
C VAL F 481 -12.39 -32.65 -11.65
N GLU F 482 -13.66 -33.07 -11.63
CA GLU F 482 -13.97 -34.46 -11.94
C GLU F 482 -13.56 -34.77 -13.38
N ASN F 483 -13.97 -33.92 -14.32
CA ASN F 483 -13.64 -34.16 -15.73
C ASN F 483 -12.15 -34.02 -15.99
N ILE F 484 -11.46 -33.11 -15.30
CA ILE F 484 -10.02 -33.01 -15.45
C ILE F 484 -9.35 -34.30 -15.03
N ARG F 485 -9.83 -34.90 -13.94
CA ARG F 485 -9.28 -36.18 -13.50
C ARG F 485 -9.58 -37.28 -14.50
N ILE F 486 -10.82 -37.34 -15.01
CA ILE F 486 -11.22 -38.41 -15.94
C ILE F 486 -10.33 -38.39 -17.17
N TYR F 487 -10.23 -37.22 -17.82
CA TYR F 487 -9.48 -37.10 -19.05
C TYR F 487 -7.99 -36.86 -18.83
N GLY F 488 -7.54 -36.64 -17.59
CA GLY F 488 -6.14 -36.38 -17.33
C GLY F 488 -5.63 -35.14 -18.03
N ILE F 489 -6.37 -34.04 -17.88
CA ILE F 489 -6.06 -32.80 -18.56
C ILE F 489 -4.89 -32.16 -17.81
N HIS F 490 -3.69 -32.23 -18.39
CA HIS F 490 -2.51 -31.67 -17.76
C HIS F 490 -2.36 -30.17 -17.98
N ALA F 491 -2.99 -29.62 -19.02
CA ALA F 491 -2.93 -28.19 -19.32
C ALA F 491 -4.27 -27.73 -19.86
N LEU F 492 -4.55 -26.44 -19.67
CA LEU F 492 -5.84 -25.84 -20.00
C LEU F 492 -5.62 -24.55 -20.76
N LEU F 493 -5.99 -24.53 -22.05
CA LEU F 493 -5.84 -23.36 -22.91
C LEU F 493 -7.20 -22.70 -23.09
N VAL F 494 -7.39 -21.54 -22.46
CA VAL F 494 -8.68 -20.86 -22.42
C VAL F 494 -8.60 -19.66 -23.35
N VAL F 495 -9.28 -19.74 -24.48
CA VAL F 495 -9.28 -18.69 -25.51
C VAL F 495 -10.56 -17.89 -25.33
N GLY F 496 -10.47 -16.68 -24.79
CA GLY F 496 -11.69 -15.93 -24.58
C GLY F 496 -11.45 -14.59 -23.94
N GLY F 497 -12.56 -13.95 -23.57
CA GLY F 497 -12.55 -12.59 -23.07
C GLY F 497 -12.28 -12.48 -21.59
N PHE F 498 -12.87 -11.45 -20.98
CA PHE F 498 -12.70 -11.24 -19.54
C PHE F 498 -13.18 -12.44 -18.74
N GLU F 499 -14.23 -13.12 -19.22
CA GLU F 499 -14.70 -14.30 -18.50
C GLU F 499 -13.67 -15.42 -18.53
N ALA F 500 -12.89 -15.52 -19.62
CA ALA F 500 -11.80 -16.48 -19.67
C ALA F 500 -10.76 -16.21 -18.60
N TYR F 501 -10.29 -14.97 -18.52
CA TYR F 501 -9.33 -14.58 -17.49
C TYR F 501 -9.90 -14.79 -16.09
N GLU F 502 -11.12 -14.31 -15.86
CA GLU F 502 -11.74 -14.42 -14.54
C GLU F 502 -11.93 -15.88 -14.15
N GLY F 503 -12.34 -16.72 -15.10
CA GLY F 503 -12.50 -18.14 -14.80
C GLY F 503 -11.19 -18.82 -14.47
N VAL F 504 -10.14 -18.54 -15.26
CA VAL F 504 -8.81 -19.08 -14.94
C VAL F 504 -8.35 -18.58 -13.58
N LEU F 505 -8.66 -17.32 -13.25
CA LEU F 505 -8.33 -16.80 -11.94
C LEU F 505 -9.04 -17.59 -10.85
N GLN F 506 -10.30 -17.95 -11.07
CA GLN F 506 -11.04 -18.74 -10.09
C GLN F 506 -10.45 -20.14 -9.94
N LEU F 507 -10.03 -20.76 -11.06
CA LEU F 507 -9.41 -22.07 -10.97
C LEU F 507 -8.09 -22.01 -10.21
N VAL F 508 -7.28 -20.98 -10.47
CA VAL F 508 -6.00 -20.84 -9.78
C VAL F 508 -6.23 -20.64 -8.30
N GLU F 509 -7.16 -19.75 -7.95
CA GLU F 509 -7.51 -19.55 -6.54
C GLU F 509 -8.03 -20.83 -5.90
N ALA F 510 -8.70 -21.68 -6.67
CA ALA F 510 -9.21 -22.95 -6.20
C ALA F 510 -8.16 -24.06 -6.21
N ARG F 511 -6.92 -23.78 -6.59
CA ARG F 511 -5.85 -24.76 -6.39
C ARG F 511 -5.66 -25.08 -4.92
N GLY F 512 -5.99 -24.14 -4.03
CA GLY F 512 -5.92 -24.40 -2.61
C GLY F 512 -6.78 -25.56 -2.16
N ARG F 513 -7.91 -25.76 -2.84
CA ARG F 513 -8.90 -26.78 -2.46
C ARG F 513 -8.77 -28.07 -3.27
N TYR F 514 -8.51 -27.97 -4.58
CA TYR F 514 -8.55 -29.12 -5.48
C TYR F 514 -7.17 -29.38 -6.05
N GLU F 515 -6.66 -30.60 -5.81
CA GLU F 515 -5.39 -31.02 -6.40
C GLU F 515 -5.45 -31.00 -7.92
N GLU F 516 -6.60 -31.36 -8.49
CA GLU F 516 -6.69 -31.56 -9.93
C GLU F 516 -6.56 -30.25 -10.70
N LEU F 517 -6.84 -29.11 -10.06
CA LEU F 517 -6.64 -27.81 -10.68
C LEU F 517 -5.19 -27.33 -10.65
N CYS F 518 -4.26 -28.14 -10.13
CA CYS F 518 -2.84 -27.80 -10.19
C CYS F 518 -2.27 -28.17 -11.56
N ILE F 519 -2.82 -27.53 -12.59
CA ILE F 519 -2.50 -27.78 -13.99
C ILE F 519 -2.16 -26.45 -14.64
N VAL F 520 -1.29 -26.50 -15.64
CA VAL F 520 -0.85 -25.28 -16.30
C VAL F 520 -2.01 -24.69 -17.09
N MET F 521 -2.29 -23.42 -16.85
CA MET F 521 -3.37 -22.70 -17.53
C MET F 521 -2.79 -21.56 -18.34
N CYS F 522 -3.47 -21.24 -19.44
CA CYS F 522 -3.08 -20.11 -20.28
C CYS F 522 -4.34 -19.44 -20.82
N VAL F 523 -4.36 -18.11 -20.75
CA VAL F 523 -5.48 -17.31 -21.23
C VAL F 523 -5.02 -16.58 -22.49
N ILE F 524 -5.70 -16.84 -23.60
CA ILE F 524 -5.54 -16.08 -24.84
C ILE F 524 -6.65 -15.03 -24.87
N PRO F 525 -6.34 -13.74 -24.68
CA PRO F 525 -7.43 -12.74 -24.64
C PRO F 525 -8.06 -12.58 -26.01
N ALA F 526 -9.34 -12.91 -26.10
CA ALA F 526 -10.10 -12.87 -27.36
C ALA F 526 -11.46 -12.26 -27.07
N THR F 527 -11.61 -10.96 -27.34
CA THR F 527 -12.88 -10.30 -27.14
C THR F 527 -12.96 -9.04 -27.97
N ILE F 528 -14.19 -8.65 -28.27
CA ILE F 528 -14.46 -7.43 -29.03
C ILE F 528 -14.07 -6.21 -28.19
N SER F 529 -14.35 -6.22 -26.90
CA SER F 529 -14.22 -5.02 -26.08
C SER F 529 -12.78 -4.61 -25.83
N ASN F 530 -11.82 -5.52 -26.01
CA ASN F 530 -10.43 -5.31 -25.61
C ASN F 530 -10.31 -4.92 -24.14
N ASN F 531 -11.08 -5.60 -23.29
CA ASN F 531 -11.16 -5.31 -21.86
C ASN F 531 -10.43 -6.34 -21.01
N VAL F 532 -9.58 -7.17 -21.60
CA VAL F 532 -8.90 -8.24 -20.89
C VAL F 532 -7.59 -7.68 -20.34
N PRO F 533 -7.35 -7.69 -19.02
CA PRO F 533 -6.05 -7.21 -18.53
C PRO F 533 -4.92 -8.13 -18.96
N GLY F 534 -3.74 -7.53 -19.12
CA GLY F 534 -2.55 -8.25 -19.49
C GLY F 534 -2.22 -8.26 -20.97
N THR F 535 -2.95 -7.50 -21.79
CA THR F 535 -2.68 -7.41 -23.21
C THR F 535 -3.03 -6.01 -23.69
N ASP F 536 -2.49 -5.66 -24.85
CA ASP F 536 -2.89 -4.43 -25.54
C ASP F 536 -4.00 -4.67 -26.55
N PHE F 537 -4.01 -5.83 -27.20
CA PHE F 537 -4.98 -6.16 -28.24
C PHE F 537 -5.57 -7.52 -27.92
N SER F 538 -6.83 -7.53 -27.49
CA SER F 538 -7.56 -8.79 -27.43
C SER F 538 -7.81 -9.30 -28.84
N LEU F 539 -7.76 -10.61 -29.00
CA LEU F 539 -7.94 -11.22 -30.31
C LEU F 539 -9.36 -10.98 -30.82
N GLY F 540 -9.46 -10.24 -31.92
CA GLY F 540 -10.74 -9.85 -32.49
C GLY F 540 -11.17 -8.43 -32.21
N SER F 541 -10.40 -7.67 -31.44
CA SER F 541 -10.72 -6.25 -31.30
C SER F 541 -10.48 -5.52 -32.60
N ASP F 542 -9.42 -5.90 -33.34
CA ASP F 542 -9.13 -5.29 -34.64
C ASP F 542 -10.28 -5.49 -35.62
N THR F 543 -10.86 -6.70 -35.64
CA THR F 543 -12.01 -6.95 -36.51
C THR F 543 -13.19 -6.06 -36.15
N ALA F 544 -13.47 -5.92 -34.86
CA ALA F 544 -14.58 -5.09 -34.43
C ALA F 544 -14.38 -3.63 -34.80
N VAL F 545 -13.15 -3.15 -34.64
CA VAL F 545 -12.84 -1.76 -34.98
C VAL F 545 -13.05 -1.54 -36.47
N ASN F 546 -12.58 -2.49 -37.28
CA ASN F 546 -12.73 -2.36 -38.73
C ASN F 546 -14.20 -2.35 -39.14
N ALA F 547 -14.99 -3.25 -38.56
CA ALA F 547 -16.43 -3.26 -38.85
C ALA F 547 -17.08 -1.97 -38.36
N ALA F 548 -16.65 -1.46 -37.21
CA ALA F 548 -17.24 -0.25 -36.66
C ALA F 548 -16.97 0.96 -37.55
N MET F 549 -15.73 1.13 -38.00
CA MET F 549 -15.43 2.29 -38.85
C MET F 549 -16.14 2.19 -40.20
N GLU F 550 -16.24 0.97 -40.73
CA GLU F 550 -16.91 0.78 -42.03
C GLU F 550 -18.36 1.21 -41.95
N SER F 551 -19.04 0.84 -40.87
CA SER F 551 -20.40 1.32 -40.64
C SER F 551 -20.41 2.83 -40.44
N CYS F 552 -19.44 3.37 -39.68
CA CYS F 552 -19.39 4.81 -39.45
C CYS F 552 -19.09 5.57 -40.73
N ASP F 553 -18.17 5.04 -41.56
CA ASP F 553 -17.89 5.67 -42.85
C ASP F 553 -19.12 5.65 -43.74
N ARG F 554 -19.84 4.52 -43.75
CA ARG F 554 -21.11 4.44 -44.47
C ARG F 554 -22.10 5.48 -43.96
N ILE F 555 -22.24 5.58 -42.63
CA ILE F 555 -23.19 6.51 -42.04
C ILE F 555 -22.80 7.94 -42.36
N LYS F 556 -21.50 8.25 -42.28
CA LYS F 556 -21.04 9.59 -42.61
C LYS F 556 -21.21 9.88 -44.10
N GLN F 557 -21.09 8.86 -44.95
CA GLN F 557 -21.28 9.04 -46.39
C GLN F 557 -22.71 9.36 -46.79
N SER F 558 -23.70 9.22 -45.88
CA SER F 558 -25.09 9.22 -46.31
C SER F 558 -25.65 10.62 -46.48
N ALA F 559 -25.27 11.56 -45.62
CA ALA F 559 -25.50 12.96 -45.94
C ALA F 559 -24.62 13.34 -47.12
N SER F 560 -25.15 14.16 -48.02
CA SER F 560 -24.50 14.43 -49.30
C SER F 560 -24.73 15.88 -49.72
N GLY F 561 -23.71 16.45 -50.36
CA GLY F 561 -23.82 17.80 -50.89
C GLY F 561 -23.97 18.83 -49.79
N THR F 562 -25.07 19.58 -49.86
CA THR F 562 -25.25 20.74 -48.99
C THR F 562 -25.59 20.36 -47.56
N LYS F 563 -26.19 19.19 -47.34
CA LYS F 563 -26.86 18.90 -46.09
C LYS F 563 -25.86 18.81 -44.94
N ARG F 564 -26.07 19.64 -43.93
CA ARG F 564 -25.25 19.64 -42.71
C ARG F 564 -25.94 18.74 -41.69
N ARG F 565 -25.31 17.60 -41.37
CA ARG F 565 -25.89 16.65 -40.43
C ARG F 565 -24.81 15.97 -39.59
N VAL F 566 -25.13 15.82 -38.30
CA VAL F 566 -24.33 15.11 -37.31
C VAL F 566 -24.99 13.75 -37.07
N PHE F 567 -24.17 12.72 -36.89
CA PHE F 567 -24.63 11.37 -36.55
C PHE F 567 -24.10 10.99 -35.18
N ILE F 568 -25.00 10.64 -34.27
CA ILE F 568 -24.64 10.00 -33.00
C ILE F 568 -24.61 8.50 -33.27
N VAL F 569 -23.43 7.91 -33.19
CA VAL F 569 -23.25 6.47 -33.35
C VAL F 569 -22.92 5.88 -31.99
N GLU F 570 -23.66 4.85 -31.59
CA GLU F 570 -23.39 4.13 -30.35
C GLU F 570 -22.63 2.85 -30.67
N THR F 571 -21.44 2.70 -30.07
CA THR F 571 -20.60 1.51 -30.23
C THR F 571 -20.74 0.61 -29.01
N MET F 572 -20.36 -0.65 -29.20
CA MET F 572 -20.30 -1.62 -28.11
C MET F 572 -18.95 -1.48 -27.40
N GLY F 573 -18.65 -2.41 -26.49
CA GLY F 573 -17.39 -2.44 -25.75
C GLY F 573 -17.59 -2.41 -24.24
N GLY F 574 -18.84 -2.50 -23.78
CA GLY F 574 -19.12 -2.41 -22.36
C GLY F 574 -18.65 -1.09 -21.78
N TYR F 575 -18.07 -1.16 -20.58
CA TYR F 575 -17.45 0.01 -19.98
C TYR F 575 -16.10 0.34 -20.60
N CYS F 576 -15.49 -0.60 -21.32
CA CYS F 576 -14.21 -0.33 -21.96
C CYS F 576 -14.41 0.55 -23.18
N GLY F 577 -13.82 1.74 -23.13
CA GLY F 577 -13.98 2.69 -24.21
C GLY F 577 -13.06 2.51 -25.39
N TYR F 578 -12.15 1.53 -25.36
CA TYR F 578 -11.14 1.35 -26.42
C TYR F 578 -11.76 1.37 -27.80
N LEU F 579 -12.78 0.53 -28.01
CA LEU F 579 -13.41 0.39 -29.32
C LEU F 579 -13.99 1.72 -29.80
N ALA F 580 -14.64 2.46 -28.89
CA ALA F 580 -15.20 3.75 -29.26
C ALA F 580 -14.11 4.73 -29.68
N THR F 581 -13.04 4.83 -28.90
CA THR F 581 -12.06 5.90 -29.12
C THR F 581 -11.27 5.66 -30.40
N VAL F 582 -10.79 4.43 -30.58
CA VAL F 582 -10.03 4.12 -31.80
C VAL F 582 -10.93 4.27 -33.03
N THR F 583 -12.19 3.83 -32.94
CA THR F 583 -13.12 4.05 -34.05
C THR F 583 -13.31 5.53 -34.33
N GLY F 584 -13.34 6.34 -33.27
CA GLY F 584 -13.46 7.77 -33.46
C GLY F 584 -12.24 8.37 -34.14
N ILE F 585 -11.05 7.86 -33.81
CA ILE F 585 -9.84 8.29 -34.49
C ILE F 585 -9.90 7.86 -35.96
N ALA F 586 -10.24 6.60 -36.20
CA ALA F 586 -10.22 6.07 -37.56
C ALA F 586 -11.19 6.80 -38.47
N VAL F 587 -12.31 7.26 -37.91
CA VAL F 587 -13.38 7.88 -38.70
C VAL F 587 -13.36 9.41 -38.59
N GLY F 588 -12.44 9.98 -37.84
CA GLY F 588 -12.46 11.42 -37.64
C GLY F 588 -13.66 11.89 -36.85
N ALA F 589 -14.06 11.12 -35.84
CA ALA F 589 -15.19 11.52 -35.02
C ALA F 589 -14.86 12.77 -34.22
N ASP F 590 -15.85 13.65 -34.07
CA ASP F 590 -15.65 14.86 -33.30
C ASP F 590 -15.43 14.55 -31.82
N ALA F 591 -16.22 13.63 -31.27
CA ALA F 591 -16.09 13.22 -29.87
C ALA F 591 -16.39 11.73 -29.75
N ALA F 592 -15.70 11.07 -28.83
CA ALA F 592 -15.95 9.67 -28.47
C ALA F 592 -16.17 9.62 -26.97
N TYR F 593 -17.43 9.75 -26.55
CA TYR F 593 -17.76 9.70 -25.12
C TYR F 593 -17.56 8.29 -24.59
N VAL F 594 -16.71 8.17 -23.55
CA VAL F 594 -16.36 6.90 -22.95
C VAL F 594 -16.45 7.01 -21.44
N PHE F 595 -16.56 5.83 -20.80
CA PHE F 595 -16.64 5.77 -19.35
C PHE F 595 -15.37 6.30 -18.69
N GLU F 596 -14.20 5.94 -19.23
CA GLU F 596 -12.94 6.27 -18.58
C GLU F 596 -12.66 7.76 -18.55
N ASP F 597 -13.35 8.57 -19.35
CA ASP F 597 -13.23 10.02 -19.38
C ASP F 597 -14.60 10.58 -19.01
N PRO F 598 -14.92 10.66 -17.71
CA PRO F 598 -16.26 11.12 -17.32
C PRO F 598 -16.52 12.55 -17.74
N PHE F 599 -17.71 12.77 -18.27
CA PHE F 599 -18.12 14.05 -18.84
C PHE F 599 -19.46 14.45 -18.24
N ASN F 600 -19.60 15.75 -18.00
CA ASN F 600 -20.81 16.35 -17.46
C ASN F 600 -21.40 17.29 -18.51
N ILE F 601 -22.49 17.96 -18.14
CA ILE F 601 -23.22 18.80 -19.08
C ILE F 601 -22.36 19.99 -19.53
N HIS F 602 -21.44 20.46 -18.68
CA HIS F 602 -20.54 21.53 -19.11
C HIS F 602 -19.69 21.08 -20.29
N ASP F 603 -19.14 19.86 -20.19
CA ASP F 603 -18.35 19.32 -21.30
C ASP F 603 -19.21 19.13 -22.54
N LEU F 604 -20.46 18.73 -22.35
CA LEU F 604 -21.36 18.54 -23.49
C LEU F 604 -21.64 19.86 -24.20
N LYS F 605 -21.90 20.93 -23.46
CA LYS F 605 -22.14 22.22 -24.10
C LYS F 605 -20.90 22.71 -24.82
N VAL F 606 -19.71 22.44 -24.25
CA VAL F 606 -18.47 22.78 -24.93
C VAL F 606 -18.37 22.05 -26.26
N ASN F 607 -18.62 20.74 -26.25
CA ASN F 607 -18.51 19.95 -27.47
C ASN F 607 -19.60 20.30 -28.47
N VAL F 608 -20.79 20.67 -27.98
CA VAL F 608 -21.89 20.99 -28.90
C VAL F 608 -21.63 22.33 -29.59
N GLU F 609 -21.20 23.33 -28.82
CA GLU F 609 -20.85 24.62 -29.42
C GLU F 609 -19.67 24.46 -30.37
N HIS F 610 -18.71 23.61 -30.01
CA HIS F 610 -17.60 23.31 -30.92
C HIS F 610 -18.10 22.69 -32.21
N MET F 611 -19.03 21.74 -32.12
CA MET F 611 -19.60 21.13 -33.32
C MET F 611 -20.36 22.16 -34.14
N THR F 612 -21.12 23.04 -33.48
CA THR F 612 -21.90 24.04 -34.20
C THR F 612 -20.99 24.98 -34.99
N GLU F 613 -19.92 25.45 -34.36
CA GLU F 613 -18.97 26.31 -35.05
C GLU F 613 -18.30 25.57 -36.21
N LYS F 614 -17.99 24.29 -35.99
CA LYS F 614 -17.41 23.48 -37.07
C LYS F 614 -18.38 23.32 -38.23
N MET F 615 -19.66 23.11 -37.92
CA MET F 615 -20.65 22.90 -38.97
C MET F 615 -21.00 24.19 -39.71
N LYS F 616 -20.66 25.34 -39.14
CA LYS F 616 -20.73 26.58 -39.91
C LYS F 616 -19.59 26.72 -40.90
N THR F 617 -18.48 26.01 -40.68
CA THR F 617 -17.37 25.98 -41.63
C THR F 617 -17.74 25.04 -42.78
N ASP F 618 -16.76 24.73 -43.64
CA ASP F 618 -17.03 23.94 -44.84
C ASP F 618 -17.14 22.44 -44.58
N ILE F 619 -16.81 21.96 -43.38
CA ILE F 619 -17.08 20.56 -43.04
C ILE F 619 -18.54 20.47 -42.62
N GLN F 620 -19.26 19.50 -43.19
CA GLN F 620 -20.71 19.42 -43.10
C GLN F 620 -21.22 18.15 -42.44
N ARG F 621 -20.36 17.16 -42.18
CA ARG F 621 -20.78 15.88 -41.62
C ARG F 621 -20.00 15.61 -40.34
N GLY F 622 -20.57 16.06 -39.23
CA GLY F 622 -20.03 15.70 -37.94
C GLY F 622 -20.36 14.26 -37.58
N LEU F 623 -19.54 13.68 -36.72
CA LEU F 623 -19.79 12.34 -36.22
C LEU F 623 -19.19 12.22 -34.83
N VAL F 624 -20.04 11.85 -33.86
CA VAL F 624 -19.62 11.60 -32.49
C VAL F 624 -19.99 10.17 -32.13
N LEU F 625 -19.07 9.46 -31.47
CA LEU F 625 -19.31 8.12 -30.99
C LEU F 625 -19.70 8.13 -29.52
N ARG F 626 -20.62 7.23 -29.15
CA ARG F 626 -20.99 7.00 -27.75
C ARG F 626 -20.74 5.55 -27.38
N ASN F 627 -19.85 5.33 -26.42
CA ASN F 627 -19.77 4.00 -25.85
C ASN F 627 -21.07 3.69 -25.12
N GLU F 628 -21.53 2.42 -25.24
CA GLU F 628 -22.86 2.04 -24.79
C GLU F 628 -23.08 2.30 -23.30
N LYS F 629 -22.01 2.22 -22.49
CA LYS F 629 -22.08 2.36 -21.02
C LYS F 629 -21.21 3.50 -20.53
N CYS F 630 -21.09 4.57 -21.31
CA CYS F 630 -20.26 5.70 -20.88
C CYS F 630 -20.93 6.49 -19.77
N HIS F 631 -22.26 6.63 -19.83
CA HIS F 631 -23.00 7.47 -18.90
C HIS F 631 -24.32 6.80 -18.51
N ASP F 632 -24.72 7.00 -17.26
CA ASP F 632 -25.96 6.41 -16.78
C ASP F 632 -27.18 7.10 -17.36
N TYR F 633 -27.11 8.43 -17.50
CA TYR F 633 -28.24 9.26 -17.89
C TYR F 633 -28.11 9.87 -19.27
N TYR F 634 -26.90 10.26 -19.68
CA TYR F 634 -26.69 10.90 -20.98
C TYR F 634 -26.59 9.79 -22.03
N THR F 635 -27.75 9.19 -22.30
CA THR F 635 -27.85 8.10 -23.25
C THR F 635 -27.70 8.64 -24.67
N THR F 636 -27.77 7.73 -25.65
CA THR F 636 -27.73 8.14 -27.04
C THR F 636 -28.92 9.02 -27.38
N GLU F 637 -30.09 8.74 -26.79
CA GLU F 637 -31.24 9.61 -26.99
C GLU F 637 -30.99 10.99 -26.40
N PHE F 638 -30.36 11.04 -25.22
CA PHE F 638 -30.02 12.32 -24.61
C PHE F 638 -29.12 13.13 -25.53
N LEU F 639 -28.03 12.52 -26.01
CA LEU F 639 -27.13 13.23 -26.90
C LEU F 639 -27.80 13.60 -28.22
N TYR F 640 -28.72 12.75 -28.71
CA TYR F 640 -29.50 13.12 -29.88
C TYR F 640 -30.30 14.39 -29.61
N ASN F 641 -31.00 14.44 -28.48
CA ASN F 641 -31.83 15.60 -28.16
C ASN F 641 -30.98 16.86 -27.99
N LEU F 642 -29.85 16.74 -27.31
CA LEU F 642 -28.99 17.89 -27.08
C LEU F 642 -28.44 18.45 -28.39
N TYR F 643 -27.81 17.60 -29.19
CA TYR F 643 -27.18 18.06 -30.42
C TYR F 643 -28.20 18.60 -31.41
N SER F 644 -29.37 17.97 -31.48
CA SER F 644 -30.37 18.42 -32.45
C SER F 644 -31.00 19.74 -32.02
N SER F 645 -31.19 19.95 -30.71
CA SER F 645 -31.76 21.20 -30.23
C SER F 645 -30.78 22.35 -30.40
N GLU F 646 -29.57 22.20 -29.86
CA GLU F 646 -28.60 23.28 -29.90
C GLU F 646 -28.13 23.56 -31.32
N GLY F 647 -28.10 22.54 -32.18
CA GLY F 647 -27.79 22.72 -33.57
C GLY F 647 -28.94 23.15 -34.44
N LYS F 648 -30.08 23.53 -33.85
CA LYS F 648 -31.24 23.96 -34.60
C LYS F 648 -30.91 25.15 -35.48
N GLY F 649 -31.29 25.08 -36.75
CA GLY F 649 -30.96 26.10 -37.71
C GLY F 649 -29.57 26.01 -38.29
N VAL F 650 -28.73 25.08 -37.81
CA VAL F 650 -27.38 24.87 -38.31
C VAL F 650 -27.24 23.47 -38.91
N PHE F 651 -27.63 22.45 -38.15
CA PHE F 651 -27.53 21.07 -38.62
C PHE F 651 -28.65 20.23 -38.04
N ASP F 652 -28.92 19.13 -38.72
CA ASP F 652 -29.80 18.08 -38.25
C ASP F 652 -28.97 17.01 -37.54
N CYS F 653 -29.64 16.23 -36.68
CA CYS F 653 -29.01 15.16 -35.93
C CYS F 653 -29.73 13.85 -36.20
N ARG F 654 -28.97 12.75 -36.24
CA ARG F 654 -29.53 11.42 -36.38
C ARG F 654 -28.76 10.45 -35.51
N THR F 655 -29.40 9.30 -35.25
CA THR F 655 -28.93 8.27 -34.34
C THR F 655 -28.78 6.95 -35.07
N ASN F 656 -27.71 6.21 -34.76
CA ASN F 656 -27.56 4.85 -35.24
C ASN F 656 -26.82 4.03 -34.19
N VAL F 657 -27.49 3.04 -33.61
CA VAL F 657 -26.87 2.15 -32.63
C VAL F 657 -26.31 0.96 -33.41
N LEU F 658 -25.01 0.96 -33.65
CA LEU F 658 -24.34 -0.20 -34.22
C LEU F 658 -24.39 -1.31 -33.19
N GLY F 659 -25.33 -2.23 -33.36
CA GLY F 659 -25.46 -3.33 -32.43
C GLY F 659 -24.45 -4.42 -32.72
N HIS F 660 -24.94 -5.59 -33.13
CA HIS F 660 -24.09 -6.72 -33.47
C HIS F 660 -23.51 -6.65 -34.87
N LEU F 661 -23.57 -5.49 -35.53
CA LEU F 661 -22.81 -5.28 -36.76
C LEU F 661 -21.30 -5.31 -36.53
N GLN F 662 -20.86 -5.11 -35.29
CA GLN F 662 -19.44 -5.10 -34.94
C GLN F 662 -18.92 -6.47 -34.51
N GLN F 663 -19.76 -7.51 -34.54
CA GLN F 663 -19.49 -8.76 -33.83
C GLN F 663 -19.26 -9.93 -34.77
N GLY F 664 -20.22 -10.27 -35.63
CA GLY F 664 -20.19 -11.52 -36.36
C GLY F 664 -19.30 -11.60 -37.57
N GLY F 665 -18.58 -10.53 -37.91
CA GLY F 665 -17.78 -10.54 -39.11
C GLY F 665 -16.64 -11.54 -39.08
N ALA F 666 -16.20 -11.94 -40.27
CA ALA F 666 -15.02 -12.78 -40.37
C ALA F 666 -13.80 -12.01 -39.84
N PRO F 667 -12.78 -12.71 -39.35
CA PRO F 667 -11.61 -11.98 -38.82
C PRO F 667 -10.86 -11.25 -39.90
N THR F 668 -10.41 -10.04 -39.56
CA THR F 668 -9.51 -9.31 -40.43
C THR F 668 -8.19 -10.07 -40.53
N PRO F 669 -7.38 -9.76 -41.55
CA PRO F 669 -6.10 -10.48 -41.69
C PRO F 669 -5.17 -10.32 -40.50
N PHE F 670 -5.17 -9.14 -39.87
CA PHE F 670 -4.41 -8.94 -38.65
C PHE F 670 -4.83 -9.94 -37.58
N ASP F 671 -6.15 -10.06 -37.36
CA ASP F 671 -6.65 -10.95 -36.32
C ASP F 671 -6.28 -12.41 -36.60
N ARG F 672 -6.35 -12.83 -37.87
CA ARG F 672 -5.96 -14.19 -38.22
C ARG F 672 -4.49 -14.44 -37.92
N ASN F 673 -3.61 -13.57 -38.44
CA ASN F 673 -2.18 -13.73 -38.20
C ASN F 673 -1.86 -13.62 -36.71
N TYR F 674 -2.48 -12.65 -36.03
CA TYR F 674 -2.25 -12.46 -34.61
C TYR F 674 -2.64 -13.71 -33.82
N GLY F 675 -3.89 -14.15 -33.99
CA GLY F 675 -4.35 -15.35 -33.29
C GLY F 675 -3.56 -16.58 -33.67
N THR F 676 -3.16 -16.69 -34.95
CA THR F 676 -2.27 -17.76 -35.38
C THR F 676 -0.98 -17.75 -34.56
N LYS F 677 -0.31 -16.61 -34.51
CA LYS F 677 1.00 -16.54 -33.87
C LYS F 677 0.92 -16.77 -32.36
N LEU F 678 0.02 -16.06 -31.67
CA LEU F 678 -0.04 -16.25 -30.21
C LEU F 678 -0.60 -17.62 -29.83
N GLY F 679 -1.39 -18.24 -30.70
CA GLY F 679 -1.76 -19.63 -30.47
C GLY F 679 -0.56 -20.56 -30.52
N VAL F 680 0.33 -20.35 -31.50
CA VAL F 680 1.59 -21.09 -31.52
C VAL F 680 2.39 -20.80 -30.26
N LYS F 681 2.55 -19.52 -29.92
CA LYS F 681 3.37 -19.16 -28.76
C LYS F 681 2.77 -19.68 -27.46
N ALA F 682 1.45 -19.64 -27.34
CA ALA F 682 0.79 -20.21 -26.16
C ALA F 682 1.11 -21.69 -26.03
N MET F 683 1.13 -22.40 -27.16
CA MET F 683 1.42 -23.83 -27.10
C MET F 683 2.89 -24.10 -26.80
N LEU F 684 3.80 -23.27 -27.34
CA LEU F 684 5.21 -23.36 -26.98
C LEU F 684 5.39 -23.17 -25.49
N TRP F 685 4.76 -22.12 -24.94
CA TRP F 685 4.86 -21.83 -23.51
C TRP F 685 4.24 -22.95 -22.69
N LEU F 686 3.10 -23.49 -23.12
CA LEU F 686 2.48 -24.61 -22.40
C LEU F 686 3.40 -25.81 -22.34
N SER F 687 4.03 -26.15 -23.47
CA SER F 687 4.94 -27.31 -23.49
C SER F 687 6.16 -27.06 -22.62
N GLU F 688 6.71 -25.85 -22.66
CA GLU F 688 7.88 -25.53 -21.85
C GLU F 688 7.52 -25.55 -20.37
N LYS F 689 6.37 -25.00 -20.01
CA LYS F 689 5.96 -25.00 -18.61
C LYS F 689 5.63 -26.41 -18.13
N LEU F 690 5.07 -27.26 -19.00
CA LEU F 690 4.76 -28.62 -18.59
C LEU F 690 6.02 -29.43 -18.33
N ARG F 691 7.06 -29.22 -19.16
CA ARG F 691 8.33 -29.87 -18.88
C ARG F 691 8.98 -29.32 -17.62
N GLU F 692 8.89 -28.00 -17.42
CA GLU F 692 9.44 -27.37 -16.22
C GLU F 692 8.76 -27.83 -14.94
N VAL F 693 7.54 -28.38 -15.04
CA VAL F 693 6.69 -28.64 -13.88
C VAL F 693 6.43 -30.13 -13.68
N TYR F 694 6.73 -30.98 -14.65
CA TYR F 694 6.55 -32.42 -14.50
C TYR F 694 7.49 -32.95 -13.41
N ARG F 695 6.93 -33.67 -12.45
CA ARG F 695 7.70 -34.21 -11.35
C ARG F 695 7.06 -35.47 -10.80
N LYS F 696 7.90 -36.43 -10.41
CA LYS F 696 7.48 -37.62 -9.66
C LYS F 696 6.37 -38.40 -10.37
N GLY F 697 6.36 -38.36 -11.70
CA GLY F 697 5.37 -39.07 -12.48
C GLY F 697 4.05 -38.36 -12.68
N ARG F 698 3.98 -37.05 -12.42
CA ARG F 698 2.77 -36.29 -12.67
C ARG F 698 3.11 -34.82 -12.83
N VAL F 699 2.18 -34.07 -13.41
CA VAL F 699 2.28 -32.62 -13.49
C VAL F 699 1.70 -32.04 -12.20
N PHE F 700 2.38 -31.02 -11.65
CA PHE F 700 1.91 -30.33 -10.44
C PHE F 700 2.23 -28.85 -10.59
N ALA F 701 1.34 -28.12 -11.26
CA ALA F 701 1.50 -26.69 -11.52
C ALA F 701 0.73 -25.93 -10.44
N ASN F 702 1.49 -25.36 -9.50
CA ASN F 702 0.93 -24.71 -8.33
C ASN F 702 1.49 -23.33 -8.06
N ALA F 703 2.58 -22.91 -8.75
CA ALA F 703 3.03 -21.54 -8.63
C ALA F 703 2.11 -20.61 -9.42
N PRO F 704 2.02 -19.33 -9.05
CA PRO F 704 1.13 -18.42 -9.80
C PRO F 704 1.60 -18.16 -11.23
N ASP F 705 2.91 -18.23 -11.50
CA ASP F 705 3.40 -18.04 -12.85
C ASP F 705 3.08 -19.19 -13.79
N SER F 706 2.51 -20.30 -13.30
CA SER F 706 2.05 -21.38 -14.16
C SER F 706 0.66 -21.14 -14.72
N ALA F 707 0.03 -19.99 -14.42
CA ALA F 707 -1.27 -19.61 -14.97
C ALA F 707 -1.16 -18.16 -15.42
N CYS F 708 -0.97 -17.96 -16.72
CA CYS F 708 -0.60 -16.66 -17.28
C CYS F 708 -1.49 -16.29 -18.45
N VAL F 709 -1.63 -14.99 -18.66
CA VAL F 709 -2.30 -14.43 -19.83
C VAL F 709 -1.24 -14.11 -20.87
N ILE F 710 -1.33 -14.70 -22.05
CA ILE F 710 -0.39 -14.38 -23.12
C ILE F 710 -0.66 -12.94 -23.56
N GLY F 711 0.42 -12.17 -23.70
CA GLY F 711 0.32 -10.72 -23.67
C GLY F 711 0.30 -9.97 -24.98
N LEU F 712 1.49 -9.53 -25.40
CA LEU F 712 1.72 -8.40 -26.31
C LEU F 712 1.34 -7.14 -25.55
N LYS F 713 2.13 -6.81 -24.52
CA LYS F 713 1.81 -5.78 -23.55
C LYS F 713 2.41 -4.42 -23.89
N LYS F 714 3.67 -4.40 -24.35
CA LYS F 714 4.26 -3.17 -24.86
C LYS F 714 5.06 -3.44 -26.14
N LYS F 715 6.04 -4.33 -26.06
CA LYS F 715 7.01 -4.55 -27.13
C LYS F 715 6.85 -5.90 -27.80
N ALA F 716 6.82 -6.99 -27.03
CA ALA F 716 6.72 -8.34 -27.56
C ALA F 716 5.71 -9.11 -26.72
N VAL F 717 5.53 -10.38 -27.06
CA VAL F 717 4.58 -11.22 -26.34
C VAL F 717 5.08 -11.45 -24.92
N ALA F 718 4.17 -11.33 -23.96
CA ALA F 718 4.45 -11.45 -22.54
C ALA F 718 3.50 -12.49 -21.94
N PHE F 719 3.84 -12.92 -20.73
CA PHE F 719 3.04 -13.87 -19.95
C PHE F 719 2.85 -13.28 -18.56
N SER F 720 1.74 -12.57 -18.39
CA SER F 720 1.45 -11.90 -17.12
C SER F 720 0.65 -12.87 -16.23
N PRO F 721 1.14 -13.23 -15.03
CA PRO F 721 0.34 -14.12 -14.18
C PRO F 721 -0.97 -13.47 -13.78
N VAL F 722 -2.04 -14.28 -13.80
CA VAL F 722 -3.39 -13.78 -13.53
C VAL F 722 -3.48 -13.21 -12.11
N THR F 723 -2.78 -13.83 -11.16
CA THR F 723 -2.81 -13.34 -9.79
C THR F 723 -2.15 -11.97 -9.69
N GLU F 724 -1.13 -11.70 -10.52
CA GLU F 724 -0.52 -10.37 -10.51
C GLU F 724 -1.43 -9.36 -11.19
N LEU F 725 -2.12 -9.77 -12.27
CA LEU F 725 -3.03 -8.87 -12.95
C LEU F 725 -4.26 -8.53 -12.12
N LYS F 726 -4.59 -9.32 -11.10
CA LYS F 726 -5.79 -9.08 -10.31
C LYS F 726 -5.75 -7.71 -9.62
N LYS F 727 -4.56 -7.22 -9.28
CA LYS F 727 -4.47 -5.88 -8.68
C LYS F 727 -4.98 -4.81 -9.64
N ASP F 728 -4.61 -4.90 -10.91
CA ASP F 728 -4.93 -3.89 -11.91
C ASP F 728 -6.20 -4.23 -12.70
N THR F 729 -7.13 -4.99 -12.12
CA THR F 729 -8.35 -5.42 -12.78
C THR F 729 -9.55 -4.87 -12.01
N ASP F 730 -10.40 -4.12 -12.71
CA ASP F 730 -11.66 -3.61 -12.16
C ASP F 730 -12.75 -4.63 -12.48
N PHE F 731 -13.03 -5.52 -11.52
CA PHE F 731 -13.97 -6.61 -11.75
C PHE F 731 -15.40 -6.11 -11.90
N GLU F 732 -15.75 -5.03 -11.20
CA GLU F 732 -17.10 -4.48 -11.30
C GLU F 732 -17.41 -4.05 -12.73
N HIS F 733 -16.49 -3.31 -13.35
CA HIS F 733 -16.64 -2.87 -14.73
C HIS F 733 -16.02 -3.85 -15.73
N ARG F 734 -15.35 -4.91 -15.26
CA ARG F 734 -14.78 -5.95 -16.13
C ARG F 734 -13.78 -5.35 -17.13
N MET F 735 -12.83 -4.60 -16.60
CA MET F 735 -11.81 -3.96 -17.42
C MET F 735 -10.59 -3.71 -16.55
N PRO F 736 -9.41 -3.48 -17.14
CA PRO F 736 -8.25 -3.13 -16.32
C PRO F 736 -8.35 -1.72 -15.77
N ARG F 737 -7.62 -1.48 -14.69
CA ARG F 737 -7.64 -0.18 -14.04
C ARG F 737 -6.80 0.84 -14.80
N GLU F 738 -5.67 0.42 -15.35
CA GLU F 738 -4.78 1.26 -16.14
C GLU F 738 -4.72 0.69 -17.55
N GLN F 739 -5.25 1.43 -18.50
CA GLN F 739 -5.33 1.02 -19.90
C GLN F 739 -4.38 1.87 -20.73
N TRP F 740 -3.62 1.21 -21.60
CA TRP F 740 -2.57 1.89 -22.37
C TRP F 740 -3.13 2.93 -23.33
N TRP F 741 -4.37 2.76 -23.78
CA TRP F 741 -4.91 3.53 -24.91
C TRP F 741 -5.48 4.89 -24.52
N LEU F 742 -5.49 5.26 -23.23
CA LEU F 742 -6.08 6.54 -22.85
C LEU F 742 -5.32 7.74 -23.41
N SER F 743 -4.05 7.56 -23.77
CA SER F 743 -3.32 8.65 -24.41
C SER F 743 -3.84 8.94 -25.82
N LEU F 744 -4.50 7.97 -26.46
CA LEU F 744 -5.08 8.20 -27.78
C LEU F 744 -6.24 9.17 -27.77
N ARG F 745 -6.88 9.38 -26.61
CA ARG F 745 -7.92 10.41 -26.49
C ARG F 745 -7.35 11.77 -26.83
N LEU F 746 -6.12 12.03 -26.39
CA LEU F 746 -5.46 13.30 -26.63
C LEU F 746 -5.29 13.54 -28.13
N MET F 747 -4.90 12.49 -28.86
CA MET F 747 -4.77 12.61 -30.31
C MET F 747 -6.13 12.84 -30.97
N LEU F 748 -7.16 12.11 -30.53
CA LEU F 748 -8.51 12.32 -31.06
C LEU F 748 -8.94 13.77 -30.87
N LYS F 749 -8.80 14.27 -29.65
CA LYS F 749 -9.24 15.63 -29.34
C LYS F 749 -8.41 16.66 -30.08
N MET F 750 -7.09 16.43 -30.21
CA MET F 750 -6.25 17.32 -30.99
C MET F 750 -6.69 17.35 -32.44
N LEU F 751 -6.93 16.18 -33.03
CA LEU F 751 -7.35 16.11 -34.42
C LEU F 751 -8.77 16.63 -34.67
N ALA F 752 -9.51 16.98 -33.61
CA ALA F 752 -10.81 17.62 -33.71
C ALA F 752 -10.80 19.06 -33.18
N GLN F 753 -9.63 19.70 -33.13
CA GLN F 753 -9.42 21.10 -32.72
C GLN F 753 -9.67 21.36 -31.23
N TYR F 754 -9.82 20.32 -30.41
CA TYR F 754 -9.97 20.54 -28.98
C TYR F 754 -8.60 20.85 -28.38
N ARG F 755 -8.50 22.01 -27.74
CA ARG F 755 -7.25 22.48 -27.14
C ARG F 755 -7.03 21.72 -25.83
N ILE F 756 -6.34 20.59 -25.93
CA ILE F 756 -6.04 19.71 -24.81
C ILE F 756 -4.53 19.69 -24.62
N SER F 757 -4.09 20.10 -23.44
CA SER F 757 -2.66 20.08 -23.11
C SER F 757 -2.22 18.64 -22.98
N MET F 758 -1.62 18.10 -24.04
CA MET F 758 -1.18 16.70 -24.07
C MET F 758 0.21 16.51 -23.49
N ALA F 759 0.52 17.16 -22.37
CA ALA F 759 1.79 16.91 -21.68
C ALA F 759 1.87 15.49 -21.14
N ALA F 760 0.73 14.80 -20.99
CA ALA F 760 0.72 13.41 -20.54
C ALA F 760 1.05 12.40 -21.62
N TYR F 761 1.16 12.83 -22.88
CA TYR F 761 1.50 11.91 -23.96
C TYR F 761 3.00 11.67 -23.98
N VAL F 762 3.39 10.40 -24.08
CA VAL F 762 4.78 9.98 -24.12
C VAL F 762 5.07 9.40 -25.50
N SER F 763 6.13 9.91 -26.13
CA SER F 763 6.55 9.46 -27.45
C SER F 763 7.74 8.52 -27.33
N GLY F 764 7.86 7.64 -28.32
CA GLY F 764 8.97 6.70 -28.32
C GLY F 764 10.30 7.42 -28.46
N GLU F 765 11.27 6.99 -27.66
CA GLU F 765 12.61 7.55 -27.69
C GLU F 765 13.47 6.80 -28.71
N LEU F 766 14.67 7.33 -28.94
CA LEU F 766 15.58 6.73 -29.91
C LEU F 766 16.03 5.34 -29.45
N GLU F 767 16.07 4.41 -30.39
CA GLU F 767 16.58 3.06 -30.17
C GLU F 767 17.39 2.66 -31.37
N HIS F 768 18.57 2.08 -31.11
CA HIS F 768 19.36 1.52 -32.20
C HIS F 768 18.71 0.25 -32.72
N VAL F 769 19.03 -0.08 -33.96
CA VAL F 769 18.48 -1.28 -34.58
C VAL F 769 19.01 -2.51 -33.87
N THR F 770 18.16 -3.55 -33.79
CA THR F 770 18.51 -4.79 -33.09
C THR F 770 19.30 -5.70 -34.03
N ARG F 771 20.53 -5.27 -34.31
CA ARG F 771 21.51 -5.97 -35.17
C ARG F 771 20.91 -6.55 -36.46
N ALA G 11 -34.03 52.94 -8.02
CA ALA G 11 -35.31 52.18 -8.20
C ALA G 11 -35.55 51.26 -7.00
N SER G 12 -34.52 50.50 -6.63
CA SER G 12 -34.64 49.56 -5.53
C SER G 12 -34.82 50.30 -4.21
N GLY G 13 -35.56 49.67 -3.30
CA GLY G 13 -35.80 50.22 -1.98
C GLY G 13 -34.75 49.77 -0.98
N ALA G 14 -33.49 50.06 -1.26
CA ALA G 14 -32.40 49.71 -0.37
C ALA G 14 -32.26 50.75 0.74
N GLY G 15 -31.80 50.30 1.90
CA GLY G 15 -31.61 51.16 3.05
C GLY G 15 -32.86 51.44 3.86
N LYS G 16 -34.01 50.89 3.47
CA LYS G 16 -35.28 51.09 4.16
C LYS G 16 -35.84 49.72 4.55
N ALA G 17 -36.64 49.71 5.60
CA ALA G 17 -37.17 48.49 6.21
C ALA G 17 -38.68 48.42 6.06
N ILE G 18 -39.19 47.21 5.83
CA ILE G 18 -40.62 46.95 5.66
C ILE G 18 -41.07 46.02 6.77
N GLY G 19 -42.14 46.40 7.46
CA GLY G 19 -42.78 45.55 8.44
C GLY G 19 -44.00 44.88 7.84
N VAL G 20 -44.19 43.61 8.17
CA VAL G 20 -45.35 42.84 7.73
C VAL G 20 -45.96 42.19 8.97
N LEU G 21 -47.27 42.34 9.11
CA LEU G 21 -48.01 41.77 10.23
C LEU G 21 -49.32 41.21 9.71
N THR G 22 -49.86 40.25 10.47
CA THR G 22 -51.18 39.69 10.22
C THR G 22 -52.02 39.86 11.48
N SER G 23 -53.28 40.25 11.29
CA SER G 23 -54.20 40.47 12.40
C SER G 23 -55.60 40.06 11.97
N GLY G 24 -56.43 39.74 12.96
CA GLY G 24 -57.78 39.27 12.72
C GLY G 24 -57.83 37.77 12.51
N GLY G 25 -58.97 37.33 11.98
CA GLY G 25 -59.13 35.92 11.65
C GLY G 25 -58.13 35.48 10.60
N ASP G 26 -57.52 34.33 10.82
CA ASP G 26 -56.43 33.85 9.97
C ASP G 26 -57.01 33.30 8.67
N ALA G 27 -57.27 34.21 7.74
CA ALA G 27 -57.66 33.81 6.39
C ALA G 27 -56.57 32.97 5.76
N GLN G 28 -56.94 31.76 5.34
CA GLN G 28 -55.99 30.90 4.65
C GLN G 28 -55.60 31.51 3.31
N GLY G 29 -54.32 31.40 2.98
CA GLY G 29 -53.70 32.21 1.95
C GLY G 29 -52.92 33.39 2.48
N MET G 30 -53.05 33.69 3.78
CA MET G 30 -52.21 34.71 4.40
C MET G 30 -50.73 34.36 4.28
N ASN G 31 -50.39 33.07 4.44
CA ASN G 31 -49.00 32.65 4.36
C ASN G 31 -48.42 32.91 2.98
N ALA G 32 -49.23 32.75 1.94
CA ALA G 32 -48.78 33.09 0.59
C ALA G 32 -48.47 34.57 0.47
N ALA G 33 -49.35 35.43 1.02
CA ALA G 33 -49.12 36.87 0.97
C ALA G 33 -47.89 37.26 1.77
N VAL G 34 -47.73 36.67 2.96
CA VAL G 34 -46.56 36.97 3.79
C VAL G 34 -45.29 36.54 3.07
N ARG G 35 -45.31 35.36 2.45
CA ARG G 35 -44.16 34.86 1.72
C ARG G 35 -43.76 35.82 0.59
N ALA G 36 -44.75 36.26 -0.18
CA ALA G 36 -44.47 37.17 -1.30
C ALA G 36 -43.96 38.52 -0.80
N VAL G 37 -44.57 39.04 0.28
CA VAL G 37 -44.12 40.31 0.84
C VAL G 37 -42.67 40.19 1.31
N THR G 38 -42.37 39.11 2.04
CA THR G 38 -41.02 38.92 2.56
C THR G 38 -40.02 38.81 1.43
N ARG G 39 -40.28 37.90 0.48
CA ARG G 39 -39.29 37.63 -0.55
C ARG G 39 -39.11 38.81 -1.49
N MET G 40 -40.20 39.53 -1.81
CA MET G 40 -40.05 40.74 -2.62
C MET G 40 -39.29 41.81 -1.85
N GLY G 41 -39.53 41.91 -0.54
CA GLY G 41 -38.87 42.94 0.25
C GLY G 41 -37.37 42.75 0.33
N ILE G 42 -36.91 41.51 0.54
CA ILE G 42 -35.47 41.23 0.56
C ILE G 42 -34.90 40.98 -0.83
N TYR G 43 -35.75 40.81 -1.85
CA TYR G 43 -35.27 40.75 -3.22
C TYR G 43 -34.86 42.14 -3.71
N VAL G 44 -35.65 43.15 -3.37
CA VAL G 44 -35.38 44.53 -3.75
C VAL G 44 -34.41 45.20 -2.78
N GLY G 45 -33.79 44.43 -1.88
CA GLY G 45 -32.74 44.94 -1.01
C GLY G 45 -33.22 45.46 0.33
N ALA G 46 -34.53 45.63 0.52
CA ALA G 46 -35.02 46.14 1.79
C ALA G 46 -34.94 45.07 2.87
N LYS G 47 -34.82 45.52 4.11
CA LYS G 47 -34.91 44.63 5.27
C LYS G 47 -36.38 44.39 5.60
N VAL G 48 -36.74 43.13 5.82
CA VAL G 48 -38.11 42.74 6.14
C VAL G 48 -38.14 42.30 7.60
N PHE G 49 -39.09 42.84 8.37
CA PHE G 49 -39.29 42.50 9.76
C PHE G 49 -40.67 41.88 9.93
N LEU G 50 -40.69 40.65 10.47
CA LEU G 50 -41.92 39.93 10.74
C LEU G 50 -42.42 40.29 12.13
N ILE G 51 -43.63 40.83 12.21
CA ILE G 51 -44.24 41.23 13.47
C ILE G 51 -45.22 40.12 13.86
N TYR G 52 -44.86 39.38 14.90
CA TYR G 52 -45.63 38.20 15.29
C TYR G 52 -46.84 38.61 16.14
N GLU G 53 -47.91 37.85 16.02
CA GLU G 53 -49.18 38.11 16.71
C GLU G 53 -49.80 39.46 16.33
N GLY G 54 -49.40 40.04 15.19
CA GLY G 54 -50.05 41.24 14.71
C GLY G 54 -49.80 42.45 15.60
N TYR G 55 -50.88 43.20 15.86
CA TYR G 55 -50.77 44.41 16.68
C TYR G 55 -50.35 44.10 18.10
N GLU G 56 -50.61 42.89 18.58
CA GLU G 56 -50.09 42.44 19.87
C GLU G 56 -48.57 42.60 19.88
N GLY G 57 -47.87 41.82 19.05
CA GLY G 57 -46.42 41.93 19.00
C GLY G 57 -45.93 43.27 18.52
N LEU G 58 -46.73 44.02 17.77
CA LEU G 58 -46.41 45.42 17.53
C LEU G 58 -46.30 46.17 18.84
N VAL G 59 -47.25 45.94 19.77
CA VAL G 59 -47.27 46.66 21.03
C VAL G 59 -46.08 46.24 21.90
N GLU G 60 -46.03 44.96 22.29
CA GLU G 60 -44.93 44.50 23.12
C GLU G 60 -43.60 44.62 22.39
N GLY G 61 -43.57 44.28 21.10
CA GLY G 61 -42.35 44.43 20.33
C GLY G 61 -41.24 43.54 20.84
N GLY G 62 -40.01 44.05 20.69
CA GLY G 62 -38.84 43.36 21.19
C GLY G 62 -38.63 42.02 20.51
N GLU G 63 -38.84 40.93 21.25
CA GLU G 63 -38.71 39.61 20.67
C GLU G 63 -39.75 39.36 19.59
N ASN G 64 -40.90 40.04 19.65
CA ASN G 64 -41.96 39.82 18.68
C ASN G 64 -41.68 40.42 17.31
N ILE G 65 -40.61 41.20 17.15
CA ILE G 65 -40.23 41.82 15.88
C ILE G 65 -38.88 41.20 15.52
N LYS G 66 -38.86 40.43 14.43
CA LYS G 66 -37.69 39.70 13.98
C LYS G 66 -37.45 39.99 12.50
N GLN G 67 -36.20 40.19 12.13
CA GLN G 67 -35.86 40.37 10.74
C GLN G 67 -35.97 39.04 10.00
N ALA G 68 -36.51 39.10 8.79
CA ALA G 68 -36.73 37.91 7.96
C ALA G 68 -35.58 37.70 6.99
N ASN G 69 -35.26 36.44 6.75
CA ASN G 69 -34.40 36.00 5.66
C ASN G 69 -35.26 35.26 4.64
N TRP G 70 -34.61 34.80 3.56
CA TRP G 70 -35.35 34.10 2.51
C TRP G 70 -35.97 32.81 3.01
N LEU G 71 -35.25 32.07 3.85
CA LEU G 71 -35.75 30.79 4.34
C LEU G 71 -36.77 30.94 5.46
N SER G 72 -37.02 32.16 5.96
CA SER G 72 -38.03 32.32 7.01
C SER G 72 -39.43 32.03 6.50
N VAL G 73 -39.68 32.24 5.20
CA VAL G 73 -40.99 31.99 4.59
C VAL G 73 -40.91 30.81 3.63
N SER G 74 -40.02 29.87 3.89
CA SER G 74 -39.84 28.72 3.02
C SER G 74 -40.85 27.63 3.36
N ASN G 75 -41.53 27.11 2.34
CA ASN G 75 -42.43 25.97 2.49
C ASN G 75 -43.62 26.32 3.39
N ILE G 76 -44.18 27.51 3.18
CA ILE G 76 -45.36 27.95 3.91
C ILE G 76 -46.54 28.27 3.01
N ILE G 77 -46.35 28.35 1.68
CA ILE G 77 -47.41 28.81 0.79
C ILE G 77 -48.60 27.87 0.83
N GLN G 78 -48.35 26.57 0.99
CA GLN G 78 -49.44 25.59 1.07
C GLN G 78 -50.07 25.51 2.47
N LEU G 79 -49.49 26.14 3.48
CA LEU G 79 -50.06 26.09 4.82
C LEU G 79 -51.14 27.14 4.98
N GLY G 80 -52.28 26.72 5.53
CA GLY G 80 -53.32 27.65 5.92
C GLY G 80 -52.97 28.36 7.21
N GLY G 81 -53.91 29.19 7.66
CA GLY G 81 -53.64 29.99 8.84
C GLY G 81 -52.59 31.05 8.53
N THR G 82 -51.73 31.30 9.50
CA THR G 82 -50.63 32.25 9.32
C THR G 82 -49.51 31.89 10.28
N ILE G 83 -48.31 31.67 9.72
CA ILE G 83 -47.16 31.35 10.56
C ILE G 83 -46.75 32.57 11.39
N ILE G 84 -47.05 33.77 10.91
CA ILE G 84 -46.78 34.97 11.71
C ILE G 84 -47.66 34.98 12.95
N GLY G 85 -48.88 34.47 12.85
CA GLY G 85 -49.80 34.45 13.96
C GLY G 85 -50.56 35.76 14.07
N SER G 86 -51.80 35.66 14.54
CA SER G 86 -52.68 36.79 14.73
C SER G 86 -53.22 36.76 16.16
N ALA G 87 -53.52 37.95 16.68
CA ALA G 87 -54.09 38.06 18.02
C ALA G 87 -55.01 39.27 18.06
N ARG G 88 -56.04 39.18 18.88
CA ARG G 88 -56.87 40.32 19.23
C ARG G 88 -56.22 41.05 20.40
N CYS G 89 -55.90 42.33 20.20
CA CYS G 89 -55.36 43.17 21.25
C CYS G 89 -56.21 44.43 21.33
N LYS G 90 -56.66 44.76 22.54
CA LYS G 90 -57.35 46.00 22.80
C LYS G 90 -56.39 47.17 22.98
N ALA G 91 -55.10 46.90 23.17
CA ALA G 91 -54.13 47.97 23.38
C ALA G 91 -54.05 48.88 22.15
N PHE G 92 -54.10 48.31 20.95
CA PHE G 92 -54.07 49.11 19.73
C PHE G 92 -55.29 50.00 19.59
N THR G 93 -56.39 49.68 20.28
CA THR G 93 -57.55 50.57 20.28
C THR G 93 -57.23 51.87 21.01
N THR G 94 -56.45 51.79 22.09
CA THR G 94 -56.12 52.95 22.92
C THR G 94 -54.76 53.51 22.52
N ARG G 95 -54.57 54.81 22.78
CA ARG G 95 -53.31 55.46 22.45
C ARG G 95 -52.15 54.98 23.31
N GLU G 96 -52.44 54.43 24.51
CA GLU G 96 -51.38 53.95 25.38
C GLU G 96 -50.59 52.84 24.72
N GLY G 97 -51.28 51.88 24.09
CA GLY G 97 -50.59 50.80 23.41
C GLY G 97 -50.14 51.16 22.01
N ARG G 98 -50.87 52.05 21.35
CA ARG G 98 -50.51 52.46 20.01
C ARG G 98 -49.20 53.26 20.01
N ARG G 99 -48.97 54.06 21.05
CA ARG G 99 -47.69 54.74 21.19
C ARG G 99 -46.56 53.75 21.39
N ALA G 100 -46.80 52.70 22.19
CA ALA G 100 -45.80 51.66 22.35
C ALA G 100 -45.53 50.94 21.03
N ALA G 101 -46.59 50.76 20.23
CA ALA G 101 -46.42 50.17 18.91
C ALA G 101 -45.56 51.05 18.01
N ALA G 102 -45.82 52.36 18.02
CA ALA G 102 -45.01 53.29 17.25
C ALA G 102 -43.57 53.30 17.75
N TYR G 103 -43.38 53.19 19.06
CA TYR G 103 -42.03 53.12 19.62
C TYR G 103 -41.28 51.92 19.08
N ASN G 104 -41.89 50.73 19.17
CA ASN G 104 -41.22 49.51 18.75
C ASN G 104 -40.90 49.51 17.26
N LEU G 105 -41.75 50.15 16.45
CA LEU G 105 -41.43 50.29 15.03
C LEU G 105 -40.25 51.24 14.83
N VAL G 106 -40.16 52.29 15.64
CA VAL G 106 -39.06 53.24 15.50
C VAL G 106 -37.74 52.61 15.95
N GLN G 107 -37.79 51.71 16.94
CA GLN G 107 -36.57 51.07 17.42
C GLN G 107 -35.88 50.26 16.34
N HIS G 108 -36.65 49.72 15.40
CA HIS G 108 -36.14 48.94 14.27
C HIS G 108 -36.10 49.74 12.97
N GLY G 109 -36.46 51.02 12.99
CA GLY G 109 -36.43 51.82 11.78
C GLY G 109 -37.41 51.34 10.71
N ILE G 110 -38.58 50.89 11.13
CA ILE G 110 -39.59 50.35 10.22
C ILE G 110 -40.55 51.49 9.91
N THR G 111 -40.25 52.25 8.87
CA THR G 111 -41.13 53.30 8.36
C THR G 111 -42.17 52.79 7.38
N ASN G 112 -42.16 51.49 7.05
CA ASN G 112 -43.05 50.91 6.06
C ASN G 112 -43.71 49.69 6.68
N LEU G 113 -45.04 49.65 6.64
CA LEU G 113 -45.83 48.58 7.26
C LEU G 113 -46.82 48.03 6.25
N CYS G 114 -46.85 46.70 6.11
CA CYS G 114 -47.86 45.99 5.35
C CYS G 114 -48.75 45.22 6.32
N VAL G 115 -50.05 45.53 6.32
CA VAL G 115 -51.01 44.92 7.25
C VAL G 115 -51.93 44.02 6.43
N ILE G 116 -51.93 42.73 6.79
CA ILE G 116 -52.77 41.72 6.14
C ILE G 116 -53.85 41.33 7.16
N GLY G 117 -55.07 41.78 6.95
CA GLY G 117 -56.10 41.49 7.93
C GLY G 117 -57.48 41.85 7.40
N GLY G 118 -58.45 41.78 8.30
CA GLY G 118 -59.83 42.07 7.96
C GLY G 118 -60.17 43.54 8.08
N ASP G 119 -61.47 43.82 8.14
CA ASP G 119 -61.94 45.20 8.20
C ASP G 119 -61.47 45.91 9.46
N GLY G 120 -61.53 45.24 10.61
CA GLY G 120 -61.07 45.84 11.84
C GLY G 120 -59.58 46.10 11.83
N SER G 121 -58.81 45.16 11.26
CA SER G 121 -57.37 45.34 11.13
C SER G 121 -57.04 46.59 10.31
N LEU G 122 -57.73 46.77 9.19
CA LEU G 122 -57.43 47.89 8.31
C LEU G 122 -57.96 49.20 8.89
N THR G 123 -59.06 49.16 9.65
CA THR G 123 -59.50 50.34 10.36
C THR G 123 -58.46 50.77 11.40
N GLY G 124 -57.91 49.80 12.13
CA GLY G 124 -56.85 50.12 13.07
C GLY G 124 -55.61 50.66 12.40
N ALA G 125 -55.26 50.11 11.23
CA ALA G 125 -54.13 50.62 10.48
C ALA G 125 -54.37 52.05 10.00
N ASN G 126 -55.61 52.35 9.62
CA ASN G 126 -55.95 53.71 9.20
C ASN G 126 -55.80 54.69 10.35
N ILE G 127 -56.33 54.33 11.52
CA ILE G 127 -56.23 55.21 12.68
C ILE G 127 -54.78 55.32 13.15
N PHE G 128 -53.96 54.29 12.87
CA PHE G 128 -52.56 54.33 13.26
C PHE G 128 -51.76 55.26 12.37
N ARG G 129 -52.04 55.25 11.06
CA ARG G 129 -51.40 56.23 10.19
C ARG G 129 -51.85 57.65 10.53
N SER G 130 -53.16 57.84 10.76
CA SER G 130 -53.69 59.17 10.99
C SER G 130 -53.08 59.83 12.22
N GLU G 131 -52.63 59.03 13.20
CA GLU G 131 -52.02 59.52 14.43
C GLU G 131 -50.51 59.31 14.47
N TRP G 132 -49.88 58.85 13.38
CA TRP G 132 -48.46 58.53 13.41
C TRP G 132 -47.62 59.76 13.72
N GLY G 133 -47.95 60.91 13.11
CA GLY G 133 -47.24 62.13 13.43
C GLY G 133 -47.47 62.58 14.86
N SER G 134 -48.72 62.52 15.32
CA SER G 134 -49.02 62.90 16.69
C SER G 134 -48.39 61.95 17.70
N LEU G 135 -48.37 60.64 17.38
CA LEU G 135 -47.74 59.69 18.27
C LEU G 135 -46.24 59.92 18.37
N LEU G 136 -45.59 60.21 17.24
CA LEU G 136 -44.15 60.49 17.28
C LEU G 136 -43.86 61.78 18.05
N GLU G 137 -44.71 62.79 17.90
CA GLU G 137 -44.55 64.03 18.65
C GLU G 137 -44.66 63.77 20.14
N GLU G 138 -45.68 63.02 20.56
CA GLU G 138 -45.84 62.73 21.98
C GLU G 138 -44.73 61.82 22.49
N LEU G 139 -44.16 60.99 21.62
CA LEU G 139 -43.09 60.09 22.03
C LEU G 139 -41.80 60.86 22.28
N VAL G 140 -41.45 61.77 21.36
CA VAL G 140 -40.27 62.60 21.59
C VAL G 140 -40.50 63.54 22.75
N ALA G 141 -41.74 64.00 22.94
CA ALA G 141 -42.04 64.87 24.07
C ALA G 141 -41.84 64.14 25.40
N GLU G 142 -42.21 62.86 25.46
CA GLU G 142 -42.06 62.09 26.68
C GLU G 142 -40.63 61.63 26.92
N GLY G 143 -39.77 61.67 25.90
CA GLY G 143 -38.35 61.43 26.05
C GLY G 143 -37.85 60.06 25.68
N LYS G 144 -38.64 59.25 24.98
CA LYS G 144 -38.24 57.91 24.55
C LYS G 144 -37.55 57.90 23.20
N ILE G 145 -37.55 59.02 22.47
CA ILE G 145 -36.79 59.12 21.23
C ILE G 145 -36.36 60.58 21.06
N SER G 146 -35.13 60.77 20.58
CA SER G 146 -34.63 62.12 20.36
C SER G 146 -35.34 62.74 19.16
N GLU G 147 -35.30 64.09 19.12
CA GLU G 147 -35.86 64.81 17.99
C GLU G 147 -35.21 64.39 16.68
N THR G 148 -33.87 64.36 16.66
CA THR G 148 -33.18 63.62 15.62
C THR G 148 -33.49 62.15 15.80
N THR G 149 -33.62 61.43 14.69
CA THR G 149 -34.15 60.06 14.56
C THR G 149 -35.68 60.06 14.61
N ALA G 150 -36.35 61.20 14.81
CA ALA G 150 -37.80 61.34 14.69
C ALA G 150 -38.23 62.16 13.50
N ARG G 151 -37.40 63.09 13.02
CA ARG G 151 -37.70 63.76 11.76
C ARG G 151 -37.61 62.77 10.60
N THR G 152 -36.60 61.90 10.61
CA THR G 152 -36.70 60.67 9.83
C THR G 152 -37.73 59.76 10.48
N TYR G 153 -38.37 58.93 9.65
CA TYR G 153 -39.53 58.13 10.03
C TYR G 153 -40.76 58.98 10.34
N SER G 154 -40.78 60.25 9.92
CA SER G 154 -41.92 61.12 10.22
C SER G 154 -43.19 60.65 9.51
N HIS G 155 -43.05 59.93 8.40
CA HIS G 155 -44.18 59.39 7.64
C HIS G 155 -44.13 57.87 7.69
N LEU G 156 -45.27 57.27 8.01
CA LEU G 156 -45.44 55.82 8.04
C LEU G 156 -46.24 55.41 6.82
N ASN G 157 -45.65 54.53 6.00
CA ASN G 157 -46.30 54.04 4.80
C ASN G 157 -47.07 52.76 5.11
N ILE G 158 -48.36 52.74 4.76
CA ILE G 158 -49.26 51.63 5.01
C ILE G 158 -49.78 51.13 3.67
N ALA G 159 -49.53 49.85 3.38
CA ALA G 159 -50.15 49.14 2.26
C ALA G 159 -50.97 47.99 2.84
N GLY G 160 -52.29 48.06 2.69
CA GLY G 160 -53.17 47.09 3.28
C GLY G 160 -53.50 45.94 2.35
N LEU G 161 -53.67 44.76 2.95
CA LEU G 161 -54.13 43.56 2.26
C LEU G 161 -55.33 43.01 3.02
N VAL G 162 -56.42 42.78 2.31
CA VAL G 162 -57.66 42.33 2.94
C VAL G 162 -57.57 40.82 3.05
N GLY G 163 -57.22 40.33 4.24
CA GLY G 163 -57.18 38.91 4.55
C GLY G 163 -58.28 38.52 5.50
N SER G 164 -59.37 37.96 4.97
CA SER G 164 -60.52 37.62 5.77
C SER G 164 -61.46 36.76 4.94
N ILE G 165 -62.21 35.88 5.61
CA ILE G 165 -63.24 35.09 4.96
C ILE G 165 -64.56 35.84 4.82
N ASP G 166 -64.68 37.02 5.45
CA ASP G 166 -65.94 37.74 5.48
C ASP G 166 -66.20 38.49 4.19
N ASN G 167 -65.14 39.05 3.58
CA ASN G 167 -65.28 39.97 2.45
C ASN G 167 -66.14 41.16 2.84
N ASP G 168 -65.99 41.61 4.08
CA ASP G 168 -66.78 42.71 4.62
C ASP G 168 -66.21 44.08 4.26
N PHE G 169 -64.98 44.14 3.73
CA PHE G 169 -64.35 45.41 3.37
C PHE G 169 -64.97 45.88 2.05
N CYS G 170 -65.74 46.96 2.12
CA CYS G 170 -66.67 47.31 1.05
C CYS G 170 -65.94 47.73 -0.22
N GLY G 171 -64.84 48.48 -0.09
CA GLY G 171 -64.12 48.96 -1.26
C GLY G 171 -63.54 47.88 -2.13
N THR G 172 -63.40 46.65 -1.62
CA THR G 172 -62.68 45.57 -2.27
C THR G 172 -63.66 44.48 -2.68
N ASP G 173 -63.40 43.87 -3.84
CA ASP G 173 -64.30 42.87 -4.41
C ASP G 173 -63.97 41.46 -3.94
N MET G 174 -62.68 41.12 -3.88
CA MET G 174 -62.22 39.79 -3.50
C MET G 174 -61.10 39.91 -2.47
N THR G 175 -61.19 39.09 -1.43
CA THR G 175 -60.25 39.08 -0.33
C THR G 175 -59.57 37.71 -0.25
N ILE G 176 -58.39 37.70 0.36
CA ILE G 176 -57.64 36.46 0.53
C ILE G 176 -58.41 35.55 1.47
N GLY G 177 -58.59 34.29 1.06
CA GLY G 177 -59.27 33.29 1.86
C GLY G 177 -60.73 33.10 1.54
N THR G 178 -61.35 34.00 0.78
CA THR G 178 -62.74 33.82 0.40
C THR G 178 -62.91 32.58 -0.47
N ASP G 179 -62.04 32.40 -1.46
CA ASP G 179 -62.14 31.25 -2.36
C ASP G 179 -61.95 29.94 -1.61
N SER G 180 -61.02 29.92 -0.65
CA SER G 180 -60.73 28.69 0.08
C SER G 180 -61.82 28.38 1.09
N ALA G 181 -62.36 29.41 1.76
CA ALA G 181 -63.53 29.22 2.60
C ALA G 181 -64.67 28.62 1.78
N LEU G 182 -64.82 29.07 0.54
CA LEU G 182 -65.83 28.49 -0.35
C LEU G 182 -65.48 27.05 -0.72
N HIS G 183 -64.19 26.74 -0.87
CA HIS G 183 -63.79 25.35 -1.09
C HIS G 183 -64.23 24.45 0.07
N ARG G 184 -64.03 24.91 1.31
CA ARG G 184 -64.48 24.15 2.47
C ARG G 184 -65.98 23.95 2.45
N ILE G 185 -66.73 25.03 2.20
CA ILE G 185 -68.19 24.98 2.21
C ILE G 185 -68.69 23.99 1.16
N MET G 186 -68.16 24.08 -0.06
CA MET G 186 -68.66 23.25 -1.15
C MET G 186 -68.20 21.81 -1.04
N GLU G 187 -67.03 21.57 -0.43
CA GLU G 187 -66.64 20.20 -0.12
C GLU G 187 -67.67 19.54 0.78
N VAL G 188 -68.18 20.28 1.76
CA VAL G 188 -69.22 19.76 2.63
C VAL G 188 -70.51 19.56 1.86
N ILE G 189 -70.87 20.51 0.99
CA ILE G 189 -72.13 20.39 0.26
C ILE G 189 -72.03 19.24 -0.74
N ASP G 190 -70.88 19.10 -1.40
CA ASP G 190 -70.71 18.01 -2.36
C ASP G 190 -70.72 16.65 -1.69
N ALA G 191 -70.36 16.58 -0.40
CA ALA G 191 -70.52 15.34 0.34
C ALA G 191 -71.99 14.92 0.39
N ILE G 192 -72.91 15.88 0.38
CA ILE G 192 -74.34 15.58 0.40
C ILE G 192 -74.84 15.31 -1.01
N THR G 193 -74.58 16.24 -1.95
CA THR G 193 -75.26 16.20 -3.23
C THR G 193 -74.74 15.08 -4.13
N THR G 194 -73.46 14.75 -4.06
CA THR G 194 -72.91 13.75 -4.96
C THR G 194 -73.34 12.33 -4.59
N THR G 195 -73.79 12.11 -3.35
CA THR G 195 -74.31 10.80 -2.99
C THR G 195 -75.61 10.51 -3.71
N ALA G 196 -75.87 9.22 -3.91
CA ALA G 196 -77.15 8.77 -4.46
C ALA G 196 -78.23 9.08 -3.44
N GLN G 197 -78.99 10.15 -3.68
CA GLN G 197 -79.98 10.63 -2.73
C GLN G 197 -81.11 9.62 -2.62
N SER G 198 -81.23 9.00 -1.44
CA SER G 198 -82.06 7.82 -1.25
C SER G 198 -83.43 8.12 -0.66
N HIS G 199 -83.51 9.03 0.32
CA HIS G 199 -84.76 9.42 0.94
C HIS G 199 -84.82 10.94 1.05
N GLN G 200 -86.03 11.44 1.29
CA GLN G 200 -86.25 12.88 1.38
C GLN G 200 -85.57 13.42 2.64
N ARG G 201 -84.57 14.27 2.45
CA ARG G 201 -83.81 14.86 3.55
C ARG G 201 -83.57 16.34 3.24
N THR G 202 -83.41 17.13 4.31
CA THR G 202 -83.14 18.57 4.20
C THR G 202 -81.81 18.86 4.88
N PHE G 203 -80.89 19.43 4.11
CA PHE G 203 -79.55 19.76 4.57
C PHE G 203 -79.46 21.26 4.80
N VAL G 204 -79.38 21.68 6.07
CA VAL G 204 -79.35 23.09 6.45
C VAL G 204 -77.92 23.42 6.85
N LEU G 205 -77.21 24.15 5.99
CA LEU G 205 -75.82 24.51 6.24
C LEU G 205 -75.73 25.91 6.82
N GLU G 206 -75.07 26.02 7.98
CA GLU G 206 -74.88 27.28 8.68
C GLU G 206 -73.44 27.72 8.49
N VAL G 207 -73.26 28.86 7.79
CA VAL G 207 -71.95 29.46 7.57
C VAL G 207 -71.77 30.61 8.57
N MET G 208 -70.52 30.93 8.88
CA MET G 208 -70.19 31.94 9.89
C MET G 208 -70.28 33.37 9.37
N GLY G 209 -70.93 33.64 8.23
CA GLY G 209 -71.05 35.01 7.77
C GLY G 209 -71.90 35.87 8.69
N ARG G 210 -71.37 36.17 9.88
CA ARG G 210 -72.16 36.83 10.92
C ARG G 210 -72.46 38.28 10.55
N HIS G 211 -71.46 38.98 10.00
CA HIS G 211 -71.63 40.36 9.55
C HIS G 211 -71.93 40.43 8.05
N CYS G 212 -71.09 39.79 7.23
CA CYS G 212 -71.26 39.75 5.79
C CYS G 212 -71.84 38.40 5.38
N GLY G 213 -72.82 38.43 4.48
CA GLY G 213 -73.44 37.23 3.96
C GLY G 213 -72.93 36.85 2.58
N TYR G 214 -71.73 37.34 2.21
CA TYR G 214 -71.19 37.04 0.90
C TYR G 214 -70.89 35.57 0.74
N LEU G 215 -70.27 34.95 1.76
CA LEU G 215 -69.98 33.52 1.72
C LEU G 215 -71.26 32.71 1.61
N ALA G 216 -72.28 33.06 2.39
CA ALA G 216 -73.58 32.41 2.27
C ALA G 216 -74.15 32.56 0.87
N LEU G 217 -74.02 33.76 0.29
CA LEU G 217 -74.61 34.00 -1.03
C LEU G 217 -73.90 33.21 -2.11
N VAL G 218 -72.58 33.34 -2.20
CA VAL G 218 -71.82 32.62 -3.24
C VAL G 218 -71.92 31.11 -3.05
N SER G 219 -71.98 30.64 -1.81
CA SER G 219 -72.19 29.21 -1.55
C SER G 219 -73.53 28.76 -2.09
N ALA G 220 -74.59 29.54 -1.80
CA ALA G 220 -75.92 29.23 -2.31
C ALA G 220 -75.94 29.21 -3.83
N LEU G 221 -75.29 30.19 -4.46
CA LEU G 221 -75.22 30.24 -5.92
C LEU G 221 -74.51 29.02 -6.48
N ALA G 222 -73.39 28.63 -5.87
CA ALA G 222 -72.64 27.49 -6.37
C ALA G 222 -73.36 26.17 -6.14
N SER G 223 -74.11 26.05 -5.04
CA SER G 223 -74.82 24.82 -4.71
C SER G 223 -76.25 24.79 -5.23
N GLY G 224 -76.79 25.90 -5.71
CA GLY G 224 -78.18 25.96 -6.10
C GLY G 224 -79.10 25.76 -4.91
N ALA G 225 -78.87 26.53 -3.85
CA ALA G 225 -79.68 26.40 -2.64
C ALA G 225 -81.13 26.75 -2.92
N ASP G 226 -82.03 26.06 -2.23
CA ASP G 226 -83.45 26.34 -2.39
C ASP G 226 -83.84 27.67 -1.77
N TRP G 227 -83.24 27.99 -0.62
CA TRP G 227 -83.54 29.24 0.08
C TRP G 227 -82.27 29.77 0.72
N LEU G 228 -82.23 31.09 0.90
CA LEU G 228 -81.07 31.79 1.41
C LEU G 228 -81.49 32.83 2.42
N PHE G 229 -80.91 32.78 3.61
CA PHE G 229 -81.04 33.81 4.62
C PHE G 229 -79.70 34.52 4.73
N ILE G 230 -79.64 35.76 4.24
CA ILE G 230 -78.44 36.59 4.31
C ILE G 230 -78.81 37.89 5.02
N PRO G 231 -77.94 38.46 5.86
CA PRO G 231 -78.32 39.73 6.53
C PRO G 231 -78.50 40.89 5.57
N GLU G 232 -77.93 40.84 4.37
CA GLU G 232 -78.08 41.93 3.43
C GLU G 232 -79.53 42.09 2.97
N ALA G 233 -80.23 40.96 2.78
CA ALA G 233 -81.62 40.94 2.34
C ALA G 233 -82.38 39.98 3.25
N PRO G 234 -82.84 40.46 4.40
CA PRO G 234 -83.63 39.59 5.27
C PRO G 234 -84.94 39.21 4.60
N PRO G 235 -85.51 38.07 4.97
CA PRO G 235 -86.74 37.64 4.30
C PRO G 235 -87.93 38.50 4.70
N GLU G 236 -88.88 38.61 3.77
CA GLU G 236 -90.08 39.40 4.01
C GLU G 236 -90.96 38.73 5.06
N ASP G 237 -91.93 39.49 5.55
CA ASP G 237 -92.88 38.97 6.53
C ASP G 237 -93.68 37.82 5.93
N GLY G 238 -93.92 36.79 6.73
CA GLY G 238 -94.59 35.60 6.23
C GLY G 238 -93.71 34.71 5.38
N TRP G 239 -92.39 34.82 5.51
CA TRP G 239 -91.48 33.94 4.76
C TRP G 239 -91.62 32.48 5.19
N GLU G 240 -92.06 32.25 6.43
CA GLU G 240 -92.29 30.90 6.94
C GLU G 240 -93.12 30.07 5.97
N ASN G 241 -94.28 30.59 5.59
CA ASN G 241 -95.13 29.87 4.64
C ASN G 241 -94.50 29.79 3.26
N PHE G 242 -93.94 30.91 2.78
CA PHE G 242 -93.39 30.94 1.43
C PHE G 242 -92.23 29.97 1.27
N MET G 243 -91.34 29.89 2.26
CA MET G 243 -90.26 28.92 2.22
C MET G 243 -90.81 27.50 2.24
N CYS G 244 -91.71 27.20 3.19
CA CYS G 244 -92.21 25.83 3.33
C CYS G 244 -92.93 25.37 2.07
N GLU G 245 -93.62 26.29 1.38
CA GLU G 245 -94.25 25.93 0.12
C GLU G 245 -93.20 25.67 -0.96
N ARG G 246 -92.13 26.47 -1.01
CA ARG G 246 -91.05 26.25 -1.97
C ARG G 246 -90.44 24.86 -1.80
N LEU G 247 -90.17 24.49 -0.55
CA LEU G 247 -89.71 23.13 -0.27
C LEU G 247 -90.78 22.10 -0.66
N GLY G 248 -92.06 22.45 -0.51
CA GLY G 248 -93.12 21.53 -0.87
C GLY G 248 -93.16 21.21 -2.35
N GLU G 249 -93.14 22.24 -3.21
CA GLU G 249 -93.12 21.97 -4.64
C GLU G 249 -91.79 21.34 -5.06
N THR G 250 -90.70 21.65 -4.35
CA THR G 250 -89.43 20.96 -4.57
C THR G 250 -89.61 19.46 -4.37
N ARG G 251 -90.28 19.07 -3.27
CA ARG G 251 -90.61 17.66 -3.04
C ARG G 251 -91.47 17.11 -4.17
N SER G 252 -92.54 17.83 -4.53
CA SER G 252 -93.45 17.36 -5.57
C SER G 252 -92.75 17.11 -6.89
N ARG G 253 -91.71 17.88 -7.19
CA ARG G 253 -90.89 17.62 -8.35
C ARG G 253 -90.19 16.28 -8.31
N GLY G 254 -90.00 15.70 -7.12
CA GLY G 254 -89.18 14.52 -6.93
C GLY G 254 -87.77 14.83 -6.48
N SER G 255 -87.38 16.11 -6.46
CA SER G 255 -86.11 16.51 -5.86
C SER G 255 -86.07 16.08 -4.41
N ARG G 256 -85.13 15.18 -4.09
CA ARG G 256 -85.10 14.52 -2.80
C ARG G 256 -84.24 15.24 -1.76
N LEU G 257 -83.54 16.31 -2.13
CA LEU G 257 -82.69 17.06 -1.21
C LEU G 257 -82.99 18.54 -1.35
N ASN G 258 -83.23 19.20 -0.21
CA ASN G 258 -83.34 20.64 -0.10
C ASN G 258 -82.12 21.17 0.65
N ILE G 259 -81.54 22.26 0.14
CA ILE G 259 -80.38 22.90 0.76
C ILE G 259 -80.79 24.29 1.20
N ILE G 260 -80.65 24.57 2.49
CA ILE G 260 -80.88 25.88 3.09
C ILE G 260 -79.54 26.39 3.61
N ILE G 261 -79.03 27.45 3.01
CA ILE G 261 -77.82 28.13 3.47
C ILE G 261 -78.28 29.28 4.35
N ILE G 262 -78.00 29.19 5.65
CA ILE G 262 -78.39 30.21 6.63
C ILE G 262 -77.11 30.81 7.20
N ALA G 263 -76.91 32.10 6.97
CA ALA G 263 -75.76 32.76 7.58
C ALA G 263 -75.97 32.86 9.09
N GLU G 264 -74.86 32.89 9.84
CA GLU G 264 -74.94 33.13 11.28
C GLU G 264 -75.65 34.44 11.58
N GLY G 265 -75.44 35.45 10.75
CA GLY G 265 -76.09 36.73 10.92
C GLY G 265 -77.45 36.82 10.27
N ALA G 266 -78.08 35.67 9.98
CA ALA G 266 -79.42 35.67 9.43
C ALA G 266 -80.38 36.35 10.40
N ILE G 267 -81.12 37.34 9.90
CA ILE G 267 -82.09 38.08 10.68
C ILE G 267 -83.37 38.19 9.84
N ASP G 268 -84.42 38.68 10.48
CA ASP G 268 -85.67 39.02 9.80
C ASP G 268 -85.67 40.53 9.55
N ARG G 269 -86.81 41.08 9.10
CA ARG G 269 -86.88 42.51 8.86
C ARG G 269 -86.72 43.32 10.14
N ASN G 270 -87.01 42.73 11.30
CA ASN G 270 -86.69 43.32 12.59
C ASN G 270 -85.30 42.85 13.01
N GLY G 271 -84.89 43.18 14.23
CA GLY G 271 -83.59 42.78 14.74
C GLY G 271 -83.50 41.37 15.26
N LYS G 272 -84.60 40.62 15.27
CA LYS G 272 -84.61 39.30 15.87
C LYS G 272 -83.81 38.33 14.99
N PRO G 273 -82.74 37.69 15.48
CA PRO G 273 -82.03 36.73 14.62
C PRO G 273 -82.83 35.47 14.38
N ILE G 274 -82.57 34.86 13.23
CA ILE G 274 -83.16 33.59 12.82
C ILE G 274 -82.10 32.52 13.07
N SER G 275 -82.40 31.60 13.97
CA SER G 275 -81.47 30.54 14.32
C SER G 275 -81.62 29.36 13.38
N SER G 276 -80.52 28.65 13.16
CA SER G 276 -80.57 27.42 12.36
C SER G 276 -81.46 26.37 13.01
N SER G 277 -81.49 26.33 14.35
CA SER G 277 -82.36 25.40 15.04
C SER G 277 -83.83 25.70 14.77
N TYR G 278 -84.18 26.99 14.67
CA TYR G 278 -85.56 27.37 14.36
C TYR G 278 -85.97 26.87 12.98
N VAL G 279 -85.10 27.09 11.98
CA VAL G 279 -85.39 26.64 10.62
C VAL G 279 -85.49 25.12 10.57
N LYS G 280 -84.61 24.43 11.30
CA LYS G 280 -84.69 22.98 11.43
C LYS G 280 -86.07 22.55 11.92
N ASP G 281 -86.46 23.04 13.10
CA ASP G 281 -87.73 22.64 13.70
C ASP G 281 -88.91 23.04 12.83
N LEU G 282 -88.79 24.17 12.13
CA LEU G 282 -89.83 24.59 11.20
C LEU G 282 -90.00 23.56 10.08
N VAL G 283 -88.90 23.18 9.45
CA VAL G 283 -88.96 22.19 8.37
C VAL G 283 -89.51 20.87 8.89
N VAL G 284 -89.02 20.43 10.05
CA VAL G 284 -89.47 19.17 10.64
C VAL G 284 -90.98 19.19 10.87
N GLN G 285 -91.49 20.31 11.38
CA GLN G 285 -92.90 20.36 11.79
C GLN G 285 -93.83 20.33 10.58
N ARG G 286 -93.57 21.17 9.58
CA ARG G 286 -94.50 21.31 8.46
C ARG G 286 -94.26 20.31 7.33
N LEU G 287 -93.03 19.82 7.18
CA LEU G 287 -92.65 18.95 6.06
C LEU G 287 -92.31 17.54 6.49
N GLY G 288 -91.74 17.36 7.69
CA GLY G 288 -91.33 16.06 8.16
C GLY G 288 -90.07 15.51 7.51
N PHE G 289 -89.34 16.32 6.76
CA PHE G 289 -88.09 15.86 6.18
C PHE G 289 -87.04 15.64 7.26
N ASP G 290 -86.16 14.67 7.03
CA ASP G 290 -85.02 14.48 7.92
C ASP G 290 -84.11 15.70 7.85
N THR G 291 -84.25 16.60 8.82
CA THR G 291 -83.56 17.88 8.85
C THR G 291 -82.44 17.81 9.87
N ARG G 292 -81.20 18.04 9.43
CA ARG G 292 -80.06 18.17 10.31
C ARG G 292 -79.28 19.42 9.92
N VAL G 293 -78.88 20.18 10.92
CA VAL G 293 -78.16 21.43 10.71
C VAL G 293 -76.67 21.13 10.72
N THR G 294 -75.99 21.54 9.65
CA THR G 294 -74.53 21.49 9.57
C THR G 294 -73.99 22.88 9.85
N VAL G 295 -73.16 23.00 10.87
CA VAL G 295 -72.48 24.25 11.23
C VAL G 295 -71.01 24.01 10.97
N LEU G 296 -70.43 24.78 10.05
CA LEU G 296 -69.02 24.58 9.74
C LEU G 296 -68.12 25.04 10.88
N GLY G 297 -68.43 26.20 11.47
CA GLY G 297 -67.57 26.74 12.52
C GLY G 297 -66.19 27.00 11.98
N HIS G 298 -65.16 26.58 12.73
CA HIS G 298 -63.77 26.80 12.34
C HIS G 298 -63.38 26.15 11.01
N VAL G 299 -64.20 25.24 10.48
CA VAL G 299 -63.87 24.54 9.24
C VAL G 299 -63.67 25.50 8.08
N GLN G 300 -64.38 26.64 8.08
CA GLN G 300 -64.29 27.58 6.96
C GLN G 300 -62.89 28.12 6.79
N ARG G 301 -62.23 28.47 7.90
CA ARG G 301 -60.86 28.96 7.85
C ARG G 301 -59.82 27.85 7.70
N GLY G 302 -60.25 26.59 7.60
CA GLY G 302 -59.32 25.47 7.61
C GLY G 302 -58.86 25.05 6.24
N GLY G 303 -58.07 23.97 6.22
CA GLY G 303 -57.62 23.37 4.99
C GLY G 303 -56.53 24.18 4.31
N THR G 304 -56.07 23.64 3.17
CA THR G 304 -55.10 24.34 2.37
C THR G 304 -55.73 25.58 1.73
N PRO G 305 -54.94 26.62 1.43
CA PRO G 305 -55.46 27.66 0.54
C PRO G 305 -55.66 27.13 -0.86
N SER G 306 -56.73 27.58 -1.50
CA SER G 306 -57.00 27.22 -2.88
C SER G 306 -55.92 27.80 -3.79
N ALA G 307 -55.90 27.33 -5.03
CA ALA G 307 -54.94 27.83 -6.01
C ALA G 307 -55.10 29.33 -6.19
N PHE G 308 -56.33 29.78 -6.46
CA PHE G 308 -56.66 31.20 -6.58
C PHE G 308 -56.10 32.00 -5.41
N ASP G 309 -56.30 31.51 -4.18
CA ASP G 309 -55.82 32.23 -3.01
C ASP G 309 -54.30 32.38 -3.02
N ARG G 310 -53.59 31.33 -3.43
CA ARG G 310 -52.13 31.41 -3.46
C ARG G 310 -51.64 32.38 -4.54
N ILE G 311 -52.22 32.31 -5.75
CA ILE G 311 -51.81 33.21 -6.83
C ILE G 311 -52.09 34.65 -6.45
N LEU G 312 -53.32 34.92 -6.04
CA LEU G 312 -53.73 36.29 -5.78
C LEU G 312 -52.99 36.86 -4.56
N SER G 313 -52.77 36.02 -3.54
CA SER G 313 -52.00 36.47 -2.40
C SER G 313 -50.57 36.80 -2.80
N SER G 314 -49.97 35.98 -3.67
CA SER G 314 -48.62 36.26 -4.12
C SER G 314 -48.56 37.55 -4.93
N LYS G 315 -49.52 37.73 -5.85
CA LYS G 315 -49.56 38.94 -6.67
C LYS G 315 -49.76 40.17 -5.80
N MET G 316 -50.71 40.12 -4.87
CA MET G 316 -51.01 41.30 -4.07
C MET G 316 -49.90 41.57 -3.05
N GLY G 317 -49.25 40.53 -2.54
CA GLY G 317 -48.12 40.74 -1.65
C GLY G 317 -46.96 41.42 -2.35
N MET G 318 -46.64 40.97 -3.56
CA MET G 318 -45.61 41.63 -4.35
C MET G 318 -46.02 43.07 -4.66
N GLU G 319 -47.26 43.27 -5.10
CA GLU G 319 -47.74 44.61 -5.40
C GLU G 319 -47.81 45.48 -4.16
N ALA G 320 -48.03 44.88 -2.99
CA ALA G 320 -47.98 45.64 -1.75
C ALA G 320 -46.59 46.20 -1.50
N VAL G 321 -45.56 45.37 -1.67
CA VAL G 321 -44.18 45.83 -1.49
C VAL G 321 -43.86 46.93 -2.48
N MET G 322 -44.19 46.71 -3.76
CA MET G 322 -43.88 47.68 -4.79
C MET G 322 -44.59 49.00 -4.55
N ALA G 323 -45.87 48.95 -4.15
CA ALA G 323 -46.59 50.16 -3.78
C ALA G 323 -45.97 50.83 -2.58
N LEU G 324 -45.35 50.06 -1.68
CA LEU G 324 -44.74 50.60 -0.49
C LEU G 324 -43.42 51.29 -0.76
N LEU G 325 -42.75 50.96 -1.87
CA LEU G 325 -41.49 51.61 -2.23
C LEU G 325 -41.69 52.84 -3.11
N GLU G 326 -42.72 52.87 -3.94
CA GLU G 326 -43.01 54.01 -4.80
C GLU G 326 -43.89 55.04 -4.11
N ALA G 327 -44.05 54.97 -2.80
CA ALA G 327 -44.97 55.82 -2.05
C ALA G 327 -44.20 56.95 -1.39
N THR G 328 -44.53 58.18 -1.75
CA THR G 328 -43.89 59.36 -1.18
C THR G 328 -44.60 59.73 0.12
N PRO G 329 -44.04 60.68 0.90
CA PRO G 329 -44.73 61.16 2.11
C PRO G 329 -46.17 61.66 1.89
N ASP G 330 -46.52 62.08 0.68
CA ASP G 330 -47.83 62.68 0.44
C ASP G 330 -48.92 61.65 0.09
N THR G 331 -48.58 60.53 -0.54
CA THR G 331 -49.60 59.60 -0.98
C THR G 331 -50.24 58.92 0.24
N PRO G 332 -51.55 58.64 0.21
CA PRO G 332 -52.20 58.11 1.41
C PRO G 332 -52.04 56.59 1.51
N ALA G 333 -52.46 56.06 2.66
CA ALA G 333 -52.53 54.63 2.84
C ALA G 333 -53.45 54.02 1.79
N CYS G 334 -52.99 52.91 1.20
CA CYS G 334 -53.70 52.23 0.13
C CYS G 334 -53.96 50.78 0.50
N VAL G 335 -54.94 50.18 -0.17
CA VAL G 335 -55.23 48.75 -0.11
C VAL G 335 -55.00 48.18 -1.49
N VAL G 336 -54.06 47.24 -1.59
CA VAL G 336 -53.79 46.56 -2.85
C VAL G 336 -54.81 45.45 -3.02
N THR G 337 -55.61 45.54 -4.07
CA THR G 337 -56.64 44.55 -4.36
C THR G 337 -56.77 44.41 -5.88
N LEU G 338 -57.58 43.43 -6.29
CA LEU G 338 -57.94 43.22 -7.68
C LEU G 338 -59.43 43.40 -7.84
N SER G 339 -59.83 44.33 -8.71
CA SER G 339 -61.20 44.45 -9.17
C SER G 339 -61.28 43.81 -10.55
N GLY G 340 -62.03 42.71 -10.65
CA GLY G 340 -61.92 41.88 -11.84
C GLY G 340 -60.57 41.17 -11.82
N ASN G 341 -59.95 41.08 -13.00
CA ASN G 341 -58.59 40.57 -13.12
C ASN G 341 -57.53 41.66 -13.01
N GLN G 342 -57.92 42.93 -12.92
CA GLN G 342 -56.98 44.04 -12.91
C GLN G 342 -56.57 44.38 -11.49
N SER G 343 -55.27 44.48 -11.26
CA SER G 343 -54.78 44.96 -9.96
C SER G 343 -55.02 46.44 -9.82
N VAL G 344 -55.35 46.85 -8.60
CA VAL G 344 -55.72 48.23 -8.31
C VAL G 344 -55.35 48.53 -6.87
N ARG G 345 -55.07 49.81 -6.60
CA ARG G 345 -54.82 50.32 -5.26
C ARG G 345 -55.89 51.33 -4.91
N LEU G 346 -56.57 51.12 -3.77
CA LEU G 346 -57.63 51.99 -3.27
C LEU G 346 -57.20 52.66 -1.97
N PRO G 347 -57.44 53.97 -1.78
CA PRO G 347 -57.04 54.60 -0.51
C PRO G 347 -57.75 53.98 0.69
N LEU G 348 -57.00 53.78 1.77
CA LEU G 348 -57.52 53.12 2.95
C LEU G 348 -58.65 53.92 3.59
N MET G 349 -58.55 55.25 3.56
CA MET G 349 -59.54 56.10 4.23
C MET G 349 -60.91 55.95 3.60
N GLU G 350 -60.98 55.95 2.27
CA GLU G 350 -62.27 55.86 1.60
C GLU G 350 -62.92 54.51 1.83
N CYS G 351 -62.11 53.44 1.82
CA CYS G 351 -62.65 52.10 2.08
C CYS G 351 -63.18 52.00 3.51
N VAL G 352 -62.46 52.57 4.48
CA VAL G 352 -62.93 52.58 5.85
C VAL G 352 -64.22 53.38 5.95
N GLN G 353 -64.31 54.50 5.23
CA GLN G 353 -65.52 55.31 5.27
C GLN G 353 -66.70 54.55 4.71
N MET G 354 -66.51 53.87 3.57
CA MET G 354 -67.58 53.07 2.99
C MET G 354 -68.01 51.95 3.93
N THR G 355 -67.06 51.31 4.60
CA THR G 355 -67.40 50.26 5.56
C THR G 355 -68.25 50.82 6.69
N LYS G 356 -67.91 52.03 7.17
CA LYS G 356 -68.71 52.65 8.21
C LYS G 356 -70.09 53.02 7.70
N GLU G 357 -70.19 53.49 6.45
CA GLU G 357 -71.48 53.84 5.89
C GLU G 357 -72.39 52.62 5.75
N VAL G 358 -71.84 51.49 5.28
CA VAL G 358 -72.64 50.29 5.12
C VAL G 358 -73.05 49.73 6.48
N GLN G 359 -72.17 49.84 7.47
CA GLN G 359 -72.52 49.37 8.81
C GLN G 359 -73.65 50.21 9.41
N LYS G 360 -73.56 51.53 9.24
CA LYS G 360 -74.65 52.41 9.70
C LYS G 360 -75.93 52.12 8.93
N ALA G 361 -75.83 51.89 7.62
CA ALA G 361 -77.00 51.56 6.82
C ALA G 361 -77.64 50.26 7.30
N MET G 362 -76.83 49.24 7.57
CA MET G 362 -77.35 47.97 8.06
C MET G 362 -77.97 48.08 9.46
N ASP G 363 -77.67 49.15 10.21
CA ASP G 363 -78.30 49.41 11.50
C ASP G 363 -79.62 50.19 11.34
N ASP G 364 -80.47 49.75 10.39
CA ASP G 364 -81.81 50.29 10.17
C ASP G 364 -81.78 51.82 9.95
N LYS G 365 -80.87 52.26 9.07
CA LYS G 365 -80.81 53.64 8.62
C LYS G 365 -81.23 53.75 7.16
N ARG G 366 -80.52 53.09 6.26
CA ARG G 366 -80.88 52.93 4.85
C ARG G 366 -80.86 51.46 4.49
N PHE G 367 -81.59 50.67 5.27
CA PHE G 367 -81.38 49.22 5.29
C PHE G 367 -81.73 48.57 3.96
N ASP G 368 -82.85 48.98 3.36
CA ASP G 368 -83.20 48.42 2.04
C ASP G 368 -82.18 48.82 0.98
N GLU G 369 -81.50 49.95 1.16
CA GLU G 369 -80.49 50.45 0.24
C GLU G 369 -79.07 50.22 0.75
N ALA G 370 -78.88 49.32 1.71
CA ALA G 370 -77.54 48.95 2.15
C ALA G 370 -76.92 47.89 1.23
N THR G 371 -77.74 47.03 0.64
CA THR G 371 -77.23 45.96 -0.20
C THR G 371 -76.52 46.50 -1.44
N GLN G 372 -76.96 47.64 -1.97
CA GLN G 372 -76.29 48.20 -3.14
C GLN G 372 -74.93 48.77 -2.78
N LEU G 373 -74.82 49.41 -1.61
CA LEU G 373 -73.54 49.95 -1.17
C LEU G 373 -72.53 48.86 -0.84
N ARG G 374 -72.99 47.63 -0.60
CA ARG G 374 -72.07 46.51 -0.43
C ARG G 374 -71.26 46.24 -1.70
N GLY G 375 -71.74 46.65 -2.86
CA GLY G 375 -71.07 46.44 -4.13
C GLY G 375 -72.06 45.87 -5.13
N GLY G 376 -71.88 46.26 -6.39
CA GLY G 376 -72.75 45.75 -7.44
C GLY G 376 -72.64 44.25 -7.64
N SER G 377 -71.48 43.67 -7.30
CA SER G 377 -71.30 42.23 -7.45
C SER G 377 -72.23 41.44 -6.52
N PHE G 378 -72.42 41.93 -5.30
CA PHE G 378 -73.30 41.23 -4.36
C PHE G 378 -74.73 41.23 -4.86
N GLU G 379 -75.25 42.41 -5.25
CA GLU G 379 -76.62 42.50 -5.72
C GLU G 379 -76.83 41.68 -6.99
N ASN G 380 -75.86 41.72 -7.91
CA ASN G 380 -75.97 40.93 -9.12
C ASN G 380 -75.96 39.44 -8.81
N ASN G 381 -75.11 39.00 -7.88
CA ASN G 381 -75.05 37.60 -7.50
C ASN G 381 -76.38 37.15 -6.89
N TRP G 382 -76.99 37.99 -6.06
CA TRP G 382 -78.26 37.62 -5.44
C TRP G 382 -79.38 37.54 -6.48
N ASN G 383 -79.39 38.45 -7.45
CA ASN G 383 -80.41 38.40 -8.49
C ASN G 383 -80.24 37.17 -9.37
N ILE G 384 -79.00 36.83 -9.72
CA ILE G 384 -78.75 35.63 -10.52
C ILE G 384 -79.18 34.39 -9.73
N TYR G 385 -78.86 34.36 -8.44
CA TYR G 385 -79.25 33.24 -7.58
C TYR G 385 -80.76 33.05 -7.57
N LYS G 386 -81.50 34.13 -7.29
CA LYS G 386 -82.96 34.02 -7.19
C LYS G 386 -83.58 33.64 -8.52
N LEU G 387 -83.05 34.17 -9.63
CA LEU G 387 -83.59 33.84 -10.93
C LEU G 387 -83.44 32.35 -11.22
N LEU G 388 -82.27 31.80 -10.95
CA LEU G 388 -82.01 30.40 -11.23
C LEU G 388 -82.62 29.47 -10.19
N ALA G 389 -82.90 29.97 -8.99
CA ALA G 389 -83.41 29.12 -7.91
C ALA G 389 -84.78 28.57 -8.24
N HIS G 390 -85.74 29.46 -8.51
CA HIS G 390 -87.14 29.08 -8.67
C HIS G 390 -87.68 29.61 -9.99
N GLN G 391 -88.36 28.74 -10.73
CA GLN G 391 -88.98 29.08 -12.01
C GLN G 391 -90.18 29.99 -11.77
N LYS G 392 -90.02 31.28 -12.03
CA LYS G 392 -91.15 32.19 -12.07
C LYS G 392 -91.84 32.10 -13.43
N PRO G 393 -93.11 32.49 -13.51
CA PRO G 393 -93.85 32.27 -14.75
C PRO G 393 -93.46 33.30 -15.80
N PRO G 394 -92.85 32.89 -16.95
CA PRO G 394 -92.50 33.90 -17.95
C PRO G 394 -93.67 34.23 -18.86
N LYS G 395 -94.52 35.17 -18.43
CA LYS G 395 -95.65 35.58 -19.25
C LYS G 395 -95.22 36.22 -20.56
N GLU G 396 -93.99 36.73 -20.63
CA GLU G 396 -93.43 37.20 -21.89
C GLU G 396 -93.02 36.02 -22.75
N LYS G 397 -93.12 36.20 -24.06
CA LYS G 397 -92.69 35.19 -25.02
C LYS G 397 -92.08 35.89 -26.23
N SER G 398 -91.21 35.16 -26.92
CA SER G 398 -90.55 35.66 -28.12
C SER G 398 -90.39 34.53 -29.11
N ASN G 399 -90.38 34.90 -30.40
CA ASN G 399 -90.17 33.92 -31.47
C ASN G 399 -88.75 33.42 -31.54
N PHE G 400 -87.81 34.01 -30.79
CA PHE G 400 -86.42 33.65 -30.88
C PHE G 400 -86.18 32.26 -30.31
N SER G 401 -85.24 31.55 -30.92
CA SER G 401 -84.81 30.23 -30.48
C SER G 401 -83.31 30.13 -30.60
N LEU G 402 -82.68 29.49 -29.62
CA LEU G 402 -81.22 29.40 -29.54
C LEU G 402 -80.81 27.99 -29.19
N ALA G 403 -79.61 27.62 -29.66
CA ALA G 403 -79.02 26.30 -29.45
C ALA G 403 -77.73 26.43 -28.67
N ILE G 404 -77.52 25.54 -27.69
CA ILE G 404 -76.38 25.59 -26.79
C ILE G 404 -75.48 24.40 -27.13
N LEU G 405 -74.21 24.68 -27.44
CA LEU G 405 -73.23 23.68 -27.85
C LEU G 405 -72.18 23.51 -26.77
N ASN G 406 -71.60 22.31 -26.71
CA ASN G 406 -70.39 22.03 -25.96
C ASN G 406 -69.35 21.49 -26.93
N VAL G 407 -68.28 22.25 -27.16
CA VAL G 407 -67.31 22.00 -28.21
C VAL G 407 -65.92 21.93 -27.60
N GLY G 408 -65.08 21.05 -28.13
CA GLY G 408 -63.70 20.92 -27.68
C GLY G 408 -63.52 19.80 -26.68
N ALA G 409 -62.59 19.96 -25.75
CA ALA G 409 -62.48 19.03 -24.63
C ALA G 409 -63.58 19.32 -23.62
N PRO G 410 -63.93 18.36 -22.77
CA PRO G 410 -64.78 18.71 -21.61
C PRO G 410 -64.00 19.58 -20.64
N ALA G 411 -64.71 20.53 -20.04
CA ALA G 411 -64.15 21.43 -19.05
C ALA G 411 -65.10 21.54 -17.87
N ALA G 412 -64.52 21.49 -16.67
CA ALA G 412 -65.31 21.64 -15.46
C ALA G 412 -65.97 23.00 -15.42
N GLY G 413 -67.31 23.01 -15.35
CA GLY G 413 -68.10 24.23 -15.37
C GLY G 413 -68.89 24.45 -16.64
N MET G 414 -68.70 23.64 -17.68
CA MET G 414 -69.57 23.71 -18.85
C MET G 414 -71.02 23.47 -18.45
N ASN G 415 -71.26 22.46 -17.61
CA ASN G 415 -72.60 22.12 -17.18
C ASN G 415 -73.26 23.26 -16.43
N ALA G 416 -72.50 23.94 -15.55
CA ALA G 416 -73.02 25.11 -14.86
C ALA G 416 -73.41 26.20 -15.84
N ALA G 417 -72.56 26.44 -16.85
CA ALA G 417 -72.87 27.44 -17.86
C ALA G 417 -74.14 27.08 -18.64
N VAL G 418 -74.28 25.81 -19.02
CA VAL G 418 -75.45 25.39 -19.79
C VAL G 418 -76.71 25.52 -18.95
N ARG G 419 -76.64 25.15 -17.67
CA ARG G 419 -77.78 25.29 -16.77
C ARG G 419 -78.26 26.74 -16.72
N SER G 420 -77.33 27.66 -16.44
CA SER G 420 -77.68 29.07 -16.34
C SER G 420 -78.21 29.61 -17.67
N ALA G 421 -77.60 29.21 -18.77
CA ALA G 421 -78.08 29.64 -20.08
C ALA G 421 -79.50 29.16 -20.33
N VAL G 422 -79.81 27.93 -19.94
CA VAL G 422 -81.13 27.37 -20.16
C VAL G 422 -82.18 28.13 -19.36
N ARG G 423 -81.92 28.31 -18.07
CA ARG G 423 -82.87 29.02 -17.20
C ARG G 423 -83.06 30.46 -17.66
N THR G 424 -81.97 31.15 -17.98
CA THR G 424 -82.07 32.54 -18.38
C THR G 424 -82.79 32.68 -19.72
N GLY G 425 -82.55 31.75 -20.65
CA GLY G 425 -83.25 31.77 -21.92
C GLY G 425 -84.74 31.50 -21.76
N ILE G 426 -85.10 30.54 -20.92
CA ILE G 426 -86.51 30.26 -20.67
C ILE G 426 -87.17 31.46 -19.99
N SER G 427 -86.45 32.12 -19.09
CA SER G 427 -87.01 33.29 -18.40
C SER G 427 -87.33 34.40 -19.39
N HIS G 428 -86.49 34.56 -20.41
CA HIS G 428 -86.71 35.56 -21.46
C HIS G 428 -87.61 35.07 -22.59
N GLY G 429 -88.27 33.92 -22.42
CA GLY G 429 -89.21 33.44 -23.40
C GLY G 429 -88.61 32.78 -24.62
N HIS G 430 -87.28 32.65 -24.70
CA HIS G 430 -86.66 32.02 -25.84
C HIS G 430 -86.94 30.52 -25.84
N THR G 431 -86.87 29.93 -27.03
CA THR G 431 -86.97 28.48 -27.20
C THR G 431 -85.55 27.93 -27.21
N VAL G 432 -85.14 27.33 -26.09
CA VAL G 432 -83.76 26.90 -25.89
C VAL G 432 -83.63 25.46 -26.37
N TYR G 433 -82.71 25.23 -27.30
CA TYR G 433 -82.29 23.89 -27.70
C TYR G 433 -80.90 23.62 -27.14
N VAL G 434 -80.60 22.34 -26.93
CA VAL G 434 -79.25 21.87 -26.64
C VAL G 434 -78.94 20.78 -27.65
N VAL G 435 -77.76 20.86 -28.26
CA VAL G 435 -77.30 19.86 -29.22
C VAL G 435 -76.19 19.06 -28.55
N HIS G 436 -76.34 17.74 -28.59
CA HIS G 436 -75.42 16.82 -27.94
C HIS G 436 -74.30 16.46 -28.91
N ASP G 437 -73.06 16.47 -28.39
CA ASP G 437 -71.83 16.24 -29.15
C ASP G 437 -71.44 17.42 -30.03
N GLY G 438 -71.87 18.63 -29.66
CA GLY G 438 -71.38 19.84 -30.31
C GLY G 438 -71.73 19.92 -31.78
N PHE G 439 -70.73 20.30 -32.59
CA PHE G 439 -70.96 20.49 -34.01
C PHE G 439 -71.29 19.17 -34.71
N GLU G 440 -70.78 18.05 -34.20
CA GLU G 440 -71.19 16.75 -34.75
C GLU G 440 -72.69 16.55 -34.61
N GLY G 441 -73.23 16.84 -33.43
CA GLY G 441 -74.67 16.74 -33.25
C GLY G 441 -75.45 17.74 -34.07
N LEU G 442 -74.93 18.96 -34.19
CA LEU G 442 -75.58 19.97 -35.01
C LEU G 442 -75.66 19.53 -36.47
N ALA G 443 -74.58 18.93 -36.97
CA ALA G 443 -74.61 18.34 -38.31
C ALA G 443 -75.57 17.16 -38.36
N LYS G 444 -75.50 16.27 -37.37
CA LYS G 444 -76.35 15.09 -37.34
C LYS G 444 -77.76 15.37 -36.83
N GLY G 445 -78.06 16.60 -36.42
CA GLY G 445 -79.38 16.91 -35.95
C GLY G 445 -79.73 16.29 -34.62
N GLN G 446 -78.75 16.14 -33.72
CA GLN G 446 -79.00 15.66 -32.37
C GLN G 446 -79.47 16.81 -31.47
N VAL G 447 -80.56 17.46 -31.90
CA VAL G 447 -81.09 18.65 -31.26
C VAL G 447 -82.30 18.21 -30.44
N GLN G 448 -82.28 18.53 -29.16
CA GLN G 448 -83.32 18.15 -28.22
C GLN G 448 -83.72 19.41 -27.46
N GLU G 449 -84.99 19.81 -27.59
CA GLU G 449 -85.46 20.94 -26.81
C GLU G 449 -85.40 20.62 -25.33
N VAL G 450 -85.01 21.62 -24.54
CA VAL G 450 -84.69 21.47 -23.13
C VAL G 450 -85.61 22.37 -22.32
N GLY G 451 -85.88 21.96 -21.08
CA GLY G 451 -86.72 22.70 -20.17
C GLY G 451 -85.94 23.14 -18.94
N TRP G 452 -86.67 23.78 -18.03
CA TRP G 452 -86.09 24.26 -16.78
C TRP G 452 -85.48 23.11 -15.99
N HIS G 453 -86.26 22.06 -15.75
CA HIS G 453 -85.83 20.98 -14.87
C HIS G 453 -84.93 19.95 -15.55
N ASP G 454 -84.76 20.03 -16.86
CA ASP G 454 -83.85 19.11 -17.55
C ASP G 454 -82.39 19.37 -17.18
N VAL G 455 -82.06 20.58 -16.72
CA VAL G 455 -80.71 20.91 -16.29
C VAL G 455 -80.58 20.89 -14.76
N ALA G 456 -81.53 20.27 -14.06
CA ALA G 456 -81.52 20.27 -12.60
C ALA G 456 -80.31 19.52 -12.06
N GLY G 457 -79.55 20.19 -11.19
CA GLY G 457 -78.36 19.61 -10.60
C GLY G 457 -77.17 19.49 -11.52
N TRP G 458 -77.10 20.29 -12.57
CA TRP G 458 -75.95 20.28 -13.47
C TRP G 458 -74.78 21.09 -12.96
N LEU G 459 -74.97 21.89 -11.89
CA LEU G 459 -73.91 22.74 -11.36
C LEU G 459 -72.68 21.93 -10.97
N GLY G 460 -72.82 21.03 -10.01
CA GLY G 460 -71.69 20.29 -9.50
C GLY G 460 -71.18 19.15 -10.36
N ARG G 461 -71.83 18.86 -11.49
CA ARG G 461 -71.42 17.74 -12.33
C ARG G 461 -70.20 18.13 -13.14
N GLY G 462 -69.12 17.38 -12.96
CA GLY G 462 -67.90 17.62 -13.72
C GLY G 462 -68.03 17.19 -15.17
N GLY G 463 -67.01 17.55 -15.94
CA GLY G 463 -67.01 17.23 -17.36
C GLY G 463 -68.10 17.98 -18.10
N SER G 464 -68.81 17.25 -18.96
CA SER G 464 -69.87 17.81 -19.79
C SER G 464 -71.04 16.84 -19.80
N MET G 465 -72.24 17.34 -19.48
CA MET G 465 -73.44 16.54 -19.57
C MET G 465 -73.89 16.38 -21.01
N LEU G 466 -73.93 17.49 -21.75
CA LEU G 466 -73.94 17.39 -23.20
C LEU G 466 -72.61 16.80 -23.65
N GLY G 467 -72.64 16.09 -24.77
CA GLY G 467 -71.41 15.58 -25.33
C GLY G 467 -70.56 16.70 -25.89
N THR G 468 -69.25 16.45 -25.92
CA THR G 468 -68.28 17.32 -26.57
C THR G 468 -67.60 16.57 -27.71
N LYS G 469 -67.37 17.27 -28.81
CA LYS G 469 -66.53 16.78 -29.90
C LYS G 469 -65.67 17.94 -30.38
N ARG G 470 -64.46 17.62 -30.81
CA ARG G 470 -63.51 18.61 -31.30
C ARG G 470 -63.72 18.96 -32.77
N THR G 471 -64.66 18.31 -33.46
CA THR G 471 -64.73 18.44 -34.91
C THR G 471 -65.17 19.84 -35.29
N LEU G 472 -64.37 20.50 -36.14
CA LEU G 472 -64.69 21.84 -36.55
C LEU G 472 -65.85 21.83 -37.56
N PRO G 473 -66.62 22.92 -37.66
CA PRO G 473 -67.83 22.89 -38.48
C PRO G 473 -67.61 23.00 -39.98
N LYS G 474 -66.38 23.26 -40.45
CA LYS G 474 -66.17 23.53 -41.87
C LYS G 474 -66.46 22.29 -42.72
N GLY G 475 -66.10 21.11 -42.21
CA GLY G 475 -66.29 19.90 -43.00
C GLY G 475 -67.75 19.58 -43.28
N GLN G 476 -68.60 19.71 -42.25
CA GLN G 476 -70.02 19.39 -42.34
C GLN G 476 -70.87 20.66 -42.29
N LEU G 477 -70.43 21.70 -42.99
CA LEU G 477 -71.13 22.98 -42.91
C LEU G 477 -72.50 22.91 -43.57
N GLU G 478 -72.66 22.09 -44.60
CA GLU G 478 -73.97 21.94 -45.23
C GLU G 478 -74.97 21.31 -44.26
N SER G 479 -74.51 20.34 -43.46
CA SER G 479 -75.40 19.72 -42.49
C SER G 479 -75.76 20.69 -41.37
N ILE G 480 -74.82 21.56 -40.99
CA ILE G 480 -75.07 22.52 -39.91
C ILE G 480 -76.13 23.52 -40.34
N VAL G 481 -75.98 24.09 -41.54
CA VAL G 481 -76.95 25.07 -42.02
C VAL G 481 -78.30 24.41 -42.23
N GLU G 482 -78.31 23.15 -42.66
CA GLU G 482 -79.57 22.44 -42.86
C GLU G 482 -80.31 22.27 -41.54
N ASN G 483 -79.59 21.87 -40.48
CA ASN G 483 -80.23 21.66 -39.20
C ASN G 483 -80.64 22.98 -38.55
N ILE G 484 -79.87 24.06 -38.79
CA ILE G 484 -80.29 25.37 -38.32
C ILE G 484 -81.60 25.77 -38.99
N ARG G 485 -81.74 25.48 -40.29
CA ARG G 485 -82.97 25.80 -40.99
C ARG G 485 -84.13 24.95 -40.49
N ILE G 486 -83.89 23.65 -40.27
CA ILE G 486 -84.96 22.75 -39.85
C ILE G 486 -85.50 23.18 -38.48
N TYR G 487 -84.60 23.39 -37.52
CA TYR G 487 -84.99 23.73 -36.16
C TYR G 487 -85.19 25.24 -35.95
N GLY G 488 -84.95 26.06 -36.96
CA GLY G 488 -85.18 27.49 -36.83
C GLY G 488 -84.31 28.15 -35.78
N ILE G 489 -83.03 27.80 -35.74
CA ILE G 489 -82.13 28.28 -34.70
C ILE G 489 -81.70 29.70 -35.06
N HIS G 490 -82.12 30.66 -34.23
CA HIS G 490 -81.83 32.07 -34.46
C HIS G 490 -80.56 32.55 -33.76
N ALA G 491 -80.09 31.82 -32.75
CA ALA G 491 -78.85 32.17 -32.06
C ALA G 491 -78.12 30.88 -31.68
N LEU G 492 -76.83 31.02 -31.41
CA LEU G 492 -75.95 29.88 -31.14
C LEU G 492 -75.04 30.24 -29.97
N LEU G 493 -75.16 29.49 -28.88
CA LEU G 493 -74.34 29.69 -27.68
C LEU G 493 -73.35 28.53 -27.58
N VAL G 494 -72.07 28.81 -27.84
CA VAL G 494 -71.05 27.78 -27.96
C VAL G 494 -70.15 27.87 -26.73
N VAL G 495 -70.24 26.87 -25.87
CA VAL G 495 -69.47 26.79 -24.63
C VAL G 495 -68.33 25.82 -24.86
N GLY G 496 -67.09 26.30 -24.92
CA GLY G 496 -66.01 25.37 -25.20
C GLY G 496 -64.68 26.08 -25.36
N GLY G 497 -63.69 25.29 -25.76
CA GLY G 497 -62.32 25.73 -25.84
C GLY G 497 -61.97 26.39 -27.15
N PHE G 498 -60.70 26.24 -27.55
CA PHE G 498 -60.23 26.84 -28.79
C PHE G 498 -61.02 26.33 -29.99
N GLU G 499 -61.47 25.08 -29.94
CA GLU G 499 -62.28 24.56 -31.05
C GLU G 499 -63.62 25.28 -31.13
N ALA G 500 -64.18 25.68 -29.99
CA ALA G 500 -65.41 26.45 -29.99
C ALA G 500 -65.22 27.80 -30.67
N TYR G 501 -64.19 28.54 -30.26
CA TYR G 501 -63.91 29.84 -30.87
C TYR G 501 -63.59 29.70 -32.35
N GLU G 502 -62.77 28.71 -32.71
CA GLU G 502 -62.41 28.53 -34.11
C GLU G 502 -63.63 28.15 -34.94
N GLY G 503 -64.51 27.30 -34.40
CA GLY G 503 -65.70 26.92 -35.13
C GLY G 503 -66.65 28.07 -35.35
N VAL G 504 -66.87 28.89 -34.31
CA VAL G 504 -67.70 30.08 -34.47
C VAL G 504 -67.07 31.03 -35.46
N LEU G 505 -65.74 31.11 -35.48
CA LEU G 505 -65.07 31.93 -36.47
C LEU G 505 -65.33 31.41 -37.88
N GLN G 506 -65.32 30.08 -38.05
CA GLN G 506 -65.58 29.51 -39.36
C GLN G 506 -67.01 29.77 -39.82
N LEU G 507 -67.98 29.69 -38.91
CA LEU G 507 -69.35 30.00 -39.28
C LEU G 507 -69.51 31.47 -39.63
N VAL G 508 -68.78 32.35 -38.94
CA VAL G 508 -68.86 33.78 -39.25
C VAL G 508 -68.24 34.06 -40.61
N GLU G 509 -67.12 33.41 -40.91
CA GLU G 509 -66.48 33.60 -42.20
C GLU G 509 -67.32 33.03 -43.34
N ALA G 510 -68.12 32.01 -43.05
CA ALA G 510 -68.99 31.40 -44.06
C ALA G 510 -70.35 32.09 -44.18
N ARG G 511 -70.61 33.14 -43.40
CA ARG G 511 -71.84 33.91 -43.55
C ARG G 511 -72.01 34.42 -44.97
N GLY G 512 -70.91 34.81 -45.62
CA GLY G 512 -70.99 35.31 -46.98
C GLY G 512 -71.54 34.28 -47.95
N ARG G 513 -71.29 32.99 -47.70
CA ARG G 513 -71.78 31.93 -48.56
C ARG G 513 -73.21 31.51 -48.20
N TYR G 514 -73.54 31.47 -46.92
CA TYR G 514 -74.83 30.96 -46.42
C TYR G 514 -75.53 32.08 -45.67
N GLU G 515 -76.77 32.39 -46.09
CA GLU G 515 -77.55 33.39 -45.39
C GLU G 515 -77.96 32.93 -44.00
N GLU G 516 -78.18 31.62 -43.82
CA GLU G 516 -78.70 31.12 -42.55
C GLU G 516 -77.70 31.30 -41.42
N LEU G 517 -76.41 31.33 -41.74
CA LEU G 517 -75.38 31.52 -40.72
C LEU G 517 -75.32 32.94 -40.19
N CYS G 518 -76.10 33.88 -40.75
CA CYS G 518 -76.15 35.25 -40.23
C CYS G 518 -77.04 35.30 -38.99
N ILE G 519 -76.56 34.63 -37.94
CA ILE G 519 -77.25 34.51 -36.66
C ILE G 519 -76.29 35.00 -35.58
N VAL G 520 -76.87 35.59 -34.53
CA VAL G 520 -76.04 36.06 -33.42
C VAL G 520 -75.41 34.85 -32.77
N MET G 521 -74.10 34.93 -32.54
CA MET G 521 -73.32 33.86 -31.94
C MET G 521 -72.59 34.41 -30.74
N CYS G 522 -72.39 33.54 -29.74
CA CYS G 522 -71.62 33.88 -28.56
C CYS G 522 -70.78 32.67 -28.17
N VAL G 523 -69.52 32.93 -27.83
CA VAL G 523 -68.57 31.90 -27.41
C VAL G 523 -68.31 32.11 -25.92
N ILE G 524 -68.56 31.06 -25.14
CA ILE G 524 -68.15 31.01 -23.74
C ILE G 524 -66.85 30.21 -23.68
N PRO G 525 -65.70 30.83 -23.37
CA PRO G 525 -64.46 30.04 -23.33
C PRO G 525 -64.45 29.11 -22.12
N ALA G 526 -64.45 27.81 -22.40
CA ALA G 526 -64.48 26.76 -21.38
C ALA G 526 -63.44 25.70 -21.76
N THR G 527 -62.27 25.78 -21.12
CA THR G 527 -61.23 24.79 -21.41
C THR G 527 -60.23 24.76 -20.27
N ILE G 528 -59.54 23.62 -20.18
CA ILE G 528 -58.49 23.43 -19.19
C ILE G 528 -57.30 24.34 -19.48
N SER G 529 -56.93 24.46 -20.75
CA SER G 529 -55.67 25.12 -21.10
C SER G 529 -55.68 26.62 -20.86
N ASN G 530 -56.86 27.24 -20.77
CA ASN G 530 -57.00 28.70 -20.78
C ASN G 530 -56.32 29.31 -22.01
N ASN G 531 -56.54 28.66 -23.16
CA ASN G 531 -55.88 29.01 -24.42
C ASN G 531 -56.82 29.70 -25.40
N VAL G 532 -57.97 30.19 -24.94
CA VAL G 532 -58.98 30.77 -25.82
C VAL G 532 -58.74 32.27 -25.87
N PRO G 533 -58.53 32.88 -27.05
CA PRO G 533 -58.36 34.34 -27.09
C PRO G 533 -59.64 35.06 -26.71
N GLY G 534 -59.47 36.24 -26.14
CA GLY G 534 -60.57 37.10 -25.76
C GLY G 534 -60.94 37.06 -24.29
N THR G 535 -60.27 36.23 -23.48
CA THR G 535 -60.55 36.13 -22.07
C THR G 535 -59.23 35.92 -21.33
N ASP G 536 -59.26 36.16 -20.02
CA ASP G 536 -58.14 35.85 -19.14
C ASP G 536 -58.28 34.50 -18.46
N PHE G 537 -59.51 34.07 -18.17
CA PHE G 537 -59.78 32.82 -17.46
C PHE G 537 -60.85 32.05 -18.23
N SER G 538 -60.44 30.98 -18.89
CA SER G 538 -61.42 30.06 -19.46
C SER G 538 -62.14 29.31 -18.35
N LEU G 539 -63.40 28.99 -18.59
CA LEU G 539 -64.20 28.27 -17.62
C LEU G 539 -63.65 26.87 -17.42
N GLY G 540 -63.22 26.58 -16.19
CA GLY G 540 -62.60 25.31 -15.87
C GLY G 540 -61.09 25.32 -15.81
N SER G 541 -60.44 26.46 -16.09
CA SER G 541 -59.00 26.54 -15.89
C SER G 541 -58.67 26.50 -14.41
N ASP G 542 -59.50 27.15 -13.57
CA ASP G 542 -59.28 27.16 -12.13
C ASP G 542 -59.30 25.74 -11.55
N THR G 543 -60.24 24.91 -12.01
CA THR G 543 -60.30 23.52 -11.54
C THR G 543 -59.03 22.78 -11.88
N ALA G 544 -58.53 22.94 -13.09
CA ALA G 544 -57.31 22.25 -13.51
C ALA G 544 -56.11 22.72 -12.68
N VAL G 545 -56.04 24.02 -12.41
CA VAL G 545 -54.95 24.56 -11.60
C VAL G 545 -55.01 23.96 -10.20
N ASN G 546 -56.22 23.90 -9.64
CA ASN G 546 -56.38 23.37 -8.28
C ASN G 546 -56.00 21.90 -8.20
N ALA G 547 -56.45 21.09 -9.17
CA ALA G 547 -56.07 19.68 -9.18
C ALA G 547 -54.58 19.51 -9.43
N ALA G 548 -53.99 20.40 -10.22
CA ALA G 548 -52.55 20.31 -10.50
C ALA G 548 -51.73 20.58 -9.25
N MET G 549 -52.06 21.64 -8.50
CA MET G 549 -51.30 21.95 -7.30
C MET G 549 -51.48 20.87 -6.24
N GLU G 550 -52.69 20.31 -6.14
CA GLU G 550 -52.96 19.30 -5.12
C GLU G 550 -52.12 18.05 -5.37
N SER G 551 -51.96 17.68 -6.64
CA SER G 551 -51.05 16.59 -6.98
C SER G 551 -49.61 16.98 -6.71
N CYS G 552 -49.24 18.22 -7.06
CA CYS G 552 -47.88 18.70 -6.80
C CYS G 552 -47.60 18.78 -5.31
N ASP G 553 -48.58 19.23 -4.52
CA ASP G 553 -48.40 19.26 -3.07
C ASP G 553 -48.20 17.87 -2.49
N ARG G 554 -48.99 16.91 -2.97
CA ARG G 554 -48.80 15.52 -2.53
C ARG G 554 -47.41 15.02 -2.92
N ILE G 555 -46.98 15.32 -4.14
CA ILE G 555 -45.68 14.87 -4.61
C ILE G 555 -44.56 15.51 -3.79
N LYS G 556 -44.66 16.82 -3.55
CA LYS G 556 -43.63 17.49 -2.76
C LYS G 556 -43.63 16.99 -1.32
N GLN G 557 -44.79 16.59 -0.79
CA GLN G 557 -44.86 16.03 0.56
C GLN G 557 -44.32 14.61 0.64
N SER G 558 -44.06 13.94 -0.50
CA SER G 558 -43.68 12.54 -0.46
C SER G 558 -42.22 12.31 -0.12
N ALA G 559 -41.37 13.33 -0.23
CA ALA G 559 -39.98 13.16 0.18
C ALA G 559 -39.83 13.07 1.70
N SER G 560 -40.80 13.58 2.45
CA SER G 560 -40.88 13.41 3.91
C SER G 560 -39.67 14.00 4.63
N GLY G 561 -39.39 15.27 4.32
CA GLY G 561 -38.54 16.11 5.15
C GLY G 561 -37.10 15.67 5.39
N THR G 562 -36.62 14.64 4.69
CA THR G 562 -35.31 14.06 4.96
C THR G 562 -34.55 13.75 3.69
N LYS G 563 -35.18 13.09 2.73
CA LYS G 563 -34.54 12.85 1.44
C LYS G 563 -34.55 14.13 0.62
N ARG G 564 -33.41 14.44 0.01
CA ARG G 564 -33.29 15.58 -0.90
C ARG G 564 -33.67 15.11 -2.30
N ARG G 565 -34.82 15.56 -2.78
CA ARG G 565 -35.40 15.07 -4.03
C ARG G 565 -36.01 16.22 -4.81
N VAL G 566 -35.78 16.22 -6.12
CA VAL G 566 -36.40 17.14 -7.06
C VAL G 566 -37.40 16.33 -7.88
N PHE G 567 -38.58 16.90 -8.09
CA PHE G 567 -39.64 16.27 -8.88
C PHE G 567 -39.86 17.08 -10.16
N ILE G 568 -39.73 16.41 -11.31
CA ILE G 568 -40.12 16.97 -12.59
C ILE G 568 -41.57 16.59 -12.81
N VAL G 569 -42.47 17.57 -12.73
CA VAL G 569 -43.91 17.34 -12.86
C VAL G 569 -44.36 17.95 -14.19
N GLU G 570 -44.92 17.11 -15.06
CA GLU G 570 -45.36 17.55 -16.38
C GLU G 570 -46.85 17.86 -16.34
N THR G 571 -47.21 19.10 -16.66
CA THR G 571 -48.59 19.55 -16.72
C THR G 571 -49.09 19.58 -18.17
N MET G 572 -50.40 19.58 -18.31
CA MET G 572 -51.06 19.69 -19.61
C MET G 572 -51.23 21.18 -19.95
N GLY G 573 -51.96 21.45 -21.03
CA GLY G 573 -52.26 22.80 -21.50
C GLY G 573 -51.82 23.06 -22.93
N GLY G 574 -51.36 22.03 -23.63
CA GLY G 574 -50.86 22.20 -24.99
C GLY G 574 -49.68 23.15 -25.03
N TYR G 575 -49.68 24.01 -26.05
CA TYR G 575 -48.66 25.06 -26.15
C TYR G 575 -48.92 26.22 -25.20
N CYS G 576 -50.14 26.36 -24.67
CA CYS G 576 -50.42 27.42 -23.72
C CYS G 576 -49.81 27.05 -22.37
N GLY G 577 -48.88 27.87 -21.91
CA GLY G 577 -48.18 27.59 -20.68
C GLY G 577 -48.87 28.04 -19.42
N TYR G 578 -50.07 28.66 -19.51
CA TYR G 578 -50.74 29.27 -18.37
C TYR G 578 -50.82 28.34 -17.17
N LEU G 579 -51.26 27.10 -17.41
CA LEU G 579 -51.46 26.15 -16.32
C LEU G 579 -50.15 25.86 -15.59
N ALA G 580 -49.07 25.64 -16.34
CA ALA G 580 -47.78 25.34 -15.72
C ALA G 580 -47.29 26.49 -14.85
N THR G 581 -47.46 27.73 -15.33
CA THR G 581 -46.87 28.88 -14.64
C THR G 581 -47.63 29.21 -13.37
N VAL G 582 -48.96 29.29 -13.47
CA VAL G 582 -49.76 29.57 -12.28
C VAL G 582 -49.62 28.43 -11.28
N THR G 583 -49.59 27.18 -11.76
CA THR G 583 -49.36 26.06 -10.84
C THR G 583 -48.02 26.18 -10.15
N GLY G 584 -47.01 26.69 -10.86
CA GLY G 584 -45.71 26.88 -10.23
C GLY G 584 -45.74 27.94 -9.15
N ILE G 585 -46.48 29.01 -9.39
CA ILE G 585 -46.66 30.04 -8.38
C ILE G 585 -47.36 29.45 -7.17
N ALA G 586 -48.42 28.67 -7.41
CA ALA G 586 -49.23 28.12 -6.32
C ALA G 586 -48.43 27.16 -5.46
N VAL G 587 -47.57 26.35 -6.08
CA VAL G 587 -46.83 25.31 -5.38
C VAL G 587 -45.41 25.74 -5.01
N GLY G 588 -45.01 26.97 -5.35
CA GLY G 588 -43.64 27.37 -5.12
C GLY G 588 -42.67 26.56 -5.96
N ALA G 589 -43.03 26.24 -7.19
CA ALA G 589 -42.13 25.50 -8.07
C ALA G 589 -40.91 26.34 -8.37
N ASP G 590 -39.75 25.67 -8.44
CA ASP G 590 -38.52 26.36 -8.78
C ASP G 590 -38.58 26.94 -10.18
N ALA G 591 -39.09 26.17 -11.14
CA ALA G 591 -39.12 26.59 -12.53
C ALA G 591 -40.34 25.99 -13.23
N ALA G 592 -40.96 26.76 -14.11
CA ALA G 592 -42.09 26.33 -14.92
C ALA G 592 -41.73 26.55 -16.39
N TYR G 593 -41.17 25.52 -17.01
CA TYR G 593 -40.78 25.62 -18.42
C TYR G 593 -42.02 25.60 -19.29
N VAL G 594 -42.14 26.61 -20.16
CA VAL G 594 -43.30 26.77 -21.03
C VAL G 594 -42.84 27.20 -22.42
N PHE G 595 -43.73 27.00 -23.39
CA PHE G 595 -43.42 27.32 -24.78
C PHE G 595 -43.21 28.82 -24.97
N GLU G 596 -44.01 29.66 -24.30
CA GLU G 596 -43.94 31.10 -24.52
C GLU G 596 -42.66 31.73 -23.99
N ASP G 597 -41.86 31.00 -23.20
CA ASP G 597 -40.57 31.46 -22.69
C ASP G 597 -39.54 30.44 -23.18
N PRO G 598 -39.04 30.56 -24.41
CA PRO G 598 -38.10 29.56 -24.92
C PRO G 598 -36.81 29.52 -24.13
N PHE G 599 -36.35 28.30 -23.88
CA PHE G 599 -35.18 28.04 -23.07
C PHE G 599 -34.27 27.07 -23.82
N ASN G 600 -32.98 27.25 -23.64
CA ASN G 600 -31.94 26.43 -24.23
C ASN G 600 -31.18 25.73 -23.11
N ILE G 601 -30.15 24.97 -23.48
CA ILE G 601 -29.42 24.20 -22.48
C ILE G 601 -28.65 25.12 -21.53
N HIS G 602 -28.29 26.32 -21.97
CA HIS G 602 -27.64 27.27 -21.07
C HIS G 602 -28.56 27.65 -19.91
N ASP G 603 -29.83 27.91 -20.22
CA ASP G 603 -30.79 28.21 -19.16
C ASP G 603 -30.99 26.99 -18.25
N LEU G 604 -30.99 25.80 -18.82
CA LEU G 604 -31.17 24.60 -18.02
C LEU G 604 -30.00 24.39 -17.06
N LYS G 605 -28.76 24.63 -17.52
CA LYS G 605 -27.63 24.50 -16.61
C LYS G 605 -27.70 25.53 -15.49
N VAL G 606 -28.11 26.75 -15.82
CA VAL G 606 -28.28 27.80 -14.80
C VAL G 606 -29.30 27.34 -13.75
N ASN G 607 -30.44 26.83 -14.22
CA ASN G 607 -31.49 26.41 -13.29
C ASN G 607 -31.08 25.19 -12.49
N VAL G 608 -30.33 24.27 -13.10
CA VAL G 608 -29.94 23.05 -12.38
C VAL G 608 -28.90 23.37 -11.32
N GLU G 609 -27.92 24.22 -11.64
CA GLU G 609 -26.97 24.68 -10.63
C GLU G 609 -27.68 25.47 -9.55
N HIS G 610 -28.66 26.29 -9.94
CA HIS G 610 -29.49 27.00 -8.97
C HIS G 610 -30.20 26.04 -8.04
N MET G 611 -30.77 24.96 -8.58
CA MET G 611 -31.42 23.95 -7.75
C MET G 611 -30.42 23.29 -6.82
N THR G 612 -29.23 22.93 -7.34
CA THR G 612 -28.22 22.28 -6.53
C THR G 612 -27.80 23.15 -5.36
N GLU G 613 -27.59 24.45 -5.62
CA GLU G 613 -27.22 25.36 -4.54
C GLU G 613 -28.32 25.46 -3.50
N LYS G 614 -29.57 25.62 -3.96
CA LYS G 614 -30.70 25.64 -3.05
C LYS G 614 -30.81 24.34 -2.25
N MET G 615 -30.51 23.22 -2.90
CA MET G 615 -30.69 21.93 -2.26
C MET G 615 -29.62 21.62 -1.22
N LYS G 616 -28.47 22.30 -1.28
CA LYS G 616 -27.48 22.18 -0.23
C LYS G 616 -27.88 22.93 1.04
N THR G 617 -28.81 23.90 0.93
CA THR G 617 -29.29 24.63 2.09
C THR G 617 -30.37 23.83 2.81
N ASP G 618 -31.16 24.51 3.66
CA ASP G 618 -32.15 23.81 4.48
C ASP G 618 -33.27 23.20 3.66
N ILE G 619 -33.59 23.75 2.50
CA ILE G 619 -34.76 23.31 1.74
C ILE G 619 -34.39 22.07 0.94
N GLN G 620 -35.18 21.00 1.11
CA GLN G 620 -34.85 19.67 0.63
C GLN G 620 -35.75 19.17 -0.50
N ARG G 621 -36.87 19.84 -0.77
CA ARG G 621 -37.85 19.39 -1.76
C ARG G 621 -37.95 20.44 -2.86
N GLY G 622 -37.36 20.13 -4.03
CA GLY G 622 -37.50 20.96 -5.20
C GLY G 622 -38.64 20.51 -6.09
N LEU G 623 -39.14 21.44 -6.89
CA LEU G 623 -40.27 21.13 -7.78
C LEU G 623 -40.16 22.02 -9.01
N VAL G 624 -39.92 21.40 -10.17
CA VAL G 624 -39.93 22.08 -11.46
C VAL G 624 -41.11 21.54 -12.26
N LEU G 625 -41.85 22.46 -12.89
CA LEU G 625 -42.94 22.10 -13.77
C LEU G 625 -42.50 22.22 -15.23
N ARG G 626 -43.04 21.33 -16.07
CA ARG G 626 -42.79 21.35 -17.50
C ARG G 626 -44.13 21.26 -18.22
N ASN G 627 -44.42 22.26 -19.05
CA ASN G 627 -45.57 22.14 -19.93
C ASN G 627 -45.30 21.03 -20.94
N GLU G 628 -46.35 20.27 -21.27
CA GLU G 628 -46.21 19.07 -22.09
C GLU G 628 -45.56 19.34 -23.45
N LYS G 629 -45.79 20.53 -24.01
CA LYS G 629 -45.31 20.92 -25.34
C LYS G 629 -44.43 22.16 -25.27
N CYS G 630 -43.66 22.30 -24.19
CA CYS G 630 -42.82 23.48 -24.05
C CYS G 630 -41.61 23.43 -24.96
N HIS G 631 -41.05 22.23 -25.20
CA HIS G 631 -39.82 22.08 -25.95
C HIS G 631 -39.90 20.83 -26.82
N ASP G 632 -39.25 20.90 -27.98
CA ASP G 632 -39.31 19.80 -28.93
C ASP G 632 -38.45 18.62 -28.48
N TYR G 633 -37.29 18.90 -27.89
CA TYR G 633 -36.28 17.89 -27.57
C TYR G 633 -36.02 17.73 -26.08
N TYR G 634 -36.04 18.82 -25.31
CA TYR G 634 -35.78 18.74 -23.87
C TYR G 634 -37.07 18.30 -23.18
N THR G 635 -37.39 17.02 -23.39
CA THR G 635 -38.63 16.45 -22.89
C THR G 635 -38.54 16.25 -21.38
N THR G 636 -39.61 15.68 -20.82
CA THR G 636 -39.61 15.33 -19.40
C THR G 636 -38.49 14.34 -19.09
N GLU G 637 -38.29 13.35 -19.96
CA GLU G 637 -37.21 12.39 -19.76
C GLU G 637 -35.86 13.08 -19.83
N PHE G 638 -35.70 14.03 -20.74
CA PHE G 638 -34.45 14.78 -20.84
C PHE G 638 -34.15 15.53 -19.55
N LEU G 639 -35.13 16.29 -19.04
CA LEU G 639 -34.92 17.04 -17.82
C LEU G 639 -34.67 16.12 -16.64
N TYR G 640 -35.36 14.97 -16.59
CA TYR G 640 -35.08 13.97 -15.56
C TYR G 640 -33.61 13.57 -15.59
N ASN G 641 -33.10 13.18 -16.76
CA ASN G 641 -31.71 12.78 -16.90
C ASN G 641 -30.77 13.91 -16.52
N LEU G 642 -31.09 15.13 -16.93
CA LEU G 642 -30.24 16.28 -16.63
C LEU G 642 -30.16 16.54 -15.14
N TYR G 643 -31.31 16.70 -14.49
CA TYR G 643 -31.33 17.01 -13.05
C TYR G 643 -30.73 15.89 -12.22
N SER G 644 -31.04 14.64 -12.57
CA SER G 644 -30.52 13.51 -11.79
C SER G 644 -29.02 13.37 -11.95
N SER G 645 -28.48 13.68 -13.12
CA SER G 645 -27.05 13.57 -13.33
C SER G 645 -26.30 14.68 -12.59
N GLU G 646 -26.71 15.93 -12.80
CA GLU G 646 -26.01 17.05 -12.18
C GLU G 646 -26.20 17.08 -10.68
N GLY G 647 -27.33 16.60 -10.19
CA GLY G 647 -27.57 16.49 -8.77
C GLY G 647 -26.99 15.27 -8.11
N LYS G 648 -26.16 14.50 -8.81
CA LYS G 648 -25.55 13.31 -8.25
C LYS G 648 -24.74 13.65 -7.01
N GLY G 649 -24.98 12.91 -5.93
CA GLY G 649 -24.35 13.18 -4.65
C GLY G 649 -24.97 14.32 -3.87
N VAL G 650 -25.99 14.99 -4.42
CA VAL G 650 -26.70 16.08 -3.74
C VAL G 650 -28.18 15.73 -3.57
N PHE G 651 -28.84 15.35 -4.66
CA PHE G 651 -30.25 14.99 -4.62
C PHE G 651 -30.56 13.94 -5.67
N ASP G 652 -31.64 13.22 -5.43
CA ASP G 652 -32.23 12.32 -6.39
C ASP G 652 -33.30 13.07 -7.19
N CYS G 653 -33.65 12.51 -8.35
CA CYS G 653 -34.68 13.07 -9.21
C CYS G 653 -35.76 12.02 -9.46
N ARG G 654 -37.01 12.48 -9.48
CA ARG G 654 -38.15 11.65 -9.85
C ARG G 654 -39.05 12.41 -10.79
N THR G 655 -39.91 11.66 -11.48
CA THR G 655 -40.75 12.17 -12.55
C THR G 655 -42.20 11.77 -12.28
N ASN G 656 -43.11 12.65 -12.66
CA ASN G 656 -44.54 12.36 -12.53
C ASN G 656 -45.30 13.17 -13.57
N VAL G 657 -45.87 12.49 -14.56
CA VAL G 657 -46.67 13.13 -15.60
C VAL G 657 -48.11 13.15 -15.10
N LEU G 658 -48.55 14.29 -14.59
CA LEU G 658 -49.96 14.49 -14.27
C LEU G 658 -50.73 14.46 -15.59
N GLY G 659 -51.30 13.31 -15.91
CA GLY G 659 -52.08 13.20 -17.14
C GLY G 659 -53.45 13.81 -16.97
N HIS G 660 -54.48 12.97 -17.05
CA HIS G 660 -55.86 13.43 -16.88
C HIS G 660 -56.26 13.59 -15.41
N LEU G 661 -55.30 13.56 -14.47
CA LEU G 661 -55.59 14.00 -13.11
C LEU G 661 -56.02 15.45 -13.08
N GLN G 662 -55.55 16.26 -14.02
CA GLN G 662 -55.90 17.68 -14.10
C GLN G 662 -57.23 17.93 -14.79
N GLN G 663 -57.94 16.88 -15.23
CA GLN G 663 -59.05 17.00 -16.18
C GLN G 663 -60.40 16.71 -15.54
N GLY G 664 -60.60 15.51 -14.98
CA GLY G 664 -61.93 15.04 -14.65
C GLY G 664 -62.54 15.45 -13.34
N GLY G 665 -61.98 16.45 -12.67
CA GLY G 665 -62.51 16.85 -11.39
C GLY G 665 -63.85 17.55 -11.50
N ALA G 666 -64.60 17.54 -10.40
CA ALA G 666 -65.76 18.39 -10.30
C ALA G 666 -65.30 19.85 -10.35
N PRO G 667 -66.14 20.78 -10.82
CA PRO G 667 -65.71 22.18 -10.84
C PRO G 667 -65.52 22.72 -9.45
N THR G 668 -64.47 23.50 -9.29
CA THR G 668 -64.26 24.23 -8.06
C THR G 668 -65.37 25.26 -7.90
N PRO G 669 -65.59 25.79 -6.68
CA PRO G 669 -66.65 26.79 -6.50
C PRO G 669 -66.49 28.03 -7.36
N PHE G 670 -65.25 28.46 -7.58
CA PHE G 670 -65.00 29.56 -8.51
C PHE G 670 -65.54 29.24 -9.89
N ASP G 671 -65.20 28.05 -10.41
CA ASP G 671 -65.63 27.67 -11.75
C ASP G 671 -67.15 27.61 -11.84
N ARG G 672 -67.81 27.09 -10.80
CA ARG G 672 -69.28 27.03 -10.81
C ARG G 672 -69.88 28.44 -10.84
N ASN G 673 -69.44 29.31 -9.94
CA ASN G 673 -69.97 30.67 -9.89
C ASN G 673 -69.65 31.44 -11.17
N TYR G 674 -68.41 31.30 -11.66
CA TYR G 674 -68.01 32.00 -12.88
C TYR G 674 -68.89 31.57 -14.05
N GLY G 675 -68.97 30.27 -14.31
CA GLY G 675 -69.81 29.77 -15.40
C GLY G 675 -71.27 30.12 -15.25
N THR G 676 -71.76 30.11 -14.01
CA THR G 676 -73.11 30.58 -13.73
C THR G 676 -73.28 32.02 -14.19
N LYS G 677 -72.40 32.91 -13.72
CA LYS G 677 -72.54 34.34 -13.99
C LYS G 677 -72.41 34.64 -15.48
N LEU G 678 -71.34 34.13 -16.12
CA LEU G 678 -71.13 34.47 -17.53
C LEU G 678 -72.18 33.82 -18.42
N GLY G 679 -72.75 32.68 -18.00
CA GLY G 679 -73.84 32.10 -18.76
C GLY G 679 -75.07 32.98 -18.72
N VAL G 680 -75.37 33.55 -17.56
CA VAL G 680 -76.44 34.54 -17.47
C VAL G 680 -76.09 35.76 -18.33
N LYS G 681 -74.87 36.28 -18.18
CA LYS G 681 -74.47 37.48 -18.91
C LYS G 681 -74.47 37.24 -20.42
N ALA G 682 -74.01 36.06 -20.84
CA ALA G 682 -74.03 35.74 -22.26
C ALA G 682 -75.45 35.68 -22.79
N MET G 683 -76.38 35.17 -21.98
CA MET G 683 -77.77 35.10 -22.41
C MET G 683 -78.41 36.49 -22.44
N LEU G 684 -78.05 37.34 -21.48
CA LEU G 684 -78.52 38.73 -21.51
C LEU G 684 -78.02 39.44 -22.77
N TRP G 685 -76.73 39.30 -23.07
CA TRP G 685 -76.17 39.94 -24.24
C TRP G 685 -76.75 39.38 -25.52
N LEU G 686 -77.03 38.07 -25.55
CA LEU G 686 -77.67 37.47 -26.72
C LEU G 686 -79.06 38.05 -26.93
N SER G 687 -79.84 38.17 -25.86
CA SER G 687 -81.20 38.72 -25.99
C SER G 687 -81.18 40.16 -26.44
N GLU G 688 -80.25 40.96 -25.92
CA GLU G 688 -80.16 42.36 -26.33
C GLU G 688 -79.75 42.48 -27.80
N LYS G 689 -78.75 41.70 -28.21
CA LYS G 689 -78.32 41.75 -29.61
C LYS G 689 -79.41 41.25 -30.54
N LEU G 690 -80.15 40.23 -30.13
CA LEU G 690 -81.19 39.67 -31.00
C LEU G 690 -82.35 40.64 -31.15
N ARG G 691 -82.68 41.40 -30.10
CA ARG G 691 -83.70 42.44 -30.24
C ARG G 691 -83.19 43.61 -31.09
N GLU G 692 -81.90 43.92 -31.00
CA GLU G 692 -81.34 45.00 -31.81
C GLU G 692 -81.20 44.62 -33.27
N VAL G 693 -81.12 43.32 -33.59
CA VAL G 693 -80.89 42.85 -34.95
C VAL G 693 -82.19 42.36 -35.63
N TYR G 694 -83.27 42.21 -34.88
CA TYR G 694 -84.53 41.73 -35.47
C TYR G 694 -85.17 42.85 -36.28
N ARG G 695 -85.23 42.67 -37.60
CA ARG G 695 -85.83 43.65 -38.50
C ARG G 695 -86.41 42.93 -39.70
N LYS G 696 -87.45 43.53 -40.30
CA LYS G 696 -88.12 42.95 -41.47
C LYS G 696 -88.76 41.60 -41.15
N GLY G 697 -89.14 41.39 -39.89
CA GLY G 697 -89.79 40.16 -39.50
C GLY G 697 -88.88 38.95 -39.38
N ARG G 698 -87.56 39.12 -39.51
CA ARG G 698 -86.63 38.01 -39.35
C ARG G 698 -85.32 38.53 -38.77
N VAL G 699 -84.51 37.62 -38.26
CA VAL G 699 -83.21 37.94 -37.72
C VAL G 699 -82.17 37.83 -38.83
N PHE G 700 -81.31 38.84 -38.94
CA PHE G 700 -80.24 38.86 -39.93
C PHE G 700 -79.01 39.49 -39.27
N ALA G 701 -78.12 38.65 -38.76
CA ALA G 701 -76.92 39.08 -38.04
C ALA G 701 -75.72 38.90 -38.95
N ASN G 702 -75.32 39.97 -39.63
CA ASN G 702 -74.20 39.95 -40.58
C ASN G 702 -72.98 40.72 -40.11
N ALA G 703 -73.14 41.66 -39.19
CA ALA G 703 -72.02 42.47 -38.76
C ALA G 703 -71.04 41.62 -37.93
N PRO G 704 -69.77 42.02 -37.85
CA PRO G 704 -68.82 41.22 -37.03
C PRO G 704 -69.16 41.22 -35.55
N ASP G 705 -69.82 42.26 -35.05
CA ASP G 705 -70.12 42.36 -33.63
C ASP G 705 -71.11 41.32 -33.14
N SER G 706 -71.80 40.62 -34.04
CA SER G 706 -72.80 39.62 -33.67
C SER G 706 -72.21 38.28 -33.30
N ALA G 707 -70.89 38.12 -33.34
CA ALA G 707 -70.22 36.86 -32.99
C ALA G 707 -69.04 37.19 -32.09
N CYS G 708 -69.24 37.11 -30.78
CA CYS G 708 -68.29 37.59 -29.79
C CYS G 708 -67.95 36.49 -28.79
N VAL G 709 -66.74 36.59 -28.23
CA VAL G 709 -66.30 35.76 -27.12
C VAL G 709 -66.51 36.56 -25.85
N ILE G 710 -67.29 36.02 -24.91
CA ILE G 710 -67.47 36.69 -23.63
C ILE G 710 -66.16 36.64 -22.87
N GLY G 711 -65.77 37.77 -22.28
CA GLY G 711 -64.40 38.07 -21.94
C GLY G 711 -64.15 37.87 -20.46
N LEU G 712 -64.26 38.96 -19.68
CA LEU G 712 -63.56 39.17 -18.41
C LEU G 712 -62.09 39.31 -18.72
N LYS G 713 -61.73 40.39 -19.41
CA LYS G 713 -60.41 40.54 -20.03
C LYS G 713 -59.43 41.35 -19.18
N LYS G 714 -59.89 42.43 -18.54
CA LYS G 714 -59.06 43.18 -17.60
C LYS G 714 -59.85 43.54 -16.35
N LYS G 715 -60.94 44.29 -16.52
CA LYS G 715 -61.68 44.87 -15.40
C LYS G 715 -63.07 44.26 -15.22
N ALA G 716 -63.84 44.17 -16.30
CA ALA G 716 -65.20 43.63 -16.26
C ALA G 716 -65.39 42.73 -17.47
N VAL G 717 -66.60 42.19 -17.62
CA VAL G 717 -66.89 41.31 -18.73
C VAL G 717 -66.92 42.12 -20.02
N ALA G 718 -66.35 41.56 -21.09
CA ALA G 718 -66.29 42.18 -22.40
C ALA G 718 -66.82 41.20 -23.45
N PHE G 719 -67.03 41.72 -24.65
CA PHE G 719 -67.50 40.93 -25.79
C PHE G 719 -66.63 41.29 -27.00
N SER G 720 -65.65 40.44 -27.27
CA SER G 720 -64.68 40.68 -28.33
C SER G 720 -65.13 39.95 -29.58
N PRO G 721 -65.38 40.61 -30.73
CA PRO G 721 -65.77 39.87 -31.94
C PRO G 721 -64.67 38.89 -32.37
N VAL G 722 -65.11 37.71 -32.84
CA VAL G 722 -64.16 36.65 -33.18
C VAL G 722 -63.28 37.08 -34.34
N THR G 723 -63.81 37.85 -35.28
CA THR G 723 -63.00 38.32 -36.40
C THR G 723 -61.89 39.26 -35.91
N GLU G 724 -62.20 40.11 -34.93
CA GLU G 724 -61.18 41.01 -34.40
C GLU G 724 -60.13 40.23 -33.63
N LEU G 725 -60.55 39.19 -32.88
CA LEU G 725 -59.61 38.36 -32.14
C LEU G 725 -58.77 37.47 -33.05
N LYS G 726 -59.14 37.31 -34.32
CA LYS G 726 -58.35 36.48 -35.23
C LYS G 726 -56.95 37.02 -35.42
N LYS G 727 -56.76 38.33 -35.29
CA LYS G 727 -55.43 38.92 -35.44
C LYS G 727 -54.49 38.45 -34.34
N ASP G 728 -54.97 38.39 -33.09
CA ASP G 728 -54.18 38.05 -31.92
C ASP G 728 -54.34 36.59 -31.52
N THR G 729 -54.43 35.69 -32.51
CA THR G 729 -54.59 34.26 -32.28
C THR G 729 -53.54 33.50 -33.07
N ASP G 730 -52.76 32.68 -32.36
CA ASP G 730 -51.79 31.78 -32.99
C ASP G 730 -52.50 30.47 -33.27
N PHE G 731 -53.01 30.32 -34.50
CA PHE G 731 -53.83 29.16 -34.82
C PHE G 731 -53.03 27.88 -34.92
N GLU G 732 -51.74 27.98 -35.29
CA GLU G 732 -50.89 26.79 -35.34
C GLU G 732 -50.76 26.17 -33.95
N HIS G 733 -50.50 27.00 -32.94
CA HIS G 733 -50.34 26.55 -31.56
C HIS G 733 -51.64 26.59 -30.77
N ARG G 734 -52.73 27.10 -31.34
CA ARG G 734 -54.04 27.13 -30.69
C ARG G 734 -54.00 27.90 -29.38
N MET G 735 -53.52 29.14 -29.45
CA MET G 735 -53.44 30.00 -28.27
C MET G 735 -53.39 31.45 -28.75
N PRO G 736 -53.67 32.42 -27.88
CA PRO G 736 -53.51 33.82 -28.26
C PRO G 736 -52.05 34.22 -28.35
N ARG G 737 -51.79 35.28 -29.13
CA ARG G 737 -50.43 35.73 -29.35
C ARG G 737 -49.90 36.53 -28.16
N GLU G 738 -50.76 37.36 -27.55
CA GLU G 738 -50.41 38.18 -26.39
C GLU G 738 -51.29 37.74 -25.23
N GLN G 739 -50.68 37.13 -24.22
CA GLN G 739 -51.37 36.63 -23.05
C GLN G 739 -51.00 37.49 -21.84
N TRP G 740 -52.02 37.83 -21.04
CA TRP G 740 -51.83 38.73 -19.90
C TRP G 740 -50.86 38.18 -18.87
N TRP G 741 -50.76 36.85 -18.76
CA TRP G 741 -50.12 36.21 -17.60
C TRP G 741 -48.62 36.03 -17.76
N LEU G 742 -48.02 36.47 -18.88
CA LEU G 742 -46.57 36.36 -19.02
C LEU G 742 -45.82 37.19 -17.98
N SER G 743 -46.46 38.23 -17.44
CA SER G 743 -45.85 38.98 -16.36
C SER G 743 -45.74 38.18 -15.07
N LEU G 744 -46.59 37.17 -14.88
CA LEU G 744 -46.53 36.35 -13.68
C LEU G 744 -45.31 35.44 -13.65
N ARG G 745 -44.66 35.21 -14.80
CA ARG G 745 -43.41 34.46 -14.81
C ARG G 745 -42.36 35.17 -13.96
N LEU G 746 -42.34 36.50 -14.03
CA LEU G 746 -41.37 37.28 -13.28
C LEU G 746 -41.59 37.12 -11.78
N MET G 747 -42.86 37.07 -11.36
CA MET G 747 -43.16 36.82 -9.95
C MET G 747 -42.74 35.42 -9.54
N LEU G 748 -43.01 34.42 -10.38
CA LEU G 748 -42.57 33.05 -10.12
C LEU G 748 -41.06 33.00 -9.94
N LYS G 749 -40.33 33.58 -10.90
CA LYS G 749 -38.87 33.53 -10.87
C LYS G 749 -38.31 34.31 -9.69
N MET G 750 -38.90 35.45 -9.36
CA MET G 750 -38.43 36.22 -8.21
C MET G 750 -38.65 35.46 -6.91
N LEU G 751 -39.81 34.83 -6.76
CA LEU G 751 -40.07 34.02 -5.57
C LEU G 751 -39.15 32.79 -5.50
N ALA G 752 -38.52 32.40 -6.62
CA ALA G 752 -37.59 31.28 -6.69
C ALA G 752 -36.12 31.71 -6.71
N GLN G 753 -35.82 32.95 -6.28
CA GLN G 753 -34.45 33.47 -6.17
C GLN G 753 -33.74 33.62 -7.52
N TYR G 754 -34.48 33.81 -8.61
CA TYR G 754 -33.89 34.15 -9.89
C TYR G 754 -33.80 35.67 -10.00
N ARG G 755 -32.59 36.18 -10.17
CA ARG G 755 -32.37 37.62 -10.31
C ARG G 755 -32.79 38.01 -11.71
N ILE G 756 -34.05 38.43 -11.84
CA ILE G 756 -34.66 38.81 -13.11
C ILE G 756 -35.08 40.27 -13.01
N SER G 757 -34.62 41.07 -13.96
CA SER G 757 -34.97 42.49 -14.03
C SER G 757 -36.42 42.62 -14.47
N MET G 758 -37.33 42.84 -13.51
CA MET G 758 -38.76 42.90 -13.78
C MET G 758 -39.22 44.33 -14.05
N ALA G 759 -38.50 45.05 -14.91
CA ALA G 759 -38.96 46.36 -15.34
C ALA G 759 -40.22 46.27 -16.21
N ALA G 760 -40.52 45.09 -16.76
CA ALA G 760 -41.70 44.90 -17.60
C ALA G 760 -42.97 44.65 -16.80
N TYR G 761 -42.89 44.46 -15.49
CA TYR G 761 -44.08 44.24 -14.68
C TYR G 761 -44.76 45.57 -14.38
N VAL G 762 -46.07 45.61 -14.57
CA VAL G 762 -46.88 46.81 -14.34
C VAL G 762 -47.78 46.55 -13.13
N SER G 763 -47.77 47.47 -12.17
CA SER G 763 -48.56 47.38 -10.97
C SER G 763 -49.78 48.30 -11.07
N GLY G 764 -50.84 47.92 -10.37
CA GLY G 764 -52.04 48.74 -10.37
C GLY G 764 -51.78 50.08 -9.71
N GLU G 765 -52.30 51.13 -10.33
CA GLU G 765 -52.14 52.49 -9.84
C GLU G 765 -53.30 52.83 -8.89
N LEU G 766 -53.18 54.00 -8.25
CA LEU G 766 -54.22 54.44 -7.33
C LEU G 766 -55.52 54.71 -8.07
N GLU G 767 -56.63 54.25 -7.48
CA GLU G 767 -57.96 54.48 -8.00
C GLU G 767 -58.90 54.78 -6.84
N HIS G 768 -59.75 55.78 -7.02
CA HIS G 768 -60.76 56.07 -6.03
C HIS G 768 -61.87 55.03 -6.08
N VAL G 769 -62.57 54.90 -4.95
CA VAL G 769 -63.65 53.92 -4.86
C VAL G 769 -64.79 54.32 -5.77
N THR G 770 -65.49 53.32 -6.30
CA THR G 770 -66.61 53.54 -7.22
C THR G 770 -67.88 53.78 -6.41
N ARG G 771 -67.92 54.94 -5.75
CA ARG G 771 -69.02 55.42 -4.90
C ARG G 771 -69.60 54.34 -3.98
N ALA H 11 -73.46 -27.32 -7.91
CA ALA H 11 -72.73 -26.29 -7.12
C ALA H 11 -73.34 -24.91 -7.35
N SER H 12 -73.54 -24.57 -8.62
CA SER H 12 -74.11 -23.27 -8.96
C SER H 12 -75.56 -23.16 -8.49
N GLY H 13 -75.95 -21.94 -8.13
CA GLY H 13 -77.30 -21.68 -7.69
C GLY H 13 -78.23 -21.29 -8.82
N ALA H 14 -78.36 -22.17 -9.81
CA ALA H 14 -79.28 -21.94 -10.92
C ALA H 14 -80.69 -22.34 -10.53
N GLY H 15 -81.67 -21.66 -11.12
CA GLY H 15 -83.07 -21.93 -10.85
C GLY H 15 -83.61 -21.31 -9.57
N LYS H 16 -82.79 -20.56 -8.83
CA LYS H 16 -83.20 -19.90 -7.60
C LYS H 16 -82.93 -18.40 -7.71
N ALA H 17 -83.71 -17.61 -7.00
CA ALA H 17 -83.70 -16.16 -7.09
C ALA H 17 -83.21 -15.56 -5.78
N ILE H 18 -82.41 -14.49 -5.90
CA ILE H 18 -81.87 -13.75 -4.76
C ILE H 18 -82.49 -12.37 -4.76
N GLY H 19 -82.96 -11.93 -3.60
CA GLY H 19 -83.44 -10.57 -3.40
C GLY H 19 -82.41 -9.79 -2.61
N VAL H 20 -82.18 -8.55 -3.01
CA VAL H 20 -81.27 -7.63 -2.32
C VAL H 20 -82.03 -6.35 -2.05
N LEU H 21 -81.96 -5.89 -0.81
CA LEU H 21 -82.63 -4.66 -0.39
C LEU H 21 -81.72 -3.92 0.56
N THR H 22 -81.90 -2.59 0.61
CA THR H 22 -81.21 -1.71 1.55
C THR H 22 -82.24 -0.97 2.38
N SER H 23 -82.00 -0.89 3.69
CA SER H 23 -82.90 -0.24 4.62
C SER H 23 -82.09 0.48 5.70
N GLY H 24 -82.72 1.50 6.28
CA GLY H 24 -82.05 2.35 7.26
C GLY H 24 -81.31 3.52 6.64
N GLY H 25 -80.46 4.14 7.44
CA GLY H 25 -79.64 5.23 6.94
C GLY H 25 -78.67 4.73 5.88
N ASP H 26 -78.51 5.55 4.83
CA ASP H 26 -77.75 5.14 3.65
C ASP H 26 -76.25 5.24 3.95
N ALA H 27 -75.73 4.21 4.61
CA ALA H 27 -74.30 4.11 4.82
C ALA H 27 -73.59 4.01 3.48
N GLN H 28 -72.64 4.92 3.27
CA GLN H 28 -71.84 4.88 2.05
C GLN H 28 -71.00 3.61 2.03
N GLY H 29 -70.88 3.02 0.84
CA GLY H 29 -70.39 1.66 0.68
C GLY H 29 -71.48 0.64 0.50
N MET H 30 -72.75 1.03 0.69
CA MET H 30 -73.87 0.15 0.36
C MET H 30 -73.86 -0.23 -1.11
N ASN H 31 -73.53 0.73 -1.98
CA ASN H 31 -73.53 0.46 -3.42
C ASN H 31 -72.52 -0.62 -3.80
N ALA H 32 -71.37 -0.63 -3.13
CA ALA H 32 -70.39 -1.68 -3.37
C ALA H 32 -70.94 -3.05 -2.98
N ALA H 33 -71.63 -3.12 -1.85
CA ALA H 33 -72.25 -4.38 -1.43
C ALA H 33 -73.33 -4.82 -2.40
N VAL H 34 -74.17 -3.88 -2.84
CA VAL H 34 -75.23 -4.21 -3.79
C VAL H 34 -74.64 -4.70 -5.11
N ARG H 35 -73.62 -4.00 -5.60
CA ARG H 35 -72.95 -4.39 -6.84
C ARG H 35 -72.39 -5.80 -6.74
N ALA H 36 -71.67 -6.09 -5.66
CA ALA H 36 -71.08 -7.42 -5.49
C ALA H 36 -72.16 -8.48 -5.35
N VAL H 37 -73.24 -8.18 -4.63
CA VAL H 37 -74.33 -9.13 -4.48
C VAL H 37 -74.95 -9.45 -5.82
N THR H 38 -75.24 -8.41 -6.61
CA THR H 38 -75.87 -8.62 -7.91
C THR H 38 -74.99 -9.45 -8.82
N ARG H 39 -73.73 -9.03 -9.00
CA ARG H 39 -72.88 -9.68 -9.98
C ARG H 39 -72.50 -11.09 -9.57
N MET H 40 -72.31 -11.35 -8.28
CA MET H 40 -72.11 -12.73 -7.84
C MET H 40 -73.37 -13.55 -8.04
N GLY H 41 -74.55 -12.94 -7.82
CA GLY H 41 -75.78 -13.69 -7.97
C GLY H 41 -76.06 -14.13 -9.39
N ILE H 42 -75.84 -13.24 -10.36
CA ILE H 42 -76.02 -13.60 -11.77
C ILE H 42 -74.80 -14.27 -12.38
N TYR H 43 -73.66 -14.25 -11.68
CA TYR H 43 -72.50 -15.04 -12.13
C TYR H 43 -72.73 -16.52 -11.89
N VAL H 44 -73.28 -16.87 -10.72
CA VAL H 44 -73.58 -18.26 -10.36
C VAL H 44 -74.91 -18.73 -10.92
N GLY H 45 -75.52 -17.94 -11.82
CA GLY H 45 -76.72 -18.34 -12.52
C GLY H 45 -78.02 -17.99 -11.84
N ALA H 46 -78.00 -17.50 -10.60
CA ALA H 46 -79.23 -17.13 -9.93
C ALA H 46 -79.78 -15.83 -10.49
N LYS H 47 -81.10 -15.67 -10.38
CA LYS H 47 -81.75 -14.41 -10.71
C LYS H 47 -81.64 -13.46 -9.53
N VAL H 48 -81.29 -12.20 -9.79
CA VAL H 48 -81.16 -11.18 -8.77
C VAL H 48 -82.27 -10.18 -8.98
N PHE H 49 -83.01 -9.87 -7.91
CA PHE H 49 -84.08 -8.88 -7.92
C PHE H 49 -83.72 -7.75 -6.97
N LEU H 50 -83.64 -6.54 -7.51
CA LEU H 50 -83.39 -5.35 -6.72
C LEU H 50 -84.70 -4.84 -6.13
N ILE H 51 -84.76 -4.77 -4.81
CA ILE H 51 -85.95 -4.29 -4.11
C ILE H 51 -85.68 -2.84 -3.73
N TYR H 52 -86.41 -1.93 -4.38
CA TYR H 52 -86.16 -0.50 -4.22
C TYR H 52 -86.85 0.00 -2.95
N GLU H 53 -86.23 0.99 -2.31
CA GLU H 53 -86.71 1.59 -1.06
C GLU H 53 -86.77 0.59 0.10
N GLY H 54 -86.08 -0.54 -0.01
CA GLY H 54 -85.99 -1.45 1.12
C GLY H 54 -87.31 -2.11 1.46
N TYR H 55 -87.61 -2.16 2.76
CA TYR H 55 -88.83 -2.79 3.24
C TYR H 55 -90.08 -2.10 2.72
N GLU H 56 -89.99 -0.81 2.38
CA GLU H 56 -91.09 -0.11 1.73
C GLU H 56 -91.45 -0.86 0.45
N GLY H 57 -90.55 -0.88 -0.53
CA GLY H 57 -90.82 -1.59 -1.76
C GLY H 57 -90.99 -3.09 -1.58
N LEU H 58 -90.45 -3.67 -0.51
CA LEU H 58 -90.81 -5.04 -0.18
C LEU H 58 -92.30 -5.15 0.09
N VAL H 59 -92.86 -4.20 0.84
CA VAL H 59 -94.28 -4.23 1.18
C VAL H 59 -95.13 -4.00 -0.06
N GLU H 60 -95.01 -2.83 -0.68
CA GLU H 60 -95.81 -2.55 -1.88
C GLU H 60 -95.43 -3.48 -3.03
N GLY H 61 -94.14 -3.75 -3.20
CA GLY H 61 -93.73 -4.69 -4.25
C GLY H 61 -94.07 -4.20 -5.63
N GLY H 62 -94.37 -5.15 -6.50
CA GLY H 62 -94.78 -4.85 -7.86
C GLY H 62 -93.69 -4.16 -8.65
N GLU H 63 -93.93 -2.88 -8.97
CA GLU H 63 -92.93 -2.11 -9.71
C GLU H 63 -91.63 -1.95 -8.92
N ASN H 64 -91.71 -1.98 -7.59
CA ASN H 64 -90.52 -1.77 -6.77
C ASN H 64 -89.57 -2.96 -6.75
N ILE H 65 -89.91 -4.09 -7.37
CA ILE H 65 -89.06 -5.27 -7.46
C ILE H 65 -88.78 -5.49 -8.93
N LYS H 66 -87.52 -5.32 -9.33
CA LYS H 66 -87.07 -5.44 -10.71
C LYS H 66 -85.89 -6.38 -10.77
N GLN H 67 -85.87 -7.22 -11.80
CA GLN H 67 -84.73 -8.12 -12.00
C GLN H 67 -83.53 -7.33 -12.51
N ALA H 68 -82.36 -7.66 -11.98
CA ALA H 68 -81.11 -6.98 -12.31
C ALA H 68 -80.35 -7.74 -13.39
N ASN H 69 -79.69 -6.98 -14.25
CA ASN H 69 -78.69 -7.47 -15.18
C ASN H 69 -77.32 -6.98 -14.69
N TRP H 70 -76.27 -7.36 -15.44
CA TRP H 70 -74.92 -6.97 -15.06
C TRP H 70 -74.75 -5.46 -15.09
N LEU H 71 -75.33 -4.80 -16.08
CA LEU H 71 -75.15 -3.36 -16.25
C LEU H 71 -76.05 -2.53 -15.34
N SER H 72 -76.98 -3.14 -14.61
CA SER H 72 -77.83 -2.35 -13.72
C SER H 72 -77.04 -1.78 -12.56
N VAL H 73 -75.95 -2.44 -12.15
CA VAL H 73 -75.10 -2.00 -11.04
C VAL H 73 -73.74 -1.56 -11.55
N SER H 74 -73.68 -1.05 -12.78
CA SER H 74 -72.43 -0.63 -13.38
C SER H 74 -72.12 0.81 -12.98
N ASN H 75 -70.88 1.04 -12.56
CA ASN H 75 -70.39 2.39 -12.26
C ASN H 75 -71.12 2.98 -11.05
N ILE H 76 -71.33 2.17 -10.02
CA ILE H 76 -71.93 2.61 -8.76
C ILE H 76 -71.01 2.44 -7.57
N ILE H 77 -69.89 1.72 -7.71
CA ILE H 77 -69.03 1.40 -6.56
C ILE H 77 -68.46 2.67 -5.95
N GLN H 78 -68.17 3.68 -6.77
CA GLN H 78 -67.69 4.97 -6.26
C GLN H 78 -68.82 5.87 -5.76
N LEU H 79 -70.08 5.55 -6.06
CA LEU H 79 -71.19 6.39 -5.63
C LEU H 79 -71.52 6.11 -4.17
N GLY H 80 -71.66 7.18 -3.38
CA GLY H 80 -72.16 7.08 -2.03
C GLY H 80 -73.67 6.94 -2.02
N GLY H 81 -74.20 6.79 -0.80
CA GLY H 81 -75.61 6.52 -0.66
C GLY H 81 -75.94 5.14 -1.20
N THR H 82 -77.07 5.02 -1.89
CA THR H 82 -77.50 3.77 -2.48
C THR H 82 -78.41 4.04 -3.67
N ILE H 83 -78.07 3.46 -4.82
CA ILE H 83 -78.92 3.63 -6.00
C ILE H 83 -80.24 2.90 -5.83
N ILE H 84 -80.25 1.83 -5.02
CA ILE H 84 -81.48 1.09 -4.77
C ILE H 84 -82.44 1.94 -3.94
N GLY H 85 -81.92 2.74 -3.03
CA GLY H 85 -82.73 3.56 -2.17
C GLY H 85 -83.19 2.82 -0.94
N SER H 86 -83.24 3.53 0.18
CA SER H 86 -83.68 3.02 1.46
C SER H 86 -84.80 3.90 1.98
N ALA H 87 -85.70 3.31 2.75
CA ALA H 87 -86.82 4.04 3.33
C ALA H 87 -87.15 3.46 4.70
N ARG H 88 -87.69 4.32 5.55
CA ARG H 88 -88.30 3.90 6.81
C ARG H 88 -89.77 3.60 6.55
N CYS H 89 -90.18 2.36 6.79
CA CYS H 89 -91.58 1.96 6.68
C CYS H 89 -92.00 1.35 8.01
N LYS H 90 -93.13 1.81 8.53
CA LYS H 90 -93.76 1.21 9.70
C LYS H 90 -94.57 -0.03 9.36
N ALA H 91 -94.88 -0.25 8.08
CA ALA H 91 -95.67 -1.41 7.70
C ALA H 91 -94.97 -2.72 8.05
N PHE H 92 -93.65 -2.79 7.85
CA PHE H 92 -92.91 -3.99 8.19
C PHE H 92 -92.91 -4.26 9.69
N THR H 93 -93.17 -3.25 10.51
CA THR H 93 -93.31 -3.49 11.95
C THR H 93 -94.53 -4.36 12.24
N THR H 94 -95.63 -4.13 11.52
CA THR H 94 -96.88 -4.84 11.73
C THR H 94 -96.99 -6.02 10.78
N ARG H 95 -97.74 -7.04 11.20
CA ARG H 95 -97.95 -8.22 10.37
C ARG H 95 -98.76 -7.92 9.11
N GLU H 96 -99.57 -6.85 9.13
CA GLU H 96 -100.36 -6.50 7.95
C GLU H 96 -99.47 -6.21 6.75
N GLY H 97 -98.40 -5.46 6.95
CA GLY H 97 -97.48 -5.17 5.87
C GLY H 97 -96.46 -6.26 5.64
N ARG H 98 -96.08 -6.98 6.70
CA ARG H 98 -95.11 -8.06 6.56
C ARG H 98 -95.68 -9.22 5.75
N ARG H 99 -96.98 -9.49 5.90
CA ARG H 99 -97.62 -10.51 5.06
C ARG H 99 -97.61 -10.07 3.60
N ALA H 100 -97.86 -8.79 3.34
CA ALA H 100 -97.78 -8.29 1.97
C ALA H 100 -96.37 -8.41 1.43
N ALA H 101 -95.37 -8.20 2.29
CA ALA H 101 -93.98 -8.39 1.88
C ALA H 101 -93.70 -9.84 1.53
N ALA H 102 -94.19 -10.77 2.34
CA ALA H 102 -94.03 -12.18 2.04
C ALA H 102 -94.73 -12.56 0.75
N TYR H 103 -95.91 -11.96 0.50
CA TYR H 103 -96.61 -12.20 -0.76
C TYR H 103 -95.76 -11.76 -1.94
N ASN H 104 -95.25 -10.52 -1.90
CA ASN H 104 -94.49 -9.99 -3.03
C ASN H 104 -93.21 -10.77 -3.27
N LEU H 105 -92.61 -11.32 -2.23
CA LEU H 105 -91.45 -12.18 -2.41
C LEU H 105 -91.85 -13.50 -3.08
N VAL H 106 -93.01 -14.04 -2.72
CA VAL H 106 -93.45 -15.30 -3.32
C VAL H 106 -93.82 -15.09 -4.78
N GLN H 107 -94.35 -13.91 -5.13
CA GLN H 107 -94.76 -13.65 -6.50
C GLN H 107 -93.57 -13.69 -7.46
N HIS H 108 -92.37 -13.34 -6.98
CA HIS H 108 -91.15 -13.36 -7.77
C HIS H 108 -90.30 -14.59 -7.53
N GLY H 109 -90.75 -15.54 -6.70
CA GLY H 109 -89.97 -16.72 -6.40
C GLY H 109 -88.68 -16.43 -5.69
N ILE H 110 -88.67 -15.43 -4.82
CA ILE H 110 -87.46 -15.00 -4.11
C ILE H 110 -87.44 -15.73 -2.78
N THR H 111 -86.82 -16.91 -2.77
CA THR H 111 -86.58 -17.66 -1.54
C THR H 111 -85.30 -17.24 -0.82
N ASN H 112 -84.53 -16.30 -1.38
CA ASN H 112 -83.25 -15.87 -0.85
C ASN H 112 -83.25 -14.35 -0.79
N LEU H 113 -83.01 -13.80 0.40
CA LEU H 113 -83.04 -12.35 0.62
C LEU H 113 -81.74 -11.93 1.29
N CYS H 114 -81.10 -10.89 0.73
CA CYS H 114 -79.95 -10.23 1.34
C CYS H 114 -80.40 -8.85 1.79
N VAL H 115 -80.25 -8.58 3.09
CA VAL H 115 -80.68 -7.32 3.70
C VAL H 115 -79.43 -6.57 4.13
N ILE H 116 -79.25 -5.37 3.58
CA ILE H 116 -78.11 -4.50 3.87
C ILE H 116 -78.64 -3.31 4.66
N GLY H 117 -78.39 -3.28 5.96
CA GLY H 117 -78.93 -2.20 6.75
C GLY H 117 -78.36 -2.19 8.14
N GLY H 118 -78.90 -1.31 8.98
CA GLY H 118 -78.42 -1.15 10.33
C GLY H 118 -79.00 -2.19 11.26
N ASP H 119 -78.91 -1.88 12.57
CA ASP H 119 -79.38 -2.80 13.59
C ASP H 119 -80.89 -3.01 13.51
N GLY H 120 -81.65 -1.95 13.26
CA GLY H 120 -83.08 -2.09 13.14
C GLY H 120 -83.47 -2.91 11.92
N SER H 121 -82.76 -2.71 10.81
CA SER H 121 -83.00 -3.50 9.60
C SER H 121 -82.82 -4.99 9.86
N LEU H 122 -81.75 -5.35 10.56
CA LEU H 122 -81.47 -6.76 10.80
C LEU H 122 -82.38 -7.34 11.87
N THR H 123 -82.83 -6.52 12.82
CA THR H 123 -83.85 -6.98 13.75
C THR H 123 -85.15 -7.28 13.02
N GLY H 124 -85.53 -6.41 12.07
CA GLY H 124 -86.71 -6.67 11.28
C GLY H 124 -86.56 -7.91 10.41
N ALA H 125 -85.35 -8.13 9.88
CA ALA H 125 -85.11 -9.34 9.10
C ALA H 125 -85.22 -10.59 9.98
N ASN H 126 -84.78 -10.49 11.23
CA ASN H 126 -84.87 -11.63 12.14
C ASN H 126 -86.32 -11.94 12.47
N ILE H 127 -87.12 -10.91 12.73
CA ILE H 127 -88.52 -11.12 13.02
C ILE H 127 -89.25 -11.61 11.77
N PHE H 128 -88.75 -11.26 10.59
CA PHE H 128 -89.38 -11.70 9.35
C PHE H 128 -89.12 -13.18 9.08
N ARG H 129 -87.91 -13.65 9.36
CA ARG H 129 -87.65 -15.07 9.26
C ARG H 129 -88.45 -15.86 10.30
N SER H 130 -88.48 -15.35 11.54
CA SER H 130 -89.16 -16.07 12.62
C SER H 130 -90.64 -16.27 12.34
N GLU H 131 -91.24 -15.39 11.54
CA GLU H 131 -92.66 -15.46 11.19
C GLU H 131 -92.88 -15.89 9.74
N TRP H 132 -91.83 -16.29 9.01
CA TRP H 132 -91.97 -16.62 7.59
C TRP H 132 -92.92 -17.80 7.38
N GLY H 133 -92.80 -18.84 8.21
CA GLY H 133 -93.72 -19.96 8.11
C GLY H 133 -95.15 -19.58 8.47
N SER H 134 -95.31 -18.81 9.55
CA SER H 134 -96.65 -18.40 9.97
C SER H 134 -97.28 -17.46 8.93
N LEU H 135 -96.48 -16.57 8.36
CA LEU H 135 -97.00 -15.66 7.34
C LEU H 135 -97.45 -16.42 6.10
N LEU H 136 -96.65 -17.40 5.66
CA LEU H 136 -97.04 -18.19 4.50
C LEU H 136 -98.30 -19.01 4.78
N GLU H 137 -98.41 -19.55 5.99
CA GLU H 137 -99.61 -20.28 6.38
C GLU H 137 -100.84 -19.38 6.33
N GLU H 138 -100.73 -18.19 6.91
CA GLU H 138 -101.87 -17.27 6.91
C GLU H 138 -102.16 -16.76 5.49
N LEU H 139 -101.14 -16.71 4.64
CA LEU H 139 -101.35 -16.23 3.28
C LEU H 139 -102.12 -17.27 2.46
N VAL H 140 -101.72 -18.55 2.56
CA VAL H 140 -102.47 -19.59 1.85
C VAL H 140 -103.86 -19.74 2.46
N ALA H 141 -103.99 -19.52 3.78
CA ALA H 141 -105.29 -19.59 4.41
C ALA H 141 -106.23 -18.52 3.88
N GLU H 142 -105.71 -17.31 3.64
CA GLU H 142 -106.53 -16.21 3.14
C GLU H 142 -106.81 -16.31 1.65
N GLY H 143 -106.06 -17.13 0.92
CA GLY H 143 -106.36 -17.45 -0.47
C GLY H 143 -105.57 -16.70 -1.52
N LYS H 144 -104.48 -16.03 -1.15
CA LYS H 144 -103.65 -15.32 -2.11
C LYS H 144 -102.55 -16.19 -2.71
N ILE H 145 -102.33 -17.40 -2.20
CA ILE H 145 -101.41 -18.35 -2.82
C ILE H 145 -101.94 -19.75 -2.55
N SER H 146 -101.82 -20.61 -3.54
CA SER H 146 -102.26 -21.99 -3.39
C SER H 146 -101.31 -22.74 -2.47
N GLU H 147 -101.80 -23.84 -1.90
CA GLU H 147 -100.97 -24.71 -1.06
C GLU H 147 -99.75 -25.20 -1.82
N THR H 148 -99.97 -25.74 -3.02
CA THR H 148 -98.87 -25.86 -3.97
C THR H 148 -98.42 -24.45 -4.35
N THR H 149 -97.10 -24.29 -4.54
CA THR H 149 -96.37 -23.02 -4.66
C THR H 149 -96.14 -22.38 -3.29
N ALA H 150 -96.64 -22.96 -2.19
CA ALA H 150 -96.32 -22.54 -0.83
C ALA H 150 -95.48 -23.54 -0.07
N ARG H 151 -95.56 -24.83 -0.40
CA ARG H 151 -94.62 -25.80 0.15
C ARG H 151 -93.21 -25.52 -0.34
N THR H 152 -93.06 -25.20 -1.62
CA THR H 152 -91.86 -24.51 -2.06
C THR H 152 -91.89 -23.09 -1.51
N TYR H 153 -90.70 -22.52 -1.29
CA TYR H 153 -90.49 -21.27 -0.57
C TYR H 153 -90.82 -21.37 0.92
N SER H 154 -90.94 -22.59 1.46
CA SER H 154 -91.29 -22.74 2.87
C SER H 154 -90.21 -22.19 3.79
N HIS H 155 -88.96 -22.15 3.32
CA HIS H 155 -87.83 -21.61 4.07
C HIS H 155 -87.29 -20.40 3.34
N LEU H 156 -87.12 -19.30 4.08
CA LEU H 156 -86.52 -18.08 3.56
C LEU H 156 -85.10 -17.97 4.09
N ASN H 157 -84.14 -17.84 3.19
CA ASN H 157 -82.74 -17.69 3.54
C ASN H 157 -82.40 -16.22 3.64
N ILE H 158 -81.80 -15.82 4.77
CA ILE H 158 -81.44 -14.43 5.06
C ILE H 158 -79.94 -14.38 5.31
N ALA H 159 -79.23 -13.57 4.53
CA ALA H 159 -77.85 -13.17 4.82
C ALA H 159 -77.83 -11.67 5.03
N GLY H 160 -77.48 -11.25 6.24
CA GLY H 160 -77.51 -9.84 6.60
C GLY H 160 -76.16 -9.17 6.39
N LEU H 161 -76.21 -7.89 6.05
CA LEU H 161 -75.04 -7.03 5.96
C LEU H 161 -75.28 -5.78 6.77
N VAL H 162 -74.33 -5.47 7.66
CA VAL H 162 -74.50 -4.35 8.59
C VAL H 162 -74.02 -3.10 7.85
N GLY H 163 -74.98 -2.33 7.32
CA GLY H 163 -74.71 -1.07 6.66
C GLY H 163 -75.20 0.11 7.48
N SER H 164 -74.28 0.75 8.21
CA SER H 164 -74.64 1.85 9.09
C SER H 164 -73.37 2.54 9.55
N ILE H 165 -73.49 3.84 9.84
CA ILE H 165 -72.38 4.59 10.42
C ILE H 165 -72.32 4.45 11.93
N ASP H 166 -73.32 3.82 12.56
CA ASP H 166 -73.39 3.77 14.02
C ASP H 166 -72.50 2.69 14.60
N ASN H 167 -72.41 1.54 13.93
CA ASN H 167 -71.76 0.34 14.47
C ASN H 167 -72.43 -0.09 15.78
N ASP H 168 -73.75 0.09 15.85
CA ASP H 168 -74.52 -0.25 17.04
C ASP H 168 -74.82 -1.73 17.15
N PHE H 169 -74.62 -2.51 16.09
CA PHE H 169 -74.91 -3.94 16.10
C PHE H 169 -73.79 -4.65 16.85
N CYS H 170 -74.12 -5.21 18.01
CA CYS H 170 -73.10 -5.61 18.98
C CYS H 170 -72.28 -6.80 18.49
N GLY H 171 -72.91 -7.75 17.79
CA GLY H 171 -72.20 -8.94 17.36
C GLY H 171 -71.09 -8.69 16.36
N THR H 172 -71.07 -7.52 15.73
CA THR H 172 -70.18 -7.22 14.61
C THR H 172 -69.18 -6.15 15.03
N ASP H 173 -67.94 -6.30 14.55
CA ASP H 173 -66.85 -5.40 14.92
C ASP H 173 -66.76 -4.19 14.01
N MET H 174 -66.93 -4.38 12.71
CA MET H 174 -66.82 -3.33 11.71
C MET H 174 -68.03 -3.41 10.78
N THR H 175 -68.63 -2.25 10.48
CA THR H 175 -69.78 -2.14 9.62
C THR H 175 -69.43 -1.30 8.39
N ILE H 176 -70.23 -1.50 7.34
CA ILE H 176 -70.02 -0.77 6.10
C ILE H 176 -70.35 0.70 6.34
N GLY H 177 -69.44 1.58 5.91
CA GLY H 177 -69.61 3.02 6.05
C GLY H 177 -68.95 3.61 7.27
N THR H 178 -68.51 2.79 8.23
CA THR H 178 -67.82 3.32 9.40
C THR H 178 -66.50 3.98 9.00
N ASP H 179 -65.72 3.31 8.14
CA ASP H 179 -64.44 3.87 7.72
C ASP H 179 -64.64 5.17 6.95
N SER H 180 -65.67 5.23 6.11
CA SER H 180 -65.90 6.41 5.29
C SER H 180 -66.50 7.55 6.10
N ALA H 181 -67.38 7.24 7.05
CA ALA H 181 -67.82 8.24 8.00
C ALA H 181 -66.63 8.83 8.76
N LEU H 182 -65.67 7.97 9.09
CA LEU H 182 -64.44 8.45 9.73
C LEU H 182 -63.62 9.30 8.77
N HIS H 183 -63.60 8.95 7.47
CA HIS H 183 -62.92 9.78 6.48
C HIS H 183 -63.50 11.20 6.45
N ARG H 184 -64.84 11.30 6.41
CA ARG H 184 -65.49 12.60 6.43
C ARG H 184 -65.14 13.39 7.69
N ILE H 185 -65.23 12.72 8.84
CA ILE H 185 -64.95 13.38 10.12
C ILE H 185 -63.53 13.92 10.16
N MET H 186 -62.56 13.08 9.78
CA MET H 186 -61.16 13.49 9.89
C MET H 186 -60.78 14.52 8.83
N GLU H 187 -61.42 14.50 7.65
CA GLU H 187 -61.21 15.57 6.69
C GLU H 187 -61.65 16.91 7.29
N VAL H 188 -62.75 16.91 8.05
CA VAL H 188 -63.20 18.11 8.72
C VAL H 188 -62.23 18.50 9.83
N ILE H 189 -61.72 17.51 10.57
CA ILE H 189 -60.81 17.81 11.67
C ILE H 189 -59.46 18.25 11.13
N ASP H 190 -59.00 17.61 10.05
CA ASP H 190 -57.72 17.99 9.46
C ASP H 190 -57.76 19.41 8.88
N ALA H 191 -58.94 19.89 8.49
CA ALA H 191 -59.06 21.29 8.12
C ALA H 191 -58.65 22.19 9.28
N ILE H 192 -58.92 21.77 10.52
CA ILE H 192 -58.57 22.57 11.69
C ILE H 192 -57.11 22.35 12.08
N THR H 193 -56.69 21.08 12.14
CA THR H 193 -55.40 20.76 12.75
C THR H 193 -54.22 21.02 11.81
N THR H 194 -54.42 20.92 10.50
CA THR H 194 -53.31 21.04 9.55
C THR H 194 -52.97 22.49 9.20
N THR H 195 -53.72 23.47 9.70
CA THR H 195 -53.35 24.87 9.53
C THR H 195 -52.31 25.28 10.56
N ALA H 196 -51.66 26.40 10.29
CA ALA H 196 -50.79 27.04 11.27
C ALA H 196 -51.68 27.63 12.36
N GLN H 197 -51.73 26.97 13.51
CA GLN H 197 -52.61 27.35 14.60
C GLN H 197 -52.17 28.71 15.15
N SER H 198 -52.95 29.74 14.87
CA SER H 198 -52.53 31.12 15.12
C SER H 198 -52.86 31.61 16.53
N HIS H 199 -54.03 31.23 17.06
CA HIS H 199 -54.48 31.67 18.37
C HIS H 199 -55.09 30.50 19.12
N GLN H 200 -55.27 30.68 20.42
CA GLN H 200 -55.88 29.66 21.25
C GLN H 200 -57.36 29.54 20.88
N ARG H 201 -57.75 28.37 20.38
CA ARG H 201 -59.11 28.12 19.93
C ARG H 201 -59.51 26.70 20.31
N THR H 202 -60.82 26.51 20.51
CA THR H 202 -61.40 25.22 20.90
C THR H 202 -62.38 24.78 19.83
N PHE H 203 -62.15 23.60 19.27
CA PHE H 203 -62.98 23.01 18.24
C PHE H 203 -63.85 21.94 18.87
N VAL H 204 -65.16 22.16 18.86
CA VAL H 204 -66.14 21.25 19.46
C VAL H 204 -66.88 20.57 18.32
N LEU H 205 -66.59 19.29 18.10
CA LEU H 205 -67.18 18.51 17.01
C LEU H 205 -68.32 17.65 17.53
N GLU H 206 -69.51 17.84 16.97
CA GLU H 206 -70.69 17.06 17.32
C GLU H 206 -70.94 16.03 16.23
N VAL H 207 -70.78 14.75 16.57
CA VAL H 207 -71.03 13.64 15.66
C VAL H 207 -72.42 13.07 15.97
N MET H 208 -73.02 12.44 14.97
CA MET H 208 -74.39 11.92 15.09
C MET H 208 -74.46 10.57 15.80
N GLY H 209 -73.41 10.12 16.49
CA GLY H 209 -73.51 8.88 17.23
C GLY H 209 -74.47 8.95 18.40
N ARG H 210 -75.77 9.04 18.10
CA ARG H 210 -76.77 9.26 19.15
C ARG H 210 -76.88 8.06 20.06
N HIS H 211 -76.93 6.85 19.48
CA HIS H 211 -77.02 5.62 20.26
C HIS H 211 -75.65 5.03 20.54
N CYS H 212 -74.85 4.82 19.50
CA CYS H 212 -73.50 4.27 19.63
C CYS H 212 -72.48 5.40 19.56
N GLY H 213 -71.45 5.30 20.41
CA GLY H 213 -70.37 6.26 20.44
C GLY H 213 -69.09 5.73 19.81
N TYR H 214 -69.21 4.73 18.94
CA TYR H 214 -68.02 4.17 18.30
C TYR H 214 -67.35 5.21 17.40
N LEU H 215 -68.14 5.91 16.58
CA LEU H 215 -67.59 6.94 15.72
C LEU H 215 -66.90 8.05 16.52
N ALA H 216 -67.54 8.48 17.61
CA ALA H 216 -66.93 9.48 18.47
C ALA H 216 -65.62 8.97 19.06
N LEU H 217 -65.58 7.69 19.46
CA LEU H 217 -64.38 7.14 20.06
C LEU H 217 -63.24 7.06 19.05
N VAL H 218 -63.47 6.40 17.92
CA VAL H 218 -62.41 6.23 16.92
C VAL H 218 -61.98 7.58 16.35
N SER H 219 -62.91 8.52 16.22
CA SER H 219 -62.55 9.87 15.78
C SER H 219 -61.63 10.55 16.80
N ALA H 220 -62.00 10.47 18.08
CA ALA H 220 -61.17 11.04 19.14
C ALA H 220 -59.79 10.40 19.16
N LEU H 221 -59.73 9.07 19.02
CA LEU H 221 -58.45 8.38 18.98
C LEU H 221 -57.61 8.81 17.79
N ALA H 222 -58.25 8.99 16.64
CA ALA H 222 -57.51 9.35 15.43
C ALA H 222 -57.00 10.78 15.48
N SER H 223 -57.78 11.69 16.07
CA SER H 223 -57.44 13.10 16.14
C SER H 223 -56.69 13.48 17.42
N GLY H 224 -56.61 12.58 18.40
CA GLY H 224 -56.03 12.93 19.68
C GLY H 224 -56.84 13.98 20.40
N ALA H 225 -58.14 13.72 20.53
CA ALA H 225 -59.03 14.66 21.20
C ALA H 225 -58.64 14.84 22.66
N ASP H 226 -58.80 16.07 23.15
CA ASP H 226 -58.51 16.32 24.56
C ASP H 226 -59.54 15.69 25.47
N TRP H 227 -60.81 15.68 25.05
CA TRP H 227 -61.88 15.14 25.86
C TRP H 227 -62.92 14.49 24.95
N LEU H 228 -63.63 13.51 25.51
CA LEU H 228 -64.60 12.72 24.77
C LEU H 228 -65.85 12.50 25.62
N PHE H 229 -67.00 12.86 25.08
CA PHE H 229 -68.31 12.56 25.67
C PHE H 229 -68.97 11.51 24.81
N ILE H 230 -69.11 10.29 25.35
CA ILE H 230 -69.80 9.19 24.68
C ILE H 230 -70.86 8.65 25.63
N PRO H 231 -72.04 8.23 25.16
CA PRO H 231 -73.04 7.68 26.09
C PRO H 231 -72.59 6.40 26.79
N GLU H 232 -71.64 5.66 26.20
CA GLU H 232 -71.18 4.42 26.82
C GLU H 232 -70.50 4.69 28.15
N ALA H 233 -69.75 5.78 28.24
CA ALA H 233 -69.03 6.18 29.45
C ALA H 233 -69.32 7.65 29.72
N PRO H 234 -70.44 7.96 30.35
CA PRO H 234 -70.72 9.35 30.69
C PRO H 234 -69.68 9.86 31.67
N PRO H 235 -69.44 11.16 31.70
CA PRO H 235 -68.42 11.69 32.59
C PRO H 235 -68.87 11.66 34.03
N GLU H 236 -67.92 11.51 34.94
CA GLU H 236 -68.21 11.42 36.36
C GLU H 236 -68.75 12.77 36.86
N ASP H 237 -69.31 12.75 38.07
CA ASP H 237 -69.82 13.98 38.67
C ASP H 237 -68.68 14.95 38.92
N GLY H 238 -68.93 16.23 38.66
CA GLY H 238 -67.90 17.24 38.73
C GLY H 238 -66.94 17.23 37.56
N TRP H 239 -67.35 16.66 36.43
CA TRP H 239 -66.49 16.64 35.25
C TRP H 239 -66.24 18.03 34.69
N GLU H 240 -67.16 18.96 34.94
CA GLU H 240 -66.99 20.35 34.53
C GLU H 240 -65.63 20.89 34.96
N ASN H 241 -65.28 20.70 36.23
CA ASN H 241 -63.99 21.13 36.72
C ASN H 241 -62.85 20.30 36.13
N PHE H 242 -63.02 18.98 36.08
CA PHE H 242 -61.93 18.10 35.64
C PHE H 242 -61.58 18.38 34.17
N MET H 243 -62.59 18.54 33.32
CA MET H 243 -62.32 18.89 31.93
C MET H 243 -61.64 20.25 31.82
N CYS H 244 -62.20 21.26 32.51
CA CYS H 244 -61.67 22.62 32.37
C CYS H 244 -60.23 22.70 32.84
N GLU H 245 -59.87 21.92 33.87
CA GLU H 245 -58.47 21.89 34.30
C GLU H 245 -57.59 21.23 33.24
N ARG H 246 -58.08 20.14 32.62
CA ARG H 246 -57.32 19.48 31.56
C ARG H 246 -57.05 20.44 30.40
N LEU H 247 -58.07 21.17 29.98
CA LEU H 247 -57.88 22.20 28.96
C LEU H 247 -56.93 23.28 29.46
N GLY H 248 -56.96 23.59 30.76
CA GLY H 248 -56.05 24.60 31.29
C GLY H 248 -54.60 24.22 31.16
N GLU H 249 -54.23 23.01 31.59
CA GLU H 249 -52.85 22.58 31.42
C GLU H 249 -52.50 22.39 29.95
N THR H 250 -53.49 22.03 29.12
CA THR H 250 -53.28 21.99 27.67
C THR H 250 -52.84 23.35 27.15
N ARG H 251 -53.52 24.41 27.60
CA ARG H 251 -53.10 25.77 27.27
C ARG H 251 -51.69 26.05 27.77
N SER H 252 -51.42 25.73 29.05
CA SER H 252 -50.12 26.02 29.65
C SER H 252 -48.98 25.35 28.90
N ARG H 253 -49.24 24.18 28.31
CA ARG H 253 -48.24 23.54 27.48
C ARG H 253 -47.87 24.36 26.25
N GLY H 254 -48.74 25.27 25.81
CA GLY H 254 -48.58 25.97 24.55
C GLY H 254 -49.36 25.35 23.41
N SER H 255 -49.99 24.19 23.62
CA SER H 255 -50.92 23.63 22.64
C SER H 255 -52.03 24.64 22.36
N ARG H 256 -52.12 25.08 21.12
CA ARG H 256 -52.99 26.17 20.74
C ARG H 256 -54.37 25.74 20.26
N LEU H 257 -54.63 24.43 20.13
CA LEU H 257 -55.93 23.91 19.70
C LEU H 257 -56.38 22.83 20.66
N ASN H 258 -57.62 22.97 21.14
CA ASN H 258 -58.32 21.93 21.89
C ASN H 258 -59.42 21.37 21.01
N ILE H 259 -59.54 20.04 20.99
CA ILE H 259 -60.56 19.33 20.21
C ILE H 259 -61.47 18.63 21.21
N ILE H 260 -62.76 18.92 21.14
CA ILE H 260 -63.80 18.29 21.95
C ILE H 260 -64.69 17.50 21.00
N ILE H 261 -64.67 16.18 21.12
CA ILE H 261 -65.54 15.29 20.36
C ILE H 261 -66.71 14.96 21.26
N ILE H 262 -67.88 15.49 20.95
CA ILE H 262 -69.11 15.26 21.72
C ILE H 262 -70.05 14.43 20.86
N ALA H 263 -70.44 13.27 21.36
CA ALA H 263 -71.45 12.50 20.66
C ALA H 263 -72.83 13.14 20.86
N GLU H 264 -73.73 12.92 19.90
CA GLU H 264 -75.10 13.37 20.04
C GLU H 264 -75.73 12.82 21.31
N GLY H 265 -75.42 11.57 21.64
CA GLY H 265 -75.98 10.94 22.82
C GLY H 265 -75.21 11.21 24.10
N ALA H 266 -74.41 12.27 24.14
CA ALA H 266 -73.68 12.60 25.36
C ALA H 266 -74.65 12.87 26.51
N ILE H 267 -74.45 12.15 27.61
CA ILE H 267 -75.25 12.27 28.82
C ILE H 267 -74.29 12.38 29.99
N ASP H 268 -74.84 12.67 31.17
CA ASP H 268 -74.12 12.58 32.43
C ASP H 268 -74.47 11.24 33.08
N ARG H 269 -74.07 11.05 34.34
CA ARG H 269 -74.40 9.79 35.01
C ARG H 269 -75.90 9.61 35.22
N ASN H 270 -76.66 10.70 35.22
CA ASN H 270 -78.11 10.65 35.17
C ASN H 270 -78.55 10.64 33.70
N GLY H 271 -79.86 10.73 33.46
CA GLY H 271 -80.38 10.74 32.11
C GLY H 271 -80.31 12.07 31.39
N LYS H 272 -79.82 13.12 32.03
CA LYS H 272 -79.83 14.45 31.44
C LYS H 272 -78.84 14.51 30.28
N PRO H 273 -79.25 14.82 29.05
CA PRO H 273 -78.26 14.92 27.97
C PRO H 273 -77.37 16.14 28.09
N ILE H 274 -76.15 15.98 27.57
CA ILE H 274 -75.14 17.04 27.51
C ILE H 274 -75.15 17.56 26.09
N SER H 275 -75.50 18.84 25.92
CA SER H 275 -75.58 19.45 24.61
C SER H 275 -74.23 20.02 24.20
N SER H 276 -74.00 20.08 22.89
CA SER H 276 -72.81 20.74 22.38
C SER H 276 -72.80 22.23 22.73
N SER H 277 -73.98 22.85 22.77
CA SER H 277 -74.05 24.25 23.16
C SER H 277 -73.64 24.46 24.61
N TYR H 278 -73.98 23.50 25.48
CA TYR H 278 -73.59 23.62 26.88
C TYR H 278 -72.08 23.56 27.03
N VAL H 279 -71.43 22.61 26.35
CA VAL H 279 -69.98 22.49 26.43
C VAL H 279 -69.31 23.73 25.85
N LYS H 280 -69.87 24.27 24.76
CA LYS H 280 -69.38 25.52 24.19
C LYS H 280 -69.37 26.63 25.24
N ASP H 281 -70.55 26.95 25.78
CA ASP H 281 -70.67 28.05 26.73
C ASP H 281 -69.85 27.79 28.00
N LEU H 282 -69.75 26.52 28.41
CA LEU H 282 -68.92 26.16 29.55
C LEU H 282 -67.46 26.49 29.29
N VAL H 283 -66.93 26.06 28.14
CA VAL H 283 -65.54 26.33 27.79
C VAL H 283 -65.31 27.84 27.69
N VAL H 284 -66.24 28.55 27.02
CA VAL H 284 -66.11 30.00 26.87
C VAL H 284 -66.03 30.69 28.22
N GLN H 285 -66.85 30.25 29.18
CA GLN H 285 -66.97 30.95 30.45
C GLN H 285 -65.70 30.79 31.29
N ARG H 286 -65.21 29.56 31.44
CA ARG H 286 -64.08 29.30 32.34
C ARG H 286 -62.72 29.48 31.69
N LEU H 287 -62.62 29.33 30.36
CA LEU H 287 -61.35 29.38 29.64
C LEU H 287 -61.23 30.59 28.73
N GLY H 288 -62.34 31.07 28.16
CA GLY H 288 -62.29 32.18 27.23
C GLY H 288 -61.75 31.85 25.86
N PHE H 289 -61.55 30.58 25.54
CA PHE H 289 -61.09 30.22 24.20
C PHE H 289 -62.19 30.51 23.19
N ASP H 290 -61.78 30.85 21.97
CA ASP H 290 -62.71 31.01 20.86
C ASP H 290 -63.32 29.64 20.56
N THR H 291 -64.50 29.40 21.11
CA THR H 291 -65.18 28.11 21.02
C THR H 291 -66.31 28.21 20.00
N ARG H 292 -66.26 27.35 18.98
CA ARG H 292 -67.33 27.23 18.00
C ARG H 292 -67.62 25.75 17.79
N VAL H 293 -68.92 25.42 17.75
CA VAL H 293 -69.37 24.04 17.62
C VAL H 293 -69.53 23.73 16.14
N THR H 294 -68.85 22.68 15.69
CA THR H 294 -69.03 22.13 14.35
C THR H 294 -69.90 20.89 14.45
N VAL H 295 -71.00 20.90 13.71
CA VAL H 295 -71.95 19.78 13.64
C VAL H 295 -71.88 19.26 12.21
N LEU H 296 -71.45 18.01 12.05
CA LEU H 296 -71.36 17.46 10.70
C LEU H 296 -72.74 17.23 10.10
N GLY H 297 -73.67 16.67 10.88
CA GLY H 297 -74.99 16.36 10.35
C GLY H 297 -74.87 15.31 9.25
N HIS H 298 -75.56 15.56 8.13
CA HIS H 298 -75.59 14.61 7.01
C HIS H 298 -74.21 14.34 6.40
N VAL H 299 -73.20 15.17 6.69
CA VAL H 299 -71.89 15.01 6.07
C VAL H 299 -71.26 13.67 6.40
N GLN H 300 -71.60 13.10 7.58
CA GLN H 300 -71.02 11.82 7.96
C GLN H 300 -71.39 10.72 6.98
N ARG H 301 -72.65 10.68 6.56
CA ARG H 301 -73.09 9.71 5.56
C ARG H 301 -72.72 10.10 4.13
N GLY H 302 -72.10 11.25 3.93
CA GLY H 302 -71.83 11.77 2.60
C GLY H 302 -70.51 11.30 2.02
N GLY H 303 -70.20 11.84 0.85
CA GLY H 303 -68.94 11.57 0.19
C GLY H 303 -68.88 10.19 -0.42
N THR H 304 -67.75 9.93 -1.09
CA THR H 304 -67.51 8.63 -1.66
C THR H 304 -67.21 7.62 -0.54
N PRO H 305 -67.47 6.33 -0.76
CA PRO H 305 -66.95 5.33 0.19
C PRO H 305 -65.44 5.26 0.11
N SER H 306 -64.81 5.09 1.27
CA SER H 306 -63.37 4.91 1.32
C SER H 306 -62.98 3.61 0.64
N ALA H 307 -61.67 3.46 0.40
CA ALA H 307 -61.16 2.25 -0.24
C ALA H 307 -61.51 1.02 0.57
N PHE H 308 -61.20 1.03 1.88
CA PHE H 308 -61.54 -0.06 2.79
C PHE H 308 -63.02 -0.42 2.68
N ASP H 309 -63.89 0.59 2.65
CA ASP H 309 -65.32 0.30 2.55
C ASP H 309 -65.66 -0.40 1.24
N ARG H 310 -65.04 0.03 0.14
CA ARG H 310 -65.34 -0.60 -1.16
C ARG H 310 -64.84 -2.05 -1.21
N ILE H 311 -63.63 -2.31 -0.73
CA ILE H 311 -63.11 -3.68 -0.73
C ILE H 311 -63.96 -4.56 0.16
N LEU H 312 -64.18 -4.12 1.39
CA LEU H 312 -64.84 -4.97 2.37
C LEU H 312 -66.31 -5.16 2.02
N SER H 313 -66.97 -4.11 1.51
CA SER H 313 -68.34 -4.26 1.05
C SER H 313 -68.44 -5.25 -0.10
N SER H 314 -67.47 -5.20 -1.02
CA SER H 314 -67.44 -6.15 -2.13
C SER H 314 -67.24 -7.57 -1.62
N LYS H 315 -66.29 -7.75 -0.70
CA LYS H 315 -66.02 -9.07 -0.14
C LYS H 315 -67.23 -9.61 0.62
N MET H 316 -67.85 -8.78 1.45
CA MET H 316 -68.98 -9.25 2.24
C MET H 316 -70.21 -9.48 1.37
N GLY H 317 -70.39 -8.68 0.31
CA GLY H 317 -71.49 -8.94 -0.61
C GLY H 317 -71.32 -10.25 -1.36
N MET H 318 -70.10 -10.54 -1.80
CA MET H 318 -69.82 -11.83 -2.42
C MET H 318 -70.06 -12.97 -1.45
N GLU H 319 -69.51 -12.87 -0.24
CA GLU H 319 -69.70 -13.92 0.76
C GLU H 319 -71.15 -14.02 1.20
N ALA H 320 -71.90 -12.93 1.15
CA ALA H 320 -73.32 -12.99 1.46
C ALA H 320 -74.06 -13.85 0.44
N VAL H 321 -73.77 -13.65 -0.84
CA VAL H 321 -74.42 -14.45 -1.88
C VAL H 321 -74.04 -15.92 -1.72
N MET H 322 -72.75 -16.20 -1.54
CA MET H 322 -72.29 -17.58 -1.40
C MET H 322 -72.91 -18.26 -0.20
N ALA H 323 -72.97 -17.54 0.94
CA ALA H 323 -73.61 -18.08 2.13
C ALA H 323 -75.10 -18.30 1.90
N LEU H 324 -75.72 -17.49 1.05
CA LEU H 324 -77.15 -17.61 0.80
C LEU H 324 -77.48 -18.79 -0.11
N LEU H 325 -76.51 -19.28 -0.88
CA LEU H 325 -76.74 -20.44 -1.75
C LEU H 325 -76.35 -21.76 -1.10
N GLU H 326 -75.36 -21.77 -0.20
CA GLU H 326 -74.96 -22.98 0.50
C GLU H 326 -75.75 -23.19 1.79
N ALA H 327 -76.87 -22.49 1.97
CA ALA H 327 -77.64 -22.51 3.20
C ALA H 327 -78.86 -23.40 3.03
N THR H 328 -78.95 -24.44 3.84
CA THR H 328 -80.07 -25.38 3.78
C THR H 328 -81.22 -24.85 4.61
N PRO H 329 -82.42 -25.49 4.55
CA PRO H 329 -83.54 -25.09 5.41
C PRO H 329 -83.24 -25.02 6.91
N ASP H 330 -82.24 -25.75 7.40
CA ASP H 330 -81.99 -25.82 8.84
C ASP H 330 -81.08 -24.71 9.34
N THR H 331 -80.13 -24.23 8.54
CA THR H 331 -79.20 -23.24 9.06
C THR H 331 -79.92 -21.91 9.28
N PRO H 332 -79.57 -21.15 10.32
CA PRO H 332 -80.34 -19.94 10.63
C PRO H 332 -79.88 -18.75 9.80
N ALA H 333 -80.65 -17.67 9.91
CA ALA H 333 -80.25 -16.40 9.32
C ALA H 333 -78.91 -15.96 9.88
N CYS H 334 -78.02 -15.51 9.00
CA CYS H 334 -76.67 -15.12 9.34
C CYS H 334 -76.39 -13.68 8.94
N VAL H 335 -75.37 -13.11 9.56
CA VAL H 335 -74.81 -11.81 9.19
C VAL H 335 -73.38 -12.04 8.75
N VAL H 336 -73.08 -11.68 7.51
CA VAL H 336 -71.71 -11.76 7.00
C VAL H 336 -70.97 -10.50 7.43
N THR H 337 -69.92 -10.69 8.24
CA THR H 337 -69.10 -9.59 8.72
C THR H 337 -67.67 -10.08 8.82
N LEU H 338 -66.77 -9.16 9.16
CA LEU H 338 -65.36 -9.47 9.44
C LEU H 338 -65.04 -9.12 10.88
N SER H 339 -64.56 -10.10 11.63
CA SER H 339 -63.90 -9.89 12.90
C SER H 339 -62.41 -9.96 12.65
N GLY H 340 -61.72 -8.84 12.88
CA GLY H 340 -60.35 -8.74 12.38
C GLY H 340 -60.36 -8.69 10.87
N ASN H 341 -59.38 -9.38 10.26
CA ASN H 341 -59.33 -9.54 8.81
C ASN H 341 -60.08 -10.78 8.31
N GLN H 342 -60.59 -11.62 9.21
CA GLN H 342 -61.21 -12.88 8.83
C GLN H 342 -62.70 -12.67 8.62
N SER H 343 -63.21 -13.12 7.47
CA SER H 343 -64.64 -13.14 7.25
C SER H 343 -65.30 -14.22 8.11
N VAL H 344 -66.48 -13.91 8.62
CA VAL H 344 -67.19 -14.78 9.54
C VAL H 344 -68.69 -14.56 9.35
N ARG H 345 -69.46 -15.60 9.66
CA ARG H 345 -70.91 -15.57 9.66
C ARG H 345 -71.39 -15.81 11.09
N LEU H 346 -72.20 -14.89 11.59
CA LEU H 346 -72.79 -14.97 12.92
C LEU H 346 -74.30 -15.11 12.81
N PRO H 347 -74.96 -15.99 13.59
CA PRO H 347 -76.42 -16.09 13.49
C PRO H 347 -77.11 -14.77 13.85
N LEU H 348 -78.12 -14.44 13.05
CA LEU H 348 -78.82 -13.16 13.21
C LEU H 348 -79.50 -13.07 14.57
N MET H 349 -80.01 -14.19 15.08
CA MET H 349 -80.76 -14.18 16.33
C MET H 349 -79.87 -13.79 17.50
N GLU H 350 -78.67 -14.36 17.56
CA GLU H 350 -77.78 -14.09 18.68
C GLU H 350 -77.30 -12.64 18.66
N CYS H 351 -76.98 -12.11 17.48
CA CYS H 351 -76.56 -10.72 17.39
C CYS H 351 -77.68 -9.77 17.79
N VAL H 352 -78.91 -10.07 17.37
CA VAL H 352 -80.04 -9.25 17.76
C VAL H 352 -80.26 -9.35 19.27
N GLN H 353 -80.09 -10.55 19.82
CA GLN H 353 -80.26 -10.72 21.26
C GLN H 353 -79.23 -9.92 22.04
N MET H 354 -77.97 -9.96 21.59
CA MET H 354 -76.93 -9.16 22.23
C MET H 354 -77.23 -7.68 22.14
N THR H 355 -77.74 -7.22 20.99
CA THR H 355 -78.11 -5.82 20.85
C THR H 355 -79.19 -5.44 21.84
N LYS H 356 -80.17 -6.32 22.06
CA LYS H 356 -81.21 -6.06 23.05
C LYS H 356 -80.64 -6.04 24.45
N GLU H 357 -79.70 -6.95 24.75
CA GLU H 357 -79.10 -6.99 26.08
C GLU H 357 -78.30 -5.72 26.36
N VAL H 358 -77.53 -5.25 25.38
CA VAL H 358 -76.74 -4.03 25.58
C VAL H 358 -77.66 -2.82 25.69
N GLN H 359 -78.76 -2.82 24.94
CA GLN H 359 -79.70 -1.70 25.05
C GLN H 359 -80.34 -1.66 26.43
N LYS H 360 -80.73 -2.82 26.96
CA LYS H 360 -81.24 -2.88 28.32
C LYS H 360 -80.19 -2.46 29.33
N ALA H 361 -78.94 -2.88 29.10
CA ALA H 361 -77.84 -2.49 29.99
C ALA H 361 -77.65 -0.98 30.01
N MET H 362 -77.67 -0.36 28.83
CA MET H 362 -77.50 1.09 28.73
C MET H 362 -78.66 1.87 29.36
N ASP H 363 -79.80 1.23 29.60
CA ASP H 363 -80.91 1.84 30.33
C ASP H 363 -80.76 1.68 31.85
N ASP H 364 -79.56 1.95 32.36
CA ASP H 364 -79.25 1.94 33.79
C ASP H 364 -79.67 0.61 34.46
N LYS H 365 -79.26 -0.49 33.83
CA LYS H 365 -79.42 -1.84 34.38
C LYS H 365 -78.07 -2.43 34.77
N ARG H 366 -77.17 -2.60 33.82
CA ARG H 366 -75.77 -2.99 34.05
C ARG H 366 -74.86 -1.97 33.38
N PHE H 367 -75.08 -0.70 33.73
CA PHE H 367 -74.56 0.39 32.92
C PHE H 367 -73.03 0.44 32.94
N ASP H 368 -72.43 0.26 34.12
CA ASP H 368 -70.98 0.23 34.19
C ASP H 368 -70.40 -0.96 33.44
N GLU H 369 -71.17 -2.05 33.31
CA GLU H 369 -70.76 -3.26 32.61
C GLU H 369 -71.41 -3.40 31.24
N ALA H 370 -71.95 -2.30 30.69
CA ALA H 370 -72.46 -2.34 29.32
C ALA H 370 -71.34 -2.14 28.30
N THR H 371 -70.28 -1.42 28.67
CA THR H 371 -69.20 -1.14 27.74
C THR H 371 -68.47 -2.40 27.32
N GLN H 372 -68.39 -3.41 28.19
CA GLN H 372 -67.70 -4.64 27.83
C GLN H 372 -68.54 -5.46 26.85
N LEU H 373 -69.86 -5.48 27.04
CA LEU H 373 -70.73 -6.20 26.12
C LEU H 373 -70.81 -5.55 24.75
N ARG H 374 -70.43 -4.27 24.64
CA ARG H 374 -70.33 -3.62 23.34
C ARG H 374 -69.27 -4.28 22.46
N GLY H 375 -68.28 -4.96 23.05
CA GLY H 375 -67.20 -5.59 22.32
C GLY H 375 -65.89 -5.18 22.96
N GLY H 376 -64.93 -6.11 22.94
CA GLY H 376 -63.61 -5.81 23.48
C GLY H 376 -62.90 -4.70 22.75
N SER H 377 -63.21 -4.52 21.46
CA SER H 377 -62.57 -3.46 20.68
C SER H 377 -62.95 -2.08 21.21
N PHE H 378 -64.20 -1.88 21.60
CA PHE H 378 -64.64 -0.59 22.12
C PHE H 378 -63.91 -0.25 23.41
N GLU H 379 -63.90 -1.19 24.36
CA GLU H 379 -63.28 -0.93 25.65
C GLU H 379 -61.77 -0.71 25.51
N ASN H 380 -61.13 -1.51 24.65
CA ASN H 380 -59.69 -1.34 24.44
C ASN H 380 -59.40 0.00 23.77
N ASN H 381 -60.20 0.39 22.80
CA ASN H 381 -60.01 1.68 22.13
C ASN H 381 -60.18 2.83 23.11
N TRP H 382 -61.14 2.73 24.02
CA TRP H 382 -61.35 3.79 24.99
C TRP H 382 -60.20 3.88 25.98
N ASN H 383 -59.65 2.72 26.38
CA ASN H 383 -58.51 2.73 27.29
C ASN H 383 -57.27 3.32 26.61
N ILE H 384 -57.04 2.97 25.34
CA ILE H 384 -55.89 3.50 24.61
C ILE H 384 -56.03 5.01 24.46
N TYR H 385 -57.24 5.48 24.15
CA TYR H 385 -57.49 6.92 24.01
C TYR H 385 -57.16 7.66 25.30
N LYS H 386 -57.69 7.20 26.43
CA LYS H 386 -57.47 7.88 27.70
C LYS H 386 -56.01 7.87 28.10
N LEU H 387 -55.31 6.77 27.84
CA LEU H 387 -53.89 6.69 28.18
C LEU H 387 -53.08 7.72 27.41
N LEU H 388 -53.35 7.85 26.11
CA LEU H 388 -52.59 8.75 25.27
C LEU H 388 -53.03 10.20 25.41
N ALA H 389 -54.25 10.45 25.89
CA ALA H 389 -54.77 11.81 25.99
C ALA H 389 -53.96 12.64 26.98
N HIS H 390 -53.85 12.17 28.22
CA HIS H 390 -53.25 12.93 29.31
C HIS H 390 -52.16 12.09 29.99
N GLN H 391 -51.00 12.72 30.20
CA GLN H 391 -49.88 12.09 30.88
C GLN H 391 -50.21 11.92 32.35
N LYS H 392 -50.54 10.70 32.76
CA LYS H 392 -50.65 10.38 34.17
C LYS H 392 -49.28 10.12 34.77
N PRO H 393 -49.11 10.28 36.08
CA PRO H 393 -47.77 10.20 36.66
C PRO H 393 -47.32 8.75 36.77
N PRO H 394 -46.24 8.33 36.06
CA PRO H 394 -45.80 6.94 36.19
C PRO H 394 -44.91 6.74 37.40
N LYS H 395 -45.51 6.49 38.56
CA LYS H 395 -44.72 6.25 39.78
C LYS H 395 -43.87 4.99 39.66
N GLU H 396 -44.23 4.06 38.78
CA GLU H 396 -43.38 2.93 38.48
C GLU H 396 -42.21 3.37 37.60
N LYS H 397 -41.08 2.71 37.79
CA LYS H 397 -39.89 2.95 36.97
C LYS H 397 -39.20 1.62 36.74
N SER H 398 -38.44 1.55 35.65
CA SER H 398 -37.71 0.36 35.30
C SER H 398 -36.37 0.76 34.69
N ASN H 399 -35.38 -0.12 34.87
CA ASN H 399 -34.07 0.08 34.26
C ASN H 399 -34.08 -0.10 32.75
N PHE H 400 -35.17 -0.59 32.18
CA PHE H 400 -35.24 -0.86 30.75
C PHE H 400 -35.22 0.43 29.95
N SER H 401 -34.59 0.35 28.78
CA SER H 401 -34.51 1.45 27.83
C SER H 401 -34.62 0.88 26.44
N LEU H 402 -35.38 1.58 25.58
CA LEU H 402 -35.68 1.10 24.24
C LEU H 402 -35.52 2.22 23.24
N ALA H 403 -35.15 1.85 22.02
CA ALA H 403 -34.95 2.78 20.91
C ALA H 403 -35.93 2.45 19.80
N ILE H 404 -36.53 3.49 19.22
CA ILE H 404 -37.59 3.36 18.23
C ILE H 404 -37.02 3.82 16.89
N LEU H 405 -37.03 2.93 15.89
CA LEU H 405 -36.46 3.18 14.58
C LEU H 405 -37.56 3.35 13.55
N ASN H 406 -37.24 4.10 12.50
CA ASN H 406 -38.02 4.13 11.27
C ASN H 406 -37.11 3.74 10.13
N VAL H 407 -37.41 2.62 9.47
CA VAL H 407 -36.52 2.00 8.49
C VAL H 407 -37.30 1.75 7.20
N GLY H 408 -36.61 1.89 6.07
CA GLY H 408 -37.22 1.62 4.77
C GLY H 408 -37.72 2.88 4.11
N ALA H 409 -38.77 2.76 3.30
CA ALA H 409 -39.45 3.94 2.79
C ALA H 409 -40.31 4.57 3.88
N PRO H 410 -40.64 5.85 3.75
CA PRO H 410 -41.67 6.41 4.65
C PRO H 410 -43.02 5.82 4.32
N ALA H 411 -43.82 5.60 5.36
CA ALA H 411 -45.18 5.09 5.22
C ALA H 411 -46.10 5.92 6.10
N ALA H 412 -47.26 6.27 5.54
CA ALA H 412 -48.26 7.02 6.29
C ALA H 412 -48.74 6.22 7.48
N GLY H 413 -48.57 6.78 8.68
CA GLY H 413 -48.93 6.13 9.92
C GLY H 413 -47.76 5.68 10.77
N MET H 414 -46.52 5.78 10.28
CA MET H 414 -45.36 5.54 11.13
C MET H 414 -45.37 6.47 12.34
N ASN H 415 -45.70 7.74 12.11
CA ASN H 415 -45.69 8.73 13.19
C ASN H 415 -46.71 8.39 14.27
N ALA H 416 -47.90 7.93 13.88
CA ALA H 416 -48.89 7.52 14.86
C ALA H 416 -48.39 6.36 15.70
N ALA H 417 -47.75 5.37 15.07
CA ALA H 417 -47.19 4.24 15.81
C ALA H 417 -46.10 4.69 16.77
N VAL H 418 -45.20 5.56 16.31
CA VAL H 418 -44.09 6.00 17.15
C VAL H 418 -44.62 6.84 18.31
N ARG H 419 -45.62 7.68 18.05
CA ARG H 419 -46.23 8.48 19.11
C ARG H 419 -46.79 7.59 20.22
N SER H 420 -47.59 6.59 19.84
CA SER H 420 -48.17 5.69 20.81
C SER H 420 -47.12 4.87 21.52
N ALA H 421 -46.11 4.40 20.80
CA ALA H 421 -45.02 3.64 21.41
C ALA H 421 -44.28 4.48 22.44
N VAL H 422 -44.08 5.78 22.14
CA VAL H 422 -43.37 6.65 23.07
C VAL H 422 -44.18 6.83 24.35
N ARG H 423 -45.46 7.18 24.21
CA ARG H 423 -46.32 7.37 25.38
C ARG H 423 -46.41 6.09 26.21
N THR H 424 -46.67 4.96 25.54
CA THR H 424 -46.85 3.71 26.27
C THR H 424 -45.55 3.27 26.95
N GLY H 425 -44.41 3.52 26.32
CA GLY H 425 -43.14 3.17 26.94
C GLY H 425 -42.84 4.05 28.13
N ILE H 426 -43.14 5.34 28.03
CA ILE H 426 -42.97 6.25 29.16
C ILE H 426 -43.90 5.85 30.29
N SER H 427 -45.11 5.40 29.96
CA SER H 427 -46.07 4.99 30.99
C SER H 427 -45.55 3.81 31.79
N HIS H 428 -44.85 2.89 31.12
CA HIS H 428 -44.24 1.75 31.79
C HIS H 428 -42.88 2.07 32.40
N GLY H 429 -42.48 3.34 32.46
CA GLY H 429 -41.24 3.73 33.09
C GLY H 429 -40.00 3.52 32.26
N HIS H 430 -40.12 3.08 31.01
CA HIS H 430 -38.95 2.86 30.18
C HIS H 430 -38.31 4.20 29.81
N THR H 431 -37.02 4.14 29.50
CA THR H 431 -36.28 5.28 28.95
C THR H 431 -36.33 5.15 27.43
N VAL H 432 -37.17 5.96 26.79
CA VAL H 432 -37.44 5.84 25.37
C VAL H 432 -36.48 6.74 24.62
N TYR H 433 -35.76 6.14 23.66
CA TYR H 433 -34.96 6.88 22.69
C TYR H 433 -35.62 6.78 21.31
N VAL H 434 -35.41 7.81 20.51
CA VAL H 434 -35.74 7.80 19.09
C VAL H 434 -34.46 8.06 18.31
N VAL H 435 -34.21 7.24 17.30
CA VAL H 435 -33.04 7.37 16.43
C VAL H 435 -33.53 7.89 15.09
N HIS H 436 -32.92 8.97 14.63
CA HIS H 436 -33.26 9.56 13.34
C HIS H 436 -32.51 8.83 12.25
N ASP H 437 -33.20 8.55 11.14
CA ASP H 437 -32.66 7.89 9.95
C ASP H 437 -32.45 6.39 10.15
N GLY H 438 -33.17 5.77 11.12
CA GLY H 438 -33.17 4.32 11.23
C GLY H 438 -31.81 3.74 11.57
N PHE H 439 -31.45 2.68 10.84
CA PHE H 439 -30.19 2.00 11.10
C PHE H 439 -28.98 2.86 10.77
N GLU H 440 -29.13 3.80 9.82
CA GLU H 440 -28.05 4.77 9.59
C GLU H 440 -27.75 5.56 10.85
N GLY H 441 -28.78 6.10 11.50
CA GLY H 441 -28.56 6.83 12.74
C GLY H 441 -28.08 5.94 13.87
N LEU H 442 -28.59 4.71 13.94
CA LEU H 442 -28.16 3.80 14.98
C LEU H 442 -26.67 3.49 14.86
N ALA H 443 -26.20 3.27 13.63
CA ALA H 443 -24.76 3.15 13.41
C ALA H 443 -24.04 4.45 13.77
N LYS H 444 -24.53 5.56 13.24
CA LYS H 444 -23.90 6.86 13.49
C LYS H 444 -24.18 7.41 14.88
N GLY H 445 -25.00 6.74 15.69
CA GLY H 445 -25.25 7.20 17.04
C GLY H 445 -26.13 8.43 17.13
N GLN H 446 -27.04 8.62 16.15
CA GLN H 446 -27.99 9.71 16.20
C GLN H 446 -29.16 9.36 17.11
N VAL H 447 -28.88 9.01 18.37
CA VAL H 447 -29.87 8.54 19.32
C VAL H 447 -30.20 9.71 20.25
N GLN H 448 -31.48 10.00 20.37
CA GLN H 448 -31.97 11.15 21.13
C GLN H 448 -33.08 10.66 22.05
N GLU H 449 -32.88 10.83 23.36
CA GLU H 449 -33.94 10.49 24.30
C GLU H 449 -35.14 11.40 24.08
N VAL H 450 -36.33 10.82 24.17
CA VAL H 450 -37.59 11.46 23.81
C VAL H 450 -38.48 11.50 25.04
N GLY H 451 -39.39 12.47 25.07
CA GLY H 451 -40.35 12.63 26.14
C GLY H 451 -41.78 12.54 25.62
N TRP H 452 -42.72 12.71 26.55
CA TRP H 452 -44.14 12.65 26.23
C TRP H 452 -44.51 13.69 25.19
N HIS H 453 -44.14 14.95 25.43
CA HIS H 453 -44.59 16.05 24.59
C HIS H 453 -43.75 16.23 23.33
N ASP H 454 -42.64 15.49 23.19
CA ASP H 454 -41.86 15.57 21.96
C ASP H 454 -42.60 14.99 20.76
N VAL H 455 -43.58 14.12 20.99
CA VAL H 455 -44.36 13.50 19.92
C VAL H 455 -45.74 14.17 19.77
N ALA H 456 -45.91 15.38 20.30
CA ALA H 456 -47.21 16.04 20.26
C ALA H 456 -47.60 16.38 18.81
N GLY H 457 -48.80 15.96 18.43
CA GLY H 457 -49.33 16.24 17.10
C GLY H 457 -48.74 15.40 15.99
N TRP H 458 -48.19 14.22 16.31
CA TRP H 458 -47.62 13.35 15.30
C TRP H 458 -48.64 12.45 14.61
N LEU H 459 -49.88 12.39 15.12
CA LEU H 459 -50.91 11.51 14.56
C LEU H 459 -51.15 11.78 13.08
N GLY H 460 -51.62 12.98 12.76
CA GLY H 460 -52.00 13.28 11.39
C GLY H 460 -50.86 13.55 10.43
N ARG H 461 -49.62 13.63 10.91
CA ARG H 461 -48.49 13.96 10.05
C ARG H 461 -48.09 12.75 9.23
N GLY H 462 -48.11 12.90 7.90
CA GLY H 462 -47.66 11.84 7.03
C GLY H 462 -46.15 11.74 6.93
N GLY H 463 -45.71 10.69 6.27
CA GLY H 463 -44.28 10.46 6.14
C GLY H 463 -43.68 10.01 7.45
N SER H 464 -42.58 10.63 7.85
CA SER H 464 -41.84 10.21 9.04
C SER H 464 -41.16 11.43 9.66
N MET H 465 -41.57 11.78 10.88
CA MET H 465 -40.86 12.79 11.64
C MET H 465 -39.43 12.35 11.92
N LEU H 466 -39.28 11.16 12.50
CA LEU H 466 -37.97 10.51 12.50
C LEU H 466 -37.56 10.23 11.07
N GLY H 467 -36.26 10.23 10.81
CA GLY H 467 -35.79 9.91 9.48
C GLY H 467 -36.00 8.44 9.17
N THR H 468 -36.12 8.15 7.87
CA THR H 468 -36.12 6.79 7.35
C THR H 468 -34.94 6.61 6.42
N LYS H 469 -34.30 5.44 6.50
CA LYS H 469 -33.30 5.03 5.54
C LYS H 469 -33.48 3.56 5.24
N ARG H 470 -33.18 3.18 4.01
CA ARG H 470 -33.30 1.80 3.58
C ARG H 470 -32.08 0.95 3.94
N THR H 471 -31.04 1.52 4.54
CA THR H 471 -29.78 0.82 4.69
C THR H 471 -29.92 -0.28 5.72
N LEU H 472 -29.53 -1.50 5.35
CA LEU H 472 -29.63 -2.63 6.25
C LEU H 472 -28.51 -2.58 7.28
N PRO H 473 -28.71 -3.19 8.46
CA PRO H 473 -27.74 -3.04 9.54
C PRO H 473 -26.49 -3.89 9.43
N LYS H 474 -26.41 -4.82 8.47
CA LYS H 474 -25.29 -5.76 8.43
C LYS H 474 -23.97 -5.04 8.15
N GLY H 475 -24.01 -4.02 7.27
CA GLY H 475 -22.78 -3.35 6.91
C GLY H 475 -22.12 -2.63 8.07
N GLN H 476 -22.92 -1.93 8.88
CA GLN H 476 -22.46 -1.15 10.02
C GLN H 476 -22.79 -1.85 11.33
N LEU H 477 -22.62 -3.17 11.36
CA LEU H 477 -23.01 -3.93 12.54
C LEU H 477 -22.12 -3.62 13.73
N GLU H 478 -20.84 -3.33 13.49
CA GLU H 478 -19.95 -2.94 14.58
C GLU H 478 -20.39 -1.63 15.22
N SER H 479 -20.81 -0.67 14.40
CA SER H 479 -21.29 0.60 14.93
C SER H 479 -22.61 0.43 15.68
N ILE H 480 -23.47 -0.48 15.21
CA ILE H 480 -24.76 -0.68 15.86
C ILE H 480 -24.57 -1.29 17.24
N VAL H 481 -23.75 -2.33 17.35
CA VAL H 481 -23.53 -2.96 18.64
C VAL H 481 -22.82 -2.01 19.59
N GLU H 482 -21.93 -1.15 19.08
CA GLU H 482 -21.28 -0.16 19.91
C GLU H 482 -22.29 0.82 20.48
N ASN H 483 -23.20 1.32 19.63
CA ASN H 483 -24.19 2.26 20.10
C ASN H 483 -25.21 1.62 21.03
N ILE H 484 -25.55 0.34 20.80
CA ILE H 484 -26.43 -0.37 21.71
C ILE H 484 -25.78 -0.48 23.09
N ARG H 485 -24.48 -0.77 23.12
CA ARG H 485 -23.77 -0.84 24.40
C ARG H 485 -23.71 0.53 25.07
N ILE H 486 -23.45 1.58 24.30
CA ILE H 486 -23.29 2.92 24.87
C ILE H 486 -24.60 3.36 25.53
N TYR H 487 -25.71 3.26 24.80
CA TYR H 487 -26.98 3.75 25.29
C TYR H 487 -27.75 2.75 26.14
N GLY H 488 -27.22 1.54 26.33
CA GLY H 488 -27.90 0.56 27.16
C GLY H 488 -29.26 0.17 26.61
N ILE H 489 -29.35 -0.04 25.31
CA ILE H 489 -30.62 -0.30 24.65
C ILE H 489 -30.99 -1.74 24.93
N HIS H 490 -32.04 -1.95 25.72
CA HIS H 490 -32.50 -3.28 26.09
C HIS H 490 -33.57 -3.81 25.14
N ALA H 491 -34.27 -2.93 24.41
CA ALA H 491 -35.25 -3.34 23.41
C ALA H 491 -35.14 -2.43 22.21
N LEU H 492 -35.63 -2.90 21.06
CA LEU H 492 -35.49 -2.19 19.79
C LEU H 492 -36.81 -2.31 19.03
N LEU H 493 -37.48 -1.18 18.82
CA LEU H 493 -38.74 -1.12 18.08
C LEU H 493 -38.47 -0.54 16.70
N VAL H 494 -38.69 -1.35 15.66
CA VAL H 494 -38.35 -0.98 14.29
C VAL H 494 -39.66 -0.87 13.50
N VAL H 495 -40.03 0.36 13.16
CA VAL H 495 -41.27 0.65 12.44
C VAL H 495 -40.91 0.85 10.98
N GLY H 496 -41.24 -0.11 10.12
CA GLY H 496 -40.83 0.06 8.73
C GLY H 496 -41.26 -1.11 7.88
N GLY H 497 -40.80 -1.08 6.64
CA GLY H 497 -41.21 -2.06 5.64
C GLY H 497 -40.41 -3.33 5.69
N PHE H 498 -40.24 -3.94 4.51
CA PHE H 498 -39.46 -5.17 4.42
C PHE H 498 -38.02 -4.98 4.90
N GLU H 499 -37.48 -3.76 4.74
CA GLU H 499 -36.13 -3.51 5.23
C GLU H 499 -36.08 -3.56 6.75
N ALA H 500 -37.16 -3.14 7.43
CA ALA H 500 -37.22 -3.27 8.88
C ALA H 500 -37.16 -4.73 9.31
N TYR H 501 -38.00 -5.56 8.69
CA TYR H 501 -38.00 -6.99 8.98
C TYR H 501 -36.64 -7.62 8.68
N GLU H 502 -36.09 -7.31 7.50
CA GLU H 502 -34.82 -7.89 7.10
C GLU H 502 -33.69 -7.48 8.04
N GLY H 503 -33.68 -6.22 8.46
CA GLY H 503 -32.65 -5.76 9.37
C GLY H 503 -32.75 -6.41 10.73
N VAL H 504 -33.96 -6.53 11.28
CA VAL H 504 -34.15 -7.22 12.55
C VAL H 504 -33.76 -8.69 12.41
N LEU H 505 -34.04 -9.29 11.24
CA LEU H 505 -33.61 -10.65 11.02
C LEU H 505 -32.09 -10.75 11.00
N GLN H 506 -31.42 -9.75 10.43
CA GLN H 506 -29.96 -9.74 10.41
C GLN H 506 -29.39 -9.63 11.82
N LEU H 507 -30.00 -8.80 12.67
CA LEU H 507 -29.53 -8.71 14.05
C LEU H 507 -29.75 -10.01 14.80
N VAL H 508 -30.87 -10.69 14.52
CA VAL H 508 -31.14 -11.97 15.20
C VAL H 508 -30.13 -13.01 14.74
N GLU H 509 -29.82 -13.03 13.44
CA GLU H 509 -28.84 -13.99 12.94
C GLU H 509 -27.43 -13.66 13.44
N ALA H 510 -27.16 -12.39 13.73
CA ALA H 510 -25.87 -11.96 14.25
C ALA H 510 -25.77 -12.04 15.77
N ARG H 511 -26.83 -12.49 16.46
CA ARG H 511 -26.75 -12.69 17.90
C ARG H 511 -25.60 -13.61 18.29
N GLY H 512 -25.35 -14.64 17.46
CA GLY H 512 -24.27 -15.57 17.75
C GLY H 512 -22.90 -14.92 17.80
N ARG H 513 -22.70 -13.87 17.00
CA ARG H 513 -21.40 -13.19 16.97
C ARG H 513 -21.30 -12.14 18.08
N TYR H 514 -22.38 -11.41 18.33
CA TYR H 514 -22.41 -10.29 19.27
C TYR H 514 -23.42 -10.57 20.37
N GLU H 515 -22.96 -10.53 21.62
CA GLU H 515 -23.86 -10.69 22.75
C GLU H 515 -24.83 -9.51 22.87
N GLU H 516 -24.40 -8.32 22.45
CA GLU H 516 -25.23 -7.13 22.65
C GLU H 516 -26.48 -7.18 21.79
N LEU H 517 -26.46 -7.90 20.68
CA LEU H 517 -27.65 -8.03 19.84
C LEU H 517 -28.70 -8.96 20.44
N CYS H 518 -28.43 -9.61 21.57
CA CYS H 518 -29.45 -10.38 22.28
C CYS H 518 -30.35 -9.45 23.10
N ILE H 519 -31.07 -8.59 22.38
CA ILE H 519 -32.02 -7.64 22.93
C ILE H 519 -33.36 -7.95 22.31
N VAL H 520 -34.43 -7.64 23.04
CA VAL H 520 -35.77 -7.83 22.52
C VAL H 520 -35.95 -6.91 21.32
N MET H 521 -36.51 -7.44 20.25
CA MET H 521 -36.74 -6.69 19.02
C MET H 521 -38.19 -6.85 18.63
N CYS H 522 -38.76 -5.78 18.06
CA CYS H 522 -40.12 -5.83 17.55
C CYS H 522 -40.18 -5.03 16.25
N VAL H 523 -40.84 -5.62 15.25
CA VAL H 523 -41.01 -5.00 13.95
C VAL H 523 -42.49 -4.64 13.80
N ILE H 524 -42.74 -3.35 13.56
CA ILE H 524 -44.06 -2.87 13.15
C ILE H 524 -44.03 -2.76 11.63
N PRO H 525 -44.77 -3.60 10.87
CA PRO H 525 -44.73 -3.45 9.41
C PRO H 525 -45.43 -2.19 8.95
N ALA H 526 -44.66 -1.25 8.40
CA ALA H 526 -45.18 0.04 7.93
C ALA H 526 -44.62 0.29 6.53
N THR H 527 -45.42 -0.01 5.51
CA THR H 527 -44.99 0.20 4.14
C THR H 527 -46.20 0.29 3.23
N ILE H 528 -45.99 0.97 2.11
CA ILE H 528 -47.03 1.11 1.09
C ILE H 528 -47.33 -0.25 0.45
N SER H 529 -46.30 -1.05 0.20
CA SER H 529 -46.46 -2.25 -0.62
C SER H 529 -47.25 -3.36 0.06
N ASN H 530 -47.33 -3.35 1.40
CA ASN H 530 -47.88 -4.47 2.17
C ASN H 530 -47.15 -5.77 1.86
N ASN H 531 -45.81 -5.68 1.74
CA ASN H 531 -44.97 -6.80 1.35
C ASN H 531 -44.21 -7.42 2.52
N VAL H 532 -44.59 -7.10 3.76
CA VAL H 532 -43.84 -7.54 4.93
C VAL H 532 -44.47 -8.84 5.42
N PRO H 533 -43.72 -9.95 5.53
CA PRO H 533 -44.34 -11.17 6.06
C PRO H 533 -44.71 -11.02 7.53
N GLY H 534 -45.74 -11.75 7.92
CA GLY H 534 -46.21 -11.78 9.29
C GLY H 534 -47.45 -10.97 9.59
N THR H 535 -47.95 -10.19 8.62
CA THR H 535 -49.11 -9.35 8.81
C THR H 535 -49.99 -9.42 7.57
N ASP H 536 -51.25 -8.99 7.74
CA ASP H 536 -52.16 -8.82 6.61
C ASP H 536 -52.18 -7.40 6.08
N PHE H 537 -51.98 -6.40 6.94
CA PHE H 537 -52.04 -4.99 6.57
C PHE H 537 -50.82 -4.29 7.14
N SER H 538 -49.88 -3.93 6.27
CA SER H 538 -48.80 -3.06 6.70
C SER H 538 -49.35 -1.67 6.98
N LEU H 539 -48.76 -1.02 7.97
CA LEU H 539 -49.21 0.31 8.38
C LEU H 539 -48.94 1.31 7.26
N GLY H 540 -50.01 1.90 6.73
CA GLY H 540 -49.93 2.82 5.61
C GLY H 540 -50.29 2.23 4.27
N SER H 541 -50.60 0.94 4.18
CA SER H 541 -51.11 0.40 2.94
C SER H 541 -52.48 0.97 2.63
N ASP H 542 -53.32 1.13 3.66
CA ASP H 542 -54.65 1.71 3.49
C ASP H 542 -54.58 3.12 2.91
N THR H 543 -53.64 3.93 3.40
CA THR H 543 -53.47 5.28 2.87
C THR H 543 -53.11 5.24 1.39
N ALA H 544 -52.20 4.35 1.01
CA ALA H 544 -51.80 4.23 -0.39
C ALA H 544 -52.97 3.79 -1.26
N VAL H 545 -53.76 2.84 -0.77
CA VAL H 545 -54.91 2.35 -1.52
C VAL H 545 -55.92 3.48 -1.71
N ASN H 546 -56.16 4.25 -0.64
CA ASN H 546 -57.12 5.35 -0.74
C ASN H 546 -56.65 6.41 -1.71
N ALA H 547 -55.36 6.78 -1.65
CA ALA H 547 -54.82 7.73 -2.62
C ALA H 547 -54.90 7.19 -4.04
N ALA H 548 -54.59 5.90 -4.22
CA ALA H 548 -54.59 5.32 -5.55
C ALA H 548 -55.98 5.29 -6.15
N MET H 549 -57.00 4.93 -5.36
CA MET H 549 -58.35 4.86 -5.92
C MET H 549 -58.88 6.26 -6.24
N GLU H 550 -58.53 7.26 -5.43
CA GLU H 550 -58.98 8.61 -5.68
C GLU H 550 -58.39 9.13 -6.98
N SER H 551 -57.13 8.80 -7.25
CA SER H 551 -56.52 9.12 -8.53
C SER H 551 -57.21 8.37 -9.66
N CYS H 552 -57.46 7.08 -9.46
CA CYS H 552 -58.10 6.26 -10.48
C CYS H 552 -59.54 6.71 -10.73
N ASP H 553 -60.25 7.08 -9.66
CA ASP H 553 -61.61 7.59 -9.83
C ASP H 553 -61.61 8.90 -10.62
N ARG H 554 -60.68 9.80 -10.31
CA ARG H 554 -60.54 11.03 -11.07
C ARG H 554 -60.26 10.74 -12.54
N ILE H 555 -59.35 9.80 -12.79
CA ILE H 555 -58.97 9.45 -14.15
C ILE H 555 -60.16 8.83 -14.89
N LYS H 556 -60.86 7.91 -14.22
CA LYS H 556 -62.00 7.26 -14.86
C LYS H 556 -63.13 8.25 -15.12
N GLN H 557 -63.25 9.29 -14.29
CA GLN H 557 -64.24 10.34 -14.52
C GLN H 557 -63.81 11.33 -15.61
N SER H 558 -62.58 11.28 -16.09
CA SER H 558 -62.08 12.31 -17.00
C SER H 558 -62.63 12.20 -18.41
N ALA H 559 -63.19 11.05 -18.79
CA ALA H 559 -63.84 10.95 -20.09
C ALA H 559 -65.23 11.58 -20.08
N SER H 560 -65.87 11.64 -18.90
CA SER H 560 -67.17 12.31 -18.71
C SER H 560 -68.26 11.74 -19.64
N GLY H 561 -68.30 10.42 -19.76
CA GLY H 561 -69.42 9.73 -20.37
C GLY H 561 -69.59 9.86 -21.87
N THR H 562 -68.80 10.71 -22.54
CA THR H 562 -68.96 10.93 -23.99
C THR H 562 -68.02 10.01 -24.76
N LYS H 563 -66.73 10.33 -24.77
CA LYS H 563 -65.76 9.42 -25.37
C LYS H 563 -65.68 8.17 -24.53
N ARG H 564 -65.40 7.04 -25.20
CA ARG H 564 -65.16 5.76 -24.52
C ARG H 564 -63.68 5.44 -24.64
N ARG H 565 -63.04 5.28 -23.48
CA ARG H 565 -61.59 5.33 -23.36
C ARG H 565 -61.17 4.36 -22.27
N VAL H 566 -60.00 3.76 -22.46
CA VAL H 566 -59.38 2.86 -21.48
C VAL H 566 -58.15 3.58 -20.94
N PHE H 567 -57.94 3.45 -19.62
CA PHE H 567 -56.79 4.04 -18.95
C PHE H 567 -55.91 2.93 -18.39
N ILE H 568 -54.64 2.92 -18.78
CA ILE H 568 -53.64 2.04 -18.18
C ILE H 568 -53.01 2.82 -17.04
N VAL H 569 -53.37 2.47 -15.80
CA VAL H 569 -52.81 3.09 -14.62
C VAL H 569 -51.76 2.15 -14.04
N GLU H 570 -50.59 2.69 -13.70
CA GLU H 570 -49.51 1.92 -13.09
C GLU H 570 -49.42 2.28 -11.61
N THR H 571 -49.53 1.27 -10.76
CA THR H 571 -49.42 1.43 -9.32
C THR H 571 -48.03 1.00 -8.84
N MET H 572 -47.68 1.46 -7.65
CA MET H 572 -46.44 1.07 -6.99
C MET H 572 -46.70 -0.23 -6.22
N GLY H 573 -45.75 -0.64 -5.38
CA GLY H 573 -45.85 -1.82 -4.54
C GLY H 573 -44.75 -2.84 -4.80
N GLY H 574 -43.77 -2.50 -5.63
CA GLY H 574 -42.72 -3.44 -5.96
C GLY H 574 -43.27 -4.68 -6.62
N TYR H 575 -42.73 -5.84 -6.20
CA TYR H 575 -43.24 -7.12 -6.65
C TYR H 575 -44.54 -7.52 -5.96
N CYS H 576 -44.90 -6.87 -4.85
CA CYS H 576 -46.14 -7.18 -4.17
C CYS H 576 -47.29 -6.57 -4.95
N GLY H 577 -48.20 -7.43 -5.43
CA GLY H 577 -49.32 -6.96 -6.20
C GLY H 577 -50.49 -6.45 -5.40
N TYR H 578 -50.46 -6.56 -4.06
CA TYR H 578 -51.60 -6.25 -3.19
C TYR H 578 -52.23 -4.91 -3.53
N LEU H 579 -51.40 -3.87 -3.60
CA LEU H 579 -51.90 -2.52 -3.84
C LEU H 579 -52.64 -2.42 -5.17
N ALA H 580 -52.10 -3.02 -6.22
CA ALA H 580 -52.76 -3.01 -7.52
C ALA H 580 -54.12 -3.69 -7.45
N THR H 581 -54.19 -4.86 -6.82
CA THR H 581 -55.38 -5.69 -6.92
C THR H 581 -56.52 -5.09 -6.11
N VAL H 582 -56.22 -4.68 -4.86
CA VAL H 582 -57.25 -4.05 -4.04
C VAL H 582 -57.69 -2.74 -4.69
N THR H 583 -56.75 -1.95 -5.22
CA THR H 583 -57.12 -0.72 -5.91
C THR H 583 -58.03 -1.02 -7.09
N GLY H 584 -57.77 -2.12 -7.81
CA GLY H 584 -58.63 -2.50 -8.91
C GLY H 584 -60.03 -2.87 -8.44
N ILE H 585 -60.13 -3.56 -7.31
CA ILE H 585 -61.44 -3.89 -6.73
C ILE H 585 -62.18 -2.62 -6.36
N ALA H 586 -61.48 -1.70 -5.67
CA ALA H 586 -62.13 -0.48 -5.20
C ALA H 586 -62.67 0.36 -6.34
N VAL H 587 -61.94 0.39 -7.47
CA VAL H 587 -62.28 1.22 -8.61
C VAL H 587 -63.02 0.44 -9.70
N GLY H 588 -63.23 -0.86 -9.52
CA GLY H 588 -63.81 -1.66 -10.57
C GLY H 588 -62.91 -1.77 -11.79
N ALA H 589 -61.61 -1.89 -11.59
CA ALA H 589 -60.69 -2.05 -12.70
C ALA H 589 -60.96 -3.37 -13.42
N ASP H 590 -60.83 -3.34 -14.74
CA ASP H 590 -61.03 -4.55 -15.52
C ASP H 590 -59.95 -5.59 -15.20
N ALA H 591 -58.71 -5.16 -15.00
CA ALA H 591 -57.61 -6.08 -14.77
C ALA H 591 -56.54 -5.39 -13.92
N ALA H 592 -55.93 -6.17 -13.02
CA ALA H 592 -54.81 -5.71 -12.19
C ALA H 592 -53.66 -6.70 -12.40
N TYR H 593 -52.77 -6.37 -13.32
CA TYR H 593 -51.64 -7.25 -13.62
C TYR H 593 -50.62 -7.20 -12.50
N VAL H 594 -50.27 -8.38 -11.98
CA VAL H 594 -49.36 -8.50 -10.84
C VAL H 594 -48.35 -9.61 -11.11
N PHE H 595 -47.22 -9.52 -10.40
CA PHE H 595 -46.19 -10.55 -10.51
C PHE H 595 -46.70 -11.90 -10.07
N GLU H 596 -47.49 -11.94 -8.99
CA GLU H 596 -47.92 -13.21 -8.39
C GLU H 596 -48.82 -14.03 -9.30
N ASP H 597 -49.41 -13.41 -10.32
CA ASP H 597 -50.28 -14.06 -11.30
C ASP H 597 -49.61 -13.84 -12.65
N PRO H 598 -48.62 -14.64 -13.01
CA PRO H 598 -47.90 -14.41 -14.28
C PRO H 598 -48.82 -14.55 -15.48
N PHE H 599 -48.68 -13.61 -16.42
CA PHE H 599 -49.52 -13.48 -17.58
C PHE H 599 -48.65 -13.39 -18.81
N ASN H 600 -49.11 -14.00 -19.90
CA ASN H 600 -48.44 -13.99 -21.19
C ASN H 600 -49.33 -13.27 -22.21
N ILE H 601 -48.87 -13.23 -23.46
CA ILE H 601 -49.59 -12.49 -24.48
C ILE H 601 -50.95 -13.11 -24.78
N HIS H 602 -51.09 -14.43 -24.58
CA HIS H 602 -52.40 -15.05 -24.75
C HIS H 602 -53.40 -14.48 -23.74
N ASP H 603 -52.98 -14.33 -22.48
CA ASP H 603 -53.86 -13.72 -21.49
C ASP H 603 -54.17 -12.28 -21.83
N LEU H 604 -53.17 -11.55 -22.36
CA LEU H 604 -53.39 -10.16 -22.72
C LEU H 604 -54.41 -10.03 -23.85
N LYS H 605 -54.33 -10.90 -24.85
CA LYS H 605 -55.31 -10.85 -25.93
C LYS H 605 -56.71 -11.17 -25.40
N VAL H 606 -56.81 -12.14 -24.49
CA VAL H 606 -58.10 -12.46 -23.88
C VAL H 606 -58.66 -11.23 -23.15
N ASN H 607 -57.82 -10.57 -22.37
CA ASN H 607 -58.27 -9.40 -21.61
C ASN H 607 -58.63 -8.24 -22.54
N VAL H 608 -57.86 -8.06 -23.61
CA VAL H 608 -58.11 -6.93 -24.50
C VAL H 608 -59.40 -7.15 -25.29
N GLU H 609 -59.62 -8.37 -25.80
CA GLU H 609 -60.89 -8.68 -26.45
C GLU H 609 -62.04 -8.57 -25.47
N HIS H 610 -61.83 -9.00 -24.22
CA HIS H 610 -62.83 -8.82 -23.17
C HIS H 610 -63.16 -7.34 -22.96
N MET H 611 -62.12 -6.49 -22.92
CA MET H 611 -62.35 -5.06 -22.79
C MET H 611 -63.13 -4.51 -23.98
N THR H 612 -62.73 -4.91 -25.20
CA THR H 612 -63.41 -4.44 -26.40
C THR H 612 -64.88 -4.82 -26.40
N GLU H 613 -65.18 -6.06 -26.04
CA GLU H 613 -66.57 -6.52 -26.01
C GLU H 613 -67.38 -5.73 -24.98
N LYS H 614 -66.82 -5.54 -23.78
CA LYS H 614 -67.46 -4.71 -22.78
C LYS H 614 -67.64 -3.28 -23.28
N MET H 615 -66.64 -2.75 -23.98
CA MET H 615 -66.68 -1.36 -24.41
C MET H 615 -67.73 -1.11 -25.48
N LYS H 616 -68.14 -2.14 -26.21
CA LYS H 616 -69.24 -1.99 -27.16
C LYS H 616 -70.59 -1.91 -26.44
N THR H 617 -70.67 -2.34 -25.18
CA THR H 617 -71.91 -2.27 -24.41
C THR H 617 -72.07 -0.86 -23.83
N ASP H 618 -72.93 -0.71 -22.82
CA ASP H 618 -73.21 0.60 -22.25
C ASP H 618 -72.02 1.18 -21.51
N ILE H 619 -71.12 0.35 -20.96
CA ILE H 619 -70.00 0.88 -20.20
C ILE H 619 -68.99 1.48 -21.17
N GLN H 620 -68.50 2.68 -20.84
CA GLN H 620 -67.65 3.47 -21.73
C GLN H 620 -66.25 3.74 -21.20
N ARG H 621 -66.04 3.68 -19.88
CA ARG H 621 -64.75 3.95 -19.26
C ARG H 621 -64.16 2.64 -18.74
N GLY H 622 -63.06 2.19 -19.36
CA GLY H 622 -62.30 1.06 -18.88
C GLY H 622 -61.11 1.50 -18.06
N LEU H 623 -60.65 0.61 -17.19
CA LEU H 623 -59.50 0.87 -16.33
C LEU H 623 -58.81 -0.45 -16.03
N VAL H 624 -57.57 -0.60 -16.50
CA VAL H 624 -56.70 -1.71 -16.12
C VAL H 624 -55.56 -1.14 -15.29
N LEU H 625 -55.22 -1.84 -14.21
CA LEU H 625 -54.08 -1.49 -13.38
C LEU H 625 -52.91 -2.42 -13.71
N ARG H 626 -51.70 -1.89 -13.56
CA ARG H 626 -50.47 -2.65 -13.73
C ARG H 626 -49.56 -2.40 -12.54
N ASN H 627 -49.21 -3.47 -11.83
CA ASN H 627 -48.17 -3.35 -10.83
C ASN H 627 -46.84 -3.03 -11.52
N GLU H 628 -46.05 -2.17 -10.89
CA GLU H 628 -44.86 -1.61 -11.55
C GLU H 628 -43.86 -2.68 -11.96
N LYS H 629 -43.80 -3.82 -11.24
CA LYS H 629 -42.85 -4.89 -11.50
C LYS H 629 -43.55 -6.21 -11.80
N CYS H 630 -44.71 -6.15 -12.47
CA CYS H 630 -45.45 -7.37 -12.77
C CYS H 630 -44.78 -8.18 -13.86
N HIS H 631 -44.20 -7.52 -14.86
CA HIS H 631 -43.64 -8.18 -16.02
C HIS H 631 -42.35 -7.50 -16.46
N ASP H 632 -41.42 -8.30 -16.97
CA ASP H 632 -40.12 -7.77 -17.39
C ASP H 632 -40.24 -6.98 -18.69
N TYR H 633 -41.08 -7.44 -19.62
CA TYR H 633 -41.17 -6.90 -20.97
C TYR H 633 -42.47 -6.18 -21.26
N TYR H 634 -43.60 -6.71 -20.78
CA TYR H 634 -44.91 -6.11 -21.06
C TYR H 634 -45.12 -4.93 -20.10
N THR H 635 -44.38 -3.86 -20.39
CA THR H 635 -44.42 -2.66 -19.57
C THR H 635 -45.73 -1.92 -19.81
N THR H 636 -45.88 -0.77 -19.13
CA THR H 636 -47.05 0.07 -19.35
C THR H 636 -47.11 0.56 -20.79
N GLU H 637 -45.97 0.88 -21.38
CA GLU H 637 -45.95 1.28 -22.79
C GLU H 637 -46.40 0.15 -23.69
N PHE H 638 -45.98 -1.09 -23.38
CA PHE H 638 -46.42 -2.24 -24.15
C PHE H 638 -47.94 -2.38 -24.11
N LEU H 639 -48.51 -2.34 -22.91
CA LEU H 639 -49.96 -2.49 -22.78
C LEU H 639 -50.69 -1.35 -23.44
N TYR H 640 -50.15 -0.12 -23.36
CA TYR H 640 -50.75 1.01 -24.06
C TYR H 640 -50.82 0.76 -25.56
N ASN H 641 -49.71 0.28 -26.13
CA ASN H 641 -49.70 -0.03 -27.57
C ASN H 641 -50.69 -1.13 -27.90
N LEU H 642 -50.74 -2.18 -27.07
CA LEU H 642 -51.63 -3.29 -27.31
C LEU H 642 -53.09 -2.86 -27.26
N TYR H 643 -53.48 -2.21 -26.16
CA TYR H 643 -54.87 -1.82 -25.98
C TYR H 643 -55.31 -0.79 -27.03
N SER H 644 -54.42 0.13 -27.39
CA SER H 644 -54.78 1.16 -28.36
C SER H 644 -54.88 0.58 -29.77
N SER H 645 -54.05 -0.43 -30.07
CA SER H 645 -54.10 -1.04 -31.40
C SER H 645 -55.34 -1.90 -31.57
N GLU H 646 -55.57 -2.83 -30.65
CA GLU H 646 -56.72 -3.72 -30.75
C GLU H 646 -58.04 -2.97 -30.60
N GLY H 647 -58.05 -1.89 -29.81
CA GLY H 647 -59.22 -1.06 -29.66
C GLY H 647 -59.40 -0.01 -30.71
N LYS H 648 -58.63 -0.04 -31.81
CA LYS H 648 -58.77 0.92 -32.88
C LYS H 648 -60.18 0.87 -33.45
N GLY H 649 -60.82 2.03 -33.56
CA GLY H 649 -62.19 2.12 -34.00
C GLY H 649 -63.24 1.79 -32.96
N VAL H 650 -62.83 1.35 -31.76
CA VAL H 650 -63.73 1.07 -30.65
C VAL H 650 -63.46 1.99 -29.46
N PHE H 651 -62.20 2.11 -29.06
CA PHE H 651 -61.87 2.98 -27.95
C PHE H 651 -60.45 3.49 -28.10
N ASP H 652 -60.20 4.63 -27.47
CA ASP H 652 -58.86 5.16 -27.30
C ASP H 652 -58.29 4.64 -25.98
N CYS H 653 -56.96 4.66 -25.90
CA CYS H 653 -56.23 4.22 -24.72
C CYS H 653 -55.38 5.36 -24.20
N ARG H 654 -55.27 5.46 -22.88
CA ARG H 654 -54.39 6.43 -22.23
C ARG H 654 -53.67 5.77 -21.08
N THR H 655 -52.63 6.45 -20.61
CA THR H 655 -51.67 5.93 -19.63
C THR H 655 -51.44 6.96 -18.55
N ASN H 656 -51.31 6.47 -17.31
CA ASN H 656 -51.00 7.35 -16.17
C ASN H 656 -50.23 6.57 -15.14
N VAL H 657 -48.94 6.90 -14.97
CA VAL H 657 -48.10 6.25 -13.97
C VAL H 657 -48.26 7.03 -12.67
N LEU H 658 -49.07 6.51 -11.75
CA LEU H 658 -49.13 7.07 -10.41
C LEU H 658 -47.80 6.80 -9.72
N GLY H 659 -46.97 7.84 -9.62
CA GLY H 659 -45.70 7.70 -8.94
C GLY H 659 -45.86 7.84 -7.45
N HIS H 660 -45.28 8.89 -6.88
CA HIS H 660 -45.39 9.17 -5.46
C HIS H 660 -46.70 9.85 -5.07
N LEU H 661 -47.70 9.88 -5.95
CA LEU H 661 -49.04 10.31 -5.56
C LEU H 661 -49.68 9.34 -4.56
N GLN H 662 -49.21 8.10 -4.48
CA GLN H 662 -49.72 7.11 -3.56
C GLN H 662 -48.97 7.09 -2.23
N GLN H 663 -47.97 7.96 -2.05
CA GLN H 663 -46.98 7.82 -0.99
C GLN H 663 -47.10 8.90 0.09
N GLY H 664 -46.95 10.17 -0.28
CA GLY H 664 -46.78 11.23 0.68
C GLY H 664 -48.00 11.70 1.43
N GLY H 665 -49.16 11.11 1.19
CA GLY H 665 -50.38 11.60 1.80
C GLY H 665 -50.38 11.42 3.30
N ALA H 666 -51.17 12.27 3.96
CA ALA H 666 -51.39 12.07 5.38
C ALA H 666 -52.09 10.73 5.60
N PRO H 667 -51.89 10.07 6.74
CA PRO H 667 -52.53 8.77 6.95
C PRO H 667 -54.03 8.89 7.02
N THR H 668 -54.71 7.93 6.40
CA THR H 668 -56.14 7.84 6.52
C THR H 668 -56.49 7.52 7.97
N PRO H 669 -57.75 7.74 8.38
CA PRO H 669 -58.12 7.47 9.78
C PRO H 669 -57.90 6.03 10.22
N PHE H 670 -58.10 5.07 9.32
CA PHE H 670 -57.75 3.69 9.62
C PHE H 670 -56.28 3.58 10.01
N ASP H 671 -55.39 4.15 9.18
CA ASP H 671 -53.96 4.04 9.43
C ASP H 671 -53.56 4.69 10.75
N ARG H 672 -54.15 5.84 11.09
CA ARG H 672 -53.85 6.48 12.37
C ARG H 672 -54.27 5.59 13.53
N ASN H 673 -55.52 5.14 13.54
CA ASN H 673 -56.01 4.28 14.61
C ASN H 673 -55.26 2.97 14.64
N TYR H 674 -55.01 2.38 13.47
CA TYR H 674 -54.28 1.12 13.39
C TYR H 674 -52.89 1.26 13.97
N GLY H 675 -52.12 2.24 13.48
CA GLY H 675 -50.78 2.49 14.00
C GLY H 675 -50.78 2.81 15.48
N THR H 676 -51.77 3.58 15.92
CA THR H 676 -51.96 3.85 17.35
C THR H 676 -52.08 2.55 18.14
N LYS H 677 -53.01 1.69 17.72
CA LYS H 677 -53.30 0.48 18.47
C LYS H 677 -52.11 -0.48 18.47
N LEU H 678 -51.55 -0.77 17.29
CA LEU H 678 -50.44 -1.73 17.24
C LEU H 678 -49.19 -1.18 17.91
N GLY H 679 -49.02 0.14 17.94
CA GLY H 679 -47.90 0.71 18.67
C GLY H 679 -48.04 0.50 20.16
N VAL H 680 -49.27 0.66 20.68
CA VAL H 680 -49.55 0.32 22.07
C VAL H 680 -49.30 -1.17 22.29
N LYS H 681 -49.84 -2.02 21.42
CA LYS H 681 -49.71 -3.46 21.60
C LYS H 681 -48.26 -3.92 21.49
N ALA H 682 -47.51 -3.31 20.56
CA ALA H 682 -46.08 -3.65 20.46
C ALA H 682 -45.35 -3.27 21.74
N MET H 683 -45.72 -2.15 22.35
CA MET H 683 -45.06 -1.74 23.59
C MET H 683 -45.47 -2.63 24.75
N LEU H 684 -46.73 -3.06 24.78
CA LEU H 684 -47.15 -4.02 25.80
C LEU H 684 -46.38 -5.32 25.69
N TRP H 685 -46.26 -5.83 24.46
CA TRP H 685 -45.51 -7.06 24.24
C TRP H 685 -44.04 -6.86 24.57
N LEU H 686 -43.48 -5.69 24.23
CA LEU H 686 -42.10 -5.41 24.57
C LEU H 686 -41.90 -5.45 26.09
N SER H 687 -42.79 -4.81 26.84
CA SER H 687 -42.65 -4.78 28.29
C SER H 687 -42.79 -6.18 28.89
N GLU H 688 -43.74 -6.97 28.39
CA GLU H 688 -43.92 -8.31 28.92
C GLU H 688 -42.72 -9.19 28.62
N LYS H 689 -42.20 -9.12 27.38
CA LYS H 689 -41.05 -9.94 27.02
C LYS H 689 -39.80 -9.49 27.77
N LEU H 690 -39.65 -8.19 27.97
CA LEU H 690 -38.46 -7.69 28.66
C LEU H 690 -38.47 -8.09 30.12
N ARG H 691 -39.64 -8.14 30.75
CA ARG H 691 -39.73 -8.63 32.12
C ARG H 691 -39.53 -10.14 32.18
N GLU H 692 -40.00 -10.87 31.18
CA GLU H 692 -39.82 -12.33 31.15
C GLU H 692 -38.38 -12.73 30.89
N VAL H 693 -37.59 -11.86 30.24
CA VAL H 693 -36.22 -12.19 29.84
C VAL H 693 -35.19 -11.59 30.79
N TYR H 694 -35.59 -10.69 31.68
CA TYR H 694 -34.65 -10.07 32.62
C TYR H 694 -34.29 -11.07 33.70
N ARG H 695 -33.02 -11.48 33.74
CA ARG H 695 -32.53 -12.43 34.73
C ARG H 695 -31.05 -12.18 34.97
N LYS H 696 -30.60 -12.50 36.19
CA LYS H 696 -29.20 -12.29 36.58
C LYS H 696 -28.83 -10.81 36.56
N GLY H 697 -29.81 -9.93 36.77
CA GLY H 697 -29.54 -8.50 36.80
C GLY H 697 -29.33 -7.85 35.45
N ARG H 698 -29.51 -8.59 34.34
CA ARG H 698 -29.36 -8.02 33.01
C ARG H 698 -30.32 -8.72 32.07
N VAL H 699 -30.54 -8.11 30.92
CA VAL H 699 -31.40 -8.69 29.88
C VAL H 699 -30.53 -9.53 28.96
N PHE H 700 -30.98 -10.76 28.68
CA PHE H 700 -30.30 -11.66 27.76
C PHE H 700 -31.36 -12.35 26.92
N ALA H 701 -31.62 -11.80 25.74
CA ALA H 701 -32.68 -12.27 24.85
C ALA H 701 -32.05 -13.08 23.72
N ASN H 702 -32.04 -14.41 23.88
CA ASN H 702 -31.46 -15.33 22.90
C ASN H 702 -32.50 -16.19 22.20
N ALA H 703 -33.69 -16.36 22.78
CA ALA H 703 -34.69 -17.21 22.18
C ALA H 703 -35.27 -16.54 20.92
N PRO H 704 -35.82 -17.31 19.99
CA PRO H 704 -36.40 -16.69 18.78
C PRO H 704 -37.60 -15.79 19.07
N ASP H 705 -38.33 -16.06 20.15
CA ASP H 705 -39.54 -15.29 20.43
C ASP H 705 -39.27 -13.83 20.77
N SER H 706 -38.03 -13.47 21.10
CA SER H 706 -37.70 -12.10 21.47
C SER H 706 -37.57 -11.16 20.28
N ALA H 707 -37.71 -11.65 19.05
CA ALA H 707 -37.64 -10.83 17.84
C ALA H 707 -38.83 -11.22 16.97
N CYS H 708 -39.90 -10.42 17.03
CA CYS H 708 -41.18 -10.75 16.41
C CYS H 708 -41.68 -9.57 15.59
N VAL H 709 -42.45 -9.90 14.56
CA VAL H 709 -43.20 -8.93 13.77
C VAL H 709 -44.63 -8.93 14.32
N ILE H 710 -45.11 -7.77 14.78
CA ILE H 710 -46.48 -7.69 15.25
C ILE H 710 -47.41 -7.88 14.06
N GLY H 711 -48.43 -8.72 14.24
CA GLY H 711 -49.09 -9.39 13.15
C GLY H 711 -50.37 -8.69 12.77
N LEU H 712 -51.50 -9.16 13.32
CA LEU H 712 -52.85 -9.06 12.77
C LEU H 712 -52.86 -9.94 11.53
N LYS H 713 -52.78 -11.26 11.74
CA LYS H 713 -52.52 -12.22 10.69
C LYS H 713 -53.77 -12.88 10.13
N LYS H 714 -54.75 -13.20 10.97
CA LYS H 714 -56.04 -13.69 10.51
C LYS H 714 -57.19 -13.06 11.30
N LYS H 715 -57.19 -13.26 12.62
CA LYS H 715 -58.31 -12.89 13.48
C LYS H 715 -57.97 -11.74 14.42
N ALA H 716 -56.85 -11.85 15.14
CA ALA H 716 -56.41 -10.83 16.10
C ALA H 716 -54.92 -10.62 15.90
N VAL H 717 -54.34 -9.76 16.74
CA VAL H 717 -52.91 -9.47 16.63
C VAL H 717 -52.12 -10.70 17.07
N ALA H 718 -51.04 -10.97 16.35
CA ALA H 718 -50.15 -12.10 16.60
C ALA H 718 -48.72 -11.59 16.63
N PHE H 719 -47.81 -12.47 17.07
CA PHE H 719 -46.38 -12.17 17.16
C PHE H 719 -45.62 -13.36 16.59
N SER H 720 -45.19 -13.23 15.33
CA SER H 720 -44.48 -14.29 14.63
C SER H 720 -42.98 -14.05 14.77
N PRO H 721 -42.20 -15.00 15.30
CA PRO H 721 -40.74 -14.79 15.34
C PRO H 721 -40.15 -14.64 13.94
N VAL H 722 -39.21 -13.71 13.81
CA VAL H 722 -38.65 -13.40 12.50
C VAL H 722 -37.91 -14.59 11.92
N THR H 723 -37.25 -15.39 12.77
CA THR H 723 -36.56 -16.58 12.29
C THR H 723 -37.54 -17.57 11.69
N GLU H 724 -38.72 -17.70 12.30
CA GLU H 724 -39.73 -18.59 11.74
C GLU H 724 -40.29 -18.04 10.43
N LEU H 725 -40.45 -16.71 10.36
CA LEU H 725 -40.93 -16.09 9.14
C LEU H 725 -39.91 -16.12 8.00
N LYS H 726 -38.64 -16.41 8.30
CA LYS H 726 -37.64 -16.45 7.24
C LYS H 726 -37.92 -17.56 6.23
N LYS H 727 -38.59 -18.64 6.67
CA LYS H 727 -38.93 -19.71 5.75
C LYS H 727 -39.90 -19.23 4.68
N ASP H 728 -40.90 -18.44 5.07
CA ASP H 728 -41.98 -17.99 4.19
C ASP H 728 -41.75 -16.57 3.68
N THR H 729 -40.50 -16.23 3.35
CA THR H 729 -40.14 -14.93 2.82
C THR H 729 -39.35 -15.11 1.53
N ASP H 730 -39.81 -14.44 0.47
CA ASP H 730 -39.11 -14.40 -0.81
C ASP H 730 -38.21 -13.16 -0.79
N PHE H 731 -36.93 -13.37 -0.43
CA PHE H 731 -36.03 -12.24 -0.25
C PHE H 731 -35.62 -11.60 -1.57
N GLU H 732 -35.58 -12.37 -2.65
CA GLU H 732 -35.26 -11.79 -3.96
C GLU H 732 -36.30 -10.76 -4.36
N HIS H 733 -37.58 -11.11 -4.23
CA HIS H 733 -38.68 -10.23 -4.59
C HIS H 733 -39.16 -9.35 -3.43
N ARG H 734 -38.63 -9.54 -2.22
CA ARG H 734 -38.99 -8.73 -1.05
C ARG H 734 -40.48 -8.81 -0.76
N MET H 735 -41.00 -10.05 -0.68
CA MET H 735 -42.40 -10.29 -0.40
C MET H 735 -42.53 -11.68 0.22
N PRO H 736 -43.66 -11.98 0.87
CA PRO H 736 -43.86 -13.34 1.36
C PRO H 736 -44.19 -14.30 0.22
N ARG H 737 -43.95 -15.58 0.47
CA ARG H 737 -44.13 -16.60 -0.55
C ARG H 737 -45.59 -16.99 -0.73
N GLU H 738 -46.35 -17.02 0.36
CA GLU H 738 -47.78 -17.32 0.35
C GLU H 738 -48.51 -16.11 0.93
N GLN H 739 -49.27 -15.42 0.08
CA GLN H 739 -49.96 -14.19 0.46
C GLN H 739 -51.46 -14.45 0.53
N TRP H 740 -52.08 -13.94 1.61
CA TRP H 740 -53.50 -14.20 1.85
C TRP H 740 -54.40 -13.58 0.78
N TRP H 741 -53.95 -12.50 0.14
CA TRP H 741 -54.81 -11.67 -0.70
C TRP H 741 -54.98 -12.19 -2.12
N LEU H 742 -54.34 -13.31 -2.49
CA LEU H 742 -54.53 -13.84 -3.85
C LEU H 742 -55.96 -14.29 -4.11
N SER H 743 -56.73 -14.55 -3.06
CA SER H 743 -58.13 -14.90 -3.25
C SER H 743 -58.97 -13.70 -3.69
N LEU H 744 -58.53 -12.47 -3.39
CA LEU H 744 -59.26 -11.29 -3.85
C LEU H 744 -59.12 -11.07 -5.35
N ARG H 745 -58.13 -11.69 -5.99
CA ARG H 745 -58.05 -11.66 -7.45
C ARG H 745 -59.30 -12.27 -8.07
N LEU H 746 -59.79 -13.34 -7.46
CA LEU H 746 -60.96 -14.03 -7.98
C LEU H 746 -62.19 -13.15 -7.92
N MET H 747 -62.34 -12.39 -6.82
CA MET H 747 -63.45 -11.45 -6.73
C MET H 747 -63.32 -10.33 -7.76
N LEU H 748 -62.09 -9.81 -7.94
CA LEU H 748 -61.85 -8.80 -8.97
C LEU H 748 -62.27 -9.31 -10.35
N LYS H 749 -61.84 -10.53 -10.68
CA LYS H 749 -62.12 -11.08 -12.01
C LYS H 749 -63.61 -11.38 -12.18
N MET H 750 -64.27 -11.84 -11.11
CA MET H 750 -65.70 -12.07 -11.18
C MET H 750 -66.47 -10.77 -11.40
N LEU H 751 -66.08 -9.72 -10.68
CA LEU H 751 -66.72 -8.42 -10.86
C LEU H 751 -66.45 -7.83 -12.25
N ALA H 752 -65.44 -8.34 -12.97
CA ALA H 752 -65.09 -7.87 -14.31
C ALA H 752 -65.53 -8.83 -15.42
N GLN H 753 -66.50 -9.72 -15.15
CA GLN H 753 -67.11 -10.63 -16.12
C GLN H 753 -66.15 -11.72 -16.63
N TYR H 754 -65.06 -11.99 -15.93
CA TYR H 754 -64.16 -13.08 -16.30
C TYR H 754 -64.67 -14.39 -15.71
N ARG H 755 -64.93 -15.36 -16.59
CA ARG H 755 -65.39 -16.68 -16.17
C ARG H 755 -64.19 -17.44 -15.63
N ILE H 756 -64.00 -17.34 -14.31
CA ILE H 756 -62.87 -17.94 -13.60
C ILE H 756 -63.44 -18.91 -12.57
N SER H 757 -62.97 -20.15 -12.62
CA SER H 757 -63.40 -21.18 -11.68
C SER H 757 -62.80 -20.88 -10.31
N MET H 758 -63.59 -20.27 -9.43
CA MET H 758 -63.13 -19.84 -8.11
C MET H 758 -63.36 -20.92 -7.05
N ALA H 759 -63.00 -22.17 -7.37
CA ALA H 759 -63.07 -23.22 -6.36
C ALA H 759 -62.06 -23.02 -5.24
N ALA H 760 -61.04 -22.18 -5.44
CA ALA H 760 -60.01 -21.95 -4.43
C ALA H 760 -60.42 -20.93 -3.37
N TYR H 761 -61.55 -20.24 -3.53
CA TYR H 761 -61.97 -19.27 -2.53
C TYR H 761 -62.63 -19.96 -1.36
N VAL H 762 -62.24 -19.56 -0.15
CA VAL H 762 -62.79 -20.09 1.09
C VAL H 762 -63.55 -18.97 1.79
N SER H 763 -64.80 -19.27 2.16
CA SER H 763 -65.68 -18.32 2.84
C SER H 763 -65.74 -18.63 4.33
N GLY H 764 -65.96 -17.59 5.12
CA GLY H 764 -66.09 -17.74 6.55
C GLY H 764 -67.26 -18.60 6.93
N GLU H 765 -67.04 -19.56 7.83
CA GLU H 765 -68.08 -20.46 8.28
C GLU H 765 -68.86 -19.85 9.46
N LEU H 766 -69.92 -20.53 9.86
CA LEU H 766 -70.72 -20.06 10.99
C LEU H 766 -69.91 -20.09 12.27
N GLU H 767 -70.03 -19.02 13.06
CA GLU H 767 -69.39 -18.92 14.36
C GLU H 767 -70.36 -18.27 15.33
N HIS H 768 -70.45 -18.85 16.52
CA HIS H 768 -71.27 -18.26 17.57
C HIS H 768 -70.59 -17.00 18.10
N VAL H 769 -71.41 -16.11 18.67
CA VAL H 769 -70.89 -14.87 19.21
C VAL H 769 -70.01 -15.16 20.42
N THR H 770 -68.98 -14.33 20.60
CA THR H 770 -68.02 -14.50 21.68
C THR H 770 -68.54 -13.82 22.95
N ARG H 771 -69.59 -14.43 23.49
CA ARG H 771 -70.28 -14.00 24.73
C ARG H 771 -70.53 -12.50 24.82
P1 FBP I . 38.54 1.26 5.94
O1P FBP I . 37.56 0.58 6.79
O2P FBP I . 37.79 2.34 5.31
O3P FBP I . 39.41 1.95 6.90
O1 FBP I . 39.34 0.28 4.90
C1 FBP I . 40.17 -0.69 5.46
C2 FBP I . 40.54 -1.74 4.40
O2 FBP I . 39.57 -2.72 4.38
C3 FBP I . 41.87 -2.34 4.70
O3 FBP I . 41.90 -3.72 4.29
C4 FBP I . 42.82 -1.55 3.90
O4 FBP I . 43.26 -0.42 4.65
C5 FBP I . 42.07 -1.08 2.71
O5 FBP I . 40.64 -1.12 3.08
C6 FBP I . 42.36 -1.98 1.56
O6 FBP I . 41.50 -1.67 0.50
P2 FBP I . 40.90 -2.88 -0.44
O4P FBP I . 41.41 -4.22 -0.15
O5P FBP I . 39.46 -3.02 -0.36
O6P FBP I . 41.18 -2.71 -1.87
H11 FBP I . 39.67 -1.16 6.29
H12 FBP I . 41.06 -0.20 5.83
HO2 FBP I . 39.96 -3.52 4.06
H3 FBP I . 42.10 -2.27 5.76
HO3 FBP I . 42.70 -4.11 4.58
H4 FBP I . 43.66 -2.16 3.60
HO4 FBP I . 42.69 0.32 4.52
H5 FBP I . 42.35 -0.06 2.45
H61 FBP I . 43.40 -1.83 1.25
H62 FBP I . 42.22 -3.00 1.88
PG ATP J . 52.54 17.75 -16.09
O1G ATP J . 53.97 17.49 -16.21
O2G ATP J . 51.99 17.40 -17.40
O3G ATP J . 52.06 16.70 -15.20
PB ATP J . 52.98 20.05 -14.38
O1B ATP J . 53.01 21.49 -14.58
O2B ATP J . 54.40 19.73 -14.38
O3B ATP J . 52.17 19.28 -15.59
PA ATP J . 52.54 20.57 -11.57
O1A ATP J . 52.34 19.79 -10.36
O2A ATP J . 53.93 20.97 -11.43
O3A ATP J . 52.30 19.66 -12.92
O5' ATP J . 51.55 21.90 -11.60
C5' ATP J . 50.19 21.74 -11.26
C4' ATP J . 49.95 21.83 -9.78
O4' ATP J . 49.99 20.49 -9.14
C3' ATP J . 50.96 22.64 -9.05
O3' ATP J . 50.57 24.04 -9.04
C2' ATP J . 50.97 22.12 -7.69
O2' ATP J . 50.32 23.07 -6.79
C1' ATP J . 50.22 20.84 -7.69
N9 ATP J . 50.88 19.79 -7.01
C8 ATP J . 52.15 19.33 -7.32
N7 ATP J . 52.33 18.37 -6.42
C5 ATP J . 51.28 18.14 -5.52
C6 ATP J . 50.88 17.36 -4.44
N6 ATP J . 51.74 16.33 -3.89
N1 ATP J . 49.70 17.60 -3.94
C2 ATP J . 48.86 18.50 -4.37
N3 ATP J . 49.09 19.32 -5.37
C4 ATP J . 50.30 19.13 -5.93
H5'1 ATP J . 49.85 20.78 -11.62
H5'2 ATP J . 49.62 22.52 -11.75
H4' ATP J . 48.97 22.26 -9.62
H3' ATP J . 51.95 22.53 -9.45
HO3' ATP J . 51.26 24.56 -9.40
H2' ATP J . 51.99 21.97 -7.37
HO2' ATP J . 50.17 23.87 -7.26
H1' ATP J . 49.25 21.01 -7.23
H8 ATP J . 52.83 19.67 -8.10
HN61 ATP J . 52.56 16.05 -4.39
HN62 ATP J . 51.51 15.89 -3.03
H2 ATP J . 47.91 18.59 -3.86
PG ATP K . 79.93 1.23 -10.08
O1G ATP K . 80.83 1.73 -9.05
O2G ATP K . 79.79 2.35 -11.00
O3G ATP K . 78.62 1.14 -9.41
PB ATP K . 81.90 -0.32 -11.47
O1B ATP K . 82.39 -1.69 -11.38
O2B ATP K . 81.83 -0.13 -12.92
O3B ATP K . 80.42 -0.18 -10.77
PA ATP K . 84.57 0.66 -11.03
O1A ATP K . 85.29 1.48 -10.06
O2A ATP K . 84.95 1.31 -12.28
O3A ATP K . 82.95 0.75 -10.78
O5' ATP K . 85.05 -0.91 -10.99
C5' ATP K . 85.06 -1.58 -9.75
C4' ATP K . 86.24 -2.49 -9.65
O4' ATP K . 86.02 -3.67 -10.54
C3' ATP K . 87.50 -1.83 -10.07
O3' ATP K . 88.28 -1.46 -8.91
C2' ATP K . 88.26 -2.80 -10.85
O2' ATP K . 89.34 -3.33 -10.04
C1' ATP K . 87.34 -3.90 -11.23
N9 ATP K . 87.15 -3.89 -12.63
C8 ATP K . 86.32 -3.00 -13.27
N7 ATP K . 86.47 -3.37 -14.55
C5 ATP K . 87.35 -4.43 -14.80
C6 ATP K . 87.89 -5.21 -15.80
N6 ATP K . 87.54 -5.01 -17.19
N1 ATP K . 88.74 -6.14 -15.44
C2 ATP K . 89.12 -6.38 -14.23
N3 ATP K . 88.68 -5.74 -13.17
C4 ATP K . 87.82 -4.78 -13.48
H5'1 ATP K . 84.16 -2.17 -9.66
H5'2 ATP K . 85.09 -0.85 -8.95
H4' ATP K . 86.33 -2.83 -8.63
H3' ATP K . 87.32 -0.96 -10.68
HO3' ATP K . 88.84 -0.73 -9.14
H2' ATP K . 88.66 -2.33 -11.75
HO2' ATP K . 90.10 -3.49 -10.58
H1' ATP K . 87.75 -4.84 -10.92
H8 ATP K . 85.68 -2.23 -12.85
HN61 ATP K . 86.80 -4.37 -17.44
HN62 ATP K . 88.02 -5.50 -17.92
H2 ATP K . 89.83 -7.19 -14.07
PG ATP L . 59.97 12.47 -32.13
O1G ATP L . 58.62 12.22 -32.65
O2G ATP L . 59.92 11.97 -30.75
O3G ATP L . 60.81 11.50 -32.83
PB ATP L . 60.03 15.03 -33.48
O1B ATP L . 61.03 15.05 -34.54
O2B ATP L . 58.86 14.53 -34.20
O3B ATP L . 60.47 14.02 -32.26
PA ATP L . 59.64 16.83 -31.27
O1A ATP L . 58.76 17.97 -30.99
O2A ATP L . 58.92 15.75 -30.61
O3A ATP L . 59.76 16.54 -32.89
O5' ATP L . 61.13 17.02 -30.57
C5' ATP L . 62.29 17.14 -31.33
C4' ATP L . 63.41 16.53 -30.57
O4' ATP L . 63.39 17.04 -29.17
C3' ATP L . 63.25 15.05 -30.52
O3' ATP L . 64.52 14.40 -30.82
C2' ATP L . 62.84 14.69 -29.18
O2' ATP L . 63.54 13.50 -28.75
C1' ATP L . 63.21 15.84 -28.29
N9 ATP L . 62.24 16.13 -27.29
C8 ATP L . 60.90 16.35 -27.54
N7 ATP L . 60.43 16.59 -26.32
C5 ATP L . 61.36 16.58 -25.27
C6 ATP L . 61.49 16.75 -23.90
N6 ATP L . 60.34 17.07 -23.06
N1 ATP L . 62.68 16.61 -23.40
C2 ATP L . 63.75 16.33 -24.07
N3 ATP L . 63.79 16.15 -25.37
C4 ATP L . 62.60 16.27 -25.94
H5'1 ATP L . 62.49 18.18 -31.54
H5'2 ATP L . 62.18 16.61 -32.28
H4' ATP L . 64.36 16.78 -31.04
H3' ATP L . 62.49 14.73 -31.23
HO3' ATP L . 64.96 14.19 -30.01
H2' ATP L . 61.77 14.49 -29.17
HO2' ATP L . 63.87 13.62 -27.87
H1' ATP L . 64.16 15.61 -27.81
H8 ATP L . 60.36 16.29 -28.48
HN61 ATP L . 60.47 17.33 -22.10
HN62 ATP L . 59.41 17.03 -23.45
H2 ATP L . 64.68 16.25 -23.52
MG MG M . 80.06 0.87 -12.48
P1 FBP N . 57.16 1.53 27.50
O1P FBP N . 56.14 0.69 28.11
O2P FBP N . 58.42 0.92 27.89
O3P FBP N . 57.05 1.25 26.07
O1 FBP N . 57.03 3.13 27.89
C1 FBP N . 55.89 3.80 27.43
C2 FBP N . 55.76 5.16 28.12
O2 FBP N . 55.04 5.02 29.29
C3 FBP N . 55.10 6.14 27.22
O3 FBP N . 54.39 7.12 28.00
C4 FBP N . 56.20 6.78 26.48
O4 FBP N . 56.41 6.11 25.24
C5 FBP N . 57.40 6.68 27.36
O5 FBP N . 57.09 5.72 28.41
C6 FBP N . 57.69 8.03 27.92
O6 FBP N . 58.74 7.93 28.86
P2 FBP N . 58.59 8.66 30.33
O4P FBP N . 58.53 7.70 31.43
O5P FBP N . 59.71 9.54 30.68
O6P FBP N . 57.40 9.47 30.54
H11 FBP N . 55.01 3.19 27.65
H12 FBP N . 55.97 3.92 26.36
HO2 FBP N . 54.87 5.87 29.66
H3 FBP N . 54.41 5.64 26.54
HO3 FBP N . 53.71 7.51 27.47
H4 FBP N . 55.95 7.82 26.30
HO4 FBP N . 57.06 5.44 25.31
H5 FBP N . 58.26 6.34 26.80
H61 FBP N . 58.01 8.70 27.13
H62 FBP N . 56.80 8.41 28.39
PG ATP O . 82.25 13.83 15.13
O1G ATP O . 81.70 14.38 13.88
O2G ATP O . 83.06 14.91 15.67
O3G ATP O . 81.10 13.75 16.02
PB ATP O . 83.18 11.66 13.48
O1B ATP O . 83.94 10.41 13.56
O2B ATP O . 84.01 12.43 12.56
O3B ATP O . 83.06 12.41 14.94
PA ATP O . 81.32 10.19 11.81
O1A ATP O . 79.89 9.89 11.84
O2A ATP O . 81.48 10.61 10.42
O3A ATP O . 81.67 11.42 12.85
O5' ATP O . 82.22 8.85 12.14
C5' ATP O . 81.85 8.03 13.22
C4' ATP O . 80.83 7.00 12.89
O4' ATP O . 79.48 7.36 13.44
C3' ATP O . 80.60 6.79 11.42
O3' ATP O . 81.47 5.74 10.93
C2' ATP O . 79.20 6.41 11.26
O2' ATP O . 79.12 5.04 10.78
C1' ATP O . 78.56 6.51 12.60
N9 ATP O . 77.26 7.06 12.53
C8 ATP O . 77.00 8.37 12.15
N7 ATP O . 75.66 8.41 12.24
C5 ATP O . 75.02 7.24 12.64
C6 ATP O . 73.76 6.67 12.89
N6 ATP O . 72.55 7.44 12.75
N1 ATP O . 73.74 5.43 13.27
C2 ATP O . 74.78 4.66 13.43
N3 ATP O . 76.02 5.04 13.23
C4 ATP O . 76.12 6.32 12.84
H5'1 ATP O . 81.48 8.66 14.02
H5'2 ATP O . 82.75 7.53 13.59
H4' ATP O . 81.13 6.05 13.32
H3' ATP O . 80.75 7.69 10.84
HO3' ATP O . 81.73 5.93 10.05
H2' ATP O . 78.71 7.07 10.56
HO2' ATP O . 79.98 4.67 10.76
H1' ATP O . 78.51 5.52 13.04
H8 ATP O . 77.68 9.15 11.88
HN61 ATP O . 72.59 8.42 12.49
HN62 ATP O . 71.65 7.02 12.93
H2 ATP O . 74.61 3.64 13.75
PG ATP P . 64.30 36.81 1.45
O1G ATP P . 63.73 36.29 0.20
O2G ATP P . 65.65 37.23 1.07
O3G ATP P . 64.50 35.64 2.29
PB ATP P . 63.45 39.56 1.61
O1B ATP P . 62.31 40.34 2.07
O2B ATP P . 64.56 40.27 2.22
O3B ATP P . 63.38 37.99 2.14
PA ATP P . 63.63 40.97 -0.86
O1A ATP P . 63.78 40.75 -2.30
O2A ATP P . 64.85 41.73 -0.56
O3A ATP P . 63.58 39.57 -0.02
O5' ATP P . 62.29 41.85 -0.50
C5' ATP P . 61.03 41.47 -0.97
C4' ATP P . 60.30 42.71 -1.37
O4' ATP P . 60.34 43.71 -0.26
C3' ATP P . 60.96 43.34 -2.54
O3' ATP P . 60.29 42.97 -3.76
C2' ATP P . 60.81 44.77 -2.38
O2' ATP P . 59.63 45.22 -3.11
C1' ATP P . 60.61 45.03 -0.93
N9 ATP P . 61.78 45.65 -0.41
C8 ATP P . 62.95 44.96 -0.12
N7 ATP P . 63.72 45.95 0.34
C5 ATP P . 63.18 47.23 0.36
C6 ATP P . 63.46 48.55 0.67
N6 ATP P . 64.76 48.92 1.20
N1 ATP P . 62.51 49.42 0.48
C2 ATP P . 61.32 49.15 0.01
N3 ATP P . 60.91 47.95 -0.33
C4 ATP P . 61.85 47.01 -0.16
H5'1 ATP P . 60.50 40.96 -0.19
H5'2 ATP P . 61.15 40.82 -1.83
H4' ATP P . 59.27 42.46 -1.61
H3' ATP P . 62.00 43.07 -2.57
HO3' ATP P . 60.92 42.91 -4.47
H2' ATP P . 61.69 45.28 -2.73
HO2' ATP P . 59.87 45.93 -3.69
H1' ATP P . 59.76 45.68 -0.79
H8 ATP P . 63.18 43.92 -0.20
HN61 ATP P . 65.43 48.21 1.43
HN62 ATP P . 64.99 49.90 1.33
H2 ATP P . 60.63 49.97 -0.10
PG ATP Q . 90.89 30.31 17.31
O1G ATP Q . 90.83 29.67 18.62
O2G ATP Q . 89.73 29.76 16.61
O3G ATP Q . 90.53 31.70 17.55
PB ATP Q . 93.61 29.26 17.08
O1B ATP Q . 94.73 30.15 17.35
O2B ATP Q . 93.35 28.71 18.41
O3B ATP Q . 92.31 30.11 16.51
PA ATP Q . 92.95 26.98 15.40
O1A ATP Q . 93.54 25.65 15.31
O2A ATP Q . 91.86 26.75 16.33
O3A ATP Q . 94.03 28.07 16.02
O5' ATP Q . 92.35 27.48 13.94
C5' ATP Q . 92.79 28.66 13.33
C4' ATP Q . 91.65 29.25 12.57
O4' ATP Q . 90.93 28.16 11.84
C3' ATP Q . 90.70 29.90 13.51
O3' ATP Q . 90.49 31.28 13.09
C2' ATP Q . 89.44 29.17 13.45
O2' ATP Q . 88.34 30.11 13.33
C1' ATP Q . 89.49 28.29 12.25
N9 ATP Q . 88.95 27.01 12.53
C8 ATP Q . 89.54 26.12 13.40
N7 ATP Q . 88.69 25.08 13.32
C5 ATP Q . 87.62 25.20 12.45
C6 ATP Q . 86.49 24.54 11.96
N6 ATP Q . 86.15 23.20 12.39
N1 ATP Q . 85.77 25.18 11.09
C2 ATP Q . 86.00 26.37 10.65
N3 ATP Q . 87.01 27.13 11.01
C4 ATP Q . 87.80 26.53 11.91
H5'1 ATP Q . 93.61 28.42 12.65
H5'2 ATP Q . 93.14 29.37 14.07
H4' ATP Q . 92.03 29.98 11.86
H3' ATP Q . 91.09 29.88 14.52
HO3' ATP Q . 89.78 31.31 12.47
H2' ATP Q . 89.32 28.59 14.35
HO2' ATP Q . 87.71 29.78 12.70
H1' ATP Q . 88.93 28.75 11.45
H8 ATP Q . 90.42 26.22 14.01
HN61 ATP Q . 85.56 22.62 11.83
HN62 ATP Q . 86.53 22.84 13.26
H2 ATP Q . 85.30 26.78 9.93
MG MG R . 65.43 38.53 2.69
P1 FBP S . 23.94 -18.71 21.35
O1P FBP S . 23.95 -20.13 21.03
O2P FBP S . 24.63 -18.62 22.63
O3P FBP S . 24.87 -18.11 20.40
O1 FBP S . 22.43 -18.03 21.35
C1 FBP S . 22.32 -16.70 21.75
C2 FBP S . 20.93 -16.16 21.37
O2 FBP S . 21.04 -15.32 20.29
C3 FBP S . 20.28 -15.46 22.51
O3 FBP S . 19.32 -14.51 22.00
C4 FBP S . 19.58 -16.52 23.24
O4 FBP S . 20.46 -17.14 24.19
C5 FBP S . 19.19 -17.53 22.21
O5 FBP S . 20.05 -17.29 21.05
C6 FBP S . 17.74 -17.35 21.84
O6 FBP S . 17.50 -17.98 20.62
P2 FBP S . 16.77 -17.16 19.39
O4P FBP S . 15.59 -17.84 18.84
O5P FBP S . 17.64 -16.95 18.23
O6P FBP S . 16.28 -15.82 19.69
H11 FBP S . 23.09 -16.10 21.25
H12 FBP S . 22.50 -16.65 22.81
HO2 FBP S . 20.20 -14.94 20.12
H3 FBP S . 20.99 -14.95 23.14
HO3 FBP S . 19.67 -13.64 22.11
H4 FBP S . 18.71 -16.12 23.75
HO4 FBP S . 20.95 -17.82 23.79
H5 FBP S . 19.34 -18.53 22.57
H61 FBP S . 17.12 -17.80 22.61
H62 FBP S . 17.51 -16.29 21.78
PG ATP T . 3.61 -38.78 32.90
O1G ATP T . 3.01 -38.08 34.04
O2G ATP T . 2.58 -38.77 31.88
O3G ATP T . 4.63 -37.85 32.42
PB ATP T . 5.11 -40.52 34.62
O1B ATP T . 5.51 -41.92 34.77
O2B ATP T . 4.32 -40.31 35.83
O3B ATP T . 4.20 -40.27 33.27
PA ATP T . 7.72 -39.71 35.56
O1A ATP T . 8.55 -38.52 35.50
O2A ATP T . 7.34 -39.73 36.97
O3A ATP T . 6.41 -39.51 34.59
O5' ATP T . 8.56 -41.06 35.14
C5' ATP T . 9.36 -41.03 33.99
C4' ATP T . 10.79 -40.66 34.29
O4' ATP T . 11.05 -39.23 33.94
C3' ATP T . 11.18 -40.77 35.73
O3' ATP T . 11.64 -42.12 36.01
C2' ATP T . 12.26 -39.81 35.92
O2' ATP T . 13.53 -40.53 36.00
C1' ATP T . 12.27 -38.91 34.74
N9 ATP T . 12.28 -37.53 35.12
C8 ATP T . 11.28 -36.93 35.84
N7 ATP T . 11.72 -35.67 35.95
C5 ATP T . 12.94 -35.40 35.33
C6 ATP T . 13.87 -34.39 35.08
N6 ATP T . 13.65 -33.04 35.57
N1 ATP T . 14.93 -34.71 34.39
C2 ATP T . 15.20 -35.89 33.92
N3 ATP T . 14.43 -36.94 34.06
C4 ATP T . 13.32 -36.68 34.76
H5'1 ATP T . 8.95 -40.32 33.29
H5'2 ATP T . 9.36 -42.01 33.53
H4' ATP T . 11.44 -41.29 33.70
H3' ATP T . 10.38 -40.50 36.40
HO3' ATP T . 11.69 -42.24 36.94
H2' ATP T . 12.10 -39.26 36.84
HO2' ATP T . 13.45 -41.25 36.60
H1' ATP T . 13.15 -39.12 34.14
H8 ATP T . 10.37 -37.34 36.26
HN61 ATP T . 12.79 -32.79 35.99
HN62 ATP T . 14.39 -32.36 35.48
H2 ATP T . 16.12 -36.01 33.36
PG ATP U . -8.03 -15.50 50.79
O1G ATP U . -8.04 -16.17 52.09
O2G ATP U . -9.00 -16.24 49.99
O3G ATP U . -6.74 -15.87 50.21
PB ATP U . -9.78 -13.24 51.17
O1B ATP U . -9.93 -11.89 50.65
O2B ATP U . -10.83 -13.95 50.43
O3B ATP U . -8.30 -13.88 50.85
PA ATP U . -11.57 -13.04 53.44
O1A ATP U . -11.68 -13.65 54.76
O2A ATP U . -12.60 -13.77 52.71
O3A ATP U . -10.08 -13.27 52.79
O5' ATP U . -11.90 -11.42 53.52
C5' ATP U . -11.03 -10.62 54.27
C4' ATP U . -11.79 -9.52 54.93
O4' ATP U . -12.78 -8.91 53.99
C3' ATP U . -12.58 -10.04 56.08
O3' ATP U . -11.80 -10.02 57.29
C2' ATP U . -13.71 -9.13 56.21
O2' ATP U . -13.35 -8.04 57.08
C1' ATP U . -13.98 -8.62 54.84
N9 ATP U . -15.13 -9.25 54.31
C8 ATP U . -15.10 -10.53 53.78
N7 ATP U . -16.38 -10.69 53.41
C5 ATP U . -17.24 -9.62 53.65
C6 ATP U . -18.56 -9.19 53.52
N6 ATP U . -19.58 -10.04 52.92
N1 ATP U . -18.85 -8.00 53.95
C2 ATP U . -18.01 -7.17 54.50
N3 ATP U . -16.74 -7.43 54.70
C4 ATP U . -16.38 -8.64 54.26
H5'1 ATP U . -10.28 -10.20 53.62
H5'2 ATP U . -10.56 -11.23 55.04
H4' ATP U . -11.11 -8.75 55.29
H3' ATP U . -12.93 -11.05 55.86
HO3' ATP U . -12.36 -10.16 58.04
H2' ATP U . -14.57 -9.67 56.59
HO2' ATP U . -14.11 -7.72 57.53
H1' ATP U . -14.14 -7.55 54.88
H8 ATP U . -14.28 -11.23 53.69
HN61 ATP U . -19.32 -10.92 52.51
HN62 ATP U . -20.54 -9.76 52.92
H2 ATP U . -18.38 -6.21 54.82
PG ATP V . -15.37 -38.71 32.51
O1G ATP V . -15.30 -38.66 31.05
O2G ATP V . -14.18 -38.00 32.96
O3G ATP V . -16.48 -37.83 32.86
PB ATP V . -15.46 -41.60 32.21
O1B ATP V . -16.81 -41.98 31.80
O2B ATP V . -14.83 -41.35 30.92
O3B ATP V . -15.50 -40.23 33.14
PA ATP V . -13.15 -42.70 33.56
O1A ATP V . -12.42 -43.94 33.32
O2A ATP V . -12.38 -41.75 32.77
O3A ATP V . -14.70 -42.81 33.02
O5' ATP V . -13.08 -42.26 35.15
C5' ATP V . -14.26 -42.20 35.93
C4' ATP V . -14.06 -41.20 36.99
O4' ATP V . -12.66 -41.29 37.51
C3' ATP V . -14.26 -39.83 36.43
O3' ATP V . -15.48 -39.26 36.97
C2' ATP V . -13.12 -39.01 36.84
O2' ATP V . -13.60 -37.93 37.68
C1' ATP V . -12.20 -39.87 37.62
N9 ATP V . -10.88 -39.76 37.10
C8 ATP V . -10.44 -40.40 35.96
N7 ATP V . -9.17 -39.99 35.90
C5 ATP V . -8.73 -39.13 36.91
C6 ATP V . -7.64 -38.40 37.37
N6 ATP V . -6.35 -38.42 36.69
N1 ATP V . -7.81 -37.70 38.46
C2 ATP V . -8.91 -37.61 39.13
N3 ATP V . -10.03 -38.22 38.83
C4 ATP V . -9.91 -38.97 37.72
H5'1 ATP V . -14.45 -43.18 36.35
H5'2 ATP V . -15.10 -41.91 35.30
H4' ATP V . -14.76 -41.37 37.80
H3' ATP V . -14.31 -39.87 35.36
HO3' ATP V . -15.28 -38.47 37.44
H2' ATP V . -12.62 -38.61 35.96
HO2' ATP V . -13.00 -37.20 37.63
H1' ATP V . -12.21 -39.56 38.65
H8 ATP V . -10.98 -41.07 35.30
HN61 ATP V . -5.52 -38.14 37.18
HN62 ATP V . -6.30 -38.71 35.73
H2 ATP V . -8.91 -36.99 40.00
MG MG W . -10.98 -15.82 49.61
P1 FBP X . 34.47 -5.38 44.06
O1P FBP X . 33.16 -5.66 43.47
O2P FBP X . 34.25 -4.19 44.87
O3P FBP X . 35.28 -4.93 42.94
O1 FBP X . 35.12 -6.65 44.89
C1 FBP X . 35.30 -7.85 44.21
C2 FBP X . 36.18 -8.80 45.04
O2 FBP X . 37.49 -8.48 44.85
C3 FBP X . 35.93 -10.21 44.65
O3 FBP X . 37.12 -10.97 44.82
C4 FBP X . 34.89 -10.68 45.58
O4 FBP X . 33.59 -10.44 45.04
C5 FBP X . 35.08 -9.90 46.83
O5 FBP X . 35.83 -8.70 46.46
C6 FBP X . 35.83 -10.73 47.81
O6 FBP X . 36.17 -9.94 48.92
P2 FBP X . 37.72 -9.89 49.46
O4P FBP X . 38.66 -10.82 48.83
O5P FBP X . 38.35 -8.60 49.28
O6P FBP X . 37.85 -10.17 50.89
H11 FBP X . 35.76 -7.67 43.25
H12 FBP X . 34.32 -8.30 44.03
HO2 FBP X . 38.04 -9.15 45.25
H3 FBP X . 35.58 -10.27 43.63
HO3 FBP X . 37.37 -11.37 44.00
H4 FBP X . 35.02 -11.74 45.78
HO4 FBP X . 33.24 -9.62 45.35
H5 FBP X . 34.12 -9.62 47.27
H61 FBP X . 35.21 -11.56 48.13
H62 FBP X . 36.72 -11.12 47.33
PG ATP Y . 15.35 -14.12 66.64
O1G ATP Y . 14.75 -15.44 66.56
O2G ATP Y . 16.04 -14.10 67.92
O3G ATP Y . 16.41 -14.15 65.64
PB ATP Y . 12.86 -13.05 65.62
O1B ATP Y . 11.78 -12.27 66.24
O2B ATP Y . 12.33 -14.41 65.74
O3B ATP Y . 14.27 -12.88 66.43
PA ATP Y . 11.82 -12.11 63.10
O1A ATP Y . 12.04 -12.52 61.71
O2A ATP Y . 10.60 -12.85 63.39
O3A ATP Y . 13.06 -12.61 64.05
O5' ATP Y . 11.58 -10.48 63.24
C5' ATP Y . 12.52 -9.57 62.75
C4' ATP Y . 12.19 -9.01 61.40
O4' ATP Y . 13.32 -9.26 60.45
C3' ATP Y . 10.98 -9.61 60.75
O3' ATP Y . 9.82 -8.81 61.06
C2' ATP Y . 11.22 -9.61 59.32
O2' ATP Y . 10.44 -8.56 58.70
C1' ATP Y . 12.67 -9.36 59.10
N9 ATP Y . 13.32 -10.37 58.35
C8 ATP Y . 13.37 -11.71 58.74
N7 ATP Y . 14.08 -12.25 57.75
C5 ATP Y . 14.52 -11.39 56.74
C6 ATP Y . 15.23 -11.33 55.54
N6 ATP Y . 15.83 -12.52 54.98
N1 ATP Y . 15.35 -10.17 54.97
C2 ATP Y . 14.84 -9.06 55.42
N3 ATP Y . 14.14 -8.94 56.52
C4 ATP Y . 14.00 -10.11 57.17
H5'1 ATP Y . 13.49 -10.05 62.70
H5'2 ATP Y . 12.60 -8.75 63.44
H4' ATP Y . 12.05 -7.95 61.49
H3' ATP Y . 10.82 -10.63 61.06
HO3' ATP Y . 9.10 -9.37 61.30
H2' ATP Y . 10.95 -10.58 58.90
HO2' ATP Y . 9.75 -8.31 59.30
H1' ATP Y . 12.79 -8.41 58.59
H8 ATP Y . 12.94 -12.18 59.61
HN61 ATP Y . 15.83 -13.38 55.49
HN62 ATP Y . 16.23 -12.49 54.06
H2 ATP Y . 15.02 -8.17 54.84
PG ATP Z . 18.70 -44.60 56.24
O1G ATP Z . 17.29 -44.50 56.64
O2G ATP Z . 19.40 -43.73 57.19
O3G ATP Z . 18.77 -43.87 54.97
PB ATP Z . 18.72 -47.39 57.10
O1B ATP Z . 19.67 -48.49 57.08
O2B ATP Z . 18.70 -47.06 58.52
O3B ATP Z . 19.28 -46.14 56.17
PA ATP Z . 16.71 -49.41 56.82
O1A ATP Z . 15.49 -49.68 56.06
O2A ATP Z . 16.23 -49.62 58.19
O3A ATP Z . 17.23 -47.87 56.59
O5' ATP Z . 17.91 -50.48 56.44
C5' ATP Z . 18.37 -50.57 55.13
C4' ATP Z . 18.75 -51.98 54.79
O4' ATP Z . 20.04 -52.34 55.45
C3' ATP Z . 17.74 -52.97 55.26
O3' ATP Z . 16.81 -53.30 54.20
C2' ATP Z . 18.49 -54.18 55.59
O2' ATP Z . 18.56 -55.04 54.42
C1' ATP Z . 19.85 -53.74 55.96
N9 ATP Z . 19.98 -53.75 57.37
C8 ATP Z . 19.63 -52.68 58.16
N7 ATP Z . 19.93 -53.13 59.38
C5 ATP Z . 20.44 -54.42 59.47
C6 ATP Z . 20.89 -55.40 60.36
N6 ATP Z . 20.93 -55.15 61.78
N1 ATP Z . 21.28 -56.53 59.84
C2 ATP Z . 21.28 -56.83 58.58
N3 ATP Z . 20.88 -56.03 57.63
C4 ATP Z . 20.48 -54.84 58.08
H5'1 ATP Z . 19.23 -49.93 55.00
H5'2 ATP Z . 17.59 -50.24 54.45
H4' ATP Z . 18.87 -52.07 53.71
H3' ATP Z . 17.21 -52.63 56.14
HO3' ATP Z . 15.98 -53.57 54.58
H2' ATP Z . 18.02 -54.68 56.42
HO2' ATP Z . 18.38 -55.93 54.68
H1' ATP Z . 20.59 -54.39 55.52
H8 ATP Z . 19.25 -51.71 57.87
HN61 ATP Z . 20.65 -54.24 62.14
HN62 ATP Z . 21.23 -55.86 62.41
H2 ATP Z . 21.63 -57.81 58.30
PG ATP AA . 18.03 -25.48 81.18
O1G ATP AA . 18.96 -24.36 81.28
O2G ATP AA . 17.87 -25.70 79.74
O3G ATP AA . 18.81 -26.64 81.64
PB ATP AA . 16.30 -24.02 83.02
O1B ATP AA . 16.37 -24.45 84.41
O2B ATP AA . 17.36 -23.01 82.97
O3B ATP AA . 16.61 -25.28 81.99
PA ATP AA . 14.40 -22.88 81.16
O1A ATP AA . 13.78 -21.55 81.17
O2A ATP AA . 15.58 -22.64 80.33
O3A ATP AA . 14.84 -23.35 82.67
O5' ATP AA . 13.41 -23.99 80.45
C5' ATP AA . 12.96 -25.11 81.15
C4' ATP AA . 12.67 -26.19 80.17
O4' ATP AA . 12.11 -25.59 78.92
C3' ATP AA . 13.89 -26.96 79.80
O3' ATP AA . 13.66 -28.38 79.98
C2' ATP AA . 14.20 -26.69 78.41
O2' ATP AA . 14.53 -27.92 77.73
C1' ATP AA . 12.99 -26.09 77.80
N9 ATP AA . 13.30 -25.03 76.91
C8 ATP AA . 13.85 -23.84 77.32
N7 ATP AA . 13.97 -23.19 76.15
C5 ATP AA . 13.51 -23.85 75.02
C6 ATP AA . 13.37 -23.72 73.64
N6 ATP AA . 13.77 -22.52 72.93
N1 ATP AA . 12.85 -24.75 73.01
C2 ATP AA . 12.46 -25.86 73.55
N3 ATP AA . 12.53 -26.12 74.83
C4 ATP AA . 13.07 -25.12 75.54
H5'1 ATP AA . 12.06 -24.85 81.68
H5'2 ATP AA . 13.71 -25.44 81.85
H4' ATP AA . 11.94 -26.88 80.58
H3' ATP AA . 14.74 -26.65 80.42
HO3' ATP AA . 14.13 -28.85 79.30
H2' ATP AA . 15.04 -26.00 78.34
HO2' ATP AA . 14.79 -27.73 76.84
H1' ATP AA . 12.45 -26.86 77.26
H8 ATP AA . 14.15 -23.50 78.30
HN61 ATP AA . 13.50 -22.39 71.98
HN62 ATP AA . 14.30 -21.82 73.42
H2 ATP AA . 12.05 -26.62 72.90
MG MG BA . 18.29 -45.10 58.56
P1 FBP CA . -34.27 11.22 -43.09
O1P FBP CA . -33.00 10.67 -42.62
O2P FBP CA . -33.97 12.59 -43.48
O3P FBP CA . -35.07 11.35 -41.87
O1 FBP CA . -34.99 10.32 -44.28
C1 FBP CA . -35.25 8.98 -44.01
C2 FBP CA . -36.19 8.42 -45.10
O2 FBP CA . -37.48 8.73 -44.80
C3 FBP CA . -36.03 6.94 -45.20
O3 FBP CA . -37.27 6.36 -45.61
C4 FBP CA . -35.01 6.74 -46.24
O4 FBP CA . -33.71 6.69 -45.67
C5 FBP CA . -35.13 7.91 -47.16
O5 FBP CA . -35.81 8.96 -46.40
C6 FBP CA . -35.92 7.50 -48.35
O6 FBP CA . -36.23 8.65 -49.11
P2 FBP CA . -37.77 8.89 -49.64
O4P FBP CA . -38.70 7.79 -49.44
O5P FBP CA . -38.43 10.04 -49.04
O6P FBP CA . -37.84 9.14 -51.09
H11 FBP CA . -35.72 8.88 -43.04
H12 FBP CA . -34.31 8.44 -43.99
HO2 FBP CA . -38.06 8.28 -45.39
H3 FBP CA . -35.71 6.52 -44.26
HO3 FBP CA . -37.57 5.73 -44.97
H4 FBP CA . -35.20 5.82 -46.78
HO4 FBP CA . -33.29 7.54 -45.67
H5 FBP CA . -34.16 8.26 -47.48
H61 FBP CA . -35.33 6.82 -48.96
H62 FBP CA . -36.82 7.00 -48.03
PG ATP DA . -15.50 8.98 -67.48
O1G ATP DA . -14.99 7.65 -67.82
O2G ATP DA . -16.18 9.43 -68.70
O3G ATP DA . -16.59 8.72 -66.53
PB ATP DA . -12.95 9.52 -66.22
O1B ATP DA . -11.84 10.38 -66.58
O2B ATP DA . -12.51 8.24 -66.76
O3B ATP DA . -14.35 10.02 -66.93
PA ATP DA . -11.91 9.57 -63.53
O1A ATP DA . -12.17 8.76 -62.35
O2A ATP DA . -10.72 8.90 -64.04
O3A ATP DA . -13.15 9.46 -64.59
O5' ATP DA . -11.57 11.14 -63.15
C5' ATP DA . -12.48 11.92 -62.41
C4' ATP DA . -12.17 11.99 -60.94
O4' ATP DA . -13.34 11.50 -60.14
C3' ATP DA . -11.00 11.16 -60.52
O3' ATP DA . -9.80 11.96 -60.55
C2' ATP DA . -11.28 10.72 -59.15
O2' ATP DA . -10.46 11.47 -58.24
C1' ATP DA . -12.72 10.96 -58.88
N9 ATP DA . -13.41 9.78 -58.49
C8 ATP DA . -13.52 8.66 -59.28
N7 ATP DA . -14.25 7.86 -58.51
C5 ATP DA . -14.64 8.35 -57.26
C6 ATP DA . -15.34 8.05 -56.10
N6 ATP DA . -15.99 6.77 -55.93
N1 ATP DA . -15.39 8.97 -55.18
C2 ATP DA . -14.84 10.14 -55.25
N3 ATP DA . -14.15 10.58 -56.27
C4 ATP DA . -14.06 9.68 -57.26
H5'1 ATP DA . -13.47 11.51 -62.55
H5'2 ATP DA . -12.48 12.93 -62.81
H4' ATP DA . -11.97 13.02 -60.68
H3' ATP DA . -10.88 10.29 -61.13
HO3' ATP DA . -9.14 11.50 -61.05
H2' ATP DA . -11.05 9.66 -59.06
HO2' ATP DA . -9.66 11.74 -58.68
H1' ATP DA . -12.80 11.71 -58.10
H8 ATP DA . -13.12 8.48 -60.27
HN61 ATP DA . -15.97 6.09 -56.68
HN62 ATP DA . -16.45 6.54 -55.07
H2 ATP DA . -14.97 10.80 -54.40
PG ATP EA . -20.90 -22.96 -67.35
O1G ATP EA . -19.51 -22.82 -67.72
O2G ATP EA . -21.54 -21.79 -67.93
O3G ATP EA . -20.93 -22.70 -65.91
PB ATP EA . -21.10 -25.29 -69.07
O1B ATP EA . -22.11 -26.29 -69.41
O2B ATP EA . -21.06 -24.53 -70.31
O3B ATP EA . -21.58 -24.39 -67.78
PA ATP EA . -19.22 -27.43 -69.49
O1A ATP EA . -18.02 -28.00 -68.88
O2A ATP EA . -18.77 -27.22 -70.86
O3A ATP EA . -19.65 -26.02 -68.77
O5' ATP EA . -20.49 -28.49 -69.45
C5' ATP EA . -20.96 -28.97 -68.22
C4' ATP EA . -21.44 -30.38 -68.34
O4' ATP EA . -22.74 -30.42 -69.08
C3' ATP EA . -20.50 -31.24 -69.12
O3' ATP EA . -19.60 -31.94 -68.24
C2' ATP EA . -21.32 -32.22 -69.81
O2' ATP EA . -21.45 -33.41 -68.99
C1' ATP EA . -22.64 -31.59 -70.02
N9 ATP EA . -22.76 -31.14 -71.35
C8 ATP EA . -22.33 -29.90 -71.76
N7 ATP EA . -22.64 -29.91 -73.05
C5 ATP EA . -23.23 -31.08 -73.55
C6 ATP EA . -23.73 -31.67 -74.70
N6 ATP EA . -23.74 -30.98 -75.97
N1 ATP EA . -24.20 -32.89 -74.58
C2 ATP EA . -24.24 -33.58 -73.47
N3 ATP EA . -23.80 -33.16 -72.32
C4 ATP EA . -23.30 -31.92 -72.36
H5'1 ATP EA . -21.78 -28.34 -67.89
H5'2 ATP EA . -20.17 -28.92 -67.49
H4' ATP EA . -21.57 -30.80 -67.36
H3' ATP EA . -19.93 -30.67 -69.85
HO3' ATP EA . -18.79 -32.13 -68.69
H2' ATP EA . -20.87 -32.46 -70.77
HO2' ATP EA . -21.35 -34.17 -69.53
H1' ATP EA . -23.42 -32.30 -69.78
H8 ATP EA . -21.89 -29.10 -71.18
HN61 ATP EA . -23.41 -30.04 -76.02
HN62 ATP EA . -24.09 -31.44 -76.79
H2 ATP EA . -24.65 -34.57 -73.52
PG ATP FA . -18.77 3.04 -84.86
O1G ATP FA . -19.67 4.16 -84.64
O2G ATP FA . -18.62 2.42 -83.54
O3G ATP FA . -19.58 2.08 -85.62
PB ATP FA . -16.95 4.92 -86.14
O1B ATP FA . -17.06 4.99 -87.60
O2B ATP FA . -17.92 5.92 -85.73
O3B ATP FA . -17.34 3.41 -85.59
PA ATP FA . -14.97 5.29 -84.06
O1A ATP FA . -14.25 6.51 -83.69
O2A ATP FA . -16.13 5.35 -83.18
O3A ATP FA . -15.44 5.34 -85.64
O5' ATP FA . -14.07 3.94 -83.75
C5' ATP FA . -13.69 3.07 -84.78
C4' ATP FA . -13.47 1.72 -84.20
O4' ATP FA . -12.90 1.86 -82.83
C3' ATP FA . -14.76 0.96 -84.09
O3' ATP FA . -14.61 -0.34 -84.72
C2' ATP FA . -15.04 0.78 -82.67
O2' ATP FA . -15.45 -0.60 -82.43
C1' ATP FA . -13.80 1.08 -81.92
N9 ATP FA . -14.06 1.82 -80.74
C8 ATP FA . -14.54 3.11 -80.74
N7 ATP FA . -14.62 3.36 -79.42
C5 ATP FA . -14.22 2.35 -78.56
C6 ATP FA . -14.07 2.01 -77.22
N6 ATP FA . -14.40 2.96 -76.17
N1 ATP FA . -13.63 0.82 -76.95
C2 ATP FA . -13.31 -0.09 -77.83
N3 ATP FA . -13.38 0.08 -79.12
C4 ATP FA . -13.84 1.29 -79.47
H5'1 ATP FA . -12.77 3.44 -85.23
H5'2 ATP FA . -14.46 3.04 -85.55
H4' ATP FA . -12.79 1.16 -84.82
H3' ATP FA . -15.57 1.51 -84.54
HO3' ATP FA . -15.10 -0.97 -84.22
H2' ATP FA . -15.84 1.45 -82.37
HO2' ATP FA . -15.73 -0.68 -81.54
H1' ATP FA . -13.31 0.14 -81.66
H8 ATP FA . -14.80 3.76 -81.57
HN61 ATP FA . -14.15 2.76 -75.22
HN62 ATP FA . -14.89 3.80 -76.39
H2 ATP FA . -12.94 -1.03 -77.45
MG MG GA . -20.51 -22.70 -69.71
P1 FBP HA . -24.86 -9.32 -25.97
O1P FBP HA . -24.97 -10.77 -26.12
O2P FBP HA . -25.53 -8.78 -27.15
O3P FBP HA . -25.76 -9.00 -24.87
O1 FBP HA . -23.31 -8.78 -25.77
C1 FBP HA . -23.11 -7.40 -25.72
C2 FBP HA . -21.70 -7.11 -25.20
O2 FBP HA . -21.76 -6.66 -23.91
C3 FBP HA . -20.98 -6.10 -26.05
O3 FBP HA . -19.99 -5.43 -25.27
C4 FBP HA . -20.34 -6.91 -27.10
O4 FBP HA . -21.24 -7.12 -28.20
C5 FBP HA . -20.01 -8.21 -26.46
O5 FBP HA . -20.88 -8.33 -25.28
C6 FBP HA . -18.57 -8.25 -26.06
O6 FBP HA . -18.38 -9.26 -25.11
P2 FBP HA . -17.62 -8.93 -23.69
O4P FBP HA . -16.51 -9.84 -23.40
O5P FBP HA . -18.49 -9.05 -22.52
O6P FBP HA . -17.03 -7.60 -23.55
H11 FBP HA . -23.85 -6.95 -25.06
H12 FBP HA . -23.27 -7.00 -26.72
HO2 FBP HA . -20.90 -6.39 -23.63
H3 FBP HA . -21.66 -5.38 -26.48
HO3 FBP HA . -20.29 -4.55 -25.08
H4 FBP HA . -19.44 -6.42 -27.45
HO4 FBP HA . -21.78 -7.88 -28.04
H5 FBP HA . -20.22 -9.04 -27.14
H61 FBP HA . -17.97 -8.47 -26.93
H62 FBP HA . -18.28 -7.29 -25.65
PG ATP IA . -5.73 -25.88 -43.55
O1G ATP IA . -5.05 -24.91 -44.42
O2G ATP IA . -4.70 -26.28 -42.59
O3G ATP IA . -6.67 -25.09 -42.78
PB ATP IA . -7.32 -26.87 -45.73
O1B ATP IA . -7.81 -28.12 -46.30
O2B ATP IA . -6.52 -26.33 -46.82
O3B ATP IA . -6.41 -27.13 -44.38
PA ATP IA . -9.87 -25.66 -46.31
O1A ATP IA . -10.63 -24.50 -45.88
O2A ATP IA . -9.47 -25.25 -47.66
O3A ATP IA . -8.56 -25.86 -45.34
O5' ATP IA . -10.80 -27.02 -46.34
C5' ATP IA . -11.63 -27.29 -45.25
C4' ATP IA . -13.03 -26.74 -45.43
O4' ATP IA . -13.21 -25.49 -44.63
C3' ATP IA . -13.37 -26.35 -46.83
O3' ATP IA . -13.90 -27.49 -47.55
C2' ATP IA . -14.40 -25.32 -46.72
O2' ATP IA . -15.70 -25.88 -47.02
C1' ATP IA . -14.37 -24.84 -45.30
N9 ATP IA . -14.28 -23.42 -45.21
C8 ATP IA . -13.23 -22.69 -45.70
N7 ATP IA . -13.58 -21.44 -45.37
C5 ATP IA . -14.79 -21.30 -44.70
C6 ATP IA . -15.65 -20.36 -44.13
N6 ATP IA . -15.33 -18.94 -44.14
N1 ATP IA . -16.75 -20.81 -43.58
C2 ATP IA . -17.10 -22.06 -43.52
N3 ATP IA . -16.40 -23.06 -44.00
C4 ATP IA . -15.26 -22.66 -44.59
H5'1 ATP IA . -11.20 -26.86 -44.36
H5'2 ATP IA . -11.70 -28.36 -45.12
H4' ATP IA . -13.74 -27.49 -45.09
H3' ATP IA . -12.53 -25.93 -47.35
HO3' ATP IA . -13.89 -27.32 -48.47
H2' ATP IA . -14.17 -24.52 -47.40
HO2' ATP IA . -15.62 -26.49 -47.73
H1' ATP IA . -15.29 -25.17 -44.81
H8 ATP IA . -12.34 -23.02 -46.22
HN61 ATP IA . -14.44 -18.63 -44.46
HN62 ATP IA . -16.01 -18.28 -43.82
H2 ATP IA . -18.04 -22.29 -43.03
PG ATP JA . 7.55 1.09 -53.17
O1G ATP JA . 7.53 0.88 -54.62
O2G ATP JA . 8.48 0.09 -52.68
O3G ATP JA . 6.25 0.64 -52.72
PB ATP JA . 9.46 3.24 -52.82
O1B ATP JA . 9.67 4.35 -51.90
O2B ATP JA . 10.44 2.27 -52.35
O3B ATP JA . 7.93 2.64 -52.72
PA ATP JA . 11.28 4.06 -54.92
O1A ATP JA . 11.37 3.88 -56.37
O2A ATP JA . 12.25 3.06 -54.45
O3A ATP JA . 9.77 3.71 -54.37
O5' ATP JA . 11.71 5.58 -54.48
C5' ATP JA . 10.91 6.64 -54.94
C4' ATP JA . 11.74 7.83 -55.22
O4' ATP JA . 12.76 8.05 -54.15
C3' ATP JA . 12.51 7.65 -56.48
O3' ATP JA . 11.73 8.09 -57.62
C2' ATP JA . 13.69 8.48 -56.33
O2' ATP JA . 13.39 9.82 -56.81
C1' ATP JA . 13.99 8.52 -54.87
N9 ATP JA . 15.08 7.68 -54.58
C8 ATP JA . 14.97 6.30 -54.49
N7 ATP JA . 16.23 5.95 -54.19
C5 ATP JA . 17.16 6.99 -54.09
C6 ATP JA . 18.50 7.27 -53.83
N6 ATP JA . 19.46 6.22 -53.54
N1 ATP JA . 18.86 8.52 -53.87
C2 ATP JA . 18.09 9.53 -54.11
N3 ATP JA . 16.80 9.43 -54.37
C4 ATP JA . 16.36 8.17 -54.36
H5'1 ATP JA . 10.17 6.87 -54.18
H5'2 ATP JA . 10.40 6.33 -55.85
H4' ATP JA . 11.12 8.71 -55.31
H3' ATP JA . 12.80 6.60 -56.59
HO3' ATP JA . 12.31 8.23 -58.35
H2' ATP JA . 14.53 8.05 -56.87
HO2' ATP JA . 14.19 10.22 -57.12
H1' ATP JA . 14.21 9.54 -54.58
H8 ATP JA . 14.10 5.67 -54.61
HN61 ATP JA . 19.14 5.28 -53.42
HN62 ATP JA . 20.44 6.43 -53.46
H2 ATP JA . 18.52 10.52 -54.10
PG ATP KA . 13.18 -27.17 -43.36
O1G ATP KA . 13.01 -27.58 -41.96
O2G ATP KA . 12.09 -26.25 -43.60
O3G ATP KA . 14.38 -26.33 -43.34
PB ATP KA . 13.12 -30.01 -44.01
O1B ATP KA . 14.44 -30.58 -43.77
O2B ATP KA . 12.50 -30.15 -42.68
O3B ATP KA . 13.25 -28.42 -44.43
PA ATP KA . 10.74 -30.46 -45.61
O1A ATP KA . 9.92 -31.66 -45.77
O2A ATP KA . 10.04 -29.78 -44.53
O3A ATP KA . 12.28 -30.85 -45.14
O5' ATP KA . 10.73 -29.52 -46.95
C5' ATP KA . 11.92 -29.30 -47.68
C4' ATP KA . 11.80 -28.00 -48.38
O4' ATP KA . 10.39 -27.83 -48.88
C3' ATP KA . 12.08 -26.88 -47.42
O3' ATP KA . 13.34 -26.26 -47.76
C2' ATP KA . 11.00 -25.91 -47.53
O2' ATP KA . 11.55 -24.64 -47.99
C1' ATP KA . 10.02 -26.41 -48.53
N9 ATP KA . 8.71 -26.38 -48.00
C8 ATP KA . 8.22 -27.33 -47.12
N7 ATP KA . 6.98 -26.88 -46.92
C5 ATP KA . 6.60 -25.71 -47.59
C6 ATP KA . 5.56 -24.81 -47.78
N6 ATP KA . 4.28 -24.96 -47.14
N1 ATP KA . 5.80 -23.81 -48.59
C2 ATP KA . 6.91 -23.59 -49.21
N3 ATP KA . 7.98 -24.34 -49.13
C4 ATP KA . 7.80 -25.38 -48.32
H5'1 ATP KA . 12.05 -30.10 -48.40
H5'2 ATP KA . 12.77 -29.27 -47.01
H4' ATP KA . 12.48 -27.94 -49.21
H3' ATP KA . 12.11 -27.27 -46.41
HO3' ATP KA . 13.19 -25.34 -47.94
H2' ATP KA . 10.52 -25.78 -46.57
HO2' ATP KA . 11.01 -23.95 -47.69
H1' ATP KA . 10.07 -25.80 -49.42
H8 ATP KA . 8.71 -28.21 -46.71
HN61 ATP KA . 3.47 -24.49 -47.51
HN62 ATP KA . 4.20 -25.53 -46.31
H2 ATP KA . 6.96 -22.72 -49.85
MG MG LA . 10.48 0.23 -52.18
P1 FBP MA . -56.67 13.91 -24.98
O1P FBP MA . -55.67 13.22 -25.79
O2P FBP MA . -57.96 13.54 -25.58
O3P FBP MA . -56.65 13.19 -23.72
O1 FBP MA . -56.42 15.53 -24.84
C1 FBP MA . -55.27 15.94 -24.18
C2 FBP MA . -55.03 17.43 -24.41
O2 FBP MA . -54.31 17.61 -25.55
C3 FBP MA . -54.30 18.02 -23.25
O3 FBP MA . -53.51 19.12 -23.68
C4 FBP MA . -55.36 18.49 -22.33
O4 FBP MA . -55.65 17.47 -21.36
C5 FBP MA . -56.56 18.76 -23.17
O5 FBP MA . -56.30 18.15 -24.48
C6 FBP MA . -56.74 20.24 -23.27
O6 FBP MA . -57.79 20.52 -24.15
P2 FBP MA . -57.60 21.62 -25.37
O4P FBP MA . -57.69 21.02 -26.70
O5P FBP MA . -58.59 22.68 -25.39
O6P FBP MA . -56.31 22.31 -25.41
H11 FBP MA . -54.41 15.36 -24.55
H12 FBP MA . -55.38 15.72 -23.13
HO2 FBP MA . -54.08 18.52 -25.64
H3 FBP MA . -53.68 17.28 -22.76
HO3 FBP MA . -52.86 19.32 -23.01
H4 FBP MA . -55.04 19.39 -21.83
HO4 FBP MA . -56.36 16.91 -21.62
H5 FBP MA . -57.46 18.33 -22.74
H61 FBP MA . -56.98 20.63 -22.30
H62 FBP MA . -55.82 20.67 -23.63
PG ATP NA . -81.03 23.17 -9.06
O1G ATP NA . -80.46 23.25 -7.72
O2G ATP NA . -81.78 24.41 -9.21
O3G ATP NA . -79.89 23.32 -9.96
PB ATP NA . -82.13 20.65 -8.16
O1B ATP NA . -82.98 19.56 -8.62
O2B ATP NA . -82.91 21.17 -7.05
O3B ATP NA . -81.92 21.81 -9.33
PA ATP NA . -80.42 18.59 -7.08
O1A ATP NA . -79.01 18.21 -7.18
O2A ATP NA . -80.61 18.54 -5.64
O3A ATP NA . -80.66 20.11 -7.67
O5' ATP NA . -81.39 17.49 -7.84
C5' ATP NA . -81.05 17.07 -9.14
C4' ATP NA . -80.11 15.91 -9.18
O4' ATP NA . -78.74 16.31 -9.63
C3' ATP NA . -79.90 15.22 -7.87
O3' ATP NA . -80.83 14.12 -7.73
C2' ATP NA . -78.53 14.71 -7.87
O2' ATP NA . -78.55 13.26 -7.86
C1' ATP NA . -77.88 15.20 -9.12
N9 ATP NA . -76.55 15.64 -8.87
C8 ATP NA . -76.23 16.73 -8.09
N7 ATP NA . -74.89 16.73 -8.17
C5 ATP NA . -74.30 15.74 -8.95
C6 ATP NA . -73.07 15.24 -9.38
N6 ATP NA . -71.83 15.87 -9.00
N1 ATP NA . -73.11 14.20 -10.16
C2 ATP NA . -74.18 13.58 -10.56
N3 ATP NA . -75.40 13.92 -10.23
C4 ATP NA . -75.44 14.99 -9.43
H5'1 ATP NA . -80.62 17.90 -9.67
H5'2 ATP NA . -81.97 16.79 -9.66
H4' ATP NA . -80.50 15.17 -9.88
H3' ATP NA . -79.99 15.89 -7.02
HO3' ATP NA . -81.06 14.02 -6.81
H2' ATP NA . -78.01 15.07 -7.00
HO2' ATP NA . -79.45 12.96 -7.82
H1' ATP NA . -77.87 14.40 -9.85
H8 ATP NA . -76.87 17.41 -7.55
HN61 ATP NA . -71.83 16.70 -8.45
HN62 ATP NA . -70.95 15.48 -9.31
H2 ATP NA . -74.06 12.72 -11.20
PG ATP OA . -61.80 39.33 11.13
O1G ATP OA . -61.26 38.43 12.15
O2G ATP OA . -63.12 39.70 11.62
O3G ATP OA . -62.05 38.46 9.99
PB ATP OA . -60.78 41.94 11.77
O1B ATP OA . -59.58 42.74 11.57
O2B ATP OA . -61.83 42.88 11.40
O3B ATP OA . -60.82 40.61 10.81
PA ATP OA . -60.92 42.56 14.57
O1A ATP OA . -61.10 41.92 15.87
O2A ATP OA . -62.08 43.45 14.52
O3A ATP OA . -60.97 41.47 13.34
O5' ATP OA . -59.51 43.40 14.47
C5' ATP OA . -58.30 42.80 14.81
C4' ATP OA . -57.48 43.78 15.57
O4' ATP OA . -57.46 45.09 14.86
C3' ATP OA . -58.10 44.03 16.89
O3' ATP OA . -57.47 43.24 17.92
C2' ATP OA . -57.88 45.43 17.22
O2' ATP OA . -56.70 45.55 18.05
C1' ATP OA . -57.66 46.13 15.93
N9 ATP OA . -58.77 46.96 15.65
C8 ATP OA . -59.97 46.48 15.17
N7 ATP OA . -60.68 47.61 15.07
C5 ATP OA . -60.05 48.79 15.45
C6 ATP OA . -60.24 50.16 15.57
N6 ATP OA . -61.50 50.77 15.21
N1 ATP OA . -59.23 50.86 16.03
C2 ATP OA . -58.07 50.37 16.37
N3 ATP OA . -57.75 49.10 16.31
C4 ATP OA . -58.74 48.34 15.85
H5'1 ATP OA . -57.78 42.51 13.89
H5'2 ATP OA . -58.48 41.91 15.40
H4' ATP OA . -56.48 43.41 15.71
H3' ATP OA . -59.17 43.82 16.86
HO3' ATP OA . -58.10 42.99 18.58
H2' ATP OA . -58.75 45.84 17.72
HO2' ATP OA . -56.90 46.06 18.82
H1' ATP OA . -56.75 46.74 16.01
H8 ATP OA . -60.28 45.49 14.92
HN61 ATP OA . -62.21 50.22 14.77
HN62 ATP OA . -61.66 51.74 15.40
H2 ATP OA . -57.33 51.07 16.73
PG ATP PA . -88.60 39.97 -5.71
O1G ATP PA . -88.57 39.78 -7.15
O2G ATP PA . -87.53 39.13 -5.21
O3G ATP PA . -88.12 41.34 -5.51
PB ATP PA . -91.41 39.11 -5.81
O1B ATP PA . -92.49 40.10 -5.78
O2B ATP PA . -91.17 39.02 -7.25
O3B ATP PA . -90.07 39.68 -5.01
PA ATP PA . -90.88 36.39 -4.98
O1A ATP PA . -91.53 35.13 -5.32
O2A ATP PA . -89.78 36.42 -5.95
O3A ATP PA . -91.89 37.68 -5.19
O5' ATP PA . -90.25 36.34 -3.45
C5' ATP PA . -90.63 37.26 -2.48
C4' ATP PA . -89.46 37.51 -1.58
O4' ATP PA . -88.80 36.22 -1.24
C3' ATP PA . -88.46 38.37 -2.29
O3' ATP PA . -88.16 39.53 -1.47
C2' ATP PA . -87.25 37.59 -2.48
O2' ATP PA . -86.10 38.38 -2.08
C1' ATP PA . -87.36 36.37 -1.61
N9 ATP PA . -86.91 35.21 -2.28
C8 ATP PA . -87.54 34.68 -3.39
N7 ATP PA . -86.77 33.62 -3.65
C5 ATP PA . -85.69 33.39 -2.80
C6 ATP PA . -84.61 32.54 -2.56
N6 ATP PA . -84.36 31.38 -3.40
N1 ATP PA . -83.86 32.83 -1.54
C2 ATP PA . -84.01 33.84 -0.74
N3 ATP PA . -84.96 34.73 -0.84
C4 ATP PA . -85.79 34.49 -1.87
H5'1 ATP PA . -91.45 36.85 -1.90
H5'2 ATP PA . -90.94 38.19 -2.93
H4' ATP PA . -89.80 38.00 -0.68
H3' ATP PA . -88.85 38.68 -3.24
HO3' ATP PA . -87.50 39.31 -0.84
H2' ATP PA . -87.16 37.31 -3.52
HO2' ATP PA . -85.51 37.84 -1.57
H1' ATP PA . -86.78 36.53 -0.71
H8 ATP PA . -88.41 35.02 -3.93
HN61 ATP PA . -83.81 30.62 -3.04
HN62 ATP PA . -84.75 31.34 -4.33
H2 ATP PA . -83.29 33.95 0.05
MG MG QA . -62.82 41.40 10.49
P1 FBP RA . -38.30 5.55 -4.82
O1P FBP RA . -37.37 5.12 -5.85
O2P FBP RA . -37.49 6.32 -3.88
O3P FBP RA . -39.12 6.55 -5.49
O1 FBP RA . -39.18 4.33 -4.14
C1 FBP RA . -40.07 3.66 -4.97
C2 FBP RA . -40.50 2.34 -4.30
O2 FBP RA . -39.60 1.35 -4.61
C3 FBP RA . -41.86 1.94 -4.77
O3 FBP RA . -41.97 0.51 -4.83
C4 FBP RA . -42.78 2.48 -3.76
O4 FBP RA . -43.15 3.82 -4.10
C5 FBP RA . -42.01 2.51 -2.48
O5 FBP RA . -40.60 2.51 -2.85
C6 FBP RA . -42.38 1.30 -1.68
O6 FBP RA . -41.52 1.21 -0.59
P2 FBP RA . -41.02 -0.28 -0.08
O4P FBP RA . -41.62 -1.41 -0.77
O5P FBP RA . -39.58 -0.50 -0.22
O6P FBP RA . -41.30 -0.54 1.34
H11 FBP RA . -39.60 3.44 -5.92
H12 FBP RA . -40.93 4.29 -5.15
HO2 FBP RA . -40.03 0.52 -4.57
H3 FBP RA . -42.08 2.37 -5.75
HO3 FBP RA . -42.81 0.28 -5.20
H4 FBP RA . -43.66 1.86 -3.66
HO4 FBP RA . -42.55 4.45 -3.73
H5 FBP RA . -42.25 3.40 -1.90
H61 FBP RA . -43.40 1.39 -1.33
H62 FBP RA . -42.29 0.43 -2.32
PG ATP SA . -51.46 15.02 21.43
O1G ATP SA . -52.91 14.95 21.56
O2G ATP SA . -50.96 14.40 22.65
O3G ATP SA . -51.14 14.05 20.38
PB ATP SA . -51.78 17.75 20.50
O1B ATP SA . -51.52 19.03 21.17
O2B ATP SA . -53.21 17.56 20.79
O3B ATP SA . -50.88 16.53 21.16
PA ATP SA . -51.60 19.24 18.04
O1A ATP SA . -51.44 18.98 16.61
O2A ATP SA . -52.93 19.83 18.09
O3A ATP SA . -51.51 17.84 18.89
O5' ATP SA . -50.45 20.31 18.56
C5' ATP SA . -49.12 20.14 18.13
C4' ATP SA . -48.86 20.73 16.77
O4' ATP SA . -48.96 19.69 15.70
C3' ATP SA . -49.82 21.79 16.36
O3' ATP SA . -49.35 23.09 16.83
C2' ATP SA . -49.85 21.77 14.90
O2' ATP SA . -49.17 22.94 14.38
C1' ATP SA . -49.15 20.53 14.47
N9 ATP SA . -49.83 19.81 13.45
C8 ATP SA . -51.13 19.33 13.57
N7 ATP SA . -51.30 18.73 12.39
C5 ATP SA . -50.22 18.74 11.51
C6 ATP SA . -49.81 18.33 10.24
N6 ATP SA . -50.68 17.56 9.37
N1 ATP SA . -48.59 18.64 9.89
C2 ATP SA . -47.75 19.29 10.60
N3 ATP SA . -47.98 19.76 11.81
C4 ATP SA . -49.22 19.48 12.24
H5'1 ATP SA . -48.90 19.08 18.10
H5'2 ATP SA . -48.46 20.61 18.85
H4' ATP SA . -47.86 21.14 16.77
H3' ATP SA . -50.82 21.60 16.72
HO3' ATP SA . -49.98 23.43 17.44
H2' ATP SA . -50.88 21.78 14.57
HO2' ATP SA . -48.64 23.32 15.06
H1' ATP SA . -48.17 20.82 14.09
H8 ATP SA . -51.82 19.44 14.38
HN61 ATP SA . -51.50 17.13 9.74
HN62 ATP SA . -50.46 17.47 8.40
H2 ATP SA . -46.76 19.48 10.18
PG ATP TA . -79.78 3.04 10.80
O1G ATP TA . -80.63 3.92 9.98
O2G ATP TA . -79.61 3.78 12.04
O3G ATP TA . -78.48 3.09 10.14
PB ATP TA . -81.89 1.25 11.60
O1B ATP TA . -82.46 0.01 11.09
O2B ATP TA . -81.84 0.97 13.03
O3B ATP TA . -80.39 1.52 10.98
PA ATP TA . -84.49 2.49 11.54
O1A ATP TA . -85.16 3.62 10.89
O2A ATP TA . -84.84 2.72 12.93
O3A ATP TA . -82.86 2.54 11.30
O5' ATP TA . -85.07 1.04 10.99
C5' ATP TA . -85.09 0.81 9.61
C4' ATP TA . -86.32 0.04 9.22
O4' ATP TA . -86.19 -1.36 9.70
C3' ATP TA . -87.55 0.62 9.83
O3' ATP TA . -88.31 1.34 8.83
C2' ATP TA . -88.37 -0.49 10.31
O2' ATP TA . -89.50 -0.67 9.43
C1' ATP TA . -87.53 -1.71 10.30
N9 ATP TA . -87.35 -2.17 11.63
C8 ATP TA . -86.46 -1.58 12.51
N7 ATP TA . -86.65 -2.34 13.59
C5 ATP TA . -87.61 -3.36 13.51
C6 ATP TA . -88.21 -4.39 14.22
N6 ATP TA . -87.86 -4.67 15.59
N1 ATP TA . -89.11 -5.09 13.58
C2 ATP TA . -89.49 -4.91 12.35
N3 ATP TA . -89.00 -3.99 11.55
C4 ATP TA . -88.08 -3.23 12.15
H5'1 ATP TA . -84.22 0.24 9.31
H5'2 ATP TA . -85.08 1.76 9.08
H4' ATP TA . -86.42 0.05 8.15
H3' ATP TA . -87.32 1.29 10.66
HO3' ATP TA . -88.79 2.03 9.24
H2' ATP TA . -88.70 -0.29 11.32
HO2' ATP TA . -90.25 -0.94 9.93
H1' ATP TA . -87.99 -2.48 9.70
H8 ATP TA . -85.79 -0.76 12.36
HN61 ATP TA . -87.07 -4.20 16.01
HN62 ATP TA . -88.39 -5.34 16.12
H2 ATP TA . -90.25 -5.57 11.95
PG ATP UA . -59.43 5.24 35.29
O1G ATP UA . -58.12 4.77 35.75
O2G ATP UA . -59.33 5.22 33.83
O3G ATP UA . -60.34 4.14 35.61
PB ATP UA . -59.33 7.31 37.33
O1B ATP UA . -60.29 7.14 38.41
O2B ATP UA . -58.19 6.55 37.84
O3B ATP UA . -59.89 6.69 35.91
PA ATP UA . -58.77 9.57 35.63
O1A ATP UA . -57.76 10.63 35.64
O2A ATP UA . -58.17 8.62 34.71
O3A ATP UA . -58.93 8.90 37.13
O5' ATP UA . -60.20 10.11 35.03
C5' ATP UA . -61.37 10.10 35.81
C4' ATP UA . -62.53 9.85 34.91
O4' ATP UA . -62.46 10.79 33.75
C3' ATP UA . -62.47 8.47 34.39
O3' ATP UA . -63.77 7.85 34.49
C2' ATP UA . -62.06 8.54 32.99
O2' ATP UA . -62.84 7.59 32.22
C1' ATP UA . -62.36 9.93 32.53
N9 ATP UA . -61.36 10.47 31.67
C8 ATP UA . -60.02 10.51 31.95
N7 ATP UA . -59.54 11.10 30.86
C5 ATP UA . -60.44 11.48 29.89
C6 ATP UA . -60.56 12.09 28.64
N6 ATP UA . -59.38 12.59 27.94
N1 ATP UA . -61.75 12.20 28.14
C2 ATP UA . -62.84 11.78 28.70
N3 ATP UA . -62.91 11.19 29.87
C4 ATP UA . -61.71 11.05 30.44
H5'1 ATP UA . -61.48 11.06 36.32
H5'2 ATP UA . -61.33 9.32 36.55
H4' ATP UA . -63.46 10.01 35.46
H3' ATP UA . -61.73 7.90 34.95
HO3' ATP UA . -64.22 7.92 33.67
H2' ATP UA . -61.02 8.29 32.92
HO2' ATP UA . -63.17 8.02 31.44
H1' ATP UA . -63.32 9.94 32.03
H8 ATP UA . -59.48 10.13 32.82
HN61 ATP UA . -59.49 13.16 27.11
HN62 ATP UA . -58.46 12.37 28.28
H2 ATP UA . -63.78 11.94 28.17
MG MG VA . -80.00 1.94 12.95
#